data_1SV1
#
_entry.id   1SV1
#
loop_
_entity.id
_entity.type
_entity.pdbx_description
1 polymer 'Circadian clock protein KaiA'
2 polymer 'Circadian clock protein KaiC'
#
loop_
_entity_poly.entity_id
_entity_poly.type
_entity_poly.pdbx_seq_one_letter_code
_entity_poly.pdbx_strand_id
1 'polypeptide(L)'
;AMARMSPADKRKLLDELRSIYRTIVLEYFNTDAKVNERIDEFVSKAFFADISVSQVLEIHVELMDTFSKQLKLEGRSEDI
LLDYRLTLIDVIAHLCEMYRRSIPREV
;
A,B
2 'polypeptide(L)' AMAGIISGTPTRISVDEKTELARIAKGMQDLESE C,D
#
# COMPACT_ATOMS: atom_id res chain seq x y z
N ALA A 1 -12.51 -17.77 13.37
CA ALA A 1 -12.96 -19.20 13.04
C ALA A 1 -13.96 -19.71 14.07
N MET A 2 -13.73 -19.36 15.34
CA MET A 2 -14.63 -19.79 16.40
C MET A 2 -15.91 -18.94 16.41
N ALA A 3 -16.77 -19.22 17.37
CA ALA A 3 -18.02 -18.48 17.48
C ALA A 3 -17.73 -16.99 17.64
N ARG A 4 -18.66 -16.14 17.20
CA ARG A 4 -18.48 -14.70 17.32
C ARG A 4 -17.62 -14.38 18.54
N MET A 5 -16.46 -13.78 18.30
CA MET A 5 -15.57 -13.42 19.38
C MET A 5 -16.02 -12.12 20.03
N SER A 6 -15.89 -12.03 21.35
CA SER A 6 -16.29 -10.82 22.06
C SER A 6 -15.69 -9.59 21.42
N PRO A 7 -16.21 -8.44 21.76
CA PRO A 7 -15.73 -7.14 21.21
C PRO A 7 -14.39 -6.72 21.82
N ALA A 8 -14.23 -6.96 23.11
CA ALA A 8 -12.98 -6.58 23.79
C ALA A 8 -11.81 -7.40 23.26
N ASP A 9 -12.01 -8.71 23.10
CA ASP A 9 -10.94 -9.56 22.58
C ASP A 9 -10.47 -9.00 21.25
N LYS A 10 -11.44 -8.53 20.46
CA LYS A 10 -11.12 -7.93 19.17
C LYS A 10 -10.25 -6.70 19.38
N ARG A 11 -10.64 -5.87 20.34
CA ARG A 11 -9.87 -4.68 20.64
C ARG A 11 -8.51 -5.08 21.16
N LYS A 12 -8.47 -6.15 21.94
CA LYS A 12 -7.21 -6.65 22.46
C LYS A 12 -6.29 -6.94 21.30
N LEU A 13 -6.85 -7.56 20.27
CA LEU A 13 -6.09 -7.85 19.07
C LEU A 13 -5.57 -6.54 18.52
N LEU A 14 -6.50 -5.61 18.29
CA LEU A 14 -6.15 -4.30 17.77
C LEU A 14 -5.07 -3.67 18.63
N ASP A 15 -5.23 -3.78 19.94
CA ASP A 15 -4.24 -3.23 20.85
C ASP A 15 -2.87 -3.77 20.46
N GLU A 16 -2.85 -5.06 20.12
CA GLU A 16 -1.61 -5.71 19.71
C GLU A 16 -1.21 -5.26 18.30
N LEU A 17 -2.19 -5.14 17.42
CA LEU A 17 -1.91 -4.72 16.05
C LEU A 17 -1.23 -3.35 16.05
N ARG A 18 -1.69 -2.47 16.94
CA ARG A 18 -1.12 -1.14 17.02
C ARG A 18 0.34 -1.22 17.48
N SER A 19 0.57 -2.00 18.54
CA SER A 19 1.92 -2.16 19.07
C SER A 19 2.76 -3.00 18.11
N ILE A 20 2.19 -4.09 17.60
CA ILE A 20 2.92 -4.95 16.67
C ILE A 20 3.28 -4.16 15.41
N TYR A 21 2.29 -3.49 14.82
CA TYR A 21 2.56 -2.70 13.62
C TYR A 21 3.71 -1.77 13.94
N ARG A 22 3.60 -1.14 15.09
CA ARG A 22 4.61 -0.22 15.56
C ARG A 22 5.95 -0.94 15.70
N THR A 23 5.92 -2.12 16.31
CA THR A 23 7.13 -2.91 16.50
C THR A 23 7.77 -3.24 15.16
N ILE A 24 6.94 -3.61 14.18
CA ILE A 24 7.43 -3.93 12.85
C ILE A 24 8.25 -2.76 12.32
N VAL A 25 7.68 -1.57 12.49
CA VAL A 25 8.30 -0.33 12.03
C VAL A 25 9.66 -0.09 12.67
N LEU A 26 9.74 -0.26 13.98
CA LEU A 26 10.99 -0.05 14.70
C LEU A 26 12.06 -1.03 14.23
N GLU A 27 11.65 -2.27 13.98
CA GLU A 27 12.58 -3.29 13.55
C GLU A 27 12.82 -3.28 12.05
N TYR A 28 12.08 -2.44 11.33
CA TYR A 28 12.26 -2.38 9.88
C TYR A 28 13.74 -2.18 9.56
N PHE A 29 14.42 -1.41 10.41
CA PHE A 29 15.83 -1.14 10.22
C PHE A 29 16.66 -1.93 11.23
N ASN A 30 16.08 -3.00 11.76
CA ASN A 30 16.77 -3.81 12.75
C ASN A 30 18.10 -4.31 12.21
N THR A 31 19.07 -4.43 13.13
CA THR A 31 20.40 -4.90 12.76
C THR A 31 20.43 -6.42 12.66
N ASP A 32 19.58 -7.07 13.43
CA ASP A 32 19.53 -8.53 13.41
C ASP A 32 18.11 -9.05 13.62
N ALA A 33 17.23 -8.19 14.12
CA ALA A 33 15.85 -8.60 14.37
C ALA A 33 15.20 -9.09 13.09
N LYS A 34 14.37 -10.12 13.22
CA LYS A 34 13.68 -10.68 12.08
C LYS A 34 12.33 -10.00 11.93
N VAL A 35 12.34 -8.76 11.44
CA VAL A 35 11.10 -8.02 11.26
C VAL A 35 10.03 -8.96 10.76
N ASN A 36 10.46 -9.95 9.98
CA ASN A 36 9.55 -10.94 9.46
C ASN A 36 8.68 -11.48 10.58
N GLU A 37 9.27 -11.62 11.76
CA GLU A 37 8.53 -12.11 12.92
C GLU A 37 7.46 -11.10 13.28
N ARG A 38 7.82 -9.82 13.20
CA ARG A 38 6.87 -8.75 13.50
C ARG A 38 5.80 -8.70 12.42
N ILE A 39 6.24 -8.82 11.19
CA ILE A 39 5.35 -8.80 10.05
C ILE A 39 4.50 -10.06 10.04
N ASP A 40 5.12 -11.19 10.34
CA ASP A 40 4.41 -12.45 10.38
C ASP A 40 3.34 -12.42 11.47
N GLU A 41 3.67 -11.80 12.61
CA GLU A 41 2.72 -11.72 13.72
C GLU A 41 1.53 -10.87 13.31
N PHE A 42 1.82 -9.73 12.68
CA PHE A 42 0.77 -8.84 12.20
C PHE A 42 0.00 -9.50 11.08
N VAL A 43 0.74 -10.03 10.11
CA VAL A 43 0.12 -10.71 8.98
C VAL A 43 -0.75 -11.86 9.46
N SER A 44 -0.23 -12.63 10.41
CA SER A 44 -0.96 -13.78 10.93
C SER A 44 -2.27 -13.38 11.60
N LYS A 45 -2.21 -12.41 12.52
CA LYS A 45 -3.42 -11.97 13.23
C LYS A 45 -4.40 -11.27 12.30
N ALA A 46 -3.90 -10.41 11.43
CA ALA A 46 -4.76 -9.67 10.52
C ALA A 46 -5.65 -10.61 9.70
N PHE A 47 -5.05 -11.68 9.19
CA PHE A 47 -5.82 -12.64 8.41
C PHE A 47 -6.83 -13.37 9.29
N PHE A 48 -6.34 -13.93 10.39
CA PHE A 48 -7.19 -14.66 11.33
C PHE A 48 -8.30 -13.79 11.91
N ALA A 49 -7.93 -12.60 12.36
CA ALA A 49 -8.90 -11.69 12.95
C ALA A 49 -9.74 -11.01 11.87
N ASP A 50 -9.55 -11.42 10.63
CA ASP A 50 -10.29 -10.85 9.53
C ASP A 50 -10.22 -9.32 9.59
N ILE A 51 -9.04 -8.80 9.90
CA ILE A 51 -8.85 -7.37 9.98
C ILE A 51 -8.81 -6.75 8.60
N SER A 52 -9.71 -5.82 8.34
CA SER A 52 -9.74 -5.16 7.05
C SER A 52 -8.48 -4.31 6.91
N VAL A 53 -8.05 -4.07 5.69
CA VAL A 53 -6.85 -3.29 5.47
C VAL A 53 -7.03 -1.87 6.02
N SER A 54 -8.28 -1.41 6.05
CA SER A 54 -8.58 -0.05 6.53
C SER A 54 -7.80 0.28 7.80
N GLN A 55 -7.96 -0.52 8.84
CA GLN A 55 -7.25 -0.24 10.08
C GLN A 55 -5.76 -0.17 9.82
N VAL A 56 -5.27 -1.10 9.02
CA VAL A 56 -3.87 -1.12 8.66
C VAL A 56 -3.54 0.22 8.00
N LEU A 57 -4.48 0.66 7.16
CA LEU A 57 -4.34 1.93 6.45
C LEU A 57 -4.51 3.12 7.40
N GLU A 58 -5.57 3.10 8.21
CA GLU A 58 -5.83 4.19 9.14
C GLU A 58 -4.83 4.20 10.30
N ILE A 59 -4.60 3.04 10.90
CA ILE A 59 -3.67 2.98 12.02
C ILE A 59 -2.32 3.54 11.60
N HIS A 60 -1.90 3.23 10.38
CA HIS A 60 -0.63 3.72 9.87
C HIS A 60 -0.62 5.25 9.85
N VAL A 61 -1.71 5.84 9.34
CA VAL A 61 -1.80 7.31 9.25
C VAL A 61 -1.55 7.98 10.59
N GLU A 62 -2.17 7.47 11.64
CA GLU A 62 -2.01 8.07 12.97
C GLU A 62 -0.56 8.00 13.44
N LEU A 63 0.04 6.81 13.37
CA LEU A 63 1.42 6.63 13.79
C LEU A 63 2.36 7.45 12.91
N MET A 64 2.06 7.50 11.61
CA MET A 64 2.90 8.28 10.70
C MET A 64 2.92 9.74 11.15
N ASP A 65 1.77 10.20 11.64
CA ASP A 65 1.67 11.57 12.12
C ASP A 65 2.59 11.75 13.34
N THR A 66 2.68 10.69 14.14
CA THR A 66 3.51 10.71 15.34
C THR A 66 4.98 10.98 15.00
N PHE A 67 5.47 10.34 13.95
CA PHE A 67 6.88 10.51 13.56
C PHE A 67 7.12 11.90 12.97
N SER A 68 6.33 12.28 11.97
CA SER A 68 6.51 13.59 11.35
C SER A 68 6.36 14.69 12.40
N LYS A 69 5.51 14.44 13.38
CA LYS A 69 5.27 15.40 14.44
C LYS A 69 6.56 15.66 15.22
N GLN A 70 7.22 14.58 15.65
CA GLN A 70 8.46 14.70 16.40
C GLN A 70 9.54 15.32 15.54
N LEU A 71 9.56 14.95 14.25
CA LEU A 71 10.55 15.48 13.33
C LEU A 71 10.49 17.00 13.28
N LYS A 72 9.27 17.54 13.23
CA LYS A 72 9.10 18.98 13.18
C LYS A 72 9.56 19.64 14.48
N LEU A 73 9.12 19.08 15.60
CA LEU A 73 9.47 19.62 16.91
C LEU A 73 10.92 19.30 17.28
N GLU A 74 11.33 18.06 17.02
CA GLU A 74 12.70 17.65 17.34
C GLU A 74 13.69 18.19 16.33
N GLY A 75 13.18 18.77 15.25
CA GLY A 75 14.05 19.30 14.21
C GLY A 75 14.95 18.20 13.66
N ARG A 76 14.33 17.12 13.22
CA ARG A 76 15.06 15.97 12.69
C ARG A 76 14.75 15.74 11.22
N SER A 77 15.60 14.96 10.56
CA SER A 77 15.40 14.66 9.15
C SER A 77 14.11 13.87 8.99
N GLU A 78 13.26 14.32 8.08
CA GLU A 78 11.99 13.66 7.84
C GLU A 78 12.10 12.68 6.69
N ASP A 79 13.31 12.51 6.17
CA ASP A 79 13.53 11.58 5.06
C ASP A 79 13.14 10.16 5.47
N ILE A 80 13.30 9.87 6.75
CA ILE A 80 12.98 8.54 7.29
C ILE A 80 11.49 8.23 7.18
N LEU A 81 10.68 9.25 6.94
CA LEU A 81 9.24 9.05 6.85
C LEU A 81 8.91 7.96 5.83
N LEU A 82 9.73 7.85 4.79
CA LEU A 82 9.51 6.85 3.75
C LEU A 82 9.38 5.45 4.35
N ASP A 83 10.13 5.19 5.42
CA ASP A 83 10.12 3.88 6.05
C ASP A 83 8.70 3.46 6.36
N TYR A 84 7.88 4.42 6.76
CA TYR A 84 6.49 4.13 7.08
C TYR A 84 5.72 3.83 5.80
N ARG A 85 6.07 4.54 4.73
CA ARG A 85 5.43 4.31 3.44
C ARG A 85 5.83 2.92 2.93
N LEU A 86 7.11 2.59 3.11
CA LEU A 86 7.62 1.28 2.70
C LEU A 86 7.05 0.18 3.56
N THR A 87 7.02 0.43 4.87
CA THR A 87 6.50 -0.54 5.82
C THR A 87 5.01 -0.76 5.58
N LEU A 88 4.29 0.33 5.36
CA LEU A 88 2.84 0.26 5.14
C LEU A 88 2.53 -0.51 3.85
N ILE A 89 3.21 -0.15 2.78
CA ILE A 89 3.00 -0.79 1.49
C ILE A 89 3.47 -2.25 1.52
N ASP A 90 4.64 -2.48 2.13
CA ASP A 90 5.19 -3.82 2.21
C ASP A 90 4.31 -4.72 3.07
N VAL A 91 3.81 -4.17 4.18
CA VAL A 91 2.96 -4.94 5.08
C VAL A 91 1.65 -5.34 4.41
N ILE A 92 0.98 -4.36 3.80
CA ILE A 92 -0.29 -4.63 3.13
C ILE A 92 -0.12 -5.64 2.00
N ALA A 93 0.98 -5.51 1.27
CA ALA A 93 1.26 -6.41 0.16
C ALA A 93 1.44 -7.85 0.66
N HIS A 94 2.07 -7.99 1.82
CA HIS A 94 2.33 -9.31 2.39
C HIS A 94 1.02 -10.05 2.73
N LEU A 95 0.13 -9.40 3.46
CA LEU A 95 -1.13 -10.05 3.81
C LEU A 95 -2.01 -10.17 2.57
N CYS A 96 -1.85 -9.22 1.65
CA CYS A 96 -2.60 -9.26 0.41
C CYS A 96 -2.17 -10.50 -0.37
N GLU A 97 -0.92 -10.91 -0.16
CA GLU A 97 -0.37 -12.09 -0.84
C GLU A 97 -1.07 -13.36 -0.33
N MET A 98 -1.06 -13.56 0.98
CA MET A 98 -1.70 -14.76 1.53
C MET A 98 -3.17 -14.79 1.16
N TYR A 99 -3.82 -13.62 1.14
CA TYR A 99 -5.23 -13.58 0.75
C TYR A 99 -5.38 -14.19 -0.65
N ARG A 100 -4.43 -13.88 -1.53
CA ARG A 100 -4.45 -14.41 -2.90
C ARG A 100 -4.26 -15.92 -2.92
N ARG A 101 -3.36 -16.41 -2.08
CA ARG A 101 -3.08 -17.85 -2.03
C ARG A 101 -4.15 -18.60 -1.26
N SER A 102 -4.87 -17.90 -0.40
CA SER A 102 -5.91 -18.52 0.41
C SER A 102 -7.18 -18.69 -0.42
N ILE A 103 -7.06 -18.47 -1.72
CA ILE A 103 -8.23 -18.60 -2.59
C ILE A 103 -8.02 -19.73 -3.59
N PRO A 104 -8.55 -20.88 -3.32
CA PRO A 104 -8.43 -22.06 -4.23
C PRO A 104 -8.98 -21.75 -5.62
N ARG A 105 -8.24 -22.17 -6.65
CA ARG A 105 -8.68 -21.93 -8.03
C ARG A 105 -8.83 -23.25 -8.76
N GLU A 106 -9.91 -23.37 -9.52
CA GLU A 106 -10.18 -24.58 -10.28
C GLU A 106 -9.05 -24.88 -11.26
N VAL A 107 -8.73 -26.17 -11.42
CA VAL A 107 -7.66 -26.58 -12.32
C VAL A 107 -8.05 -27.84 -13.07
N ALA B 1 -8.97 -17.81 -16.02
CA ALA B 1 -10.00 -18.86 -15.84
C ALA B 1 -9.91 -19.87 -16.98
N MET B 2 -9.62 -19.38 -18.18
CA MET B 2 -9.50 -20.24 -19.34
C MET B 2 -8.17 -20.97 -19.33
N ALA B 3 -7.94 -21.77 -20.37
CA ALA B 3 -6.69 -22.51 -20.48
C ALA B 3 -5.51 -21.56 -20.46
N ARG B 4 -4.37 -22.03 -20.00
CA ARG B 4 -3.18 -21.20 -19.94
C ARG B 4 -3.21 -20.16 -21.05
N MET B 5 -3.23 -18.89 -20.69
CA MET B 5 -3.27 -17.82 -21.68
C MET B 5 -1.86 -17.54 -22.20
N SER B 6 -1.76 -17.25 -23.49
CA SER B 6 -0.47 -16.98 -24.09
C SER B 6 0.30 -15.95 -23.28
N PRO B 7 1.58 -15.83 -23.53
CA PRO B 7 2.46 -14.88 -22.82
C PRO B 7 2.25 -13.44 -23.28
N ALA B 8 2.04 -13.27 -24.59
CA ALA B 8 1.83 -11.93 -25.14
C ALA B 8 0.53 -11.32 -24.63
N ASP B 9 -0.54 -12.11 -24.63
CA ASP B 9 -1.82 -11.63 -24.13
C ASP B 9 -1.63 -11.10 -22.72
N LYS B 10 -0.81 -11.81 -21.95
CA LYS B 10 -0.52 -11.40 -20.59
C LYS B 10 0.16 -10.05 -20.60
N ARG B 11 1.15 -9.90 -21.49
CA ARG B 11 1.86 -8.64 -21.61
C ARG B 11 0.90 -7.57 -22.08
N LYS B 12 -0.01 -7.94 -22.97
CA LYS B 12 -1.01 -7.01 -23.47
C LYS B 12 -1.78 -6.46 -22.29
N LEU B 13 -2.13 -7.35 -21.37
CA LEU B 13 -2.82 -6.94 -20.17
C LEU B 13 -1.94 -5.94 -19.43
N LEU B 14 -0.70 -6.34 -19.16
CA LEU B 14 0.26 -5.49 -18.49
C LEU B 14 0.36 -4.16 -19.20
N ASP B 15 0.42 -4.22 -20.52
CA ASP B 15 0.50 -2.99 -21.30
C ASP B 15 -0.64 -2.08 -20.89
N GLU B 16 -1.81 -2.68 -20.69
CA GLU B 16 -2.99 -1.94 -20.26
C GLU B 16 -2.87 -1.53 -18.80
N LEU B 17 -2.36 -2.43 -17.97
CA LEU B 17 -2.22 -2.13 -16.55
C LEU B 17 -1.32 -0.91 -16.36
N ARG B 18 -0.28 -0.82 -17.18
CA ARG B 18 0.63 0.32 -17.08
C ARG B 18 -0.09 1.61 -17.45
N SER B 19 -0.81 1.57 -18.58
CA SER B 19 -1.56 2.74 -19.02
C SER B 19 -2.76 3.00 -18.11
N ILE B 20 -3.48 1.93 -17.76
CA ILE B 20 -4.63 2.08 -16.89
C ILE B 20 -4.19 2.63 -15.54
N TYR B 21 -3.19 2.00 -14.93
CA TYR B 21 -2.70 2.48 -13.64
C TYR B 21 -2.39 3.95 -13.78
N ARG B 22 -1.70 4.27 -14.86
CA ARG B 22 -1.34 5.63 -15.17
C ARG B 22 -2.59 6.49 -15.30
N THR B 23 -3.57 5.98 -16.03
CA THR B 23 -4.83 6.71 -16.23
C THR B 23 -5.50 6.97 -14.89
N ILE B 24 -5.50 5.97 -14.01
CA ILE B 24 -6.11 6.12 -12.70
C ILE B 24 -5.49 7.32 -11.99
N VAL B 25 -4.17 7.39 -12.08
CA VAL B 25 -3.40 8.45 -11.44
C VAL B 25 -3.79 9.83 -11.96
N LEU B 26 -3.89 9.95 -13.28
CA LEU B 26 -4.22 11.24 -13.89
C LEU B 26 -5.62 11.68 -13.46
N GLU B 27 -6.54 10.73 -13.37
CA GLU B 27 -7.91 11.03 -13.00
C GLU B 27 -8.10 11.08 -11.49
N TYR B 28 -7.07 10.74 -10.73
CA TYR B 28 -7.19 10.77 -9.28
C TYR B 28 -7.73 12.13 -8.84
N PHE B 29 -7.32 13.16 -9.55
CA PHE B 29 -7.75 14.52 -9.25
C PHE B 29 -8.76 15.00 -10.29
N ASN B 30 -9.40 14.06 -10.96
CA ASN B 30 -10.38 14.40 -11.99
C ASN B 30 -11.48 15.28 -11.44
N THR B 31 -11.98 16.18 -12.28
CA THR B 31 -13.03 17.09 -11.89
C THR B 31 -14.39 16.41 -11.94
N ASP B 32 -14.53 15.44 -12.84
CA ASP B 32 -15.79 14.73 -12.98
C ASP B 32 -15.57 13.26 -13.33
N ALA B 33 -14.36 12.93 -13.79
CA ALA B 33 -14.06 11.55 -14.17
C ALA B 33 -14.27 10.61 -12.99
N LYS B 34 -14.79 9.42 -13.30
CA LYS B 34 -15.02 8.44 -12.26
C LYS B 34 -13.80 7.53 -12.13
N VAL B 35 -12.76 8.07 -11.51
CA VAL B 35 -11.53 7.31 -11.33
C VAL B 35 -11.89 5.87 -11.00
N ASN B 36 -13.02 5.71 -10.31
CA ASN B 36 -13.50 4.39 -9.95
C ASN B 36 -13.49 3.50 -11.18
N GLU B 37 -13.81 4.09 -12.33
CA GLU B 37 -13.82 3.34 -13.57
C GLU B 37 -12.40 2.88 -13.90
N ARG B 38 -11.44 3.78 -13.66
CA ARG B 38 -10.04 3.47 -13.90
C ARG B 38 -9.58 2.44 -12.90
N ILE B 39 -9.97 2.65 -11.65
CA ILE B 39 -9.61 1.74 -10.57
C ILE B 39 -10.32 0.42 -10.75
N ASP B 40 -11.58 0.47 -11.14
CA ASP B 40 -12.36 -0.73 -11.37
C ASP B 40 -11.76 -1.54 -12.52
N GLU B 41 -11.30 -0.84 -13.55
CA GLU B 41 -10.70 -1.51 -14.70
C GLU B 41 -9.43 -2.23 -14.27
N PHE B 42 -8.60 -1.51 -13.51
CA PHE B 42 -7.36 -2.08 -13.02
C PHE B 42 -7.66 -3.18 -12.02
N VAL B 43 -8.53 -2.88 -11.08
CA VAL B 43 -8.91 -3.85 -10.06
C VAL B 43 -9.49 -5.10 -10.71
N SER B 44 -10.34 -4.90 -11.70
CA SER B 44 -10.98 -6.00 -12.40
C SER B 44 -9.96 -6.91 -13.10
N LYS B 45 -9.08 -6.32 -13.89
CA LYS B 45 -8.09 -7.10 -14.63
C LYS B 45 -7.06 -7.75 -13.69
N ALA B 46 -6.60 -7.00 -12.70
CA ALA B 46 -5.60 -7.52 -11.78
C ALA B 46 -6.07 -8.82 -11.14
N PHE B 47 -7.33 -8.84 -10.71
CA PHE B 47 -7.87 -10.04 -10.08
C PHE B 47 -7.98 -11.18 -11.10
N PHE B 48 -8.63 -10.88 -12.22
CA PHE B 48 -8.82 -11.87 -13.28
C PHE B 48 -7.49 -12.38 -13.83
N ALA B 49 -6.59 -11.46 -14.13
CA ALA B 49 -5.29 -11.83 -14.67
C ALA B 49 -4.37 -12.38 -13.59
N ASP B 50 -4.91 -12.53 -12.39
CA ASP B 50 -4.12 -13.04 -11.28
C ASP B 50 -2.81 -12.27 -11.17
N ILE B 51 -2.89 -10.96 -11.34
CA ILE B 51 -1.70 -10.12 -11.26
C ILE B 51 -1.26 -9.95 -9.82
N SER B 52 -0.04 -10.35 -9.52
CA SER B 52 0.48 -10.19 -8.17
C SER B 52 0.62 -8.71 -7.87
N VAL B 53 0.54 -8.36 -6.60
CA VAL B 53 0.66 -6.96 -6.22
C VAL B 53 2.02 -6.41 -6.62
N SER B 54 3.02 -7.29 -6.68
CA SER B 54 4.39 -6.88 -7.03
C SER B 54 4.41 -5.91 -8.20
N GLN B 55 3.85 -6.30 -9.33
CA GLN B 55 3.84 -5.42 -10.49
C GLN B 55 3.18 -4.09 -10.13
N VAL B 56 2.08 -4.18 -9.40
CA VAL B 56 1.39 -2.99 -8.96
C VAL B 56 2.38 -2.17 -8.14
N LEU B 57 3.14 -2.86 -7.31
CA LEU B 57 4.15 -2.24 -6.46
C LEU B 57 5.34 -1.74 -7.29
N GLU B 58 5.87 -2.60 -8.16
CA GLU B 58 7.02 -2.23 -8.99
C GLU B 58 6.63 -1.22 -10.06
N ILE B 59 5.55 -1.49 -10.78
CA ILE B 59 5.12 -0.57 -11.84
C ILE B 59 4.96 0.83 -11.28
N HIS B 60 4.41 0.92 -10.07
CA HIS B 60 4.22 2.22 -9.43
C HIS B 60 5.56 2.93 -9.25
N VAL B 61 6.55 2.19 -8.74
CA VAL B 61 7.87 2.77 -8.50
C VAL B 61 8.45 3.45 -9.74
N GLU B 62 8.36 2.78 -10.89
CA GLU B 62 8.89 3.34 -12.13
C GLU B 62 8.18 4.64 -12.51
N LEU B 63 6.86 4.60 -12.52
CA LEU B 63 6.08 5.79 -12.87
C LEU B 63 6.30 6.89 -11.86
N MET B 64 6.40 6.52 -10.58
CA MET B 64 6.64 7.51 -9.54
C MET B 64 7.94 8.25 -9.82
N ASP B 65 8.92 7.51 -10.33
CA ASP B 65 10.20 8.11 -10.67
C ASP B 65 10.01 9.12 -11.80
N THR B 66 9.09 8.80 -12.70
CA THR B 66 8.80 9.67 -13.85
C THR B 66 8.33 11.05 -13.38
N PHE B 67 7.45 11.08 -12.38
CA PHE B 67 6.93 12.35 -11.88
C PHE B 67 8.00 13.15 -11.13
N SER B 68 8.64 12.51 -10.15
CA SER B 68 9.67 13.21 -9.38
C SER B 68 10.78 13.69 -10.30
N LYS B 69 11.02 12.94 -11.36
CA LYS B 69 12.05 13.29 -12.32
C LYS B 69 11.72 14.62 -12.99
N GLN B 70 10.49 14.74 -13.49
CA GLN B 70 10.07 15.97 -14.15
C GLN B 70 10.04 17.13 -13.15
N LEU B 71 9.63 16.84 -11.92
CA LEU B 71 9.56 17.86 -10.88
C LEU B 71 10.94 18.49 -10.67
N LYS B 72 11.97 17.66 -10.64
CA LYS B 72 13.33 18.17 -10.45
C LYS B 72 13.77 19.01 -11.64
N LEU B 73 13.57 18.50 -12.84
CA LEU B 73 13.96 19.20 -14.06
C LEU B 73 13.02 20.35 -14.38
N GLU B 74 11.72 20.13 -14.21
CA GLU B 74 10.74 21.18 -14.50
C GLU B 74 10.69 22.19 -13.37
N GLY B 75 11.36 21.89 -12.26
CA GLY B 75 11.36 22.79 -11.12
C GLY B 75 9.92 23.02 -10.64
N ARG B 76 9.24 21.93 -10.35
CA ARG B 76 7.85 21.99 -9.90
C ARG B 76 7.69 21.44 -8.49
N SER B 77 6.57 21.78 -7.87
CA SER B 77 6.30 21.30 -6.52
C SER B 77 6.20 19.79 -6.52
N GLU B 78 6.94 19.15 -5.63
CA GLU B 78 6.94 17.70 -5.54
C GLU B 78 5.93 17.22 -4.49
N ASP B 79 5.18 18.15 -3.92
CA ASP B 79 4.19 17.80 -2.91
C ASP B 79 3.15 16.84 -3.49
N ILE B 80 2.90 16.99 -4.78
CA ILE B 80 1.93 16.16 -5.49
C ILE B 80 2.34 14.68 -5.50
N LEU B 81 3.60 14.42 -5.21
CA LEU B 81 4.10 13.05 -5.22
C LEU B 81 3.23 12.14 -4.35
N LEU B 82 2.67 12.71 -3.28
CA LEU B 82 1.82 11.94 -2.37
C LEU B 82 0.68 11.25 -3.13
N ASP B 83 0.18 11.91 -4.18
CA ASP B 83 -0.93 11.35 -4.95
C ASP B 83 -0.61 9.94 -5.38
N TYR B 84 0.64 9.71 -5.73
CA TYR B 84 1.06 8.38 -6.16
C TYR B 84 1.07 7.43 -4.97
N ARG B 85 1.46 7.95 -3.81
CA ARG B 85 1.47 7.15 -2.60
C ARG B 85 0.03 6.81 -2.23
N LEU B 86 -0.85 7.80 -2.36
CA LEU B 86 -2.27 7.60 -2.05
C LEU B 86 -2.92 6.69 -3.07
N THR B 87 -2.59 6.92 -4.34
CA THR B 87 -3.15 6.11 -5.41
C THR B 87 -2.66 4.67 -5.30
N LEU B 88 -1.37 4.51 -5.01
CA LEU B 88 -0.78 3.18 -4.88
C LEU B 88 -1.39 2.41 -3.73
N ILE B 89 -1.45 3.07 -2.56
CA ILE B 89 -2.02 2.45 -1.38
C ILE B 89 -3.52 2.20 -1.53
N ASP B 90 -4.23 3.19 -2.08
CA ASP B 90 -5.66 3.06 -2.28
C ASP B 90 -5.98 1.96 -3.27
N VAL B 91 -5.20 1.89 -4.35
CA VAL B 91 -5.41 0.88 -5.38
C VAL B 91 -5.19 -0.53 -4.85
N ILE B 92 -4.05 -0.73 -4.17
CA ILE B 92 -3.75 -2.05 -3.63
C ILE B 92 -4.79 -2.48 -2.60
N ALA B 93 -5.24 -1.52 -1.79
CA ALA B 93 -6.23 -1.82 -0.77
C ALA B 93 -7.56 -2.26 -1.41
N HIS B 94 -7.90 -1.65 -2.54
CA HIS B 94 -9.15 -1.97 -3.23
C HIS B 94 -9.17 -3.42 -3.72
N LEU B 95 -8.12 -3.84 -4.44
CA LEU B 95 -8.08 -5.21 -4.94
C LEU B 95 -7.86 -6.16 -3.77
N CYS B 96 -7.16 -5.69 -2.75
CA CYS B 96 -6.93 -6.51 -1.56
C CYS B 96 -8.27 -6.78 -0.90
N GLU B 97 -9.20 -5.85 -1.07
CA GLU B 97 -10.54 -5.98 -0.50
C GLU B 97 -11.30 -7.11 -1.17
N MET B 98 -11.40 -7.07 -2.51
CA MET B 98 -12.12 -8.12 -3.21
C MET B 98 -11.47 -9.47 -2.94
N TYR B 99 -10.14 -9.51 -2.84
CA TYR B 99 -9.48 -10.77 -2.54
C TYR B 99 -10.04 -11.33 -1.23
N ARG B 100 -10.27 -10.45 -0.26
CA ARG B 100 -10.81 -10.84 1.04
C ARG B 100 -12.23 -11.39 0.91
N ARG B 101 -13.04 -10.73 0.08
CA ARG B 101 -14.43 -11.14 -0.10
C ARG B 101 -14.54 -12.35 -1.02
N SER B 102 -13.52 -12.56 -1.84
CA SER B 102 -13.53 -13.68 -2.77
C SER B 102 -13.15 -14.97 -2.05
N ILE B 103 -13.09 -14.91 -0.73
CA ILE B 103 -12.71 -16.07 0.04
C ILE B 103 -13.87 -16.52 0.93
N PRO B 104 -14.63 -17.50 0.49
CA PRO B 104 -15.77 -18.02 1.28
C PRO B 104 -15.34 -18.52 2.67
N ARG B 105 -16.11 -18.17 3.68
CA ARG B 105 -15.80 -18.60 5.04
C ARG B 105 -16.94 -19.41 5.62
N GLU B 106 -16.58 -20.50 6.29
CA GLU B 106 -17.58 -21.38 6.90
C GLU B 106 -18.44 -20.62 7.91
N VAL B 107 -19.73 -20.94 7.95
CA VAL B 107 -20.65 -20.29 8.88
C VAL B 107 -21.63 -21.30 9.44
N ALA C 1 7.24 6.70 -21.63
CA ALA C 1 7.57 5.25 -21.68
C ALA C 1 6.83 4.60 -22.86
N MET C 2 5.51 4.73 -22.85
CA MET C 2 4.70 4.14 -23.91
C MET C 2 4.55 5.10 -25.09
N ALA C 3 3.71 6.13 -24.92
CA ALA C 3 3.49 7.10 -25.97
C ALA C 3 2.77 8.34 -25.44
N GLY C 4 3.53 9.28 -24.92
CA GLY C 4 2.96 10.51 -24.38
C GLY C 4 3.77 11.02 -23.18
N ILE C 5 3.36 12.15 -22.63
CA ILE C 5 4.05 12.72 -21.47
C ILE C 5 3.29 12.42 -20.19
N ILE C 6 4.01 11.99 -19.17
CA ILE C 6 3.39 11.65 -17.90
C ILE C 6 3.72 12.72 -16.85
N SER C 7 2.68 13.27 -16.23
CA SER C 7 2.88 14.31 -15.22
C SER C 7 2.08 14.02 -13.96
N GLY C 8 0.77 13.86 -14.09
CA GLY C 8 -0.08 13.59 -12.94
C GLY C 8 -0.63 14.89 -12.37
N THR C 9 -0.52 15.96 -13.15
CA THR C 9 -1.00 17.28 -12.74
C THR C 9 -0.20 17.84 -11.56
N PRO C 10 1.09 17.70 -11.60
CA PRO C 10 2.01 18.20 -10.55
C PRO C 10 1.56 19.55 -9.98
N THR C 11 2.16 19.96 -8.87
CA THR C 11 1.79 21.23 -8.24
C THR C 11 0.32 21.52 -8.46
N ARG C 12 -0.51 21.16 -7.49
CA ARG C 12 -1.94 21.37 -7.59
C ARG C 12 -2.59 21.27 -6.23
N ILE C 13 -2.11 20.32 -5.43
CA ILE C 13 -2.68 20.10 -4.11
C ILE C 13 -1.67 20.38 -3.00
N SER C 14 -2.12 21.06 -1.96
CA SER C 14 -1.26 21.35 -0.81
C SER C 14 -1.50 20.27 0.24
N VAL C 15 -0.43 19.59 0.64
CA VAL C 15 -0.58 18.50 1.61
C VAL C 15 0.35 18.63 2.81
N ASP C 16 -0.03 17.95 3.89
CA ASP C 16 0.73 17.95 5.13
C ASP C 16 2.01 17.14 4.97
N GLU C 17 2.96 17.33 5.88
CA GLU C 17 4.22 16.59 5.81
C GLU C 17 3.96 15.09 5.76
N LYS C 18 2.99 14.64 6.54
CA LYS C 18 2.63 13.23 6.55
C LYS C 18 1.66 12.97 5.41
N THR C 19 1.25 14.05 4.77
CA THR C 19 0.31 13.97 3.65
C THR C 19 -0.90 13.14 4.05
N GLU C 20 -2.01 13.40 3.37
CA GLU C 20 -3.25 12.68 3.64
C GLU C 20 -3.08 11.20 3.28
N LEU C 21 -2.31 10.48 4.11
CA LEU C 21 -2.09 9.07 3.86
C LEU C 21 -3.39 8.30 4.11
N ALA C 22 -3.65 7.27 3.32
CA ALA C 22 -4.88 6.50 3.46
C ALA C 22 -6.03 7.43 3.83
N ARG C 23 -6.20 7.66 5.14
CA ARG C 23 -7.26 8.54 5.65
C ARG C 23 -8.64 8.14 5.13
N ILE C 24 -8.71 7.75 3.86
CA ILE C 24 -9.97 7.35 3.26
C ILE C 24 -10.54 6.13 3.97
N ALA C 25 -9.68 5.41 4.67
CA ALA C 25 -10.12 4.23 5.41
C ALA C 25 -10.88 3.27 4.48
N LYS C 26 -11.15 3.72 3.26
CA LYS C 26 -11.89 2.92 2.29
C LYS C 26 -13.21 2.42 2.89
N GLY C 27 -13.41 2.67 4.17
CA GLY C 27 -14.64 2.27 4.84
C GLY C 27 -14.69 0.77 5.12
N MET C 28 -13.55 0.09 5.05
CA MET C 28 -13.52 -1.34 5.30
C MET C 28 -13.38 -1.61 6.80
N GLN C 29 -13.28 -0.54 7.58
CA GLN C 29 -13.16 -0.66 9.03
C GLN C 29 -14.54 -0.74 9.67
N ASP C 30 -15.56 -0.81 8.82
CA ASP C 30 -16.94 -0.87 9.31
C ASP C 30 -17.31 -2.29 9.72
N LEU C 31 -16.32 -3.16 9.80
CA LEU C 31 -16.56 -4.54 10.19
C LEU C 31 -16.79 -4.64 11.70
N GLU C 32 -16.37 -3.61 12.42
CA GLU C 32 -16.53 -3.59 13.87
C GLU C 32 -17.69 -2.66 14.28
N SER C 33 -18.30 -2.02 13.29
CA SER C 33 -19.42 -1.11 13.57
C SER C 33 -20.74 -1.68 13.06
N GLU C 34 -21.81 -1.47 13.84
CA GLU C 34 -23.12 -1.97 13.45
C GLU C 34 -24.21 -0.98 13.89
N ALA D 1 1.20 7.18 22.77
CA ALA D 1 -0.24 6.80 22.69
C ALA D 1 -0.54 5.72 23.73
N MET D 2 0.20 4.61 23.65
CA MET D 2 0.00 3.51 24.58
C MET D 2 0.85 3.69 25.84
N ALA D 3 2.15 3.45 25.72
CA ALA D 3 3.05 3.59 26.86
C ALA D 3 4.51 3.58 26.41
N GLY D 4 5.02 4.75 26.03
CA GLY D 4 6.40 4.87 25.59
C GLY D 4 6.53 5.95 24.51
N ILE D 5 7.77 6.16 24.05
CA ILE D 5 8.02 7.17 23.03
C ILE D 5 8.18 6.49 21.67
N ILE D 6 7.53 7.04 20.66
CA ILE D 6 7.59 6.49 19.31
C ILE D 6 8.44 7.38 18.41
N SER D 7 9.46 6.78 17.78
CA SER D 7 10.35 7.55 16.91
C SER D 7 10.54 6.85 15.56
N GLY D 8 11.00 5.61 15.60
CA GLY D 8 11.24 4.86 14.37
C GLY D 8 12.68 5.04 13.89
N THR D 9 13.53 5.55 14.80
CA THR D 9 14.94 5.78 14.49
C THR D 9 15.12 6.87 13.43
N PRO D 10 14.39 7.94 13.55
CA PRO D 10 14.47 9.09 12.61
C PRO D 10 15.90 9.38 12.17
N THR D 11 16.05 10.23 11.16
CA THR D 11 17.38 10.56 10.64
C THR D 11 18.31 9.37 10.79
N ARG D 12 18.43 8.57 9.72
CA ARG D 12 19.30 7.41 9.76
C ARG D 12 19.59 6.93 8.35
N ILE D 13 18.59 7.00 7.49
CA ILE D 13 18.73 6.54 6.12
C ILE D 13 18.58 7.69 5.12
N SER D 14 19.45 7.72 4.12
CA SER D 14 19.37 8.73 3.07
C SER D 14 18.59 8.15 1.90
N VAL D 15 17.52 8.81 1.50
CA VAL D 15 16.69 8.28 0.41
C VAL D 15 16.44 9.30 -0.70
N ASP D 16 16.09 8.76 -1.86
CA ASP D 16 15.81 9.57 -3.05
C ASP D 16 14.48 10.30 -2.87
N GLU D 17 14.26 11.32 -3.71
CA GLU D 17 13.02 12.09 -3.63
C GLU D 17 11.82 11.15 -3.75
N LYS D 18 11.92 10.18 -4.65
CA LYS D 18 10.85 9.21 -4.83
C LYS D 18 11.00 8.11 -3.79
N THR D 19 12.11 8.18 -3.06
CA THR D 19 12.42 7.20 -2.04
C THR D 19 12.28 5.79 -2.58
N GLU D 20 12.98 4.86 -1.96
CA GLU D 20 12.94 3.47 -2.40
C GLU D 20 11.54 2.90 -2.19
N LEU D 21 10.60 3.32 -3.02
CA LEU D 21 9.24 2.84 -2.92
C LEU D 21 9.18 1.36 -3.33
N ALA D 22 8.35 0.57 -2.67
CA ALA D 22 8.26 -0.85 -2.98
C ALA D 22 9.64 -1.39 -3.33
N ARG D 23 10.00 -1.29 -4.60
CA ARG D 23 11.30 -1.75 -5.09
C ARG D 23 11.57 -3.21 -4.71
N ILE D 24 11.18 -3.60 -3.51
CA ILE D 24 11.39 -4.95 -3.04
C ILE D 24 10.63 -5.94 -3.91
N ALA D 25 9.63 -5.43 -4.62
CA ALA D 25 8.83 -6.29 -5.49
C ALA D 25 8.29 -7.50 -4.73
N LYS D 26 8.75 -7.67 -3.49
CA LYS D 26 8.32 -8.80 -2.67
C LYS D 26 8.55 -10.12 -3.40
N GLY D 27 8.93 -10.04 -4.67
CA GLY D 27 9.20 -11.24 -5.45
C GLY D 27 7.92 -11.95 -5.89
N MET D 28 6.79 -11.25 -5.82
CA MET D 28 5.52 -11.86 -6.22
C MET D 28 5.31 -11.71 -7.72
N GLN D 29 6.25 -11.03 -8.38
CA GLN D 29 6.18 -10.83 -9.82
C GLN D 29 6.80 -12.02 -10.56
N ASP D 30 7.17 -13.04 -9.80
CA ASP D 30 7.79 -14.23 -10.37
C ASP D 30 6.74 -15.17 -10.97
N LEU D 31 5.50 -14.68 -11.06
CA LEU D 31 4.43 -15.50 -11.62
C LEU D 31 4.55 -15.57 -13.14
N GLU D 32 5.30 -14.64 -13.71
CA GLU D 32 5.49 -14.62 -15.16
C GLU D 32 6.87 -15.16 -15.54
N SER D 33 7.67 -15.52 -14.54
CA SER D 33 9.00 -16.04 -14.80
C SER D 33 9.09 -17.53 -14.44
N GLU D 34 9.81 -18.29 -15.26
CA GLU D 34 9.99 -19.72 -15.02
C GLU D 34 11.39 -20.17 -15.43
N ALA A 1 -15.13 -20.22 27.61
CA ALA A 1 -15.47 -20.12 26.17
C ALA A 1 -15.31 -18.68 25.70
N MET A 2 -16.36 -18.15 25.11
CA MET A 2 -16.33 -16.77 24.62
C MET A 2 -17.13 -15.86 25.55
N ALA A 3 -16.54 -14.75 25.94
CA ALA A 3 -17.21 -13.80 26.83
C ALA A 3 -17.89 -12.69 26.03
N ARG A 4 -19.17 -12.47 26.31
CA ARG A 4 -19.93 -11.43 25.61
C ARG A 4 -19.24 -11.02 24.32
N MET A 5 -19.73 -11.54 23.19
CA MET A 5 -19.14 -11.23 21.90
C MET A 5 -19.18 -9.73 21.63
N SER A 6 -18.29 -9.00 22.28
CA SER A 6 -18.22 -7.54 22.11
C SER A 6 -17.03 -7.18 21.22
N PRO A 7 -17.01 -5.95 20.76
CA PRO A 7 -15.91 -5.44 19.89
C PRO A 7 -14.62 -5.22 20.65
N ALA A 8 -14.70 -5.30 21.98
CA ALA A 8 -13.53 -5.09 22.82
C ALA A 8 -12.39 -6.05 22.44
N ASP A 9 -12.72 -7.31 22.20
CA ASP A 9 -11.69 -8.28 21.82
C ASP A 9 -11.00 -7.82 20.56
N LYS A 10 -11.76 -7.27 19.62
CA LYS A 10 -11.18 -6.78 18.40
C LYS A 10 -10.18 -5.68 18.74
N ARG A 11 -10.59 -4.79 19.65
CA ARG A 11 -9.72 -3.71 20.08
C ARG A 11 -8.48 -4.31 20.73
N LYS A 12 -8.66 -5.38 21.49
CA LYS A 12 -7.53 -6.05 22.12
C LYS A 12 -6.55 -6.45 21.03
N LEU A 13 -7.11 -6.98 19.95
CA LEU A 13 -6.29 -7.36 18.82
C LEU A 13 -5.62 -6.11 18.26
N LEU A 14 -6.44 -5.09 17.97
CA LEU A 14 -5.91 -3.84 17.46
C LEU A 14 -4.82 -3.34 18.39
N ASP A 15 -5.09 -3.40 19.68
CA ASP A 15 -4.10 -2.97 20.66
C ASP A 15 -2.79 -3.69 20.37
N GLU A 16 -2.91 -4.96 20.02
CA GLU A 16 -1.74 -5.78 19.70
C GLU A 16 -1.25 -5.48 18.27
N LEU A 17 -2.18 -5.44 17.31
CA LEU A 17 -1.81 -5.17 15.94
C LEU A 17 -1.11 -3.82 15.84
N ARG A 18 -1.63 -2.83 16.55
CA ARG A 18 -1.04 -1.51 16.54
C ARG A 18 0.37 -1.56 17.09
N SER A 19 0.54 -2.23 18.23
CA SER A 19 1.85 -2.37 18.84
C SER A 19 2.73 -3.24 17.97
N ILE A 20 2.20 -4.39 17.54
CA ILE A 20 2.94 -5.30 16.70
C ILE A 20 3.35 -4.59 15.41
N TYR A 21 2.40 -3.88 14.79
CA TYR A 21 2.72 -3.15 13.58
C TYR A 21 3.81 -2.14 13.87
N ARG A 22 3.61 -1.43 14.97
CA ARG A 22 4.57 -0.43 15.41
C ARG A 22 5.96 -1.04 15.51
N THR A 23 6.05 -2.23 16.10
CA THR A 23 7.33 -2.90 16.24
C THR A 23 7.95 -3.16 14.88
N ILE A 24 7.13 -3.52 13.91
CA ILE A 24 7.63 -3.79 12.56
C ILE A 24 8.41 -2.59 12.04
N VAL A 25 7.87 -1.40 12.26
CA VAL A 25 8.49 -0.17 11.80
C VAL A 25 9.84 0.10 12.47
N LEU A 26 9.89 0.00 13.79
CA LEU A 26 11.13 0.28 14.52
C LEU A 26 12.22 -0.70 14.13
N GLU A 27 11.85 -1.97 13.95
CA GLU A 27 12.82 -3.00 13.60
C GLU A 27 13.03 -3.09 12.11
N TYR A 28 12.26 -2.32 11.35
CA TYR A 28 12.38 -2.34 9.90
C TYR A 28 13.85 -2.15 9.47
N PHE A 29 14.59 -1.34 10.22
CA PHE A 29 15.99 -1.10 9.91
C PHE A 29 16.91 -1.88 10.85
N ASN A 30 16.34 -2.85 11.55
CA ASN A 30 17.11 -3.66 12.49
C ASN A 30 18.23 -4.41 11.78
N THR A 31 19.31 -4.65 12.50
CA THR A 31 20.45 -5.38 11.94
C THR A 31 20.36 -6.87 12.26
N ASP A 32 19.63 -7.21 13.33
CA ASP A 32 19.52 -8.61 13.74
C ASP A 32 18.06 -9.04 13.96
N ALA A 33 17.18 -8.07 14.24
CA ALA A 33 15.77 -8.41 14.47
C ALA A 33 15.14 -9.03 13.24
N LYS A 34 14.34 -10.08 13.44
CA LYS A 34 13.67 -10.73 12.33
C LYS A 34 12.32 -10.08 12.11
N VAL A 35 12.33 -8.98 11.37
CA VAL A 35 11.10 -8.24 11.09
C VAL A 35 10.02 -9.16 10.57
N ASN A 36 10.42 -10.16 9.79
CA ASN A 36 9.48 -11.10 9.22
C ASN A 36 8.57 -11.63 10.32
N GLU A 37 9.14 -11.87 11.51
CA GLU A 37 8.35 -12.34 12.62
C GLU A 37 7.34 -11.28 13.03
N ARG A 38 7.77 -10.03 12.98
CA ARG A 38 6.88 -8.92 13.31
C ARG A 38 5.77 -8.84 12.27
N ILE A 39 6.17 -8.94 11.02
CA ILE A 39 5.23 -8.91 9.90
C ILE A 39 4.37 -10.16 9.91
N ASP A 40 5.00 -11.29 10.19
CA ASP A 40 4.29 -12.56 10.25
C ASP A 40 3.26 -12.51 11.38
N GLU A 41 3.64 -11.91 12.50
CA GLU A 41 2.75 -11.80 13.64
C GLU A 41 1.54 -10.94 13.28
N PHE A 42 1.81 -9.80 12.65
CA PHE A 42 0.77 -8.89 12.24
C PHE A 42 -0.06 -9.51 11.12
N VAL A 43 0.63 -10.06 10.13
CA VAL A 43 -0.04 -10.68 8.99
C VAL A 43 -0.98 -11.80 9.41
N SER A 44 -0.49 -12.69 10.27
CA SER A 44 -1.29 -13.82 10.72
C SER A 44 -2.52 -13.37 11.51
N LYS A 45 -2.31 -12.54 12.52
CA LYS A 45 -3.41 -12.06 13.35
C LYS A 45 -4.38 -11.18 12.56
N ALA A 46 -3.83 -10.33 11.69
CA ALA A 46 -4.69 -9.45 10.89
C ALA A 46 -5.66 -10.27 10.05
N PHE A 47 -5.15 -11.35 9.47
CA PHE A 47 -5.99 -12.21 8.62
C PHE A 47 -7.09 -12.87 9.44
N PHE A 48 -6.68 -13.59 10.48
CA PHE A 48 -7.64 -14.31 11.34
C PHE A 48 -8.66 -13.36 11.97
N ALA A 49 -8.19 -12.20 12.44
CA ALA A 49 -9.08 -11.24 13.07
C ALA A 49 -9.95 -10.54 12.05
N ASP A 50 -9.98 -11.07 10.84
CA ASP A 50 -10.79 -10.49 9.78
C ASP A 50 -10.53 -8.99 9.70
N ILE A 51 -9.28 -8.61 9.90
CA ILE A 51 -8.89 -7.21 9.86
C ILE A 51 -8.73 -6.74 8.42
N SER A 52 -9.49 -5.72 8.03
CA SER A 52 -9.41 -5.20 6.68
C SER A 52 -8.16 -4.33 6.56
N VAL A 53 -7.71 -4.11 5.33
CA VAL A 53 -6.54 -3.30 5.10
C VAL A 53 -6.76 -1.89 5.64
N SER A 54 -8.01 -1.43 5.58
CA SER A 54 -8.35 -0.09 6.05
C SER A 54 -7.66 0.23 7.37
N GLN A 55 -7.85 -0.60 8.39
CA GLN A 55 -7.21 -0.33 9.67
C GLN A 55 -5.71 -0.31 9.48
N VAL A 56 -5.19 -1.21 8.66
CA VAL A 56 -3.78 -1.23 8.39
C VAL A 56 -3.40 0.12 7.79
N LEU A 57 -4.28 0.59 6.91
CA LEU A 57 -4.10 1.88 6.25
C LEU A 57 -4.31 3.02 7.24
N GLU A 58 -5.43 2.97 7.97
CA GLU A 58 -5.76 4.02 8.94
C GLU A 58 -4.81 3.99 10.13
N ILE A 59 -4.56 2.81 10.68
CA ILE A 59 -3.66 2.70 11.83
C ILE A 59 -2.31 3.30 11.49
N HIS A 60 -1.82 3.04 10.28
CA HIS A 60 -0.53 3.54 9.86
C HIS A 60 -0.51 5.07 9.86
N VAL A 61 -1.54 5.68 9.28
CA VAL A 61 -1.61 7.14 9.21
C VAL A 61 -1.49 7.77 10.60
N GLU A 62 -2.16 7.17 11.58
CA GLU A 62 -2.13 7.69 12.94
C GLU A 62 -0.72 7.62 13.52
N LEU A 63 -0.09 6.46 13.42
CA LEU A 63 1.27 6.30 13.94
C LEU A 63 2.25 7.14 13.14
N MET A 64 2.06 7.20 11.83
CA MET A 64 2.95 8.00 10.98
C MET A 64 2.88 9.46 11.39
N ASP A 65 1.67 9.91 11.72
CA ASP A 65 1.49 11.29 12.14
C ASP A 65 2.27 11.51 13.42
N THR A 66 2.32 10.47 14.26
CA THR A 66 3.02 10.54 15.53
C THR A 66 4.51 10.83 15.33
N PHE A 67 5.13 10.14 14.37
CA PHE A 67 6.56 10.32 14.11
C PHE A 67 6.83 11.66 13.40
N SER A 68 6.02 11.99 12.40
CA SER A 68 6.23 13.23 11.67
C SER A 68 6.18 14.42 12.63
N LYS A 69 5.17 14.44 13.49
CA LYS A 69 5.06 15.51 14.46
C LYS A 69 6.24 15.47 15.42
N GLN A 70 6.67 14.25 15.77
CA GLN A 70 7.81 14.07 16.66
C GLN A 70 9.08 14.60 16.02
N LEU A 71 9.22 14.37 14.72
CA LEU A 71 10.40 14.85 14.00
C LEU A 71 10.55 16.35 14.17
N LYS A 72 9.45 17.08 14.04
CA LYS A 72 9.49 18.52 14.19
C LYS A 72 9.94 18.91 15.60
N LEU A 73 9.34 18.26 16.60
CA LEU A 73 9.68 18.54 17.99
C LEU A 73 11.06 17.96 18.34
N GLU A 74 11.31 16.75 17.86
CA GLU A 74 12.59 16.09 18.12
C GLU A 74 13.73 16.82 17.42
N GLY A 75 13.41 17.52 16.34
CA GLY A 75 14.42 18.24 15.59
C GLY A 75 15.15 17.31 14.64
N ARG A 76 14.48 16.22 14.27
CA ARG A 76 15.06 15.25 13.36
C ARG A 76 14.36 15.27 12.02
N SER A 77 15.10 15.66 10.99
CA SER A 77 14.59 15.74 9.63
C SER A 77 13.11 15.35 9.57
N GLU A 78 12.81 14.37 8.73
CA GLU A 78 11.45 13.89 8.56
C GLU A 78 11.36 12.98 7.35
N ASP A 79 12.43 12.96 6.56
CA ASP A 79 12.48 12.13 5.36
C ASP A 79 12.31 10.65 5.73
N ILE A 80 12.82 10.29 6.90
CA ILE A 80 12.74 8.91 7.37
C ILE A 80 11.31 8.39 7.31
N LEU A 81 10.36 9.30 7.24
CA LEU A 81 8.96 8.90 7.19
C LEU A 81 8.73 7.91 6.05
N LEU A 82 9.60 7.93 5.05
CA LEU A 82 9.48 7.03 3.91
C LEU A 82 9.40 5.58 4.37
N ASP A 83 10.18 5.24 5.39
CA ASP A 83 10.20 3.87 5.90
C ASP A 83 8.80 3.42 6.29
N TYR A 84 8.04 4.31 6.91
CA TYR A 84 6.69 3.98 7.30
C TYR A 84 5.85 3.77 6.04
N ARG A 85 6.13 4.58 5.03
CA ARG A 85 5.43 4.44 3.76
C ARG A 85 5.85 3.12 3.11
N LEU A 86 7.15 2.83 3.20
CA LEU A 86 7.67 1.58 2.67
C LEU A 86 7.16 0.41 3.49
N THR A 87 7.18 0.59 4.80
CA THR A 87 6.70 -0.43 5.72
C THR A 87 5.20 -0.66 5.53
N LEU A 88 4.48 0.44 5.33
CA LEU A 88 3.04 0.38 5.13
C LEU A 88 2.73 -0.35 3.83
N ILE A 89 3.40 0.07 2.75
CA ILE A 89 3.19 -0.55 1.45
C ILE A 89 3.64 -2.01 1.47
N ASP A 90 4.80 -2.26 2.05
CA ASP A 90 5.34 -3.62 2.14
C ASP A 90 4.46 -4.51 3.01
N VAL A 91 3.97 -3.96 4.12
CA VAL A 91 3.14 -4.73 5.04
C VAL A 91 1.82 -5.14 4.40
N ILE A 92 1.15 -4.20 3.75
CA ILE A 92 -0.12 -4.49 3.10
C ILE A 92 0.04 -5.61 2.08
N ALA A 93 1.12 -5.52 1.30
CA ALA A 93 1.38 -6.53 0.29
C ALA A 93 1.63 -7.89 0.95
N HIS A 94 2.20 -7.86 2.15
CA HIS A 94 2.51 -9.10 2.86
C HIS A 94 1.22 -9.86 3.20
N LEU A 95 0.27 -9.19 3.86
CA LEU A 95 -0.98 -9.84 4.21
C LEU A 95 -1.85 -10.02 2.97
N CYS A 96 -1.85 -9.02 2.09
CA CYS A 96 -2.64 -9.11 0.87
C CYS A 96 -2.26 -10.39 0.14
N GLU A 97 -0.97 -10.71 0.17
CA GLU A 97 -0.48 -11.92 -0.46
C GLU A 97 -0.98 -13.14 0.29
N MET A 98 -0.99 -13.05 1.62
CA MET A 98 -1.45 -14.17 2.43
C MET A 98 -2.91 -14.48 2.10
N TYR A 99 -3.68 -13.43 1.80
CA TYR A 99 -5.07 -13.62 1.41
C TYR A 99 -5.12 -14.35 0.08
N ARG A 100 -4.19 -13.97 -0.81
CA ARG A 100 -4.10 -14.57 -2.13
C ARG A 100 -3.87 -16.07 -2.02
N ARG A 101 -3.08 -16.47 -1.03
CA ARG A 101 -2.78 -17.88 -0.82
C ARG A 101 -3.98 -18.59 -0.19
N SER A 102 -4.81 -17.84 0.51
CA SER A 102 -5.98 -18.41 1.16
C SER A 102 -7.15 -18.57 0.20
N ILE A 103 -6.90 -18.33 -1.08
CA ILE A 103 -7.95 -18.43 -2.09
C ILE A 103 -7.74 -19.65 -2.98
N PRO A 104 -8.43 -20.72 -2.72
CA PRO A 104 -8.31 -21.98 -3.52
C PRO A 104 -9.06 -21.86 -4.85
N ARG A 105 -8.36 -22.14 -5.95
CA ARG A 105 -8.98 -22.06 -7.27
C ARG A 105 -8.83 -23.39 -8.01
N GLU A 106 -9.89 -23.79 -8.69
CA GLU A 106 -9.87 -25.04 -9.45
C GLU A 106 -8.85 -24.97 -10.58
N VAL A 107 -8.19 -26.09 -10.85
CA VAL A 107 -7.20 -26.13 -11.91
C VAL A 107 -6.74 -27.56 -12.17
N ALA B 1 -8.91 -19.70 -30.55
CA ALA B 1 -8.75 -20.11 -29.13
C ALA B 1 -7.60 -19.35 -28.50
N MET B 2 -6.66 -20.09 -27.92
CA MET B 2 -5.50 -19.49 -27.28
C MET B 2 -4.27 -19.68 -28.15
N ALA B 3 -3.54 -18.60 -28.39
CA ALA B 3 -2.33 -18.66 -29.21
C ALA B 3 -1.10 -18.83 -28.33
N ARG B 4 -0.28 -19.82 -28.66
CA ARG B 4 0.95 -20.10 -27.91
C ARG B 4 0.90 -19.44 -26.54
N MET B 5 0.59 -20.22 -25.51
CA MET B 5 0.51 -19.70 -24.15
C MET B 5 1.84 -19.07 -23.73
N SER B 6 2.10 -17.88 -24.24
CA SER B 6 3.33 -17.18 -23.90
C SER B 6 3.05 -16.05 -22.91
N PRO B 7 4.08 -15.52 -22.32
CA PRO B 7 3.96 -14.41 -21.33
C PRO B 7 3.60 -13.08 -21.98
N ALA B 8 3.65 -13.05 -23.31
CA ALA B 8 3.35 -11.82 -24.05
C ALA B 8 1.95 -11.31 -23.70
N ASP B 9 0.98 -12.21 -23.62
CA ASP B 9 -0.38 -11.79 -23.29
C ASP B 9 -0.38 -11.09 -21.93
N LYS B 10 0.40 -11.63 -21.00
CA LYS B 10 0.47 -11.02 -19.69
C LYS B 10 0.99 -9.59 -19.86
N ARG B 11 2.03 -9.45 -20.68
CA ARG B 11 2.60 -8.13 -20.94
C ARG B 11 1.54 -7.24 -21.56
N LYS B 12 0.73 -7.82 -22.45
CA LYS B 12 -0.34 -7.06 -23.07
C LYS B 12 -1.22 -6.51 -21.98
N LEU B 13 -1.51 -7.35 -20.99
CA LEU B 13 -2.30 -6.92 -19.86
C LEU B 13 -1.55 -5.82 -19.13
N LEU B 14 -0.30 -6.09 -18.78
CA LEU B 14 0.52 -5.11 -18.11
C LEU B 14 0.52 -3.82 -18.91
N ASP B 15 0.68 -3.95 -20.22
CA ASP B 15 0.67 -2.78 -21.07
C ASP B 15 -0.60 -1.98 -20.77
N GLU B 16 -1.70 -2.71 -20.59
CA GLU B 16 -2.98 -2.09 -20.28
C GLU B 16 -3.04 -1.68 -18.80
N LEU B 17 -2.64 -2.58 -17.90
CA LEU B 17 -2.67 -2.27 -16.48
C LEU B 17 -1.81 -1.04 -16.19
N ARG B 18 -0.65 -0.98 -16.83
CA ARG B 18 0.25 0.15 -16.63
C ARG B 18 -0.43 1.44 -17.10
N SER B 19 -1.02 1.40 -18.29
CA SER B 19 -1.71 2.55 -18.83
C SER B 19 -2.96 2.84 -18.00
N ILE B 20 -3.75 1.79 -17.75
CA ILE B 20 -4.95 1.94 -16.95
C ILE B 20 -4.61 2.49 -15.57
N TYR B 21 -3.58 1.91 -14.95
CA TYR B 21 -3.16 2.40 -13.64
C TYR B 21 -2.77 3.85 -13.76
N ARG B 22 -1.97 4.12 -14.77
CA ARG B 22 -1.51 5.47 -15.04
C ARG B 22 -2.69 6.43 -15.12
N THR B 23 -3.74 6.03 -15.82
CA THR B 23 -4.93 6.86 -15.96
C THR B 23 -5.54 7.15 -14.60
N ILE B 24 -5.53 6.15 -13.72
CA ILE B 24 -6.09 6.32 -12.39
C ILE B 24 -5.44 7.51 -11.69
N VAL B 25 -4.12 7.60 -11.82
CA VAL B 25 -3.35 8.67 -11.19
C VAL B 25 -3.71 10.05 -11.73
N LEU B 26 -3.72 10.20 -13.05
CA LEU B 26 -4.02 11.48 -13.66
C LEU B 26 -5.43 11.96 -13.32
N GLU B 27 -6.37 11.03 -13.31
CA GLU B 27 -7.76 11.37 -13.01
C GLU B 27 -8.03 11.36 -11.52
N TYR B 28 -7.04 10.96 -10.73
CA TYR B 28 -7.22 10.90 -9.29
C TYR B 28 -7.76 12.22 -8.76
N PHE B 29 -7.35 13.33 -9.37
CA PHE B 29 -7.81 14.64 -8.94
C PHE B 29 -8.86 15.20 -9.90
N ASN B 30 -9.41 14.32 -10.73
CA ASN B 30 -10.42 14.74 -11.70
C ASN B 30 -11.66 15.29 -11.01
N THR B 31 -12.33 16.22 -11.68
CA THR B 31 -13.54 16.82 -11.14
C THR B 31 -14.78 16.09 -11.62
N ASP B 32 -14.67 15.41 -12.76
CA ASP B 32 -15.82 14.70 -13.33
C ASP B 32 -15.50 13.25 -13.68
N ALA B 33 -14.23 12.94 -13.92
CA ALA B 33 -13.86 11.58 -14.28
C ALA B 33 -14.19 10.60 -13.15
N LYS B 34 -14.72 9.44 -13.52
CA LYS B 34 -15.05 8.43 -12.54
C LYS B 34 -13.86 7.51 -12.33
N VAL B 35 -12.95 7.94 -11.47
CA VAL B 35 -11.75 7.17 -11.19
C VAL B 35 -12.09 5.74 -10.84
N ASN B 36 -13.19 5.56 -10.15
CA ASN B 36 -13.62 4.23 -9.76
C ASN B 36 -13.59 3.30 -10.97
N GLU B 37 -13.98 3.82 -12.12
CA GLU B 37 -13.96 3.03 -13.34
C GLU B 37 -12.52 2.66 -13.68
N ARG B 38 -11.62 3.62 -13.47
CA ARG B 38 -10.21 3.39 -13.74
C ARG B 38 -9.69 2.32 -12.77
N ILE B 39 -10.05 2.49 -11.51
CA ILE B 39 -9.65 1.56 -10.46
C ILE B 39 -10.36 0.24 -10.67
N ASP B 40 -11.63 0.31 -11.02
CA ASP B 40 -12.40 -0.90 -11.27
C ASP B 40 -11.82 -1.68 -12.44
N GLU B 41 -11.38 -0.93 -13.46
CA GLU B 41 -10.79 -1.56 -14.65
C GLU B 41 -9.50 -2.27 -14.26
N PHE B 42 -8.66 -1.56 -13.50
CA PHE B 42 -7.39 -2.11 -13.06
C PHE B 42 -7.62 -3.24 -12.06
N VAL B 43 -8.50 -3.00 -11.10
CA VAL B 43 -8.81 -3.99 -10.07
C VAL B 43 -9.33 -5.29 -10.68
N SER B 44 -10.30 -5.18 -11.60
CA SER B 44 -10.88 -6.36 -12.22
C SER B 44 -9.86 -7.15 -13.03
N LYS B 45 -9.15 -6.46 -13.93
CA LYS B 45 -8.16 -7.12 -14.77
C LYS B 45 -6.99 -7.66 -13.95
N ALA B 46 -6.55 -6.89 -12.97
CA ALA B 46 -5.42 -7.32 -12.13
C ALA B 46 -5.75 -8.64 -11.44
N PHE B 47 -6.97 -8.76 -10.94
CA PHE B 47 -7.40 -9.97 -10.26
C PHE B 47 -7.41 -11.17 -11.21
N PHE B 48 -8.16 -11.03 -12.30
CA PHE B 48 -8.29 -12.10 -13.29
C PHE B 48 -6.94 -12.49 -13.87
N ALA B 49 -6.11 -11.50 -14.18
CA ALA B 49 -4.80 -11.77 -14.77
C ALA B 49 -3.85 -12.33 -13.73
N ASP B 50 -4.39 -12.74 -12.58
CA ASP B 50 -3.56 -13.29 -11.52
C ASP B 50 -2.36 -12.39 -11.27
N ILE B 51 -2.60 -11.07 -11.34
CA ILE B 51 -1.55 -10.11 -11.12
C ILE B 51 -1.31 -9.90 -9.63
N SER B 52 -0.09 -10.15 -9.19
CA SER B 52 0.25 -9.96 -7.79
C SER B 52 0.43 -8.48 -7.49
N VAL B 53 0.32 -8.13 -6.22
CA VAL B 53 0.47 -6.74 -5.83
C VAL B 53 1.85 -6.23 -6.23
N SER B 54 2.84 -7.12 -6.19
CA SER B 54 4.22 -6.75 -6.54
C SER B 54 4.26 -5.85 -7.76
N GLN B 55 3.70 -6.30 -8.88
CA GLN B 55 3.70 -5.47 -10.08
C GLN B 55 3.01 -4.15 -9.80
N VAL B 56 1.92 -4.21 -9.05
CA VAL B 56 1.23 -2.99 -8.68
C VAL B 56 2.20 -2.11 -7.94
N LEU B 57 2.97 -2.76 -7.07
CA LEU B 57 3.96 -2.08 -6.26
C LEU B 57 5.15 -1.63 -7.13
N GLU B 58 5.66 -2.56 -7.93
CA GLU B 58 6.81 -2.27 -8.79
C GLU B 58 6.43 -1.32 -9.92
N ILE B 59 5.30 -1.58 -10.58
CA ILE B 59 4.86 -0.72 -11.67
C ILE B 59 4.73 0.72 -11.19
N HIS B 60 4.19 0.89 -9.98
CA HIS B 60 4.01 2.21 -9.42
C HIS B 60 5.35 2.94 -9.25
N VAL B 61 6.33 2.25 -8.68
CA VAL B 61 7.64 2.86 -8.46
C VAL B 61 8.23 3.39 -9.76
N GLU B 62 8.08 2.63 -10.84
CA GLU B 62 8.62 3.05 -12.13
C GLU B 62 7.94 4.32 -12.63
N LEU B 63 6.61 4.33 -12.61
CA LEU B 63 5.87 5.51 -13.06
C LEU B 63 6.10 6.68 -12.12
N MET B 64 6.15 6.39 -10.82
CA MET B 64 6.37 7.45 -9.84
C MET B 64 7.73 8.11 -10.09
N ASP B 65 8.71 7.29 -10.43
CA ASP B 65 10.04 7.81 -10.72
C ASP B 65 9.95 8.74 -11.92
N THR B 66 9.08 8.39 -12.86
CA THR B 66 8.89 9.18 -14.07
C THR B 66 8.43 10.60 -13.74
N PHE B 67 7.47 10.72 -12.83
CA PHE B 67 6.95 12.05 -12.45
C PHE B 67 7.95 12.82 -11.60
N SER B 68 8.55 12.15 -10.62
CA SER B 68 9.50 12.83 -9.75
C SER B 68 10.63 13.43 -10.57
N LYS B 69 11.18 12.65 -11.48
CA LYS B 69 12.24 13.14 -12.34
C LYS B 69 11.72 14.27 -13.22
N GLN B 70 10.47 14.12 -13.66
CA GLN B 70 9.84 15.13 -14.49
C GLN B 70 9.67 16.43 -13.72
N LEU B 71 9.31 16.32 -12.44
CA LEU B 71 9.12 17.49 -11.60
C LEU B 71 10.39 18.33 -11.60
N LYS B 72 11.55 17.68 -11.47
CA LYS B 72 12.81 18.41 -11.45
C LYS B 72 13.03 19.12 -12.78
N LEU B 73 12.81 18.41 -13.88
CA LEU B 73 12.98 18.99 -15.21
C LEU B 73 11.85 19.96 -15.53
N GLU B 74 10.63 19.59 -15.17
CA GLU B 74 9.47 20.44 -15.42
C GLU B 74 9.53 21.71 -14.58
N GLY B 75 10.23 21.63 -13.45
CA GLY B 75 10.35 22.77 -12.56
C GLY B 75 9.12 22.89 -11.68
N ARG B 76 8.45 21.76 -11.47
CA ARG B 76 7.25 21.73 -10.65
C ARG B 76 7.52 20.97 -9.35
N SER B 77 7.44 21.69 -8.24
CA SER B 77 7.66 21.13 -6.91
C SER B 77 8.01 19.65 -6.99
N GLU B 78 7.22 18.84 -6.30
CA GLU B 78 7.43 17.40 -6.26
C GLU B 78 6.58 16.77 -5.16
N ASP B 79 6.01 17.62 -4.31
CA ASP B 79 5.18 17.15 -3.21
C ASP B 79 3.98 16.38 -3.74
N ILE B 80 3.50 16.77 -4.91
CA ILE B 80 2.35 16.12 -5.53
C ILE B 80 2.56 14.62 -5.63
N LEU B 81 3.81 14.19 -5.52
CA LEU B 81 4.11 12.76 -5.60
C LEU B 81 3.27 11.98 -4.60
N LEU B 82 2.82 12.66 -3.53
CA LEU B 82 1.99 12.00 -2.51
C LEU B 82 0.79 11.31 -3.14
N ASP B 83 0.19 11.96 -4.14
CA ASP B 83 -0.98 11.41 -4.78
C ASP B 83 -0.71 10.01 -5.31
N TYR B 84 0.48 9.81 -5.87
CA TYR B 84 0.85 8.51 -6.38
C TYR B 84 0.96 7.54 -5.22
N ARG B 85 1.48 8.04 -4.10
CA ARG B 85 1.60 7.23 -2.91
C ARG B 85 0.20 6.93 -2.39
N LEU B 86 -0.67 7.95 -2.42
CA LEU B 86 -2.05 7.78 -1.99
C LEU B 86 -2.78 6.87 -2.97
N THR B 87 -2.55 7.11 -4.25
CA THR B 87 -3.17 6.32 -5.29
C THR B 87 -2.67 4.88 -5.21
N LEU B 88 -1.38 4.72 -4.96
CA LEU B 88 -0.77 3.40 -4.85
C LEU B 88 -1.35 2.66 -3.65
N ILE B 89 -1.37 3.32 -2.50
CA ILE B 89 -1.92 2.72 -1.29
C ILE B 89 -3.40 2.44 -1.45
N ASP B 90 -4.13 3.41 -1.97
CA ASP B 90 -5.56 3.27 -2.17
C ASP B 90 -5.88 2.17 -3.19
N VAL B 91 -5.10 2.13 -4.26
CA VAL B 91 -5.32 1.13 -5.31
C VAL B 91 -5.11 -0.29 -4.80
N ILE B 92 -4.01 -0.52 -4.10
CA ILE B 92 -3.71 -1.84 -3.57
C ILE B 92 -4.85 -2.31 -2.67
N ALA B 93 -5.32 -1.42 -1.82
CA ALA B 93 -6.41 -1.76 -0.91
C ALA B 93 -7.67 -2.09 -1.69
N HIS B 94 -7.84 -1.44 -2.84
CA HIS B 94 -9.02 -1.67 -3.67
C HIS B 94 -9.07 -3.12 -4.17
N LEU B 95 -7.98 -3.58 -4.81
CA LEU B 95 -7.95 -4.95 -5.30
C LEU B 95 -7.79 -5.92 -4.15
N CYS B 96 -6.96 -5.56 -3.17
CA CYS B 96 -6.75 -6.44 -2.02
C CYS B 96 -8.10 -6.76 -1.41
N GLU B 97 -8.99 -5.77 -1.40
CA GLU B 97 -10.33 -5.95 -0.85
C GLU B 97 -11.13 -6.88 -1.77
N MET B 98 -10.95 -6.71 -3.08
CA MET B 98 -11.66 -7.54 -4.04
C MET B 98 -11.28 -9.00 -3.83
N TYR B 99 -10.01 -9.23 -3.47
CA TYR B 99 -9.55 -10.59 -3.20
C TYR B 99 -10.27 -11.10 -1.96
N ARG B 100 -10.41 -10.21 -0.99
CA ARG B 100 -11.08 -10.54 0.27
C ARG B 100 -12.50 -11.03 0.00
N ARG B 101 -13.16 -10.40 -0.96
CA ARG B 101 -14.53 -10.76 -1.30
C ARG B 101 -14.56 -12.08 -2.09
N SER B 102 -13.45 -12.40 -2.75
CA SER B 102 -13.37 -13.62 -3.54
C SER B 102 -13.02 -14.83 -2.66
N ILE B 103 -13.01 -14.62 -1.36
CA ILE B 103 -12.68 -15.70 -0.44
C ILE B 103 -13.91 -16.18 0.34
N PRO B 104 -14.52 -17.26 -0.09
CA PRO B 104 -15.73 -17.81 0.59
C PRO B 104 -15.37 -18.57 1.86
N ARG B 105 -16.01 -18.19 2.96
CA ARG B 105 -15.74 -18.83 4.24
C ARG B 105 -17.02 -19.40 4.85
N GLU B 106 -16.93 -20.60 5.41
CA GLU B 106 -18.09 -21.23 6.03
C GLU B 106 -18.58 -20.41 7.22
N VAL B 107 -19.90 -20.38 7.42
CA VAL B 107 -20.47 -19.64 8.52
C VAL B 107 -21.97 -19.92 8.65
N ALA C 1 2.12 7.80 -33.81
CA ALA C 1 1.38 8.36 -32.65
C ALA C 1 1.23 7.28 -31.59
N MET C 2 2.18 7.23 -30.65
CA MET C 2 2.14 6.25 -29.58
C MET C 2 1.28 6.74 -28.43
N ALA C 3 0.37 5.89 -27.96
CA ALA C 3 -0.52 6.24 -26.86
C ALA C 3 0.09 5.83 -25.52
N GLY C 4 -0.13 6.63 -24.50
CA GLY C 4 0.41 6.33 -23.18
C GLY C 4 1.49 7.33 -22.78
N ILE C 5 1.08 8.56 -22.52
CA ILE C 5 2.03 9.61 -22.15
C ILE C 5 1.76 10.06 -20.71
N ILE C 6 2.84 10.31 -19.96
CA ILE C 6 2.69 10.75 -18.58
C ILE C 6 2.55 12.27 -18.53
N SER C 7 1.77 12.76 -17.59
CA SER C 7 1.55 14.20 -17.46
C SER C 7 0.88 14.53 -16.14
N GLY C 8 -0.44 14.35 -16.09
CA GLY C 8 -1.19 14.63 -14.88
C GLY C 8 -1.26 16.13 -14.62
N THR C 9 -0.95 16.52 -13.38
CA THR C 9 -1.00 17.94 -13.03
C THR C 9 -0.14 18.22 -11.80
N PRO C 10 1.08 17.74 -11.80
CA PRO C 10 2.03 17.94 -10.68
C PRO C 10 1.88 19.33 -10.03
N THR C 11 2.17 19.40 -8.74
CA THR C 11 2.06 20.66 -8.00
C THR C 11 0.71 21.32 -8.26
N ARG C 12 -0.36 20.66 -7.81
CA ARG C 12 -1.71 21.19 -8.01
C ARG C 12 -2.53 21.09 -6.72
N ILE C 13 -2.15 20.13 -5.87
CA ILE C 13 -2.87 19.91 -4.62
C ILE C 13 -2.02 20.32 -3.43
N SER C 14 -2.63 21.05 -2.50
CA SER C 14 -1.91 21.48 -1.29
C SER C 14 -1.64 20.26 -0.42
N VAL C 15 -0.45 20.21 0.17
CA VAL C 15 -0.08 19.08 1.00
C VAL C 15 0.60 19.55 2.29
N ASP C 16 0.46 18.75 3.35
CA ASP C 16 1.06 19.11 4.65
C ASP C 16 2.30 18.24 4.95
N GLU C 17 2.72 18.24 6.21
CA GLU C 17 3.88 17.46 6.62
C GLU C 17 3.67 15.98 6.31
N LYS C 18 2.59 15.42 6.83
CA LYS C 18 2.30 14.01 6.57
C LYS C 18 1.65 13.92 5.20
N THR C 19 1.62 15.07 4.52
CA THR C 19 1.06 15.17 3.19
C THR C 19 0.05 14.05 2.95
N GLU C 20 -1.06 14.12 3.67
CA GLU C 20 -2.10 13.10 3.54
C GLU C 20 -1.49 11.72 3.52
N LEU C 21 -2.34 10.71 3.46
CA LEU C 21 -1.85 9.33 3.44
C LEU C 21 -3.01 8.37 3.29
N ALA C 22 -2.94 7.25 4.01
CA ALA C 22 -3.98 6.24 3.97
C ALA C 22 -5.28 6.74 4.62
N ARG C 23 -5.27 7.99 5.05
CA ARG C 23 -6.45 8.56 5.70
C ARG C 23 -7.73 8.27 4.90
N ILE C 24 -7.58 7.58 3.78
CA ILE C 24 -8.73 7.25 2.94
C ILE C 24 -9.66 6.28 3.67
N ALA C 25 -9.07 5.36 4.44
CA ALA C 25 -9.86 4.39 5.19
C ALA C 25 -10.72 3.52 4.27
N LYS C 26 -11.13 4.07 3.13
CA LYS C 26 -11.96 3.32 2.20
C LYS C 26 -13.21 2.78 2.90
N GLY C 27 -14.16 2.29 2.10
CA GLY C 27 -15.41 1.75 2.64
C GLY C 27 -15.17 0.68 3.71
N MET C 28 -14.07 -0.07 3.55
CA MET C 28 -13.74 -1.13 4.50
C MET C 28 -13.81 -0.63 5.95
N GLN C 29 -13.18 -1.36 6.86
CA GLN C 29 -13.19 -1.00 8.27
C GLN C 29 -14.61 -1.09 8.83
N ASP C 30 -15.49 -1.75 8.07
CA ASP C 30 -16.87 -1.93 8.51
C ASP C 30 -17.02 -3.24 9.27
N LEU C 31 -16.99 -4.34 8.54
CA LEU C 31 -17.12 -5.67 9.15
C LEU C 31 -18.01 -5.62 10.39
N GLU C 32 -17.39 -5.45 11.55
CA GLU C 32 -18.13 -5.39 12.81
C GLU C 32 -19.30 -4.42 12.71
N SER C 33 -20.35 -4.69 13.47
CA SER C 33 -21.54 -3.84 13.45
C SER C 33 -21.16 -2.38 13.68
N GLU C 34 -21.92 -1.48 13.08
CA GLU C 34 -21.66 -0.05 13.23
C GLU C 34 -20.23 0.28 12.80
N ALA D 1 3.75 1.77 34.54
CA ALA D 1 4.66 1.51 33.39
C ALA D 1 3.85 1.00 32.20
N MET D 2 3.42 1.90 31.34
CA MET D 2 2.64 1.53 30.17
C MET D 2 3.55 1.13 29.01
N ALA D 3 3.25 -0.02 28.40
CA ALA D 3 4.05 -0.51 27.30
C ALA D 3 3.48 -0.02 25.96
N GLY D 4 4.35 0.27 25.01
CA GLY D 4 3.92 0.74 23.70
C GLY D 4 4.32 2.20 23.50
N ILE D 5 5.61 2.45 23.35
CA ILE D 5 6.12 3.79 23.14
C ILE D 5 6.73 3.93 21.76
N ILE D 6 6.49 5.06 21.11
CA ILE D 6 7.03 5.29 19.78
C ILE D 6 8.44 5.87 19.88
N SER D 7 9.30 5.52 18.94
CA SER D 7 10.67 6.01 18.96
C SER D 7 11.38 5.71 17.64
N GLY D 8 11.83 4.47 17.48
CA GLY D 8 12.51 4.07 16.25
C GLY D 8 13.87 4.73 16.15
N THR D 9 14.15 5.32 15.00
CA THR D 9 15.44 5.96 14.79
C THR D 9 15.36 6.98 13.66
N PRO D 10 14.37 7.83 13.68
CA PRO D 10 14.17 8.89 12.65
C PRO D 10 15.50 9.46 12.15
N THR D 11 15.51 9.89 10.89
CA THR D 11 16.72 10.46 10.30
C THR D 11 17.92 9.54 10.53
N ARG D 12 17.87 8.35 9.93
CA ARG D 12 18.96 7.39 10.10
C ARG D 12 19.33 6.76 8.76
N ILE D 13 18.37 6.74 7.84
CA ILE D 13 18.59 6.14 6.53
C ILE D 13 18.63 7.21 5.45
N SER D 14 19.61 7.11 4.55
CA SER D 14 19.73 8.06 3.45
C SER D 14 18.58 7.84 2.48
N VAL D 15 18.02 8.94 1.98
CA VAL D 15 16.91 8.82 1.04
C VAL D 15 17.08 9.79 -0.14
N ASP D 16 16.51 9.42 -1.28
CA ASP D 16 16.62 10.24 -2.49
C ASP D 16 15.30 10.96 -2.80
N GLU D 17 15.18 11.47 -4.03
CA GLU D 17 13.97 12.18 -4.44
C GLU D 17 12.75 11.29 -4.29
N LYS D 18 12.79 10.13 -4.95
CA LYS D 18 11.68 9.19 -4.85
C LYS D 18 11.81 8.43 -3.55
N THR D 19 12.79 8.87 -2.75
CA THR D 19 13.06 8.26 -1.46
C THR D 19 12.53 6.84 -1.41
N GLU D 20 13.16 5.97 -2.19
CA GLU D 20 12.75 4.57 -2.24
C GLU D 20 11.23 4.48 -2.33
N LEU D 21 10.74 3.25 -2.43
CA LEU D 21 9.31 3.04 -2.52
C LEU D 21 8.98 1.55 -2.56
N ALA D 22 8.01 1.19 -3.39
CA ALA D 22 7.60 -0.21 -3.52
C ALA D 22 8.69 -1.04 -4.20
N ARG D 23 9.82 -0.41 -4.50
CA ARG D 23 10.92 -1.12 -5.15
C ARG D 23 11.20 -2.46 -4.48
N ILE D 24 10.45 -2.78 -3.42
CA ILE D 24 10.66 -4.04 -2.72
C ILE D 24 10.28 -5.23 -3.60
N ALA D 25 9.25 -5.04 -4.43
CA ALA D 25 8.80 -6.10 -5.33
C ALA D 25 8.39 -7.36 -4.57
N LYS D 26 9.00 -7.59 -3.40
CA LYS D 26 8.67 -8.77 -2.61
C LYS D 26 8.82 -10.05 -3.45
N GLY D 27 8.78 -11.19 -2.78
CA GLY D 27 8.93 -12.48 -3.45
C GLY D 27 7.94 -12.65 -4.60
N MET D 28 6.76 -12.04 -4.46
CA MET D 28 5.72 -12.14 -5.49
C MET D 28 6.30 -11.81 -6.87
N GLN D 29 5.41 -11.50 -7.82
CA GLN D 29 5.82 -11.18 -9.18
C GLN D 29 6.44 -12.42 -9.84
N ASP D 30 6.23 -13.57 -9.22
CA ASP D 30 6.74 -14.83 -9.76
C ASP D 30 5.71 -15.49 -10.67
N LEU D 31 4.68 -16.05 -10.06
CA LEU D 31 3.60 -16.70 -10.81
C LEU D 31 4.14 -17.32 -12.09
N GLU D 32 4.08 -16.57 -13.19
CA GLU D 32 4.55 -17.06 -14.48
C GLU D 32 5.95 -17.67 -14.35
N SER D 33 6.26 -18.62 -15.21
CA SER D 33 7.57 -19.27 -15.18
C SER D 33 8.69 -18.24 -15.23
N GLU D 34 9.79 -18.56 -14.59
CA GLU D 34 10.94 -17.66 -14.57
C GLU D 34 10.53 -16.30 -14.01
N ALA A 1 -18.98 -19.71 19.80
CA ALA A 1 -18.53 -18.54 20.61
C ALA A 1 -17.24 -18.88 21.34
N MET A 2 -16.28 -17.95 21.31
CA MET A 2 -15.01 -18.18 21.97
C MET A 2 -15.23 -18.72 23.39
N ALA A 3 -14.16 -18.90 24.14
CA ALA A 3 -14.29 -19.44 25.48
C ALA A 3 -14.81 -18.37 26.43
N ARG A 4 -16.13 -18.28 26.53
CA ARG A 4 -16.78 -17.32 27.41
C ARG A 4 -16.10 -15.94 27.38
N MET A 5 -15.09 -15.77 26.52
CA MET A 5 -14.41 -14.49 26.44
C MET A 5 -15.15 -13.53 25.51
N SER A 6 -15.32 -12.29 25.97
CA SER A 6 -16.02 -11.28 25.19
C SER A 6 -15.14 -10.72 24.09
N PRO A 7 -15.73 -9.98 23.19
CA PRO A 7 -15.01 -9.35 22.05
C PRO A 7 -13.72 -8.66 22.48
N ALA A 8 -13.49 -8.59 23.78
CA ALA A 8 -12.29 -7.93 24.29
C ALA A 8 -11.05 -8.52 23.64
N ASP A 9 -11.06 -9.84 23.41
CA ASP A 9 -9.92 -10.49 22.77
C ASP A 9 -9.66 -9.86 21.40
N LYS A 10 -10.74 -9.59 20.67
CA LYS A 10 -10.61 -8.97 19.36
C LYS A 10 -9.94 -7.61 19.53
N ARG A 11 -10.35 -6.87 20.55
CA ARG A 11 -9.75 -5.57 20.83
C ARG A 11 -8.33 -5.76 21.31
N LYS A 12 -8.12 -6.82 22.10
CA LYS A 12 -6.77 -7.11 22.57
C LYS A 12 -5.87 -7.24 21.37
N LEU A 13 -6.36 -7.98 20.38
CA LEU A 13 -5.63 -8.15 19.14
C LEU A 13 -5.29 -6.77 18.61
N LEU A 14 -6.31 -5.95 18.43
CA LEU A 14 -6.12 -4.59 17.94
C LEU A 14 -5.09 -3.88 18.80
N ASP A 15 -5.23 -4.01 20.12
CA ASP A 15 -4.28 -3.39 21.02
C ASP A 15 -2.90 -3.89 20.66
N GLU A 16 -2.81 -5.18 20.38
CA GLU A 16 -1.56 -5.80 20.00
C GLU A 16 -1.16 -5.39 18.57
N LEU A 17 -2.13 -5.34 17.66
CA LEU A 17 -1.83 -4.96 16.29
C LEU A 17 -1.23 -3.57 16.26
N ARG A 18 -1.75 -2.67 17.08
CA ARG A 18 -1.23 -1.32 17.13
C ARG A 18 0.24 -1.34 17.55
N SER A 19 0.52 -2.08 18.62
CA SER A 19 1.89 -2.19 19.11
C SER A 19 2.75 -3.00 18.14
N ILE A 20 2.21 -4.12 17.65
CA ILE A 20 2.96 -4.94 16.71
C ILE A 20 3.31 -4.14 15.47
N TYR A 21 2.31 -3.50 14.85
CA TYR A 21 2.59 -2.70 13.67
C TYR A 21 3.71 -1.74 14.00
N ARG A 22 3.53 -1.06 15.13
CA ARG A 22 4.52 -0.11 15.61
C ARG A 22 5.88 -0.80 15.72
N THR A 23 5.87 -2.01 16.26
CA THR A 23 7.11 -2.78 16.40
C THR A 23 7.73 -3.03 15.03
N ILE A 24 6.88 -3.37 14.06
CA ILE A 24 7.37 -3.64 12.71
C ILE A 24 8.16 -2.43 12.21
N VAL A 25 7.61 -1.25 12.48
CA VAL A 25 8.20 0.00 12.04
C VAL A 25 9.56 0.27 12.69
N LEU A 26 9.62 0.15 14.01
CA LEU A 26 10.87 0.41 14.73
C LEU A 26 11.98 -0.52 14.25
N GLU A 27 11.63 -1.77 13.99
CA GLU A 27 12.59 -2.76 13.55
C GLU A 27 12.83 -2.71 12.04
N TYR A 28 12.08 -1.88 11.33
CA TYR A 28 12.24 -1.80 9.89
C TYR A 28 13.70 -1.55 9.52
N PHE A 29 14.40 -0.79 10.37
CA PHE A 29 15.80 -0.48 10.11
C PHE A 29 16.73 -1.29 11.01
N ASN A 30 16.19 -2.33 11.64
CA ASN A 30 16.99 -3.17 12.52
C ASN A 30 18.16 -3.79 11.77
N THR A 31 19.18 -4.21 12.51
CA THR A 31 20.36 -4.83 11.89
C THR A 31 20.24 -6.35 11.86
N ASP A 32 19.63 -6.93 12.89
CA ASP A 32 19.50 -8.38 12.96
C ASP A 32 18.09 -8.81 13.32
N ALA A 33 17.23 -7.86 13.70
CA ALA A 33 15.85 -8.20 14.05
C ALA A 33 15.08 -8.66 12.82
N LYS A 34 14.44 -9.81 12.92
CA LYS A 34 13.67 -10.33 11.81
C LYS A 34 12.29 -9.69 11.79
N VAL A 35 12.21 -8.51 11.18
CA VAL A 35 10.95 -7.79 11.09
C VAL A 35 9.89 -8.70 10.51
N ASN A 36 10.34 -9.59 9.62
CA ASN A 36 9.45 -10.53 9.00
C ASN A 36 8.60 -11.21 10.07
N GLU A 37 9.22 -11.46 11.23
CA GLU A 37 8.50 -12.06 12.34
C GLU A 37 7.42 -11.12 12.82
N ARG A 38 7.75 -9.82 12.85
CA ARG A 38 6.78 -8.82 13.27
C ARG A 38 5.67 -8.75 12.23
N ILE A 39 6.09 -8.71 10.97
CA ILE A 39 5.16 -8.65 9.86
C ILE A 39 4.37 -9.95 9.78
N ASP A 40 5.06 -11.07 9.97
CA ASP A 40 4.40 -12.37 9.93
C ASP A 40 3.40 -12.46 11.08
N GLU A 41 3.78 -11.95 12.24
CA GLU A 41 2.90 -11.97 13.40
C GLU A 41 1.70 -11.07 13.15
N PHE A 42 1.97 -9.88 12.63
CA PHE A 42 0.89 -8.94 12.33
C PHE A 42 0.02 -9.53 11.23
N VAL A 43 0.66 -10.04 10.19
CA VAL A 43 -0.04 -10.65 9.08
C VAL A 43 -0.85 -11.86 9.53
N SER A 44 -0.22 -12.73 10.31
CA SER A 44 -0.90 -13.93 10.79
C SER A 44 -2.13 -13.58 11.63
N LYS A 45 -1.96 -12.69 12.59
CA LYS A 45 -3.07 -12.28 13.45
C LYS A 45 -4.11 -11.47 12.70
N ALA A 46 -3.66 -10.52 11.87
CA ALA A 46 -4.58 -9.68 11.11
C ALA A 46 -5.51 -10.54 10.26
N PHE A 47 -4.94 -11.51 9.56
CA PHE A 47 -5.73 -12.41 8.72
C PHE A 47 -6.73 -13.20 9.56
N PHE A 48 -6.19 -13.87 10.56
CA PHE A 48 -6.99 -14.69 11.47
C PHE A 48 -8.00 -13.85 12.24
N ALA A 49 -7.60 -12.65 12.66
CA ALA A 49 -8.47 -11.77 13.43
C ALA A 49 -9.54 -11.14 12.54
N ASP A 50 -9.59 -11.57 11.27
CA ASP A 50 -10.59 -11.02 10.36
C ASP A 50 -10.44 -9.50 10.28
N ILE A 51 -9.20 -9.04 10.17
CA ILE A 51 -8.93 -7.61 10.08
C ILE A 51 -8.80 -7.16 8.64
N SER A 52 -9.50 -6.08 8.31
CA SER A 52 -9.43 -5.54 6.96
C SER A 52 -8.24 -4.61 6.85
N VAL A 53 -7.76 -4.40 5.64
CA VAL A 53 -6.62 -3.52 5.42
C VAL A 53 -6.92 -2.14 6.00
N SER A 54 -8.19 -1.77 6.02
CA SER A 54 -8.61 -0.46 6.52
C SER A 54 -7.85 -0.07 7.79
N GLN A 55 -8.03 -0.83 8.87
CA GLN A 55 -7.34 -0.51 10.10
C GLN A 55 -5.85 -0.42 9.86
N VAL A 56 -5.34 -1.31 9.03
CA VAL A 56 -3.94 -1.29 8.69
C VAL A 56 -3.65 0.05 8.03
N LEU A 57 -4.56 0.45 7.16
CA LEU A 57 -4.45 1.72 6.45
C LEU A 57 -4.66 2.90 7.40
N GLU A 58 -5.73 2.85 8.18
CA GLU A 58 -6.04 3.94 9.11
C GLU A 58 -5.07 3.96 10.30
N ILE A 59 -4.82 2.81 10.92
CA ILE A 59 -3.91 2.78 12.06
C ILE A 59 -2.57 3.37 11.66
N HIS A 60 -2.14 3.07 10.42
CA HIS A 60 -0.87 3.57 9.93
C HIS A 60 -0.83 5.10 9.88
N VAL A 61 -1.85 5.71 9.26
CA VAL A 61 -1.89 7.17 9.14
C VAL A 61 -1.76 7.85 10.51
N GLU A 62 -2.45 7.33 11.52
CA GLU A 62 -2.40 7.92 12.85
C GLU A 62 -0.97 7.91 13.39
N LEU A 63 -0.30 6.78 13.26
CA LEU A 63 1.08 6.67 13.73
C LEU A 63 1.96 7.67 12.96
N MET A 64 1.64 7.89 11.69
CA MET A 64 2.40 8.84 10.88
C MET A 64 2.30 10.22 11.51
N ASP A 65 1.12 10.56 11.99
CA ASP A 65 0.91 11.85 12.63
C ASP A 65 1.82 11.96 13.83
N THR A 66 2.00 10.84 14.52
CA THR A 66 2.84 10.77 15.70
C THR A 66 4.30 11.09 15.36
N PHE A 67 4.80 10.51 14.27
CA PHE A 67 6.18 10.73 13.85
C PHE A 67 6.38 12.17 13.37
N SER A 68 5.53 12.61 12.46
CA SER A 68 5.64 13.96 11.93
C SER A 68 5.55 14.97 13.07
N LYS A 69 4.82 14.61 14.11
CA LYS A 69 4.68 15.47 15.28
C LYS A 69 6.00 15.55 16.04
N GLN A 70 6.52 14.39 16.42
CA GLN A 70 7.77 14.33 17.15
C GLN A 70 8.88 15.01 16.38
N LEU A 71 8.88 14.83 15.06
CA LEU A 71 9.91 15.43 14.22
C LEU A 71 9.89 16.95 14.39
N LYS A 72 8.72 17.55 14.29
CA LYS A 72 8.60 18.99 14.45
C LYS A 72 8.88 19.40 15.89
N LEU A 73 8.34 18.63 16.83
CA LEU A 73 8.53 18.92 18.24
C LEU A 73 10.00 18.69 18.62
N GLU A 74 10.61 17.64 18.08
CA GLU A 74 12.00 17.34 18.36
C GLU A 74 12.91 18.01 17.34
N GLY A 75 12.35 18.36 16.19
CA GLY A 75 13.12 19.00 15.13
C GLY A 75 14.03 17.99 14.44
N ARG A 76 13.49 16.84 14.09
CA ARG A 76 14.26 15.79 13.43
C ARG A 76 13.81 15.63 11.98
N SER A 77 14.72 15.10 11.15
CA SER A 77 14.42 14.91 9.73
C SER A 77 13.10 14.16 9.56
N GLU A 78 12.21 14.74 8.77
CA GLU A 78 10.91 14.12 8.52
C GLU A 78 10.99 13.19 7.31
N ASP A 79 12.07 13.29 6.55
CA ASP A 79 12.27 12.45 5.38
C ASP A 79 12.14 10.97 5.75
N ILE A 80 12.60 10.64 6.94
CA ILE A 80 12.53 9.25 7.42
C ILE A 80 11.11 8.70 7.25
N LEU A 81 10.13 9.60 7.19
CA LEU A 81 8.74 9.17 7.01
C LEU A 81 8.63 8.20 5.84
N LEU A 82 9.52 8.31 4.87
CA LEU A 82 9.50 7.40 3.72
C LEU A 82 9.45 5.96 4.20
N ASP A 83 10.07 5.73 5.36
CA ASP A 83 10.12 4.39 5.93
C ASP A 83 8.73 3.84 6.21
N TYR A 84 7.82 4.70 6.64
CA TYR A 84 6.47 4.26 6.96
C TYR A 84 5.70 3.82 5.73
N ARG A 85 5.75 4.61 4.66
CA ARG A 85 5.05 4.22 3.45
C ARG A 85 5.60 2.88 2.96
N LEU A 86 6.90 2.73 3.12
CA LEU A 86 7.57 1.48 2.74
C LEU A 86 7.07 0.35 3.61
N THR A 87 6.98 0.61 4.91
CA THR A 87 6.52 -0.37 5.87
C THR A 87 5.02 -0.64 5.67
N LEU A 88 4.27 0.44 5.45
CA LEU A 88 2.83 0.33 5.24
C LEU A 88 2.53 -0.45 3.96
N ILE A 89 3.23 -0.11 2.89
CA ILE A 89 3.04 -0.80 1.61
C ILE A 89 3.56 -2.23 1.71
N ASP A 90 4.75 -2.39 2.28
CA ASP A 90 5.36 -3.71 2.42
C ASP A 90 4.47 -4.62 3.26
N VAL A 91 3.93 -4.08 4.35
CA VAL A 91 3.06 -4.88 5.23
C VAL A 91 1.78 -5.26 4.52
N ILE A 92 1.12 -4.28 3.91
CA ILE A 92 -0.13 -4.54 3.19
C ILE A 92 0.10 -5.59 2.11
N ALA A 93 1.18 -5.43 1.37
CA ALA A 93 1.50 -6.35 0.31
C ALA A 93 1.74 -7.76 0.86
N HIS A 94 2.30 -7.84 2.07
CA HIS A 94 2.59 -9.13 2.67
C HIS A 94 1.31 -9.90 3.01
N LEU A 95 0.38 -9.27 3.73
CA LEU A 95 -0.87 -9.96 4.08
C LEU A 95 -1.75 -10.06 2.84
N CYS A 96 -1.78 -9.01 2.02
CA CYS A 96 -2.57 -9.04 0.80
C CYS A 96 -2.15 -10.25 -0.01
N GLU A 97 -0.87 -10.58 0.10
CA GLU A 97 -0.31 -11.72 -0.62
C GLU A 97 -0.86 -13.02 -0.04
N MET A 98 -0.87 -13.13 1.29
CA MET A 98 -1.36 -14.34 1.93
C MET A 98 -2.82 -14.57 1.58
N TYR A 99 -3.60 -13.49 1.50
CA TYR A 99 -5.00 -13.63 1.15
C TYR A 99 -5.11 -14.30 -0.23
N ARG A 100 -4.30 -13.81 -1.16
CA ARG A 100 -4.29 -14.35 -2.52
C ARG A 100 -3.95 -15.85 -2.51
N ARG A 101 -3.05 -16.24 -1.62
CA ARG A 101 -2.64 -17.64 -1.54
C ARG A 101 -3.69 -18.50 -0.81
N SER A 102 -4.53 -17.86 0.00
CA SER A 102 -5.56 -18.58 0.75
C SER A 102 -6.84 -18.73 -0.07
N ILE A 103 -6.79 -18.34 -1.33
CA ILE A 103 -7.96 -18.43 -2.19
C ILE A 103 -7.88 -19.66 -3.10
N PRO A 104 -8.67 -20.67 -2.85
CA PRO A 104 -8.67 -21.91 -3.68
C PRO A 104 -9.39 -21.70 -5.00
N ARG A 105 -8.85 -22.25 -6.08
CA ARG A 105 -9.46 -22.11 -7.39
C ARG A 105 -9.81 -23.47 -7.97
N GLU A 106 -11.03 -23.59 -8.50
CA GLU A 106 -11.48 -24.85 -9.07
C GLU A 106 -10.54 -25.30 -10.18
N VAL A 107 -10.40 -26.62 -10.32
CA VAL A 107 -9.52 -27.17 -11.35
C VAL A 107 -9.76 -28.68 -11.48
N ALA B 1 -7.22 -23.66 -23.02
CA ALA B 1 -6.34 -22.64 -23.67
C ALA B 1 -7.20 -21.58 -24.34
N MET B 2 -6.83 -20.32 -24.16
CA MET B 2 -7.58 -19.22 -24.75
C MET B 2 -7.87 -19.53 -26.21
N ALA B 3 -8.48 -18.57 -26.92
CA ALA B 3 -8.80 -18.79 -28.32
C ALA B 3 -7.55 -18.66 -29.18
N ARG B 4 -6.84 -19.77 -29.34
CA ARG B 4 -5.63 -19.80 -30.17
C ARG B 4 -4.75 -18.57 -29.94
N MET B 5 -5.12 -17.71 -29.00
CA MET B 5 -4.31 -16.51 -28.74
C MET B 5 -3.18 -16.82 -27.76
N SER B 6 -1.99 -16.36 -28.10
CA SER B 6 -0.81 -16.60 -27.27
C SER B 6 -0.81 -15.68 -26.05
N PRO B 7 0.05 -15.95 -25.12
CA PRO B 7 0.20 -15.16 -23.87
C PRO B 7 0.24 -13.66 -24.15
N ALA B 8 0.28 -13.29 -25.41
CA ALA B 8 0.33 -11.87 -25.77
C ALA B 8 -0.82 -11.11 -25.10
N ASP B 9 -1.98 -11.75 -25.01
CA ASP B 9 -3.13 -11.12 -24.37
C ASP B 9 -2.79 -10.75 -22.94
N LYS B 10 -2.09 -11.66 -22.25
CA LYS B 10 -1.69 -11.39 -20.87
C LYS B 10 -0.79 -10.16 -20.84
N ARG B 11 0.11 -10.08 -21.81
CA ARG B 11 1.00 -8.93 -21.90
C ARG B 11 0.19 -7.71 -22.31
N LYS B 12 -0.79 -7.91 -23.19
CA LYS B 12 -1.64 -6.81 -23.61
C LYS B 12 -2.25 -6.21 -22.37
N LEU B 13 -2.75 -7.08 -21.50
CA LEU B 13 -3.31 -6.65 -20.24
C LEU B 13 -2.29 -5.77 -19.54
N LEU B 14 -1.09 -6.32 -19.34
CA LEU B 14 -0.03 -5.57 -18.70
C LEU B 14 0.18 -4.25 -19.41
N ASP B 15 0.21 -4.29 -20.74
CA ASP B 15 0.37 -3.08 -21.51
C ASP B 15 -0.74 -2.11 -21.10
N GLU B 16 -1.93 -2.67 -20.96
CA GLU B 16 -3.09 -1.88 -20.56
C GLU B 16 -3.01 -1.50 -19.09
N LEU B 17 -2.57 -2.44 -18.24
CA LEU B 17 -2.47 -2.16 -16.82
C LEU B 17 -1.52 -0.99 -16.60
N ARG B 18 -0.42 -0.95 -17.36
CA ARG B 18 0.52 0.15 -17.21
C ARG B 18 -0.17 1.47 -17.55
N SER B 19 -0.87 1.50 -18.66
CA SER B 19 -1.58 2.71 -19.07
C SER B 19 -2.76 2.99 -18.14
N ILE B 20 -3.52 1.95 -17.81
CA ILE B 20 -4.67 2.12 -16.92
C ILE B 20 -4.20 2.67 -15.58
N TYR B 21 -3.21 2.02 -14.97
CA TYR B 21 -2.71 2.50 -13.69
C TYR B 21 -2.35 3.97 -13.84
N ARG B 22 -1.61 4.24 -14.89
CA ARG B 22 -1.20 5.60 -15.21
C ARG B 22 -2.44 6.50 -15.31
N THR B 23 -3.47 6.00 -15.96
CA THR B 23 -4.72 6.75 -16.11
C THR B 23 -5.32 7.02 -14.74
N ILE B 24 -5.29 6.03 -13.86
CA ILE B 24 -5.83 6.18 -12.53
C ILE B 24 -5.17 7.37 -11.84
N VAL B 25 -3.85 7.45 -12.02
CA VAL B 25 -3.06 8.51 -11.41
C VAL B 25 -3.41 9.90 -11.94
N LEU B 26 -3.47 10.04 -13.26
CA LEU B 26 -3.77 11.33 -13.86
C LEU B 26 -5.14 11.84 -13.41
N GLU B 27 -6.10 10.92 -13.31
CA GLU B 27 -7.45 11.28 -12.91
C GLU B 27 -7.62 11.35 -11.39
N TYR B 28 -6.57 10.98 -10.66
CA TYR B 28 -6.67 11.01 -9.20
C TYR B 28 -7.16 12.37 -8.72
N PHE B 29 -6.76 13.43 -9.42
CA PHE B 29 -7.17 14.78 -9.04
C PHE B 29 -8.26 15.33 -9.97
N ASN B 30 -8.88 14.44 -10.74
CA ASN B 30 -9.93 14.85 -11.66
C ASN B 30 -11.08 15.51 -10.89
N THR B 31 -11.88 16.30 -11.61
CA THR B 31 -13.01 16.99 -10.98
C THR B 31 -14.29 16.19 -11.13
N ASP B 32 -14.46 15.50 -12.25
CA ASP B 32 -15.67 14.72 -12.48
C ASP B 32 -15.36 13.31 -12.98
N ALA B 33 -14.10 13.04 -13.30
CA ALA B 33 -13.74 11.70 -13.79
C ALA B 33 -13.86 10.68 -12.67
N LYS B 34 -14.57 9.60 -12.93
CA LYS B 34 -14.73 8.56 -11.93
C LYS B 34 -13.53 7.63 -11.93
N VAL B 35 -12.48 8.04 -11.21
CA VAL B 35 -11.27 7.25 -11.13
C VAL B 35 -11.63 5.84 -10.72
N ASN B 36 -12.68 5.73 -9.90
CA ASN B 36 -13.12 4.44 -9.44
C ASN B 36 -13.26 3.50 -10.64
N GLU B 37 -13.69 4.06 -11.77
CA GLU B 37 -13.82 3.26 -12.99
C GLU B 37 -12.44 2.80 -13.42
N ARG B 38 -11.46 3.68 -13.30
CA ARG B 38 -10.09 3.34 -13.67
C ARG B 38 -9.58 2.29 -12.71
N ILE B 39 -9.82 2.54 -11.42
CA ILE B 39 -9.41 1.62 -10.37
C ILE B 39 -10.18 0.31 -10.49
N ASP B 40 -11.48 0.43 -10.75
CA ASP B 40 -12.32 -0.75 -10.90
C ASP B 40 -11.86 -1.55 -12.11
N GLU B 41 -11.51 -0.85 -13.19
CA GLU B 41 -11.05 -1.51 -14.40
C GLU B 41 -9.70 -2.19 -14.14
N PHE B 42 -8.81 -1.46 -13.47
CA PHE B 42 -7.50 -2.01 -13.14
C PHE B 42 -7.69 -3.18 -12.18
N VAL B 43 -8.50 -2.94 -11.15
CA VAL B 43 -8.78 -3.97 -10.15
C VAL B 43 -9.44 -5.19 -10.79
N SER B 44 -10.44 -4.95 -11.62
CA SER B 44 -11.16 -6.04 -12.26
C SER B 44 -10.23 -6.88 -13.14
N LYS B 45 -9.46 -6.21 -13.99
CA LYS B 45 -8.52 -6.92 -14.88
C LYS B 45 -7.36 -7.54 -14.10
N ALA B 46 -6.80 -6.79 -13.15
CA ALA B 46 -5.68 -7.32 -12.38
C ALA B 46 -6.05 -8.61 -11.68
N PHE B 47 -7.23 -8.63 -11.06
CA PHE B 47 -7.70 -9.83 -10.37
C PHE B 47 -7.87 -10.97 -11.35
N PHE B 48 -8.66 -10.71 -12.39
CA PHE B 48 -8.94 -11.69 -13.43
C PHE B 48 -7.67 -12.11 -14.17
N ALA B 49 -6.79 -11.16 -14.43
CA ALA B 49 -5.55 -11.45 -15.15
C ALA B 49 -4.56 -12.19 -14.27
N ASP B 50 -4.98 -12.58 -13.07
CA ASP B 50 -4.08 -13.29 -12.16
C ASP B 50 -2.82 -12.47 -11.91
N ILE B 51 -3.01 -11.18 -11.66
CA ILE B 51 -1.89 -10.30 -11.42
C ILE B 51 -1.64 -10.13 -9.92
N SER B 52 -0.38 -10.29 -9.53
CA SER B 52 -0.02 -10.12 -8.13
C SER B 52 0.23 -8.66 -7.84
N VAL B 53 0.12 -8.27 -6.59
CA VAL B 53 0.35 -6.89 -6.20
C VAL B 53 1.74 -6.44 -6.64
N SER B 54 2.67 -7.40 -6.71
CA SER B 54 4.05 -7.11 -7.09
C SER B 54 4.13 -6.13 -8.25
N GLN B 55 3.60 -6.52 -9.42
CA GLN B 55 3.64 -5.63 -10.56
C GLN B 55 3.00 -4.30 -10.21
N VAL B 56 1.92 -4.36 -9.46
CA VAL B 56 1.27 -3.14 -9.03
C VAL B 56 2.27 -2.34 -8.21
N LEU B 57 3.00 -3.06 -7.35
CA LEU B 57 4.02 -2.46 -6.50
C LEU B 57 5.21 -1.98 -7.34
N GLU B 58 5.72 -2.87 -8.20
CA GLU B 58 6.89 -2.55 -9.01
C GLU B 58 6.53 -1.55 -10.13
N ILE B 59 5.44 -1.80 -10.86
CA ILE B 59 5.06 -0.88 -11.92
C ILE B 59 4.92 0.54 -11.37
N HIS B 60 4.38 0.64 -10.16
CA HIS B 60 4.19 1.93 -9.52
C HIS B 60 5.52 2.66 -9.31
N VAL B 61 6.49 1.98 -8.71
CA VAL B 61 7.80 2.60 -8.43
C VAL B 61 8.42 3.18 -9.70
N GLU B 62 8.35 2.43 -10.81
CA GLU B 62 8.93 2.89 -12.06
C GLU B 62 8.30 4.21 -12.50
N LEU B 63 6.97 4.27 -12.44
CA LEU B 63 6.27 5.49 -12.83
C LEU B 63 6.68 6.63 -11.91
N MET B 64 6.94 6.32 -10.64
CA MET B 64 7.38 7.34 -9.69
C MET B 64 8.67 7.96 -10.16
N ASP B 65 9.56 7.12 -10.69
CA ASP B 65 10.84 7.60 -11.19
C ASP B 65 10.58 8.60 -12.32
N THR B 66 9.55 8.29 -13.11
CA THR B 66 9.19 9.14 -14.23
C THR B 66 8.75 10.53 -13.76
N PHE B 67 7.94 10.59 -12.71
CA PHE B 67 7.47 11.87 -12.18
C PHE B 67 8.60 12.65 -11.54
N SER B 68 9.34 12.00 -10.64
CA SER B 68 10.45 12.67 -9.97
C SER B 68 11.44 13.17 -10.99
N LYS B 69 11.54 12.48 -12.12
CA LYS B 69 12.44 12.87 -13.19
C LYS B 69 11.94 14.15 -13.85
N GLN B 70 10.69 14.12 -14.31
CA GLN B 70 10.10 15.28 -14.97
C GLN B 70 10.13 16.49 -14.05
N LEU B 71 9.88 16.26 -12.77
CA LEU B 71 9.89 17.35 -11.80
C LEU B 71 11.24 18.06 -11.80
N LYS B 72 12.31 17.28 -11.71
CA LYS B 72 13.66 17.86 -11.73
C LYS B 72 13.98 18.45 -13.10
N LEU B 73 13.60 17.72 -14.15
CA LEU B 73 13.85 18.17 -15.50
C LEU B 73 13.01 19.41 -15.81
N GLU B 74 11.76 19.40 -15.34
CA GLU B 74 10.86 20.52 -15.56
C GLU B 74 10.96 21.53 -14.42
N GLY B 75 11.45 21.06 -13.27
CA GLY B 75 11.59 21.92 -12.11
C GLY B 75 10.22 22.19 -11.47
N ARG B 76 9.45 21.13 -11.28
CA ARG B 76 8.12 21.27 -10.68
C ARG B 76 8.09 20.64 -9.29
N SER B 77 7.15 21.10 -8.47
CA SER B 77 7.02 20.60 -7.11
C SER B 77 6.97 19.07 -7.10
N GLU B 78 7.84 18.47 -6.31
CA GLU B 78 7.90 17.02 -6.21
C GLU B 78 6.96 16.52 -5.11
N ASP B 79 6.49 17.44 -4.28
CA ASP B 79 5.58 17.09 -3.19
C ASP B 79 4.36 16.35 -3.72
N ILE B 80 3.93 16.73 -4.92
CA ILE B 80 2.77 16.09 -5.54
C ILE B 80 2.94 14.55 -5.53
N LEU B 81 4.18 14.09 -5.43
CA LEU B 81 4.44 12.66 -5.40
C LEU B 81 3.56 11.98 -4.35
N LEU B 82 3.18 12.72 -3.31
CA LEU B 82 2.33 12.17 -2.27
C LEU B 82 1.10 11.51 -2.91
N ASP B 83 0.68 12.07 -4.04
CA ASP B 83 -0.48 11.56 -4.75
C ASP B 83 -0.31 10.11 -5.17
N TYR B 84 0.91 9.75 -5.57
CA TYR B 84 1.17 8.40 -6.03
C TYR B 84 1.06 7.38 -4.90
N ARG B 85 1.66 7.67 -3.75
CA ARG B 85 1.58 6.73 -2.64
C ARG B 85 0.12 6.56 -2.26
N LEU B 86 -0.63 7.66 -2.35
CA LEU B 86 -2.06 7.63 -2.06
C LEU B 86 -2.77 6.77 -3.09
N THR B 87 -2.41 6.95 -4.35
CA THR B 87 -3.00 6.18 -5.44
C THR B 87 -2.55 4.73 -5.37
N LEU B 88 -1.26 4.54 -5.08
CA LEU B 88 -0.70 3.19 -4.98
C LEU B 88 -1.34 2.43 -3.82
N ILE B 89 -1.42 3.09 -2.67
CA ILE B 89 -2.02 2.47 -1.49
C ILE B 89 -3.53 2.27 -1.70
N ASP B 90 -4.18 3.31 -2.21
CA ASP B 90 -5.62 3.26 -2.46
C ASP B 90 -5.96 2.14 -3.45
N VAL B 91 -5.16 2.03 -4.51
CA VAL B 91 -5.40 1.00 -5.51
C VAL B 91 -5.17 -0.39 -4.93
N ILE B 92 -4.05 -0.58 -4.27
CA ILE B 92 -3.74 -1.87 -3.67
C ILE B 92 -4.83 -2.27 -2.70
N ALA B 93 -5.25 -1.33 -1.88
CA ALA B 93 -6.29 -1.59 -0.89
C ALA B 93 -7.60 -1.96 -1.58
N HIS B 94 -7.85 -1.37 -2.75
CA HIS B 94 -9.09 -1.65 -3.47
C HIS B 94 -9.14 -3.09 -3.97
N LEU B 95 -8.11 -3.54 -4.69
CA LEU B 95 -8.11 -4.92 -5.17
C LEU B 95 -7.87 -5.88 -4.03
N CYS B 96 -6.98 -5.52 -3.11
CA CYS B 96 -6.72 -6.37 -1.95
C CYS B 96 -8.04 -6.64 -1.25
N GLU B 97 -8.92 -5.64 -1.30
CA GLU B 97 -10.23 -5.76 -0.68
C GLU B 97 -11.08 -6.76 -1.42
N MET B 98 -11.08 -6.68 -2.75
CA MET B 98 -11.88 -7.60 -3.56
C MET B 98 -11.43 -9.03 -3.32
N TYR B 99 -10.12 -9.24 -3.19
CA TYR B 99 -9.61 -10.58 -2.93
C TYR B 99 -10.22 -11.12 -1.66
N ARG B 100 -10.25 -10.28 -0.62
CA ARG B 100 -10.80 -10.67 0.66
C ARG B 100 -12.28 -11.06 0.52
N ARG B 101 -13.00 -10.36 -0.35
CA ARG B 101 -14.42 -10.62 -0.56
C ARG B 101 -14.63 -11.87 -1.43
N SER B 102 -13.63 -12.22 -2.23
CA SER B 102 -13.73 -13.37 -3.11
C SER B 102 -13.33 -14.66 -2.41
N ILE B 103 -13.08 -14.57 -1.10
CA ILE B 103 -12.67 -15.75 -0.34
C ILE B 103 -13.84 -16.34 0.44
N PRO B 104 -14.35 -17.47 0.03
CA PRO B 104 -15.49 -18.13 0.72
C PRO B 104 -15.05 -18.82 2.00
N ARG B 105 -15.87 -18.71 3.05
CA ARG B 105 -15.54 -19.32 4.32
C ARG B 105 -16.62 -20.33 4.72
N GLU B 106 -16.19 -21.50 5.16
CA GLU B 106 -17.12 -22.55 5.56
C GLU B 106 -18.03 -22.05 6.68
N VAL B 107 -19.27 -22.54 6.69
CA VAL B 107 -20.24 -22.14 7.70
C VAL B 107 -21.46 -23.05 7.65
N ALA C 1 12.54 4.88 -27.13
CA ALA C 1 11.22 4.60 -27.78
C ALA C 1 10.11 5.22 -26.95
N MET C 2 9.48 6.25 -27.50
CA MET C 2 8.38 6.92 -26.81
C MET C 2 7.05 6.42 -27.33
N ALA C 3 6.14 6.08 -26.42
CA ALA C 3 4.83 5.58 -26.81
C ALA C 3 3.72 6.21 -25.97
N GLY C 4 4.10 7.03 -24.99
CA GLY C 4 3.11 7.67 -24.14
C GLY C 4 3.75 8.77 -23.28
N ILE C 5 2.91 9.68 -22.79
CA ILE C 5 3.39 10.78 -21.95
C ILE C 5 2.77 10.71 -20.56
N ILE C 6 3.61 10.80 -19.54
CA ILE C 6 3.13 10.75 -18.16
C ILE C 6 3.28 12.11 -17.47
N SER C 7 2.22 12.56 -16.84
CA SER C 7 2.25 13.85 -16.16
C SER C 7 1.81 13.73 -14.71
N GLY C 8 0.51 13.51 -14.49
CA GLY C 8 -0.01 13.38 -13.14
C GLY C 8 -0.33 14.75 -12.57
N THR C 9 -0.45 15.73 -13.46
CA THR C 9 -0.75 17.10 -13.05
C THR C 9 0.12 17.53 -11.88
N PRO C 10 1.43 17.37 -12.02
CA PRO C 10 2.40 17.77 -10.97
C PRO C 10 2.13 19.18 -10.43
N THR C 11 2.57 19.44 -9.21
CA THR C 11 2.38 20.74 -8.61
C THR C 11 0.91 21.16 -8.69
N ARG C 12 0.23 21.12 -7.55
CA ARG C 12 -1.18 21.50 -7.51
C ARG C 12 -1.69 21.52 -6.07
N ILE C 13 -2.12 20.35 -5.61
CA ILE C 13 -2.65 20.21 -4.26
C ILE C 13 -1.67 20.73 -3.23
N SER C 14 -2.18 21.06 -2.05
CA SER C 14 -1.32 21.53 -0.97
C SER C 14 -1.08 20.37 -0.01
N VAL C 15 0.17 20.19 0.39
CA VAL C 15 0.49 19.08 1.29
C VAL C 15 1.43 19.50 2.41
N ASP C 16 1.38 18.76 3.52
CA ASP C 16 2.24 19.07 4.67
C ASP C 16 3.26 17.95 4.88
N GLU C 17 3.46 17.56 6.15
CA GLU C 17 4.42 16.48 6.44
C GLU C 17 3.87 15.14 5.98
N LYS C 18 3.13 14.47 6.86
CA LYS C 18 2.56 13.18 6.51
C LYS C 18 1.59 13.37 5.36
N THR C 19 1.06 14.57 5.25
CA THR C 19 0.10 14.92 4.21
C THR C 19 -0.90 13.78 4.00
N GLU C 20 -1.82 13.96 3.06
CA GLU C 20 -2.84 12.94 2.81
C GLU C 20 -2.19 11.56 2.67
N LEU C 21 -2.87 10.56 3.24
CA LEU C 21 -2.37 9.19 3.17
C LEU C 21 -3.54 8.21 3.08
N ALA C 22 -3.48 7.14 3.87
CA ALA C 22 -4.54 6.14 3.86
C ALA C 22 -5.81 6.69 4.50
N ARG C 23 -5.74 7.91 5.01
CA ARG C 23 -6.89 8.55 5.64
C ARG C 23 -8.18 8.15 4.92
N ILE C 24 -8.04 7.73 3.66
CA ILE C 24 -9.21 7.34 2.89
C ILE C 24 -9.79 6.02 3.38
N ALA C 25 -9.07 5.35 4.27
CA ALA C 25 -9.56 4.08 4.80
C ALA C 25 -10.13 3.22 3.68
N LYS C 26 -9.93 3.66 2.43
CA LYS C 26 -10.44 2.94 1.28
C LYS C 26 -11.96 2.82 1.38
N GLY C 27 -12.51 3.29 2.50
CA GLY C 27 -13.95 3.23 2.71
C GLY C 27 -14.36 1.85 3.18
N MET C 28 -13.52 1.23 4.00
CA MET C 28 -13.80 -0.10 4.52
C MET C 28 -14.06 -0.06 6.02
N GLN C 29 -13.22 -0.76 6.78
CA GLN C 29 -13.36 -0.83 8.22
C GLN C 29 -14.82 -1.06 8.60
N ASP C 30 -15.49 -1.92 7.84
CA ASP C 30 -16.90 -2.22 8.09
C ASP C 30 -17.10 -2.86 9.46
N LEU C 31 -16.07 -3.52 9.98
CA LEU C 31 -16.18 -4.17 11.29
C LEU C 31 -16.13 -3.13 12.40
N GLU C 32 -17.12 -3.17 13.28
CA GLU C 32 -17.19 -2.21 14.38
C GLU C 32 -17.76 -2.86 15.63
N SER C 33 -16.99 -3.75 16.24
CA SER C 33 -17.42 -4.44 17.44
C SER C 33 -17.30 -3.54 18.66
N GLU C 34 -18.14 -3.79 19.66
CA GLU C 34 -18.13 -3.02 20.90
C GLU C 34 -17.36 -1.71 20.73
N ALA D 1 -3.39 10.34 28.23
CA ALA D 1 -3.05 9.00 28.76
C ALA D 1 -1.93 8.38 27.93
N MET D 2 -0.76 8.26 28.53
CA MET D 2 0.40 7.68 27.85
C MET D 2 0.55 6.21 28.24
N ALA D 3 0.74 5.35 27.24
CA ALA D 3 0.88 3.93 27.49
C ALA D 3 2.01 3.33 26.65
N GLY D 4 2.63 4.15 25.80
CA GLY D 4 3.71 3.68 24.96
C GLY D 4 4.44 4.82 24.26
N ILE D 5 5.67 4.57 23.82
CA ILE D 5 6.46 5.58 23.15
C ILE D 5 6.79 5.16 21.71
N ILE D 6 6.54 6.05 20.76
CA ILE D 6 6.81 5.75 19.36
C ILE D 6 7.97 6.58 18.85
N SER D 7 8.93 5.93 18.19
CA SER D 7 10.10 6.62 17.67
C SER D 7 10.28 6.34 16.18
N GLY D 8 10.71 5.13 15.87
CA GLY D 8 10.94 4.74 14.48
C GLY D 8 12.34 5.15 14.04
N THR D 9 13.20 5.41 15.01
CA THR D 9 14.56 5.82 14.75
C THR D 9 14.61 6.92 13.69
N PRO D 10 13.86 7.98 13.89
CA PRO D 10 13.82 9.13 12.95
C PRO D 10 15.21 9.60 12.55
N THR D 11 15.32 10.24 11.40
CA THR D 11 16.60 10.74 10.92
C THR D 11 17.65 9.63 10.97
N ARG D 12 18.01 9.14 9.80
CA ARG D 12 19.02 8.08 9.69
C ARG D 12 19.36 7.79 8.24
N ILE D 13 18.58 6.91 7.64
CA ILE D 13 18.78 6.52 6.25
C ILE D 13 18.84 7.75 5.34
N SER D 14 19.45 7.58 4.17
CA SER D 14 19.54 8.66 3.20
C SER D 14 18.48 8.44 2.14
N VAL D 15 17.74 9.50 1.80
CA VAL D 15 16.67 9.36 0.81
C VAL D 15 16.68 10.51 -0.20
N ASP D 16 16.14 10.25 -1.38
CA ASP D 16 16.07 11.26 -2.44
C ASP D 16 14.62 11.65 -2.70
N GLU D 17 14.27 11.80 -3.98
CA GLU D 17 12.90 12.17 -4.33
C GLU D 17 11.94 11.02 -4.06
N LYS D 18 11.75 10.16 -5.05
CA LYS D 18 10.87 9.01 -4.87
C LYS D 18 11.42 8.12 -3.78
N THR D 19 12.72 8.21 -3.57
CA THR D 19 13.39 7.41 -2.55
C THR D 19 12.86 5.98 -2.55
N GLU D 20 13.38 5.15 -1.65
CA GLU D 20 12.96 3.76 -1.57
C GLU D 20 11.43 3.66 -1.54
N LEU D 21 10.90 2.68 -2.26
CA LEU D 21 9.45 2.47 -2.31
C LEU D 21 9.13 0.98 -2.40
N ALA D 22 8.22 0.63 -3.30
CA ALA D 22 7.83 -0.78 -3.47
C ALA D 22 8.97 -1.57 -4.11
N ARG D 23 10.04 -0.88 -4.49
CA ARG D 23 11.19 -1.54 -5.12
C ARG D 23 11.40 -2.92 -4.53
N ILE D 24 10.88 -3.14 -3.32
CA ILE D 24 11.03 -4.44 -2.66
C ILE D 24 10.18 -5.50 -3.33
N ALA D 25 9.31 -5.09 -4.25
CA ALA D 25 8.45 -6.04 -4.94
C ALA D 25 7.89 -7.07 -3.96
N LYS D 26 8.10 -6.82 -2.66
CA LYS D 26 7.63 -7.72 -1.63
C LYS D 26 8.25 -9.11 -1.84
N GLY D 27 9.00 -9.25 -2.93
CA GLY D 27 9.64 -10.52 -3.23
C GLY D 27 8.65 -11.48 -3.89
N MET D 28 7.76 -10.93 -4.71
CA MET D 28 6.76 -11.74 -5.38
C MET D 28 7.02 -11.79 -6.89
N GLN D 29 6.05 -11.30 -7.66
CA GLN D 29 6.16 -11.29 -9.12
C GLN D 29 6.67 -12.65 -9.61
N ASP D 30 6.17 -13.72 -8.99
CA ASP D 30 6.59 -15.06 -9.35
C ASP D 30 6.22 -15.40 -10.80
N LEU D 31 5.18 -14.74 -11.32
CA LEU D 31 4.75 -14.99 -12.69
C LEU D 31 5.72 -14.35 -13.68
N GLU D 32 6.21 -15.15 -14.63
CA GLU D 32 7.15 -14.65 -15.61
C GLU D 32 6.93 -15.32 -16.96
N SER D 33 5.82 -14.98 -17.61
CA SER D 33 5.51 -15.57 -18.90
C SER D 33 6.32 -14.89 -20.00
N GLU D 34 6.56 -15.64 -21.09
CA GLU D 34 7.33 -15.15 -22.23
C GLU D 34 8.10 -13.88 -21.87
N ALA A 1 -21.96 -16.75 24.83
CA ALA A 1 -22.35 -16.92 23.40
C ALA A 1 -21.34 -17.82 22.70
N MET A 2 -20.37 -17.21 22.04
CA MET A 2 -19.34 -17.97 21.32
C MET A 2 -18.45 -18.72 22.30
N ALA A 3 -17.42 -19.38 21.77
CA ALA A 3 -16.52 -20.14 22.61
C ALA A 3 -15.47 -19.25 23.27
N ARG A 4 -15.72 -18.90 24.52
CA ARG A 4 -14.81 -18.04 25.30
C ARG A 4 -14.25 -16.87 24.48
N MET A 5 -14.64 -16.75 23.22
CA MET A 5 -14.15 -15.64 22.41
C MET A 5 -14.97 -14.39 22.66
N SER A 6 -14.36 -13.41 23.31
CA SER A 6 -15.04 -12.15 23.61
C SER A 6 -14.66 -11.07 22.61
N PRO A 7 -15.39 -9.98 22.63
CA PRO A 7 -15.15 -8.84 21.71
C PRO A 7 -13.90 -8.05 22.12
N ALA A 8 -13.64 -8.03 23.42
CA ALA A 8 -12.49 -7.32 23.94
C ALA A 8 -11.22 -7.92 23.35
N ASP A 9 -11.26 -9.22 23.09
CA ASP A 9 -10.12 -9.90 22.51
C ASP A 9 -9.77 -9.25 21.18
N LYS A 10 -10.81 -8.90 20.41
CA LYS A 10 -10.59 -8.24 19.13
C LYS A 10 -9.86 -6.93 19.36
N ARG A 11 -10.34 -6.14 20.33
CA ARG A 11 -9.69 -4.88 20.64
C ARG A 11 -8.26 -5.15 21.12
N LYS A 12 -8.10 -6.21 21.89
CA LYS A 12 -6.77 -6.58 22.37
C LYS A 12 -5.88 -6.78 21.16
N LEU A 13 -6.40 -7.51 20.18
CA LEU A 13 -5.68 -7.72 18.95
C LEU A 13 -5.34 -6.37 18.35
N LEU A 14 -6.39 -5.57 18.13
CA LEU A 14 -6.20 -4.23 17.58
C LEU A 14 -5.18 -3.47 18.39
N ASP A 15 -5.30 -3.57 19.71
CA ASP A 15 -4.36 -2.90 20.57
C ASP A 15 -2.95 -3.40 20.25
N GLU A 16 -2.86 -4.72 20.05
CA GLU A 16 -1.58 -5.34 19.70
C GLU A 16 -1.20 -5.04 18.26
N LEU A 17 -2.18 -5.01 17.37
CA LEU A 17 -1.90 -4.73 15.97
C LEU A 17 -1.21 -3.37 15.86
N ARG A 18 -1.64 -2.42 16.67
CA ARG A 18 -1.04 -1.10 16.66
C ARG A 18 0.39 -1.19 17.15
N SER A 19 0.59 -1.92 18.26
CA SER A 19 1.92 -2.08 18.82
C SER A 19 2.79 -2.95 17.91
N ILE A 20 2.21 -4.06 17.42
CA ILE A 20 2.94 -4.95 16.54
C ILE A 20 3.34 -4.20 15.28
N TYR A 21 2.38 -3.51 14.66
CA TYR A 21 2.67 -2.74 13.46
C TYR A 21 3.81 -1.78 13.77
N ARG A 22 3.67 -1.12 14.90
CA ARG A 22 4.67 -0.19 15.38
C ARG A 22 6.03 -0.89 15.51
N THR A 23 6.02 -2.08 16.12
CA THR A 23 7.25 -2.84 16.30
C THR A 23 7.89 -3.15 14.96
N ILE A 24 7.05 -3.53 13.99
CA ILE A 24 7.56 -3.85 12.66
C ILE A 24 8.36 -2.67 12.12
N VAL A 25 7.80 -1.47 12.33
CA VAL A 25 8.42 -0.24 11.85
C VAL A 25 9.77 0.02 12.53
N LEU A 26 9.81 -0.12 13.84
CA LEU A 26 11.05 0.13 14.58
C LEU A 26 12.14 -0.85 14.16
N GLU A 27 11.76 -2.10 13.95
CA GLU A 27 12.72 -3.13 13.57
C GLU A 27 12.94 -3.15 12.07
N TYR A 28 12.18 -2.34 11.34
CA TYR A 28 12.31 -2.30 9.90
C TYR A 28 13.78 -2.06 9.52
N PHE A 29 14.47 -1.27 10.34
CA PHE A 29 15.87 -0.97 10.09
C PHE A 29 16.76 -1.76 11.04
N ASN A 30 16.23 -2.87 11.56
CA ASN A 30 16.98 -3.72 12.48
C ASN A 30 18.15 -4.40 11.77
N THR A 31 19.16 -4.78 12.55
CA THR A 31 20.32 -5.45 12.01
C THR A 31 20.12 -6.97 12.05
N ASP A 32 19.38 -7.43 13.04
CA ASP A 32 19.14 -8.86 13.18
C ASP A 32 17.95 -9.14 14.10
N ALA A 33 16.78 -8.60 13.76
CA ALA A 33 15.59 -8.82 14.57
C ALA A 33 14.59 -9.69 13.83
N LYS A 34 14.86 -9.93 12.56
CA LYS A 34 13.98 -10.75 11.75
C LYS A 34 12.57 -10.15 11.70
N VAL A 35 12.50 -8.89 11.28
CA VAL A 35 11.22 -8.20 11.19
C VAL A 35 10.16 -9.13 10.64
N ASN A 36 10.60 -10.10 9.84
CA ASN A 36 9.68 -11.06 9.24
C ASN A 36 8.75 -11.62 10.30
N GLU A 37 9.27 -11.84 11.51
CA GLU A 37 8.46 -12.36 12.59
C GLU A 37 7.40 -11.34 12.98
N ARG A 38 7.79 -10.07 12.97
CA ARG A 38 6.87 -8.98 13.30
C ARG A 38 5.79 -8.90 12.24
N ILE A 39 6.23 -8.96 10.98
CA ILE A 39 5.31 -8.90 9.86
C ILE A 39 4.47 -10.18 9.81
N ASP A 40 5.12 -11.31 10.07
CA ASP A 40 4.42 -12.58 10.07
C ASP A 40 3.37 -12.61 11.17
N GLU A 41 3.71 -12.03 12.33
CA GLU A 41 2.78 -12.00 13.45
C GLU A 41 1.60 -11.09 13.14
N PHE A 42 1.91 -9.87 12.68
CA PHE A 42 0.87 -8.93 12.33
C PHE A 42 0.00 -9.48 11.20
N VAL A 43 0.67 -10.00 10.18
CA VAL A 43 -0.03 -10.57 9.03
C VAL A 43 -0.94 -11.72 9.47
N SER A 44 -0.43 -12.58 10.34
CA SER A 44 -1.21 -13.71 10.82
C SER A 44 -2.45 -13.25 11.56
N LYS A 45 -2.27 -12.31 12.48
CA LYS A 45 -3.39 -11.79 13.26
C LYS A 45 -4.38 -11.03 12.39
N ALA A 46 -3.85 -10.23 11.47
CA ALA A 46 -4.71 -9.44 10.58
C ALA A 46 -5.64 -10.33 9.78
N PHE A 47 -5.10 -11.40 9.21
CA PHE A 47 -5.90 -12.33 8.42
C PHE A 47 -6.95 -13.02 9.29
N PHE A 48 -6.47 -13.67 10.34
CA PHE A 48 -7.35 -14.40 11.26
C PHE A 48 -8.34 -13.47 11.97
N ALA A 49 -7.84 -12.34 12.46
CA ALA A 49 -8.69 -11.39 13.19
C ALA A 49 -9.70 -10.74 12.25
N ASP A 50 -9.87 -11.31 11.07
CA ASP A 50 -10.81 -10.75 10.10
C ASP A 50 -10.61 -9.25 10.00
N ILE A 51 -9.34 -8.84 10.00
CA ILE A 51 -9.02 -7.41 9.91
C ILE A 51 -8.94 -6.99 8.45
N SER A 52 -9.37 -5.77 8.18
CA SER A 52 -9.34 -5.23 6.84
C SER A 52 -8.18 -4.26 6.71
N VAL A 53 -7.63 -4.17 5.50
CA VAL A 53 -6.51 -3.27 5.27
C VAL A 53 -6.81 -1.91 5.86
N SER A 54 -8.09 -1.54 5.87
CA SER A 54 -8.51 -0.25 6.39
C SER A 54 -7.78 0.11 7.69
N GLN A 55 -7.92 -0.71 8.73
CA GLN A 55 -7.23 -0.42 9.98
C GLN A 55 -5.74 -0.31 9.73
N VAL A 56 -5.24 -1.21 8.91
CA VAL A 56 -3.83 -1.19 8.56
C VAL A 56 -3.53 0.16 7.92
N LEU A 57 -4.46 0.59 7.07
CA LEU A 57 -4.35 1.85 6.38
C LEU A 57 -4.58 3.04 7.32
N GLU A 58 -5.64 2.95 8.13
CA GLU A 58 -5.97 4.02 9.06
C GLU A 58 -4.98 4.07 10.21
N ILE A 59 -4.71 2.93 10.81
CA ILE A 59 -3.76 2.88 11.93
C ILE A 59 -2.43 3.46 11.48
N HIS A 60 -2.06 3.18 10.24
CA HIS A 60 -0.82 3.69 9.68
C HIS A 60 -0.79 5.22 9.64
N VAL A 61 -1.85 5.81 9.11
CA VAL A 61 -1.93 7.27 9.00
C VAL A 61 -1.73 7.94 10.36
N GLU A 62 -2.33 7.36 11.39
CA GLU A 62 -2.22 7.94 12.73
C GLU A 62 -0.79 7.88 13.26
N LEU A 63 -0.14 6.72 13.13
CA LEU A 63 1.23 6.57 13.61
C LEU A 63 2.19 7.40 12.78
N MET A 64 2.01 7.41 11.46
CA MET A 64 2.88 8.21 10.62
C MET A 64 2.69 9.69 10.94
N ASP A 65 1.47 10.06 11.25
CA ASP A 65 1.17 11.43 11.63
C ASP A 65 1.97 11.77 12.89
N THR A 66 2.11 10.77 13.75
CA THR A 66 2.85 10.94 15.00
C THR A 66 4.32 11.24 14.73
N PHE A 67 4.92 10.51 13.80
CA PHE A 67 6.33 10.71 13.46
C PHE A 67 6.54 12.05 12.74
N SER A 68 5.61 12.40 11.86
CA SER A 68 5.72 13.64 11.12
C SER A 68 5.82 14.83 12.06
N LYS A 69 4.85 14.93 12.97
CA LYS A 69 4.84 16.01 13.93
C LYS A 69 6.05 15.92 14.85
N GLN A 70 6.38 14.70 15.26
CA GLN A 70 7.52 14.47 16.13
C GLN A 70 8.81 15.00 15.50
N LEU A 71 8.94 14.81 14.19
CA LEU A 71 10.12 15.27 13.47
C LEU A 71 10.19 16.79 13.46
N LYS A 72 9.04 17.45 13.30
CA LYS A 72 9.01 18.90 13.26
C LYS A 72 9.44 19.51 14.59
N LEU A 73 8.92 18.99 15.69
CA LEU A 73 9.26 19.51 17.01
C LEU A 73 10.74 19.32 17.32
N GLU A 74 11.28 18.18 16.93
CA GLU A 74 12.68 17.90 17.19
C GLU A 74 13.55 18.26 15.98
N GLY A 75 12.94 18.90 14.98
CA GLY A 75 13.69 19.28 13.79
C GLY A 75 14.58 18.15 13.33
N ARG A 76 13.97 17.02 12.99
CA ARG A 76 14.72 15.85 12.54
C ARG A 76 14.37 15.52 11.10
N SER A 77 15.38 15.11 10.32
CA SER A 77 15.14 14.76 8.93
C SER A 77 13.82 14.03 8.80
N GLU A 78 12.77 14.76 8.47
CA GLU A 78 11.44 14.18 8.33
C GLU A 78 11.35 13.33 7.07
N ASP A 79 12.38 13.37 6.24
CA ASP A 79 12.40 12.58 5.01
C ASP A 79 12.33 11.09 5.33
N ILE A 80 12.96 10.71 6.44
CA ILE A 80 12.99 9.31 6.85
C ILE A 80 11.59 8.71 6.90
N LEU A 81 10.56 9.56 6.85
CA LEU A 81 9.18 9.08 6.88
C LEU A 81 8.98 7.97 5.85
N LEU A 82 9.77 8.00 4.77
CA LEU A 82 9.66 6.98 3.73
C LEU A 82 9.62 5.59 4.35
N ASP A 83 10.23 5.47 5.53
CA ASP A 83 10.31 4.20 6.23
C ASP A 83 8.93 3.55 6.38
N TYR A 84 7.92 4.35 6.64
CA TYR A 84 6.58 3.82 6.81
C TYR A 84 5.95 3.49 5.47
N ARG A 85 6.31 4.26 4.44
CA ARG A 85 5.78 3.99 3.11
C ARG A 85 6.15 2.57 2.71
N LEU A 86 7.36 2.18 3.07
CA LEU A 86 7.85 0.85 2.79
C LEU A 86 7.20 -0.17 3.70
N THR A 87 7.20 0.12 4.99
CA THR A 87 6.60 -0.76 5.98
C THR A 87 5.10 -0.89 5.73
N LEU A 88 4.46 0.22 5.41
CA LEU A 88 3.03 0.24 5.17
C LEU A 88 2.69 -0.53 3.89
N ILE A 89 3.38 -0.20 2.81
CA ILE A 89 3.14 -0.87 1.54
C ILE A 89 3.62 -2.32 1.60
N ASP A 90 4.77 -2.53 2.23
CA ASP A 90 5.31 -3.87 2.36
C ASP A 90 4.38 -4.75 3.21
N VAL A 91 3.86 -4.16 4.28
CA VAL A 91 2.96 -4.89 5.17
C VAL A 91 1.66 -5.25 4.45
N ILE A 92 1.06 -4.27 3.78
CA ILE A 92 -0.17 -4.49 3.06
C ILE A 92 0.02 -5.54 1.97
N ALA A 93 1.16 -5.49 1.29
CA ALA A 93 1.45 -6.44 0.24
C ALA A 93 1.61 -7.86 0.79
N HIS A 94 2.18 -7.96 1.99
CA HIS A 94 2.41 -9.27 2.60
C HIS A 94 1.09 -10.01 2.87
N LEU A 95 0.15 -9.34 3.54
CA LEU A 95 -1.12 -9.98 3.83
C LEU A 95 -1.95 -10.09 2.55
N CYS A 96 -1.79 -9.13 1.66
CA CYS A 96 -2.50 -9.18 0.39
C CYS A 96 -2.01 -10.41 -0.38
N GLU A 97 -0.76 -10.79 -0.11
CA GLU A 97 -0.16 -11.95 -0.76
C GLU A 97 -0.83 -13.24 -0.32
N MET A 98 -0.93 -13.45 1.01
CA MET A 98 -1.56 -14.67 1.50
C MET A 98 -3.03 -14.72 1.12
N TYR A 99 -3.71 -13.57 1.12
CA TYR A 99 -5.12 -13.55 0.74
C TYR A 99 -5.28 -14.19 -0.64
N ARG A 100 -4.43 -13.78 -1.58
CA ARG A 100 -4.49 -14.33 -2.93
C ARG A 100 -4.15 -15.82 -2.95
N ARG A 101 -3.17 -16.20 -2.13
CA ARG A 101 -2.74 -17.60 -2.07
C ARG A 101 -3.69 -18.45 -1.24
N SER A 102 -4.44 -17.80 -0.36
CA SER A 102 -5.38 -18.52 0.51
C SER A 102 -6.66 -18.85 -0.24
N ILE A 103 -6.70 -18.50 -1.51
CA ILE A 103 -7.87 -18.76 -2.34
C ILE A 103 -7.64 -19.96 -3.25
N PRO A 104 -8.41 -21.01 -3.11
CA PRO A 104 -8.27 -22.25 -3.93
C PRO A 104 -8.13 -21.94 -5.42
N ARG A 105 -7.00 -21.36 -5.81
CA ARG A 105 -6.75 -21.02 -7.20
C ARG A 105 -5.43 -21.60 -7.69
N GLU A 106 -5.32 -21.81 -9.00
CA GLU A 106 -4.10 -22.36 -9.58
C GLU A 106 -2.89 -21.51 -9.20
N VAL A 107 -1.75 -22.15 -9.00
CA VAL A 107 -0.53 -21.43 -8.64
C VAL A 107 -0.68 -20.78 -7.27
N ALA B 1 -2.89 -24.39 -27.86
CA ALA B 1 -2.93 -24.97 -26.49
C ALA B 1 -4.25 -24.56 -25.82
N MET B 2 -4.20 -23.50 -25.03
CA MET B 2 -5.40 -23.03 -24.34
C MET B 2 -6.41 -22.47 -25.34
N ALA B 3 -7.52 -21.93 -24.81
CA ALA B 3 -8.57 -21.39 -25.66
C ALA B 3 -8.23 -19.98 -26.16
N ARG B 4 -7.71 -19.91 -27.39
CA ARG B 4 -7.34 -18.64 -28.00
C ARG B 4 -6.63 -17.69 -27.03
N MET B 5 -6.40 -18.12 -25.79
CA MET B 5 -5.72 -17.26 -24.83
C MET B 5 -4.21 -17.38 -24.99
N SER B 6 -3.59 -16.32 -25.49
CA SER B 6 -2.15 -16.31 -25.71
C SER B 6 -1.43 -15.58 -24.58
N PRO B 7 -0.13 -15.73 -24.51
CA PRO B 7 0.70 -15.08 -23.47
C PRO B 7 0.85 -13.58 -23.72
N ALA B 8 0.82 -13.20 -24.99
CA ALA B 8 0.94 -11.80 -25.36
C ALA B 8 -0.22 -11.01 -24.74
N ASP B 9 -1.37 -11.69 -24.64
CA ASP B 9 -2.54 -11.05 -24.04
C ASP B 9 -2.21 -10.59 -22.63
N LYS B 10 -1.46 -11.42 -21.91
CA LYS B 10 -1.06 -11.08 -20.56
C LYS B 10 -0.24 -9.80 -20.59
N ARG B 11 0.73 -9.75 -21.50
CA ARG B 11 1.56 -8.56 -21.64
C ARG B 11 0.69 -7.39 -22.04
N LYS B 12 -0.28 -7.64 -22.91
CA LYS B 12 -1.19 -6.59 -23.35
C LYS B 12 -1.85 -6.02 -22.11
N LEU B 13 -2.31 -6.92 -21.25
CA LEU B 13 -2.93 -6.52 -20.00
C LEU B 13 -1.92 -5.67 -19.24
N LEU B 14 -0.74 -6.24 -19.00
CA LEU B 14 0.31 -5.52 -18.30
C LEU B 14 0.55 -4.18 -18.96
N ASP B 15 0.61 -4.19 -20.29
CA ASP B 15 0.81 -2.96 -21.02
C ASP B 15 -0.31 -1.99 -20.65
N GLU B 16 -1.53 -2.53 -20.59
CA GLU B 16 -2.69 -1.73 -20.23
C GLU B 16 -2.70 -1.41 -18.74
N LEU B 17 -2.27 -2.36 -17.92
CA LEU B 17 -2.25 -2.12 -16.47
C LEU B 17 -1.38 -0.91 -16.18
N ARG B 18 -0.29 -0.77 -16.91
CA ARG B 18 0.60 0.36 -16.72
C ARG B 18 -0.13 1.64 -17.12
N SER B 19 -0.78 1.61 -18.28
CA SER B 19 -1.53 2.77 -18.77
C SER B 19 -2.75 3.03 -17.90
N ILE B 20 -3.48 1.96 -17.59
CA ILE B 20 -4.67 2.10 -16.74
C ILE B 20 -4.28 2.65 -15.38
N TYR B 21 -3.25 2.07 -14.77
CA TYR B 21 -2.79 2.55 -13.48
C TYR B 21 -2.47 4.02 -13.61
N ARG B 22 -1.74 4.33 -14.67
CA ARG B 22 -1.36 5.69 -14.97
C ARG B 22 -2.60 6.57 -15.10
N THR B 23 -3.60 6.08 -15.83
CA THR B 23 -4.84 6.83 -16.01
C THR B 23 -5.50 7.10 -14.66
N ILE B 24 -5.51 6.10 -13.80
CA ILE B 24 -6.10 6.26 -12.48
C ILE B 24 -5.47 7.44 -11.77
N VAL B 25 -4.14 7.52 -11.88
CA VAL B 25 -3.38 8.58 -11.24
C VAL B 25 -3.74 9.96 -11.79
N LEU B 26 -3.79 10.09 -13.11
CA LEU B 26 -4.11 11.36 -13.73
C LEU B 26 -5.52 11.83 -13.35
N GLU B 27 -6.46 10.90 -13.30
CA GLU B 27 -7.83 11.24 -12.98
C GLU B 27 -8.05 11.26 -11.47
N TYR B 28 -7.03 10.88 -10.71
CA TYR B 28 -7.15 10.87 -9.26
C TYR B 28 -7.65 12.21 -8.77
N PHE B 29 -7.22 13.28 -9.45
CA PHE B 29 -7.62 14.63 -9.09
C PHE B 29 -8.68 15.15 -10.05
N ASN B 30 -9.37 14.23 -10.72
CA ASN B 30 -10.42 14.60 -11.67
C ASN B 30 -11.61 15.24 -10.97
N THR B 31 -12.37 16.03 -11.72
CA THR B 31 -13.55 16.69 -11.17
C THR B 31 -14.77 15.82 -11.38
N ASP B 32 -14.78 15.07 -12.47
CA ASP B 32 -15.91 14.21 -12.78
C ASP B 32 -15.54 13.13 -13.80
N ALA B 33 -14.54 12.32 -13.48
CA ALA B 33 -14.13 11.24 -14.39
C ALA B 33 -14.47 9.88 -13.81
N LYS B 34 -14.89 9.87 -12.56
CA LYS B 34 -15.26 8.64 -11.89
C LYS B 34 -14.08 7.67 -11.87
N VAL B 35 -12.95 8.14 -11.34
CA VAL B 35 -11.75 7.32 -11.25
C VAL B 35 -12.11 5.89 -10.87
N ASN B 36 -13.22 5.75 -10.16
CA ASN B 36 -13.67 4.44 -9.72
C ASN B 36 -13.66 3.47 -10.90
N GLU B 37 -14.03 3.96 -12.08
CA GLU B 37 -14.04 3.12 -13.26
C GLU B 37 -12.61 2.70 -13.61
N ARG B 38 -11.67 3.63 -13.44
CA ARG B 38 -10.28 3.35 -13.72
C ARG B 38 -9.76 2.32 -12.71
N ILE B 39 -10.09 2.55 -11.45
CA ILE B 39 -9.70 1.64 -10.39
C ILE B 39 -10.42 0.32 -10.53
N ASP B 40 -11.70 0.39 -10.86
CA ASP B 40 -12.50 -0.80 -11.05
C ASP B 40 -11.96 -1.63 -12.21
N GLU B 41 -11.54 -0.94 -13.28
CA GLU B 41 -11.01 -1.63 -14.45
C GLU B 41 -9.67 -2.28 -14.12
N PHE B 42 -8.78 -1.50 -13.52
CA PHE B 42 -7.47 -2.02 -13.14
C PHE B 42 -7.62 -3.15 -12.13
N VAL B 43 -8.46 -2.92 -11.13
CA VAL B 43 -8.71 -3.92 -10.10
C VAL B 43 -9.27 -5.20 -10.71
N SER B 44 -10.22 -5.05 -11.63
CA SER B 44 -10.82 -6.21 -12.28
C SER B 44 -9.78 -7.02 -13.04
N LYS B 45 -8.98 -6.32 -13.85
CA LYS B 45 -7.95 -6.98 -14.64
C LYS B 45 -6.87 -7.60 -13.75
N ALA B 46 -6.46 -6.87 -12.73
CA ALA B 46 -5.42 -7.35 -11.82
C ALA B 46 -5.83 -8.67 -11.17
N PHE B 47 -7.06 -8.74 -10.68
CA PHE B 47 -7.55 -9.97 -10.06
C PHE B 47 -7.61 -11.11 -11.06
N PHE B 48 -8.34 -10.88 -12.15
CA PHE B 48 -8.51 -11.89 -13.20
C PHE B 48 -7.19 -12.26 -13.86
N ALA B 49 -6.40 -11.25 -14.21
CA ALA B 49 -5.12 -11.48 -14.87
C ALA B 49 -4.13 -12.16 -13.95
N ASP B 50 -4.63 -12.71 -12.84
CA ASP B 50 -3.76 -13.39 -11.89
C ASP B 50 -2.53 -12.53 -11.60
N ILE B 51 -2.76 -11.23 -11.48
CA ILE B 51 -1.67 -10.29 -11.22
C ILE B 51 -1.42 -10.18 -9.72
N SER B 52 -0.16 -10.03 -9.36
CA SER B 52 0.21 -9.91 -7.96
C SER B 52 0.51 -8.45 -7.64
N VAL B 53 0.26 -8.06 -6.41
CA VAL B 53 0.51 -6.67 -6.01
C VAL B 53 1.89 -6.25 -6.47
N SER B 54 2.82 -7.21 -6.52
CA SER B 54 4.19 -6.93 -6.92
C SER B 54 4.24 -5.98 -8.13
N GLN B 55 3.65 -6.37 -9.25
CA GLN B 55 3.67 -5.49 -10.42
C GLN B 55 3.05 -4.15 -10.06
N VAL B 56 1.97 -4.21 -9.31
CA VAL B 56 1.31 -3.00 -8.88
C VAL B 56 2.31 -2.19 -8.07
N LEU B 57 3.07 -2.90 -7.25
CA LEU B 57 4.09 -2.29 -6.41
C LEU B 57 5.30 -1.86 -7.24
N GLU B 58 5.77 -2.74 -8.12
CA GLU B 58 6.94 -2.44 -8.95
C GLU B 58 6.59 -1.40 -10.02
N ILE B 59 5.48 -1.64 -10.73
CA ILE B 59 5.07 -0.71 -11.77
C ILE B 59 4.93 0.69 -11.18
N HIS B 60 4.45 0.75 -9.95
CA HIS B 60 4.27 2.03 -9.27
C HIS B 60 5.60 2.74 -9.07
N VAL B 61 6.58 2.02 -8.54
CA VAL B 61 7.90 2.61 -8.29
C VAL B 61 8.48 3.24 -9.54
N GLU B 62 8.32 2.56 -10.68
CA GLU B 62 8.86 3.06 -11.94
C GLU B 62 8.18 4.35 -12.37
N LEU B 63 6.84 4.38 -12.31
CA LEU B 63 6.09 5.57 -12.72
C LEU B 63 6.33 6.72 -11.75
N MET B 64 6.34 6.42 -10.45
CA MET B 64 6.58 7.46 -9.47
C MET B 64 7.99 8.01 -9.65
N ASP B 65 8.91 7.12 -10.00
CA ASP B 65 10.28 7.55 -10.25
C ASP B 65 10.29 8.53 -11.41
N THR B 66 9.39 8.29 -12.36
CA THR B 66 9.27 9.15 -13.53
C THR B 66 8.84 10.57 -13.13
N PHE B 67 7.85 10.65 -12.25
CA PHE B 67 7.36 11.96 -11.80
C PHE B 67 8.38 12.67 -10.94
N SER B 68 9.07 11.92 -10.08
CA SER B 68 10.07 12.51 -9.20
C SER B 68 11.14 13.25 -10.01
N LYS B 69 11.73 12.54 -10.96
CA LYS B 69 12.75 13.12 -11.81
C LYS B 69 12.15 14.25 -12.65
N GLN B 70 10.95 14.03 -13.15
CA GLN B 70 10.28 15.03 -13.98
C GLN B 70 10.09 16.33 -13.20
N LEU B 71 9.78 16.21 -11.92
CA LEU B 71 9.59 17.39 -11.08
C LEU B 71 10.90 18.16 -10.90
N LYS B 72 12.00 17.43 -10.74
CA LYS B 72 13.31 18.06 -10.56
C LYS B 72 13.72 18.87 -11.78
N LEU B 73 13.58 18.29 -12.97
CA LEU B 73 13.97 18.96 -14.19
C LEU B 73 13.13 20.22 -14.42
N GLU B 74 11.84 20.13 -14.12
CA GLU B 74 10.94 21.26 -14.32
C GLU B 74 10.79 22.06 -13.03
N GLY B 75 11.56 21.72 -12.01
CA GLY B 75 11.49 22.42 -10.74
C GLY B 75 10.03 22.64 -10.34
N ARG B 76 9.31 21.54 -10.17
CA ARG B 76 7.91 21.62 -9.80
C ARG B 76 7.68 21.00 -8.42
N SER B 77 6.80 21.61 -7.63
CA SER B 77 6.50 21.10 -6.31
C SER B 77 6.46 19.58 -6.34
N GLU B 78 7.60 18.96 -6.00
CA GLU B 78 7.69 17.50 -6.01
C GLU B 78 6.89 16.89 -4.85
N ASP B 79 6.41 17.74 -3.95
CA ASP B 79 5.62 17.25 -2.81
C ASP B 79 4.35 16.55 -3.29
N ILE B 80 3.79 17.04 -4.40
CA ILE B 80 2.58 16.47 -4.97
C ILE B 80 2.71 14.96 -5.17
N LEU B 81 3.93 14.44 -5.09
CA LEU B 81 4.16 13.01 -5.27
C LEU B 81 3.21 12.21 -4.37
N LEU B 82 2.80 12.80 -3.25
CA LEU B 82 1.87 12.13 -2.33
C LEU B 82 0.70 11.52 -3.10
N ASP B 83 0.40 12.13 -4.24
CA ASP B 83 -0.71 11.69 -5.06
C ASP B 83 -0.64 10.19 -5.38
N TYR B 84 0.57 9.70 -5.62
CA TYR B 84 0.74 8.29 -5.93
C TYR B 84 0.66 7.44 -4.67
N ARG B 85 1.09 8.00 -3.54
CA ARG B 85 1.03 7.27 -2.29
C ARG B 85 -0.42 6.90 -2.01
N LEU B 86 -1.32 7.83 -2.34
CA LEU B 86 -2.74 7.62 -2.16
C LEU B 86 -3.27 6.66 -3.22
N THR B 87 -2.93 6.94 -4.47
CA THR B 87 -3.36 6.11 -5.58
C THR B 87 -2.80 4.70 -5.46
N LEU B 88 -1.53 4.62 -5.06
CA LEU B 88 -0.86 3.33 -4.91
C LEU B 88 -1.46 2.55 -3.75
N ILE B 89 -1.56 3.20 -2.59
CA ILE B 89 -2.13 2.54 -1.42
C ILE B 89 -3.62 2.30 -1.60
N ASP B 90 -4.30 3.28 -2.18
CA ASP B 90 -5.74 3.15 -2.41
C ASP B 90 -6.02 2.03 -3.40
N VAL B 91 -5.18 1.95 -4.44
CA VAL B 91 -5.35 0.91 -5.46
C VAL B 91 -5.11 -0.47 -4.88
N ILE B 92 -4.01 -0.61 -4.14
CA ILE B 92 -3.68 -1.89 -3.52
C ILE B 92 -4.76 -2.32 -2.55
N ALA B 93 -5.29 -1.36 -1.80
CA ALA B 93 -6.33 -1.65 -0.83
C ALA B 93 -7.62 -2.11 -1.52
N HIS B 94 -7.90 -1.53 -2.69
CA HIS B 94 -9.11 -1.87 -3.41
C HIS B 94 -9.13 -3.33 -3.85
N LEU B 95 -8.06 -3.78 -4.51
CA LEU B 95 -8.02 -5.17 -4.95
C LEU B 95 -7.81 -6.09 -3.74
N CYS B 96 -7.09 -5.60 -2.74
CA CYS B 96 -6.90 -6.38 -1.54
C CYS B 96 -8.25 -6.60 -0.87
N GLU B 97 -9.15 -5.65 -1.10
CA GLU B 97 -10.49 -5.72 -0.53
C GLU B 97 -11.29 -6.86 -1.16
N MET B 98 -11.35 -6.90 -2.50
CA MET B 98 -12.10 -7.96 -3.17
C MET B 98 -11.47 -9.32 -2.88
N TYR B 99 -10.13 -9.39 -2.81
CA TYR B 99 -9.49 -10.67 -2.51
C TYR B 99 -10.06 -11.25 -1.23
N ARG B 100 -10.16 -10.42 -0.19
CA ARG B 100 -10.71 -10.86 1.09
C ARG B 100 -12.17 -11.25 0.96
N ARG B 101 -12.92 -10.48 0.18
CA ARG B 101 -14.35 -10.74 -0.01
C ARG B 101 -14.60 -11.87 -1.00
N SER B 102 -13.62 -12.15 -1.84
CA SER B 102 -13.76 -13.20 -2.84
C SER B 102 -13.50 -14.57 -2.22
N ILE B 103 -13.26 -14.58 -0.91
CA ILE B 103 -12.98 -15.82 -0.20
C ILE B 103 -14.22 -16.27 0.59
N PRO B 104 -14.77 -17.42 0.28
CA PRO B 104 -15.98 -17.94 0.98
C PRO B 104 -15.86 -17.84 2.50
N ARG B 105 -15.92 -16.61 3.02
CA ARG B 105 -15.82 -16.39 4.45
C ARG B 105 -16.98 -15.55 4.96
N GLU B 106 -17.30 -15.69 6.24
CA GLU B 106 -18.39 -14.94 6.84
C GLU B 106 -18.18 -13.43 6.64
N VAL B 107 -19.27 -12.70 6.45
CA VAL B 107 -19.18 -11.26 6.25
C VAL B 107 -18.45 -10.95 4.94
N ALA C 1 -2.71 7.89 -29.06
CA ALA C 1 -2.07 9.14 -28.58
C ALA C 1 -0.60 9.16 -29.01
N MET C 2 -0.27 8.32 -29.99
CA MET C 2 1.10 8.23 -30.49
C MET C 2 2.10 8.70 -29.44
N ALA C 3 2.76 7.75 -28.78
CA ALA C 3 3.74 8.09 -27.76
C ALA C 3 3.06 8.49 -26.45
N GLY C 4 3.08 7.59 -25.48
CA GLY C 4 2.46 7.87 -24.18
C GLY C 4 3.34 8.78 -23.34
N ILE C 5 2.74 9.83 -22.79
CA ILE C 5 3.48 10.77 -21.96
C ILE C 5 2.90 10.80 -20.54
N ILE C 6 3.78 10.95 -19.55
CA ILE C 6 3.33 10.99 -18.17
C ILE C 6 3.00 12.41 -17.75
N SER C 7 1.83 12.60 -17.17
CA SER C 7 1.41 13.90 -16.72
C SER C 7 1.44 13.97 -15.20
N GLY C 8 0.39 13.45 -14.57
CA GLY C 8 0.31 13.45 -13.11
C GLY C 8 -0.25 14.76 -12.60
N THR C 9 -0.14 15.80 -13.43
CA THR C 9 -0.63 17.13 -13.08
C THR C 9 0.17 17.71 -11.90
N PRO C 10 1.45 17.51 -11.89
CA PRO C 10 2.34 18.02 -10.80
C PRO C 10 2.00 19.47 -10.44
N THR C 11 2.38 19.84 -9.22
CA THR C 11 2.14 21.20 -8.72
C THR C 11 0.76 21.30 -8.08
N ARG C 12 -0.12 22.07 -8.72
CA ARG C 12 -1.48 22.27 -8.23
C ARG C 12 -1.58 22.00 -6.73
N ILE C 13 -1.70 20.73 -6.37
CA ILE C 13 -1.83 20.36 -4.97
C ILE C 13 -0.53 20.57 -4.22
N SER C 14 -0.56 21.45 -3.23
CA SER C 14 0.62 21.73 -2.42
C SER C 14 0.56 20.87 -1.17
N VAL C 15 1.52 19.97 -1.01
CA VAL C 15 1.52 19.08 0.13
C VAL C 15 2.91 18.94 0.75
N ASP C 16 3.00 18.12 1.78
CA ASP C 16 4.28 17.90 2.46
C ASP C 16 4.15 16.80 3.52
N GLU C 17 5.20 15.99 3.66
CA GLU C 17 5.22 14.91 4.63
C GLU C 17 4.15 13.85 4.33
N LYS C 18 3.40 13.45 5.35
CA LYS C 18 2.36 12.43 5.17
C LYS C 18 1.24 12.95 4.28
N THR C 19 0.85 14.21 4.50
CA THR C 19 -0.20 14.87 3.72
C THR C 19 -1.27 13.91 3.24
N GLU C 20 -2.50 14.11 3.70
CA GLU C 20 -3.63 13.27 3.30
C GLU C 20 -3.13 11.90 2.84
N LEU C 21 -3.19 10.93 3.74
CA LEU C 21 -2.73 9.59 3.41
C LEU C 21 -3.90 8.61 3.40
N ALA C 22 -3.67 7.41 3.94
CA ALA C 22 -4.71 6.38 3.99
C ALA C 22 -5.90 6.84 4.84
N ARG C 23 -6.14 8.14 4.89
CA ARG C 23 -7.25 8.67 5.69
C ARG C 23 -8.60 8.33 5.02
N ILE C 24 -8.55 7.65 3.88
CA ILE C 24 -9.79 7.31 3.18
C ILE C 24 -10.42 6.05 3.79
N ALA C 25 -9.62 5.29 4.52
CA ALA C 25 -10.10 4.08 5.17
C ALA C 25 -10.77 3.13 4.16
N LYS C 26 -11.06 3.63 2.97
CA LYS C 26 -11.72 2.82 1.95
C LYS C 26 -13.09 2.36 2.44
N GLY C 27 -13.35 2.59 3.72
CA GLY C 27 -14.62 2.18 4.30
C GLY C 27 -14.70 0.67 4.49
N MET C 28 -13.55 0.04 4.69
CA MET C 28 -13.51 -1.41 4.88
C MET C 28 -13.58 -1.76 6.36
N GLN C 29 -13.25 -0.80 7.20
CA GLN C 29 -13.29 -1.02 8.65
C GLN C 29 -14.60 -0.46 9.22
N ASP C 30 -15.63 -1.30 9.27
CA ASP C 30 -16.92 -0.89 9.79
C ASP C 30 -17.30 -1.69 11.03
N LEU C 31 -16.37 -2.46 11.57
CA LEU C 31 -16.66 -3.26 12.75
C LEU C 31 -16.56 -2.40 14.00
N GLU C 32 -17.58 -2.50 14.85
CA GLU C 32 -17.63 -1.72 16.07
C GLU C 32 -17.68 -2.61 17.31
N SER C 33 -16.93 -2.23 18.34
CA SER C 33 -16.91 -3.00 19.58
C SER C 33 -18.05 -2.56 20.49
N GLU C 34 -18.38 -3.40 21.46
CA GLU C 34 -19.46 -3.08 22.39
C GLU C 34 -18.90 -2.80 23.79
N ALA D 1 6.15 -1.84 29.48
CA ALA D 1 7.00 -0.66 29.19
C ALA D 1 6.30 0.60 29.71
N MET D 2 5.34 0.41 30.60
CA MET D 2 4.59 1.53 31.17
C MET D 2 4.62 2.74 30.24
N ALA D 3 3.52 2.96 29.54
CA ALA D 3 3.43 4.09 28.62
C ALA D 3 4.19 3.81 27.32
N GLY D 4 3.46 3.53 26.26
CA GLY D 4 4.08 3.24 24.96
C GLY D 4 4.54 4.53 24.28
N ILE D 5 5.79 4.53 23.82
CA ILE D 5 6.34 5.70 23.15
C ILE D 5 6.72 5.36 21.71
N ILE D 6 6.52 6.31 20.80
CA ILE D 6 6.86 6.08 19.40
C ILE D 6 8.30 6.47 19.13
N SER D 7 9.04 5.58 18.50
CA SER D 7 10.43 5.86 18.17
C SER D 7 10.58 6.07 16.67
N GLY D 8 10.66 4.99 15.93
CA GLY D 8 10.79 5.05 14.48
C GLY D 8 12.24 5.22 14.08
N THR D 9 13.05 5.69 15.02
CA THR D 9 14.47 5.91 14.79
C THR D 9 14.70 7.00 13.74
N PRO D 10 13.92 8.05 13.78
CA PRO D 10 14.05 9.18 12.83
C PRO D 10 15.50 9.58 12.59
N THR D 11 15.75 10.21 11.45
CA THR D 11 17.09 10.67 11.09
C THR D 11 17.88 9.57 10.39
N ARG D 12 18.91 9.07 11.06
CA ARG D 12 19.76 8.02 10.50
C ARG D 12 19.67 7.95 8.98
N ILE D 13 18.62 7.31 8.47
CA ILE D 13 18.46 7.17 7.03
C ILE D 13 18.09 8.51 6.40
N SER D 14 18.96 8.98 5.51
CA SER D 14 18.70 10.24 4.81
C SER D 14 18.07 9.93 3.47
N VAL D 15 16.84 10.39 3.28
CA VAL D 15 16.14 10.10 2.04
C VAL D 15 15.42 11.33 1.51
N ASP D 16 14.71 11.15 0.39
CA ASP D 16 13.98 12.25 -0.23
C ASP D 16 13.15 11.75 -1.41
N GLU D 17 11.95 12.33 -1.57
CA GLU D 17 11.05 11.95 -2.66
C GLU D 17 10.59 10.50 -2.53
N LYS D 18 10.66 9.76 -3.64
CA LYS D 18 10.23 8.36 -3.65
C LYS D 18 11.15 7.51 -2.77
N THR D 19 12.44 7.77 -2.87
CA THR D 19 13.46 7.05 -2.10
C THR D 19 13.07 5.61 -1.79
N GLU D 20 13.86 4.67 -2.30
CA GLU D 20 13.61 3.26 -2.06
C GLU D 20 12.14 3.02 -1.73
N LEU D 21 11.37 2.62 -2.74
CA LEU D 21 9.95 2.38 -2.53
C LEU D 21 9.62 0.89 -2.71
N ALA D 22 8.49 0.61 -3.37
CA ALA D 22 8.07 -0.77 -3.59
C ALA D 22 9.09 -1.53 -4.45
N ARG D 23 10.35 -1.13 -4.37
CA ARG D 23 11.39 -1.79 -5.17
C ARG D 23 11.68 -3.20 -4.64
N ILE D 24 10.97 -3.61 -3.58
CA ILE D 24 11.18 -4.92 -3.00
C ILE D 24 10.42 -5.99 -3.78
N ALA D 25 9.42 -5.54 -4.55
CA ALA D 25 8.61 -6.46 -5.35
C ALA D 25 8.02 -7.59 -4.51
N LYS D 26 8.52 -7.75 -3.28
CA LYS D 26 8.03 -8.80 -2.39
C LYS D 26 8.28 -10.17 -3.03
N GLY D 27 8.70 -10.17 -4.29
CA GLY D 27 8.98 -11.41 -5.00
C GLY D 27 7.68 -12.14 -5.34
N MET D 28 6.60 -11.39 -5.54
CA MET D 28 5.33 -12.00 -5.88
C MET D 28 5.15 -12.07 -7.40
N GLN D 29 5.91 -11.24 -8.11
CA GLN D 29 5.84 -11.23 -9.56
C GLN D 29 6.97 -12.07 -10.15
N ASP D 30 6.71 -13.35 -10.36
CA ASP D 30 7.71 -14.26 -10.91
C ASP D 30 7.27 -14.82 -12.26
N LEU D 31 6.19 -14.29 -12.81
CA LEU D 31 5.70 -14.78 -14.10
C LEU D 31 6.51 -14.18 -15.24
N GLU D 32 6.95 -15.04 -16.15
CA GLU D 32 7.75 -14.59 -17.28
C GLU D 32 7.07 -14.90 -18.60
N SER D 33 7.13 -13.96 -19.53
CA SER D 33 6.54 -14.16 -20.85
C SER D 33 7.51 -14.87 -21.78
N GLU D 34 7.00 -15.44 -22.86
CA GLU D 34 7.84 -16.15 -23.81
C GLU D 34 7.92 -15.38 -25.13
N ALA A 1 -24.39 -12.76 26.14
CA ALA A 1 -23.80 -12.61 24.78
C ALA A 1 -23.37 -13.97 24.26
N MET A 2 -22.55 -13.98 23.21
CA MET A 2 -22.06 -15.23 22.63
C MET A 2 -21.11 -15.92 23.61
N ALA A 3 -20.57 -17.05 23.20
CA ALA A 3 -19.62 -17.75 24.05
C ALA A 3 -18.53 -16.77 24.47
N ARG A 4 -17.44 -17.30 25.01
CA ARG A 4 -16.34 -16.45 25.43
C ARG A 4 -16.00 -15.44 24.33
N MET A 5 -16.48 -15.73 23.11
CA MET A 5 -16.21 -14.87 21.97
C MET A 5 -16.77 -13.45 22.16
N SER A 6 -16.00 -12.62 22.85
CA SER A 6 -16.42 -11.23 23.08
C SER A 6 -15.63 -10.29 22.18
N PRO A 7 -16.07 -9.07 22.07
CA PRO A 7 -15.40 -8.05 21.22
C PRO A 7 -14.07 -7.57 21.82
N ALA A 8 -13.86 -7.84 23.10
CA ALA A 8 -12.64 -7.42 23.77
C ALA A 8 -11.42 -8.10 23.14
N ASP A 9 -11.52 -9.40 22.90
CA ASP A 9 -10.42 -10.13 22.29
C ASP A 9 -10.01 -9.45 21.00
N LYS A 10 -11.01 -9.00 20.24
CA LYS A 10 -10.74 -8.30 18.99
C LYS A 10 -9.93 -7.05 19.28
N ARG A 11 -10.35 -6.30 20.30
CA ARG A 11 -9.63 -5.10 20.68
C ARG A 11 -8.24 -5.46 21.15
N LYS A 12 -8.13 -6.57 21.88
CA LYS A 12 -6.84 -7.03 22.35
C LYS A 12 -5.96 -7.21 21.14
N LEU A 13 -6.53 -7.81 20.11
CA LEU A 13 -5.81 -7.99 18.86
C LEU A 13 -5.41 -6.64 18.32
N LEU A 14 -6.41 -5.77 18.11
CA LEU A 14 -6.14 -4.44 17.61
C LEU A 14 -5.09 -3.77 18.48
N ASP A 15 -5.21 -3.96 19.78
CA ASP A 15 -4.26 -3.39 20.71
C ASP A 15 -2.87 -3.93 20.39
N GLU A 16 -2.78 -5.22 20.12
CA GLU A 16 -1.51 -5.85 19.80
C GLU A 16 -1.10 -5.53 18.37
N LEU A 17 -2.06 -5.60 17.45
CA LEU A 17 -1.78 -5.31 16.06
C LEU A 17 -1.25 -3.89 15.93
N ARG A 18 -1.81 -2.98 16.72
CA ARG A 18 -1.35 -1.60 16.70
C ARG A 18 0.11 -1.55 17.13
N SER A 19 0.43 -2.25 18.22
CA SER A 19 1.80 -2.29 18.71
C SER A 19 2.69 -3.07 17.74
N ILE A 20 2.19 -4.21 17.27
CA ILE A 20 2.97 -5.03 16.33
C ILE A 20 3.28 -4.24 15.07
N TYR A 21 2.26 -3.60 14.49
CA TYR A 21 2.49 -2.79 13.29
C TYR A 21 3.58 -1.79 13.61
N ARG A 22 3.42 -1.15 14.76
CA ARG A 22 4.38 -0.18 15.24
C ARG A 22 5.76 -0.80 15.36
N THR A 23 5.81 -2.01 15.91
CA THR A 23 7.08 -2.70 16.08
C THR A 23 7.74 -2.95 14.73
N ILE A 24 6.93 -3.32 13.74
CA ILE A 24 7.46 -3.57 12.41
C ILE A 24 8.21 -2.33 11.93
N VAL A 25 7.63 -1.18 12.19
CA VAL A 25 8.22 0.10 11.78
C VAL A 25 9.54 0.36 12.49
N LEU A 26 9.55 0.19 13.80
CA LEU A 26 10.75 0.42 14.59
C LEU A 26 11.87 -0.53 14.20
N GLU A 27 11.52 -1.77 13.94
CA GLU A 27 12.51 -2.78 13.59
C GLU A 27 12.80 -2.78 12.08
N TYR A 28 12.06 -1.99 11.32
CA TYR A 28 12.29 -1.95 9.88
C TYR A 28 13.78 -1.73 9.62
N PHE A 29 14.39 -0.93 10.47
CA PHE A 29 15.81 -0.62 10.35
C PHE A 29 16.62 -1.46 11.35
N ASN A 30 16.01 -2.54 11.81
CA ASN A 30 16.65 -3.44 12.78
C ASN A 30 17.91 -4.07 12.19
N THR A 31 18.87 -4.36 13.07
CA THR A 31 20.10 -5.00 12.62
C THR A 31 19.86 -6.49 12.37
N ASP A 32 19.14 -7.11 13.31
CA ASP A 32 18.84 -8.53 13.19
C ASP A 32 17.56 -8.88 13.97
N ALA A 33 16.66 -7.91 14.13
CA ALA A 33 15.43 -8.15 14.87
C ALA A 33 14.50 -9.05 14.07
N LYS A 34 14.91 -9.39 12.87
CA LYS A 34 14.11 -10.25 12.02
C LYS A 34 12.70 -9.68 11.86
N VAL A 35 12.63 -8.46 11.36
CA VAL A 35 11.34 -7.80 11.16
C VAL A 35 10.33 -8.79 10.61
N ASN A 36 10.83 -9.76 9.85
CA ASN A 36 9.97 -10.76 9.25
C ASN A 36 9.02 -11.35 10.30
N GLU A 37 9.52 -11.53 11.51
CA GLU A 37 8.67 -12.07 12.58
C GLU A 37 7.55 -11.08 12.87
N ARG A 38 7.90 -9.79 12.85
CA ARG A 38 6.91 -8.75 13.09
C ARG A 38 5.89 -8.74 11.95
N ILE A 39 6.41 -8.80 10.73
CA ILE A 39 5.56 -8.82 9.55
C ILE A 39 4.77 -10.12 9.50
N ASP A 40 5.46 -11.21 9.81
CA ASP A 40 4.82 -12.53 9.83
C ASP A 40 3.74 -12.57 10.91
N GLU A 41 4.05 -11.96 12.06
CA GLU A 41 3.10 -11.92 13.17
C GLU A 41 1.88 -11.09 12.80
N PHE A 42 2.14 -9.89 12.28
CA PHE A 42 1.05 -8.99 11.88
C PHE A 42 0.27 -9.62 10.74
N VAL A 43 0.98 -10.16 9.77
CA VAL A 43 0.35 -10.79 8.62
C VAL A 43 -0.52 -11.97 9.05
N SER A 44 0.02 -12.83 9.90
CA SER A 44 -0.72 -14.00 10.36
C SER A 44 -1.95 -13.62 11.17
N LYS A 45 -1.77 -12.76 12.17
CA LYS A 45 -2.88 -12.33 13.02
C LYS A 45 -3.90 -11.51 12.24
N ALA A 46 -3.43 -10.63 11.37
CA ALA A 46 -4.34 -9.80 10.59
C ALA A 46 -5.30 -10.69 9.80
N PHE A 47 -4.75 -11.72 9.18
CA PHE A 47 -5.55 -12.66 8.40
C PHE A 47 -6.52 -13.42 9.30
N PHE A 48 -5.95 -14.09 10.30
CA PHE A 48 -6.73 -14.90 11.22
C PHE A 48 -7.76 -14.06 11.98
N ALA A 49 -7.35 -12.90 12.46
CA ALA A 49 -8.26 -12.03 13.21
C ALA A 49 -9.26 -11.37 12.29
N ASP A 50 -9.29 -11.81 11.03
CA ASP A 50 -10.22 -11.24 10.06
C ASP A 50 -10.15 -9.71 10.08
N ILE A 51 -8.93 -9.19 10.04
CA ILE A 51 -8.73 -7.74 10.05
C ILE A 51 -8.77 -7.19 8.63
N SER A 52 -9.42 -6.04 8.48
CA SER A 52 -9.51 -5.41 7.17
C SER A 52 -8.33 -4.47 6.98
N VAL A 53 -7.96 -4.24 5.73
CA VAL A 53 -6.83 -3.37 5.44
C VAL A 53 -7.08 -1.97 6.00
N SER A 54 -8.35 -1.55 5.99
CA SER A 54 -8.69 -0.21 6.47
C SER A 54 -7.97 0.13 7.76
N GLN A 55 -8.13 -0.68 8.81
CA GLN A 55 -7.45 -0.39 10.06
C GLN A 55 -5.96 -0.30 9.82
N VAL A 56 -5.47 -1.20 8.98
CA VAL A 56 -4.07 -1.19 8.63
C VAL A 56 -3.74 0.16 8.00
N LEU A 57 -4.68 0.60 7.16
CA LEU A 57 -4.56 1.88 6.48
C LEU A 57 -4.75 3.06 7.44
N GLU A 58 -5.82 3.02 8.24
CA GLU A 58 -6.10 4.12 9.16
C GLU A 58 -5.13 4.12 10.34
N ILE A 59 -4.91 2.95 10.94
CA ILE A 59 -3.99 2.86 12.07
C ILE A 59 -2.65 3.44 11.66
N HIS A 60 -2.26 3.15 10.42
CA HIS A 60 -1.00 3.64 9.90
C HIS A 60 -0.94 5.16 9.86
N VAL A 61 -1.96 5.80 9.27
CA VAL A 61 -1.98 7.26 9.16
C VAL A 61 -1.85 7.96 10.52
N GLU A 62 -2.60 7.52 11.52
CA GLU A 62 -2.53 8.15 12.83
C GLU A 62 -1.12 8.06 13.42
N LEU A 63 -0.51 6.89 13.27
CA LEU A 63 0.84 6.68 13.77
C LEU A 63 1.82 7.60 13.05
N MET A 64 1.60 7.81 11.75
CA MET A 64 2.49 8.68 10.98
C MET A 64 2.45 10.08 11.56
N ASP A 65 1.26 10.52 11.95
CA ASP A 65 1.11 11.83 12.56
C ASP A 65 2.00 11.91 13.79
N THR A 66 2.05 10.81 14.51
CA THR A 66 2.86 10.72 15.71
C THR A 66 4.32 11.02 15.39
N PHE A 67 4.83 10.39 14.33
CA PHE A 67 6.21 10.60 13.91
C PHE A 67 6.41 12.03 13.42
N SER A 68 5.59 12.44 12.47
CA SER A 68 5.69 13.78 11.93
C SER A 68 5.54 14.79 13.06
N LYS A 69 4.74 14.44 14.05
CA LYS A 69 4.52 15.31 15.19
C LYS A 69 5.85 15.64 15.86
N GLN A 70 6.65 14.61 16.10
CA GLN A 70 7.96 14.78 16.72
C GLN A 70 8.89 15.59 15.80
N LEU A 71 8.79 15.31 14.51
CA LEU A 71 9.62 15.98 13.52
C LEU A 71 9.32 17.48 13.49
N LYS A 72 8.05 17.85 13.56
CA LYS A 72 7.68 19.27 13.54
C LYS A 72 8.27 20.00 14.74
N LEU A 73 8.07 19.44 15.92
CA LEU A 73 8.56 20.05 17.15
C LEU A 73 10.08 19.95 17.26
N GLU A 74 10.63 18.80 16.87
CA GLU A 74 12.07 18.59 16.94
C GLU A 74 12.76 19.06 15.67
N GLY A 75 12.00 19.17 14.58
CA GLY A 75 12.58 19.61 13.32
C GLY A 75 13.60 18.61 12.81
N ARG A 76 13.15 17.38 12.53
CA ARG A 76 14.04 16.34 12.06
C ARG A 76 13.69 15.93 10.64
N SER A 77 14.71 15.49 9.90
CA SER A 77 14.50 15.06 8.53
C SER A 77 13.25 14.20 8.44
N GLU A 78 12.12 14.83 8.20
CA GLU A 78 10.85 14.12 8.10
C GLU A 78 10.87 13.16 6.92
N ASP A 79 11.97 13.21 6.16
CA ASP A 79 12.11 12.34 5.00
C ASP A 79 12.01 10.87 5.43
N ILE A 80 12.50 10.58 6.63
CA ILE A 80 12.46 9.23 7.16
C ILE A 80 11.05 8.64 7.03
N LEU A 81 10.05 9.51 6.99
CA LEU A 81 8.67 9.05 6.85
C LEU A 81 8.57 8.01 5.74
N LEU A 82 9.59 7.96 4.88
CA LEU A 82 9.60 7.00 3.79
C LEU A 82 9.53 5.57 4.34
N ASP A 83 10.13 5.37 5.50
CA ASP A 83 10.15 4.05 6.11
C ASP A 83 8.74 3.51 6.32
N TYR A 84 7.84 4.40 6.71
CA TYR A 84 6.46 4.00 6.94
C TYR A 84 5.79 3.63 5.62
N ARG A 85 6.14 4.37 4.57
CA ARG A 85 5.59 4.07 3.25
C ARG A 85 6.05 2.67 2.84
N LEU A 86 7.31 2.37 3.18
CA LEU A 86 7.87 1.06 2.88
C LEU A 86 7.23 0.01 3.78
N THR A 87 7.07 0.37 5.05
CA THR A 87 6.49 -0.52 6.04
C THR A 87 4.99 -0.70 5.78
N LEU A 88 4.32 0.40 5.48
CA LEU A 88 2.87 0.37 5.23
C LEU A 88 2.56 -0.41 3.96
N ILE A 89 3.24 -0.11 2.86
CA ILE A 89 3.01 -0.80 1.61
C ILE A 89 3.48 -2.25 1.69
N ASP A 90 4.65 -2.45 2.28
CA ASP A 90 5.21 -3.80 2.41
C ASP A 90 4.31 -4.68 3.28
N VAL A 91 3.80 -4.12 4.37
CA VAL A 91 2.95 -4.88 5.28
C VAL A 91 1.65 -5.29 4.58
N ILE A 92 0.98 -4.33 3.95
CA ILE A 92 -0.26 -4.63 3.25
C ILE A 92 -0.01 -5.62 2.14
N ALA A 93 1.07 -5.40 1.40
CA ALA A 93 1.43 -6.27 0.28
C ALA A 93 1.70 -7.70 0.77
N HIS A 94 2.48 -7.82 1.85
CA HIS A 94 2.81 -9.12 2.38
C HIS A 94 1.54 -9.85 2.84
N LEU A 95 0.73 -9.17 3.63
CA LEU A 95 -0.51 -9.78 4.13
C LEU A 95 -1.53 -9.90 2.99
N CYS A 96 -1.54 -8.95 2.07
CA CYS A 96 -2.47 -9.01 0.94
C CYS A 96 -2.11 -10.22 0.08
N GLU A 97 -0.81 -10.49 -0.04
CA GLU A 97 -0.33 -11.62 -0.81
C GLU A 97 -0.83 -12.93 -0.24
N MET A 98 -0.82 -13.05 1.08
CA MET A 98 -1.28 -14.28 1.71
C MET A 98 -2.76 -14.52 1.38
N TYR A 99 -3.55 -13.46 1.38
CA TYR A 99 -4.98 -13.62 1.06
C TYR A 99 -5.13 -14.24 -0.32
N ARG A 100 -4.33 -13.78 -1.27
CA ARG A 100 -4.37 -14.31 -2.64
C ARG A 100 -4.04 -15.80 -2.67
N ARG A 101 -3.07 -16.19 -1.85
CA ARG A 101 -2.65 -17.59 -1.79
C ARG A 101 -3.71 -18.47 -1.14
N SER A 102 -4.52 -17.88 -0.27
CA SER A 102 -5.55 -18.62 0.44
C SER A 102 -6.80 -18.78 -0.41
N ILE A 103 -6.69 -18.41 -1.69
CA ILE A 103 -7.84 -18.50 -2.59
C ILE A 103 -7.60 -19.56 -3.67
N PRO A 104 -8.14 -20.74 -3.50
CA PRO A 104 -7.97 -21.85 -4.49
C PRO A 104 -8.90 -21.70 -5.69
N ARG A 105 -8.31 -21.36 -6.84
CA ARG A 105 -9.07 -21.20 -8.08
C ARG A 105 -8.55 -22.14 -9.16
N GLU A 106 -9.46 -22.59 -10.02
CA GLU A 106 -9.08 -23.49 -11.10
C GLU A 106 -8.84 -22.70 -12.39
N VAL A 107 -7.80 -23.09 -13.12
CA VAL A 107 -7.47 -22.42 -14.37
C VAL A 107 -6.76 -23.38 -15.32
N ALA B 1 1.92 -24.59 -28.85
CA ALA B 1 1.69 -24.15 -27.44
C ALA B 1 0.24 -24.44 -27.05
N MET B 2 -0.21 -23.84 -25.95
CA MET B 2 -1.57 -24.06 -25.50
C MET B 2 -2.56 -23.43 -26.47
N ALA B 3 -3.84 -23.50 -26.16
CA ALA B 3 -4.85 -22.90 -27.02
C ALA B 3 -4.47 -21.45 -27.26
N ARG B 4 -5.40 -20.68 -27.78
CA ARG B 4 -5.14 -19.27 -28.04
C ARG B 4 -4.49 -18.63 -26.82
N MET B 5 -4.60 -19.31 -25.68
CA MET B 5 -4.05 -18.79 -24.43
C MET B 5 -2.53 -18.62 -24.49
N SER B 6 -2.10 -17.49 -25.05
CA SER B 6 -0.68 -17.19 -25.14
C SER B 6 -0.28 -16.15 -24.09
N PRO B 7 1.00 -15.99 -23.89
CA PRO B 7 1.53 -15.01 -22.89
C PRO B 7 1.38 -13.57 -23.34
N ALA B 8 1.13 -13.37 -24.63
CA ALA B 8 0.97 -12.03 -25.17
C ALA B 8 -0.24 -11.34 -24.55
N ASP B 9 -1.36 -12.06 -24.46
CA ASP B 9 -2.55 -11.48 -23.87
C ASP B 9 -2.24 -10.94 -22.49
N LYS B 10 -1.43 -11.69 -21.74
CA LYS B 10 -1.03 -11.28 -20.42
C LYS B 10 -0.28 -9.95 -20.51
N ARG B 11 0.64 -9.87 -21.47
CA ARG B 11 1.39 -8.64 -21.67
C ARG B 11 0.45 -7.53 -22.09
N LYS B 12 -0.52 -7.87 -22.93
CA LYS B 12 -1.50 -6.89 -23.36
C LYS B 12 -2.16 -6.32 -22.13
N LEU B 13 -2.49 -7.21 -21.20
CA LEU B 13 -3.07 -6.80 -19.94
C LEU B 13 -2.11 -5.88 -19.23
N LEU B 14 -0.90 -6.38 -18.99
CA LEU B 14 0.13 -5.58 -18.33
C LEU B 14 0.28 -4.26 -19.06
N ASP B 15 0.26 -4.32 -20.38
CA ASP B 15 0.38 -3.11 -21.18
C ASP B 15 -0.76 -2.16 -20.84
N GLU B 16 -1.96 -2.72 -20.71
CA GLU B 16 -3.13 -1.92 -20.37
C GLU B 16 -3.14 -1.56 -18.89
N LEU B 17 -2.81 -2.54 -18.04
CA LEU B 17 -2.78 -2.31 -16.62
C LEU B 17 -1.80 -1.20 -16.30
N ARG B 18 -0.67 -1.19 -17.02
CA ARG B 18 0.33 -0.16 -16.82
C ARG B 18 -0.29 1.21 -17.15
N SER B 19 -0.98 1.29 -18.28
CA SER B 19 -1.63 2.52 -18.70
C SER B 19 -2.80 2.84 -17.77
N ILE B 20 -3.60 1.83 -17.45
CA ILE B 20 -4.73 2.03 -16.56
C ILE B 20 -4.27 2.54 -15.21
N TYR B 21 -3.28 1.88 -14.62
CA TYR B 21 -2.76 2.33 -13.33
C TYR B 21 -2.36 3.78 -13.47
N ARG B 22 -1.65 4.05 -14.54
CA ARG B 22 -1.20 5.39 -14.86
C ARG B 22 -2.39 6.35 -14.97
N THR B 23 -3.44 5.88 -15.64
CA THR B 23 -4.64 6.71 -15.80
C THR B 23 -5.25 7.03 -14.45
N ILE B 24 -5.27 6.05 -13.57
CA ILE B 24 -5.83 6.25 -12.23
C ILE B 24 -5.13 7.43 -11.57
N VAL B 25 -3.81 7.48 -11.74
CA VAL B 25 -3.00 8.54 -11.16
C VAL B 25 -3.34 9.90 -11.75
N LEU B 26 -3.40 9.98 -13.07
CA LEU B 26 -3.70 11.22 -13.76
C LEU B 26 -5.09 11.73 -13.40
N GLU B 27 -6.05 10.81 -13.30
CA GLU B 27 -7.41 11.18 -12.99
C GLU B 27 -7.66 11.28 -11.50
N TYR B 28 -6.67 10.92 -10.69
CA TYR B 28 -6.84 10.98 -9.24
C TYR B 28 -7.36 12.36 -8.87
N PHE B 29 -6.88 13.37 -9.59
CA PHE B 29 -7.29 14.75 -9.35
C PHE B 29 -8.33 15.19 -10.37
N ASN B 30 -8.96 14.19 -11.00
CA ASN B 30 -9.99 14.45 -12.01
C ASN B 30 -11.18 15.20 -11.42
N THR B 31 -11.83 16.01 -12.25
CA THR B 31 -12.99 16.75 -11.81
C THR B 31 -14.20 15.83 -11.75
N ASP B 32 -14.36 15.01 -12.79
CA ASP B 32 -15.47 14.07 -12.85
C ASP B 32 -15.13 12.88 -13.74
N ALA B 33 -13.84 12.55 -13.84
CA ALA B 33 -13.43 11.43 -14.69
C ALA B 33 -13.83 10.11 -14.05
N LYS B 34 -14.42 10.19 -12.87
CA LYS B 34 -14.86 8.99 -12.18
C LYS B 34 -13.71 7.99 -12.03
N VAL B 35 -12.62 8.45 -11.41
CA VAL B 35 -11.45 7.60 -11.22
C VAL B 35 -11.89 6.19 -10.84
N ASN B 36 -13.04 6.11 -10.17
CA ASN B 36 -13.56 4.82 -9.73
C ASN B 36 -13.56 3.83 -10.90
N GLU B 37 -13.87 4.30 -12.09
CA GLU B 37 -13.87 3.43 -13.26
C GLU B 37 -12.46 2.93 -13.51
N ARG B 38 -11.49 3.81 -13.32
CA ARG B 38 -10.09 3.45 -13.51
C ARG B 38 -9.68 2.44 -12.45
N ILE B 39 -10.07 2.74 -11.21
CA ILE B 39 -9.77 1.85 -10.09
C ILE B 39 -10.55 0.56 -10.23
N ASP B 40 -11.81 0.70 -10.63
CA ASP B 40 -12.66 -0.47 -10.82
C ASP B 40 -12.11 -1.33 -11.96
N GLU B 41 -11.65 -0.65 -13.02
CA GLU B 41 -11.09 -1.35 -14.17
C GLU B 41 -9.81 -2.08 -13.79
N PHE B 42 -8.91 -1.36 -13.13
CA PHE B 42 -7.65 -1.95 -12.70
C PHE B 42 -7.91 -3.06 -11.69
N VAL B 43 -8.78 -2.77 -10.75
CA VAL B 43 -9.12 -3.74 -9.72
C VAL B 43 -9.72 -5.01 -10.32
N SER B 44 -10.67 -4.84 -11.22
CA SER B 44 -11.33 -5.99 -11.86
C SER B 44 -10.36 -6.80 -12.70
N LYS B 45 -9.62 -6.13 -13.58
CA LYS B 45 -8.67 -6.83 -14.44
C LYS B 45 -7.52 -7.44 -13.65
N ALA B 46 -7.02 -6.71 -12.66
CA ALA B 46 -5.91 -7.21 -11.85
C ALA B 46 -6.31 -8.54 -11.23
N PHE B 47 -7.52 -8.60 -10.68
CA PHE B 47 -8.01 -9.82 -10.06
C PHE B 47 -8.17 -10.93 -11.10
N PHE B 48 -8.97 -10.63 -12.13
CA PHE B 48 -9.24 -11.60 -13.18
C PHE B 48 -7.97 -12.04 -13.90
N ALA B 49 -7.11 -11.09 -14.22
CA ALA B 49 -5.87 -11.41 -14.93
C ALA B 49 -4.87 -12.09 -14.01
N ASP B 50 -5.33 -12.45 -12.81
CA ASP B 50 -4.46 -13.11 -11.85
C ASP B 50 -3.15 -12.35 -11.69
N ILE B 51 -3.27 -11.03 -11.52
CA ILE B 51 -2.10 -10.19 -11.36
C ILE B 51 -1.68 -10.12 -9.89
N SER B 52 -0.37 -10.18 -9.65
CA SER B 52 0.14 -10.11 -8.29
C SER B 52 0.40 -8.66 -7.93
N VAL B 53 0.34 -8.35 -6.64
CA VAL B 53 0.56 -6.99 -6.19
C VAL B 53 1.95 -6.51 -6.60
N SER B 54 2.91 -7.43 -6.63
CA SER B 54 4.28 -7.08 -6.98
C SER B 54 4.34 -6.14 -8.18
N GLN B 55 3.78 -6.54 -9.31
CA GLN B 55 3.79 -5.67 -10.48
C GLN B 55 3.15 -4.35 -10.14
N VAL B 56 2.07 -4.42 -9.37
CA VAL B 56 1.40 -3.22 -8.94
C VAL B 56 2.40 -2.38 -8.15
N LEU B 57 3.17 -3.08 -7.33
CA LEU B 57 4.20 -2.46 -6.50
C LEU B 57 5.39 -1.98 -7.33
N GLU B 58 5.91 -2.86 -8.19
CA GLU B 58 7.07 -2.50 -9.01
C GLU B 58 6.69 -1.53 -10.12
N ILE B 59 5.60 -1.81 -10.82
CA ILE B 59 5.17 -0.92 -11.89
C ILE B 59 5.03 0.48 -11.35
N HIS B 60 4.50 0.56 -10.13
CA HIS B 60 4.31 1.84 -9.47
C HIS B 60 5.63 2.60 -9.28
N VAL B 61 6.62 1.92 -8.69
CA VAL B 61 7.91 2.57 -8.41
C VAL B 61 8.57 3.16 -9.67
N GLU B 62 8.59 2.39 -10.76
CA GLU B 62 9.21 2.88 -11.98
C GLU B 62 8.50 4.14 -12.48
N LEU B 63 7.17 4.12 -12.43
CA LEU B 63 6.39 5.27 -12.87
C LEU B 63 6.69 6.49 -11.98
N MET B 64 6.89 6.25 -10.68
CA MET B 64 7.20 7.35 -9.78
C MET B 64 8.48 8.03 -10.21
N ASP B 65 9.45 7.22 -10.61
CA ASP B 65 10.72 7.76 -11.07
C ASP B 65 10.46 8.71 -12.23
N THR B 66 9.51 8.32 -13.08
CA THR B 66 9.14 9.12 -14.23
C THR B 66 8.69 10.51 -13.78
N PHE B 67 7.84 10.56 -12.76
CA PHE B 67 7.34 11.83 -12.25
C PHE B 67 8.47 12.62 -11.59
N SER B 68 9.15 11.97 -10.65
CA SER B 68 10.25 12.63 -9.95
C SER B 68 11.29 13.08 -10.97
N LYS B 69 11.42 12.32 -12.05
CA LYS B 69 12.38 12.65 -13.10
C LYS B 69 12.08 14.04 -13.64
N GLN B 70 10.81 14.29 -13.94
CA GLN B 70 10.40 15.60 -14.47
C GLN B 70 10.61 16.68 -13.41
N LEU B 71 10.33 16.34 -12.16
CA LEU B 71 10.46 17.27 -11.05
C LEU B 71 11.92 17.69 -10.87
N LYS B 72 12.85 16.75 -10.98
CA LYS B 72 14.27 17.08 -10.82
C LYS B 72 14.72 18.06 -11.90
N LEU B 73 14.39 17.75 -13.15
CA LEU B 73 14.78 18.60 -14.27
C LEU B 73 13.99 19.90 -14.29
N GLU B 74 12.70 19.81 -14.00
CA GLU B 74 11.84 20.99 -14.00
C GLU B 74 11.85 21.68 -12.64
N GLY B 75 12.23 20.95 -11.61
CA GLY B 75 12.26 21.53 -10.26
C GLY B 75 10.86 21.92 -9.81
N ARG B 76 9.98 20.92 -9.70
CA ARG B 76 8.60 21.18 -9.29
C ARG B 76 8.30 20.53 -7.95
N SER B 77 7.40 21.15 -7.19
CA SER B 77 7.02 20.62 -5.89
C SER B 77 6.84 19.10 -5.98
N GLU B 78 7.93 18.38 -5.75
CA GLU B 78 7.88 16.93 -5.81
C GLU B 78 6.93 16.38 -4.73
N ASP B 79 6.41 17.28 -3.92
CA ASP B 79 5.50 16.89 -2.85
C ASP B 79 4.29 16.17 -3.44
N ILE B 80 3.89 16.59 -4.63
CA ILE B 80 2.75 15.98 -5.31
C ILE B 80 2.88 14.47 -5.33
N LEU B 81 4.11 13.98 -5.25
CA LEU B 81 4.34 12.54 -5.26
C LEU B 81 3.40 11.86 -4.27
N LEU B 82 2.82 12.63 -3.37
CA LEU B 82 1.89 12.09 -2.39
C LEU B 82 0.71 11.42 -3.10
N ASP B 83 0.31 11.98 -4.23
CA ASP B 83 -0.82 11.46 -4.98
C ASP B 83 -0.60 9.99 -5.34
N TYR B 84 0.63 9.65 -5.68
CA TYR B 84 0.93 8.27 -6.04
C TYR B 84 0.84 7.38 -4.81
N ARG B 85 1.25 7.90 -3.66
CA ARG B 85 1.15 7.15 -2.42
C ARG B 85 -0.32 6.87 -2.15
N LEU B 86 -1.16 7.87 -2.43
CA LEU B 86 -2.59 7.73 -2.24
C LEU B 86 -3.16 6.79 -3.30
N THR B 87 -2.68 6.95 -4.52
CA THR B 87 -3.12 6.12 -5.64
C THR B 87 -2.60 4.69 -5.49
N LEU B 88 -1.34 4.57 -5.12
CA LEU B 88 -0.71 3.26 -4.96
C LEU B 88 -1.34 2.48 -3.81
N ILE B 89 -1.46 3.11 -2.65
CA ILE B 89 -2.04 2.45 -1.49
C ILE B 89 -3.53 2.22 -1.69
N ASP B 90 -4.22 3.22 -2.24
CA ASP B 90 -5.65 3.10 -2.48
C ASP B 90 -5.96 2.00 -3.49
N VAL B 91 -5.15 1.92 -4.55
CA VAL B 91 -5.35 0.91 -5.58
C VAL B 91 -5.16 -0.50 -5.02
N ILE B 92 -4.04 -0.71 -4.33
CA ILE B 92 -3.77 -2.01 -3.75
C ILE B 92 -4.84 -2.37 -2.73
N ALA B 93 -5.21 -1.39 -1.91
CA ALA B 93 -6.22 -1.59 -0.88
C ALA B 93 -7.56 -1.96 -1.50
N HIS B 94 -7.96 -1.22 -2.53
CA HIS B 94 -9.23 -1.48 -3.19
C HIS B 94 -9.25 -2.87 -3.79
N LEU B 95 -8.21 -3.20 -4.56
CA LEU B 95 -8.14 -4.51 -5.19
C LEU B 95 -7.84 -5.59 -4.15
N CYS B 96 -7.06 -5.25 -3.12
CA CYS B 96 -6.76 -6.20 -2.06
C CYS B 96 -8.05 -6.55 -1.33
N GLU B 97 -8.90 -5.55 -1.16
CA GLU B 97 -10.18 -5.72 -0.48
C GLU B 97 -11.06 -6.71 -1.23
N MET B 98 -11.08 -6.61 -2.55
CA MET B 98 -11.90 -7.51 -3.34
C MET B 98 -11.45 -8.96 -3.13
N TYR B 99 -10.14 -9.19 -3.07
CA TYR B 99 -9.63 -10.54 -2.85
C TYR B 99 -10.21 -11.11 -1.56
N ARG B 100 -10.25 -10.28 -0.52
CA ARG B 100 -10.78 -10.71 0.77
C ARG B 100 -12.25 -11.12 0.66
N ARG B 101 -13.00 -10.36 -0.13
CA ARG B 101 -14.42 -10.63 -0.31
C ARG B 101 -14.66 -11.89 -1.13
N SER B 102 -13.69 -12.23 -1.97
CA SER B 102 -13.82 -13.41 -2.82
C SER B 102 -13.43 -14.68 -2.07
N ILE B 103 -13.25 -14.56 -0.76
CA ILE B 103 -12.85 -15.70 0.05
C ILE B 103 -13.96 -16.09 1.02
N PRO B 104 -14.74 -17.09 0.69
CA PRO B 104 -15.86 -17.56 1.56
C PRO B 104 -15.38 -18.43 2.72
N ARG B 105 -15.44 -17.88 3.93
CA ARG B 105 -15.03 -18.61 5.12
C ARG B 105 -16.17 -18.70 6.13
N GLU B 106 -16.21 -19.80 6.87
CA GLU B 106 -17.24 -19.99 7.87
C GLU B 106 -16.75 -19.55 9.25
N VAL B 107 -17.63 -18.90 10.00
CA VAL B 107 -17.28 -18.43 11.34
C VAL B 107 -18.52 -18.34 12.22
N ALA C 1 11.77 17.37 -23.47
CA ALA C 1 12.43 16.29 -24.23
C ALA C 1 11.50 15.82 -25.36
N MET C 2 10.19 15.94 -25.13
CA MET C 2 9.22 15.52 -26.13
C MET C 2 9.55 14.12 -26.64
N ALA C 3 10.49 13.47 -25.97
CA ALA C 3 10.90 12.13 -26.36
C ALA C 3 9.92 11.09 -25.80
N GLY C 4 8.93 11.55 -25.05
CA GLY C 4 7.95 10.63 -24.47
C GLY C 4 7.92 10.77 -22.95
N ILE C 5 7.30 11.84 -22.47
CA ILE C 5 7.20 12.08 -21.03
C ILE C 5 5.80 11.76 -20.53
N ILE C 6 5.73 11.15 -19.35
CA ILE C 6 4.44 10.78 -18.77
C ILE C 6 3.62 12.01 -18.41
N SER C 7 2.33 11.97 -18.72
CA SER C 7 1.44 13.09 -18.43
C SER C 7 1.26 13.26 -16.92
N GLY C 8 0.74 14.41 -16.52
CA GLY C 8 0.52 14.68 -15.10
C GLY C 8 0.28 16.17 -14.87
N THR C 9 -0.04 16.51 -13.63
CA THR C 9 -0.28 17.89 -13.28
C THR C 9 0.58 18.30 -12.08
N PRO C 10 1.83 17.89 -12.07
CA PRO C 10 2.78 18.23 -10.98
C PRO C 10 2.66 19.67 -10.52
N THR C 11 2.82 19.90 -9.22
CA THR C 11 2.74 21.25 -8.66
C THR C 11 1.30 21.77 -8.69
N ARG C 12 0.33 20.86 -8.62
CA ARG C 12 -1.07 21.26 -8.63
C ARG C 12 -1.64 21.26 -7.22
N ILE C 13 -1.00 20.50 -6.33
CA ILE C 13 -1.46 20.40 -4.96
C ILE C 13 -0.36 20.78 -3.98
N SER C 14 -0.71 21.58 -2.98
CA SER C 14 0.27 21.97 -1.97
C SER C 14 0.19 21.01 -0.79
N VAL C 15 1.11 20.05 -0.77
CA VAL C 15 1.11 19.05 0.30
C VAL C 15 2.46 18.99 1.02
N ASP C 16 2.43 18.51 2.25
CA ASP C 16 3.66 18.39 3.05
C ASP C 16 3.38 17.69 4.38
N GLU C 17 4.28 16.78 4.76
CA GLU C 17 4.14 16.06 6.02
C GLU C 17 2.80 15.32 6.10
N LYS C 18 2.87 14.03 6.41
CA LYS C 18 1.68 13.18 6.53
C LYS C 18 0.54 13.74 5.71
N THR C 19 0.85 14.32 4.56
CA THR C 19 -0.19 14.87 3.70
C THR C 19 -1.14 13.77 3.28
N GLU C 20 -2.44 14.09 3.25
CA GLU C 20 -3.47 13.13 2.87
C GLU C 20 -2.88 11.77 2.50
N LEU C 21 -3.21 10.76 3.28
CA LEU C 21 -2.69 9.42 3.01
C LEU C 21 -3.85 8.42 2.96
N ALA C 22 -3.79 7.40 3.80
CA ALA C 22 -4.84 6.38 3.83
C ALA C 22 -6.11 6.93 4.49
N ARG C 23 -6.01 8.15 5.00
CA ARG C 23 -7.15 8.79 5.66
C ARG C 23 -8.47 8.31 5.08
N ILE C 24 -8.46 7.94 3.81
CA ILE C 24 -9.68 7.49 3.14
C ILE C 24 -10.17 6.17 3.71
N ALA C 25 -9.30 5.45 4.41
CA ALA C 25 -9.68 4.17 5.01
C ALA C 25 -10.18 3.19 3.94
N LYS C 26 -10.61 3.71 2.79
CA LYS C 26 -11.12 2.88 1.72
C LYS C 26 -12.49 2.30 2.08
N GLY C 27 -12.84 2.38 3.36
CA GLY C 27 -14.13 1.88 3.82
C GLY C 27 -14.08 0.38 4.07
N MET C 28 -12.92 -0.09 4.51
CA MET C 28 -12.74 -1.51 4.78
C MET C 28 -12.93 -1.81 6.27
N GLN C 29 -13.00 -0.75 7.09
CA GLN C 29 -13.20 -0.92 8.52
C GLN C 29 -14.67 -0.71 8.90
N ASP C 30 -15.36 -1.81 9.18
CA ASP C 30 -16.78 -1.75 9.56
C ASP C 30 -17.38 -3.16 9.55
N LEU C 31 -17.02 -3.95 10.56
CA LEU C 31 -17.53 -5.31 10.66
C LEU C 31 -18.74 -5.40 11.59
N GLU C 32 -19.75 -6.14 11.17
CA GLU C 32 -20.95 -6.32 11.98
C GLU C 32 -20.59 -6.98 13.31
N SER C 33 -21.30 -6.59 14.37
CA SER C 33 -21.04 -7.18 15.68
C SER C 33 -21.57 -8.61 15.75
N GLU C 34 -20.84 -9.48 16.43
CA GLU C 34 -21.25 -10.88 16.56
C GLU C 34 -22.00 -11.10 17.88
N ALA D 1 8.34 15.82 25.95
CA ALA D 1 7.03 15.82 26.64
C ALA D 1 6.98 14.67 27.65
N MET D 2 7.71 13.59 27.34
CA MET D 2 7.74 12.43 28.23
C MET D 2 6.33 12.02 28.61
N ALA D 3 5.35 12.63 27.94
CA ALA D 3 3.94 12.32 28.20
C ALA D 3 3.52 11.05 27.48
N GLY D 4 4.43 10.46 26.72
CA GLY D 4 4.13 9.24 25.98
C GLY D 4 4.36 9.44 24.49
N ILE D 5 5.63 9.44 24.07
CA ILE D 5 5.97 9.63 22.66
C ILE D 5 6.36 8.30 22.04
N ILE D 6 5.94 8.09 20.79
CA ILE D 6 6.25 6.84 20.10
C ILE D 6 7.74 6.73 19.81
N SER D 7 8.29 5.54 20.03
CA SER D 7 9.71 5.29 19.80
C SER D 7 10.04 5.38 18.31
N GLY D 8 11.33 5.49 18.00
CA GLY D 8 11.76 5.58 16.60
C GLY D 8 13.18 6.09 16.51
N THR D 9 13.71 6.09 15.30
CA THR D 9 15.07 6.56 15.08
C THR D 9 15.10 7.63 13.99
N PRO D 10 14.15 8.54 14.03
CA PRO D 10 14.07 9.66 13.04
C PRO D 10 15.44 10.26 12.73
N THR D 11 15.64 10.66 11.48
CA THR D 11 16.90 11.26 11.06
C THR D 11 18.03 10.24 11.05
N ARG D 12 17.68 8.97 10.80
CA ARG D 12 18.70 7.91 10.77
C ARG D 12 19.05 7.57 9.33
N ILE D 13 18.13 7.88 8.42
CA ILE D 13 18.35 7.57 7.01
C ILE D 13 18.22 8.83 6.15
N SER D 14 19.15 9.00 5.23
CA SER D 14 19.11 10.15 4.32
C SER D 14 18.37 9.77 3.06
N VAL D 15 17.10 10.14 2.99
CA VAL D 15 16.28 9.81 1.83
C VAL D 15 15.64 11.04 1.20
N ASP D 16 15.30 10.93 -0.09
CA ASP D 16 14.67 12.04 -0.79
C ASP D 16 14.26 11.62 -2.20
N GLU D 17 13.07 12.04 -2.62
CA GLU D 17 12.58 11.72 -3.96
C GLU D 17 12.55 10.21 -4.22
N LYS D 18 11.40 9.71 -4.65
CA LYS D 18 11.23 8.29 -4.94
C LYS D 18 12.20 7.44 -4.14
N THR D 19 12.49 7.86 -2.92
CA THR D 19 13.41 7.10 -2.08
C THR D 19 12.86 5.70 -1.84
N GLU D 20 13.75 4.71 -1.86
CA GLU D 20 13.36 3.32 -1.66
C GLU D 20 11.87 3.19 -1.40
N LEU D 21 11.16 2.51 -2.31
CA LEU D 21 9.74 2.31 -2.15
C LEU D 21 9.39 0.83 -2.27
N ALA D 22 8.51 0.50 -3.21
CA ALA D 22 8.11 -0.88 -3.42
C ALA D 22 9.23 -1.68 -4.09
N ARG D 23 10.29 -0.98 -4.47
CA ARG D 23 11.43 -1.61 -5.14
C ARG D 23 11.59 -3.07 -4.71
N ILE D 24 11.18 -3.36 -3.48
CA ILE D 24 11.31 -4.72 -2.94
C ILE D 24 10.42 -5.69 -3.69
N ALA D 25 9.41 -5.18 -4.39
CA ALA D 25 8.50 -6.04 -5.15
C ALA D 25 7.81 -7.06 -4.23
N LYS D 26 8.39 -7.31 -3.07
CA LYS D 26 7.82 -8.27 -2.11
C LYS D 26 7.99 -9.70 -2.64
N GLY D 27 8.30 -9.83 -3.92
CA GLY D 27 8.49 -11.15 -4.52
C GLY D 27 7.16 -11.76 -4.92
N MET D 28 6.23 -10.91 -5.33
CA MET D 28 4.91 -11.38 -5.74
C MET D 28 4.83 -11.51 -7.26
N GLN D 29 5.85 -11.01 -7.96
CA GLN D 29 5.87 -11.10 -9.41
C GLN D 29 6.78 -12.25 -9.86
N ASP D 30 6.15 -13.34 -10.31
CA ASP D 30 6.88 -14.51 -10.77
C ASP D 30 5.93 -15.69 -10.95
N LEU D 31 5.12 -15.64 -12.02
CA LEU D 31 4.16 -16.71 -12.28
C LEU D 31 4.71 -17.70 -13.30
N GLU D 32 4.50 -18.98 -13.04
CA GLU D 32 4.96 -20.03 -13.95
C GLU D 32 4.29 -19.88 -15.31
N SER D 33 5.03 -20.20 -16.36
CA SER D 33 4.47 -20.11 -17.72
C SER D 33 3.46 -21.22 -17.97
N GLU D 34 2.39 -20.90 -18.69
CA GLU D 34 1.36 -21.90 -18.99
C GLU D 34 1.60 -22.51 -20.36
N ALA A 1 -26.51 -16.10 21.37
CA ALA A 1 -25.55 -15.67 22.42
C ALA A 1 -24.41 -16.67 22.53
N MET A 2 -23.26 -16.32 21.97
CA MET A 2 -22.10 -17.20 22.01
C MET A 2 -21.45 -17.17 23.38
N ALA A 3 -20.33 -17.88 23.53
CA ALA A 3 -19.64 -17.92 24.80
C ALA A 3 -19.08 -16.55 25.14
N ARG A 4 -19.62 -15.95 26.20
CA ARG A 4 -19.19 -14.63 26.66
C ARG A 4 -18.15 -14.02 25.71
N MET A 5 -18.54 -13.83 24.45
CA MET A 5 -17.64 -13.26 23.45
C MET A 5 -17.85 -11.75 23.36
N SER A 6 -16.85 -10.98 23.80
CA SER A 6 -16.94 -9.53 23.76
C SER A 6 -16.08 -8.96 22.62
N PRO A 7 -16.30 -7.72 22.30
CA PRO A 7 -15.55 -7.02 21.23
C PRO A 7 -14.17 -6.59 21.70
N ALA A 8 -13.99 -6.60 23.02
CA ALA A 8 -12.70 -6.21 23.60
C ALA A 8 -11.58 -7.06 23.00
N ASP A 9 -11.86 -8.33 22.76
CA ASP A 9 -10.86 -9.21 22.18
C ASP A 9 -10.38 -8.62 20.86
N LYS A 10 -11.32 -8.08 20.09
CA LYS A 10 -10.98 -7.47 18.82
C LYS A 10 -10.09 -6.25 19.07
N ARG A 11 -10.54 -5.38 19.97
CA ARG A 11 -9.77 -4.20 20.32
C ARG A 11 -8.42 -4.64 20.86
N LYS A 12 -8.42 -5.73 21.62
CA LYS A 12 -7.18 -6.25 22.15
C LYS A 12 -6.25 -6.53 20.99
N LEU A 13 -6.80 -7.19 19.98
CA LEU A 13 -6.04 -7.47 18.77
C LEU A 13 -5.59 -6.15 18.17
N LEU A 14 -6.55 -5.27 17.93
CA LEU A 14 -6.21 -3.97 17.37
C LEU A 14 -5.13 -3.32 18.22
N ASP A 15 -5.30 -3.43 19.53
CA ASP A 15 -4.33 -2.87 20.45
C ASP A 15 -2.97 -3.51 20.20
N GLU A 16 -2.97 -4.83 20.03
CA GLU A 16 -1.72 -5.55 19.78
C GLU A 16 -1.24 -5.31 18.36
N LEU A 17 -2.17 -5.39 17.40
CA LEU A 17 -1.83 -5.17 16.01
C LEU A 17 -1.23 -3.78 15.84
N ARG A 18 -1.79 -2.80 16.56
CA ARG A 18 -1.27 -1.45 16.49
C ARG A 18 0.18 -1.44 16.95
N SER A 19 0.45 -2.10 18.07
CA SER A 19 1.81 -2.17 18.60
C SER A 19 2.67 -3.04 17.68
N ILE A 20 2.13 -4.17 17.24
CA ILE A 20 2.87 -5.05 16.35
C ILE A 20 3.24 -4.29 15.09
N TYR A 21 2.26 -3.59 14.51
CA TYR A 21 2.53 -2.80 13.31
C TYR A 21 3.67 -1.85 13.62
N ARG A 22 3.54 -1.19 14.75
CA ARG A 22 4.55 -0.25 15.20
C ARG A 22 5.91 -0.93 15.31
N THR A 23 5.93 -2.12 15.90
CA THR A 23 7.18 -2.87 16.05
C THR A 23 7.76 -3.18 14.68
N ILE A 24 6.89 -3.54 13.74
CA ILE A 24 7.35 -3.86 12.39
C ILE A 24 8.15 -2.69 11.82
N VAL A 25 7.64 -1.48 12.05
CA VAL A 25 8.29 -0.27 11.56
C VAL A 25 9.66 -0.06 12.21
N LEU A 26 9.73 -0.23 13.52
CA LEU A 26 10.97 -0.03 14.24
C LEU A 26 12.06 -0.99 13.77
N GLU A 27 11.65 -2.22 13.46
CA GLU A 27 12.60 -3.24 13.04
C GLU A 27 12.81 -3.24 11.52
N TYR A 28 12.07 -2.41 10.80
CA TYR A 28 12.22 -2.39 9.35
C TYR A 28 13.70 -2.20 8.99
N PHE A 29 14.41 -1.42 9.79
CA PHE A 29 15.83 -1.19 9.55
C PHE A 29 16.67 -2.01 10.52
N ASN A 30 16.04 -2.97 11.19
CA ASN A 30 16.73 -3.82 12.14
C ASN A 30 17.99 -4.41 11.52
N THR A 31 19.04 -4.51 12.33
CA THR A 31 20.29 -5.07 11.85
C THR A 31 20.29 -6.59 11.94
N ASP A 32 19.48 -7.12 12.86
CA ASP A 32 19.41 -8.57 13.02
C ASP A 32 18.00 -9.05 13.37
N ALA A 33 17.06 -8.12 13.53
CA ALA A 33 15.69 -8.51 13.88
C ALA A 33 14.93 -8.98 12.66
N LYS A 34 14.38 -10.19 12.72
CA LYS A 34 13.62 -10.71 11.61
C LYS A 34 12.25 -10.05 11.58
N VAL A 35 12.18 -8.87 10.96
CA VAL A 35 10.93 -8.14 10.87
C VAL A 35 9.84 -9.05 10.36
N ASN A 36 10.24 -10.02 9.55
CA ASN A 36 9.31 -10.98 9.00
C ASN A 36 8.47 -11.57 10.12
N GLU A 37 9.09 -11.79 11.27
CA GLU A 37 8.37 -12.32 12.42
C GLU A 37 7.29 -11.33 12.83
N ARG A 38 7.62 -10.05 12.76
CA ARG A 38 6.67 -9.01 13.11
C ARG A 38 5.56 -8.97 12.07
N ILE A 39 5.97 -9.00 10.81
CA ILE A 39 5.04 -8.99 9.69
C ILE A 39 4.17 -10.24 9.71
N ASP A 40 4.81 -11.39 9.95
CA ASP A 40 4.08 -12.64 10.02
C ASP A 40 3.07 -12.59 11.15
N GLU A 41 3.47 -11.99 12.27
CA GLU A 41 2.59 -11.87 13.43
C GLU A 41 1.38 -11.01 13.07
N PHE A 42 1.66 -9.88 12.45
CA PHE A 42 0.60 -8.96 12.04
C PHE A 42 -0.23 -9.58 10.94
N VAL A 43 0.44 -10.14 9.94
CA VAL A 43 -0.24 -10.77 8.82
C VAL A 43 -1.10 -11.94 9.26
N SER A 44 -0.52 -12.81 10.08
CA SER A 44 -1.25 -13.98 10.57
C SER A 44 -2.47 -13.57 11.39
N LYS A 45 -2.28 -12.67 12.33
CA LYS A 45 -3.39 -12.22 13.17
C LYS A 45 -4.38 -11.40 12.36
N ALA A 46 -3.88 -10.51 11.51
CA ALA A 46 -4.75 -9.67 10.70
C ALA A 46 -5.70 -10.54 9.88
N PHE A 47 -5.17 -11.59 9.28
CA PHE A 47 -5.99 -12.50 8.49
C PHE A 47 -7.04 -13.16 9.38
N PHE A 48 -6.57 -13.73 10.48
CA PHE A 48 -7.44 -14.41 11.43
C PHE A 48 -8.45 -13.47 12.07
N ALA A 49 -7.97 -12.30 12.52
CA ALA A 49 -8.87 -11.33 13.16
C ALA A 49 -9.74 -10.62 12.13
N ASP A 50 -9.60 -11.02 10.87
CA ASP A 50 -10.39 -10.41 9.81
C ASP A 50 -10.18 -8.90 9.79
N ILE A 51 -8.92 -8.48 9.84
CA ILE A 51 -8.60 -7.05 9.83
C ILE A 51 -8.60 -6.51 8.41
N SER A 52 -9.53 -5.60 8.14
CA SER A 52 -9.59 -5.00 6.81
C SER A 52 -8.35 -4.13 6.62
N VAL A 53 -7.95 -3.94 5.39
CA VAL A 53 -6.78 -3.12 5.12
C VAL A 53 -6.97 -1.73 5.72
N SER A 54 -8.22 -1.28 5.74
CA SER A 54 -8.55 0.05 6.26
C SER A 54 -7.81 0.36 7.56
N GLN A 55 -8.04 -0.43 8.61
CA GLN A 55 -7.35 -0.16 9.87
C GLN A 55 -5.86 -0.11 9.63
N VAL A 56 -5.38 -1.00 8.78
CA VAL A 56 -3.98 -1.02 8.45
C VAL A 56 -3.65 0.32 7.81
N LEU A 57 -4.58 0.78 6.96
CA LEU A 57 -4.43 2.06 6.28
C LEU A 57 -4.63 3.23 7.24
N GLU A 58 -5.72 3.19 8.00
CA GLU A 58 -6.03 4.26 8.94
C GLU A 58 -5.01 4.30 10.09
N ILE A 59 -4.75 3.14 10.69
CA ILE A 59 -3.79 3.07 11.78
C ILE A 59 -2.44 3.63 11.33
N HIS A 60 -2.08 3.33 10.10
CA HIS A 60 -0.81 3.79 9.54
C HIS A 60 -0.71 5.32 9.55
N VAL A 61 -1.73 5.99 9.05
CA VAL A 61 -1.73 7.45 8.98
C VAL A 61 -1.54 8.08 10.36
N GLU A 62 -2.20 7.52 11.37
CA GLU A 62 -2.11 8.07 12.72
C GLU A 62 -0.70 7.94 13.31
N LEU A 63 -0.09 6.76 13.20
CA LEU A 63 1.24 6.54 13.75
C LEU A 63 2.28 7.41 13.03
N MET A 64 2.21 7.48 11.72
CA MET A 64 3.15 8.31 10.97
C MET A 64 2.99 9.76 11.39
N ASP A 65 1.75 10.16 11.65
CA ASP A 65 1.50 11.52 12.10
C ASP A 65 2.28 11.74 13.37
N THR A 66 2.38 10.69 14.18
CA THR A 66 3.11 10.74 15.42
C THR A 66 4.57 11.09 15.16
N PHE A 67 5.15 10.44 14.14
CA PHE A 67 6.54 10.70 13.77
C PHE A 67 6.69 12.08 13.14
N SER A 68 5.73 12.46 12.30
CA SER A 68 5.78 13.75 11.64
C SER A 68 5.79 14.88 12.66
N LYS A 69 5.00 14.72 13.72
CA LYS A 69 4.93 15.75 14.75
C LYS A 69 6.27 15.85 15.50
N GLN A 70 6.84 14.70 15.83
CA GLN A 70 8.11 14.66 16.54
C GLN A 70 9.24 15.25 15.70
N LEU A 71 9.22 14.95 14.41
CA LEU A 71 10.26 15.45 13.50
C LEU A 71 10.24 16.98 13.45
N LYS A 72 9.05 17.57 13.46
CA LYS A 72 8.94 19.02 13.41
C LYS A 72 9.54 19.65 14.67
N LEU A 73 9.22 19.07 15.82
CA LEU A 73 9.72 19.58 17.09
C LEU A 73 11.20 19.24 17.28
N GLU A 74 11.55 17.98 17.05
CA GLU A 74 12.93 17.53 17.21
C GLU A 74 13.82 18.10 16.11
N GLY A 75 13.25 18.32 14.93
CA GLY A 75 14.01 18.87 13.81
C GLY A 75 14.87 17.78 13.18
N ARG A 76 14.27 16.63 12.90
CA ARG A 76 14.99 15.52 12.30
C ARG A 76 14.51 15.28 10.88
N SER A 77 15.40 14.78 10.02
CA SER A 77 15.02 14.51 8.64
C SER A 77 13.70 13.77 8.61
N GLU A 78 12.63 14.49 8.29
CA GLU A 78 11.30 13.89 8.24
C GLU A 78 11.14 12.98 7.03
N ASP A 79 12.14 12.98 6.14
CA ASP A 79 12.09 12.15 4.96
C ASP A 79 12.03 10.67 5.36
N ILE A 80 12.66 10.34 6.49
CA ILE A 80 12.68 8.98 6.98
C ILE A 80 11.26 8.40 7.01
N LEU A 81 10.27 9.26 6.91
CA LEU A 81 8.88 8.81 6.90
C LEU A 81 8.66 7.81 5.76
N LEU A 82 9.64 7.72 4.87
CA LEU A 82 9.54 6.81 3.74
C LEU A 82 9.39 5.37 4.21
N ASP A 83 10.05 5.03 5.32
CA ASP A 83 9.99 3.69 5.86
C ASP A 83 8.57 3.25 6.14
N TYR A 84 7.77 4.17 6.66
CA TYR A 84 6.37 3.86 6.95
C TYR A 84 5.65 3.56 5.64
N ARG A 85 5.97 4.34 4.63
CA ARG A 85 5.37 4.14 3.31
C ARG A 85 5.80 2.77 2.78
N LEU A 86 7.06 2.44 3.03
CA LEU A 86 7.60 1.16 2.60
C LEU A 86 7.06 0.05 3.50
N THR A 87 7.10 0.29 4.80
CA THR A 87 6.59 -0.68 5.75
C THR A 87 5.08 -0.83 5.58
N LEU A 88 4.41 0.31 5.39
CA LEU A 88 2.97 0.33 5.20
C LEU A 88 2.60 -0.41 3.92
N ILE A 89 3.29 -0.05 2.84
CA ILE A 89 3.04 -0.69 1.55
C ILE A 89 3.48 -2.14 1.59
N ASP A 90 4.64 -2.39 2.18
CA ASP A 90 5.17 -3.74 2.29
C ASP A 90 4.27 -4.60 3.19
N VAL A 91 3.82 -4.04 4.30
CA VAL A 91 2.96 -4.78 5.22
C VAL A 91 1.65 -5.15 4.55
N ILE A 92 0.98 -4.17 3.94
CA ILE A 92 -0.29 -4.43 3.27
C ILE A 92 -0.06 -5.42 2.13
N ALA A 93 1.03 -5.24 1.41
CA ALA A 93 1.36 -6.13 0.30
C ALA A 93 1.61 -7.54 0.79
N HIS A 94 2.22 -7.65 1.97
CA HIS A 94 2.53 -8.96 2.54
C HIS A 94 1.26 -9.78 2.81
N LEU A 95 0.31 -9.18 3.52
CA LEU A 95 -0.93 -9.90 3.81
C LEU A 95 -1.79 -10.00 2.56
N CYS A 96 -1.76 -8.96 1.73
CA CYS A 96 -2.54 -9.00 0.50
C CYS A 96 -2.21 -10.28 -0.25
N GLU A 97 -0.91 -10.60 -0.29
CA GLU A 97 -0.46 -11.81 -0.95
C GLU A 97 -0.94 -13.04 -0.19
N MET A 98 -0.99 -12.94 1.14
CA MET A 98 -1.43 -14.06 1.95
C MET A 98 -2.89 -14.39 1.61
N TYR A 99 -3.68 -13.36 1.31
CA TYR A 99 -5.07 -13.57 0.94
C TYR A 99 -5.13 -14.36 -0.36
N ARG A 100 -4.24 -14.01 -1.29
CA ARG A 100 -4.20 -14.69 -2.58
C ARG A 100 -3.97 -16.19 -2.38
N ARG A 101 -3.08 -16.52 -1.45
CA ARG A 101 -2.77 -17.92 -1.16
C ARG A 101 -3.89 -18.56 -0.36
N SER A 102 -4.68 -17.73 0.32
CA SER A 102 -5.78 -18.23 1.13
C SER A 102 -6.97 -18.57 0.26
N ILE A 103 -6.78 -18.47 -1.05
CA ILE A 103 -7.85 -18.77 -1.99
C ILE A 103 -7.55 -20.06 -2.75
N PRO A 104 -8.18 -21.14 -2.38
CA PRO A 104 -7.95 -22.46 -3.04
C PRO A 104 -8.05 -22.39 -4.56
N ARG A 105 -7.11 -23.04 -5.23
CA ARG A 105 -7.09 -23.05 -6.69
C ARG A 105 -7.14 -24.48 -7.21
N GLU A 106 -7.67 -24.67 -8.41
CA GLU A 106 -7.77 -25.99 -9.00
C GLU A 106 -6.41 -26.67 -9.02
N VAL A 107 -6.40 -27.98 -8.82
CA VAL A 107 -5.16 -28.74 -8.81
C VAL A 107 -5.42 -30.21 -8.47
N ALA B 1 -0.47 -28.44 -24.75
CA ALA B 1 -0.46 -27.28 -25.68
C ALA B 1 -1.88 -26.73 -25.81
N MET B 2 -2.12 -25.61 -25.15
CA MET B 2 -3.44 -24.99 -25.19
C MET B 2 -3.64 -24.25 -26.51
N ALA B 3 -4.78 -23.58 -26.64
CA ALA B 3 -5.07 -22.85 -27.87
C ALA B 3 -4.10 -21.68 -28.02
N ARG B 4 -3.24 -21.77 -29.04
CA ARG B 4 -2.25 -20.73 -29.33
C ARG B 4 -2.26 -19.64 -28.25
N MET B 5 -1.99 -20.04 -27.01
CA MET B 5 -1.96 -19.09 -25.91
C MET B 5 -0.54 -18.58 -25.66
N SER B 6 -0.31 -17.31 -25.95
CA SER B 6 1.02 -16.73 -25.75
C SER B 6 1.04 -15.84 -24.52
N PRO B 7 2.22 -15.50 -24.07
CA PRO B 7 2.42 -14.64 -22.88
C PRO B 7 2.17 -13.16 -23.21
N ALA B 8 2.17 -12.86 -24.50
CA ALA B 8 1.95 -11.49 -24.95
C ALA B 8 0.64 -10.95 -24.38
N ASP B 9 -0.37 -11.82 -24.28
CA ASP B 9 -1.65 -11.40 -23.74
C ASP B 9 -1.43 -10.86 -22.34
N LYS B 10 -0.57 -11.52 -21.57
CA LYS B 10 -0.26 -11.07 -20.22
C LYS B 10 0.41 -9.70 -20.30
N ARG B 11 1.44 -9.60 -21.13
CA ARG B 11 2.14 -8.34 -21.29
C ARG B 11 1.17 -7.29 -21.78
N LYS B 12 0.25 -7.70 -22.65
CA LYS B 12 -0.76 -6.79 -23.15
C LYS B 12 -1.51 -6.23 -21.96
N LEU B 13 -1.90 -7.14 -21.06
CA LEU B 13 -2.57 -6.73 -19.85
C LEU B 13 -1.66 -5.79 -19.07
N LEU B 14 -0.45 -6.25 -18.80
CA LEU B 14 0.51 -5.42 -18.09
C LEU B 14 0.62 -4.08 -18.79
N ASP B 15 0.69 -4.13 -20.11
CA ASP B 15 0.79 -2.92 -20.90
C ASP B 15 -0.43 -2.04 -20.63
N GLU B 16 -1.61 -2.66 -20.61
CA GLU B 16 -2.84 -1.93 -20.34
C GLU B 16 -2.94 -1.56 -18.87
N LEU B 17 -2.63 -2.51 -18.00
CA LEU B 17 -2.69 -2.26 -16.57
C LEU B 17 -1.75 -1.11 -16.21
N ARG B 18 -0.59 -1.08 -16.86
CA ARG B 18 0.36 -0.01 -16.61
C ARG B 18 -0.27 1.33 -16.97
N SER B 19 -0.92 1.38 -18.13
CA SER B 19 -1.59 2.60 -18.57
C SER B 19 -2.80 2.87 -17.69
N ILE B 20 -3.58 1.82 -17.42
CA ILE B 20 -4.76 1.96 -16.58
C ILE B 20 -4.33 2.51 -15.22
N TYR B 21 -3.30 1.91 -14.62
CA TYR B 21 -2.80 2.37 -13.34
C TYR B 21 -2.47 3.85 -13.46
N ARG B 22 -1.77 4.16 -14.53
CA ARG B 22 -1.37 5.53 -14.81
C ARG B 22 -2.60 6.43 -14.89
N THR B 23 -3.63 5.97 -15.62
CA THR B 23 -4.86 6.74 -15.74
C THR B 23 -5.50 6.96 -14.38
N ILE B 24 -5.47 5.92 -13.54
CA ILE B 24 -6.04 6.03 -12.21
C ILE B 24 -5.42 7.21 -11.47
N VAL B 25 -4.11 7.35 -11.60
CA VAL B 25 -3.38 8.42 -10.93
C VAL B 25 -3.79 9.80 -11.46
N LEU B 26 -3.89 9.92 -12.78
CA LEU B 26 -4.24 11.19 -13.39
C LEU B 26 -5.63 11.64 -12.95
N GLU B 27 -6.54 10.69 -12.80
CA GLU B 27 -7.92 11.02 -12.42
C GLU B 27 -8.11 11.04 -10.91
N TYR B 28 -7.08 10.68 -10.15
CA TYR B 28 -7.22 10.67 -8.70
C TYR B 28 -7.76 12.01 -8.23
N PHE B 29 -7.35 13.09 -8.89
CA PHE B 29 -7.83 14.42 -8.53
C PHE B 29 -8.89 14.89 -9.52
N ASN B 30 -9.39 13.96 -10.32
CA ASN B 30 -10.41 14.29 -11.31
C ASN B 30 -11.56 15.06 -10.67
N THR B 31 -12.09 16.03 -11.41
CA THR B 31 -13.20 16.83 -10.91
C THR B 31 -14.52 16.13 -11.16
N ASP B 32 -14.57 15.27 -12.18
CA ASP B 32 -15.80 14.56 -12.50
C ASP B 32 -15.54 13.14 -13.01
N ALA B 33 -14.28 12.76 -13.12
CA ALA B 33 -13.95 11.41 -13.60
C ALA B 33 -14.09 10.39 -12.49
N LYS B 34 -14.89 9.36 -12.73
CA LYS B 34 -15.06 8.32 -11.72
C LYS B 34 -13.85 7.41 -11.72
N VAL B 35 -12.82 7.82 -10.99
CA VAL B 35 -11.59 7.06 -10.91
C VAL B 35 -11.92 5.61 -10.58
N ASN B 36 -13.01 5.43 -9.84
CA ASN B 36 -13.45 4.11 -9.47
C ASN B 36 -13.50 3.22 -10.69
N GLU B 37 -13.92 3.80 -11.81
CA GLU B 37 -13.98 3.04 -13.06
C GLU B 37 -12.58 2.59 -13.45
N ARG B 38 -11.61 3.46 -13.21
CA ARG B 38 -10.23 3.14 -13.52
C ARG B 38 -9.74 2.06 -12.56
N ILE B 39 -10.03 2.28 -11.27
CA ILE B 39 -9.65 1.34 -10.23
C ILE B 39 -10.35 0.00 -10.45
N ASP B 40 -11.65 0.06 -10.75
CA ASP B 40 -12.41 -1.14 -11.01
C ASP B 40 -11.82 -1.90 -12.20
N GLU B 41 -11.41 -1.14 -13.22
CA GLU B 41 -10.83 -1.73 -14.41
C GLU B 41 -9.53 -2.44 -14.06
N PHE B 42 -8.68 -1.74 -13.29
CA PHE B 42 -7.41 -2.30 -12.87
C PHE B 42 -7.64 -3.44 -11.89
N VAL B 43 -8.51 -3.21 -10.92
CA VAL B 43 -8.81 -4.23 -9.91
C VAL B 43 -9.41 -5.48 -10.56
N SER B 44 -10.41 -5.28 -11.41
CA SER B 44 -11.07 -6.40 -12.07
C SER B 44 -10.09 -7.20 -12.91
N LYS B 45 -9.32 -6.51 -13.75
CA LYS B 45 -8.35 -7.19 -14.61
C LYS B 45 -7.21 -7.77 -13.79
N ALA B 46 -6.72 -7.01 -12.82
CA ALA B 46 -5.62 -7.49 -11.98
C ALA B 46 -5.99 -8.81 -11.33
N PHE B 47 -7.20 -8.91 -10.81
CA PHE B 47 -7.67 -10.12 -10.18
C PHE B 47 -7.70 -11.26 -11.20
N PHE B 48 -8.37 -10.99 -12.32
CA PHE B 48 -8.50 -11.96 -13.40
C PHE B 48 -7.15 -12.34 -14.00
N ALA B 49 -6.32 -11.34 -14.29
CA ALA B 49 -5.00 -11.61 -14.88
C ALA B 49 -4.04 -12.17 -13.84
N ASP B 50 -4.53 -12.36 -12.62
CA ASP B 50 -3.69 -12.89 -11.56
C ASP B 50 -2.46 -12.02 -11.37
N ILE B 51 -2.67 -10.71 -11.29
CA ILE B 51 -1.57 -9.78 -11.11
C ILE B 51 -1.18 -9.69 -9.64
N SER B 52 0.05 -10.11 -9.33
CA SER B 52 0.52 -10.03 -7.97
C SER B 52 0.70 -8.57 -7.61
N VAL B 53 0.61 -8.27 -6.32
CA VAL B 53 0.76 -6.88 -5.89
C VAL B 53 2.11 -6.35 -6.36
N SER B 54 3.10 -7.24 -6.41
CA SER B 54 4.46 -6.85 -6.80
C SER B 54 4.46 -5.93 -8.01
N GLN B 55 3.94 -6.37 -9.16
CA GLN B 55 3.93 -5.50 -10.32
C GLN B 55 3.26 -4.19 -9.99
N VAL B 56 2.21 -4.28 -9.20
CA VAL B 56 1.52 -3.09 -8.78
C VAL B 56 2.50 -2.25 -7.97
N LEU B 57 3.28 -2.94 -7.15
CA LEU B 57 4.30 -2.30 -6.33
C LEU B 57 5.49 -1.83 -7.17
N GLU B 58 6.00 -2.73 -8.01
CA GLU B 58 7.16 -2.41 -8.85
C GLU B 58 6.78 -1.36 -9.90
N ILE B 59 5.68 -1.60 -10.61
CA ILE B 59 5.23 -0.66 -11.64
C ILE B 59 5.07 0.73 -11.05
N HIS B 60 4.56 0.78 -9.82
CA HIS B 60 4.34 2.05 -9.14
C HIS B 60 5.63 2.84 -8.97
N VAL B 61 6.68 2.19 -8.48
CA VAL B 61 7.96 2.85 -8.26
C VAL B 61 8.51 3.46 -9.54
N GLU B 62 8.39 2.74 -10.65
CA GLU B 62 8.92 3.22 -11.92
C GLU B 62 8.18 4.47 -12.43
N LEU B 63 6.85 4.43 -12.39
CA LEU B 63 6.07 5.58 -12.87
C LEU B 63 6.31 6.81 -12.00
N MET B 64 6.32 6.64 -10.69
CA MET B 64 6.56 7.76 -9.80
C MET B 64 7.95 8.33 -10.07
N ASP B 65 8.89 7.45 -10.37
CA ASP B 65 10.23 7.90 -10.69
C ASP B 65 10.15 8.85 -11.87
N THR B 66 9.22 8.53 -12.78
CA THR B 66 9.00 9.34 -13.96
C THR B 66 8.60 10.76 -13.56
N PHE B 67 7.71 10.86 -12.58
CA PHE B 67 7.25 12.16 -12.08
C PHE B 67 8.37 12.85 -11.30
N SER B 68 9.10 12.09 -10.50
CA SER B 68 10.17 12.66 -9.70
C SER B 68 11.23 13.30 -10.60
N LYS B 69 11.52 12.65 -11.72
CA LYS B 69 12.52 13.17 -12.64
C LYS B 69 12.04 14.48 -13.27
N GLN B 70 10.77 14.49 -13.69
CA GLN B 70 10.18 15.67 -14.31
C GLN B 70 10.13 16.84 -13.34
N LEU B 71 9.79 16.55 -12.08
CA LEU B 71 9.70 17.59 -11.06
C LEU B 71 11.05 18.27 -10.86
N LYS B 72 12.13 17.49 -10.87
CA LYS B 72 13.45 18.06 -10.69
C LYS B 72 13.80 19.01 -11.83
N LEU B 73 13.50 18.59 -13.05
CA LEU B 73 13.80 19.41 -14.22
C LEU B 73 12.82 20.58 -14.35
N GLU B 74 11.53 20.29 -14.22
CA GLU B 74 10.51 21.32 -14.34
C GLU B 74 10.52 22.24 -13.12
N GLY B 75 10.92 21.70 -11.98
CA GLY B 75 10.97 22.49 -10.75
C GLY B 75 9.57 22.69 -10.18
N ARG B 76 8.83 21.60 -10.06
CA ARG B 76 7.46 21.66 -9.54
C ARG B 76 7.39 20.96 -8.18
N SER B 77 6.48 21.42 -7.33
CA SER B 77 6.34 20.82 -6.00
C SER B 77 6.29 19.31 -6.15
N GLU B 78 7.40 18.66 -5.83
CA GLU B 78 7.50 17.21 -5.93
C GLU B 78 6.70 16.52 -4.84
N ASP B 79 6.18 17.31 -3.90
CA ASP B 79 5.39 16.74 -2.81
C ASP B 79 4.14 16.06 -3.37
N ILE B 80 3.63 16.59 -4.48
CA ILE B 80 2.44 16.02 -5.12
C ILE B 80 2.60 14.51 -5.30
N LEU B 81 3.83 14.03 -5.18
CA LEU B 81 4.08 12.59 -5.32
C LEU B 81 3.23 11.82 -4.31
N LEU B 82 2.62 12.54 -3.36
CA LEU B 82 1.80 11.91 -2.34
C LEU B 82 0.62 11.16 -2.98
N ASP B 83 0.10 11.72 -4.07
CA ASP B 83 -1.04 11.11 -4.75
C ASP B 83 -0.73 9.68 -5.17
N TYR B 84 0.48 9.45 -5.64
CA TYR B 84 0.87 8.12 -6.06
C TYR B 84 0.88 7.20 -4.84
N ARG B 85 1.34 7.72 -3.72
CA ARG B 85 1.36 6.96 -2.50
C ARG B 85 -0.06 6.66 -2.09
N LEU B 86 -0.94 7.64 -2.27
CA LEU B 86 -2.35 7.48 -1.96
C LEU B 86 -3.01 6.60 -2.99
N THR B 87 -2.73 6.88 -4.25
CA THR B 87 -3.30 6.09 -5.34
C THR B 87 -2.73 4.68 -5.28
N LEU B 88 -1.42 4.59 -5.03
CA LEU B 88 -0.74 3.30 -4.94
C LEU B 88 -1.30 2.50 -3.77
N ILE B 89 -1.38 3.15 -2.60
CA ILE B 89 -1.90 2.50 -1.41
C ILE B 89 -3.39 2.22 -1.58
N ASP B 90 -4.11 3.19 -2.12
CA ASP B 90 -5.55 3.05 -2.33
C ASP B 90 -5.84 1.96 -3.37
N VAL B 91 -5.05 1.94 -4.45
CA VAL B 91 -5.26 0.95 -5.49
C VAL B 91 -5.00 -0.45 -4.97
N ILE B 92 -3.87 -0.66 -4.30
CA ILE B 92 -3.55 -1.97 -3.75
C ILE B 92 -4.59 -2.35 -2.71
N ALA B 93 -4.99 -1.39 -1.90
CA ALA B 93 -5.99 -1.62 -0.87
C ALA B 93 -7.33 -1.99 -1.49
N HIS B 94 -7.63 -1.38 -2.63
CA HIS B 94 -8.90 -1.65 -3.31
C HIS B 94 -9.01 -3.11 -3.75
N LEU B 95 -8.00 -3.61 -4.47
CA LEU B 95 -8.04 -4.99 -4.92
C LEU B 95 -7.80 -5.93 -3.74
N CYS B 96 -6.95 -5.52 -2.80
CA CYS B 96 -6.69 -6.36 -1.65
C CYS B 96 -8.02 -6.73 -1.00
N GLU B 97 -8.92 -5.75 -0.92
CA GLU B 97 -10.23 -5.97 -0.36
C GLU B 97 -11.04 -6.88 -1.28
N MET B 98 -10.86 -6.72 -2.59
CA MET B 98 -11.59 -7.55 -3.54
C MET B 98 -11.22 -9.02 -3.34
N TYR B 99 -9.96 -9.28 -2.99
CA TYR B 99 -9.52 -10.64 -2.74
C TYR B 99 -10.26 -11.20 -1.53
N ARG B 100 -10.43 -10.36 -0.51
CA ARG B 100 -11.13 -10.77 0.70
C ARG B 100 -12.54 -11.24 0.35
N ARG B 101 -13.20 -10.51 -0.53
CA ARG B 101 -14.56 -10.84 -0.96
C ARG B 101 -14.55 -12.04 -1.90
N SER B 102 -13.40 -12.27 -2.54
CA SER B 102 -13.28 -13.38 -3.47
C SER B 102 -13.08 -14.68 -2.72
N ILE B 103 -13.15 -14.62 -1.39
CA ILE B 103 -12.97 -15.81 -0.57
C ILE B 103 -14.31 -16.21 0.06
N PRO B 104 -14.95 -17.23 -0.46
CA PRO B 104 -16.26 -17.70 0.07
C PRO B 104 -16.24 -17.92 1.57
N ARG B 105 -17.30 -17.47 2.24
CA ARG B 105 -17.40 -17.62 3.69
C ARG B 105 -18.68 -18.37 4.05
N GLU B 106 -18.66 -19.06 5.18
CA GLU B 106 -19.82 -19.83 5.61
C GLU B 106 -21.06 -18.94 5.67
N VAL B 107 -22.21 -19.51 5.32
CA VAL B 107 -23.45 -18.76 5.33
C VAL B 107 -24.60 -19.64 4.81
N ALA C 1 5.41 2.90 -29.83
CA ALA C 1 4.62 4.06 -30.35
C ALA C 1 4.61 5.17 -29.32
N MET C 2 5.54 5.10 -28.36
CA MET C 2 5.62 6.12 -27.32
C MET C 2 4.23 6.60 -26.92
N ALA C 3 3.90 7.83 -27.30
CA ALA C 3 2.59 8.40 -26.99
C ALA C 3 2.24 8.17 -25.52
N GLY C 4 3.26 7.85 -24.71
CA GLY C 4 3.05 7.60 -23.29
C GLY C 4 3.49 8.80 -22.46
N ILE C 5 2.58 9.75 -22.26
CA ILE C 5 2.89 10.94 -21.47
C ILE C 5 2.18 10.91 -20.13
N ILE C 6 2.90 11.27 -19.08
CA ILE C 6 2.33 11.28 -17.74
C ILE C 6 2.06 12.73 -17.31
N SER C 7 0.91 12.96 -16.69
CA SER C 7 0.56 14.30 -16.25
C SER C 7 -0.38 14.26 -15.04
N GLY C 8 0.15 13.81 -13.90
CA GLY C 8 -0.64 13.74 -12.69
C GLY C 8 -1.01 15.14 -12.19
N THR C 9 -0.72 16.13 -13.02
CA THR C 9 -1.02 17.51 -12.68
C THR C 9 -0.13 17.99 -11.53
N PRO C 10 1.13 17.64 -11.57
CA PRO C 10 2.10 18.03 -10.51
C PRO C 10 1.84 19.43 -9.99
N THR C 11 2.12 19.65 -8.72
CA THR C 11 1.90 20.96 -8.10
C THR C 11 0.47 21.43 -8.37
N ARG C 12 -0.50 20.75 -7.77
CA ARG C 12 -1.90 21.11 -7.96
C ARG C 12 -2.67 21.00 -6.63
N ILE C 13 -2.19 20.12 -5.76
CA ILE C 13 -2.83 19.90 -4.47
C ILE C 13 -1.87 20.27 -3.35
N SER C 14 -2.29 21.16 -2.46
CA SER C 14 -1.46 21.57 -1.34
C SER C 14 -1.19 20.38 -0.43
N VAL C 15 0.05 20.28 0.05
CA VAL C 15 0.42 19.16 0.91
C VAL C 15 1.37 19.59 2.02
N ASP C 16 1.51 18.75 3.04
CA ASP C 16 2.38 19.04 4.16
C ASP C 16 3.42 17.93 4.33
N GLU C 17 3.87 17.73 5.57
CA GLU C 17 4.87 16.70 5.86
C GLU C 17 4.27 15.31 5.59
N LYS C 18 3.41 14.85 6.49
CA LYS C 18 2.78 13.55 6.32
C LYS C 18 1.71 13.68 5.24
N THR C 19 1.61 14.88 4.67
CA THR C 19 0.63 15.17 3.63
C THR C 19 -0.75 14.65 4.02
N GLU C 20 -1.05 13.41 3.64
CA GLU C 20 -2.35 12.82 3.96
C GLU C 20 -2.45 11.42 3.36
N LEU C 21 -1.88 10.44 4.07
CA LEU C 21 -1.92 9.06 3.60
C LEU C 21 -3.24 8.40 3.95
N ALA C 22 -3.64 7.41 3.15
CA ALA C 22 -4.89 6.71 3.39
C ALA C 22 -5.93 7.69 3.93
N ARG C 23 -6.19 7.60 5.23
CA ARG C 23 -7.16 8.49 5.86
C ARG C 23 -8.54 8.32 5.23
N ILE C 24 -8.58 7.88 3.97
CA ILE C 24 -9.87 7.67 3.31
C ILE C 24 -10.62 6.50 3.94
N ALA C 25 -9.88 5.59 4.57
CA ALA C 25 -10.49 4.44 5.20
C ALA C 25 -11.30 3.62 4.19
N LYS C 26 -11.77 4.28 3.13
CA LYS C 26 -12.55 3.62 2.10
C LYS C 26 -13.59 2.68 2.73
N GLY C 27 -14.26 3.15 3.77
CA GLY C 27 -15.26 2.34 4.44
C GLY C 27 -14.61 1.24 5.27
N MET C 28 -14.87 -0.01 4.89
CA MET C 28 -14.31 -1.15 5.61
C MET C 28 -14.16 -0.80 7.09
N GLN C 29 -13.23 -1.47 7.77
CA GLN C 29 -13.01 -1.22 9.18
C GLN C 29 -14.27 -1.50 10.00
N ASP C 30 -15.42 -1.10 9.46
CA ASP C 30 -16.69 -1.30 10.14
C ASP C 30 -17.10 -2.77 10.16
N LEU C 31 -16.57 -3.54 9.21
CA LEU C 31 -16.90 -4.97 9.12
C LEU C 31 -17.41 -5.51 10.45
N GLU C 32 -18.73 -5.51 10.60
CA GLU C 32 -19.35 -6.01 11.84
C GLU C 32 -20.87 -5.92 11.74
N SER C 33 -21.44 -6.46 10.67
CA SER C 33 -22.89 -6.41 10.49
C SER C 33 -23.49 -7.82 10.51
N GLU C 34 -24.59 -7.97 11.25
CA GLU C 34 -25.28 -9.25 11.35
C GLU C 34 -26.76 -9.04 11.66
N ALA D 1 -2.00 2.91 30.20
CA ALA D 1 -0.65 2.69 30.80
C ALA D 1 0.41 3.30 29.90
N MET D 2 -0.02 4.19 29.01
CA MET D 2 0.92 4.84 28.09
C MET D 2 2.01 3.88 27.66
N ALA D 3 3.22 4.11 28.15
CA ALA D 3 4.36 3.26 27.82
C ALA D 3 4.41 3.00 26.32
N GLY D 4 3.72 3.83 25.54
CA GLY D 4 3.70 3.69 24.09
C GLY D 4 4.61 4.72 23.43
N ILE D 5 5.88 4.38 23.27
CA ILE D 5 6.84 5.28 22.65
C ILE D 5 7.24 4.78 21.27
N ILE D 6 7.29 5.69 20.30
CA ILE D 6 7.66 5.33 18.94
C ILE D 6 9.09 5.80 18.67
N SER D 7 9.87 4.96 18.00
CA SER D 7 11.25 5.32 17.69
C SER D 7 11.74 4.60 16.42
N GLY D 8 11.17 4.99 15.29
CA GLY D 8 11.55 4.38 14.02
C GLY D 8 12.99 4.75 13.66
N THR D 9 13.68 5.37 14.62
CA THR D 9 15.06 5.78 14.41
C THR D 9 15.14 6.90 13.37
N PRO D 10 14.26 7.85 13.45
CA PRO D 10 14.21 8.99 12.52
C PRO D 10 15.61 9.46 12.13
N THR D 11 15.76 9.96 10.90
CA THR D 11 17.05 10.42 10.42
C THR D 11 18.12 9.35 10.66
N ARG D 12 18.01 8.25 9.92
CA ARG D 12 18.97 7.15 10.06
C ARG D 12 19.32 6.58 8.70
N ILE D 13 18.38 6.68 7.76
CA ILE D 13 18.58 6.16 6.42
C ILE D 13 18.53 7.29 5.40
N SER D 14 19.58 7.42 4.59
CA SER D 14 19.62 8.46 3.58
C SER D 14 18.50 8.26 2.57
N VAL D 15 17.87 9.36 2.15
CA VAL D 15 16.78 9.27 1.20
C VAL D 15 16.79 10.43 0.21
N ASP D 16 16.06 10.26 -0.89
CA ASP D 16 15.98 11.29 -1.92
C ASP D 16 14.53 11.72 -2.14
N GLU D 17 14.22 12.16 -3.37
CA GLU D 17 12.87 12.59 -3.69
C GLU D 17 11.91 11.41 -3.62
N LYS D 18 11.96 10.53 -4.62
CA LYS D 18 11.10 9.35 -4.63
C LYS D 18 11.64 8.35 -3.62
N THR D 19 12.70 8.76 -2.92
CA THR D 19 13.34 7.92 -1.93
C THR D 19 13.56 6.50 -2.46
N GLU D 20 12.59 5.63 -2.24
CA GLU D 20 12.69 4.25 -2.70
C GLU D 20 11.46 3.45 -2.28
N LEU D 21 10.37 3.59 -3.04
CA LEU D 21 9.14 2.87 -2.73
C LEU D 21 9.20 1.43 -3.23
N ALA D 22 8.47 0.54 -2.57
CA ALA D 22 8.44 -0.85 -2.97
C ALA D 22 9.83 -1.27 -3.48
N ARG D 23 9.97 -1.40 -4.79
CA ARG D 23 11.24 -1.77 -5.36
C ARG D 23 11.69 -3.14 -4.85
N ILE D 24 11.23 -3.53 -3.66
CA ILE D 24 11.61 -4.82 -3.10
C ILE D 24 10.97 -5.95 -3.90
N ALA D 25 9.87 -5.64 -4.58
CA ALA D 25 9.17 -6.65 -5.37
C ALA D 25 8.77 -7.85 -4.51
N LYS D 26 9.49 -8.07 -3.42
CA LYS D 26 9.20 -9.18 -2.53
C LYS D 26 8.89 -10.45 -3.31
N GLY D 27 9.70 -10.71 -4.33
CA GLY D 27 9.50 -11.90 -5.15
C GLY D 27 8.28 -11.74 -6.06
N MET D 28 7.27 -12.58 -5.84
CA MET D 28 6.06 -12.52 -6.64
C MET D 28 6.40 -12.09 -8.06
N GLN D 29 5.42 -11.50 -8.75
CA GLN D 29 5.64 -11.03 -10.11
C GLN D 29 6.03 -12.19 -11.03
N ASP D 30 6.87 -13.08 -10.52
CA ASP D 30 7.34 -14.22 -11.30
C ASP D 30 6.24 -15.25 -11.51
N LEU D 31 5.24 -15.24 -10.62
CA LEU D 31 4.13 -16.19 -10.70
C LEU D 31 3.98 -16.75 -12.12
N GLU D 32 4.61 -17.90 -12.36
CA GLU D 32 4.54 -18.54 -13.67
C GLU D 32 5.33 -19.85 -13.66
N SER D 33 5.04 -20.72 -12.70
CA SER D 33 5.74 -21.99 -12.60
C SER D 33 4.79 -23.16 -12.82
N GLU D 34 5.22 -24.12 -13.64
CA GLU D 34 4.41 -25.31 -13.93
C GLU D 34 5.31 -26.48 -14.30
N ALA A 1 -18.76 -17.11 26.34
CA ALA A 1 -19.70 -18.21 25.96
C ALA A 1 -19.31 -18.75 24.59
N MET A 2 -19.43 -17.91 23.57
CA MET A 2 -19.09 -18.32 22.21
C MET A 2 -17.58 -18.46 22.05
N ALA A 3 -17.16 -18.79 20.83
CA ALA A 3 -15.73 -18.97 20.57
C ALA A 3 -15.04 -17.62 20.39
N ARG A 4 -14.33 -17.20 21.43
CA ARG A 4 -13.60 -15.94 21.41
C ARG A 4 -14.14 -15.00 20.32
N MET A 5 -15.46 -14.92 20.21
CA MET A 5 -16.07 -14.06 19.19
C MET A 5 -16.44 -12.70 19.79
N SER A 6 -16.12 -12.50 21.06
CA SER A 6 -16.45 -11.24 21.71
C SER A 6 -15.76 -10.07 21.02
N PRO A 7 -16.20 -8.89 21.30
CA PRO A 7 -15.65 -7.64 20.69
C PRO A 7 -14.32 -7.22 21.34
N ALA A 8 -14.16 -7.55 22.62
CA ALA A 8 -12.95 -7.19 23.33
C ALA A 8 -11.74 -7.91 22.75
N ASP A 9 -11.92 -9.20 22.43
CA ASP A 9 -10.82 -9.97 21.86
C ASP A 9 -10.35 -9.30 20.58
N LYS A 10 -11.31 -8.80 19.81
CA LYS A 10 -10.96 -8.11 18.57
C LYS A 10 -10.10 -6.91 18.89
N ARG A 11 -10.50 -6.16 19.92
CA ARG A 11 -9.71 -5.00 20.35
C ARG A 11 -8.34 -5.45 20.80
N LYS A 12 -8.29 -6.59 21.50
CA LYS A 12 -7.02 -7.13 21.95
C LYS A 12 -6.12 -7.31 20.75
N LEU A 13 -6.70 -7.87 19.70
CA LEU A 13 -5.95 -8.06 18.46
C LEU A 13 -5.50 -6.70 17.97
N LEU A 14 -6.46 -5.79 17.80
CA LEU A 14 -6.16 -4.44 17.35
C LEU A 14 -5.11 -3.83 18.24
N ASP A 15 -5.25 -4.03 19.54
CA ASP A 15 -4.28 -3.51 20.48
C ASP A 15 -2.89 -3.99 20.06
N GLU A 16 -2.83 -5.26 19.66
CA GLU A 16 -1.58 -5.86 19.21
C GLU A 16 -1.21 -5.35 17.83
N LEU A 17 -2.20 -5.19 16.96
CA LEU A 17 -1.94 -4.71 15.61
C LEU A 17 -1.26 -3.35 15.66
N ARG A 18 -1.73 -2.49 16.55
CA ARG A 18 -1.14 -1.17 16.69
C ARG A 18 0.31 -1.29 17.16
N SER A 19 0.54 -2.11 18.17
CA SER A 19 1.87 -2.31 18.70
C SER A 19 2.74 -3.09 17.71
N ILE A 20 2.19 -4.14 17.14
CA ILE A 20 2.95 -4.94 16.17
C ILE A 20 3.25 -4.10 14.94
N TYR A 21 2.24 -3.43 14.41
CA TYR A 21 2.46 -2.57 13.25
C TYR A 21 3.59 -1.64 13.59
N ARG A 22 3.50 -1.08 14.77
CA ARG A 22 4.51 -0.18 15.29
C ARG A 22 5.85 -0.91 15.40
N THR A 23 5.81 -2.13 15.92
CA THR A 23 7.03 -2.93 16.07
C THR A 23 7.65 -3.20 14.71
N ILE A 24 6.82 -3.51 13.73
CA ILE A 24 7.31 -3.78 12.38
C ILE A 24 8.12 -2.58 11.90
N VAL A 25 7.58 -1.40 12.18
CA VAL A 25 8.22 -0.15 11.77
C VAL A 25 9.58 0.04 12.42
N LEU A 26 9.64 -0.18 13.74
CA LEU A 26 10.89 -0.01 14.47
C LEU A 26 11.95 -1.00 14.01
N GLU A 27 11.54 -2.23 13.72
CA GLU A 27 12.47 -3.26 13.29
C GLU A 27 12.74 -3.21 11.79
N TYR A 28 12.03 -2.36 11.07
CA TYR A 28 12.23 -2.26 9.64
C TYR A 28 13.71 -2.02 9.33
N PHE A 29 14.38 -1.29 10.22
CA PHE A 29 15.79 -1.00 10.05
C PHE A 29 16.64 -1.85 11.00
N ASN A 30 16.04 -2.89 11.56
CA ASN A 30 16.75 -3.76 12.48
C ASN A 30 18.01 -4.32 11.85
N THR A 31 19.05 -4.46 12.65
CA THR A 31 20.32 -5.00 12.16
C THR A 31 20.29 -6.52 12.10
N ASP A 32 19.44 -7.13 12.93
CA ASP A 32 19.36 -8.59 12.95
C ASP A 32 17.93 -9.08 13.18
N ALA A 33 17.03 -8.19 13.61
CA ALA A 33 15.65 -8.60 13.86
C ALA A 33 14.98 -9.06 12.57
N LYS A 34 14.27 -10.17 12.65
CA LYS A 34 13.55 -10.69 11.49
C LYS A 34 12.17 -10.06 11.43
N VAL A 35 12.12 -8.82 10.94
CA VAL A 35 10.86 -8.10 10.84
C VAL A 35 9.79 -9.03 10.30
N ASN A 36 10.20 -9.98 9.47
CA ASN A 36 9.28 -10.93 8.89
C ASN A 36 8.41 -11.53 9.99
N GLU A 37 9.00 -11.75 11.15
CA GLU A 37 8.25 -12.29 12.28
C GLU A 37 7.17 -11.29 12.69
N ARG A 38 7.52 -10.02 12.64
CA ARG A 38 6.58 -8.95 12.99
C ARG A 38 5.47 -8.89 11.93
N ILE A 39 5.90 -8.90 10.67
CA ILE A 39 4.97 -8.86 9.56
C ILE A 39 4.13 -10.12 9.53
N ASP A 40 4.75 -11.26 9.78
CA ASP A 40 4.04 -12.52 9.81
C ASP A 40 3.00 -12.51 10.92
N GLU A 41 3.38 -11.95 12.06
CA GLU A 41 2.46 -11.88 13.20
C GLU A 41 1.31 -10.94 12.87
N PHE A 42 1.66 -9.75 12.35
CA PHE A 42 0.66 -8.77 11.98
C PHE A 42 -0.25 -9.35 10.90
N VAL A 43 0.37 -9.96 9.90
CA VAL A 43 -0.37 -10.55 8.79
C VAL A 43 -1.31 -11.65 9.29
N SER A 44 -0.79 -12.51 10.15
CA SER A 44 -1.59 -13.62 10.68
C SER A 44 -2.80 -13.10 11.46
N LYS A 45 -2.55 -12.20 12.41
CA LYS A 45 -3.64 -11.65 13.20
C LYS A 45 -4.63 -10.89 12.33
N ALA A 46 -4.11 -10.14 11.37
CA ALA A 46 -4.97 -9.38 10.49
C ALA A 46 -5.86 -10.31 9.66
N PHE A 47 -5.28 -11.42 9.21
CA PHE A 47 -6.03 -12.39 8.41
C PHE A 47 -7.06 -13.12 9.26
N PHE A 48 -6.58 -13.78 10.31
CA PHE A 48 -7.45 -14.55 11.21
C PHE A 48 -8.52 -13.66 11.86
N ALA A 49 -8.14 -12.46 12.25
CA ALA A 49 -9.09 -11.56 12.90
C ALA A 49 -10.05 -10.95 11.89
N ASP A 50 -9.96 -11.41 10.65
CA ASP A 50 -10.83 -10.88 9.59
C ASP A 50 -10.73 -9.36 9.54
N ILE A 51 -9.50 -8.86 9.68
CA ILE A 51 -9.27 -7.43 9.66
C ILE A 51 -9.17 -6.92 8.23
N SER A 52 -9.69 -5.72 8.01
CA SER A 52 -9.64 -5.12 6.69
C SER A 52 -8.43 -4.20 6.61
N VAL A 53 -7.97 -3.97 5.39
CA VAL A 53 -6.80 -3.11 5.19
C VAL A 53 -7.03 -1.74 5.80
N SER A 54 -8.28 -1.30 5.83
CA SER A 54 -8.63 0.02 6.36
C SER A 54 -7.87 0.35 7.65
N GLN A 55 -8.03 -0.46 8.70
CA GLN A 55 -7.33 -0.18 9.94
C GLN A 55 -5.85 -0.07 9.68
N VAL A 56 -5.36 -0.95 8.82
CA VAL A 56 -3.96 -0.92 8.45
C VAL A 56 -3.68 0.44 7.82
N LEU A 57 -4.63 0.85 6.99
CA LEU A 57 -4.54 2.13 6.29
C LEU A 57 -4.70 3.31 7.26
N GLU A 58 -5.75 3.27 8.07
CA GLU A 58 -6.00 4.35 9.02
C GLU A 58 -5.02 4.34 10.18
N ILE A 59 -4.80 3.18 10.79
CA ILE A 59 -3.87 3.09 11.92
C ILE A 59 -2.52 3.66 11.49
N HIS A 60 -2.14 3.35 10.26
CA HIS A 60 -0.87 3.83 9.72
C HIS A 60 -0.81 5.36 9.73
N VAL A 61 -1.85 5.98 9.19
CA VAL A 61 -1.89 7.45 9.11
C VAL A 61 -1.64 8.13 10.46
N GLU A 62 -2.29 7.63 11.50
CA GLU A 62 -2.13 8.23 12.83
C GLU A 62 -0.70 8.11 13.34
N LEU A 63 -0.10 6.93 13.18
CA LEU A 63 1.26 6.72 13.64
C LEU A 63 2.24 7.63 12.90
N MET A 64 2.00 7.85 11.60
CA MET A 64 2.89 8.72 10.84
C MET A 64 2.86 10.12 11.43
N ASP A 65 1.68 10.56 11.83
CA ASP A 65 1.55 11.88 12.45
C ASP A 65 2.42 11.93 13.69
N THR A 66 2.48 10.80 14.39
CA THR A 66 3.27 10.71 15.61
C THR A 66 4.75 10.97 15.34
N PHE A 67 5.29 10.35 14.29
CA PHE A 67 6.70 10.53 13.95
C PHE A 67 6.96 11.95 13.47
N SER A 68 6.14 12.41 12.53
CA SER A 68 6.30 13.75 11.98
C SER A 68 6.22 14.78 13.10
N LYS A 69 5.32 14.55 14.05
CA LYS A 69 5.17 15.46 15.16
C LYS A 69 6.48 15.60 15.92
N GLN A 70 7.12 14.47 16.19
CA GLN A 70 8.40 14.47 16.91
C GLN A 70 9.49 15.12 16.06
N LEU A 71 9.44 14.84 14.75
CA LEU A 71 10.43 15.38 13.83
C LEU A 71 10.36 16.91 13.78
N LYS A 72 9.15 17.45 13.80
CA LYS A 72 8.98 18.89 13.76
C LYS A 72 9.58 19.54 15.00
N LEU A 73 9.31 18.96 16.17
CA LEU A 73 9.82 19.48 17.43
C LEU A 73 11.32 19.20 17.57
N GLU A 74 11.73 18.00 17.17
CA GLU A 74 13.13 17.62 17.27
C GLU A 74 13.91 18.06 16.03
N GLY A 75 13.21 18.63 15.06
CA GLY A 75 13.85 19.08 13.84
C GLY A 75 14.79 18.00 13.31
N ARG A 76 14.23 16.83 13.00
CA ARG A 76 15.02 15.72 12.48
C ARG A 76 14.57 15.36 11.07
N SER A 77 15.52 14.95 10.24
CA SER A 77 15.20 14.58 8.87
C SER A 77 13.90 13.78 8.85
N GLU A 78 12.80 14.48 8.56
CA GLU A 78 11.50 13.83 8.52
C GLU A 78 11.42 12.89 7.31
N ASP A 79 12.47 12.92 6.49
CA ASP A 79 12.52 12.07 5.30
C ASP A 79 12.37 10.60 5.69
N ILE A 80 12.90 10.25 6.87
CA ILE A 80 12.82 8.89 7.35
C ILE A 80 11.38 8.35 7.25
N LEU A 81 10.43 9.27 7.12
CA LEU A 81 9.03 8.88 6.99
C LEU A 81 8.86 7.89 5.84
N LEU A 82 9.80 7.90 4.91
CA LEU A 82 9.75 6.98 3.77
C LEU A 82 9.58 5.54 4.26
N ASP A 83 10.26 5.24 5.36
CA ASP A 83 10.23 3.89 5.93
C ASP A 83 8.80 3.41 6.13
N TYR A 84 7.93 4.29 6.60
CA TYR A 84 6.54 3.92 6.83
C TYR A 84 5.88 3.60 5.50
N ARG A 85 6.18 4.40 4.48
CA ARG A 85 5.63 4.15 3.16
C ARG A 85 6.09 2.79 2.67
N LEU A 86 7.33 2.47 3.00
CA LEU A 86 7.92 1.18 2.64
C LEU A 86 7.33 0.07 3.52
N THR A 87 7.25 0.35 4.80
CA THR A 87 6.72 -0.61 5.76
C THR A 87 5.21 -0.79 5.57
N LEU A 88 4.50 0.32 5.39
CA LEU A 88 3.05 0.28 5.21
C LEU A 88 2.67 -0.46 3.93
N ILE A 89 3.32 -0.09 2.83
CA ILE A 89 3.03 -0.75 1.56
C ILE A 89 3.46 -2.20 1.62
N ASP A 90 4.64 -2.45 2.17
CA ASP A 90 5.15 -3.80 2.29
C ASP A 90 4.24 -4.63 3.21
N VAL A 91 3.78 -4.01 4.29
CA VAL A 91 2.90 -4.68 5.23
C VAL A 91 1.60 -5.09 4.55
N ILE A 92 0.96 -4.12 3.90
CA ILE A 92 -0.29 -4.40 3.21
C ILE A 92 -0.06 -5.43 2.11
N ALA A 93 1.03 -5.24 1.38
CA ALA A 93 1.37 -6.15 0.29
C ALA A 93 1.61 -7.56 0.83
N HIS A 94 2.17 -7.65 2.03
CA HIS A 94 2.45 -8.96 2.62
C HIS A 94 1.16 -9.73 2.92
N LEU A 95 0.22 -9.11 3.62
CA LEU A 95 -1.02 -9.81 3.92
C LEU A 95 -1.87 -9.92 2.67
N CYS A 96 -1.81 -8.90 1.81
CA CYS A 96 -2.58 -8.93 0.58
C CYS A 96 -2.25 -10.20 -0.18
N GLU A 97 -0.97 -10.55 -0.21
CA GLU A 97 -0.53 -11.75 -0.89
C GLU A 97 -0.97 -12.99 -0.11
N MET A 98 -1.05 -12.87 1.21
CA MET A 98 -1.48 -14.00 2.03
C MET A 98 -2.94 -14.33 1.70
N TYR A 99 -3.73 -13.29 1.44
CA TYR A 99 -5.13 -13.49 1.09
C TYR A 99 -5.19 -14.25 -0.23
N ARG A 100 -4.28 -13.89 -1.14
CA ARG A 100 -4.21 -14.55 -2.44
C ARG A 100 -4.00 -16.05 -2.29
N ARG A 101 -3.20 -16.43 -1.29
CA ARG A 101 -2.91 -17.84 -1.03
C ARG A 101 -4.13 -18.57 -0.46
N SER A 102 -4.96 -17.83 0.27
CA SER A 102 -6.15 -18.43 0.89
C SER A 102 -7.33 -18.50 -0.09
N ILE A 103 -7.05 -18.34 -1.38
CA ILE A 103 -8.11 -18.38 -2.38
C ILE A 103 -7.95 -19.57 -3.32
N PRO A 104 -8.66 -20.63 -3.09
CA PRO A 104 -8.60 -21.85 -3.96
C PRO A 104 -8.93 -21.51 -5.41
N ARG A 105 -8.21 -22.11 -6.34
CA ARG A 105 -8.44 -21.86 -7.77
C ARG A 105 -8.67 -23.16 -8.53
N GLU A 106 -9.64 -23.16 -9.43
CA GLU A 106 -9.96 -24.33 -10.23
C GLU A 106 -8.80 -24.67 -11.17
N VAL A 107 -8.59 -25.95 -11.40
CA VAL A 107 -7.51 -26.39 -12.28
C VAL A 107 -8.08 -26.98 -13.57
N ALA B 1 -4.64 -21.54 -29.22
CA ALA B 1 -5.20 -22.92 -29.02
C ALA B 1 -5.94 -22.98 -27.69
N MET B 2 -5.21 -22.81 -26.60
CA MET B 2 -5.80 -22.85 -25.27
C MET B 2 -6.65 -21.61 -25.03
N ALA B 3 -7.21 -21.50 -23.83
CA ALA B 3 -8.05 -20.37 -23.49
C ALA B 3 -7.19 -19.16 -23.12
N ARG B 4 -7.10 -18.22 -24.06
CA ARG B 4 -6.32 -16.99 -23.86
C ARG B 4 -5.32 -17.17 -22.72
N MET B 5 -4.62 -18.31 -22.68
CA MET B 5 -3.65 -18.55 -21.63
C MET B 5 -2.25 -18.19 -22.10
N SER B 6 -2.14 -17.68 -23.32
CA SER B 6 -0.83 -17.31 -23.86
C SER B 6 -0.17 -16.25 -22.99
N PRO B 7 1.11 -16.06 -23.18
CA PRO B 7 1.89 -15.06 -22.40
C PRO B 7 1.68 -13.64 -22.91
N ALA B 8 1.41 -13.51 -24.20
CA ALA B 8 1.20 -12.18 -24.79
C ALA B 8 -0.04 -11.52 -24.21
N ASP B 9 -1.11 -12.30 -24.04
CA ASP B 9 -2.34 -11.75 -23.49
C ASP B 9 -2.05 -11.17 -22.12
N LYS B 10 -1.21 -11.86 -21.36
CA LYS B 10 -0.84 -11.39 -20.04
C LYS B 10 -0.16 -10.03 -20.16
N ARG B 11 0.75 -9.93 -21.13
CA ARG B 11 1.43 -8.66 -21.38
C ARG B 11 0.42 -7.60 -21.79
N LYS B 12 -0.56 -8.02 -22.59
CA LYS B 12 -1.60 -7.09 -23.02
C LYS B 12 -2.26 -6.52 -21.78
N LEU B 13 -2.55 -7.39 -20.83
CA LEU B 13 -3.14 -6.96 -19.58
C LEU B 13 -2.19 -5.99 -18.91
N LEU B 14 -0.94 -6.43 -18.72
CA LEU B 14 0.07 -5.60 -18.12
C LEU B 14 0.18 -4.29 -18.86
N ASP B 15 0.15 -4.37 -20.18
CA ASP B 15 0.20 -3.17 -20.98
C ASP B 15 -0.89 -2.21 -20.53
N GLU B 16 -2.07 -2.79 -20.26
CA GLU B 16 -3.20 -2.01 -19.79
C GLU B 16 -3.01 -1.59 -18.34
N LEU B 17 -2.46 -2.50 -17.53
CA LEU B 17 -2.25 -2.19 -16.13
C LEU B 17 -1.36 -0.96 -15.98
N ARG B 18 -0.33 -0.88 -16.82
CA ARG B 18 0.58 0.26 -16.77
C ARG B 18 -0.18 1.53 -17.14
N SER B 19 -0.95 1.46 -18.23
CA SER B 19 -1.72 2.61 -18.68
C SER B 19 -2.87 2.91 -17.73
N ILE B 20 -3.59 1.87 -17.30
CA ILE B 20 -4.70 2.08 -16.38
C ILE B 20 -4.18 2.58 -15.05
N TYR B 21 -3.15 1.94 -14.51
CA TYR B 21 -2.56 2.41 -13.26
C TYR B 21 -2.26 3.87 -13.42
N ARG B 22 -1.63 4.17 -14.54
CA ARG B 22 -1.28 5.54 -14.90
C ARG B 22 -2.55 6.40 -14.99
N THR B 23 -3.58 5.85 -15.65
CA THR B 23 -4.83 6.58 -15.79
C THR B 23 -5.45 6.85 -14.43
N ILE B 24 -5.41 5.86 -13.54
CA ILE B 24 -5.95 6.03 -12.20
C ILE B 24 -5.30 7.24 -11.55
N VAL B 25 -3.99 7.35 -11.73
CA VAL B 25 -3.21 8.44 -11.15
C VAL B 25 -3.64 9.80 -11.69
N LEU B 26 -3.79 9.89 -13.01
CA LEU B 26 -4.18 11.15 -13.63
C LEU B 26 -5.57 11.58 -13.21
N GLU B 27 -6.48 10.62 -13.08
CA GLU B 27 -7.85 10.92 -12.70
C GLU B 27 -8.03 11.02 -11.19
N TYR B 28 -6.99 10.71 -10.44
CA TYR B 28 -7.08 10.77 -8.99
C TYR B 28 -7.59 12.15 -8.56
N PHE B 29 -7.21 13.17 -9.32
CA PHE B 29 -7.62 14.54 -9.03
C PHE B 29 -8.70 15.01 -10.00
N ASN B 30 -9.30 14.05 -10.70
CA ASN B 30 -10.34 14.37 -11.67
C ASN B 30 -11.47 15.16 -11.01
N THR B 31 -12.04 16.10 -11.75
CA THR B 31 -13.12 16.92 -11.23
C THR B 31 -14.46 16.18 -11.35
N ASP B 32 -14.56 15.25 -12.29
CA ASP B 32 -15.80 14.51 -12.48
C ASP B 32 -15.55 13.04 -12.85
N ALA B 33 -14.32 12.71 -13.23
CA ALA B 33 -14.02 11.33 -13.62
C ALA B 33 -14.17 10.39 -12.44
N LYS B 34 -14.83 9.26 -12.68
CA LYS B 34 -15.01 8.26 -11.63
C LYS B 34 -13.82 7.33 -11.61
N VAL B 35 -12.74 7.80 -10.98
CA VAL B 35 -11.53 7.00 -10.89
C VAL B 35 -11.86 5.57 -10.53
N ASN B 36 -12.95 5.42 -9.78
CA ASN B 36 -13.39 4.10 -9.37
C ASN B 36 -13.45 3.17 -10.57
N GLU B 37 -13.85 3.73 -11.72
CA GLU B 37 -13.90 2.94 -12.95
C GLU B 37 -12.49 2.49 -13.32
N ARG B 38 -11.53 3.38 -13.10
CA ARG B 38 -10.14 3.07 -13.40
C ARG B 38 -9.64 2.02 -12.43
N ILE B 39 -9.92 2.24 -11.15
CA ILE B 39 -9.52 1.33 -10.10
C ILE B 39 -10.23 0.00 -10.27
N ASP B 40 -11.52 0.06 -10.59
CA ASP B 40 -12.30 -1.14 -10.80
C ASP B 40 -11.73 -1.93 -11.97
N GLU B 41 -11.34 -1.23 -13.02
CA GLU B 41 -10.78 -1.88 -14.20
C GLU B 41 -9.42 -2.49 -13.86
N PHE B 42 -8.58 -1.70 -13.19
CA PHE B 42 -7.27 -2.17 -12.79
C PHE B 42 -7.42 -3.35 -11.83
N VAL B 43 -8.31 -3.19 -10.86
CA VAL B 43 -8.56 -4.24 -9.88
C VAL B 43 -9.06 -5.52 -10.55
N SER B 44 -10.01 -5.36 -11.47
CA SER B 44 -10.57 -6.53 -12.16
C SER B 44 -9.50 -7.26 -12.97
N LYS B 45 -8.76 -6.53 -13.78
CA LYS B 45 -7.73 -7.14 -14.59
C LYS B 45 -6.64 -7.76 -13.72
N ALA B 46 -6.29 -7.06 -12.64
CA ALA B 46 -5.27 -7.57 -11.74
C ALA B 46 -5.72 -8.88 -11.09
N PHE B 47 -7.00 -8.93 -10.72
CA PHE B 47 -7.56 -10.11 -10.08
C PHE B 47 -7.66 -11.27 -11.06
N PHE B 48 -8.40 -11.02 -12.15
CA PHE B 48 -8.62 -12.05 -13.17
C PHE B 48 -7.30 -12.52 -13.80
N ALA B 49 -6.38 -11.59 -14.04
CA ALA B 49 -5.11 -11.94 -14.65
C ALA B 49 -4.19 -12.61 -13.65
N ASP B 50 -4.71 -12.88 -12.44
CA ASP B 50 -3.90 -13.52 -11.41
C ASP B 50 -2.61 -12.74 -11.20
N ILE B 51 -2.74 -11.42 -11.20
CA ILE B 51 -1.59 -10.55 -11.00
C ILE B 51 -1.27 -10.39 -9.53
N SER B 52 0.02 -10.32 -9.22
CA SER B 52 0.45 -10.14 -7.84
C SER B 52 0.68 -8.66 -7.58
N VAL B 53 0.59 -8.28 -6.32
CA VAL B 53 0.78 -6.88 -5.95
C VAL B 53 2.14 -6.38 -6.43
N SER B 54 3.12 -7.28 -6.50
CA SER B 54 4.47 -6.91 -6.90
C SER B 54 4.50 -5.96 -8.10
N GLN B 55 3.92 -6.36 -9.23
CA GLN B 55 3.93 -5.48 -10.38
C GLN B 55 3.30 -4.15 -10.01
N VAL B 56 2.25 -4.21 -9.22
CA VAL B 56 1.60 -3.01 -8.76
C VAL B 56 2.62 -2.20 -7.96
N LEU B 57 3.38 -2.94 -7.16
CA LEU B 57 4.41 -2.35 -6.32
C LEU B 57 5.59 -1.85 -7.17
N GLU B 58 6.10 -2.70 -8.06
CA GLU B 58 7.24 -2.33 -8.90
C GLU B 58 6.84 -1.33 -9.99
N ILE B 59 5.74 -1.62 -10.70
CA ILE B 59 5.31 -0.71 -11.77
C ILE B 59 5.14 0.69 -11.19
N HIS B 60 4.62 0.76 -9.98
CA HIS B 60 4.42 2.03 -9.32
C HIS B 60 5.74 2.79 -9.15
N VAL B 61 6.74 2.10 -8.62
CA VAL B 61 8.05 2.74 -8.38
C VAL B 61 8.61 3.42 -9.63
N GLU B 62 8.55 2.73 -10.77
CA GLU B 62 9.08 3.28 -12.01
C GLU B 62 8.33 4.55 -12.43
N LEU B 63 7.02 4.51 -12.36
CA LEU B 63 6.21 5.67 -12.75
C LEU B 63 6.51 6.87 -11.85
N MET B 64 6.74 6.61 -10.56
CA MET B 64 7.04 7.72 -9.64
C MET B 64 8.32 8.40 -10.08
N ASP B 65 9.29 7.61 -10.53
CA ASP B 65 10.55 8.16 -10.99
C ASP B 65 10.27 9.09 -12.17
N THR B 66 9.29 8.71 -12.98
CA THR B 66 8.92 9.49 -14.15
C THR B 66 8.43 10.88 -13.75
N PHE B 67 7.57 10.96 -12.74
CA PHE B 67 7.05 12.24 -12.29
C PHE B 67 8.14 13.08 -11.64
N SER B 68 8.88 12.46 -10.71
CA SER B 68 9.95 13.16 -10.02
C SER B 68 10.97 13.69 -11.01
N LYS B 69 11.24 12.90 -12.05
CA LYS B 69 12.19 13.31 -13.07
C LYS B 69 11.74 14.61 -13.72
N GLN B 70 10.46 14.68 -14.07
CA GLN B 70 9.92 15.88 -14.68
C GLN B 70 9.92 17.04 -13.70
N LEU B 71 9.61 16.74 -12.43
CA LEU B 71 9.57 17.76 -11.39
C LEU B 71 10.94 18.39 -11.20
N LYS B 72 11.98 17.57 -11.23
CA LYS B 72 13.34 18.08 -11.06
C LYS B 72 13.70 19.05 -12.19
N LEU B 73 13.39 18.67 -13.42
CA LEU B 73 13.70 19.49 -14.57
C LEU B 73 12.75 20.70 -14.64
N GLU B 74 11.48 20.47 -14.34
CA GLU B 74 10.49 21.54 -14.39
C GLU B 74 10.44 22.29 -13.07
N GLY B 75 11.21 21.83 -12.09
CA GLY B 75 11.23 22.47 -10.79
C GLY B 75 9.80 22.74 -10.30
N ARG B 76 9.02 21.67 -10.16
CA ARG B 76 7.65 21.80 -9.72
C ARG B 76 7.44 21.09 -8.39
N SER B 77 6.59 21.65 -7.54
CA SER B 77 6.32 21.05 -6.24
C SER B 77 6.22 19.54 -6.39
N GLU B 78 7.34 18.86 -6.11
CA GLU B 78 7.36 17.40 -6.21
C GLU B 78 6.51 16.78 -5.12
N ASP B 79 5.98 17.62 -4.23
CA ASP B 79 5.15 17.14 -3.15
C ASP B 79 3.94 16.38 -3.70
N ILE B 80 3.47 16.82 -4.87
CA ILE B 80 2.32 16.17 -5.50
C ILE B 80 2.52 14.65 -5.56
N LEU B 81 3.77 14.21 -5.39
CA LEU B 81 4.06 12.78 -5.40
C LEU B 81 3.19 12.06 -4.38
N LEU B 82 2.71 12.79 -3.38
CA LEU B 82 1.85 12.19 -2.35
C LEU B 82 0.69 11.45 -3.00
N ASP B 83 0.18 12.01 -4.09
CA ASP B 83 -0.96 11.43 -4.79
C ASP B 83 -0.70 9.97 -5.14
N TYR B 84 0.52 9.67 -5.56
CA TYR B 84 0.85 8.30 -5.93
C TYR B 84 0.79 7.41 -4.69
N ARG B 85 1.29 7.94 -3.58
CA ARG B 85 1.26 7.20 -2.33
C ARG B 85 -0.20 6.93 -1.96
N LEU B 86 -1.05 7.91 -2.23
CA LEU B 86 -2.48 7.79 -1.97
C LEU B 86 -3.12 6.87 -3.00
N THR B 87 -2.76 7.06 -4.25
CA THR B 87 -3.29 6.24 -5.34
C THR B 87 -2.76 4.81 -5.27
N LEU B 88 -1.47 4.69 -5.01
CA LEU B 88 -0.83 3.38 -4.94
C LEU B 88 -1.39 2.56 -3.79
N ILE B 89 -1.43 3.17 -2.61
CA ILE B 89 -1.96 2.48 -1.43
C ILE B 89 -3.44 2.19 -1.61
N ASP B 90 -4.17 3.18 -2.10
CA ASP B 90 -5.60 3.02 -2.34
C ASP B 90 -5.84 1.94 -3.39
N VAL B 91 -5.01 1.94 -4.44
CA VAL B 91 -5.14 0.95 -5.50
C VAL B 91 -4.93 -0.45 -4.97
N ILE B 92 -3.81 -0.65 -4.25
CA ILE B 92 -3.51 -1.95 -3.68
C ILE B 92 -4.60 -2.34 -2.68
N ALA B 93 -5.00 -1.37 -1.86
CA ALA B 93 -6.02 -1.60 -0.86
C ALA B 93 -7.34 -1.99 -1.52
N HIS B 94 -7.61 -1.40 -2.69
CA HIS B 94 -8.85 -1.69 -3.39
C HIS B 94 -8.92 -3.15 -3.85
N LEU B 95 -7.88 -3.62 -4.55
CA LEU B 95 -7.90 -5.00 -5.02
C LEU B 95 -7.68 -5.94 -3.83
N CYS B 96 -6.87 -5.52 -2.88
CA CYS B 96 -6.60 -6.34 -1.71
C CYS B 96 -7.93 -6.70 -1.05
N GLU B 97 -8.84 -5.74 -1.00
CA GLU B 97 -10.15 -5.98 -0.41
C GLU B 97 -10.98 -6.86 -1.35
N MET B 98 -10.75 -6.73 -2.66
CA MET B 98 -11.50 -7.54 -3.61
C MET B 98 -11.12 -9.00 -3.42
N TYR B 99 -9.85 -9.26 -3.11
CA TYR B 99 -9.40 -10.62 -2.86
C TYR B 99 -10.13 -11.16 -1.64
N ARG B 100 -10.29 -10.31 -0.64
CA ARG B 100 -10.99 -10.68 0.59
C ARG B 100 -12.40 -11.17 0.28
N ARG B 101 -13.04 -10.53 -0.69
CA ARG B 101 -14.40 -10.90 -1.08
C ARG B 101 -14.44 -12.25 -1.79
N SER B 102 -13.36 -12.56 -2.51
CA SER B 102 -13.29 -13.82 -3.26
C SER B 102 -12.87 -15.00 -2.38
N ILE B 103 -12.94 -14.81 -1.06
CA ILE B 103 -12.53 -15.87 -0.15
C ILE B 103 -13.71 -16.37 0.68
N PRO B 104 -14.30 -17.48 0.28
CA PRO B 104 -15.46 -18.08 1.02
C PRO B 104 -15.10 -18.38 2.48
N ARG B 105 -16.03 -18.11 3.39
CA ARG B 105 -15.78 -18.35 4.80
C ARG B 105 -16.87 -19.25 5.41
N GLU B 106 -16.46 -20.20 6.24
CA GLU B 106 -17.42 -21.09 6.88
C GLU B 106 -18.30 -20.33 7.86
N VAL B 107 -19.56 -20.75 7.97
CA VAL B 107 -20.50 -20.11 8.88
C VAL B 107 -20.83 -21.02 10.05
N ALA C 1 7.88 7.06 -31.89
CA ALA C 1 7.69 8.48 -31.48
C ALA C 1 7.80 8.59 -29.97
N MET C 2 7.92 7.44 -29.30
CA MET C 2 8.03 7.41 -27.85
C MET C 2 7.12 8.47 -27.22
N ALA C 3 5.85 8.49 -27.64
CA ALA C 3 4.90 9.45 -27.11
C ALA C 3 4.59 9.14 -25.65
N GLY C 4 3.46 8.47 -25.42
CA GLY C 4 3.07 8.13 -24.06
C GLY C 4 3.65 9.12 -23.06
N ILE C 5 2.95 10.24 -22.86
CA ILE C 5 3.42 11.25 -21.92
C ILE C 5 2.75 11.08 -20.57
N ILE C 6 3.56 11.07 -19.52
CA ILE C 6 3.05 10.92 -18.16
C ILE C 6 3.20 12.24 -17.41
N SER C 7 2.12 12.71 -16.80
CA SER C 7 2.16 13.98 -16.08
C SER C 7 1.66 13.84 -14.64
N GLY C 8 0.34 13.75 -14.49
CA GLY C 8 -0.26 13.63 -13.16
C GLY C 8 -0.73 14.99 -12.66
N THR C 9 -0.59 16.00 -13.52
CA THR C 9 -1.00 17.35 -13.17
C THR C 9 -0.12 17.94 -12.07
N PRO C 10 1.16 17.69 -12.12
CA PRO C 10 2.12 18.20 -11.10
C PRO C 10 1.79 19.63 -10.67
N THR C 11 2.20 19.98 -9.45
CA THR C 11 1.94 21.31 -8.92
C THR C 11 0.46 21.67 -9.03
N ARG C 12 -0.35 21.08 -8.15
CA ARG C 12 -1.79 21.35 -8.16
C ARG C 12 -2.36 21.26 -6.75
N ILE C 13 -1.73 20.46 -5.90
CA ILE C 13 -2.21 20.29 -4.53
C ILE C 13 -1.14 20.73 -3.52
N SER C 14 -1.57 21.42 -2.47
CA SER C 14 -0.63 21.87 -1.45
C SER C 14 -0.64 20.87 -0.29
N VAL C 15 0.44 20.09 -0.19
CA VAL C 15 0.54 19.09 0.86
C VAL C 15 1.89 19.16 1.57
N ASP C 16 1.98 18.52 2.73
CA ASP C 16 3.21 18.52 3.50
C ASP C 16 3.30 17.29 4.41
N GLU C 17 3.82 17.47 5.62
CA GLU C 17 3.94 16.36 6.55
C GLU C 17 2.59 15.65 6.70
N LYS C 18 2.63 14.33 6.85
CA LYS C 18 1.39 13.57 6.97
C LYS C 18 0.53 13.79 5.74
N THR C 19 1.09 14.57 4.79
CA THR C 19 0.41 14.88 3.54
C THR C 19 -0.76 13.92 3.30
N GLU C 20 -1.89 14.19 3.96
CA GLU C 20 -3.08 13.36 3.81
C GLU C 20 -2.71 12.00 3.22
N LEU C 21 -2.65 10.98 4.08
CA LEU C 21 -2.27 9.65 3.63
C LEU C 21 -3.51 8.74 3.48
N ALA C 22 -3.43 7.54 4.03
CA ALA C 22 -4.54 6.58 3.93
C ALA C 22 -5.82 7.13 4.55
N ARG C 23 -5.82 8.41 4.91
CA ARG C 23 -7.00 9.02 5.50
C ARG C 23 -8.26 8.52 4.81
N ILE C 24 -8.10 7.98 3.61
CA ILE C 24 -9.23 7.48 2.83
C ILE C 24 -10.05 6.48 3.62
N ALA C 25 -9.38 5.60 4.35
CA ALA C 25 -10.08 4.59 5.13
C ALA C 25 -11.07 3.80 4.27
N LYS C 26 -11.29 4.28 3.04
CA LYS C 26 -12.21 3.61 2.11
C LYS C 26 -13.15 2.66 2.84
N GLY C 27 -13.76 3.15 3.92
CA GLY C 27 -14.68 2.32 4.69
C GLY C 27 -13.98 1.04 5.14
N MET C 28 -14.56 -0.11 4.80
CA MET C 28 -13.96 -1.39 5.16
C MET C 28 -13.85 -1.52 6.68
N GLN C 29 -13.40 -0.46 7.34
CA GLN C 29 -13.26 -0.48 8.79
C GLN C 29 -14.63 -0.54 9.45
N ASP C 30 -15.66 -0.70 8.63
CA ASP C 30 -17.03 -0.78 9.14
C ASP C 30 -17.11 -1.65 10.38
N LEU C 31 -16.06 -2.43 10.63
CA LEU C 31 -16.04 -3.30 11.80
C LEU C 31 -16.22 -2.48 13.07
N GLU C 32 -17.28 -2.78 13.81
CA GLU C 32 -17.58 -2.07 15.05
C GLU C 32 -16.42 -2.16 16.04
N SER C 33 -16.18 -1.07 16.75
CA SER C 33 -15.11 -1.02 17.74
C SER C 33 -15.68 -1.27 19.14
N GLU C 34 -14.84 -1.72 20.06
CA GLU C 34 -15.28 -1.98 21.42
C GLU C 34 -16.28 -0.93 21.87
N ALA D 1 0.38 6.78 32.86
CA ALA D 1 1.75 7.32 32.60
C ALA D 1 1.90 7.62 31.12
N MET D 2 0.88 7.27 30.34
CA MET D 2 0.90 7.51 28.90
C MET D 2 2.30 7.27 28.34
N ALA D 3 2.87 6.11 28.68
CA ALA D 3 4.21 5.76 28.20
C ALA D 3 4.18 5.51 26.70
N GLY D 4 4.13 4.23 26.32
CA GLY D 4 4.11 3.86 24.91
C GLY D 4 4.77 4.94 24.06
N ILE D 5 6.09 4.86 23.94
CA ILE D 5 6.83 5.83 23.16
C ILE D 5 7.10 5.32 21.75
N ILE D 6 6.78 6.13 20.76
CA ILE D 6 6.98 5.76 19.37
C ILE D 6 8.12 6.58 18.77
N SER D 7 9.09 5.91 18.16
CA SER D 7 10.23 6.61 17.58
C SER D 7 10.44 6.25 16.11
N GLY D 8 10.99 5.06 15.87
CA GLY D 8 11.25 4.62 14.50
C GLY D 8 12.71 4.89 14.12
N THR D 9 13.47 5.38 15.09
CA THR D 9 14.88 5.68 14.88
C THR D 9 15.06 6.84 13.89
N PRO D 10 14.24 7.85 14.00
CA PRO D 10 14.32 9.04 13.11
C PRO D 10 15.75 9.46 12.82
N THR D 11 15.96 10.09 11.67
CA THR D 11 17.30 10.54 11.28
C THR D 11 18.28 9.38 11.33
N ARG D 12 18.20 8.49 10.34
CA ARG D 12 19.10 7.35 10.28
C ARG D 12 19.40 6.96 8.84
N ILE D 13 18.46 7.23 7.95
CA ILE D 13 18.63 6.88 6.55
C ILE D 13 18.58 8.12 5.67
N SER D 14 19.45 8.18 4.67
CA SER D 14 19.49 9.32 3.75
C SER D 14 18.69 8.99 2.50
N VAL D 15 17.51 9.59 2.38
CA VAL D 15 16.65 9.33 1.23
C VAL D 15 16.13 10.63 0.63
N ASP D 16 15.60 10.54 -0.58
CA ASP D 16 15.08 11.72 -1.27
C ASP D 16 14.02 11.31 -2.31
N GLU D 17 14.02 11.99 -3.45
CA GLU D 17 13.04 11.68 -4.49
C GLU D 17 13.06 10.18 -4.79
N LYS D 18 11.89 9.63 -5.09
CA LYS D 18 11.80 8.20 -5.37
C LYS D 18 12.31 7.42 -4.18
N THR D 19 12.67 8.16 -3.13
CA THR D 19 13.17 7.56 -1.89
C THR D 19 12.86 6.07 -1.83
N GLU D 20 13.67 5.28 -2.52
CA GLU D 20 13.48 3.82 -2.54
C GLU D 20 12.08 3.46 -2.08
N LEU D 21 11.21 3.15 -3.04
CA LEU D 21 9.84 2.81 -2.72
C LEU D 21 9.61 1.29 -2.75
N ALA D 22 8.54 0.86 -3.42
CA ALA D 22 8.21 -0.57 -3.50
C ALA D 22 9.33 -1.37 -4.14
N ARG D 23 10.47 -0.74 -4.35
CA ARG D 23 11.61 -1.44 -4.95
C ARG D 23 11.72 -2.86 -4.39
N ILE D 24 11.08 -3.10 -3.25
CA ILE D 24 11.12 -4.40 -2.61
C ILE D 24 10.67 -5.51 -3.55
N ALA D 25 9.63 -5.24 -4.33
CA ALA D 25 9.12 -6.24 -5.27
C ALA D 25 8.82 -7.56 -4.55
N LYS D 26 9.26 -7.67 -3.30
CA LYS D 26 9.05 -8.88 -2.51
C LYS D 26 8.70 -10.07 -3.39
N GLY D 27 9.48 -10.27 -4.45
CA GLY D 27 9.23 -11.38 -5.36
C GLY D 27 7.81 -11.30 -5.90
N MET D 28 7.05 -12.37 -5.73
CA MET D 28 5.66 -12.39 -6.19
C MET D 28 5.60 -12.21 -7.70
N GLN D 29 6.37 -11.25 -8.21
CA GLN D 29 6.39 -10.98 -9.64
C GLN D 29 7.03 -12.15 -10.39
N ASP D 30 7.30 -13.22 -9.66
CA ASP D 30 7.91 -14.40 -10.25
C ASP D 30 7.26 -14.74 -11.60
N LEU D 31 6.10 -14.15 -11.85
CA LEU D 31 5.40 -14.41 -13.12
C LEU D 31 6.29 -14.05 -14.29
N GLU D 32 6.57 -15.04 -15.13
CA GLU D 32 7.43 -14.84 -16.29
C GLU D 32 6.87 -13.77 -17.22
N SER D 33 7.76 -12.97 -17.78
CA SER D 33 7.37 -11.91 -18.71
C SER D 33 7.52 -12.38 -20.14
N GLU D 34 6.79 -11.74 -21.06
CA GLU D 34 6.86 -12.11 -22.47
C GLU D 34 8.29 -12.45 -22.86
N ALA A 1 -9.65 -20.14 13.70
CA ALA A 1 -10.98 -19.68 14.16
C ALA A 1 -10.98 -19.56 15.68
N MET A 2 -10.65 -18.38 16.19
CA MET A 2 -10.64 -18.17 17.62
C MET A 2 -12.06 -18.16 18.16
N ALA A 3 -12.21 -17.99 19.46
CA ALA A 3 -13.54 -17.96 20.05
C ALA A 3 -14.42 -17.05 19.20
N ARG A 4 -15.72 -17.03 19.47
CA ARG A 4 -16.62 -16.19 18.70
C ARG A 4 -16.01 -14.80 18.53
N MET A 5 -16.28 -14.16 17.40
CA MET A 5 -15.73 -12.85 17.13
C MET A 5 -16.36 -11.80 18.05
N SER A 6 -15.71 -11.54 19.18
CA SER A 6 -16.21 -10.56 20.12
C SER A 6 -15.78 -9.16 19.69
N PRO A 7 -16.38 -8.16 20.27
CA PRO A 7 -16.06 -6.74 19.94
C PRO A 7 -14.78 -6.25 20.61
N ALA A 8 -14.75 -6.29 21.93
CA ALA A 8 -13.58 -5.83 22.67
C ALA A 8 -12.34 -6.65 22.26
N ASP A 9 -12.53 -7.94 22.03
CA ASP A 9 -11.42 -8.78 21.62
C ASP A 9 -10.82 -8.24 20.33
N LYS A 10 -11.67 -7.74 19.46
CA LYS A 10 -11.20 -7.18 18.21
C LYS A 10 -10.27 -6.01 18.53
N ARG A 11 -10.70 -5.17 19.47
CA ARG A 11 -9.89 -4.04 19.88
C ARG A 11 -8.58 -4.53 20.49
N LYS A 12 -8.64 -5.63 21.21
CA LYS A 12 -7.44 -6.20 21.81
C LYS A 12 -6.44 -6.46 20.69
N LEU A 13 -6.95 -7.06 19.63
CA LEU A 13 -6.13 -7.31 18.46
C LEU A 13 -5.60 -6.00 17.94
N LEU A 14 -6.50 -5.06 17.67
CA LEU A 14 -6.08 -3.76 17.18
C LEU A 14 -5.03 -3.18 18.10
N ASP A 15 -5.26 -3.31 19.39
CA ASP A 15 -4.30 -2.83 20.37
C ASP A 15 -2.96 -3.51 20.14
N GLU A 16 -3.00 -4.82 19.88
CA GLU A 16 -1.79 -5.59 19.63
C GLU A 16 -1.24 -5.32 18.24
N LEU A 17 -2.12 -5.34 17.24
CA LEU A 17 -1.71 -5.09 15.86
C LEU A 17 -1.05 -3.72 15.76
N ARG A 18 -1.64 -2.76 16.46
CA ARG A 18 -1.08 -1.40 16.46
C ARG A 18 0.33 -1.42 17.02
N SER A 19 0.52 -2.14 18.12
CA SER A 19 1.83 -2.25 18.74
C SER A 19 2.75 -3.14 17.91
N ILE A 20 2.23 -4.29 17.47
CA ILE A 20 3.03 -5.18 16.64
C ILE A 20 3.43 -4.48 15.35
N TYR A 21 2.45 -3.83 14.72
CA TYR A 21 2.73 -3.10 13.50
C TYR A 21 3.84 -2.10 13.78
N ARG A 22 3.68 -1.41 14.90
CA ARG A 22 4.67 -0.45 15.35
C ARG A 22 6.01 -1.14 15.53
N THR A 23 5.98 -2.34 16.12
CA THR A 23 7.19 -3.10 16.34
C THR A 23 7.88 -3.42 15.02
N ILE A 24 7.08 -3.79 14.02
CA ILE A 24 7.63 -4.10 12.71
C ILE A 24 8.45 -2.92 12.22
N VAL A 25 7.86 -1.73 12.36
CA VAL A 25 8.50 -0.50 11.93
C VAL A 25 9.81 -0.25 12.68
N LEU A 26 9.79 -0.46 13.99
CA LEU A 26 10.97 -0.24 14.79
C LEU A 26 12.10 -1.18 14.36
N GLU A 27 11.74 -2.40 14.02
CA GLU A 27 12.73 -3.38 13.62
C GLU A 27 12.98 -3.39 12.11
N TYR A 28 12.19 -2.63 11.37
CA TYR A 28 12.36 -2.60 9.91
C TYR A 28 13.82 -2.31 9.59
N PHE A 29 14.46 -1.49 10.42
CA PHE A 29 15.85 -1.14 10.21
C PHE A 29 16.76 -1.98 11.12
N ASN A 30 16.18 -2.99 11.76
CA ASN A 30 16.96 -3.84 12.65
C ASN A 30 18.15 -4.45 11.91
N THR A 31 19.26 -4.57 12.60
CA THR A 31 20.47 -5.14 12.00
C THR A 31 20.50 -6.65 12.17
N ASP A 32 19.76 -7.17 13.15
CA ASP A 32 19.75 -8.61 13.38
C ASP A 32 18.35 -9.12 13.71
N ALA A 33 17.46 -8.23 14.15
CA ALA A 33 16.10 -8.64 14.50
C ALA A 33 15.39 -9.24 13.29
N LYS A 34 14.72 -10.35 13.52
CA LYS A 34 13.98 -11.02 12.45
C LYS A 34 12.59 -10.40 12.32
N VAL A 35 12.54 -9.25 11.67
CA VAL A 35 11.27 -8.54 11.48
C VAL A 35 10.22 -9.49 10.95
N ASN A 36 10.66 -10.47 10.17
CA ASN A 36 9.74 -11.44 9.61
C ASN A 36 8.82 -11.96 10.69
N GLU A 37 9.36 -12.14 11.88
CA GLU A 37 8.55 -12.62 13.00
C GLU A 37 7.49 -11.58 13.32
N ARG A 38 7.86 -10.31 13.21
CA ARG A 38 6.93 -9.23 13.48
C ARG A 38 5.87 -9.17 12.38
N ILE A 39 6.34 -9.18 11.14
CA ILE A 39 5.44 -9.15 10.00
C ILE A 39 4.58 -10.41 9.99
N ASP A 40 5.21 -11.54 10.31
CA ASP A 40 4.50 -12.81 10.35
C ASP A 40 3.42 -12.78 11.43
N GLU A 41 3.77 -12.21 12.59
CA GLU A 41 2.82 -12.13 13.69
C GLU A 41 1.66 -11.22 13.31
N PHE A 42 1.99 -10.08 12.73
CA PHE A 42 1.00 -9.10 12.30
C PHE A 42 0.17 -9.68 11.15
N VAL A 43 0.85 -10.25 10.17
CA VAL A 43 0.16 -10.82 9.02
C VAL A 43 -0.77 -11.94 9.44
N SER A 44 -0.31 -12.80 10.36
CA SER A 44 -1.11 -13.92 10.81
C SER A 44 -2.35 -13.46 11.58
N LYS A 45 -2.15 -12.63 12.60
CA LYS A 45 -3.27 -12.14 13.40
C LYS A 45 -4.22 -11.28 12.58
N ALA A 46 -3.66 -10.45 11.70
CA ALA A 46 -4.49 -9.59 10.87
C ALA A 46 -5.46 -10.43 10.05
N PHE A 47 -4.93 -11.50 9.46
CA PHE A 47 -5.75 -12.40 8.65
C PHE A 47 -6.76 -13.12 9.53
N PHE A 48 -6.25 -13.70 10.62
CA PHE A 48 -7.08 -14.45 11.57
C PHE A 48 -8.21 -13.60 12.14
N ALA A 49 -7.86 -12.40 12.60
CA ALA A 49 -8.87 -11.50 13.18
C ALA A 49 -9.78 -10.95 12.11
N ASP A 50 -9.61 -11.44 10.89
CA ASP A 50 -10.43 -10.98 9.77
C ASP A 50 -10.26 -9.48 9.60
N ILE A 51 -9.10 -8.97 9.99
CA ILE A 51 -8.82 -7.55 9.87
C ILE A 51 -8.79 -7.13 8.41
N SER A 52 -9.10 -5.88 8.17
CA SER A 52 -9.09 -5.35 6.82
C SER A 52 -7.96 -4.36 6.66
N VAL A 53 -7.48 -4.20 5.44
CA VAL A 53 -6.38 -3.29 5.16
C VAL A 53 -6.70 -1.91 5.77
N SER A 54 -7.99 -1.64 5.92
CA SER A 54 -8.43 -0.35 6.47
C SER A 54 -7.59 0.10 7.64
N GLN A 55 -7.64 -0.64 8.74
CA GLN A 55 -6.89 -0.27 9.92
C GLN A 55 -5.42 -0.14 9.58
N VAL A 56 -4.95 -1.02 8.72
CA VAL A 56 -3.57 -0.96 8.29
C VAL A 56 -3.33 0.40 7.66
N LEU A 57 -4.29 0.82 6.83
CA LEU A 57 -4.22 2.11 6.15
C LEU A 57 -4.47 3.25 7.14
N GLU A 58 -5.54 3.13 7.92
CA GLU A 58 -5.89 4.16 8.89
C GLU A 58 -4.87 4.23 10.03
N ILE A 59 -4.52 3.07 10.59
CA ILE A 59 -3.55 3.04 11.67
C ILE A 59 -2.25 3.71 11.20
N HIS A 60 -1.92 3.48 9.94
CA HIS A 60 -0.71 4.05 9.36
C HIS A 60 -0.70 5.57 9.44
N VAL A 61 -1.79 6.21 9.00
CA VAL A 61 -1.86 7.67 9.03
C VAL A 61 -1.68 8.21 10.44
N GLU A 62 -2.31 7.58 11.42
CA GLU A 62 -2.21 8.03 12.80
C GLU A 62 -0.79 7.88 13.37
N LEU A 63 -0.23 6.69 13.22
CA LEU A 63 1.11 6.42 13.75
C LEU A 63 2.17 7.25 13.04
N MET A 64 2.13 7.28 11.71
CA MET A 64 3.11 8.06 10.96
C MET A 64 2.99 9.53 11.36
N ASP A 65 1.76 9.95 11.62
CA ASP A 65 1.53 11.32 12.06
C ASP A 65 2.27 11.55 13.37
N THR A 66 2.32 10.52 14.19
CA THR A 66 3.00 10.59 15.48
C THR A 66 4.48 10.90 15.29
N PHE A 67 5.14 10.17 14.37
CA PHE A 67 6.55 10.40 14.11
C PHE A 67 6.77 11.79 13.52
N SER A 68 5.92 12.16 12.58
CA SER A 68 6.04 13.46 11.94
C SER A 68 5.91 14.57 12.98
N LYS A 69 5.02 14.38 13.94
CA LYS A 69 4.80 15.35 14.99
C LYS A 69 6.08 15.54 15.82
N GLN A 70 6.69 14.43 16.21
CA GLN A 70 7.92 14.49 17.00
C GLN A 70 9.04 15.15 16.21
N LEU A 71 9.06 14.90 14.91
CA LEU A 71 10.10 15.46 14.05
C LEU A 71 10.05 16.98 14.06
N LYS A 72 8.87 17.57 13.95
CA LYS A 72 8.75 19.01 13.97
C LYS A 72 9.18 19.58 15.32
N LEU A 73 8.76 18.93 16.40
CA LEU A 73 9.13 19.37 17.73
C LEU A 73 10.62 19.15 17.98
N GLU A 74 11.14 18.03 17.47
CA GLU A 74 12.55 17.70 17.62
C GLU A 74 13.35 18.12 16.39
N GLY A 75 12.69 18.80 15.46
CA GLY A 75 13.35 19.25 14.24
C GLY A 75 14.29 18.17 13.70
N ARG A 76 13.70 17.03 13.32
CA ARG A 76 14.49 15.92 12.80
C ARG A 76 14.12 15.61 11.37
N SER A 77 15.09 15.12 10.59
CA SER A 77 14.83 14.77 9.21
C SER A 77 13.60 13.89 9.10
N GLU A 78 12.46 14.50 8.80
CA GLU A 78 11.22 13.75 8.68
C GLU A 78 11.28 12.82 7.48
N ASP A 79 12.36 12.89 6.74
CA ASP A 79 12.54 12.04 5.57
C ASP A 79 12.43 10.57 5.96
N ILE A 80 12.88 10.28 7.18
CA ILE A 80 12.84 8.90 7.69
C ILE A 80 11.45 8.30 7.54
N LEU A 81 10.44 9.14 7.40
CA LEU A 81 9.07 8.65 7.24
C LEU A 81 8.97 7.63 6.12
N LEU A 82 9.74 7.82 5.06
CA LEU A 82 9.72 6.88 3.93
C LEU A 82 9.62 5.46 4.47
N ASP A 83 10.22 5.25 5.64
CA ASP A 83 10.23 3.93 6.26
C ASP A 83 8.82 3.35 6.39
N TYR A 84 7.85 4.20 6.71
CA TYR A 84 6.48 3.74 6.86
C TYR A 84 5.86 3.49 5.49
N ARG A 85 6.24 4.30 4.51
CA ARG A 85 5.73 4.12 3.16
C ARG A 85 6.15 2.74 2.67
N LEU A 86 7.39 2.37 3.02
CA LEU A 86 7.92 1.07 2.64
C LEU A 86 7.29 -0.02 3.51
N THR A 87 7.31 0.18 4.82
CA THR A 87 6.72 -0.79 5.74
C THR A 87 5.22 -0.89 5.51
N LEU A 88 4.58 0.26 5.34
CA LEU A 88 3.14 0.30 5.11
C LEU A 88 2.79 -0.40 3.80
N ILE A 89 3.49 -0.02 2.74
CA ILE A 89 3.28 -0.64 1.44
C ILE A 89 3.78 -2.07 1.46
N ASP A 90 4.90 -2.29 2.12
CA ASP A 90 5.49 -3.62 2.22
C ASP A 90 4.61 -4.54 3.08
N VAL A 91 4.14 -4.03 4.21
CA VAL A 91 3.29 -4.82 5.10
C VAL A 91 1.96 -5.18 4.46
N ILE A 92 1.29 -4.18 3.89
CA ILE A 92 0.00 -4.42 3.23
C ILE A 92 0.16 -5.46 2.15
N ALA A 93 1.24 -5.35 1.39
CA ALA A 93 1.49 -6.28 0.31
C ALA A 93 1.72 -7.69 0.84
N HIS A 94 2.35 -7.80 2.00
CA HIS A 94 2.65 -9.10 2.59
C HIS A 94 1.36 -9.87 2.91
N LEU A 95 0.43 -9.25 3.64
CA LEU A 95 -0.80 -9.94 3.98
C LEU A 95 -1.69 -10.03 2.73
N CYS A 96 -1.67 -9.00 1.89
CA CYS A 96 -2.45 -9.03 0.67
C CYS A 96 -2.08 -10.28 -0.12
N GLU A 97 -0.81 -10.64 -0.07
CA GLU A 97 -0.33 -11.83 -0.77
C GLU A 97 -0.85 -13.10 -0.09
N MET A 98 -0.90 -13.10 1.24
CA MET A 98 -1.39 -14.28 1.95
C MET A 98 -2.86 -14.51 1.60
N TYR A 99 -3.61 -13.42 1.45
CA TYR A 99 -5.02 -13.54 1.08
C TYR A 99 -5.14 -14.22 -0.28
N ARG A 100 -4.30 -13.81 -1.23
CA ARG A 100 -4.31 -14.38 -2.57
C ARG A 100 -4.03 -15.88 -2.54
N ARG A 101 -3.13 -16.29 -1.66
CA ARG A 101 -2.77 -17.71 -1.55
C ARG A 101 -3.82 -18.49 -0.76
N SER A 102 -4.61 -17.78 0.04
CA SER A 102 -5.64 -18.42 0.84
C SER A 102 -6.89 -18.65 0.00
N ILE A 103 -6.79 -18.36 -1.28
CA ILE A 103 -7.93 -18.55 -2.18
C ILE A 103 -7.70 -19.73 -3.11
N PRO A 104 -8.45 -20.79 -2.95
CA PRO A 104 -8.31 -22.01 -3.81
C PRO A 104 -8.92 -21.80 -5.19
N ARG A 105 -8.12 -22.03 -6.23
CA ARG A 105 -8.59 -21.87 -7.60
C ARG A 105 -8.31 -23.11 -8.42
N GLU A 106 -9.10 -23.30 -9.47
CA GLU A 106 -8.94 -24.45 -10.34
C GLU A 106 -7.52 -24.50 -10.91
N VAL A 107 -6.99 -25.69 -11.09
CA VAL A 107 -5.65 -25.86 -11.63
C VAL A 107 -5.25 -27.33 -11.68
N ALA B 1 -12.35 -16.30 -16.39
CA ALA B 1 -11.28 -17.22 -16.88
C ALA B 1 -11.07 -17.01 -18.38
N MET B 2 -10.15 -16.11 -18.73
CA MET B 2 -9.87 -15.85 -20.14
C MET B 2 -9.17 -17.04 -20.76
N ALA B 3 -8.87 -16.96 -22.05
CA ALA B 3 -8.17 -18.05 -22.70
C ALA B 3 -7.02 -18.50 -21.82
N ARG B 4 -6.37 -19.61 -22.17
CA ARG B 4 -5.26 -20.10 -21.37
C ARG B 4 -4.33 -18.94 -21.01
N MET B 5 -3.73 -19.01 -19.83
CA MET B 5 -2.84 -17.94 -19.40
C MET B 5 -1.57 -17.92 -20.24
N SER B 6 -1.56 -17.11 -21.28
CA SER B 6 -0.41 -16.99 -22.14
C SER B 6 0.61 -16.03 -21.53
N PRO B 7 1.80 -16.02 -22.04
CA PRO B 7 2.88 -15.14 -21.54
C PRO B 7 2.75 -13.71 -22.07
N ALA B 8 2.80 -13.55 -23.39
CA ALA B 8 2.70 -12.23 -23.99
C ALA B 8 1.39 -11.56 -23.59
N ASP B 9 0.31 -12.34 -23.51
CA ASP B 9 -0.99 -11.79 -23.13
C ASP B 9 -0.87 -11.15 -21.76
N LYS B 10 -0.09 -11.77 -20.89
CA LYS B 10 0.11 -11.23 -19.55
C LYS B 10 0.72 -9.84 -19.68
N ARG B 11 1.72 -9.73 -20.56
CA ARG B 11 2.37 -8.44 -20.80
C ARG B 11 1.37 -7.45 -21.35
N LYS B 12 0.47 -7.94 -22.21
CA LYS B 12 -0.54 -7.07 -22.79
C LYS B 12 -1.32 -6.44 -21.64
N LEU B 13 -1.68 -7.27 -20.68
CA LEU B 13 -2.37 -6.80 -19.50
C LEU B 13 -1.49 -5.78 -18.80
N LEU B 14 -0.27 -6.16 -18.50
CA LEU B 14 0.66 -5.26 -17.83
C LEU B 14 0.73 -3.96 -18.62
N ASP B 15 0.80 -4.08 -19.93
CA ASP B 15 0.85 -2.91 -20.79
C ASP B 15 -0.39 -2.06 -20.55
N GLU B 16 -1.54 -2.74 -20.44
CA GLU B 16 -2.81 -2.06 -20.19
C GLU B 16 -2.92 -1.60 -18.75
N LEU B 17 -2.58 -2.48 -17.81
CA LEU B 17 -2.65 -2.15 -16.40
C LEU B 17 -1.76 -0.96 -16.10
N ARG B 18 -0.58 -0.94 -16.73
CA ARG B 18 0.35 0.16 -16.55
C ARG B 18 -0.30 1.46 -17.01
N SER B 19 -0.94 1.40 -18.18
CA SER B 19 -1.62 2.58 -18.72
C SER B 19 -2.88 2.89 -17.93
N ILE B 20 -3.68 1.87 -17.65
CA ILE B 20 -4.90 2.07 -16.88
C ILE B 20 -4.55 2.60 -15.50
N TYR B 21 -3.57 1.97 -14.86
CA TYR B 21 -3.13 2.43 -13.54
C TYR B 21 -2.76 3.89 -13.65
N ARG B 22 -2.00 4.19 -14.70
CA ARG B 22 -1.58 5.55 -14.98
C ARG B 22 -2.81 6.44 -15.15
N THR B 23 -3.81 5.91 -15.86
CA THR B 23 -5.03 6.66 -16.09
C THR B 23 -5.73 6.97 -14.77
N ILE B 24 -5.73 6.00 -13.87
CA ILE B 24 -6.35 6.20 -12.56
C ILE B 24 -5.73 7.42 -11.90
N VAL B 25 -4.40 7.45 -11.95
CA VAL B 25 -3.64 8.53 -11.34
C VAL B 25 -3.99 9.88 -11.97
N LEU B 26 -4.08 9.91 -13.30
CA LEU B 26 -4.38 11.14 -14.00
C LEU B 26 -5.76 11.66 -13.60
N GLU B 27 -6.71 10.74 -13.41
CA GLU B 27 -8.06 11.13 -13.07
C GLU B 27 -8.27 11.18 -11.55
N TYR B 28 -7.28 10.74 -10.78
CA TYR B 28 -7.43 10.76 -9.33
C TYR B 28 -7.89 12.14 -8.88
N PHE B 29 -7.41 13.17 -9.57
CA PHE B 29 -7.77 14.54 -9.25
C PHE B 29 -8.87 15.05 -10.17
N ASN B 30 -9.45 14.15 -10.95
CA ASN B 30 -10.51 14.53 -11.88
C ASN B 30 -11.64 15.22 -11.14
N THR B 31 -12.23 16.22 -11.77
CA THR B 31 -13.33 16.96 -11.15
C THR B 31 -14.67 16.31 -11.49
N ASP B 32 -14.71 15.53 -12.55
CA ASP B 32 -15.95 14.88 -12.95
C ASP B 32 -15.73 13.44 -13.42
N ALA B 33 -14.50 13.12 -13.81
CA ALA B 33 -14.21 11.77 -14.29
C ALA B 33 -14.49 10.73 -13.21
N LYS B 34 -15.13 9.65 -13.60
CA LYS B 34 -15.45 8.59 -12.66
C LYS B 34 -14.26 7.63 -12.55
N VAL B 35 -13.26 8.04 -11.77
CA VAL B 35 -12.05 7.24 -11.60
C VAL B 35 -12.43 5.81 -11.24
N ASN B 36 -13.56 5.66 -10.55
CA ASN B 36 -14.02 4.35 -10.14
C ASN B 36 -13.98 3.40 -11.33
N GLU B 37 -14.31 3.93 -12.50
CA GLU B 37 -14.28 3.13 -13.71
C GLU B 37 -12.84 2.69 -14.00
N ARG B 38 -11.90 3.59 -13.72
CA ARG B 38 -10.49 3.30 -13.93
C ARG B 38 -10.02 2.28 -12.91
N ILE B 39 -10.33 2.55 -11.65
CA ILE B 39 -9.97 1.65 -10.57
C ILE B 39 -10.67 0.31 -10.75
N ASP B 40 -11.94 0.38 -11.14
CA ASP B 40 -12.72 -0.82 -11.36
C ASP B 40 -12.12 -1.64 -12.51
N GLU B 41 -11.71 -0.96 -13.57
CA GLU B 41 -11.11 -1.63 -14.72
C GLU B 41 -9.81 -2.28 -14.32
N PHE B 42 -8.99 -1.52 -13.61
CA PHE B 42 -7.69 -2.00 -13.12
C PHE B 42 -7.88 -3.12 -12.11
N VAL B 43 -8.76 -2.88 -11.15
CA VAL B 43 -9.03 -3.86 -10.11
C VAL B 43 -9.55 -5.17 -10.71
N SER B 44 -10.46 -5.05 -11.68
CA SER B 44 -11.05 -6.23 -12.31
C SER B 44 -10.01 -7.03 -13.09
N LYS B 45 -9.30 -6.36 -14.00
CA LYS B 45 -8.30 -7.03 -14.82
C LYS B 45 -7.14 -7.57 -13.97
N ALA B 46 -6.73 -6.79 -12.98
CA ALA B 46 -5.64 -7.21 -12.11
C ALA B 46 -5.99 -8.53 -11.45
N PHE B 47 -7.22 -8.63 -10.95
CA PHE B 47 -7.68 -9.85 -10.30
C PHE B 47 -7.78 -10.98 -11.32
N PHE B 48 -8.45 -10.67 -12.42
CA PHE B 48 -8.67 -11.65 -13.49
C PHE B 48 -7.36 -12.20 -14.05
N ALA B 49 -6.42 -11.30 -14.34
CA ALA B 49 -5.13 -11.70 -14.89
C ALA B 49 -4.27 -12.36 -13.82
N ASP B 50 -4.88 -12.58 -12.66
CA ASP B 50 -4.17 -13.20 -11.55
C ASP B 50 -2.93 -12.39 -11.20
N ILE B 51 -3.00 -11.09 -11.46
CA ILE B 51 -1.89 -10.19 -11.17
C ILE B 51 -1.64 -10.13 -9.67
N SER B 52 -0.40 -9.85 -9.32
CA SER B 52 -0.02 -9.75 -7.93
C SER B 52 0.32 -8.31 -7.58
N VAL B 53 0.14 -7.95 -6.32
CA VAL B 53 0.42 -6.59 -5.89
C VAL B 53 1.81 -6.17 -6.36
N SER B 54 2.68 -7.16 -6.57
CA SER B 54 4.05 -6.91 -6.99
C SER B 54 4.14 -5.82 -8.05
N GLN B 55 3.58 -6.10 -9.22
CA GLN B 55 3.63 -5.13 -10.31
C GLN B 55 3.03 -3.82 -9.86
N VAL B 56 1.97 -3.91 -9.08
CA VAL B 56 1.35 -2.70 -8.55
C VAL B 56 2.41 -1.93 -7.76
N LEU B 57 3.16 -2.68 -6.96
CA LEU B 57 4.23 -2.10 -6.14
C LEU B 57 5.42 -1.68 -7.01
N GLU B 58 5.86 -2.60 -7.88
CA GLU B 58 7.00 -2.33 -8.73
C GLU B 58 6.66 -1.29 -9.80
N ILE B 59 5.50 -1.44 -10.45
CA ILE B 59 5.10 -0.48 -11.47
C ILE B 59 5.04 0.92 -10.85
N HIS B 60 4.61 0.97 -9.60
CA HIS B 60 4.51 2.24 -8.89
C HIS B 60 5.85 2.95 -8.81
N VAL B 61 6.89 2.24 -8.37
CA VAL B 61 8.21 2.85 -8.24
C VAL B 61 8.71 3.42 -9.57
N GLU B 62 8.49 2.68 -10.65
CA GLU B 62 8.95 3.12 -11.96
C GLU B 62 8.19 4.35 -12.46
N LEU B 63 6.86 4.29 -12.41
CA LEU B 63 6.02 5.41 -12.87
C LEU B 63 6.22 6.65 -12.01
N MET B 64 6.17 6.48 -10.69
CA MET B 64 6.35 7.63 -9.80
C MET B 64 7.73 8.23 -10.05
N ASP B 65 8.70 7.37 -10.34
CA ASP B 65 10.05 7.85 -10.64
C ASP B 65 9.99 8.75 -11.86
N THR B 66 9.10 8.41 -12.79
CA THR B 66 8.93 9.18 -14.02
C THR B 66 8.50 10.61 -13.69
N PHE B 67 7.50 10.75 -12.84
CA PHE B 67 7.01 12.07 -12.45
C PHE B 67 8.10 12.84 -11.71
N SER B 68 8.75 12.16 -10.78
CA SER B 68 9.82 12.79 -10.00
C SER B 68 10.92 13.30 -10.92
N LYS B 69 11.23 12.53 -11.95
CA LYS B 69 12.26 12.91 -12.90
C LYS B 69 11.88 14.19 -13.62
N GLN B 70 10.64 14.27 -14.08
CA GLN B 70 10.16 15.46 -14.79
C GLN B 70 10.18 16.67 -13.86
N LEU B 71 9.86 16.44 -12.59
CA LEU B 71 9.81 17.51 -11.61
C LEU B 71 11.17 18.19 -11.45
N LYS B 72 12.23 17.38 -11.37
CA LYS B 72 13.56 17.95 -11.23
C LYS B 72 13.95 18.75 -12.49
N LEU B 73 13.64 18.18 -13.65
CA LEU B 73 13.95 18.86 -14.90
C LEU B 73 13.07 20.10 -15.07
N GLU B 74 11.82 19.98 -14.66
CA GLU B 74 10.88 21.09 -14.76
C GLU B 74 10.79 21.85 -13.44
N GLY B 75 11.64 21.48 -12.48
CA GLY B 75 11.64 22.15 -11.18
C GLY B 75 10.21 22.41 -10.71
N ARG B 76 9.46 21.34 -10.50
CA ARG B 76 8.07 21.46 -10.05
C ARG B 76 7.88 20.83 -8.68
N SER B 77 6.94 21.39 -7.90
CA SER B 77 6.67 20.85 -6.57
C SER B 77 6.46 19.35 -6.65
N GLU B 78 7.52 18.60 -6.36
CA GLU B 78 7.43 17.15 -6.40
C GLU B 78 6.49 16.63 -5.31
N ASP B 79 6.00 17.55 -4.50
CA ASP B 79 5.10 17.19 -3.41
C ASP B 79 3.88 16.46 -3.97
N ILE B 80 3.48 16.85 -5.19
CA ILE B 80 2.33 16.24 -5.84
C ILE B 80 2.44 14.72 -5.84
N LEU B 81 3.64 14.20 -5.68
CA LEU B 81 3.85 12.75 -5.66
C LEU B 81 2.91 12.07 -4.66
N LEU B 82 2.65 12.73 -3.54
CA LEU B 82 1.76 12.14 -2.54
C LEU B 82 0.58 11.47 -3.23
N ASP B 83 0.20 12.02 -4.37
CA ASP B 83 -0.92 11.49 -5.13
C ASP B 83 -0.77 10.00 -5.42
N TYR B 84 0.45 9.57 -5.70
CA TYR B 84 0.70 8.16 -5.98
C TYR B 84 0.68 7.36 -4.69
N ARG B 85 1.15 7.96 -3.61
CA ARG B 85 1.14 7.27 -2.32
C ARG B 85 -0.31 6.98 -1.96
N LEU B 86 -1.19 7.92 -2.26
CA LEU B 86 -2.60 7.74 -2.00
C LEU B 86 -3.22 6.78 -3.01
N THR B 87 -2.96 7.04 -4.29
CA THR B 87 -3.48 6.18 -5.35
C THR B 87 -2.88 4.77 -5.23
N LEU B 88 -1.57 4.72 -4.97
CA LEU B 88 -0.87 3.45 -4.84
C LEU B 88 -1.43 2.68 -3.64
N ILE B 89 -1.49 3.36 -2.49
CA ILE B 89 -2.02 2.75 -1.29
C ILE B 89 -3.52 2.53 -1.42
N ASP B 90 -4.18 3.49 -2.05
CA ASP B 90 -5.63 3.40 -2.24
C ASP B 90 -5.97 2.30 -3.25
N VAL B 91 -5.22 2.23 -4.34
CA VAL B 91 -5.47 1.23 -5.37
C VAL B 91 -5.21 -0.19 -4.86
N ILE B 92 -4.05 -0.37 -4.23
CA ILE B 92 -3.70 -1.68 -3.69
C ILE B 92 -4.76 -2.16 -2.72
N ALA B 93 -5.22 -1.23 -1.88
CA ALA B 93 -6.23 -1.54 -0.89
C ALA B 93 -7.55 -1.93 -1.56
N HIS B 94 -7.86 -1.30 -2.69
CA HIS B 94 -9.10 -1.58 -3.38
C HIS B 94 -9.15 -3.04 -3.87
N LEU B 95 -8.13 -3.49 -4.59
CA LEU B 95 -8.13 -4.86 -5.07
C LEU B 95 -7.88 -5.82 -3.90
N CYS B 96 -7.05 -5.40 -2.95
CA CYS B 96 -6.78 -6.24 -1.79
C CYS B 96 -8.10 -6.59 -1.12
N GLU B 97 -9.01 -5.62 -1.14
CA GLU B 97 -10.33 -5.81 -0.54
C GLU B 97 -11.16 -6.79 -1.38
N MET B 98 -11.06 -6.69 -2.70
CA MET B 98 -11.82 -7.59 -3.57
C MET B 98 -11.36 -9.02 -3.35
N TYR B 99 -10.05 -9.21 -3.12
CA TYR B 99 -9.52 -10.54 -2.86
C TYR B 99 -10.15 -11.11 -1.60
N ARG B 100 -10.25 -10.27 -0.56
CA ARG B 100 -10.84 -10.69 0.72
C ARG B 100 -12.29 -11.14 0.54
N ARG B 101 -13.02 -10.44 -0.32
CA ARG B 101 -14.42 -10.76 -0.55
C ARG B 101 -14.57 -11.96 -1.49
N SER B 102 -13.53 -12.25 -2.26
CA SER B 102 -13.55 -13.36 -3.20
C SER B 102 -13.23 -14.66 -2.47
N ILE B 103 -13.11 -14.57 -1.15
CA ILE B 103 -12.79 -15.75 -0.36
C ILE B 103 -14.01 -16.20 0.44
N PRO B 104 -14.57 -17.34 0.13
CA PRO B 104 -15.76 -17.86 0.86
C PRO B 104 -15.39 -18.44 2.22
N ARG B 105 -16.05 -17.97 3.27
CA ARG B 105 -15.77 -18.44 4.61
C ARG B 105 -17.05 -18.86 5.32
N GLU B 106 -16.92 -19.76 6.29
CA GLU B 106 -18.07 -20.24 7.04
C GLU B 106 -18.80 -19.07 7.68
N VAL B 107 -20.12 -19.18 7.77
CA VAL B 107 -20.93 -18.12 8.37
C VAL B 107 -22.41 -18.46 8.29
N ALA C 1 13.15 14.43 -24.72
CA ALA C 1 13.05 13.49 -25.87
C ALA C 1 11.63 12.92 -25.94
N MET C 2 11.21 12.54 -27.13
CA MET C 2 9.87 11.99 -27.31
C MET C 2 9.94 10.49 -27.59
N ALA C 3 9.17 9.71 -26.83
CA ALA C 3 9.15 8.27 -27.01
C ALA C 3 8.45 7.59 -25.83
N GLY C 4 7.18 7.89 -25.64
CA GLY C 4 6.41 7.29 -24.55
C GLY C 4 6.62 8.04 -23.24
N ILE C 5 6.11 9.27 -23.17
CA ILE C 5 6.24 10.07 -21.96
C ILE C 5 4.97 10.01 -21.12
N ILE C 6 5.13 9.94 -19.80
CA ILE C 6 3.98 9.87 -18.90
C ILE C 6 3.63 11.28 -18.42
N SER C 7 2.35 11.61 -18.49
CA SER C 7 1.87 12.93 -18.09
C SER C 7 1.09 12.85 -16.78
N GLY C 8 1.00 13.99 -16.10
CA GLY C 8 0.28 14.08 -14.82
C GLY C 8 -0.14 15.52 -14.55
N THR C 9 -0.48 15.82 -13.31
CA THR C 9 -0.89 17.17 -12.96
C THR C 9 0.00 17.76 -11.87
N PRO C 10 1.29 17.55 -11.97
CA PRO C 10 2.26 18.09 -10.99
C PRO C 10 1.99 19.54 -10.59
N THR C 11 2.30 19.87 -9.34
CA THR C 11 2.12 21.23 -8.83
C THR C 11 0.66 21.69 -8.86
N ARG C 12 -0.25 20.80 -8.47
CA ARG C 12 -1.67 21.18 -8.45
C ARG C 12 -2.16 21.33 -7.02
N ILE C 13 -1.66 20.46 -6.14
CA ILE C 13 -2.07 20.47 -4.76
C ILE C 13 -0.92 20.87 -3.83
N SER C 14 -1.25 21.64 -2.79
CA SER C 14 -0.25 22.07 -1.83
C SER C 14 -0.21 21.10 -0.66
N VAL C 15 0.68 20.12 -0.74
CA VAL C 15 0.79 19.11 0.30
C VAL C 15 2.22 18.97 0.80
N ASP C 16 2.38 18.41 2.00
CA ASP C 16 3.72 18.21 2.57
C ASP C 16 3.65 17.36 3.84
N GLU C 17 4.50 16.34 3.90
CA GLU C 17 4.57 15.46 5.08
C GLU C 17 3.22 14.79 5.35
N LYS C 18 3.23 13.46 5.42
CA LYS C 18 2.01 12.70 5.68
C LYS C 18 0.94 13.05 4.64
N THR C 19 0.51 14.31 4.67
CA THR C 19 -0.50 14.81 3.75
C THR C 19 -1.51 13.74 3.37
N GLU C 20 -2.75 13.91 3.82
CA GLU C 20 -3.81 12.98 3.50
C GLU C 20 -3.39 11.54 3.74
N LEU C 21 -2.82 10.91 2.72
CA LEU C 21 -2.40 9.52 2.81
C LEU C 21 -3.54 8.64 3.31
N ALA C 22 -3.54 7.38 2.88
CA ALA C 22 -4.59 6.43 3.27
C ALA C 22 -5.85 7.16 3.70
N ARG C 23 -5.84 7.66 4.94
CA ARG C 23 -6.98 8.39 5.54
C ARG C 23 -8.32 7.71 5.24
N ILE C 24 -8.60 7.48 3.97
CA ILE C 24 -9.85 6.84 3.59
C ILE C 24 -9.82 5.37 4.01
N ALA C 25 -10.82 4.96 4.78
CA ALA C 25 -10.87 3.58 5.23
C ALA C 25 -11.02 2.65 4.02
N LYS C 26 -11.51 3.22 2.92
CA LYS C 26 -11.71 2.46 1.69
C LYS C 26 -12.90 1.51 1.81
N GLY C 27 -13.95 1.98 2.48
CA GLY C 27 -15.15 1.18 2.66
C GLY C 27 -14.87 -0.03 3.56
N MET C 28 -13.68 -0.06 4.13
CA MET C 28 -13.29 -1.15 5.01
C MET C 28 -13.38 -0.69 6.48
N GLN C 29 -12.76 -1.46 7.37
CA GLN C 29 -12.80 -1.13 8.80
C GLN C 29 -14.19 -1.40 9.36
N ASP C 30 -14.84 -2.43 8.81
CA ASP C 30 -16.18 -2.78 9.26
C ASP C 30 -16.23 -4.22 9.76
N LEU C 31 -16.82 -5.10 8.94
CA LEU C 31 -16.93 -6.51 9.32
C LEU C 31 -17.75 -6.65 10.59
N GLU C 32 -18.53 -5.61 10.88
CA GLU C 32 -19.37 -5.61 12.08
C GLU C 32 -20.76 -6.16 11.75
N SER C 33 -21.39 -6.78 12.75
CA SER C 33 -22.71 -7.35 12.55
C SER C 33 -23.79 -6.29 12.68
N GLU C 34 -24.95 -6.54 12.07
CA GLU C 34 -26.06 -5.60 12.12
C GLU C 34 -27.32 -6.29 12.65
N ALA D 1 4.90 15.63 26.88
CA ALA D 1 4.04 14.99 27.92
C ALA D 1 4.20 13.48 27.83
N MET D 2 3.98 12.79 28.96
CA MET D 2 4.11 11.35 28.98
C MET D 2 2.73 10.69 29.10
N ALA D 3 2.46 9.74 28.22
CA ALA D 3 1.18 9.04 28.24
C ALA D 3 0.98 8.24 26.95
N GLY D 4 1.86 7.28 26.72
CA GLY D 4 1.75 6.44 25.52
C GLY D 4 2.40 7.10 24.32
N ILE D 5 3.74 7.22 24.35
CA ILE D 5 4.47 7.83 23.25
C ILE D 5 5.06 6.76 22.33
N ILE D 6 5.01 7.01 21.02
CA ILE D 6 5.55 6.07 20.05
C ILE D 6 6.99 6.45 19.70
N SER D 7 7.87 5.46 19.74
CA SER D 7 9.29 5.68 19.45
C SER D 7 9.67 5.09 18.09
N GLY D 8 10.77 5.61 17.53
CA GLY D 8 11.26 5.15 16.24
C GLY D 8 12.75 5.47 16.10
N THR D 9 13.25 5.43 14.88
CA THR D 9 14.67 5.72 14.66
C THR D 9 14.84 6.89 13.69
N PRO D 10 14.06 7.93 13.85
CA PRO D 10 14.14 9.13 12.99
C PRO D 10 15.58 9.59 12.74
N THR D 11 15.81 10.16 11.56
CA THR D 11 17.13 10.67 11.20
C THR D 11 18.20 9.59 11.18
N ARG D 12 17.87 8.42 10.63
CA ARG D 12 18.87 7.35 10.57
C ARG D 12 19.33 7.12 9.13
N ILE D 13 18.39 7.26 8.21
CA ILE D 13 18.68 7.05 6.80
C ILE D 13 18.56 8.34 6.00
N SER D 14 19.47 8.52 5.03
CA SER D 14 19.44 9.71 4.18
C SER D 14 18.65 9.41 2.92
N VAL D 15 17.36 9.74 2.95
CA VAL D 15 16.50 9.48 1.81
C VAL D 15 15.74 10.74 1.39
N ASP D 16 15.25 10.74 0.15
CA ASP D 16 14.50 11.88 -0.36
C ASP D 16 13.86 11.58 -1.72
N GLU D 17 12.57 11.88 -1.84
CA GLU D 17 11.84 11.66 -3.09
C GLU D 17 11.90 10.19 -3.52
N LYS D 18 10.73 9.59 -3.73
CA LYS D 18 10.65 8.19 -4.15
C LYS D 18 11.37 7.30 -3.15
N THR D 19 12.68 7.50 -3.07
CA THR D 19 13.53 6.74 -2.16
C THR D 19 13.04 5.31 -1.96
N GLU D 20 13.80 4.35 -2.47
CA GLU D 20 13.44 2.95 -2.31
C GLU D 20 12.00 2.69 -2.69
N LEU D 21 11.11 2.80 -1.70
CA LEU D 21 9.69 2.55 -1.91
C LEU D 21 9.47 1.19 -2.58
N ALA D 22 8.34 0.56 -2.28
CA ALA D 22 8.01 -0.75 -2.85
C ALA D 22 9.27 -1.49 -3.27
N ARG D 23 9.79 -1.12 -4.45
CA ARG D 23 11.00 -1.73 -5.03
C ARG D 23 11.01 -3.26 -4.89
N ILE D 24 10.84 -3.75 -3.67
CA ILE D 24 10.84 -5.18 -3.44
C ILE D 24 9.56 -5.78 -4.01
N ALA D 25 9.71 -6.77 -4.88
CA ALA D 25 8.55 -7.41 -5.49
C ALA D 25 7.72 -8.09 -4.41
N LYS D 26 8.37 -8.37 -3.27
CA LYS D 26 7.71 -9.02 -2.15
C LYS D 26 7.45 -10.50 -2.44
N GLY D 27 8.39 -11.14 -3.13
CA GLY D 27 8.25 -12.54 -3.46
C GLY D 27 7.12 -12.76 -4.47
N MET D 28 6.58 -11.65 -4.96
CA MET D 28 5.49 -11.72 -5.94
C MET D 28 6.03 -11.43 -7.34
N GLN D 29 5.13 -11.15 -8.28
CA GLN D 29 5.53 -10.88 -9.66
C GLN D 29 5.97 -12.18 -10.32
N ASP D 30 5.34 -13.27 -9.94
CA ASP D 30 5.68 -14.58 -10.50
C ASP D 30 4.47 -15.23 -11.16
N LEU D 31 3.91 -16.23 -10.48
CA LEU D 31 2.75 -16.94 -11.01
C LEU D 31 3.09 -17.59 -12.33
N GLU D 32 4.38 -17.78 -12.57
CA GLU D 32 4.86 -18.40 -13.80
C GLU D 32 5.01 -19.90 -13.62
N SER D 33 4.81 -20.64 -14.71
CA SER D 33 4.91 -22.10 -14.66
C SER D 33 6.37 -22.55 -14.74
N GLU D 34 6.64 -23.75 -14.25
CA GLU D 34 7.99 -24.29 -14.26
C GLU D 34 8.01 -25.66 -14.94
N ALA A 1 -22.59 -17.89 29.50
CA ALA A 1 -22.79 -18.30 28.09
C ALA A 1 -22.83 -17.06 27.20
N MET A 2 -22.16 -17.13 26.05
CA MET A 2 -22.12 -16.00 25.13
C MET A 2 -21.48 -16.40 23.81
N ALA A 3 -21.50 -15.50 22.84
CA ALA A 3 -20.90 -15.79 21.55
C ALA A 3 -19.43 -16.14 21.72
N ARG A 4 -18.99 -17.20 21.05
CA ARG A 4 -17.59 -17.65 21.14
C ARG A 4 -16.83 -16.86 22.18
N MET A 5 -16.14 -15.81 21.75
CA MET A 5 -15.37 -14.98 22.67
C MET A 5 -15.81 -13.52 22.56
N SER A 6 -15.77 -12.82 23.70
CA SER A 6 -16.19 -11.42 23.73
C SER A 6 -15.42 -10.59 22.71
N PRO A 7 -15.89 -9.39 22.46
CA PRO A 7 -15.26 -8.45 21.50
C PRO A 7 -14.00 -7.80 22.08
N ALA A 8 -13.86 -7.85 23.40
CA ALA A 8 -12.71 -7.26 24.06
C ALA A 8 -11.42 -7.87 23.51
N ASP A 9 -11.43 -9.17 23.26
CA ASP A 9 -10.25 -9.84 22.73
C ASP A 9 -9.87 -9.21 21.39
N LYS A 10 -10.87 -8.86 20.59
CA LYS A 10 -10.61 -8.23 19.31
C LYS A 10 -9.80 -6.97 19.57
N ARG A 11 -10.19 -6.24 20.62
CA ARG A 11 -9.48 -5.02 21.00
C ARG A 11 -8.06 -5.37 21.45
N LYS A 12 -7.92 -6.47 22.17
CA LYS A 12 -6.59 -6.89 22.61
C LYS A 12 -5.72 -7.05 21.38
N LEU A 13 -6.31 -7.59 20.32
CA LEU A 13 -5.60 -7.73 19.07
C LEU A 13 -5.28 -6.35 18.53
N LEU A 14 -6.30 -5.51 18.41
CA LEU A 14 -6.09 -4.16 17.93
C LEU A 14 -5.02 -3.49 18.79
N ASP A 15 -5.11 -3.71 20.09
CA ASP A 15 -4.12 -3.15 21.01
C ASP A 15 -2.73 -3.66 20.66
N GLU A 16 -2.63 -4.97 20.41
CA GLU A 16 -1.37 -5.59 20.06
C GLU A 16 -0.98 -5.26 18.62
N LEU A 17 -1.95 -5.31 17.72
CA LEU A 17 -1.68 -5.01 16.32
C LEU A 17 -1.13 -3.60 16.19
N ARG A 18 -1.66 -2.69 17.00
CA ARG A 18 -1.20 -1.31 16.99
C ARG A 18 0.27 -1.28 17.35
N SER A 19 0.60 -1.90 18.48
CA SER A 19 1.99 -1.95 18.93
C SER A 19 2.81 -2.82 18.00
N ILE A 20 2.30 -4.02 17.72
CA ILE A 20 3.01 -4.93 16.82
C ILE A 20 3.28 -4.20 15.51
N TYR A 21 2.27 -3.55 14.97
CA TYR A 21 2.46 -2.79 13.74
C TYR A 21 3.60 -1.82 13.93
N ARG A 22 3.51 -1.08 15.03
CA ARG A 22 4.54 -0.12 15.39
C ARG A 22 5.89 -0.82 15.50
N THR A 23 5.91 -1.97 16.17
CA THR A 23 7.14 -2.74 16.33
C THR A 23 7.72 -3.13 14.98
N ILE A 24 6.85 -3.54 14.06
CA ILE A 24 7.30 -3.93 12.73
C ILE A 24 8.10 -2.79 12.13
N VAL A 25 7.60 -1.58 12.32
CA VAL A 25 8.23 -0.38 11.79
C VAL A 25 9.57 -0.09 12.49
N LEU A 26 9.56 -0.14 13.82
CA LEU A 26 10.77 0.13 14.59
C LEU A 26 11.90 -0.79 14.17
N GLU A 27 11.55 -2.02 13.81
CA GLU A 27 12.55 -2.99 13.42
C GLU A 27 12.80 -3.00 11.92
N TYR A 28 12.01 -2.26 11.17
CA TYR A 28 12.17 -2.22 9.71
C TYR A 28 13.61 -1.91 9.35
N PHE A 29 14.25 -1.06 10.15
CA PHE A 29 15.63 -0.69 9.91
C PHE A 29 16.57 -1.45 10.84
N ASN A 30 16.03 -2.45 11.52
CA ASN A 30 16.82 -3.26 12.45
C ASN A 30 18.02 -3.86 11.75
N THR A 31 19.12 -4.00 12.49
CA THR A 31 20.32 -4.58 11.93
C THR A 31 20.35 -6.09 12.14
N ASP A 32 19.61 -6.56 13.15
CA ASP A 32 19.59 -7.99 13.45
C ASP A 32 18.19 -8.47 13.82
N ALA A 33 17.26 -7.54 14.06
CA ALA A 33 15.90 -7.93 14.42
C ALA A 33 15.17 -8.52 13.23
N LYS A 34 14.53 -9.66 13.45
CA LYS A 34 13.78 -10.31 12.40
C LYS A 34 12.39 -9.69 12.30
N VAL A 35 12.29 -8.64 11.50
CA VAL A 35 11.02 -7.94 11.33
C VAL A 35 9.98 -8.91 10.77
N ASN A 36 10.47 -9.85 9.97
CA ASN A 36 9.60 -10.85 9.37
C ASN A 36 8.73 -11.46 10.46
N GLU A 37 9.31 -11.64 11.65
CA GLU A 37 8.56 -12.20 12.77
C GLU A 37 7.43 -11.23 13.15
N ARG A 38 7.75 -9.95 13.17
CA ARG A 38 6.77 -8.93 13.49
C ARG A 38 5.72 -8.88 12.39
N ILE A 39 6.19 -8.92 11.14
CA ILE A 39 5.31 -8.90 9.99
C ILE A 39 4.47 -10.16 9.96
N ASP A 40 5.10 -11.28 10.22
CA ASP A 40 4.40 -12.56 10.23
C ASP A 40 3.35 -12.57 11.34
N GLU A 41 3.68 -11.97 12.48
CA GLU A 41 2.76 -11.92 13.61
C GLU A 41 1.55 -11.05 13.27
N PHE A 42 1.83 -9.87 12.74
CA PHE A 42 0.76 -8.94 12.37
C PHE A 42 -0.06 -9.52 11.22
N VAL A 43 0.65 -10.05 10.23
CA VAL A 43 -0.01 -10.62 9.06
C VAL A 43 -0.90 -11.80 9.46
N SER A 44 -0.35 -12.70 10.28
CA SER A 44 -1.09 -13.88 10.71
C SER A 44 -2.32 -13.51 11.54
N LYS A 45 -2.16 -12.62 12.51
CA LYS A 45 -3.28 -12.21 13.34
C LYS A 45 -4.29 -11.41 12.54
N ALA A 46 -3.80 -10.49 11.72
CA ALA A 46 -4.68 -9.66 10.91
C ALA A 46 -5.58 -10.53 10.05
N PHE A 47 -4.99 -11.53 9.40
CA PHE A 47 -5.75 -12.45 8.57
C PHE A 47 -6.76 -13.22 9.41
N PHE A 48 -6.23 -13.85 10.46
CA PHE A 48 -7.04 -14.65 11.38
C PHE A 48 -8.12 -13.79 12.06
N ALA A 49 -7.73 -12.60 12.49
CA ALA A 49 -8.67 -11.70 13.17
C ALA A 49 -9.62 -11.06 12.18
N ASP A 50 -9.56 -11.50 10.92
CA ASP A 50 -10.43 -10.97 9.89
C ASP A 50 -10.37 -9.45 9.82
N ILE A 51 -9.18 -8.89 10.05
CA ILE A 51 -9.03 -7.44 9.99
C ILE A 51 -8.82 -6.98 8.56
N SER A 52 -9.61 -6.00 8.14
CA SER A 52 -9.49 -5.47 6.79
C SER A 52 -8.26 -4.58 6.71
N VAL A 53 -7.78 -4.33 5.50
CA VAL A 53 -6.62 -3.47 5.32
C VAL A 53 -6.92 -2.10 5.93
N SER A 54 -8.21 -1.81 6.05
CA SER A 54 -8.68 -0.52 6.57
C SER A 54 -7.87 -0.05 7.77
N GLN A 55 -7.94 -0.78 8.88
CA GLN A 55 -7.21 -0.37 10.07
C GLN A 55 -5.72 -0.27 9.79
N VAL A 56 -5.21 -1.21 9.02
CA VAL A 56 -3.81 -1.20 8.67
C VAL A 56 -3.50 0.15 8.01
N LEU A 57 -4.44 0.56 7.16
CA LEU A 57 -4.32 1.82 6.43
C LEU A 57 -4.49 3.03 7.37
N GLU A 58 -5.56 3.02 8.16
CA GLU A 58 -5.83 4.14 9.06
C GLU A 58 -4.87 4.16 10.24
N ILE A 59 -4.65 3.00 10.87
CA ILE A 59 -3.74 2.95 12.00
C ILE A 59 -2.38 3.50 11.59
N HIS A 60 -1.98 3.17 10.36
CA HIS A 60 -0.70 3.63 9.84
C HIS A 60 -0.62 5.16 9.82
N VAL A 61 -1.62 5.79 9.21
CA VAL A 61 -1.66 7.25 9.10
C VAL A 61 -1.54 7.91 10.47
N GLU A 62 -2.24 7.37 11.46
CA GLU A 62 -2.22 7.93 12.80
C GLU A 62 -0.81 7.90 13.39
N LEU A 63 -0.15 6.75 13.30
CA LEU A 63 1.20 6.63 13.85
C LEU A 63 2.19 7.49 13.08
N MET A 64 2.08 7.51 11.75
CA MET A 64 2.99 8.32 10.95
C MET A 64 2.83 9.78 11.33
N ASP A 65 1.60 10.19 11.60
CA ASP A 65 1.34 11.56 12.01
C ASP A 65 2.09 11.84 13.30
N THR A 66 2.12 10.83 14.17
CA THR A 66 2.79 10.94 15.45
C THR A 66 4.27 11.23 15.26
N PHE A 67 4.90 10.51 14.34
CA PHE A 67 6.33 10.72 14.07
C PHE A 67 6.56 12.05 13.37
N SER A 68 5.76 12.33 12.34
CA SER A 68 5.91 13.57 11.59
C SER A 68 5.78 14.78 12.51
N LYS A 69 4.83 14.72 13.43
CA LYS A 69 4.61 15.81 14.37
C LYS A 69 5.85 16.04 15.24
N GLN A 70 6.34 14.98 15.86
CA GLN A 70 7.52 15.10 16.71
C GLN A 70 8.77 15.48 15.92
N LEU A 71 8.87 14.99 14.70
CA LEU A 71 10.04 15.31 13.86
C LEU A 71 10.13 16.82 13.65
N LYS A 72 8.99 17.46 13.42
CA LYS A 72 8.94 18.90 13.21
C LYS A 72 9.30 19.65 14.49
N LEU A 73 8.67 19.25 15.59
CA LEU A 73 8.90 19.90 16.88
C LEU A 73 10.35 19.76 17.33
N GLU A 74 10.95 18.61 17.02
CA GLU A 74 12.33 18.36 17.41
C GLU A 74 13.31 18.80 16.34
N GLY A 75 12.81 19.12 15.16
CA GLY A 75 13.68 19.55 14.07
C GLY A 75 14.54 18.38 13.58
N ARG A 76 13.93 17.21 13.47
CA ARG A 76 14.65 16.03 13.02
C ARG A 76 14.14 15.56 11.66
N SER A 77 15.06 15.05 10.83
CA SER A 77 14.70 14.58 9.51
C SER A 77 13.40 13.77 9.56
N GLU A 78 12.41 14.21 8.80
CA GLU A 78 11.13 13.53 8.75
C GLU A 78 11.09 12.53 7.61
N ASP A 79 12.21 12.36 6.92
CA ASP A 79 12.29 11.42 5.80
C ASP A 79 12.25 9.99 6.31
N ILE A 80 12.67 9.79 7.56
CA ILE A 80 12.68 8.46 8.15
C ILE A 80 11.32 7.79 7.98
N LEU A 81 10.30 8.59 7.68
CA LEU A 81 8.97 8.03 7.45
C LEU A 81 9.09 6.99 6.33
N LEU A 82 10.31 6.88 5.79
CA LEU A 82 10.61 5.94 4.72
C LEU A 82 10.09 4.55 5.05
N ASP A 83 10.40 4.06 6.24
CA ASP A 83 9.95 2.73 6.63
C ASP A 83 8.44 2.67 6.63
N TYR A 84 7.81 3.77 6.98
CA TYR A 84 6.36 3.79 7.04
C TYR A 84 5.76 3.57 5.65
N ARG A 85 6.24 4.32 4.68
CA ARG A 85 5.73 4.18 3.31
C ARG A 85 6.04 2.77 2.82
N LEU A 86 7.26 2.32 3.13
CA LEU A 86 7.70 0.98 2.74
C LEU A 86 7.05 -0.08 3.61
N THR A 87 7.09 0.13 4.92
CA THR A 87 6.49 -0.81 5.87
C THR A 87 4.99 -0.90 5.62
N LEU A 88 4.37 0.25 5.35
CA LEU A 88 2.93 0.28 5.11
C LEU A 88 2.59 -0.50 3.85
N ILE A 89 3.27 -0.18 2.76
CA ILE A 89 3.02 -0.88 1.50
C ILE A 89 3.48 -2.33 1.61
N ASP A 90 4.61 -2.53 2.28
CA ASP A 90 5.14 -3.87 2.47
C ASP A 90 4.18 -4.72 3.30
N VAL A 91 3.71 -4.15 4.40
CA VAL A 91 2.78 -4.86 5.27
C VAL A 91 1.51 -5.21 4.51
N ILE A 92 0.93 -4.21 3.85
CA ILE A 92 -0.27 -4.43 3.06
C ILE A 92 0.00 -5.47 1.97
N ALA A 93 1.13 -5.29 1.29
CA ALA A 93 1.52 -6.19 0.21
C ALA A 93 1.78 -7.59 0.75
N HIS A 94 2.30 -7.67 1.98
CA HIS A 94 2.62 -8.96 2.58
C HIS A 94 1.37 -9.78 2.85
N LEU A 95 0.40 -9.20 3.56
CA LEU A 95 -0.83 -9.93 3.85
C LEU A 95 -1.68 -10.04 2.60
N CYS A 96 -1.65 -9.01 1.76
CA CYS A 96 -2.43 -9.06 0.53
C CYS A 96 -2.02 -10.31 -0.25
N GLU A 97 -0.74 -10.67 -0.16
CA GLU A 97 -0.24 -11.85 -0.84
C GLU A 97 -0.79 -13.11 -0.16
N MET A 98 -0.78 -13.11 1.17
CA MET A 98 -1.29 -14.27 1.90
C MET A 98 -2.73 -14.52 1.51
N TYR A 99 -3.46 -13.42 1.26
CA TYR A 99 -4.85 -13.55 0.84
C TYR A 99 -4.91 -14.23 -0.53
N ARG A 100 -3.97 -13.90 -1.41
CA ARG A 100 -3.95 -14.53 -2.73
C ARG A 100 -3.76 -16.04 -2.59
N ARG A 101 -2.83 -16.42 -1.72
CA ARG A 101 -2.53 -17.83 -1.48
C ARG A 101 -3.68 -18.51 -0.75
N SER A 102 -4.46 -17.72 -0.02
CA SER A 102 -5.57 -18.25 0.73
C SER A 102 -6.77 -18.52 -0.18
N ILE A 103 -6.61 -18.25 -1.47
CA ILE A 103 -7.70 -18.45 -2.41
C ILE A 103 -7.38 -19.63 -3.34
N PRO A 104 -8.05 -20.74 -3.18
CA PRO A 104 -7.82 -21.96 -4.02
C PRO A 104 -7.69 -21.63 -5.52
N ARG A 105 -6.60 -21.00 -5.89
CA ARG A 105 -6.37 -20.66 -7.28
C ARG A 105 -5.06 -21.30 -7.74
N GLU A 106 -5.08 -21.90 -8.93
CA GLU A 106 -3.89 -22.56 -9.44
C GLU A 106 -2.77 -21.57 -9.74
N VAL A 107 -1.53 -22.00 -9.53
CA VAL A 107 -0.38 -21.15 -9.77
C VAL A 107 0.90 -21.83 -9.29
N ALA B 1 -3.32 -24.94 -32.70
CA ALA B 1 -3.67 -25.46 -31.36
C ALA B 1 -2.62 -25.03 -30.35
N MET B 2 -3.08 -24.59 -29.18
CA MET B 2 -2.15 -24.14 -28.14
C MET B 2 -2.90 -23.90 -26.83
N ALA B 3 -2.15 -23.61 -25.77
CA ALA B 3 -2.76 -23.35 -24.48
C ALA B 3 -3.75 -22.20 -24.59
N ARG B 4 -4.93 -22.37 -24.01
CA ARG B 4 -5.97 -21.34 -24.05
C ARG B 4 -5.57 -20.18 -24.95
N MET B 5 -5.00 -19.15 -24.36
CA MET B 5 -4.56 -17.99 -25.13
C MET B 5 -3.08 -17.72 -24.90
N SER B 6 -2.41 -17.24 -25.94
CA SER B 6 -0.98 -16.95 -25.86
C SER B 6 -0.67 -16.00 -24.71
N PRO B 7 0.59 -15.89 -24.36
CA PRO B 7 1.06 -15.01 -23.26
C PRO B 7 1.09 -13.54 -23.68
N ALA B 8 1.05 -13.31 -24.99
CA ALA B 8 1.08 -11.94 -25.50
C ALA B 8 -0.09 -11.14 -24.93
N ASP B 9 -1.25 -11.78 -24.84
CA ASP B 9 -2.42 -11.10 -24.30
C ASP B 9 -2.14 -10.63 -22.88
N LYS B 10 -1.40 -11.44 -22.12
CA LYS B 10 -1.05 -11.05 -20.76
C LYS B 10 -0.30 -9.73 -20.83
N ARG B 11 0.59 -9.63 -21.81
CA ARG B 11 1.35 -8.39 -22.01
C ARG B 11 0.41 -7.26 -22.39
N LYS B 12 -0.57 -7.56 -23.23
CA LYS B 12 -1.54 -6.55 -23.63
C LYS B 12 -2.17 -5.98 -22.36
N LEU B 13 -2.43 -6.86 -21.41
CA LEU B 13 -2.99 -6.44 -20.13
C LEU B 13 -1.94 -5.58 -19.44
N LEU B 14 -0.74 -6.10 -19.28
CA LEU B 14 0.33 -5.35 -18.64
C LEU B 14 0.47 -4.01 -19.35
N ASP B 15 0.40 -4.04 -20.68
CA ASP B 15 0.50 -2.82 -21.46
C ASP B 15 -0.62 -1.86 -21.07
N GLU B 16 -1.84 -2.41 -20.96
CA GLU B 16 -3.00 -1.62 -20.60
C GLU B 16 -2.99 -1.27 -19.11
N LEU B 17 -2.63 -2.25 -18.29
CA LEU B 17 -2.58 -2.03 -16.85
C LEU B 17 -1.60 -0.91 -16.54
N ARG B 18 -0.50 -0.88 -17.27
CA ARG B 18 0.50 0.16 -17.08
C ARG B 18 -0.14 1.52 -17.34
N SER B 19 -0.77 1.65 -18.51
CA SER B 19 -1.43 2.90 -18.86
C SER B 19 -2.65 3.11 -17.98
N ILE B 20 -3.49 2.08 -17.86
CA ILE B 20 -4.67 2.19 -17.02
C ILE B 20 -4.25 2.63 -15.63
N TYR B 21 -3.22 1.97 -15.08
CA TYR B 21 -2.73 2.35 -13.77
C TYR B 21 -2.39 3.83 -13.79
N ARG B 22 -1.63 4.21 -14.80
CA ARG B 22 -1.24 5.59 -14.98
C ARG B 22 -2.49 6.48 -15.07
N THR B 23 -3.46 6.04 -15.86
CA THR B 23 -4.70 6.79 -16.03
C THR B 23 -5.41 6.97 -14.69
N ILE B 24 -5.43 5.92 -13.88
CA ILE B 24 -6.06 5.98 -12.58
C ILE B 24 -5.47 7.14 -11.79
N VAL B 25 -4.15 7.29 -11.90
CA VAL B 25 -3.43 8.34 -11.20
C VAL B 25 -3.75 9.72 -11.77
N LEU B 26 -3.71 9.84 -13.10
CA LEU B 26 -3.98 11.11 -13.75
C LEU B 26 -5.36 11.64 -13.35
N GLU B 27 -6.30 10.73 -13.15
CA GLU B 27 -7.63 11.12 -12.80
C GLU B 27 -7.87 11.17 -11.29
N TYR B 28 -6.89 10.73 -10.53
CA TYR B 28 -7.02 10.72 -9.08
C TYR B 28 -7.45 12.11 -8.59
N PHE B 29 -6.95 13.15 -9.24
CA PHE B 29 -7.28 14.51 -8.86
C PHE B 29 -8.33 15.09 -9.80
N ASN B 30 -8.91 14.22 -10.63
CA ASN B 30 -9.93 14.66 -11.59
C ASN B 30 -11.08 15.35 -10.87
N THR B 31 -11.67 16.34 -11.54
CA THR B 31 -12.78 17.08 -10.97
C THR B 31 -14.11 16.44 -11.35
N ASP B 32 -14.11 15.68 -12.45
CA ASP B 32 -15.33 15.03 -12.89
C ASP B 32 -15.08 13.61 -13.41
N ALA B 33 -13.82 13.26 -13.61
CA ALA B 33 -13.50 11.91 -14.11
C ALA B 33 -13.75 10.87 -13.03
N LYS B 34 -14.44 9.80 -13.42
CA LYS B 34 -14.73 8.73 -12.49
C LYS B 34 -13.54 7.78 -12.42
N VAL B 35 -12.62 8.08 -11.52
CA VAL B 35 -11.42 7.27 -11.36
C VAL B 35 -11.83 5.86 -10.99
N ASN B 36 -12.94 5.76 -10.26
CA ASN B 36 -13.44 4.47 -9.83
C ASN B 36 -13.51 3.53 -11.04
N GLU B 37 -13.86 4.09 -12.19
CA GLU B 37 -13.93 3.31 -13.41
C GLU B 37 -12.53 2.79 -13.76
N ARG B 38 -11.55 3.67 -13.62
CA ARG B 38 -10.17 3.30 -13.89
C ARG B 38 -9.70 2.29 -12.86
N ILE B 39 -10.05 2.55 -11.61
CA ILE B 39 -9.68 1.66 -10.52
C ILE B 39 -10.41 0.32 -10.67
N ASP B 40 -11.68 0.40 -11.02
CA ASP B 40 -12.47 -0.81 -11.22
C ASP B 40 -11.92 -1.62 -12.38
N GLU B 41 -11.47 -0.93 -13.43
CA GLU B 41 -10.92 -1.59 -14.61
C GLU B 41 -9.62 -2.30 -14.25
N PHE B 42 -8.73 -1.57 -13.59
CA PHE B 42 -7.44 -2.12 -13.19
C PHE B 42 -7.64 -3.23 -12.16
N VAL B 43 -8.50 -2.97 -11.18
CA VAL B 43 -8.77 -3.95 -10.14
C VAL B 43 -9.38 -5.22 -10.71
N SER B 44 -10.36 -5.05 -11.59
CA SER B 44 -11.04 -6.20 -12.20
C SER B 44 -10.08 -7.02 -13.05
N LYS B 45 -9.31 -6.37 -13.91
CA LYS B 45 -8.37 -7.07 -14.78
C LYS B 45 -7.25 -7.69 -13.96
N ALA B 46 -6.71 -6.92 -13.02
CA ALA B 46 -5.63 -7.41 -12.18
C ALA B 46 -6.03 -8.70 -11.48
N PHE B 47 -7.22 -8.70 -10.90
CA PHE B 47 -7.73 -9.88 -10.23
C PHE B 47 -7.89 -11.04 -11.22
N PHE B 48 -8.63 -10.75 -12.29
CA PHE B 48 -8.88 -11.73 -13.33
C PHE B 48 -7.59 -12.20 -14.00
N ALA B 49 -6.68 -11.27 -14.27
CA ALA B 49 -5.42 -11.61 -14.91
C ALA B 49 -4.47 -12.27 -13.92
N ASP B 50 -4.96 -12.55 -12.72
CA ASP B 50 -4.16 -13.20 -11.69
C ASP B 50 -2.84 -12.45 -11.46
N ILE B 51 -2.90 -11.11 -11.54
CA ILE B 51 -1.70 -10.32 -11.33
C ILE B 51 -1.48 -10.07 -9.84
N SER B 52 -0.27 -10.37 -9.37
CA SER B 52 0.05 -10.16 -7.97
C SER B 52 0.26 -8.68 -7.71
N VAL B 53 0.18 -8.27 -6.44
CA VAL B 53 0.38 -6.88 -6.10
C VAL B 53 1.77 -6.44 -6.58
N SER B 54 2.64 -7.43 -6.75
CA SER B 54 4.02 -7.20 -7.16
C SER B 54 4.14 -6.13 -8.26
N GLN B 55 3.60 -6.41 -9.44
CA GLN B 55 3.70 -5.45 -10.53
C GLN B 55 3.07 -4.12 -10.14
N VAL B 56 1.95 -4.19 -9.44
CA VAL B 56 1.29 -2.98 -9.00
C VAL B 56 2.28 -2.17 -8.17
N LEU B 57 3.02 -2.89 -7.34
CA LEU B 57 4.04 -2.30 -6.48
C LEU B 57 5.24 -1.80 -7.29
N GLU B 58 5.79 -2.65 -8.15
CA GLU B 58 6.96 -2.28 -8.95
C GLU B 58 6.59 -1.30 -10.05
N ILE B 59 5.53 -1.57 -10.78
CA ILE B 59 5.12 -0.67 -11.85
C ILE B 59 4.94 0.75 -11.29
N HIS B 60 4.39 0.82 -10.09
CA HIS B 60 4.17 2.09 -9.43
C HIS B 60 5.47 2.86 -9.24
N VAL B 61 6.46 2.21 -8.63
CA VAL B 61 7.75 2.83 -8.37
C VAL B 61 8.37 3.39 -9.65
N GLU B 62 8.28 2.63 -10.74
CA GLU B 62 8.85 3.06 -11.99
C GLU B 62 8.20 4.35 -12.50
N LEU B 63 6.88 4.40 -12.48
CA LEU B 63 6.17 5.58 -12.96
C LEU B 63 6.42 6.77 -12.03
N MET B 64 6.40 6.53 -10.72
CA MET B 64 6.64 7.63 -9.78
C MET B 64 8.03 8.20 -10.01
N ASP B 65 8.99 7.33 -10.32
CA ASP B 65 10.33 7.77 -10.59
C ASP B 65 10.32 8.70 -11.79
N THR B 66 9.46 8.36 -12.75
CA THR B 66 9.34 9.15 -13.97
C THR B 66 8.89 10.57 -13.65
N PHE B 67 7.89 10.69 -12.78
CA PHE B 67 7.39 12.01 -12.39
C PHE B 67 8.41 12.75 -11.54
N SER B 68 8.97 12.06 -10.55
CA SER B 68 9.95 12.67 -9.65
C SER B 68 11.13 13.22 -10.44
N LYS B 69 11.57 12.46 -11.43
CA LYS B 69 12.70 12.87 -12.25
C LYS B 69 12.39 14.16 -13.01
N GLN B 70 11.26 14.17 -13.71
CA GLN B 70 10.87 15.36 -14.46
C GLN B 70 10.58 16.55 -13.55
N LEU B 71 10.01 16.29 -12.38
CA LEU B 71 9.69 17.36 -11.43
C LEU B 71 10.97 18.12 -11.07
N LYS B 72 12.04 17.38 -10.84
CA LYS B 72 13.33 17.98 -10.49
C LYS B 72 13.91 18.78 -11.65
N LEU B 73 13.92 18.16 -12.83
CA LEU B 73 14.47 18.81 -14.02
C LEU B 73 13.68 20.07 -14.38
N GLU B 74 12.37 20.03 -14.16
CA GLU B 74 11.54 21.18 -14.49
C GLU B 74 11.40 22.13 -13.31
N GLY B 75 11.84 21.70 -12.13
CA GLY B 75 11.74 22.55 -10.96
C GLY B 75 10.29 22.72 -10.53
N ARG B 76 9.53 21.63 -10.59
CA ARG B 76 8.11 21.67 -10.22
C ARG B 76 7.85 20.85 -8.96
N SER B 77 6.93 21.34 -8.13
CA SER B 77 6.59 20.66 -6.90
C SER B 77 6.49 19.15 -7.13
N GLU B 78 7.28 18.40 -6.38
CA GLU B 78 7.29 16.95 -6.49
C GLU B 78 6.35 16.32 -5.47
N ASP B 79 5.63 17.17 -4.73
CA ASP B 79 4.69 16.69 -3.71
C ASP B 79 3.49 16.04 -4.38
N ILE B 80 3.20 16.46 -5.62
CA ILE B 80 2.06 15.93 -6.34
C ILE B 80 2.09 14.40 -6.32
N LEU B 81 3.25 13.84 -6.01
CA LEU B 81 3.36 12.39 -5.93
C LEU B 81 2.32 11.88 -4.94
N LEU B 82 1.62 12.84 -4.33
CA LEU B 82 0.58 12.56 -3.35
C LEU B 82 -0.38 11.50 -3.85
N ASP B 83 -0.88 11.68 -5.06
CA ASP B 83 -1.82 10.72 -5.63
C ASP B 83 -1.16 9.36 -5.73
N TYR B 84 0.13 9.34 -6.01
CA TYR B 84 0.83 8.08 -6.16
C TYR B 84 0.82 7.30 -4.85
N ARG B 85 1.20 7.96 -3.77
CA ARG B 85 1.22 7.31 -2.47
C ARG B 85 -0.20 6.88 -2.10
N LEU B 86 -1.14 7.77 -2.38
CA LEU B 86 -2.55 7.51 -2.10
C LEU B 86 -3.13 6.54 -3.13
N THR B 87 -2.88 6.82 -4.40
CA THR B 87 -3.36 5.96 -5.48
C THR B 87 -2.76 4.57 -5.34
N LEU B 88 -1.48 4.52 -5.00
CA LEU B 88 -0.79 3.24 -4.85
C LEU B 88 -1.40 2.45 -3.70
N ILE B 89 -1.51 3.07 -2.54
CA ILE B 89 -2.08 2.39 -1.40
C ILE B 89 -3.57 2.14 -1.63
N ASP B 90 -4.24 3.12 -2.24
CA ASP B 90 -5.65 2.99 -2.52
C ASP B 90 -5.89 1.85 -3.51
N VAL B 91 -5.09 1.81 -4.58
CA VAL B 91 -5.24 0.75 -5.58
C VAL B 91 -5.01 -0.60 -4.94
N ILE B 92 -3.91 -0.73 -4.21
CA ILE B 92 -3.59 -1.97 -3.54
C ILE B 92 -4.69 -2.33 -2.55
N ALA B 93 -5.10 -1.33 -1.78
CA ALA B 93 -6.15 -1.52 -0.78
C ALA B 93 -7.47 -1.86 -1.45
N HIS B 94 -7.70 -1.31 -2.64
CA HIS B 94 -8.95 -1.56 -3.35
C HIS B 94 -9.07 -3.01 -3.80
N LEU B 95 -8.06 -3.53 -4.51
CA LEU B 95 -8.11 -4.90 -4.95
C LEU B 95 -7.89 -5.85 -3.78
N CYS B 96 -7.05 -5.44 -2.83
CA CYS B 96 -6.81 -6.27 -1.66
C CYS B 96 -8.15 -6.58 -0.99
N GLU B 97 -9.06 -5.60 -1.05
CA GLU B 97 -10.38 -5.78 -0.47
C GLU B 97 -11.20 -6.76 -1.31
N MET B 98 -11.11 -6.63 -2.63
CA MET B 98 -11.86 -7.52 -3.51
C MET B 98 -11.41 -8.95 -3.25
N TYR B 99 -10.13 -9.12 -2.92
CA TYR B 99 -9.62 -10.43 -2.63
C TYR B 99 -10.27 -10.96 -1.35
N ARG B 100 -10.47 -10.08 -0.37
CA ARG B 100 -11.13 -10.49 0.88
C ARG B 100 -12.54 -10.99 0.59
N ARG B 101 -13.26 -10.26 -0.25
CA ARG B 101 -14.63 -10.61 -0.62
C ARG B 101 -14.65 -11.87 -1.49
N SER B 102 -13.53 -12.11 -2.18
CA SER B 102 -13.43 -13.25 -3.07
C SER B 102 -13.17 -14.53 -2.28
N ILE B 103 -13.09 -14.41 -0.96
CA ILE B 103 -12.82 -15.57 -0.12
C ILE B 103 -14.07 -15.92 0.71
N PRO B 104 -14.72 -17.01 0.38
CA PRO B 104 -15.95 -17.46 1.11
C PRO B 104 -15.82 -17.36 2.62
N ARG B 105 -15.79 -16.14 3.14
CA ARG B 105 -15.70 -15.93 4.57
C ARG B 105 -16.90 -15.13 5.04
N GLU B 106 -17.49 -15.54 6.15
CA GLU B 106 -18.67 -14.85 6.68
C GLU B 106 -18.33 -13.46 7.16
N VAL B 107 -19.28 -12.53 6.97
CA VAL B 107 -19.08 -11.15 7.38
C VAL B 107 -20.25 -10.28 6.92
N ALA C 1 6.78 11.58 -28.17
CA ALA C 1 5.85 10.66 -28.87
C ALA C 1 6.13 9.22 -28.44
N MET C 2 7.41 8.88 -28.35
CA MET C 2 7.80 7.54 -27.94
C MET C 2 7.93 7.46 -26.43
N ALA C 3 7.74 6.26 -25.88
CA ALA C 3 7.83 6.07 -24.44
C ALA C 3 6.54 6.50 -23.76
N GLY C 4 5.74 7.27 -24.47
CA GLY C 4 4.47 7.76 -23.93
C GLY C 4 4.69 9.06 -23.17
N ILE C 5 3.60 9.73 -22.81
CA ILE C 5 3.70 10.98 -22.06
C ILE C 5 3.08 10.83 -20.67
N ILE C 6 3.83 11.25 -19.66
CA ILE C 6 3.34 11.19 -18.30
C ILE C 6 3.00 12.60 -17.82
N SER C 7 1.95 12.73 -17.02
CA SER C 7 1.55 14.05 -16.53
C SER C 7 1.29 14.01 -15.03
N GLY C 8 0.04 13.87 -14.65
CA GLY C 8 -0.32 13.83 -13.24
C GLY C 8 -0.69 15.22 -12.74
N THR C 9 -0.36 16.23 -13.53
CA THR C 9 -0.65 17.61 -13.17
C THR C 9 0.30 18.13 -12.11
N PRO C 10 1.56 17.80 -12.22
CA PRO C 10 2.59 18.24 -11.24
C PRO C 10 2.35 19.68 -10.80
N THR C 11 2.45 19.94 -9.50
CA THR C 11 2.22 21.28 -8.98
C THR C 11 0.74 21.65 -9.14
N ARG C 12 -0.13 20.66 -8.98
CA ARG C 12 -1.57 20.88 -9.12
C ARG C 12 -2.29 20.82 -7.77
N ILE C 13 -1.82 19.93 -6.89
CA ILE C 13 -2.46 19.79 -5.58
C ILE C 13 -1.51 20.18 -4.45
N SER C 14 -2.04 20.90 -3.47
CA SER C 14 -1.24 21.32 -2.32
C SER C 14 -1.36 20.30 -1.20
N VAL C 15 -0.26 20.07 -0.50
CA VAL C 15 -0.25 19.10 0.59
C VAL C 15 0.56 19.58 1.79
N ASP C 16 0.35 18.91 2.92
CA ASP C 16 1.06 19.25 4.15
C ASP C 16 2.29 18.34 4.31
N GLU C 17 2.71 18.13 5.55
CA GLU C 17 3.87 17.29 5.81
C GLU C 17 3.56 15.83 5.50
N LYS C 18 2.79 15.18 6.37
CA LYS C 18 2.44 13.78 6.15
C LYS C 18 1.34 13.68 5.09
N THR C 19 0.86 14.86 4.66
CA THR C 19 -0.17 14.93 3.64
C THR C 19 -1.20 13.83 3.78
N GLU C 20 -2.15 13.78 2.84
CA GLU C 20 -3.18 12.77 2.85
C GLU C 20 -2.54 11.39 2.69
N LEU C 21 -3.08 10.42 3.40
CA LEU C 21 -2.55 9.07 3.34
C LEU C 21 -3.55 8.11 3.98
N ALA C 22 -3.91 7.05 3.27
CA ALA C 22 -4.86 6.08 3.80
C ALA C 22 -5.83 6.74 4.76
N ARG C 23 -6.15 8.01 4.51
CA ARG C 23 -7.08 8.74 5.37
C ARG C 23 -8.51 8.42 4.97
N ILE C 24 -8.65 7.75 3.83
CA ILE C 24 -9.96 7.39 3.31
C ILE C 24 -10.49 6.10 3.92
N ALA C 25 -9.60 5.31 4.52
CA ALA C 25 -10.01 4.04 5.11
C ALA C 25 -10.62 3.13 4.04
N LYS C 26 -11.05 3.74 2.94
CA LYS C 26 -11.67 2.99 1.85
C LYS C 26 -13.02 2.45 2.28
N GLY C 27 -13.44 2.81 3.50
CA GLY C 27 -14.74 2.36 4.02
C GLY C 27 -14.69 0.91 4.45
N MET C 28 -13.50 0.34 4.48
CA MET C 28 -13.34 -1.05 4.87
C MET C 28 -13.50 -1.24 6.38
N GLN C 29 -13.19 -0.20 7.15
CA GLN C 29 -13.32 -0.31 8.60
C GLN C 29 -14.78 -0.17 9.02
N ASP C 30 -15.30 -1.20 9.68
CA ASP C 30 -16.69 -1.20 10.14
C ASP C 30 -17.00 -2.54 10.81
N LEU C 31 -15.99 -3.09 11.48
CA LEU C 31 -16.13 -4.38 12.15
C LEU C 31 -16.83 -4.24 13.51
N GLU C 32 -17.34 -3.05 13.81
CA GLU C 32 -18.03 -2.84 15.08
C GLU C 32 -17.08 -3.08 16.25
N SER C 33 -16.22 -2.09 16.53
CA SER C 33 -15.26 -2.21 17.62
C SER C 33 -15.95 -2.28 18.98
N GLU C 34 -15.24 -2.80 19.98
CA GLU C 34 -15.79 -2.93 21.33
C GLU C 34 -16.70 -1.75 21.66
N ALA D 1 5.24 8.27 29.67
CA ALA D 1 4.84 6.94 30.21
C ALA D 1 3.47 6.57 29.66
N MET D 2 2.57 7.55 29.61
CA MET D 2 1.23 7.31 29.09
C MET D 2 1.20 7.55 27.58
N ALA D 3 0.26 6.89 26.90
CA ALA D 3 0.13 7.03 25.45
C ALA D 3 1.16 6.17 24.74
N GLY D 4 2.19 5.74 25.48
CA GLY D 4 3.24 4.92 24.92
C GLY D 4 4.33 5.79 24.30
N ILE D 5 5.45 5.17 23.94
CA ILE D 5 6.55 5.92 23.34
C ILE D 5 6.80 5.47 21.91
N ILE D 6 6.88 6.43 21.00
CA ILE D 6 7.15 6.12 19.60
C ILE D 6 8.58 6.52 19.26
N SER D 7 9.22 5.74 18.42
CA SER D 7 10.61 6.04 18.04
C SER D 7 10.78 5.97 16.53
N GLY D 8 11.29 4.85 16.06
CA GLY D 8 11.51 4.66 14.63
C GLY D 8 12.93 5.03 14.26
N THR D 9 13.61 5.71 15.18
CA THR D 9 14.99 6.12 14.95
C THR D 9 15.07 7.32 14.00
N PRO D 10 14.17 8.27 14.16
CA PRO D 10 14.15 9.47 13.30
C PRO D 10 15.56 9.98 13.00
N THR D 11 15.81 10.33 11.75
CA THR D 11 17.14 10.80 11.35
C THR D 11 18.16 9.66 11.46
N ARG D 12 17.70 8.44 11.13
CA ARG D 12 18.56 7.27 11.21
C ARG D 12 18.92 6.75 9.82
N ILE D 13 17.99 6.84 8.88
CA ILE D 13 18.24 6.36 7.53
C ILE D 13 18.20 7.50 6.51
N SER D 14 19.15 7.47 5.58
CA SER D 14 19.22 8.49 4.53
C SER D 14 18.45 8.04 3.30
N VAL D 15 17.76 8.98 2.65
CA VAL D 15 16.98 8.64 1.47
C VAL D 15 17.09 9.72 0.39
N ASP D 16 16.68 9.34 -0.82
CA ASP D 16 16.72 10.26 -1.96
C ASP D 16 15.36 10.94 -2.13
N GLU D 17 15.05 11.34 -3.36
CA GLU D 17 13.79 12.01 -3.63
C GLU D 17 12.62 11.02 -3.50
N LYS D 18 12.46 10.13 -4.48
CA LYS D 18 11.38 9.16 -4.43
C LYS D 18 11.75 8.04 -3.47
N THR D 19 12.97 8.11 -2.94
CA THR D 19 13.47 7.13 -1.99
C THR D 19 12.99 5.72 -2.31
N GLU D 20 13.34 4.77 -1.45
CA GLU D 20 12.92 3.39 -1.64
C GLU D 20 11.41 3.30 -1.58
N LEU D 21 10.84 2.46 -2.42
CA LEU D 21 9.41 2.29 -2.46
C LEU D 21 9.07 1.04 -3.28
N ALA D 22 8.26 0.17 -2.71
CA ALA D 22 7.89 -1.08 -3.39
C ALA D 22 8.99 -1.52 -4.35
N ARG D 23 10.24 -1.24 -3.99
CA ARG D 23 11.37 -1.63 -4.82
C ARG D 23 11.74 -3.08 -4.55
N ILE D 24 11.14 -3.64 -3.51
CA ILE D 24 11.41 -5.02 -3.11
C ILE D 24 10.55 -6.00 -3.89
N ALA D 25 9.48 -5.53 -4.50
CA ALA D 25 8.60 -6.41 -5.25
C ALA D 25 8.02 -7.49 -4.33
N LYS D 26 8.68 -7.70 -3.20
CA LYS D 26 8.25 -8.70 -2.24
C LYS D 26 8.43 -10.11 -2.82
N GLY D 27 9.02 -10.18 -4.01
CA GLY D 27 9.28 -11.47 -4.66
C GLY D 27 8.00 -12.05 -5.24
N MET D 28 6.94 -11.26 -5.25
CA MET D 28 5.66 -11.72 -5.78
C MET D 28 5.67 -11.79 -7.30
N GLN D 29 6.48 -10.95 -7.94
CA GLN D 29 6.54 -10.95 -9.41
C GLN D 29 7.39 -12.14 -9.90
N ASP D 30 6.76 -13.00 -10.70
CA ASP D 30 7.43 -14.17 -11.24
C ASP D 30 6.45 -15.00 -12.07
N LEU D 31 5.54 -14.29 -12.73
CA LEU D 31 4.51 -14.93 -13.55
C LEU D 31 5.03 -15.33 -14.92
N GLU D 32 6.33 -15.20 -15.12
CA GLU D 32 6.93 -15.58 -16.41
C GLU D 32 6.35 -14.72 -17.53
N SER D 33 6.83 -13.48 -17.65
CA SER D 33 6.35 -12.56 -18.68
C SER D 33 6.70 -13.07 -20.08
N GLU D 34 5.97 -12.57 -21.08
CA GLU D 34 6.20 -12.97 -22.47
C GLU D 34 7.68 -13.19 -22.74
N ALA A 1 -25.06 -14.00 24.94
CA ALA A 1 -23.80 -13.88 25.70
C ALA A 1 -22.95 -15.13 25.49
N MET A 2 -22.05 -15.07 24.52
CA MET A 2 -21.18 -16.20 24.22
C MET A 2 -20.32 -16.57 25.42
N ALA A 3 -19.43 -17.54 25.24
CA ALA A 3 -18.57 -17.97 26.33
C ALA A 3 -17.47 -16.95 26.63
N ARG A 4 -17.73 -16.11 27.63
CA ARG A 4 -16.77 -15.09 28.05
C ARG A 4 -16.00 -14.50 26.87
N MET A 5 -16.46 -14.74 25.65
CA MET A 5 -15.78 -14.20 24.48
C MET A 5 -16.49 -12.93 23.99
N SER A 6 -15.90 -11.78 24.29
CA SER A 6 -16.48 -10.51 23.88
C SER A 6 -15.65 -9.85 22.78
N PRO A 7 -16.22 -8.85 22.15
CA PRO A 7 -15.53 -8.09 21.07
C PRO A 7 -14.21 -7.49 21.53
N ALA A 8 -14.04 -7.40 22.86
CA ALA A 8 -12.82 -6.83 23.41
C ALA A 8 -11.59 -7.56 22.90
N ASP A 9 -11.71 -8.88 22.73
CA ASP A 9 -10.59 -9.66 22.23
C ASP A 9 -10.13 -9.10 20.89
N LYS A 10 -11.10 -8.70 20.07
CA LYS A 10 -10.77 -8.12 18.77
C LYS A 10 -9.98 -6.84 18.96
N ARG A 11 -10.45 -5.98 19.86
CA ARG A 11 -9.76 -4.74 20.16
C ARG A 11 -8.38 -5.07 20.70
N LYS A 12 -8.30 -6.12 21.51
CA LYS A 12 -7.03 -6.54 22.07
C LYS A 12 -6.09 -6.83 20.91
N LEU A 13 -6.61 -7.57 19.94
CA LEU A 13 -5.83 -7.88 18.75
C LEU A 13 -5.40 -6.56 18.12
N LEU A 14 -6.37 -5.71 17.84
CA LEU A 14 -6.10 -4.41 17.26
C LEU A 14 -5.08 -3.68 18.11
N ASP A 15 -5.26 -3.74 19.42
CA ASP A 15 -4.33 -3.09 20.31
C ASP A 15 -2.94 -3.66 20.03
N GLU A 16 -2.90 -4.97 19.81
CA GLU A 16 -1.65 -5.65 19.51
C GLU A 16 -1.20 -5.32 18.09
N LEU A 17 -2.14 -5.30 17.14
CA LEU A 17 -1.80 -4.97 15.76
C LEU A 17 -1.15 -3.60 15.71
N ARG A 18 -1.67 -2.69 16.52
CA ARG A 18 -1.13 -1.34 16.58
C ARG A 18 0.31 -1.37 17.07
N SER A 19 0.55 -2.08 18.16
CA SER A 19 1.88 -2.21 18.72
C SER A 19 2.76 -3.04 17.80
N ILE A 20 2.23 -4.16 17.32
CA ILE A 20 2.99 -5.01 16.42
C ILE A 20 3.35 -4.23 15.17
N TYR A 21 2.37 -3.57 14.58
CA TYR A 21 2.63 -2.76 13.39
C TYR A 21 3.72 -1.77 13.72
N ARG A 22 3.57 -1.14 14.87
CA ARG A 22 4.54 -0.17 15.36
C ARG A 22 5.91 -0.81 15.48
N THR A 23 5.97 -2.03 16.01
CA THR A 23 7.23 -2.73 16.15
C THR A 23 7.86 -3.00 14.78
N ILE A 24 7.01 -3.35 13.81
CA ILE A 24 7.49 -3.61 12.47
C ILE A 24 8.30 -2.42 11.96
N VAL A 25 7.76 -1.23 12.20
CA VAL A 25 8.40 0.01 11.77
C VAL A 25 9.75 0.22 12.46
N LEU A 26 9.76 0.03 13.78
CA LEU A 26 10.99 0.21 14.56
C LEU A 26 12.09 -0.75 14.11
N GLU A 27 11.71 -1.98 13.85
CA GLU A 27 12.68 -2.99 13.44
C GLU A 27 12.88 -2.98 11.93
N TYR A 28 12.09 -2.17 11.22
CA TYR A 28 12.23 -2.11 9.78
C TYR A 28 13.69 -1.94 9.40
N PHE A 29 14.42 -1.17 10.21
CA PHE A 29 15.84 -0.94 9.96
C PHE A 29 16.70 -1.77 10.91
N ASN A 30 16.09 -2.73 11.58
CA ASN A 30 16.82 -3.59 12.52
C ASN A 30 18.06 -4.18 11.85
N THR A 31 19.01 -4.61 12.68
CA THR A 31 20.25 -5.18 12.16
C THR A 31 20.20 -6.71 12.20
N ASP A 32 19.55 -7.26 13.23
CA ASP A 32 19.47 -8.71 13.36
C ASP A 32 18.03 -9.18 13.55
N ALA A 33 17.13 -8.25 13.87
CA ALA A 33 15.73 -8.61 14.07
C ALA A 33 15.11 -9.13 12.78
N LYS A 34 14.33 -10.19 12.89
CA LYS A 34 13.66 -10.76 11.73
C LYS A 34 12.29 -10.15 11.57
N VAL A 35 12.26 -8.90 11.10
CA VAL A 35 11.01 -8.18 10.92
C VAL A 35 9.94 -9.10 10.36
N ASN A 36 10.37 -10.07 9.57
CA ASN A 36 9.45 -11.00 8.97
C ASN A 36 8.52 -11.57 10.05
N GLU A 37 9.07 -11.78 11.24
CA GLU A 37 8.26 -12.28 12.35
C GLU A 37 7.22 -11.24 12.74
N ARG A 38 7.64 -9.97 12.74
CA ARG A 38 6.73 -8.89 13.08
C ARG A 38 5.63 -8.81 12.03
N ILE A 39 6.05 -8.88 10.76
CA ILE A 39 5.11 -8.84 9.64
C ILE A 39 4.30 -10.13 9.63
N ASP A 40 4.99 -11.25 9.83
CA ASP A 40 4.32 -12.54 9.85
C ASP A 40 3.31 -12.56 11.00
N GLU A 41 3.70 -11.99 12.13
CA GLU A 41 2.81 -11.94 13.29
C GLU A 41 1.62 -11.05 12.97
N PHE A 42 1.92 -9.89 12.40
CA PHE A 42 0.88 -8.94 12.01
C PHE A 42 -0.01 -9.56 10.94
N VAL A 43 0.63 -10.16 9.95
CA VAL A 43 -0.09 -10.80 8.86
C VAL A 43 -0.97 -11.95 9.37
N SER A 44 -0.40 -12.77 10.25
CA SER A 44 -1.14 -13.90 10.79
C SER A 44 -2.39 -13.44 11.52
N LYS A 45 -2.23 -12.48 12.42
CA LYS A 45 -3.37 -11.96 13.18
C LYS A 45 -4.31 -11.19 12.27
N ALA A 46 -3.75 -10.38 11.37
CA ALA A 46 -4.59 -9.60 10.46
C ALA A 46 -5.51 -10.52 9.67
N PHE A 47 -4.95 -11.63 9.19
CA PHE A 47 -5.75 -12.59 8.44
C PHE A 47 -6.72 -13.30 9.38
N PHE A 48 -6.16 -13.85 10.45
CA PHE A 48 -6.95 -14.57 11.45
C PHE A 48 -8.00 -13.67 12.09
N ALA A 49 -7.60 -12.46 12.45
CA ALA A 49 -8.52 -11.52 13.09
C ALA A 49 -9.46 -10.91 12.06
N ASP A 50 -9.59 -11.57 10.91
CA ASP A 50 -10.47 -11.07 9.86
C ASP A 50 -10.39 -9.56 9.80
N ILE A 51 -9.17 -9.04 9.81
CA ILE A 51 -8.95 -7.60 9.76
C ILE A 51 -9.03 -7.07 8.34
N SER A 52 -9.43 -5.81 8.24
CA SER A 52 -9.54 -5.17 6.93
C SER A 52 -8.37 -4.21 6.77
N VAL A 53 -7.92 -4.03 5.53
CA VAL A 53 -6.81 -3.14 5.27
C VAL A 53 -7.10 -1.76 5.86
N SER A 54 -8.38 -1.43 5.96
CA SER A 54 -8.80 -0.12 6.47
C SER A 54 -7.99 0.27 7.71
N GLN A 55 -8.08 -0.50 8.78
CA GLN A 55 -7.34 -0.18 9.98
C GLN A 55 -5.85 -0.10 9.69
N VAL A 56 -5.37 -1.00 8.85
CA VAL A 56 -3.98 -0.99 8.47
C VAL A 56 -3.68 0.38 7.86
N LEU A 57 -4.60 0.81 7.01
CA LEU A 57 -4.48 2.09 6.33
C LEU A 57 -4.69 3.25 7.31
N GLU A 58 -5.75 3.17 8.11
CA GLU A 58 -6.05 4.24 9.06
C GLU A 58 -5.05 4.24 10.22
N ILE A 59 -4.78 3.06 10.78
CA ILE A 59 -3.82 2.97 11.88
C ILE A 59 -2.49 3.58 11.44
N HIS A 60 -2.16 3.37 10.16
CA HIS A 60 -0.93 3.89 9.59
C HIS A 60 -0.88 5.42 9.62
N VAL A 61 -1.95 6.06 9.15
CA VAL A 61 -1.98 7.52 9.10
C VAL A 61 -1.74 8.13 10.48
N GLU A 62 -2.37 7.55 11.51
CA GLU A 62 -2.20 8.07 12.86
C GLU A 62 -0.76 7.91 13.35
N LEU A 63 -0.18 6.74 13.14
CA LEU A 63 1.19 6.50 13.57
C LEU A 63 2.16 7.38 12.78
N MET A 64 1.90 7.54 11.49
CA MET A 64 2.76 8.39 10.67
C MET A 64 2.73 9.81 11.20
N ASP A 65 1.55 10.24 11.64
CA ASP A 65 1.39 11.56 12.20
C ASP A 65 2.26 11.69 13.45
N THR A 66 2.37 10.58 14.18
CA THR A 66 3.17 10.53 15.39
C THR A 66 4.63 10.87 15.10
N PHE A 67 5.17 10.29 14.02
CA PHE A 67 6.56 10.54 13.65
C PHE A 67 6.77 11.97 13.20
N SER A 68 5.91 12.44 12.29
CA SER A 68 6.02 13.79 11.77
C SER A 68 5.94 14.81 12.89
N LYS A 69 5.12 14.52 13.89
CA LYS A 69 4.97 15.43 15.02
C LYS A 69 6.29 15.56 15.78
N GLN A 70 6.93 14.42 16.02
CA GLN A 70 8.20 14.40 16.73
C GLN A 70 9.29 15.08 15.91
N LEU A 71 9.28 14.86 14.61
CA LEU A 71 10.28 15.44 13.72
C LEU A 71 10.26 16.96 13.79
N LYS A 72 9.07 17.55 13.73
CA LYS A 72 8.96 19.01 13.79
C LYS A 72 9.44 19.55 15.13
N LEU A 73 9.01 18.90 16.22
CA LEU A 73 9.39 19.34 17.55
C LEU A 73 10.87 19.05 17.84
N GLU A 74 11.34 17.88 17.42
CA GLU A 74 12.73 17.51 17.65
C GLU A 74 13.64 18.06 16.57
N GLY A 75 13.05 18.61 15.52
CA GLY A 75 13.84 19.18 14.44
C GLY A 75 14.70 18.10 13.78
N ARG A 76 14.08 16.97 13.46
CA ARG A 76 14.79 15.87 12.84
C ARG A 76 14.31 15.66 11.41
N SER A 77 15.19 15.12 10.57
CA SER A 77 14.85 14.88 9.18
C SER A 77 13.57 14.04 9.07
N GLU A 78 12.61 14.55 8.31
CA GLU A 78 11.35 13.86 8.11
C GLU A 78 11.47 12.84 6.98
N ASP A 79 12.62 12.85 6.32
CA ASP A 79 12.87 11.94 5.21
C ASP A 79 12.65 10.48 5.64
N ILE A 80 12.99 10.19 6.89
CA ILE A 80 12.84 8.85 7.43
C ILE A 80 11.39 8.35 7.28
N LEU A 81 10.46 9.27 7.08
CA LEU A 81 9.05 8.89 6.92
C LEU A 81 8.89 7.84 5.81
N LEU A 82 9.86 7.77 4.91
CA LEU A 82 9.78 6.79 3.82
C LEU A 82 9.54 5.38 4.37
N ASP A 83 10.11 5.10 5.53
CA ASP A 83 9.98 3.80 6.16
C ASP A 83 8.51 3.44 6.36
N TYR A 84 7.70 4.42 6.73
CA TYR A 84 6.28 4.17 6.94
C TYR A 84 5.64 3.83 5.61
N ARG A 85 6.10 4.47 4.54
CA ARG A 85 5.58 4.16 3.21
C ARG A 85 6.03 2.76 2.83
N LEU A 86 7.29 2.46 3.10
CA LEU A 86 7.86 1.15 2.81
C LEU A 86 7.24 0.11 3.73
N THR A 87 7.12 0.46 5.01
CA THR A 87 6.54 -0.44 5.99
C THR A 87 5.05 -0.61 5.73
N LEU A 88 4.37 0.50 5.42
CA LEU A 88 2.94 0.47 5.16
C LEU A 88 2.63 -0.28 3.86
N ILE A 89 3.35 0.07 2.80
CA ILE A 89 3.14 -0.58 1.51
C ILE A 89 3.55 -2.05 1.57
N ASP A 90 4.71 -2.31 2.14
CA ASP A 90 5.22 -3.68 2.25
C ASP A 90 4.30 -4.54 3.14
N VAL A 91 3.87 -3.99 4.26
CA VAL A 91 3.02 -4.74 5.18
C VAL A 91 1.70 -5.12 4.51
N ILE A 92 1.03 -4.16 3.90
CA ILE A 92 -0.23 -4.43 3.23
C ILE A 92 -0.03 -5.42 2.09
N ALA A 93 1.06 -5.24 1.35
CA ALA A 93 1.37 -6.11 0.23
C ALA A 93 1.63 -7.54 0.71
N HIS A 94 2.23 -7.65 1.90
CA HIS A 94 2.55 -8.96 2.45
C HIS A 94 1.29 -9.78 2.74
N LEU A 95 0.34 -9.20 3.48
CA LEU A 95 -0.87 -9.93 3.80
C LEU A 95 -1.76 -10.04 2.56
N CYS A 96 -1.76 -9.01 1.73
CA CYS A 96 -2.57 -9.06 0.51
C CYS A 96 -2.21 -10.33 -0.26
N GLU A 97 -0.92 -10.65 -0.27
CA GLU A 97 -0.45 -11.86 -0.93
C GLU A 97 -0.96 -13.10 -0.21
N MET A 98 -0.96 -13.04 1.13
CA MET A 98 -1.42 -14.17 1.93
C MET A 98 -2.88 -14.47 1.63
N TYR A 99 -3.67 -13.41 1.37
CA TYR A 99 -5.07 -13.60 1.04
C TYR A 99 -5.20 -14.36 -0.27
N ARG A 100 -4.37 -13.99 -1.23
CA ARG A 100 -4.37 -14.65 -2.53
C ARG A 100 -4.11 -16.15 -2.40
N ARG A 101 -3.23 -16.50 -1.47
CA ARG A 101 -2.90 -17.91 -1.24
C ARG A 101 -4.03 -18.62 -0.52
N SER A 102 -4.83 -17.87 0.22
CA SER A 102 -5.94 -18.44 0.98
C SER A 102 -7.19 -18.58 0.13
N ILE A 103 -7.05 -18.43 -1.18
CA ILE A 103 -8.20 -18.52 -2.07
C ILE A 103 -8.13 -19.77 -2.94
N PRO A 104 -8.82 -20.81 -2.56
CA PRO A 104 -8.86 -22.08 -3.33
C PRO A 104 -9.86 -21.98 -4.48
N ARG A 105 -9.53 -22.59 -5.62
CA ARG A 105 -10.42 -22.54 -6.77
C ARG A 105 -10.86 -23.94 -7.19
N GLU A 106 -12.12 -24.04 -7.63
CA GLU A 106 -12.67 -25.32 -8.08
C GLU A 106 -12.39 -25.52 -9.56
N VAL A 107 -12.38 -26.78 -9.99
CA VAL A 107 -12.12 -27.09 -11.39
C VAL A 107 -12.17 -28.60 -11.61
N ALA B 1 1.12 -25.92 -27.79
CA ALA B 1 0.68 -24.67 -28.46
C ALA B 1 -0.83 -24.52 -28.33
N MET B 2 -1.26 -23.78 -27.31
CA MET B 2 -2.70 -23.59 -27.08
C MET B 2 -3.33 -22.86 -28.27
N ALA B 3 -4.61 -22.54 -28.15
CA ALA B 3 -5.32 -21.87 -29.23
C ALA B 3 -4.91 -20.40 -29.34
N ARG B 4 -3.99 -20.14 -30.26
CA ARG B 4 -3.50 -18.77 -30.50
C ARG B 4 -3.43 -17.95 -29.22
N MET B 5 -3.51 -18.59 -28.07
CA MET B 5 -3.43 -17.87 -26.80
C MET B 5 -2.04 -17.96 -26.22
N SER B 6 -1.27 -16.88 -26.35
CA SER B 6 0.09 -16.86 -25.83
C SER B 6 0.22 -15.93 -24.62
N PRO B 7 1.31 -16.03 -23.92
CA PRO B 7 1.58 -15.20 -22.72
C PRO B 7 1.52 -13.70 -23.03
N ALA B 8 1.61 -13.38 -24.32
CA ALA B 8 1.59 -11.98 -24.74
C ALA B 8 0.33 -11.29 -24.23
N ASP B 9 -0.78 -12.02 -24.23
CA ASP B 9 -2.04 -11.44 -23.75
C ASP B 9 -1.85 -10.93 -22.33
N LYS B 10 -1.10 -11.67 -21.52
CA LYS B 10 -0.85 -11.26 -20.16
C LYS B 10 -0.08 -9.95 -20.17
N ARG B 11 0.97 -9.88 -20.99
CA ARG B 11 1.76 -8.66 -21.10
C ARG B 11 0.86 -7.53 -21.59
N LYS B 12 -0.04 -7.87 -22.51
CA LYS B 12 -0.97 -6.87 -23.02
C LYS B 12 -1.74 -6.31 -21.86
N LEU B 13 -2.22 -7.21 -21.01
CA LEU B 13 -2.93 -6.79 -19.82
C LEU B 13 -2.04 -5.87 -19.02
N LEU B 14 -0.85 -6.37 -18.70
CA LEU B 14 0.13 -5.59 -17.96
C LEU B 14 0.35 -4.26 -18.66
N ASP B 15 0.49 -4.32 -19.98
CA ASP B 15 0.68 -3.10 -20.73
C ASP B 15 -0.49 -2.17 -20.44
N GLU B 16 -1.67 -2.76 -20.37
CA GLU B 16 -2.88 -2.00 -20.07
C GLU B 16 -2.91 -1.60 -18.60
N LEU B 17 -2.51 -2.52 -17.71
CA LEU B 17 -2.49 -2.21 -16.29
C LEU B 17 -1.58 -1.01 -16.04
N ARG B 18 -0.48 -0.97 -16.77
CA ARG B 18 0.46 0.13 -16.65
C ARG B 18 -0.21 1.44 -17.05
N SER B 19 -0.87 1.43 -18.20
CA SER B 19 -1.56 2.62 -18.69
C SER B 19 -2.77 2.92 -17.81
N ILE B 20 -3.54 1.88 -17.50
CA ILE B 20 -4.71 2.06 -16.65
C ILE B 20 -4.30 2.61 -15.30
N TYR B 21 -3.28 1.99 -14.70
CA TYR B 21 -2.78 2.46 -13.42
C TYR B 21 -2.40 3.91 -13.57
N ARG B 22 -1.70 4.19 -14.66
CA ARG B 22 -1.26 5.54 -14.97
C ARG B 22 -2.45 6.48 -15.08
N THR B 23 -3.51 6.01 -15.73
CA THR B 23 -4.72 6.82 -15.88
C THR B 23 -5.34 7.11 -14.52
N ILE B 24 -5.32 6.10 -13.64
CA ILE B 24 -5.88 6.26 -12.31
C ILE B 24 -5.24 7.46 -11.62
N VAL B 25 -3.92 7.56 -11.77
CA VAL B 25 -3.16 8.66 -11.16
C VAL B 25 -3.55 10.01 -11.74
N LEU B 26 -3.63 10.07 -13.06
CA LEU B 26 -4.00 11.32 -13.75
C LEU B 26 -5.38 11.80 -13.35
N GLU B 27 -6.32 10.86 -13.25
CA GLU B 27 -7.68 11.21 -12.89
C GLU B 27 -7.89 11.23 -11.39
N TYR B 28 -6.85 10.85 -10.64
CA TYR B 28 -6.96 10.84 -9.19
C TYR B 28 -7.52 12.17 -8.71
N PHE B 29 -7.14 13.26 -9.38
CA PHE B 29 -7.61 14.57 -9.03
C PHE B 29 -8.68 15.06 -10.01
N ASN B 30 -9.20 14.14 -10.82
CA ASN B 30 -10.21 14.49 -11.80
C ASN B 30 -11.36 15.25 -11.13
N THR B 31 -12.13 15.98 -11.95
CA THR B 31 -13.25 16.74 -11.42
C THR B 31 -14.57 16.00 -11.64
N ASP B 32 -14.68 15.30 -12.75
CA ASP B 32 -15.91 14.56 -13.07
C ASP B 32 -15.64 13.10 -13.37
N ALA B 33 -14.38 12.77 -13.65
CA ALA B 33 -14.02 11.39 -13.97
C ALA B 33 -14.28 10.47 -12.78
N LYS B 34 -14.83 9.30 -13.06
CA LYS B 34 -15.12 8.33 -12.01
C LYS B 34 -13.93 7.38 -11.87
N VAL B 35 -12.86 7.88 -11.26
CA VAL B 35 -11.65 7.09 -11.08
C VAL B 35 -12.00 5.66 -10.69
N ASN B 36 -13.12 5.52 -9.99
CA ASN B 36 -13.56 4.21 -9.56
C ASN B 36 -13.54 3.25 -10.74
N GLU B 37 -13.89 3.75 -11.92
CA GLU B 37 -13.87 2.93 -13.12
C GLU B 37 -12.45 2.54 -13.44
N ARG B 38 -11.53 3.49 -13.29
CA ARG B 38 -10.12 3.22 -13.54
C ARG B 38 -9.61 2.19 -12.56
N ILE B 39 -9.95 2.38 -11.29
CA ILE B 39 -9.57 1.45 -10.24
C ILE B 39 -10.32 0.15 -10.42
N ASP B 40 -11.61 0.25 -10.70
CA ASP B 40 -12.43 -0.92 -10.92
C ASP B 40 -11.90 -1.70 -12.11
N GLU B 41 -11.49 -0.98 -13.15
CA GLU B 41 -10.95 -1.62 -14.34
C GLU B 41 -9.64 -2.28 -13.99
N PHE B 42 -8.80 -1.55 -13.28
CA PHE B 42 -7.50 -2.07 -12.86
C PHE B 42 -7.70 -3.25 -11.92
N VAL B 43 -8.60 -3.07 -10.96
CA VAL B 43 -8.90 -4.12 -9.99
C VAL B 43 -9.48 -5.36 -10.67
N SER B 44 -10.39 -5.15 -11.61
CA SER B 44 -11.01 -6.27 -12.31
C SER B 44 -9.96 -7.09 -13.06
N LYS B 45 -9.14 -6.40 -13.84
CA LYS B 45 -8.09 -7.08 -14.60
C LYS B 45 -7.03 -7.66 -13.67
N ALA B 46 -6.65 -6.90 -12.65
CA ALA B 46 -5.64 -7.35 -11.71
C ALA B 46 -6.07 -8.68 -11.08
N PHE B 47 -7.33 -8.75 -10.70
CA PHE B 47 -7.86 -9.98 -10.11
C PHE B 47 -7.97 -11.06 -11.17
N PHE B 48 -8.64 -10.71 -12.28
CA PHE B 48 -8.83 -11.63 -13.40
C PHE B 48 -7.50 -12.07 -13.98
N ALA B 49 -6.60 -11.12 -14.19
CA ALA B 49 -5.30 -11.43 -14.77
C ALA B 49 -4.39 -12.10 -13.73
N ASP B 50 -5.00 -12.63 -12.68
CA ASP B 50 -4.23 -13.28 -11.63
C ASP B 50 -2.93 -12.53 -11.40
N ILE B 51 -3.05 -11.21 -11.26
CA ILE B 51 -1.88 -10.36 -11.05
C ILE B 51 -1.47 -10.33 -9.59
N SER B 52 -0.19 -10.12 -9.36
CA SER B 52 0.34 -10.05 -8.01
C SER B 52 0.62 -8.60 -7.67
N VAL B 53 0.48 -8.26 -6.40
CA VAL B 53 0.72 -6.88 -5.97
C VAL B 53 2.11 -6.45 -6.42
N SER B 54 3.02 -7.42 -6.55
CA SER B 54 4.40 -7.13 -6.95
C SER B 54 4.46 -6.10 -8.07
N GLN B 55 3.90 -6.43 -9.23
CA GLN B 55 3.91 -5.50 -10.34
C GLN B 55 3.27 -4.18 -9.95
N VAL B 56 2.18 -4.27 -9.19
CA VAL B 56 1.52 -3.06 -8.74
C VAL B 56 2.53 -2.23 -7.95
N LEU B 57 3.30 -2.94 -7.12
CA LEU B 57 4.32 -2.32 -6.30
C LEU B 57 5.51 -1.87 -7.15
N GLU B 58 5.99 -2.76 -8.02
CA GLU B 58 7.14 -2.43 -8.87
C GLU B 58 6.75 -1.42 -9.94
N ILE B 59 5.63 -1.66 -10.62
CA ILE B 59 5.18 -0.74 -11.66
C ILE B 59 5.06 0.66 -11.08
N HIS B 60 4.64 0.72 -9.81
CA HIS B 60 4.47 1.98 -9.12
C HIS B 60 5.80 2.73 -8.97
N VAL B 61 6.83 2.04 -8.49
CA VAL B 61 8.12 2.67 -8.29
C VAL B 61 8.64 3.32 -9.58
N GLU B 62 8.50 2.60 -10.70
CA GLU B 62 8.98 3.13 -11.97
C GLU B 62 8.20 4.38 -12.38
N LEU B 63 6.88 4.33 -12.27
CA LEU B 63 6.05 5.48 -12.64
C LEU B 63 6.32 6.65 -11.71
N MET B 64 6.49 6.37 -10.42
CA MET B 64 6.77 7.42 -9.46
C MET B 64 8.09 8.10 -9.83
N ASP B 65 9.04 7.30 -10.29
CA ASP B 65 10.33 7.84 -10.70
C ASP B 65 10.12 8.79 -11.87
N THR B 66 9.15 8.46 -12.72
CA THR B 66 8.82 9.26 -13.88
C THR B 66 8.41 10.68 -13.46
N PHE B 67 7.57 10.76 -12.43
CA PHE B 67 7.10 12.07 -11.95
C PHE B 67 8.25 12.87 -11.33
N SER B 68 8.98 12.23 -10.43
CA SER B 68 10.09 12.90 -9.75
C SER B 68 11.10 13.42 -10.75
N LYS B 69 11.30 12.67 -11.82
CA LYS B 69 12.26 13.07 -12.86
C LYS B 69 11.81 14.36 -13.51
N GLN B 70 10.52 14.43 -13.84
CA GLN B 70 9.96 15.62 -14.47
C GLN B 70 9.99 16.82 -13.52
N LEU B 71 9.70 16.57 -12.25
CA LEU B 71 9.69 17.62 -11.24
C LEU B 71 11.05 18.31 -11.14
N LYS B 72 12.12 17.52 -11.09
CA LYS B 72 13.45 18.09 -11.00
C LYS B 72 13.80 18.91 -12.24
N LEU B 73 13.51 18.35 -13.41
CA LEU B 73 13.82 19.04 -14.66
C LEU B 73 12.88 20.23 -14.90
N GLU B 74 11.61 20.06 -14.58
CA GLU B 74 10.64 21.14 -14.78
C GLU B 74 10.62 22.08 -13.59
N GLY B 75 11.32 21.71 -12.52
CA GLY B 75 11.37 22.55 -11.32
C GLY B 75 9.97 22.74 -10.74
N ARG B 76 9.24 21.64 -10.59
CA ARG B 76 7.89 21.69 -10.05
C ARG B 76 7.82 21.03 -8.69
N SER B 77 6.87 21.46 -7.87
CA SER B 77 6.73 20.90 -6.54
C SER B 77 6.58 19.39 -6.60
N GLU B 78 7.43 18.70 -5.83
CA GLU B 78 7.39 17.24 -5.80
C GLU B 78 6.36 16.76 -4.79
N ASP B 79 5.78 17.71 -4.05
CA ASP B 79 4.78 17.39 -3.04
C ASP B 79 3.64 16.57 -3.65
N ILE B 80 3.31 16.86 -4.90
CA ILE B 80 2.23 16.17 -5.60
C ILE B 80 2.46 14.65 -5.59
N LEU B 81 3.70 14.24 -5.35
CA LEU B 81 4.01 12.81 -5.31
C LEU B 81 3.09 12.06 -4.35
N LEU B 82 2.50 12.78 -3.39
CA LEU B 82 1.60 12.15 -2.43
C LEU B 82 0.52 11.35 -3.15
N ASP B 83 0.08 11.86 -4.29
CA ASP B 83 -0.96 11.20 -5.08
C ASP B 83 -0.58 9.76 -5.39
N TYR B 84 0.69 9.53 -5.71
CA TYR B 84 1.15 8.20 -6.02
C TYR B 84 1.06 7.32 -4.77
N ARG B 85 1.33 7.92 -3.62
CA ARG B 85 1.21 7.18 -2.37
C ARG B 85 -0.27 6.89 -2.12
N LEU B 86 -1.10 7.90 -2.34
CA LEU B 86 -2.54 7.76 -2.18
C LEU B 86 -3.10 6.82 -3.24
N THR B 87 -2.64 7.02 -4.47
CA THR B 87 -3.10 6.19 -5.58
C THR B 87 -2.57 4.77 -5.43
N LEU B 88 -1.30 4.67 -5.04
CA LEU B 88 -0.67 3.36 -4.88
C LEU B 88 -1.27 2.60 -3.69
N ILE B 89 -1.38 3.28 -2.55
CA ILE B 89 -1.95 2.66 -1.37
C ILE B 89 -3.43 2.35 -1.56
N ASP B 90 -4.16 3.33 -2.09
CA ASP B 90 -5.60 3.15 -2.32
C ASP B 90 -5.87 2.05 -3.35
N VAL B 91 -5.10 2.03 -4.43
CA VAL B 91 -5.29 1.03 -5.47
C VAL B 91 -5.06 -0.38 -4.94
N ILE B 92 -3.94 -0.59 -4.25
CA ILE B 92 -3.64 -1.90 -3.69
C ILE B 92 -4.68 -2.30 -2.66
N ALA B 93 -5.09 -1.33 -1.84
CA ALA B 93 -6.08 -1.58 -0.82
C ALA B 93 -7.42 -1.95 -1.44
N HIS B 94 -7.72 -1.36 -2.60
CA HIS B 94 -8.99 -1.62 -3.27
C HIS B 94 -9.10 -3.07 -3.73
N LEU B 95 -8.09 -3.55 -4.45
CA LEU B 95 -8.14 -4.94 -4.92
C LEU B 95 -7.91 -5.90 -3.76
N CYS B 96 -7.07 -5.51 -2.81
CA CYS B 96 -6.82 -6.37 -1.66
C CYS B 96 -8.15 -6.72 -1.01
N GLU B 97 -9.05 -5.74 -0.97
CA GLU B 97 -10.38 -5.95 -0.42
C GLU B 97 -11.18 -6.88 -1.31
N MET B 98 -11.03 -6.72 -2.63
CA MET B 98 -11.76 -7.56 -3.57
C MET B 98 -11.35 -9.02 -3.40
N TYR B 99 -10.07 -9.26 -3.07
CA TYR B 99 -9.60 -10.61 -2.85
C TYR B 99 -10.31 -11.21 -1.64
N ARG B 100 -10.44 -10.41 -0.60
CA ARG B 100 -11.11 -10.86 0.63
C ARG B 100 -12.54 -11.30 0.33
N ARG B 101 -13.20 -10.60 -0.57
CA ARG B 101 -14.57 -10.92 -0.94
C ARG B 101 -14.63 -12.18 -1.81
N SER B 102 -13.53 -12.45 -2.50
CA SER B 102 -13.47 -13.62 -3.38
C SER B 102 -13.06 -14.88 -2.63
N ILE B 103 -13.09 -14.82 -1.30
CA ILE B 103 -12.70 -15.96 -0.50
C ILE B 103 -13.89 -16.57 0.24
N PRO B 104 -14.46 -17.62 -0.31
CA PRO B 104 -15.61 -18.32 0.32
C PRO B 104 -15.14 -19.28 1.41
N ARG B 105 -15.91 -19.39 2.48
CA ARG B 105 -15.53 -20.27 3.58
C ARG B 105 -16.58 -21.35 3.81
N GLU B 106 -16.12 -22.54 4.17
CA GLU B 106 -17.01 -23.66 4.42
C GLU B 106 -17.43 -23.66 5.90
N VAL B 107 -18.57 -24.28 6.18
CA VAL B 107 -19.07 -24.35 7.54
C VAL B 107 -20.40 -25.10 7.60
N ALA C 1 -4.05 13.98 -29.78
CA ALA C 1 -2.88 14.70 -30.36
C ALA C 1 -1.69 14.57 -29.42
N MET C 2 -1.76 15.24 -28.28
CA MET C 2 -0.67 15.20 -27.30
C MET C 2 -0.85 14.01 -26.36
N ALA C 3 0.27 13.44 -25.92
CA ALA C 3 0.22 12.30 -25.02
C ALA C 3 1.54 11.52 -25.08
N GLY C 4 2.65 12.24 -24.98
CA GLY C 4 3.97 11.62 -25.02
C GLY C 4 4.42 11.19 -23.62
N ILE C 5 4.58 12.16 -22.73
CA ILE C 5 5.03 11.88 -21.37
C ILE C 5 3.87 12.02 -20.39
N ILE C 6 3.96 11.31 -19.27
CA ILE C 6 2.93 11.36 -18.24
C ILE C 6 2.81 12.76 -17.63
N SER C 7 1.60 13.14 -17.25
CA SER C 7 1.38 14.45 -16.65
C SER C 7 0.27 14.36 -15.59
N GLY C 8 0.68 14.25 -14.33
CA GLY C 8 -0.28 14.16 -13.24
C GLY C 8 -0.67 15.55 -12.75
N THR C 9 -0.29 16.56 -13.51
CA THR C 9 -0.60 17.93 -13.15
C THR C 9 0.23 18.38 -11.96
N PRO C 10 1.47 17.97 -11.90
CA PRO C 10 2.39 18.32 -10.78
C PRO C 10 2.21 19.76 -10.30
N THR C 11 2.45 19.96 -9.01
CA THR C 11 2.32 21.29 -8.42
C THR C 11 0.90 21.82 -8.55
N ARG C 12 -0.08 20.97 -8.24
CA ARG C 12 -1.48 21.37 -8.34
C ARG C 12 -2.19 21.28 -6.98
N ILE C 13 -1.66 20.45 -6.09
CA ILE C 13 -2.28 20.27 -4.78
C ILE C 13 -1.34 20.64 -3.65
N SER C 14 -1.87 21.35 -2.64
CA SER C 14 -1.07 21.70 -1.48
C SER C 14 -1.18 20.56 -0.47
N VAL C 15 -0.06 20.16 0.12
CA VAL C 15 -0.09 19.05 1.04
C VAL C 15 0.72 19.32 2.32
N ASP C 16 0.31 18.65 3.40
CA ASP C 16 0.98 18.78 4.69
C ASP C 16 2.03 17.69 4.82
N GLU C 17 2.91 17.79 5.82
CA GLU C 17 3.94 16.77 5.99
C GLU C 17 3.28 15.39 6.00
N LYS C 18 2.12 15.31 6.64
CA LYS C 18 1.38 14.06 6.67
C LYS C 18 0.68 13.88 5.33
N THR C 19 0.76 14.94 4.52
CA THR C 19 0.15 14.96 3.20
C THR C 19 -0.90 13.87 3.07
N GLU C 20 -2.17 14.27 3.08
CA GLU C 20 -3.28 13.32 2.95
C GLU C 20 -2.77 11.93 2.60
N LEU C 21 -2.92 11.01 3.52
CA LEU C 21 -2.45 9.65 3.28
C LEU C 21 -3.63 8.66 3.25
N ALA C 22 -3.51 7.54 3.94
CA ALA C 22 -4.56 6.54 3.96
C ALA C 22 -5.82 7.09 4.63
N ARG C 23 -5.75 8.32 5.12
CA ARG C 23 -6.91 8.93 5.77
C ARG C 23 -8.18 8.57 5.02
N ILE C 24 -8.01 8.07 3.80
CA ILE C 24 -9.14 7.70 2.97
C ILE C 24 -9.92 6.55 3.62
N ALA C 25 -9.19 5.67 4.30
CA ALA C 25 -9.82 4.54 4.98
C ALA C 25 -10.59 3.65 4.00
N LYS C 26 -11.24 4.28 3.03
CA LYS C 26 -12.04 3.55 2.03
C LYS C 26 -13.27 2.93 2.68
N GLY C 27 -13.77 3.58 3.73
CA GLY C 27 -14.95 3.11 4.44
C GLY C 27 -15.05 1.59 4.47
N MET C 28 -14.02 0.93 4.97
CA MET C 28 -14.02 -0.52 5.07
C MET C 28 -13.95 -0.96 6.53
N GLN C 29 -13.62 -0.03 7.41
CA GLN C 29 -13.53 -0.34 8.83
C GLN C 29 -14.91 -0.25 9.48
N ASP C 30 -15.43 -1.40 9.89
CA ASP C 30 -16.74 -1.44 10.53
C ASP C 30 -17.19 -2.89 10.70
N LEU C 31 -17.00 -3.69 9.66
CA LEU C 31 -17.39 -5.10 9.69
C LEU C 31 -18.67 -5.28 10.50
N GLU C 32 -18.96 -6.53 10.85
CA GLU C 32 -20.17 -6.84 11.63
C GLU C 32 -21.41 -6.28 10.94
N SER C 33 -22.49 -7.06 10.96
CA SER C 33 -23.75 -6.63 10.34
C SER C 33 -24.76 -6.22 11.42
N GLU C 34 -25.56 -5.21 11.11
CA GLU C 34 -26.56 -4.73 12.08
C GLU C 34 -27.65 -5.79 12.27
N ALA D 1 12.40 -0.27 30.81
CA ALA D 1 12.45 1.03 31.53
C ALA D 1 11.83 2.12 30.67
N MET D 2 12.53 2.49 29.60
CA MET D 2 12.05 3.53 28.69
C MET D 2 11.13 2.93 27.63
N ALA D 3 10.13 3.69 27.20
CA ALA D 3 9.20 3.22 26.18
C ALA D 3 7.90 4.02 26.24
N GLY D 4 8.02 5.33 26.29
CA GLY D 4 6.85 6.20 26.35
C GLY D 4 6.35 6.55 24.96
N ILE D 5 7.18 7.24 24.18
CA ILE D 5 6.81 7.64 22.84
C ILE D 5 7.53 6.79 21.79
N ILE D 6 6.93 6.67 20.61
CA ILE D 6 7.52 5.88 19.54
C ILE D 6 8.84 6.50 19.07
N SER D 7 9.76 5.64 18.65
CA SER D 7 11.06 6.11 18.17
C SER D 7 11.56 5.21 17.04
N GLY D 8 11.36 5.65 15.80
CA GLY D 8 11.79 4.89 14.64
C GLY D 8 13.23 5.22 14.27
N THR D 9 13.90 5.95 15.17
CA THR D 9 15.27 6.35 14.93
C THR D 9 15.35 7.42 13.84
N PRO D 10 14.41 8.32 13.82
CA PRO D 10 14.35 9.41 12.82
C PRO D 10 15.73 9.97 12.46
N THR D 11 15.88 10.41 11.22
CA THR D 11 17.15 10.97 10.76
C THR D 11 18.27 9.94 10.85
N ARG D 12 18.00 8.72 10.40
CA ARG D 12 19.00 7.67 10.45
C ARG D 12 19.34 7.15 9.05
N ILE D 13 18.41 7.33 8.11
CA ILE D 13 18.63 6.83 6.75
C ILE D 13 18.57 7.94 5.72
N SER D 14 19.50 7.91 4.77
CA SER D 14 19.52 8.90 3.69
C SER D 14 18.62 8.38 2.58
N VAL D 15 17.79 9.26 2.02
CA VAL D 15 16.88 8.81 0.98
C VAL D 15 16.82 9.78 -0.20
N ASP D 16 16.48 9.23 -1.37
CA ASP D 16 16.36 10.02 -2.59
C ASP D 16 14.91 10.46 -2.76
N GLU D 17 14.65 11.38 -3.69
CA GLU D 17 13.28 11.83 -3.89
C GLU D 17 12.37 10.63 -4.09
N LYS D 18 12.87 9.63 -4.81
CA LYS D 18 12.12 8.40 -5.01
C LYS D 18 12.23 7.56 -3.75
N THR D 19 13.07 8.03 -2.83
CA THR D 19 13.28 7.36 -1.56
C THR D 19 12.80 5.92 -1.61
N GLU D 20 13.76 4.99 -1.65
CA GLU D 20 13.43 3.56 -1.71
C GLU D 20 11.96 3.33 -1.46
N LEU D 21 11.26 2.87 -2.49
CA LEU D 21 9.83 2.64 -2.37
C LEU D 21 9.52 1.14 -2.49
N ALA D 22 8.50 0.80 -3.30
CA ALA D 22 8.12 -0.59 -3.48
C ALA D 22 9.23 -1.37 -4.18
N ARG D 23 10.31 -0.70 -4.53
CA ARG D 23 11.43 -1.36 -5.20
C ARG D 23 11.67 -2.72 -4.56
N ILE D 24 11.08 -2.94 -3.39
CA ILE D 24 11.23 -4.20 -2.68
C ILE D 24 10.62 -5.34 -3.50
N ALA D 25 9.54 -5.04 -4.21
CA ALA D 25 8.88 -6.03 -5.05
C ALA D 25 8.40 -7.23 -4.21
N LYS D 26 9.20 -7.62 -3.23
CA LYS D 26 8.87 -8.76 -2.37
C LYS D 26 8.94 -10.06 -3.16
N GLY D 27 9.82 -10.09 -4.16
CA GLY D 27 10.01 -11.28 -4.99
C GLY D 27 8.70 -12.05 -5.18
N MET D 28 7.67 -11.39 -5.69
CA MET D 28 6.40 -12.06 -5.92
C MET D 28 6.06 -12.05 -7.41
N GLN D 29 6.79 -11.23 -8.17
CA GLN D 29 6.55 -11.14 -9.61
C GLN D 29 7.32 -12.25 -10.34
N ASP D 30 6.57 -13.20 -10.90
CA ASP D 30 7.18 -14.30 -11.62
C ASP D 30 6.14 -15.35 -11.96
N LEU D 31 5.27 -15.66 -11.01
CA LEU D 31 4.22 -16.65 -11.21
C LEU D 31 4.71 -17.79 -12.10
N GLU D 32 3.77 -18.58 -12.61
CA GLU D 32 4.10 -19.70 -13.48
C GLU D 32 5.15 -20.61 -12.83
N SER D 33 4.96 -21.91 -12.99
CA SER D 33 5.89 -22.89 -12.42
C SER D 33 6.78 -23.47 -13.52
N GLU D 34 8.03 -23.75 -13.16
CA GLU D 34 8.97 -24.31 -14.13
C GLU D 34 8.58 -25.74 -14.50
N ALA A 1 -23.87 -13.87 17.15
CA ALA A 1 -23.06 -14.52 18.22
C ALA A 1 -21.92 -15.31 17.60
N MET A 2 -20.70 -14.78 17.73
CA MET A 2 -19.53 -15.44 17.16
C MET A 2 -18.97 -16.46 18.14
N ALA A 3 -17.85 -17.09 17.76
CA ALA A 3 -17.24 -18.10 18.62
C ALA A 3 -16.41 -17.43 19.72
N ARG A 4 -16.88 -17.55 20.95
CA ARG A 4 -16.19 -16.97 22.10
C ARG A 4 -15.20 -15.89 21.67
N MET A 5 -15.63 -15.02 20.76
CA MET A 5 -14.77 -13.95 20.28
C MET A 5 -15.51 -12.61 20.30
N SER A 6 -15.70 -12.06 21.50
CA SER A 6 -16.40 -10.79 21.63
C SER A 6 -15.56 -9.65 21.07
N PRO A 7 -16.16 -8.51 20.88
CA PRO A 7 -15.47 -7.31 20.35
C PRO A 7 -14.23 -6.96 21.17
N ALA A 8 -14.25 -7.30 22.45
CA ALA A 8 -13.12 -7.01 23.31
C ALA A 8 -11.89 -7.77 22.84
N ASP A 9 -12.05 -9.05 22.53
CA ASP A 9 -10.95 -9.85 22.03
C ASP A 9 -10.41 -9.20 20.76
N LYS A 10 -11.33 -8.70 19.95
CA LYS A 10 -10.95 -8.03 18.72
C LYS A 10 -10.07 -6.83 19.08
N ARG A 11 -10.50 -6.08 20.09
CA ARG A 11 -9.72 -4.93 20.53
C ARG A 11 -8.37 -5.38 21.03
N LYS A 12 -8.34 -6.51 21.73
CA LYS A 12 -7.10 -7.04 22.23
C LYS A 12 -6.19 -7.26 21.04
N LEU A 13 -6.76 -7.84 19.99
CA LEU A 13 -6.02 -8.05 18.76
C LEU A 13 -5.54 -6.71 18.24
N LEU A 14 -6.49 -5.80 18.02
CA LEU A 14 -6.18 -4.47 17.54
C LEU A 14 -5.12 -3.83 18.43
N ASP A 15 -5.30 -4.00 19.73
CA ASP A 15 -4.33 -3.46 20.66
C ASP A 15 -2.95 -3.95 20.27
N GLU A 16 -2.89 -5.23 19.92
CA GLU A 16 -1.64 -5.83 19.49
C GLU A 16 -1.30 -5.42 18.07
N LEU A 17 -2.29 -5.34 17.19
CA LEU A 17 -2.03 -4.96 15.81
C LEU A 17 -1.37 -3.59 15.75
N ARG A 18 -1.87 -2.66 16.57
CA ARG A 18 -1.31 -1.32 16.61
C ARG A 18 0.13 -1.38 17.11
N SER A 19 0.35 -2.11 18.20
CA SER A 19 1.68 -2.26 18.76
C SER A 19 2.55 -3.08 17.83
N ILE A 20 2.01 -4.20 17.35
CA ILE A 20 2.76 -5.05 16.44
C ILE A 20 3.11 -4.29 15.18
N TYR A 21 2.13 -3.62 14.58
CA TYR A 21 2.40 -2.82 13.40
C TYR A 21 3.51 -1.84 13.72
N ARG A 22 3.36 -1.22 14.88
CA ARG A 22 4.34 -0.27 15.36
C ARG A 22 5.72 -0.91 15.48
N THR A 23 5.77 -2.10 16.07
CA THR A 23 7.04 -2.81 16.23
C THR A 23 7.64 -3.11 14.87
N ILE A 24 6.80 -3.49 13.91
CA ILE A 24 7.27 -3.80 12.57
C ILE A 24 8.06 -2.63 12.00
N VAL A 25 7.55 -1.42 12.24
CA VAL A 25 8.17 -0.20 11.74
C VAL A 25 9.54 0.07 12.39
N LEU A 26 9.60 -0.01 13.71
CA LEU A 26 10.85 0.25 14.42
C LEU A 26 11.94 -0.73 14.02
N GLU A 27 11.57 -1.99 13.84
CA GLU A 27 12.53 -3.01 13.48
C GLU A 27 12.77 -3.04 11.97
N TYR A 28 12.03 -2.25 11.23
CA TYR A 28 12.20 -2.21 9.78
C TYR A 28 13.67 -1.99 9.44
N PHE A 29 14.36 -1.21 10.26
CA PHE A 29 15.77 -0.93 10.05
C PHE A 29 16.64 -1.79 10.95
N ASN A 30 16.04 -2.78 11.59
CA ASN A 30 16.78 -3.66 12.50
C ASN A 30 17.97 -4.29 11.78
N THR A 31 19.08 -4.41 12.49
CA THR A 31 20.29 -4.99 11.92
C THR A 31 20.28 -6.51 12.07
N ASP A 32 19.49 -7.01 13.01
CA ASP A 32 19.43 -8.44 13.23
C ASP A 32 18.01 -8.94 13.48
N ALA A 33 17.12 -8.04 13.89
CA ALA A 33 15.74 -8.44 14.17
C ALA A 33 15.06 -8.94 12.90
N LYS A 34 14.36 -10.06 13.01
CA LYS A 34 13.65 -10.62 11.87
C LYS A 34 12.26 -10.02 11.79
N VAL A 35 12.18 -8.79 11.28
CA VAL A 35 10.90 -8.11 11.15
C VAL A 35 9.87 -9.07 10.57
N ASN A 36 10.37 -10.05 9.83
CA ASN A 36 9.49 -11.03 9.21
C ASN A 36 8.55 -11.62 10.26
N GLU A 37 9.07 -11.85 11.46
CA GLU A 37 8.24 -12.37 12.55
C GLU A 37 7.18 -11.35 12.90
N ARG A 38 7.57 -10.08 12.89
CA ARG A 38 6.62 -9.00 13.21
C ARG A 38 5.56 -8.93 12.11
N ILE A 39 6.03 -8.98 10.87
CA ILE A 39 5.13 -8.94 9.73
C ILE A 39 4.31 -10.23 9.67
N ASP A 40 4.97 -11.34 9.94
CA ASP A 40 4.29 -12.63 9.95
C ASP A 40 3.20 -12.62 11.01
N GLU A 41 3.50 -12.02 12.15
CA GLU A 41 2.53 -11.94 13.24
C GLU A 41 1.34 -11.07 12.81
N PHE A 42 1.66 -9.91 12.25
CA PHE A 42 0.64 -8.98 11.79
C PHE A 42 -0.13 -9.60 10.63
N VAL A 43 0.61 -10.21 9.71
CA VAL A 43 0.00 -10.85 8.54
C VAL A 43 -0.96 -11.96 8.96
N SER A 44 -0.50 -12.84 9.84
CA SER A 44 -1.32 -13.96 10.28
C SER A 44 -2.55 -13.50 11.07
N LYS A 45 -2.34 -12.64 12.06
CA LYS A 45 -3.45 -12.16 12.88
C LYS A 45 -4.43 -11.34 12.05
N ALA A 46 -3.91 -10.48 11.18
CA ALA A 46 -4.78 -9.64 10.35
C ALA A 46 -5.68 -10.53 9.50
N PHE A 47 -5.12 -11.62 9.00
CA PHE A 47 -5.88 -12.55 8.18
C PHE A 47 -6.93 -13.26 9.02
N PHE A 48 -6.47 -13.92 10.08
CA PHE A 48 -7.36 -14.65 10.97
C PHE A 48 -8.40 -13.74 11.61
N ALA A 49 -7.96 -12.55 12.02
CA ALA A 49 -8.86 -11.60 12.66
C ALA A 49 -9.76 -10.94 11.62
N ASP A 50 -9.68 -11.39 10.37
CA ASP A 50 -10.50 -10.82 9.32
C ASP A 50 -10.39 -9.30 9.34
N ILE A 51 -9.18 -8.81 9.59
CA ILE A 51 -8.94 -7.37 9.65
C ILE A 51 -8.89 -6.79 8.24
N SER A 52 -9.51 -5.63 8.07
CA SER A 52 -9.53 -4.98 6.78
C SER A 52 -8.32 -4.06 6.65
N VAL A 53 -7.94 -3.77 5.41
CA VAL A 53 -6.79 -2.91 5.16
C VAL A 53 -7.03 -1.51 5.74
N SER A 54 -8.30 -1.09 5.75
CA SER A 54 -8.65 0.23 6.26
C SER A 54 -7.90 0.55 7.55
N GLN A 55 -8.07 -0.26 8.59
CA GLN A 55 -7.37 0.01 9.84
C GLN A 55 -5.88 0.06 9.58
N VAL A 56 -5.41 -0.83 8.74
CA VAL A 56 -4.01 -0.85 8.38
C VAL A 56 -3.67 0.50 7.77
N LEU A 57 -4.60 0.98 6.93
CA LEU A 57 -4.45 2.27 6.27
C LEU A 57 -4.60 3.42 7.27
N GLU A 58 -5.67 3.39 8.05
CA GLU A 58 -5.92 4.45 9.02
C GLU A 58 -4.95 4.38 10.20
N ILE A 59 -4.76 3.18 10.74
CA ILE A 59 -3.83 3.04 11.86
C ILE A 59 -2.47 3.59 11.46
N HIS A 60 -2.12 3.37 10.20
CA HIS A 60 -0.85 3.84 9.66
C HIS A 60 -0.72 5.36 9.74
N VAL A 61 -1.73 6.06 9.22
CA VAL A 61 -1.70 7.52 9.22
C VAL A 61 -1.53 8.10 10.63
N GLU A 62 -2.21 7.53 11.60
CA GLU A 62 -2.14 8.02 12.97
C GLU A 62 -0.73 7.90 13.54
N LEU A 63 -0.10 6.75 13.36
CA LEU A 63 1.24 6.54 13.89
C LEU A 63 2.26 7.41 13.17
N MET A 64 2.17 7.48 11.84
CA MET A 64 3.10 8.30 11.08
C MET A 64 2.99 9.76 11.52
N ASP A 65 1.76 10.18 11.81
CA ASP A 65 1.55 11.54 12.28
C ASP A 65 2.31 11.74 13.58
N THR A 66 2.34 10.69 14.38
CA THR A 66 3.04 10.72 15.66
C THR A 66 4.53 11.00 15.43
N PHE A 67 5.11 10.33 14.45
CA PHE A 67 6.52 10.52 14.12
C PHE A 67 6.77 11.91 13.55
N SER A 68 5.95 12.29 12.58
CA SER A 68 6.09 13.59 11.94
C SER A 68 5.98 14.68 13.01
N LYS A 69 5.10 14.46 13.97
CA LYS A 69 4.91 15.41 15.06
C LYS A 69 6.19 15.55 15.88
N GLN A 70 6.80 14.41 16.22
CA GLN A 70 8.04 14.41 17.00
C GLN A 70 9.16 15.09 16.21
N LEU A 71 9.20 14.83 14.91
CA LEU A 71 10.24 15.44 14.08
C LEU A 71 10.19 16.95 14.19
N LYS A 72 8.97 17.50 14.19
CA LYS A 72 8.81 18.94 14.32
C LYS A 72 9.33 19.42 15.67
N LEU A 73 9.02 18.67 16.72
CA LEU A 73 9.46 19.02 18.06
C LEU A 73 10.95 18.74 18.23
N GLU A 74 11.36 17.54 17.84
CA GLU A 74 12.77 17.16 17.94
C GLU A 74 13.62 17.88 16.91
N GLY A 75 13.01 18.18 15.77
CA GLY A 75 13.74 18.88 14.70
C GLY A 75 14.67 17.92 13.98
N ARG A 76 14.15 16.74 13.62
CA ARG A 76 14.94 15.74 12.93
C ARG A 76 14.45 15.54 11.51
N SER A 77 15.35 15.09 10.64
CA SER A 77 15.00 14.85 9.25
C SER A 77 13.76 13.98 9.16
N GLU A 78 12.74 14.46 8.46
CA GLU A 78 11.51 13.72 8.31
C GLU A 78 11.66 12.65 7.23
N ASP A 79 12.86 12.54 6.67
CA ASP A 79 13.12 11.55 5.64
C ASP A 79 12.76 10.15 6.14
N ILE A 80 13.00 9.92 7.41
CA ILE A 80 12.71 8.62 8.03
C ILE A 80 11.23 8.26 7.88
N LEU A 81 10.38 9.26 7.73
CA LEU A 81 8.94 9.00 7.59
C LEU A 81 8.68 8.09 6.39
N LEU A 82 9.69 7.90 5.54
CA LEU A 82 9.55 7.05 4.36
C LEU A 82 9.36 5.58 4.76
N ASP A 83 10.02 5.17 5.83
CA ASP A 83 9.94 3.78 6.28
C ASP A 83 8.49 3.34 6.43
N TYR A 84 7.64 4.23 6.93
CA TYR A 84 6.24 3.89 7.09
C TYR A 84 5.64 3.61 5.72
N ARG A 85 6.06 4.39 4.73
CA ARG A 85 5.57 4.18 3.38
C ARG A 85 6.08 2.82 2.89
N LEU A 86 7.33 2.53 3.24
CA LEU A 86 7.95 1.27 2.87
C LEU A 86 7.35 0.12 3.69
N THR A 87 7.18 0.39 4.98
CA THR A 87 6.60 -0.60 5.89
C THR A 87 5.11 -0.77 5.63
N LEU A 88 4.42 0.35 5.43
CA LEU A 88 2.99 0.35 5.19
C LEU A 88 2.65 -0.37 3.90
N ILE A 89 3.34 -0.02 2.83
CA ILE A 89 3.10 -0.65 1.54
C ILE A 89 3.57 -2.11 1.57
N ASP A 90 4.73 -2.35 2.17
CA ASP A 90 5.26 -3.70 2.25
C ASP A 90 4.37 -4.58 3.11
N VAL A 91 3.89 -4.03 4.23
CA VAL A 91 3.02 -4.79 5.12
C VAL A 91 1.71 -5.15 4.43
N ILE A 92 1.07 -4.15 3.81
CA ILE A 92 -0.17 -4.40 3.11
C ILE A 92 0.05 -5.40 1.98
N ALA A 93 1.12 -5.18 1.23
CA ALA A 93 1.45 -6.06 0.11
C ALA A 93 1.71 -7.48 0.60
N HIS A 94 2.33 -7.60 1.77
CA HIS A 94 2.65 -8.91 2.32
C HIS A 94 1.38 -9.72 2.62
N LEU A 95 0.45 -9.13 3.37
CA LEU A 95 -0.78 -9.86 3.69
C LEU A 95 -1.68 -9.93 2.45
N CYS A 96 -1.66 -8.87 1.66
CA CYS A 96 -2.49 -8.85 0.44
C CYS A 96 -2.19 -10.10 -0.38
N GLU A 97 -0.91 -10.41 -0.49
CA GLU A 97 -0.48 -11.58 -1.23
C GLU A 97 -0.96 -12.84 -0.53
N MET A 98 -0.92 -12.83 0.81
CA MET A 98 -1.36 -13.99 1.58
C MET A 98 -2.82 -14.29 1.28
N TYR A 99 -3.62 -13.24 1.06
CA TYR A 99 -5.02 -13.43 0.75
C TYR A 99 -5.15 -14.17 -0.59
N ARG A 100 -4.33 -13.75 -1.56
CA ARG A 100 -4.35 -14.40 -2.86
C ARG A 100 -4.02 -15.89 -2.72
N ARG A 101 -3.03 -16.17 -1.88
CA ARG A 101 -2.60 -17.54 -1.63
C ARG A 101 -3.62 -18.29 -0.79
N SER A 102 -4.42 -17.55 -0.03
CA SER A 102 -5.43 -18.15 0.82
C SER A 102 -6.64 -18.56 0.01
N ILE A 103 -6.54 -18.41 -1.30
CA ILE A 103 -7.63 -18.76 -2.19
C ILE A 103 -7.26 -19.99 -3.03
N PRO A 104 -7.70 -21.15 -2.65
CA PRO A 104 -7.39 -22.41 -3.39
C PRO A 104 -8.18 -22.51 -4.69
N ARG A 105 -7.48 -22.55 -5.81
CA ARG A 105 -8.12 -22.65 -7.11
C ARG A 105 -7.58 -23.82 -7.91
N GLU A 106 -8.45 -24.51 -8.63
CA GLU A 106 -8.05 -25.65 -9.44
C GLU A 106 -7.91 -25.25 -10.90
N VAL A 107 -7.01 -25.92 -11.61
CA VAL A 107 -6.79 -25.63 -13.02
C VAL A 107 -5.80 -26.63 -13.63
N ALA B 1 0.05 -25.57 -20.06
CA ALA B 1 -0.83 -25.04 -21.13
C ALA B 1 -2.09 -24.46 -20.52
N MET B 2 -2.19 -23.13 -20.51
CA MET B 2 -3.37 -22.47 -19.95
C MET B 2 -4.46 -22.34 -20.99
N ALA B 3 -5.56 -21.69 -20.62
CA ALA B 3 -6.68 -21.52 -21.53
C ALA B 3 -6.41 -20.36 -22.49
N ARG B 4 -6.21 -20.70 -23.77
CA ARG B 4 -5.95 -19.70 -24.80
C ARG B 4 -5.48 -18.38 -24.19
N MET B 5 -4.59 -18.46 -23.21
CA MET B 5 -4.06 -17.25 -22.57
C MET B 5 -2.55 -17.28 -22.50
N SER B 6 -1.89 -17.08 -23.63
CA SER B 6 -0.43 -17.09 -23.68
C SER B 6 0.14 -15.88 -22.95
N PRO B 7 1.42 -15.91 -22.68
CA PRO B 7 2.12 -14.81 -21.98
C PRO B 7 1.90 -13.46 -22.67
N ALA B 8 1.68 -13.50 -23.98
CA ALA B 8 1.46 -12.27 -24.74
C ALA B 8 0.18 -11.59 -24.27
N ASP B 9 -0.88 -12.37 -24.10
CA ASP B 9 -2.14 -11.80 -23.63
C ASP B 9 -1.90 -11.17 -22.27
N LYS B 10 -1.08 -11.84 -21.46
CA LYS B 10 -0.74 -11.33 -20.15
C LYS B 10 -0.08 -9.97 -20.31
N ARG B 11 0.85 -9.89 -21.27
CA ARG B 11 1.53 -8.63 -21.53
C ARG B 11 0.53 -7.59 -21.99
N LYS B 12 -0.43 -8.01 -22.80
CA LYS B 12 -1.45 -7.11 -23.27
C LYS B 12 -2.16 -6.53 -22.05
N LEU B 13 -2.45 -7.41 -21.11
CA LEU B 13 -3.07 -6.99 -19.87
C LEU B 13 -2.15 -6.00 -19.18
N LEU B 14 -0.91 -6.45 -18.93
CA LEU B 14 0.08 -5.61 -18.29
C LEU B 14 0.21 -4.30 -19.03
N ASP B 15 0.23 -4.39 -20.35
CA ASP B 15 0.32 -3.18 -21.16
C ASP B 15 -0.79 -2.24 -20.74
N GLU B 16 -1.97 -2.81 -20.51
CA GLU B 16 -3.11 -2.04 -20.07
C GLU B 16 -3.01 -1.69 -18.59
N LEU B 17 -2.52 -2.63 -17.78
CA LEU B 17 -2.40 -2.37 -16.35
C LEU B 17 -1.50 -1.16 -16.11
N ARG B 18 -0.40 -1.09 -16.85
CA ARG B 18 0.53 0.03 -16.71
C ARG B 18 -0.17 1.32 -17.12
N SER B 19 -0.85 1.29 -18.27
CA SER B 19 -1.56 2.47 -18.75
C SER B 19 -2.76 2.75 -17.86
N ILE B 20 -3.52 1.71 -17.53
CA ILE B 20 -4.68 1.87 -16.68
C ILE B 20 -4.25 2.41 -15.32
N TYR B 21 -3.23 1.79 -14.72
CA TYR B 21 -2.74 2.27 -13.45
C TYR B 21 -2.37 3.73 -13.59
N ARG B 22 -1.69 4.01 -14.68
CA ARG B 22 -1.27 5.36 -14.99
C ARG B 22 -2.48 6.29 -15.09
N THR B 23 -3.51 5.85 -15.80
CA THR B 23 -4.72 6.66 -15.94
C THR B 23 -5.36 6.90 -14.58
N ILE B 24 -5.35 5.89 -13.74
CA ILE B 24 -5.93 6.01 -12.41
C ILE B 24 -5.31 7.19 -11.67
N VAL B 25 -3.98 7.32 -11.81
CA VAL B 25 -3.23 8.38 -11.14
C VAL B 25 -3.59 9.77 -11.66
N LEU B 26 -3.61 9.93 -12.98
CA LEU B 26 -3.92 11.23 -13.58
C LEU B 26 -5.32 11.70 -13.21
N GLU B 27 -6.27 10.77 -13.20
CA GLU B 27 -7.65 11.11 -12.88
C GLU B 27 -7.89 11.15 -11.37
N TYR B 28 -6.87 10.79 -10.60
CA TYR B 28 -7.02 10.80 -9.15
C TYR B 28 -7.54 12.15 -8.69
N PHE B 29 -7.11 13.21 -9.39
CA PHE B 29 -7.55 14.55 -9.04
C PHE B 29 -8.65 15.03 -9.98
N ASN B 30 -9.21 14.11 -10.76
CA ASN B 30 -10.26 14.44 -11.70
C ASN B 30 -11.42 15.13 -10.97
N THR B 31 -11.99 16.13 -11.62
CA THR B 31 -13.11 16.87 -11.03
C THR B 31 -14.44 16.18 -11.34
N ASP B 32 -14.46 15.36 -12.38
CA ASP B 32 -15.69 14.66 -12.76
C ASP B 32 -15.43 13.20 -13.16
N ALA B 33 -14.20 12.88 -13.52
CA ALA B 33 -13.88 11.51 -13.93
C ALA B 33 -14.08 10.55 -12.77
N LYS B 34 -14.74 9.42 -13.05
CA LYS B 34 -14.97 8.42 -12.02
C LYS B 34 -13.80 7.46 -11.96
N VAL B 35 -12.71 7.90 -11.33
CA VAL B 35 -11.53 7.07 -11.22
C VAL B 35 -11.92 5.67 -10.81
N ASN B 36 -13.07 5.56 -10.15
CA ASN B 36 -13.57 4.28 -9.71
C ASN B 36 -13.57 3.30 -10.86
N GLU B 37 -13.94 3.78 -12.06
CA GLU B 37 -13.94 2.92 -13.23
C GLU B 37 -12.52 2.49 -13.54
N ARG B 38 -11.58 3.42 -13.37
CA ARG B 38 -10.18 3.12 -13.63
C ARG B 38 -9.69 2.10 -12.61
N ILE B 39 -10.02 2.35 -11.35
CA ILE B 39 -9.64 1.45 -10.27
C ILE B 39 -10.39 0.14 -10.41
N ASP B 40 -11.67 0.24 -10.75
CA ASP B 40 -12.48 -0.96 -10.94
C ASP B 40 -11.91 -1.80 -12.06
N GLU B 41 -11.43 -1.14 -13.11
CA GLU B 41 -10.84 -1.84 -14.25
C GLU B 41 -9.55 -2.52 -13.80
N PHE B 42 -8.71 -1.77 -13.10
CA PHE B 42 -7.45 -2.30 -12.61
C PHE B 42 -7.71 -3.39 -11.59
N VAL B 43 -8.64 -3.11 -10.68
CA VAL B 43 -9.00 -4.06 -9.64
C VAL B 43 -9.51 -5.39 -10.22
N SER B 44 -10.44 -5.29 -11.17
CA SER B 44 -11.02 -6.48 -11.79
C SER B 44 -9.99 -7.26 -12.59
N LYS B 45 -9.27 -6.58 -13.47
CA LYS B 45 -8.27 -7.24 -14.30
C LYS B 45 -7.13 -7.82 -13.47
N ALA B 46 -6.67 -7.06 -12.47
CA ALA B 46 -5.59 -7.53 -11.62
C ALA B 46 -6.00 -8.82 -10.92
N PHE B 47 -7.26 -8.88 -10.50
CA PHE B 47 -7.79 -10.07 -9.84
C PHE B 47 -7.85 -11.24 -10.82
N PHE B 48 -8.58 -11.02 -11.90
CA PHE B 48 -8.76 -12.05 -12.93
C PHE B 48 -7.42 -12.47 -13.53
N ALA B 49 -6.56 -11.49 -13.79
CA ALA B 49 -5.25 -11.78 -14.36
C ALA B 49 -4.31 -12.38 -13.34
N ASP B 50 -4.83 -12.64 -12.14
CA ASP B 50 -4.02 -13.22 -11.09
C ASP B 50 -2.72 -12.43 -10.94
N ILE B 51 -2.84 -11.11 -11.05
CA ILE B 51 -1.68 -10.23 -10.94
C ILE B 51 -1.28 -10.07 -9.49
N SER B 52 0.02 -10.09 -9.23
CA SER B 52 0.52 -9.95 -7.88
C SER B 52 0.76 -8.48 -7.57
N VAL B 53 0.74 -8.14 -6.30
CA VAL B 53 0.96 -6.76 -5.88
C VAL B 53 2.33 -6.28 -6.32
N SER B 54 3.30 -7.20 -6.37
CA SER B 54 4.67 -6.83 -6.76
C SER B 54 4.69 -5.88 -7.95
N GLN B 55 4.11 -6.30 -9.08
CA GLN B 55 4.09 -5.44 -10.25
C GLN B 55 3.43 -4.12 -9.89
N VAL B 56 2.37 -4.20 -9.11
CA VAL B 56 1.68 -3.01 -8.68
C VAL B 56 2.68 -2.17 -7.90
N LEU B 57 3.48 -2.85 -7.08
CA LEU B 57 4.50 -2.20 -6.27
C LEU B 57 5.65 -1.69 -7.15
N GLU B 58 6.17 -2.56 -8.01
CA GLU B 58 7.29 -2.20 -8.87
C GLU B 58 6.85 -1.24 -9.97
N ILE B 59 5.73 -1.56 -10.64
CA ILE B 59 5.25 -0.69 -11.70
C ILE B 59 5.07 0.71 -11.15
N HIS B 60 4.63 0.79 -9.90
CA HIS B 60 4.41 2.06 -9.24
C HIS B 60 5.69 2.89 -9.14
N VAL B 61 6.76 2.27 -8.63
CA VAL B 61 8.02 2.96 -8.46
C VAL B 61 8.55 3.53 -9.78
N GLU B 62 8.42 2.76 -10.85
CA GLU B 62 8.91 3.21 -12.16
C GLU B 62 8.19 4.46 -12.65
N LEU B 63 6.86 4.46 -12.55
CA LEU B 63 6.08 5.61 -13.01
C LEU B 63 6.33 6.83 -12.13
N MET B 64 6.35 6.64 -10.82
CA MET B 64 6.58 7.75 -9.91
C MET B 64 7.95 8.36 -10.20
N ASP B 65 8.91 7.51 -10.53
CA ASP B 65 10.25 8.00 -10.86
C ASP B 65 10.15 8.91 -12.08
N THR B 66 9.26 8.53 -12.99
CA THR B 66 9.04 9.30 -14.20
C THR B 66 8.58 10.72 -13.86
N PHE B 67 7.65 10.82 -12.90
CA PHE B 67 7.13 12.11 -12.47
C PHE B 67 8.21 12.91 -11.74
N SER B 68 8.86 12.25 -10.78
CA SER B 68 9.91 12.92 -10.02
C SER B 68 10.98 13.43 -10.95
N LYS B 69 11.26 12.66 -12.00
CA LYS B 69 12.26 13.05 -12.99
C LYS B 69 11.83 14.32 -13.70
N GLN B 70 10.56 14.37 -14.12
CA GLN B 70 10.04 15.55 -14.81
C GLN B 70 10.06 16.77 -13.90
N LEU B 71 9.74 16.56 -12.62
CA LEU B 71 9.72 17.65 -11.66
C LEU B 71 11.09 18.31 -11.61
N LYS B 72 12.15 17.50 -11.64
CA LYS B 72 13.50 18.03 -11.62
C LYS B 72 13.76 18.86 -12.87
N LEU B 73 13.31 18.34 -14.02
CA LEU B 73 13.51 19.03 -15.28
C LEU B 73 12.57 20.23 -15.38
N GLU B 74 11.29 20.01 -15.10
CA GLU B 74 10.30 21.09 -15.15
C GLU B 74 10.48 22.06 -13.99
N GLY B 75 10.96 21.54 -12.87
CA GLY B 75 11.16 22.38 -11.69
C GLY B 75 9.83 22.68 -11.01
N ARG B 76 9.03 21.64 -10.82
CA ARG B 76 7.72 21.80 -10.19
C ARG B 76 7.67 21.13 -8.83
N SER B 77 6.80 21.62 -7.95
CA SER B 77 6.68 21.05 -6.61
C SER B 77 6.48 19.55 -6.70
N GLU B 78 7.34 18.80 -6.03
CA GLU B 78 7.25 17.35 -6.04
C GLU B 78 6.17 16.88 -5.07
N ASP B 79 5.47 17.83 -4.46
CA ASP B 79 4.42 17.49 -3.51
C ASP B 79 3.38 16.58 -4.18
N ILE B 80 3.14 16.82 -5.46
CA ILE B 80 2.17 16.04 -6.22
C ILE B 80 2.53 14.54 -6.22
N LEU B 81 3.81 14.24 -6.00
CA LEU B 81 4.25 12.85 -5.99
C LEU B 81 3.49 12.06 -4.92
N LEU B 82 2.80 12.77 -4.03
CA LEU B 82 2.03 12.13 -2.96
C LEU B 82 0.86 11.33 -3.53
N ASP B 83 0.25 11.84 -4.59
CA ASP B 83 -0.90 11.18 -5.19
C ASP B 83 -0.61 9.72 -5.47
N TYR B 84 0.60 9.43 -5.93
CA TYR B 84 0.98 8.06 -6.22
C TYR B 84 0.92 7.25 -4.93
N ARG B 85 1.36 7.86 -3.84
CA ARG B 85 1.30 7.20 -2.54
C ARG B 85 -0.16 6.97 -2.18
N LEU B 86 -0.99 7.98 -2.47
CA LEU B 86 -2.41 7.91 -2.20
C LEU B 86 -3.08 6.94 -3.17
N THR B 87 -2.69 7.04 -4.43
CA THR B 87 -3.23 6.18 -5.48
C THR B 87 -2.70 4.75 -5.34
N LEU B 88 -1.39 4.66 -5.07
CA LEU B 88 -0.73 3.36 -4.92
C LEU B 88 -1.30 2.59 -3.74
N ILE B 89 -1.38 3.24 -2.59
CA ILE B 89 -1.92 2.60 -1.40
C ILE B 89 -3.41 2.34 -1.56
N ASP B 90 -4.13 3.32 -2.09
CA ASP B 90 -5.56 3.19 -2.29
C ASP B 90 -5.87 2.08 -3.29
N VAL B 91 -5.09 2.03 -4.38
CA VAL B 91 -5.30 1.01 -5.40
C VAL B 91 -5.04 -0.38 -4.83
N ILE B 92 -3.90 -0.55 -4.16
CA ILE B 92 -3.58 -1.84 -3.57
C ILE B 92 -4.63 -2.23 -2.55
N ALA B 93 -5.00 -1.27 -1.70
CA ALA B 93 -5.99 -1.50 -0.67
C ALA B 93 -7.34 -1.86 -1.29
N HIS B 94 -7.66 -1.24 -2.42
CA HIS B 94 -8.93 -1.51 -3.08
C HIS B 94 -9.03 -2.97 -3.55
N LEU B 95 -8.03 -3.44 -4.30
CA LEU B 95 -8.07 -4.83 -4.76
C LEU B 95 -7.80 -5.77 -3.61
N CYS B 96 -6.91 -5.37 -2.70
CA CYS B 96 -6.59 -6.21 -1.56
C CYS B 96 -7.89 -6.61 -0.85
N GLU B 97 -8.77 -5.64 -0.69
CA GLU B 97 -10.04 -5.89 -0.04
C GLU B 97 -10.89 -6.81 -0.91
N MET B 98 -10.80 -6.62 -2.23
CA MET B 98 -11.58 -7.46 -3.14
C MET B 98 -11.17 -8.92 -2.99
N TYR B 99 -9.89 -9.16 -2.70
CA TYR B 99 -9.43 -10.53 -2.50
C TYR B 99 -10.10 -11.11 -1.27
N ARG B 100 -10.18 -10.31 -0.21
CA ARG B 100 -10.83 -10.77 1.02
C ARG B 100 -12.28 -11.14 0.74
N ARG B 101 -12.94 -10.31 -0.06
CA ARG B 101 -14.33 -10.53 -0.42
C ARG B 101 -14.46 -11.69 -1.40
N SER B 102 -13.38 -11.97 -2.13
CA SER B 102 -13.39 -13.04 -3.11
C SER B 102 -13.23 -14.40 -2.42
N ILE B 103 -13.23 -14.37 -1.10
CA ILE B 103 -13.08 -15.60 -0.33
C ILE B 103 -14.40 -15.91 0.40
N PRO B 104 -15.19 -16.81 -0.14
CA PRO B 104 -16.49 -17.18 0.50
C PRO B 104 -16.29 -18.07 1.72
N ARG B 105 -16.74 -17.58 2.87
CA ARG B 105 -16.59 -18.34 4.10
C ARG B 105 -17.94 -18.48 4.81
N GLU B 106 -18.17 -19.66 5.39
CA GLU B 106 -19.42 -19.91 6.11
C GLU B 106 -19.24 -19.75 7.61
N VAL B 107 -20.29 -19.35 8.30
CA VAL B 107 -20.24 -19.18 9.74
C VAL B 107 -21.61 -18.82 10.30
N ALA C 1 13.85 15.62 -26.00
CA ALA C 1 12.38 15.60 -26.24
C ALA C 1 11.99 14.28 -26.90
N MET C 2 12.44 13.18 -26.30
CA MET C 2 12.12 11.87 -26.85
C MET C 2 10.72 11.44 -26.42
N ALA C 3 9.97 10.85 -27.36
CA ALA C 3 8.62 10.41 -27.07
C ALA C 3 8.57 9.63 -25.76
N GLY C 4 7.39 9.14 -25.41
CA GLY C 4 7.22 8.38 -24.17
C GLY C 4 7.04 9.31 -22.97
N ILE C 5 6.22 10.34 -23.15
CA ILE C 5 5.97 11.31 -22.09
C ILE C 5 4.64 11.02 -21.40
N ILE C 6 4.60 11.24 -20.09
CA ILE C 6 3.39 11.00 -19.30
C ILE C 6 2.72 12.30 -18.91
N SER C 7 1.39 12.33 -19.03
CA SER C 7 0.62 13.52 -18.66
C SER C 7 0.36 13.57 -17.16
N GLY C 8 0.02 14.74 -16.65
CA GLY C 8 -0.25 14.90 -15.23
C GLY C 8 -0.44 16.37 -14.87
N THR C 9 -0.70 16.63 -13.60
CA THR C 9 -0.90 18.00 -13.15
C THR C 9 0.03 18.33 -12.00
N PRO C 10 1.27 17.93 -12.12
CA PRO C 10 2.30 18.19 -11.08
C PRO C 10 2.09 19.53 -10.39
N THR C 11 2.37 19.57 -9.08
CA THR C 11 2.19 20.79 -8.31
C THR C 11 0.80 21.37 -8.54
N ARG C 12 -0.21 20.78 -7.91
CA ARG C 12 -1.58 21.24 -8.06
C ARG C 12 -2.36 21.11 -6.76
N ILE C 13 -1.89 20.24 -5.87
CA ILE C 13 -2.57 20.02 -4.61
C ILE C 13 -1.69 20.42 -3.42
N SER C 14 -2.29 21.11 -2.45
CA SER C 14 -1.57 21.51 -1.26
C SER C 14 -1.46 20.33 -0.31
N VAL C 15 -0.27 20.07 0.18
CA VAL C 15 -0.07 18.93 1.07
C VAL C 15 0.69 19.33 2.34
N ASP C 16 0.46 18.58 3.42
CA ASP C 16 1.11 18.84 4.69
C ASP C 16 2.39 18.02 4.85
N GLU C 17 3.06 18.17 5.99
CA GLU C 17 4.28 17.42 6.24
C GLU C 17 4.01 15.93 6.09
N LYS C 18 2.86 15.49 6.60
CA LYS C 18 2.48 14.09 6.48
C LYS C 18 1.84 13.88 5.12
N THR C 19 1.69 14.99 4.40
CA THR C 19 1.11 14.97 3.06
C THR C 19 0.10 13.84 2.93
N GLU C 20 -0.86 13.80 3.84
CA GLU C 20 -1.88 12.76 3.79
C GLU C 20 -1.24 11.43 3.50
N LEU C 21 -2.07 10.40 3.31
CA LEU C 21 -1.56 9.07 3.01
C LEU C 21 -2.69 8.07 2.89
N ALA C 22 -3.32 7.75 4.02
CA ALA C 22 -4.40 6.79 4.04
C ALA C 22 -5.57 7.31 4.88
N ARG C 23 -5.68 8.63 4.98
CA ARG C 23 -6.74 9.22 5.77
C ARG C 23 -8.09 8.69 5.31
N ILE C 24 -8.07 7.84 4.28
CA ILE C 24 -9.30 7.27 3.75
C ILE C 24 -9.47 5.84 4.27
N ALA C 25 -10.59 5.60 4.96
CA ALA C 25 -10.86 4.26 5.49
C ALA C 25 -11.25 3.34 4.34
N LYS C 26 -11.40 3.92 3.15
CA LYS C 26 -11.76 3.17 1.97
C LYS C 26 -13.09 2.45 2.20
N GLY C 27 -13.64 2.60 3.40
CA GLY C 27 -14.92 1.97 3.74
C GLY C 27 -14.77 0.47 3.97
N MET C 28 -13.73 0.07 4.69
CA MET C 28 -13.52 -1.35 4.96
C MET C 28 -13.42 -1.62 6.46
N GLN C 29 -13.03 -0.60 7.22
CA GLN C 29 -12.90 -0.75 8.67
C GLN C 29 -14.27 -0.92 9.30
N ASP C 30 -15.32 -0.83 8.49
CA ASP C 30 -16.68 -0.98 8.99
C ASP C 30 -17.02 -2.46 9.17
N LEU C 31 -17.26 -2.86 10.41
CA LEU C 31 -17.60 -4.25 10.70
C LEU C 31 -18.76 -4.31 11.68
N GLU C 32 -18.45 -4.29 12.98
CA GLU C 32 -19.48 -4.33 14.02
C GLU C 32 -20.30 -3.05 14.01
N SER C 33 -19.65 -1.93 13.68
CA SER C 33 -20.32 -0.64 13.65
C SER C 33 -21.40 -0.62 12.57
N GLU C 34 -22.39 0.25 12.76
CA GLU C 34 -23.48 0.35 11.81
C GLU C 34 -23.85 -1.01 11.24
N ALA D 1 5.59 16.63 28.35
CA ALA D 1 6.25 15.30 28.50
C ALA D 1 5.23 14.27 28.99
N MET D 2 4.08 14.22 28.31
CA MET D 2 3.04 13.28 28.68
C MET D 2 3.35 11.89 28.12
N ALA D 3 3.13 10.87 28.95
CA ALA D 3 3.39 9.49 28.52
C ALA D 3 2.82 9.24 27.13
N GLY D 4 2.96 8.00 26.66
CA GLY D 4 2.45 7.63 25.34
C GLY D 4 3.43 8.04 24.24
N ILE D 5 4.71 7.76 24.47
CA ILE D 5 5.74 8.11 23.51
C ILE D 5 6.16 6.88 22.70
N ILE D 6 6.46 7.09 21.43
CA ILE D 6 6.86 5.99 20.55
C ILE D 6 8.36 6.05 20.25
N SER D 7 9.01 4.88 20.28
CA SER D 7 10.44 4.79 20.00
C SER D 7 10.69 4.75 18.49
N GLY D 8 11.93 5.04 18.10
CA GLY D 8 12.29 5.04 16.68
C GLY D 8 13.69 5.57 16.47
N THR D 9 14.12 5.61 15.22
CA THR D 9 15.44 6.11 14.91
C THR D 9 15.36 7.21 13.85
N PRO D 10 14.43 8.10 14.02
CA PRO D 10 14.23 9.24 13.08
C PRO D 10 15.56 9.74 12.51
N THR D 11 15.53 10.15 11.25
CA THR D 11 16.75 10.63 10.59
C THR D 11 17.89 9.65 10.80
N ARG D 12 17.88 8.57 10.04
CA ARG D 12 18.93 7.56 10.15
C ARG D 12 19.27 6.95 8.80
N ILE D 13 18.34 7.06 7.86
CA ILE D 13 18.54 6.50 6.53
C ILE D 13 18.56 7.57 5.46
N SER D 14 19.51 7.46 4.53
CA SER D 14 19.61 8.42 3.44
C SER D 14 18.57 8.06 2.38
N VAL D 15 17.81 9.06 1.93
CA VAL D 15 16.77 8.80 0.94
C VAL D 15 16.84 9.79 -0.22
N ASP D 16 16.37 9.35 -1.38
CA ASP D 16 16.37 10.18 -2.58
C ASP D 16 15.05 10.93 -2.73
N GLU D 17 14.95 11.71 -3.80
CA GLU D 17 13.73 12.48 -4.06
C GLU D 17 12.53 11.53 -4.08
N LYS D 18 12.72 10.37 -4.72
CA LYS D 18 11.66 9.37 -4.77
C LYS D 18 11.69 8.57 -3.49
N THR D 19 12.68 8.88 -2.66
CA THR D 19 12.85 8.21 -1.38
C THR D 19 12.33 6.78 -1.42
N GLU D 20 12.81 6.01 -2.40
CA GLU D 20 12.38 4.63 -2.53
C GLU D 20 10.87 4.54 -2.33
N LEU D 21 10.35 3.32 -2.31
CA LEU D 21 8.92 3.12 -2.12
C LEU D 21 8.56 1.65 -2.18
N ALA D 22 8.65 1.08 -3.37
CA ALA D 22 8.32 -0.33 -3.56
C ALA D 22 9.37 -1.02 -4.42
N ARG D 23 10.59 -0.49 -4.39
CA ARG D 23 11.67 -1.08 -5.17
C ARG D 23 11.80 -2.57 -4.86
N ILE D 24 10.99 -3.04 -3.93
CA ILE D 24 11.01 -4.45 -3.54
C ILE D 24 9.88 -5.20 -4.23
N ALA D 25 10.23 -6.22 -5.00
CA ALA D 25 9.22 -7.03 -5.69
C ALA D 25 8.53 -7.92 -4.67
N LYS D 26 9.03 -7.90 -3.45
CA LYS D 26 8.46 -8.70 -2.37
C LYS D 26 8.47 -10.18 -2.76
N GLY D 27 8.93 -10.46 -3.97
CA GLY D 27 9.01 -11.84 -4.46
C GLY D 27 7.64 -12.39 -4.84
N MET D 28 6.83 -11.57 -5.52
CA MET D 28 5.50 -12.02 -5.92
C MET D 28 5.31 -11.90 -7.44
N GLN D 29 6.07 -11.00 -8.06
CA GLN D 29 5.97 -10.80 -9.51
C GLN D 29 6.51 -12.02 -10.25
N ASP D 30 7.03 -12.98 -9.49
CA ASP D 30 7.56 -14.20 -10.09
C ASP D 30 6.44 -15.17 -10.44
N LEU D 31 6.28 -15.43 -11.74
CA LEU D 31 5.23 -16.34 -12.20
C LEU D 31 5.79 -17.29 -13.25
N GLU D 32 5.75 -16.86 -14.52
CA GLU D 32 6.26 -17.68 -15.61
C GLU D 32 7.78 -17.81 -15.53
N SER D 33 8.42 -16.75 -15.03
CA SER D 33 9.87 -16.75 -14.91
C SER D 33 10.34 -17.80 -13.91
N GLU D 34 11.58 -18.26 -14.08
CA GLU D 34 12.13 -19.27 -13.18
C GLU D 34 11.06 -20.28 -12.78
N ALA A 1 -20.29 -19.83 12.41
CA ALA A 1 -19.39 -18.79 12.99
C ALA A 1 -18.40 -19.45 13.94
N MET A 2 -18.53 -19.12 15.23
CA MET A 2 -17.64 -19.69 16.24
C MET A 2 -18.24 -19.52 17.63
N ALA A 3 -17.51 -19.97 18.64
CA ALA A 3 -17.98 -19.85 20.01
C ALA A 3 -18.25 -18.39 20.34
N ARG A 4 -19.27 -18.13 21.16
CA ARG A 4 -19.61 -16.76 21.52
C ARG A 4 -18.37 -15.89 21.48
N MET A 5 -18.13 -15.24 20.35
CA MET A 5 -16.96 -14.38 20.22
C MET A 5 -17.26 -13.01 20.81
N SER A 6 -16.40 -12.57 21.73
CA SER A 6 -16.59 -11.27 22.35
C SER A 6 -15.84 -10.20 21.57
N PRO A 7 -16.16 -8.96 21.80
CA PRO A 7 -15.52 -7.81 21.11
C PRO A 7 -14.20 -7.39 21.76
N ALA A 8 -14.04 -7.72 23.04
CA ALA A 8 -12.83 -7.36 23.76
C ALA A 8 -11.61 -8.06 23.17
N ASP A 9 -11.73 -9.36 22.92
CA ASP A 9 -10.60 -10.09 22.33
C ASP A 9 -10.18 -9.40 21.06
N LYS A 10 -11.16 -8.95 20.30
CA LYS A 10 -10.88 -8.25 19.06
C LYS A 10 -10.06 -7.01 19.38
N ARG A 11 -10.50 -6.26 20.40
CA ARG A 11 -9.76 -5.08 20.81
C ARG A 11 -8.36 -5.48 21.27
N LYS A 12 -8.28 -6.59 21.99
CA LYS A 12 -6.99 -7.08 22.45
C LYS A 12 -6.12 -7.29 21.22
N LEU A 13 -6.72 -7.89 20.20
CA LEU A 13 -6.03 -8.11 18.95
C LEU A 13 -5.60 -6.77 18.38
N LEU A 14 -6.57 -5.89 18.20
CA LEU A 14 -6.31 -4.56 17.68
C LEU A 14 -5.25 -3.88 18.52
N ASP A 15 -5.38 -4.01 19.83
CA ASP A 15 -4.41 -3.43 20.73
C ASP A 15 -3.02 -3.91 20.33
N GLU A 16 -2.94 -5.19 19.97
CA GLU A 16 -1.68 -5.77 19.55
C GLU A 16 -1.31 -5.34 18.13
N LEU A 17 -2.30 -5.26 17.24
CA LEU A 17 -2.02 -4.86 15.88
C LEU A 17 -1.38 -3.47 15.87
N ARG A 18 -1.88 -2.59 16.74
CA ARG A 18 -1.33 -1.25 16.82
C ARG A 18 0.13 -1.33 17.29
N SER A 19 0.37 -2.10 18.34
CA SER A 19 1.72 -2.27 18.86
C SER A 19 2.59 -3.05 17.88
N ILE A 20 2.02 -4.11 17.30
CA ILE A 20 2.75 -4.92 16.35
C ILE A 20 3.13 -4.10 15.12
N TYR A 21 2.17 -3.38 14.54
CA TYR A 21 2.47 -2.55 13.39
C TYR A 21 3.59 -1.60 13.77
N ARG A 22 3.45 -1.03 14.95
CA ARG A 22 4.43 -0.12 15.50
C ARG A 22 5.79 -0.82 15.62
N THR A 23 5.76 -2.08 16.05
CA THR A 23 7.00 -2.85 16.21
C THR A 23 7.65 -3.08 14.84
N ILE A 24 6.83 -3.43 13.85
CA ILE A 24 7.35 -3.67 12.51
C ILE A 24 8.10 -2.44 12.02
N VAL A 25 7.53 -1.26 12.30
CA VAL A 25 8.11 0.00 11.85
C VAL A 25 9.50 0.25 12.45
N LEU A 26 9.61 0.12 13.76
CA LEU A 26 10.88 0.36 14.43
C LEU A 26 11.95 -0.64 14.00
N GLU A 27 11.54 -1.88 13.72
CA GLU A 27 12.48 -2.91 13.32
C GLU A 27 12.74 -2.90 11.81
N TYR A 28 12.03 -2.06 11.08
CA TYR A 28 12.22 -2.01 9.63
C TYR A 28 13.69 -1.79 9.31
N PHE A 29 14.38 -1.02 10.15
CA PHE A 29 15.79 -0.74 9.93
C PHE A 29 16.65 -1.51 10.92
N ASN A 30 16.07 -2.55 11.51
CA ASN A 30 16.78 -3.38 12.48
C ASN A 30 18.05 -3.96 11.87
N THR A 31 19.10 -4.06 12.69
CA THR A 31 20.36 -4.60 12.23
C THR A 31 20.36 -6.13 12.33
N ASP A 32 19.57 -6.67 13.25
CA ASP A 32 19.51 -8.12 13.41
C ASP A 32 18.08 -8.63 13.61
N ALA A 33 17.14 -7.71 13.85
CA ALA A 33 15.76 -8.13 14.07
C ALA A 33 15.12 -8.65 12.79
N LYS A 34 14.51 -9.82 12.88
CA LYS A 34 13.84 -10.41 11.73
C LYS A 34 12.45 -9.81 11.59
N VAL A 35 12.38 -8.60 11.06
CA VAL A 35 11.11 -7.90 10.88
C VAL A 35 10.07 -8.88 10.37
N ASN A 36 10.52 -9.86 9.60
CA ASN A 36 9.62 -10.86 9.06
C ASN A 36 8.75 -11.42 10.17
N GLU A 37 9.34 -11.62 11.35
CA GLU A 37 8.59 -12.14 12.47
C GLU A 37 7.49 -11.15 12.85
N ARG A 38 7.81 -9.87 12.78
CA ARG A 38 6.83 -8.83 13.09
C ARG A 38 5.77 -8.80 12.01
N ILE A 39 6.23 -8.78 10.77
CA ILE A 39 5.34 -8.76 9.62
C ILE A 39 4.56 -10.07 9.54
N ASP A 40 5.23 -11.17 9.78
CA ASP A 40 4.58 -12.47 9.76
C ASP A 40 3.48 -12.54 10.82
N GLU A 41 3.76 -11.96 11.99
CA GLU A 41 2.80 -11.96 13.07
C GLU A 41 1.60 -11.08 12.72
N PHE A 42 1.90 -9.89 12.22
CA PHE A 42 0.85 -8.95 11.82
C PHE A 42 0.03 -9.52 10.69
N VAL A 43 0.73 -10.04 9.68
CA VAL A 43 0.08 -10.64 8.52
C VAL A 43 -0.85 -11.77 8.94
N SER A 44 -0.38 -12.63 9.84
CA SER A 44 -1.19 -13.76 10.30
C SER A 44 -2.44 -13.30 11.04
N LYS A 45 -2.27 -12.38 11.97
CA LYS A 45 -3.40 -11.88 12.75
C LYS A 45 -4.38 -11.12 11.87
N ALA A 46 -3.89 -10.21 11.05
CA ALA A 46 -4.76 -9.44 10.17
C ALA A 46 -5.63 -10.37 9.35
N PHE A 47 -5.02 -11.44 8.86
CA PHE A 47 -5.74 -12.44 8.08
C PHE A 47 -6.70 -13.20 8.98
N PHE A 48 -6.14 -13.83 10.02
CA PHE A 48 -6.92 -14.62 10.97
C PHE A 48 -7.94 -13.77 11.72
N ALA A 49 -7.54 -12.57 12.13
CA ALA A 49 -8.45 -11.70 12.89
C ALA A 49 -9.49 -11.07 11.96
N ASP A 50 -9.48 -11.48 10.70
CA ASP A 50 -10.43 -10.96 9.73
C ASP A 50 -10.42 -9.43 9.76
N ILE A 51 -9.21 -8.87 9.78
CA ILE A 51 -9.04 -7.43 9.81
C ILE A 51 -9.01 -6.86 8.40
N SER A 52 -9.82 -5.84 8.16
CA SER A 52 -9.83 -5.20 6.86
C SER A 52 -8.58 -4.33 6.75
N VAL A 53 -8.14 -4.05 5.54
CA VAL A 53 -6.95 -3.22 5.36
C VAL A 53 -7.19 -1.85 6.00
N SER A 54 -8.45 -1.52 6.19
CA SER A 54 -8.85 -0.22 6.75
C SER A 54 -7.99 0.17 7.95
N GLN A 55 -8.09 -0.59 9.03
CA GLN A 55 -7.31 -0.26 10.22
C GLN A 55 -5.84 -0.17 9.87
N VAL A 56 -5.39 -1.09 9.05
CA VAL A 56 -4.01 -1.07 8.62
C VAL A 56 -3.75 0.29 7.97
N LEU A 57 -4.70 0.70 7.15
CA LEU A 57 -4.62 1.98 6.44
C LEU A 57 -4.83 3.17 7.38
N GLU A 58 -5.92 3.13 8.16
CA GLU A 58 -6.23 4.23 9.06
C GLU A 58 -5.22 4.31 10.21
N ILE A 59 -4.89 3.16 10.81
CA ILE A 59 -3.94 3.14 11.91
C ILE A 59 -2.60 3.72 11.44
N HIS A 60 -2.23 3.40 10.21
CA HIS A 60 -0.98 3.88 9.66
C HIS A 60 -0.93 5.40 9.64
N VAL A 61 -1.97 6.03 9.11
CA VAL A 61 -2.00 7.49 9.02
C VAL A 61 -1.77 8.13 10.39
N GLU A 62 -2.51 7.68 11.39
CA GLU A 62 -2.37 8.22 12.73
C GLU A 62 -0.94 8.07 13.23
N LEU A 63 -0.37 6.90 13.02
CA LEU A 63 1.00 6.64 13.46
C LEU A 63 1.95 7.59 12.75
N MET A 64 1.67 7.89 11.47
CA MET A 64 2.53 8.81 10.72
C MET A 64 2.51 10.17 11.41
N ASP A 65 1.31 10.58 11.84
CA ASP A 65 1.16 11.85 12.54
C ASP A 65 2.06 11.86 13.76
N THR A 66 2.11 10.72 14.42
CA THR A 66 2.93 10.56 15.60
C THR A 66 4.41 10.76 15.25
N PHE A 67 4.84 10.23 14.11
CA PHE A 67 6.23 10.38 13.68
C PHE A 67 6.56 11.82 13.30
N SER A 68 5.79 12.37 12.37
CA SER A 68 6.02 13.72 11.92
C SER A 68 5.94 14.71 13.08
N LYS A 69 5.04 14.46 14.02
CA LYS A 69 4.89 15.34 15.17
C LYS A 69 6.17 15.37 15.98
N GLN A 70 6.69 14.19 16.31
CA GLN A 70 7.92 14.09 17.09
C GLN A 70 9.09 14.73 16.33
N LEU A 71 9.12 14.51 15.02
CA LEU A 71 10.18 15.07 14.18
C LEU A 71 10.22 16.59 14.32
N LYS A 72 9.05 17.23 14.26
CA LYS A 72 8.98 18.68 14.38
C LYS A 72 9.38 19.15 15.78
N LEU A 73 8.84 18.49 16.81
CA LEU A 73 9.15 18.86 18.18
C LEU A 73 10.61 18.53 18.50
N GLU A 74 11.10 17.45 17.92
CA GLU A 74 12.47 17.01 18.14
C GLU A 74 13.42 17.64 17.13
N GLY A 75 12.86 18.36 16.16
CA GLY A 75 13.68 19.00 15.13
C GLY A 75 14.52 17.96 14.42
N ARG A 76 13.88 16.87 14.01
CA ARG A 76 14.57 15.79 13.33
C ARG A 76 14.05 15.63 11.91
N SER A 77 14.86 15.03 11.04
CA SER A 77 14.46 14.85 9.64
C SER A 77 13.15 14.08 9.56
N GLU A 78 12.26 14.55 8.69
CA GLU A 78 10.96 13.90 8.51
C GLU A 78 10.94 13.05 7.24
N ASP A 79 11.89 13.30 6.34
CA ASP A 79 11.97 12.54 5.09
C ASP A 79 11.99 11.06 5.39
N ILE A 80 12.55 10.71 6.55
CA ILE A 80 12.62 9.32 6.98
C ILE A 80 11.22 8.69 6.95
N LEU A 81 10.20 9.53 6.91
CA LEU A 81 8.83 9.05 6.88
C LEU A 81 8.65 8.02 5.76
N LEU A 82 9.60 7.99 4.82
CA LEU A 82 9.54 7.05 3.71
C LEU A 82 9.50 5.61 4.22
N ASP A 83 10.14 5.38 5.35
CA ASP A 83 10.20 4.05 5.93
C ASP A 83 8.82 3.51 6.20
N TYR A 84 7.93 4.37 6.66
CA TYR A 84 6.57 3.96 6.96
C TYR A 84 5.86 3.56 5.68
N ARG A 85 6.11 4.29 4.60
CA ARG A 85 5.51 3.95 3.31
C ARG A 85 5.94 2.55 2.92
N LEU A 86 7.22 2.26 3.10
CA LEU A 86 7.76 0.96 2.80
C LEU A 86 7.13 -0.10 3.69
N THR A 87 7.03 0.21 4.98
CA THR A 87 6.43 -0.70 5.94
C THR A 87 4.94 -0.84 5.70
N LEU A 88 4.25 0.28 5.55
CA LEU A 88 2.81 0.28 5.32
C LEU A 88 2.47 -0.47 4.04
N ILE A 89 3.18 -0.16 2.96
CA ILE A 89 2.93 -0.81 1.67
C ILE A 89 3.39 -2.26 1.70
N ASP A 90 4.57 -2.49 2.27
CA ASP A 90 5.10 -3.85 2.34
C ASP A 90 4.22 -4.76 3.18
N VAL A 91 3.76 -4.24 4.33
CA VAL A 91 2.91 -5.03 5.21
C VAL A 91 1.59 -5.38 4.52
N ILE A 92 0.95 -4.39 3.91
CA ILE A 92 -0.31 -4.64 3.21
C ILE A 92 -0.06 -5.59 2.05
N ALA A 93 1.02 -5.36 1.33
CA ALA A 93 1.37 -6.19 0.18
C ALA A 93 1.65 -7.62 0.62
N HIS A 94 2.40 -7.77 1.72
CA HIS A 94 2.71 -9.11 2.22
C HIS A 94 1.45 -9.79 2.73
N LEU A 95 0.66 -9.07 3.52
CA LEU A 95 -0.57 -9.62 4.05
C LEU A 95 -1.60 -9.75 2.93
N CYS A 96 -1.55 -8.82 1.98
CA CYS A 96 -2.47 -8.88 0.83
C CYS A 96 -2.24 -10.18 0.08
N GLU A 97 -0.97 -10.45 -0.23
CA GLU A 97 -0.62 -11.66 -0.94
C GLU A 97 -1.04 -12.89 -0.14
N MET A 98 -0.96 -12.78 1.18
CA MET A 98 -1.36 -13.90 2.03
C MET A 98 -2.82 -14.26 1.72
N TYR A 99 -3.64 -13.24 1.45
CA TYR A 99 -5.03 -13.48 1.09
C TYR A 99 -5.09 -14.23 -0.22
N ARG A 100 -4.23 -13.82 -1.16
CA ARG A 100 -4.18 -14.45 -2.49
C ARG A 100 -3.89 -15.94 -2.38
N ARG A 101 -2.95 -16.29 -1.50
CA ARG A 101 -2.57 -17.67 -1.32
C ARG A 101 -3.67 -18.49 -0.65
N SER A 102 -4.47 -17.81 0.17
CA SER A 102 -5.55 -18.47 0.90
C SER A 102 -6.78 -18.67 0.00
N ILE A 103 -6.62 -18.43 -1.30
CA ILE A 103 -7.75 -18.58 -2.22
C ILE A 103 -7.50 -19.74 -3.19
N PRO A 104 -8.07 -20.89 -2.90
CA PRO A 104 -7.94 -22.09 -3.76
C PRO A 104 -8.98 -22.09 -4.89
N ARG A 105 -8.66 -21.41 -5.97
CA ARG A 105 -9.58 -21.33 -7.10
C ARG A 105 -8.91 -21.81 -8.38
N GLU A 106 -9.73 -22.27 -9.32
CA GLU A 106 -9.21 -22.75 -10.60
C GLU A 106 -9.18 -21.59 -11.60
N VAL A 107 -8.40 -21.75 -12.66
CA VAL A 107 -8.27 -20.71 -13.68
C VAL A 107 -8.08 -19.34 -13.02
N ALA B 1 -7.16 -25.67 -15.72
CA ALA B 1 -6.62 -24.34 -16.12
C ALA B 1 -7.60 -23.68 -17.09
N MET B 2 -7.17 -23.50 -18.33
CA MET B 2 -8.01 -22.87 -19.34
C MET B 2 -7.50 -23.18 -20.74
N ALA B 3 -8.17 -22.63 -21.75
CA ALA B 3 -7.76 -22.83 -23.13
C ALA B 3 -6.32 -22.38 -23.31
N ARG B 4 -5.58 -23.07 -24.16
CA ARG B 4 -4.18 -22.70 -24.39
C ARG B 4 -3.98 -21.20 -24.19
N MET B 5 -3.62 -20.82 -22.97
CA MET B 5 -3.40 -19.40 -22.67
C MET B 5 -2.02 -18.97 -23.14
N SER B 6 -1.98 -17.91 -23.95
CA SER B 6 -0.70 -17.42 -24.44
C SER B 6 -0.16 -16.35 -23.49
N PRO B 7 1.09 -16.03 -23.62
CA PRO B 7 1.77 -15.01 -22.76
C PRO B 7 1.56 -13.59 -23.28
N ALA B 8 1.28 -13.46 -24.58
CA ALA B 8 1.07 -12.14 -25.18
C ALA B 8 -0.15 -11.46 -24.60
N ASP B 9 -1.26 -12.18 -24.49
CA ASP B 9 -2.47 -11.60 -23.92
C ASP B 9 -2.15 -11.04 -22.55
N LYS B 10 -1.33 -11.78 -21.81
CA LYS B 10 -0.92 -11.34 -20.49
C LYS B 10 -0.21 -10.02 -20.63
N ARG B 11 0.73 -9.94 -21.57
CA ARG B 11 1.45 -8.71 -21.80
C ARG B 11 0.47 -7.61 -22.22
N LYS B 12 -0.50 -7.98 -23.06
CA LYS B 12 -1.50 -7.02 -23.47
C LYS B 12 -2.18 -6.47 -22.23
N LEU B 13 -2.48 -7.39 -21.32
CA LEU B 13 -3.09 -7.01 -20.05
C LEU B 13 -2.15 -6.07 -19.32
N LEU B 14 -0.92 -6.55 -19.10
CA LEU B 14 0.10 -5.76 -18.43
C LEU B 14 0.26 -4.42 -19.13
N ASP B 15 0.28 -4.46 -20.45
CA ASP B 15 0.39 -3.25 -21.22
C ASP B 15 -0.71 -2.28 -20.79
N GLU B 16 -1.90 -2.84 -20.56
CA GLU B 16 -3.03 -2.04 -20.12
C GLU B 16 -2.90 -1.67 -18.64
N LEU B 17 -2.43 -2.60 -17.82
CA LEU B 17 -2.30 -2.31 -16.41
C LEU B 17 -1.38 -1.11 -16.21
N ARG B 18 -0.32 -1.05 -17.01
CA ARG B 18 0.62 0.06 -16.92
C ARG B 18 -0.10 1.36 -17.29
N SER B 19 -0.83 1.33 -18.40
CA SER B 19 -1.57 2.50 -18.85
C SER B 19 -2.73 2.80 -17.90
N ILE B 20 -3.44 1.74 -17.48
CA ILE B 20 -4.56 1.91 -16.56
C ILE B 20 -4.09 2.50 -15.25
N TYR B 21 -3.05 1.92 -14.65
CA TYR B 21 -2.52 2.44 -13.40
C TYR B 21 -2.19 3.91 -13.61
N ARG B 22 -1.55 4.17 -14.73
CA ARG B 22 -1.17 5.52 -15.11
C ARG B 22 -2.42 6.40 -15.22
N THR B 23 -3.48 5.85 -15.79
CA THR B 23 -4.73 6.60 -15.93
C THR B 23 -5.32 6.92 -14.58
N ILE B 24 -5.32 5.94 -13.68
CA ILE B 24 -5.86 6.14 -12.34
C ILE B 24 -5.15 7.32 -11.66
N VAL B 25 -3.83 7.38 -11.85
CA VAL B 25 -3.01 8.43 -11.25
C VAL B 25 -3.41 9.83 -11.71
N LEU B 26 -3.49 10.01 -13.03
CA LEU B 26 -3.84 11.31 -13.60
C LEU B 26 -5.25 11.74 -13.20
N GLU B 27 -6.16 10.79 -13.07
CA GLU B 27 -7.53 11.11 -12.73
C GLU B 27 -7.75 11.17 -11.23
N TYR B 28 -6.72 10.85 -10.45
CA TYR B 28 -6.86 10.89 -8.99
C TYR B 28 -7.38 12.26 -8.55
N PHE B 29 -6.97 13.30 -9.27
CA PHE B 29 -7.40 14.65 -8.93
C PHE B 29 -8.42 15.16 -9.94
N ASN B 30 -9.03 14.23 -10.67
CA ASN B 30 -10.02 14.58 -11.67
C ASN B 30 -11.17 15.37 -11.05
N THR B 31 -11.68 16.33 -11.81
CA THR B 31 -12.79 17.14 -11.32
C THR B 31 -14.13 16.45 -11.59
N ASP B 32 -14.18 15.60 -12.61
CA ASP B 32 -15.42 14.90 -12.93
C ASP B 32 -15.18 13.43 -13.28
N ALA B 33 -13.92 13.04 -13.48
CA ALA B 33 -13.62 11.65 -13.83
C ALA B 33 -13.86 10.72 -12.65
N LYS B 34 -14.60 9.65 -12.90
CA LYS B 34 -14.88 8.67 -11.88
C LYS B 34 -13.71 7.69 -11.76
N VAL B 35 -12.65 8.15 -11.10
CA VAL B 35 -11.46 7.33 -10.94
C VAL B 35 -11.86 5.91 -10.60
N ASN B 36 -12.99 5.77 -9.92
CA ASN B 36 -13.48 4.46 -9.54
C ASN B 36 -13.49 3.55 -10.75
N GLU B 37 -13.87 4.11 -11.90
CA GLU B 37 -13.90 3.33 -13.12
C GLU B 37 -12.50 2.85 -13.47
N ARG B 38 -11.52 3.71 -13.23
CA ARG B 38 -10.12 3.36 -13.49
C ARG B 38 -9.68 2.34 -12.48
N ILE B 39 -9.96 2.61 -11.22
CA ILE B 39 -9.60 1.72 -10.13
C ILE B 39 -10.37 0.41 -10.25
N ASP B 40 -11.65 0.53 -10.56
CA ASP B 40 -12.49 -0.66 -10.72
C ASP B 40 -11.97 -1.53 -11.86
N GLU B 41 -11.51 -0.89 -12.93
CA GLU B 41 -11.00 -1.63 -14.07
C GLU B 41 -9.68 -2.32 -13.71
N PHE B 42 -8.80 -1.57 -13.05
CA PHE B 42 -7.50 -2.09 -12.64
C PHE B 42 -7.70 -3.21 -11.63
N VAL B 43 -8.55 -2.93 -10.64
CA VAL B 43 -8.84 -3.90 -9.59
C VAL B 43 -9.39 -5.21 -10.17
N SER B 44 -10.30 -5.09 -11.14
CA SER B 44 -10.90 -6.27 -11.76
C SER B 44 -9.85 -7.08 -12.53
N LYS B 45 -9.05 -6.40 -13.35
CA LYS B 45 -8.04 -7.08 -14.14
C LYS B 45 -6.97 -7.70 -13.25
N ALA B 46 -6.45 -6.93 -12.30
CA ALA B 46 -5.42 -7.44 -11.41
C ALA B 46 -5.89 -8.72 -10.75
N PHE B 47 -7.15 -8.73 -10.33
CA PHE B 47 -7.74 -9.91 -9.71
C PHE B 47 -7.90 -11.01 -10.75
N PHE B 48 -8.65 -10.69 -11.81
CA PHE B 48 -8.92 -11.64 -12.89
C PHE B 48 -7.64 -12.07 -13.61
N ALA B 49 -6.75 -11.12 -13.86
CA ALA B 49 -5.51 -11.44 -14.57
C ALA B 49 -4.53 -12.17 -13.66
N ASP B 50 -4.97 -12.49 -12.45
CA ASP B 50 -4.12 -13.18 -11.50
C ASP B 50 -2.79 -12.46 -11.35
N ILE B 51 -2.87 -11.14 -11.23
CA ILE B 51 -1.66 -10.32 -11.10
C ILE B 51 -1.27 -10.18 -9.64
N SER B 52 0.00 -10.45 -9.34
CA SER B 52 0.48 -10.29 -7.99
C SER B 52 0.66 -8.81 -7.71
N VAL B 53 0.62 -8.43 -6.45
CA VAL B 53 0.77 -7.02 -6.11
C VAL B 53 2.13 -6.52 -6.60
N SER B 54 3.04 -7.48 -6.84
CA SER B 54 4.39 -7.16 -7.29
C SER B 54 4.41 -6.09 -8.37
N GLN B 55 3.87 -6.41 -9.54
CA GLN B 55 3.87 -5.45 -10.63
C GLN B 55 3.24 -4.15 -10.19
N VAL B 56 2.16 -4.27 -9.44
CA VAL B 56 1.50 -3.09 -8.92
C VAL B 56 2.53 -2.29 -8.11
N LEU B 57 3.29 -3.04 -7.31
CA LEU B 57 4.34 -2.46 -6.47
C LEU B 57 5.55 -1.99 -7.28
N GLU B 58 6.07 -2.88 -8.13
CA GLU B 58 7.25 -2.55 -8.94
C GLU B 58 6.91 -1.51 -9.99
N ILE B 59 5.79 -1.69 -10.71
CA ILE B 59 5.40 -0.73 -11.73
C ILE B 59 5.25 0.65 -11.13
N HIS B 60 4.70 0.70 -9.92
CA HIS B 60 4.51 1.98 -9.23
C HIS B 60 5.84 2.72 -9.05
N VAL B 61 6.84 2.03 -8.52
CA VAL B 61 8.14 2.67 -8.28
C VAL B 61 8.67 3.32 -9.55
N GLU B 62 8.68 2.56 -10.63
CA GLU B 62 9.19 3.07 -11.90
C GLU B 62 8.42 4.31 -12.33
N LEU B 63 7.10 4.26 -12.21
CA LEU B 63 6.27 5.39 -12.58
C LEU B 63 6.61 6.60 -11.71
N MET B 64 6.92 6.35 -10.44
CA MET B 64 7.29 7.46 -9.54
C MET B 64 8.54 8.13 -10.07
N ASP B 65 9.49 7.31 -10.54
CA ASP B 65 10.72 7.83 -11.10
C ASP B 65 10.39 8.75 -12.25
N THR B 66 9.39 8.35 -13.02
CA THR B 66 8.95 9.13 -14.16
C THR B 66 8.42 10.49 -13.70
N PHE B 67 7.67 10.50 -12.60
CA PHE B 67 7.12 11.75 -12.07
C PHE B 67 8.21 12.65 -11.51
N SER B 68 9.00 12.12 -10.59
CA SER B 68 10.05 12.91 -9.97
C SER B 68 11.04 13.42 -11.03
N LYS B 69 11.30 12.62 -12.04
CA LYS B 69 12.21 13.01 -13.09
C LYS B 69 11.70 14.25 -13.82
N GLN B 70 10.43 14.20 -14.24
CA GLN B 70 9.82 15.31 -14.94
C GLN B 70 9.79 16.55 -14.05
N LEU B 71 9.49 16.33 -12.77
CA LEU B 71 9.43 17.44 -11.82
C LEU B 71 10.76 18.18 -11.79
N LYS B 72 11.87 17.45 -11.74
CA LYS B 72 13.19 18.07 -11.70
C LYS B 72 13.50 18.78 -13.02
N LEU B 73 13.25 18.12 -14.13
CA LEU B 73 13.51 18.71 -15.44
C LEU B 73 12.57 19.87 -15.71
N GLU B 74 11.35 19.75 -15.21
CA GLU B 74 10.34 20.77 -15.39
C GLU B 74 10.38 21.79 -14.26
N GLY B 75 11.22 21.53 -13.25
CA GLY B 75 11.33 22.44 -12.11
C GLY B 75 9.97 22.63 -11.46
N ARG B 76 9.28 21.52 -11.22
CA ARG B 76 7.96 21.55 -10.61
C ARG B 76 7.98 20.86 -9.25
N SER B 77 7.01 21.22 -8.40
CA SER B 77 6.94 20.63 -7.06
C SER B 77 6.87 19.11 -7.14
N GLU B 78 7.65 18.44 -6.29
CA GLU B 78 7.68 16.98 -6.26
C GLU B 78 6.85 16.44 -5.09
N ASP B 79 6.58 17.30 -4.11
CA ASP B 79 5.78 16.90 -2.95
C ASP B 79 4.48 16.26 -3.41
N ILE B 80 3.99 16.72 -4.55
CA ILE B 80 2.76 16.18 -5.12
C ILE B 80 2.86 14.66 -5.25
N LEU B 81 4.08 14.14 -5.20
CA LEU B 81 4.29 12.70 -5.31
C LEU B 81 3.40 11.96 -4.31
N LEU B 82 2.86 12.68 -3.32
CA LEU B 82 1.99 12.07 -2.31
C LEU B 82 0.78 11.43 -2.97
N ASP B 83 0.35 12.01 -4.09
CA ASP B 83 -0.81 11.51 -4.80
C ASP B 83 -0.64 10.07 -5.22
N TYR B 84 0.58 9.73 -5.64
CA TYR B 84 0.86 8.38 -6.07
C TYR B 84 0.77 7.42 -4.88
N ARG B 85 1.21 7.87 -3.71
CA ARG B 85 1.13 7.05 -2.51
C ARG B 85 -0.34 6.74 -2.24
N LEU B 86 -1.18 7.76 -2.39
CA LEU B 86 -2.61 7.61 -2.17
C LEU B 86 -3.18 6.66 -3.22
N THR B 87 -2.77 6.85 -4.47
CA THR B 87 -3.23 6.01 -5.57
C THR B 87 -2.68 4.59 -5.43
N LEU B 88 -1.37 4.50 -5.20
CA LEU B 88 -0.72 3.20 -5.07
C LEU B 88 -1.30 2.41 -3.89
N ILE B 89 -1.42 3.07 -2.75
CA ILE B 89 -1.97 2.42 -1.56
C ILE B 89 -3.46 2.15 -1.71
N ASP B 90 -4.19 3.14 -2.24
CA ASP B 90 -5.63 2.99 -2.40
C ASP B 90 -5.95 1.88 -3.40
N VAL B 91 -5.21 1.83 -4.51
CA VAL B 91 -5.46 0.82 -5.53
C VAL B 91 -5.19 -0.57 -4.97
N ILE B 92 -4.05 -0.74 -4.29
CA ILE B 92 -3.73 -2.04 -3.70
C ILE B 92 -4.76 -2.39 -2.63
N ALA B 93 -5.10 -1.40 -1.82
CA ALA B 93 -6.08 -1.59 -0.75
C ALA B 93 -7.44 -1.96 -1.33
N HIS B 94 -7.85 -1.26 -2.38
CA HIS B 94 -9.14 -1.54 -3.01
C HIS B 94 -9.11 -2.92 -3.66
N LEU B 95 -8.06 -3.19 -4.43
CA LEU B 95 -7.94 -4.48 -5.09
C LEU B 95 -7.64 -5.56 -4.05
N CYS B 96 -6.90 -5.20 -3.00
CA CYS B 96 -6.61 -6.15 -1.94
C CYS B 96 -7.90 -6.63 -1.31
N GLU B 97 -8.76 -5.67 -0.95
CA GLU B 97 -10.03 -5.99 -0.36
C GLU B 97 -10.86 -6.85 -1.30
N MET B 98 -10.72 -6.59 -2.60
CA MET B 98 -11.47 -7.36 -3.58
C MET B 98 -11.12 -8.84 -3.42
N TYR B 99 -9.86 -9.13 -3.08
CA TYR B 99 -9.45 -10.50 -2.85
C TYR B 99 -10.16 -11.04 -1.62
N ARG B 100 -10.26 -10.19 -0.59
CA ARG B 100 -10.92 -10.58 0.66
C ARG B 100 -12.37 -10.99 0.42
N ARG B 101 -13.05 -10.24 -0.44
CA ARG B 101 -14.45 -10.52 -0.75
C ARG B 101 -14.60 -11.79 -1.56
N SER B 102 -13.58 -12.11 -2.36
CA SER B 102 -13.61 -13.28 -3.21
C SER B 102 -13.27 -14.55 -2.42
N ILE B 103 -13.21 -14.44 -1.10
CA ILE B 103 -12.88 -15.59 -0.27
C ILE B 103 -14.07 -16.02 0.57
N PRO B 104 -14.81 -17.02 0.13
CA PRO B 104 -15.98 -17.54 0.87
C PRO B 104 -15.58 -18.58 1.91
N ARG B 105 -15.18 -18.10 3.10
CA ARG B 105 -14.76 -19.00 4.16
C ARG B 105 -15.58 -18.77 5.42
N GLU B 106 -15.66 -19.79 6.26
CA GLU B 106 -16.41 -19.69 7.51
C GLU B 106 -15.47 -19.24 8.62
N VAL B 107 -16.05 -18.74 9.70
CA VAL B 107 -15.25 -18.26 10.83
C VAL B 107 -14.09 -17.39 10.34
N ALA C 1 12.74 7.94 -27.04
CA ALA C 1 13.22 6.54 -26.91
C ALA C 1 12.36 5.80 -25.88
N MET C 2 12.11 6.46 -24.75
CA MET C 2 11.31 5.85 -23.69
C MET C 2 9.86 6.32 -23.76
N ALA C 3 8.96 5.50 -23.23
CA ALA C 3 7.54 5.82 -23.22
C ALA C 3 7.31 7.32 -23.09
N GLY C 4 6.16 7.78 -23.57
CA GLY C 4 5.82 9.20 -23.52
C GLY C 4 6.04 9.77 -22.12
N ILE C 5 5.52 10.97 -21.88
CA ILE C 5 5.67 11.63 -20.59
C ILE C 5 4.35 11.63 -19.83
N ILE C 6 4.43 11.40 -18.53
CA ILE C 6 3.26 11.36 -17.67
C ILE C 6 3.10 12.69 -16.94
N SER C 7 1.86 13.17 -16.83
CA SER C 7 1.60 14.45 -16.17
C SER C 7 1.71 14.30 -14.65
N GLY C 8 0.62 13.85 -14.03
CA GLY C 8 0.61 13.68 -12.58
C GLY C 8 0.04 14.92 -11.90
N THR C 9 -0.35 15.90 -12.70
CA THR C 9 -0.90 17.15 -12.17
C THR C 9 0.07 17.76 -11.16
N PRO C 10 1.31 17.83 -11.54
CA PRO C 10 2.39 18.41 -10.68
C PRO C 10 2.09 19.84 -10.26
N THR C 11 2.44 20.18 -9.02
CA THR C 11 2.19 21.52 -8.50
C THR C 11 0.68 21.82 -8.51
N ARG C 12 -0.12 20.78 -8.27
CA ARG C 12 -1.56 20.92 -8.29
C ARG C 12 -2.15 20.97 -6.88
N ILE C 13 -2.03 19.86 -6.15
CA ILE C 13 -2.58 19.77 -4.80
C ILE C 13 -1.56 20.24 -3.76
N SER C 14 -2.05 21.01 -2.76
CA SER C 14 -1.16 21.50 -1.71
C SER C 14 -1.00 20.40 -0.65
N VAL C 15 0.24 20.12 -0.27
CA VAL C 15 0.50 19.07 0.69
C VAL C 15 1.41 19.55 1.82
N ASP C 16 1.48 18.77 2.90
CA ASP C 16 2.30 19.12 4.04
C ASP C 16 2.73 17.89 4.83
N GLU C 17 4.03 17.62 4.87
CA GLU C 17 4.56 16.48 5.61
C GLU C 17 3.72 15.22 5.36
N LYS C 18 3.04 14.74 6.40
CA LYS C 18 2.21 13.54 6.25
C LYS C 18 1.23 13.74 5.10
N THR C 19 0.72 14.95 4.98
CA THR C 19 -0.22 15.26 3.93
C THR C 19 -1.26 14.15 3.79
N GLU C 20 -2.12 14.25 2.79
CA GLU C 20 -3.15 13.25 2.58
C GLU C 20 -2.55 11.84 2.50
N LEU C 21 -3.28 10.86 3.03
CA LEU C 21 -2.80 9.48 3.00
C LEU C 21 -3.98 8.50 2.98
N ALA C 22 -3.90 7.46 3.82
CA ALA C 22 -4.97 6.46 3.89
C ALA C 22 -6.22 7.04 4.54
N ARG C 23 -6.08 8.24 5.07
CA ARG C 23 -7.19 8.93 5.74
C ARG C 23 -8.54 8.55 5.13
N ILE C 24 -8.53 8.16 3.86
CA ILE C 24 -9.78 7.81 3.19
C ILE C 24 -10.35 6.49 3.71
N ALA C 25 -9.53 5.72 4.43
CA ALA C 25 -10.01 4.45 4.97
C ALA C 25 -10.75 3.65 3.90
N LYS C 26 -10.77 4.18 2.67
CA LYS C 26 -11.47 3.52 1.58
C LYS C 26 -12.90 3.25 2.00
N GLY C 27 -13.31 3.86 3.10
CA GLY C 27 -14.66 3.70 3.61
C GLY C 27 -14.86 2.31 4.19
N MET C 28 -13.75 1.68 4.59
CA MET C 28 -13.82 0.35 5.16
C MET C 28 -13.92 0.41 6.68
N GLN C 29 -13.36 -0.59 7.36
CA GLN C 29 -13.43 -0.64 8.82
C GLN C 29 -14.88 -0.84 9.25
N ASP C 30 -15.66 -1.48 8.38
CA ASP C 30 -17.06 -1.73 8.66
C ASP C 30 -17.23 -3.06 9.40
N LEU C 31 -16.12 -3.75 9.61
CA LEU C 31 -16.16 -5.04 10.30
C LEU C 31 -16.54 -4.84 11.77
N GLU C 32 -16.82 -3.60 12.14
CA GLU C 32 -17.21 -3.30 13.52
C GLU C 32 -17.79 -1.88 13.62
N SER C 33 -18.16 -1.47 14.83
CA SER C 33 -18.74 -0.15 15.04
C SER C 33 -17.66 0.88 15.32
N GLU C 34 -18.05 2.17 15.27
CA GLU C 34 -17.12 3.26 15.52
C GLU C 34 -17.69 4.24 16.54
N ALA D 1 -0.65 12.12 28.51
CA ALA D 1 -2.11 11.90 28.26
C ALA D 1 -2.29 10.92 27.11
N MET D 2 -1.53 11.11 26.04
CA MET D 2 -1.62 10.23 24.88
C MET D 2 -0.54 9.16 24.91
N ALA D 3 -0.79 8.05 24.23
CA ALA D 3 0.15 6.94 24.17
C ALA D 3 1.59 7.45 24.18
N GLY D 4 2.51 6.60 24.64
CA GLY D 4 3.92 6.97 24.70
C GLY D 4 4.41 7.56 23.39
N ILE D 5 5.72 7.68 23.25
CA ILE D 5 6.31 8.24 22.05
C ILE D 5 6.99 7.16 21.20
N ILE D 6 6.81 7.26 19.89
CA ILE D 6 7.38 6.30 18.96
C ILE D 6 8.67 6.85 18.36
N SER D 7 9.68 5.99 18.23
CA SER D 7 10.97 6.41 17.67
C SER D 7 10.87 6.60 16.16
N GLY D 8 11.03 5.50 15.43
CA GLY D 8 10.97 5.55 13.98
C GLY D 8 12.38 5.70 13.39
N THR D 9 13.38 5.72 14.27
CA THR D 9 14.76 5.87 13.83
C THR D 9 14.91 7.11 12.95
N PRO D 10 14.37 8.19 13.41
CA PRO D 10 14.43 9.49 12.69
C PRO D 10 15.85 9.93 12.39
N THR D 11 16.07 10.53 11.21
CA THR D 11 17.40 10.98 10.81
C THR D 11 18.36 9.79 10.78
N ARG D 12 17.84 8.63 10.38
CA ARG D 12 18.64 7.41 10.32
C ARG D 12 19.05 7.07 8.89
N ILE D 13 18.06 6.73 8.07
CA ILE D 13 18.31 6.35 6.68
C ILE D 13 18.32 7.57 5.75
N SER D 14 19.28 7.60 4.82
CA SER D 14 19.36 8.70 3.87
C SER D 14 18.38 8.45 2.73
N VAL D 15 17.58 9.45 2.40
CA VAL D 15 16.58 9.30 1.34
C VAL D 15 16.66 10.44 0.32
N ASP D 16 16.00 10.24 -0.81
CA ASP D 16 16.00 11.26 -1.86
C ASP D 16 14.76 11.14 -2.75
N GLU D 17 13.91 12.17 -2.72
CA GLU D 17 12.70 12.18 -3.55
C GLU D 17 11.97 10.83 -3.49
N LYS D 18 11.93 10.11 -4.61
CA LYS D 18 11.25 8.82 -4.62
C LYS D 18 11.81 7.93 -3.53
N THR D 19 13.12 8.04 -3.32
CA THR D 19 13.77 7.23 -2.30
C THR D 19 13.26 5.80 -2.35
N GLU D 20 13.70 4.98 -1.39
CA GLU D 20 13.29 3.58 -1.34
C GLU D 20 11.76 3.46 -1.37
N LEU D 21 11.27 2.41 -2.04
CA LEU D 21 9.84 2.20 -2.13
C LEU D 21 9.52 0.70 -2.29
N ALA D 22 8.62 0.38 -3.21
CA ALA D 22 8.24 -1.02 -3.44
C ALA D 22 9.38 -1.79 -4.11
N ARG D 23 10.41 -1.06 -4.51
CA ARG D 23 11.57 -1.65 -5.16
C ARG D 23 11.83 -3.07 -4.69
N ILE D 24 11.41 -3.37 -3.47
CA ILE D 24 11.64 -4.71 -2.91
C ILE D 24 10.77 -5.76 -3.60
N ALA D 25 9.76 -5.33 -4.35
CA ALA D 25 8.89 -6.28 -5.05
C ALA D 25 8.47 -7.41 -4.10
N LYS D 26 8.87 -7.30 -2.83
CA LYS D 26 8.55 -8.33 -1.85
C LYS D 26 9.01 -9.69 -2.38
N GLY D 27 9.81 -9.64 -3.44
CA GLY D 27 10.33 -10.86 -4.05
C GLY D 27 9.23 -11.62 -4.79
N MET D 28 8.19 -10.89 -5.18
CA MET D 28 7.07 -11.51 -5.88
C MET D 28 7.27 -11.42 -7.40
N GLN D 29 6.18 -11.31 -8.13
CA GLN D 29 6.25 -11.25 -9.59
C GLN D 29 6.78 -12.57 -10.13
N ASP D 30 6.53 -13.64 -9.38
CA ASP D 30 6.98 -14.97 -9.77
C ASP D 30 5.94 -15.65 -10.64
N LEU D 31 4.82 -14.98 -10.86
CA LEU D 31 3.75 -15.53 -11.68
C LEU D 31 4.19 -15.63 -13.14
N GLU D 32 5.44 -15.27 -13.40
CA GLU D 32 5.97 -15.34 -14.76
C GLU D 32 7.50 -15.18 -14.74
N SER D 33 8.10 -15.19 -15.93
CA SER D 33 9.56 -15.07 -16.04
C SER D 33 9.98 -13.60 -16.15
N GLU D 34 11.28 -13.36 -16.00
CA GLU D 34 11.82 -12.01 -16.07
C GLU D 34 13.02 -11.97 -17.01
N ALA A 1 -17.06 -15.15 7.83
CA ALA A 1 -16.09 -14.71 8.88
C ALA A 1 -15.60 -15.92 9.66
N MET A 2 -15.11 -15.68 10.88
CA MET A 2 -14.61 -16.77 11.71
C MET A 2 -15.63 -17.13 12.79
N ALA A 3 -15.27 -18.09 13.64
CA ALA A 3 -16.16 -18.51 14.71
C ALA A 3 -16.51 -17.33 15.60
N ARG A 4 -17.70 -17.36 16.19
CA ARG A 4 -18.14 -16.28 17.06
C ARG A 4 -16.95 -15.58 17.72
N MET A 5 -16.46 -14.53 17.07
CA MET A 5 -15.33 -13.78 17.61
C MET A 5 -15.82 -12.75 18.63
N SER A 6 -15.23 -12.78 19.82
CA SER A 6 -15.63 -11.84 20.87
C SER A 6 -15.21 -10.43 20.50
N PRO A 7 -15.74 -9.46 21.18
CA PRO A 7 -15.44 -8.02 20.95
C PRO A 7 -14.13 -7.58 21.60
N ALA A 8 -14.02 -7.77 22.91
CA ALA A 8 -12.80 -7.37 23.62
C ALA A 8 -11.58 -8.07 23.03
N ASP A 9 -11.74 -9.35 22.70
CA ASP A 9 -10.64 -10.09 22.11
C ASP A 9 -10.19 -9.39 20.84
N LYS A 10 -11.15 -8.88 20.08
CA LYS A 10 -10.84 -8.15 18.86
C LYS A 10 -10.05 -6.90 19.21
N ARG A 11 -10.56 -6.14 20.17
CA ARG A 11 -9.86 -4.93 20.60
C ARG A 11 -8.49 -5.31 21.13
N LYS A 12 -8.45 -6.42 21.86
CA LYS A 12 -7.19 -6.89 22.39
C LYS A 12 -6.25 -7.10 21.22
N LEU A 13 -6.77 -7.74 20.19
CA LEU A 13 -5.99 -7.96 18.98
C LEU A 13 -5.57 -6.61 18.43
N LEU A 14 -6.54 -5.73 18.21
CA LEU A 14 -6.25 -4.40 17.70
C LEU A 14 -5.21 -3.73 18.59
N ASP A 15 -5.38 -3.90 19.89
CA ASP A 15 -4.44 -3.33 20.83
C ASP A 15 -3.03 -3.87 20.55
N GLU A 16 -2.96 -5.18 20.32
CA GLU A 16 -1.67 -5.81 20.03
C GLU A 16 -1.23 -5.51 18.61
N LEU A 17 -2.16 -5.62 17.66
CA LEU A 17 -1.83 -5.35 16.27
C LEU A 17 -1.29 -3.93 16.14
N ARG A 18 -1.88 -3.01 16.90
CA ARG A 18 -1.43 -1.63 16.87
C ARG A 18 0.02 -1.57 17.31
N SER A 19 0.34 -2.27 18.40
CA SER A 19 1.70 -2.31 18.90
C SER A 19 2.59 -3.12 17.96
N ILE A 20 2.08 -4.24 17.47
CA ILE A 20 2.85 -5.08 16.54
C ILE A 20 3.24 -4.27 15.31
N TYR A 21 2.28 -3.60 14.70
CA TYR A 21 2.57 -2.79 13.52
C TYR A 21 3.64 -1.79 13.88
N ARG A 22 3.44 -1.15 15.02
CA ARG A 22 4.39 -0.16 15.52
C ARG A 22 5.78 -0.77 15.61
N THR A 23 5.84 -2.01 16.08
CA THR A 23 7.12 -2.72 16.20
C THR A 23 7.77 -2.86 14.83
N ILE A 24 6.95 -3.16 13.83
CA ILE A 24 7.47 -3.32 12.47
C ILE A 24 8.21 -2.06 12.02
N VAL A 25 7.61 -0.90 12.28
CA VAL A 25 8.20 0.37 11.88
C VAL A 25 9.53 0.60 12.59
N LEU A 26 9.55 0.38 13.90
CA LEU A 26 10.76 0.56 14.68
C LEU A 26 11.87 -0.38 14.21
N GLU A 27 11.47 -1.61 13.87
CA GLU A 27 12.43 -2.61 13.41
C GLU A 27 12.57 -2.61 11.90
N TYR A 28 11.76 -1.81 11.22
CA TYR A 28 11.83 -1.76 9.76
C TYR A 28 13.27 -1.53 9.33
N PHE A 29 14.00 -0.73 10.09
CA PHE A 29 15.40 -0.44 9.79
C PHE A 29 16.31 -1.29 10.66
N ASN A 30 15.75 -2.32 11.26
CA ASN A 30 16.51 -3.22 12.13
C ASN A 30 17.68 -3.84 11.38
N THR A 31 18.75 -4.13 12.12
CA THR A 31 19.92 -4.75 11.51
C THR A 31 19.73 -6.25 11.38
N ASP A 32 19.05 -6.85 12.35
CA ASP A 32 18.81 -8.28 12.32
C ASP A 32 17.67 -8.69 13.25
N ALA A 33 16.68 -7.81 13.41
CA ALA A 33 15.54 -8.12 14.27
C ALA A 33 14.56 -9.03 13.57
N LYS A 34 14.85 -9.36 12.32
CA LYS A 34 13.99 -10.23 11.56
C LYS A 34 12.57 -9.65 11.48
N VAL A 35 12.47 -8.42 11.01
CA VAL A 35 11.18 -7.75 10.89
C VAL A 35 10.14 -8.75 10.39
N ASN A 36 10.63 -9.75 9.66
CA ASN A 36 9.76 -10.77 9.11
C ASN A 36 8.83 -11.34 10.19
N GLU A 37 9.38 -11.52 11.39
CA GLU A 37 8.58 -12.04 12.49
C GLU A 37 7.46 -11.05 12.82
N ARG A 38 7.81 -9.76 12.78
CA ARG A 38 6.84 -8.72 13.08
C ARG A 38 5.78 -8.68 11.98
N ILE A 39 6.24 -8.73 10.74
CA ILE A 39 5.32 -8.72 9.60
C ILE A 39 4.53 -10.02 9.56
N ASP A 40 5.23 -11.13 9.81
CA ASP A 40 4.57 -12.43 9.83
C ASP A 40 3.55 -12.46 10.95
N GLU A 41 3.91 -11.86 12.08
CA GLU A 41 3.01 -11.81 13.23
C GLU A 41 1.75 -11.03 12.89
N PHE A 42 1.95 -9.84 12.32
CA PHE A 42 0.82 -9.00 11.93
C PHE A 42 0.04 -9.68 10.81
N VAL A 43 0.77 -10.19 9.82
CA VAL A 43 0.15 -10.85 8.68
C VAL A 43 -0.69 -12.06 9.13
N SER A 44 -0.12 -12.88 10.00
CA SER A 44 -0.83 -14.08 10.47
C SER A 44 -2.08 -13.71 11.27
N LYS A 45 -1.92 -12.87 12.28
CA LYS A 45 -3.04 -12.46 13.12
C LYS A 45 -4.05 -11.62 12.33
N ALA A 46 -3.53 -10.76 11.46
CA ALA A 46 -4.40 -9.89 10.67
C ALA A 46 -5.39 -10.72 9.85
N PHE A 47 -4.90 -11.80 9.26
CA PHE A 47 -5.75 -12.66 8.45
C PHE A 47 -6.78 -13.36 9.33
N PHE A 48 -6.28 -14.03 10.36
CA PHE A 48 -7.14 -14.77 11.28
C PHE A 48 -8.17 -13.85 11.95
N ALA A 49 -7.73 -12.67 12.38
CA ALA A 49 -8.63 -11.74 13.05
C ALA A 49 -9.47 -10.96 12.04
N ASP A 50 -9.31 -11.29 10.76
CA ASP A 50 -10.06 -10.61 9.71
C ASP A 50 -9.77 -9.11 9.75
N ILE A 51 -8.53 -8.76 10.06
CA ILE A 51 -8.13 -7.35 10.11
C ILE A 51 -8.12 -6.76 8.71
N SER A 52 -9.22 -6.12 8.33
CA SER A 52 -9.30 -5.52 7.02
C SER A 52 -8.16 -4.53 6.87
N VAL A 53 -7.75 -4.29 5.64
CA VAL A 53 -6.66 -3.36 5.40
C VAL A 53 -6.99 -2.00 6.01
N SER A 54 -8.28 -1.72 6.14
CA SER A 54 -8.75 -0.44 6.69
C SER A 54 -7.93 -0.01 7.91
N GLN A 55 -8.01 -0.75 9.00
CA GLN A 55 -7.27 -0.39 10.20
C GLN A 55 -5.80 -0.29 9.89
N VAL A 56 -5.32 -1.21 9.08
CA VAL A 56 -3.93 -1.20 8.69
C VAL A 56 -3.61 0.15 8.04
N LEU A 57 -4.55 0.58 7.19
CA LEU A 57 -4.41 1.86 6.50
C LEU A 57 -4.65 3.02 7.46
N GLU A 58 -5.77 2.95 8.20
CA GLU A 58 -6.11 4.03 9.12
C GLU A 58 -5.14 4.09 10.30
N ILE A 59 -4.86 2.94 10.91
CA ILE A 59 -3.93 2.91 12.04
C ILE A 59 -2.58 3.48 11.62
N HIS A 60 -2.13 3.12 10.43
CA HIS A 60 -0.86 3.59 9.92
C HIS A 60 -0.81 5.11 9.90
N VAL A 61 -1.90 5.74 9.46
CA VAL A 61 -1.94 7.19 9.39
C VAL A 61 -1.77 7.84 10.76
N GLU A 62 -2.43 7.30 11.78
CA GLU A 62 -2.34 7.87 13.12
C GLU A 62 -0.93 7.82 13.68
N LEU A 63 -0.31 6.65 13.64
CA LEU A 63 1.05 6.51 14.15
C LEU A 63 2.01 7.37 13.34
N MET A 64 1.77 7.42 12.04
CA MET A 64 2.61 8.20 11.14
C MET A 64 2.57 9.67 11.56
N ASP A 65 1.38 10.13 11.93
CA ASP A 65 1.20 11.50 12.37
C ASP A 65 2.03 11.73 13.62
N THR A 66 2.10 10.70 14.46
CA THR A 66 2.84 10.78 15.71
C THR A 66 4.31 11.12 15.46
N PHE A 67 4.90 10.48 14.46
CA PHE A 67 6.31 10.71 14.14
C PHE A 67 6.53 12.09 13.52
N SER A 68 5.76 12.42 12.50
CA SER A 68 5.91 13.72 11.85
C SER A 68 5.74 14.83 12.86
N LYS A 69 4.83 14.64 13.81
CA LYS A 69 4.59 15.64 14.84
C LYS A 69 5.84 15.83 15.68
N GLN A 70 6.49 14.72 16.05
CA GLN A 70 7.70 14.78 16.85
C GLN A 70 8.84 15.44 16.07
N LEU A 71 8.91 15.15 14.78
CA LEU A 71 9.95 15.73 13.93
C LEU A 71 9.89 17.25 14.05
N LYS A 72 8.70 17.82 13.95
CA LYS A 72 8.52 19.25 14.05
C LYS A 72 8.90 19.74 15.45
N LEU A 73 8.46 19.00 16.46
CA LEU A 73 8.74 19.36 17.84
C LEU A 73 10.22 19.21 18.17
N GLU A 74 10.84 18.16 17.65
CA GLU A 74 12.26 17.91 17.90
C GLU A 74 13.13 18.49 16.79
N GLY A 75 12.52 18.79 15.66
CA GLY A 75 13.27 19.35 14.53
C GLY A 75 14.19 18.30 13.93
N ARG A 76 13.66 17.10 13.70
CA ARG A 76 14.45 16.02 13.13
C ARG A 76 14.10 15.82 11.67
N SER A 77 15.04 15.24 10.92
CA SER A 77 14.82 15.00 9.50
C SER A 77 13.52 14.25 9.30
N GLU A 78 12.67 14.76 8.42
CA GLU A 78 11.39 14.12 8.15
C GLU A 78 11.51 13.16 6.96
N ASP A 79 12.70 12.57 6.80
CA ASP A 79 12.95 11.61 5.72
C ASP A 79 12.62 10.20 6.20
N ILE A 80 12.75 9.98 7.50
CA ILE A 80 12.48 8.67 8.09
C ILE A 80 11.06 8.23 7.74
N LEU A 81 10.20 9.19 7.43
CA LEU A 81 8.83 8.87 7.04
C LEU A 81 8.89 7.85 5.90
N LEU A 82 10.09 7.71 5.35
CA LEU A 82 10.36 6.79 4.23
C LEU A 82 9.82 5.38 4.51
N ASP A 83 10.15 4.83 5.67
CA ASP A 83 9.73 3.48 6.01
C ASP A 83 8.22 3.32 6.04
N TYR A 84 7.52 4.39 6.37
CA TYR A 84 6.06 4.31 6.46
C TYR A 84 5.47 3.92 5.12
N ARG A 85 5.93 4.57 4.04
CA ARG A 85 5.44 4.26 2.72
C ARG A 85 5.91 2.87 2.31
N LEU A 86 7.17 2.59 2.61
CA LEU A 86 7.77 1.30 2.30
C LEU A 86 7.22 0.21 3.22
N THR A 87 7.09 0.55 4.50
CA THR A 87 6.59 -0.39 5.50
C THR A 87 5.09 -0.63 5.33
N LEU A 88 4.34 0.47 5.17
CA LEU A 88 2.89 0.37 5.02
C LEU A 88 2.53 -0.48 3.81
N ILE A 89 3.13 -0.16 2.67
CA ILE A 89 2.87 -0.90 1.45
C ILE A 89 3.38 -2.33 1.55
N ASP A 90 4.58 -2.46 2.11
CA ASP A 90 5.18 -3.78 2.27
C ASP A 90 4.32 -4.64 3.20
N VAL A 91 3.84 -4.04 4.28
CA VAL A 91 3.01 -4.76 5.24
C VAL A 91 1.69 -5.19 4.58
N ILE A 92 1.02 -4.24 3.94
CA ILE A 92 -0.23 -4.55 3.27
C ILE A 92 0.01 -5.51 2.12
N ALA A 93 1.06 -5.28 1.37
CA ALA A 93 1.39 -6.13 0.24
C ALA A 93 1.74 -7.53 0.73
N HIS A 94 2.35 -7.62 1.90
CA HIS A 94 2.73 -8.91 2.45
C HIS A 94 1.49 -9.76 2.79
N LEU A 95 0.55 -9.20 3.55
CA LEU A 95 -0.64 -9.96 3.89
C LEU A 95 -1.56 -10.05 2.67
N CYS A 96 -1.68 -8.94 1.93
CA CYS A 96 -2.53 -8.96 0.74
C CYS A 96 -2.17 -10.18 -0.09
N GLU A 97 -0.88 -10.44 -0.19
CA GLU A 97 -0.41 -11.59 -0.92
C GLU A 97 -0.86 -12.87 -0.23
N MET A 98 -0.86 -12.85 1.11
CA MET A 98 -1.27 -14.02 1.88
C MET A 98 -2.74 -14.36 1.58
N TYR A 99 -3.56 -13.33 1.36
CA TYR A 99 -4.96 -13.54 1.04
C TYR A 99 -5.07 -14.29 -0.28
N ARG A 100 -4.22 -13.89 -1.24
CA ARG A 100 -4.21 -14.52 -2.55
C ARG A 100 -3.95 -16.02 -2.44
N ARG A 101 -3.04 -16.39 -1.54
CA ARG A 101 -2.70 -17.80 -1.34
C ARG A 101 -3.82 -18.56 -0.65
N SER A 102 -4.61 -17.84 0.14
CA SER A 102 -5.70 -18.47 0.88
C SER A 102 -6.91 -18.71 -0.01
N ILE A 103 -6.75 -18.48 -1.31
CA ILE A 103 -7.85 -18.67 -2.24
C ILE A 103 -7.59 -19.88 -3.14
N PRO A 104 -8.30 -20.96 -2.94
CA PRO A 104 -8.13 -22.18 -3.77
C PRO A 104 -8.71 -22.00 -5.17
N ARG A 105 -7.91 -22.32 -6.18
CA ARG A 105 -8.35 -22.16 -7.55
C ARG A 105 -8.24 -23.48 -8.31
N GLU A 106 -9.28 -23.82 -9.06
CA GLU A 106 -9.28 -25.05 -9.84
C GLU A 106 -8.29 -24.96 -10.99
N VAL A 107 -7.64 -26.08 -11.31
CA VAL A 107 -6.67 -26.12 -12.39
C VAL A 107 -5.35 -25.47 -11.93
N ALA B 1 -4.87 -21.19 -10.47
CA ALA B 1 -4.85 -20.02 -11.40
C ALA B 1 -6.09 -20.06 -12.28
N MET B 2 -6.03 -19.39 -13.42
CA MET B 2 -7.16 -19.36 -14.35
C MET B 2 -6.93 -20.31 -15.51
N ALA B 3 -7.89 -20.34 -16.44
CA ALA B 3 -7.76 -21.21 -17.61
C ALA B 3 -6.49 -20.88 -18.39
N ARG B 4 -5.92 -21.89 -19.04
CA ARG B 4 -4.69 -21.68 -19.81
C ARG B 4 -4.60 -20.25 -20.30
N MET B 5 -3.95 -19.39 -19.53
CA MET B 5 -3.79 -17.99 -19.91
C MET B 5 -2.58 -17.85 -20.84
N SER B 6 -2.79 -17.22 -21.99
CA SER B 6 -1.70 -17.03 -22.95
C SER B 6 -0.68 -16.03 -22.40
N PRO B 7 0.47 -15.99 -23.00
CA PRO B 7 1.58 -15.08 -22.59
C PRO B 7 1.41 -13.66 -23.11
N ALA B 8 1.28 -13.51 -24.42
CA ALA B 8 1.11 -12.18 -25.01
C ALA B 8 -0.12 -11.50 -24.43
N ASP B 9 -1.19 -12.26 -24.25
CA ASP B 9 -2.41 -11.69 -23.68
C ASP B 9 -2.09 -11.10 -22.32
N LYS B 10 -1.25 -11.80 -21.57
CA LYS B 10 -0.84 -11.32 -20.25
C LYS B 10 -0.08 -10.01 -20.42
N ARG B 11 0.90 -10.00 -21.31
CA ARG B 11 1.66 -8.79 -21.56
C ARG B 11 0.73 -7.70 -22.05
N LYS B 12 -0.21 -8.09 -22.89
CA LYS B 12 -1.19 -7.15 -23.40
C LYS B 12 -1.89 -6.53 -22.20
N LEU B 13 -2.29 -7.39 -21.28
CA LEU B 13 -2.92 -6.94 -20.06
C LEU B 13 -1.97 -6.00 -19.33
N LEU B 14 -0.76 -6.49 -19.08
CA LEU B 14 0.24 -5.66 -18.41
C LEU B 14 0.40 -4.35 -19.15
N ASP B 15 0.42 -4.43 -20.47
CA ASP B 15 0.55 -3.24 -21.28
C ASP B 15 -0.60 -2.29 -21.00
N GLU B 16 -1.81 -2.84 -20.90
CA GLU B 16 -2.99 -2.04 -20.61
C GLU B 16 -3.03 -1.65 -19.13
N LEU B 17 -2.75 -2.62 -18.26
CA LEU B 17 -2.77 -2.35 -16.84
C LEU B 17 -1.79 -1.24 -16.51
N ARG B 18 -0.65 -1.26 -17.19
CA ARG B 18 0.36 -0.23 -16.99
C ARG B 18 -0.24 1.13 -17.33
N SER B 19 -0.93 1.19 -18.47
CA SER B 19 -1.58 2.43 -18.89
C SER B 19 -2.76 2.75 -17.99
N ILE B 20 -3.54 1.73 -17.66
CA ILE B 20 -4.70 1.93 -16.79
C ILE B 20 -4.26 2.51 -15.45
N TYR B 21 -3.26 1.90 -14.83
CA TYR B 21 -2.77 2.41 -13.56
C TYR B 21 -2.36 3.86 -13.74
N ARG B 22 -1.63 4.09 -14.81
CA ARG B 22 -1.17 5.44 -15.15
C ARG B 22 -2.35 6.39 -15.21
N THR B 23 -3.44 5.92 -15.82
CA THR B 23 -4.65 6.74 -15.94
C THR B 23 -5.17 7.11 -14.55
N ILE B 24 -5.13 6.15 -13.63
CA ILE B 24 -5.61 6.38 -12.28
C ILE B 24 -4.88 7.56 -11.65
N VAL B 25 -3.55 7.59 -11.80
CA VAL B 25 -2.74 8.66 -11.24
C VAL B 25 -3.12 10.01 -11.84
N LEU B 26 -3.23 10.07 -13.16
CA LEU B 26 -3.58 11.30 -13.84
C LEU B 26 -4.97 11.79 -13.41
N GLU B 27 -5.88 10.85 -13.23
CA GLU B 27 -7.23 11.18 -12.84
C GLU B 27 -7.41 11.14 -11.32
N TYR B 28 -6.38 10.72 -10.60
CA TYR B 28 -6.47 10.65 -9.15
C TYR B 28 -6.97 11.98 -8.61
N PHE B 29 -6.55 13.08 -9.24
CA PHE B 29 -6.97 14.40 -8.82
C PHE B 29 -8.09 14.92 -9.72
N ASN B 30 -8.69 14.01 -10.47
CA ASN B 30 -9.78 14.37 -11.39
C ASN B 30 -10.93 15.03 -10.64
N THR B 31 -11.63 15.91 -11.34
CA THR B 31 -12.76 16.59 -10.74
C THR B 31 -14.00 15.71 -10.78
N ASP B 32 -14.15 14.95 -11.86
CA ASP B 32 -15.30 14.07 -12.00
C ASP B 32 -15.05 12.97 -13.03
N ALA B 33 -13.80 12.53 -13.15
CA ALA B 33 -13.49 11.47 -14.11
C ALA B 33 -13.87 10.11 -13.58
N LYS B 34 -14.39 10.09 -12.36
CA LYS B 34 -14.81 8.84 -11.75
C LYS B 34 -13.64 7.85 -11.69
N VAL B 35 -12.54 8.29 -11.09
CA VAL B 35 -11.36 7.44 -10.98
C VAL B 35 -11.80 6.01 -10.65
N ASN B 36 -12.95 5.90 -10.01
CA ASN B 36 -13.48 4.60 -9.63
C ASN B 36 -13.47 3.65 -10.82
N GLU B 37 -13.80 4.17 -12.00
CA GLU B 37 -13.80 3.35 -13.20
C GLU B 37 -12.38 2.85 -13.49
N ARG B 38 -11.43 3.74 -13.28
CA ARG B 38 -10.02 3.40 -13.52
C ARG B 38 -9.57 2.37 -12.50
N ILE B 39 -9.91 2.62 -11.23
CA ILE B 39 -9.56 1.70 -10.16
C ILE B 39 -10.34 0.39 -10.31
N ASP B 40 -11.61 0.53 -10.64
CA ASP B 40 -12.45 -0.64 -10.84
C ASP B 40 -11.94 -1.45 -12.03
N GLU B 41 -11.48 -0.74 -13.06
CA GLU B 41 -10.95 -1.39 -14.25
C GLU B 41 -9.69 -2.17 -13.89
N PHE B 42 -8.78 -1.52 -13.18
CA PHE B 42 -7.54 -2.16 -12.77
C PHE B 42 -7.84 -3.27 -11.78
N VAL B 43 -8.70 -2.97 -10.81
CA VAL B 43 -9.08 -3.95 -9.81
C VAL B 43 -9.72 -5.19 -10.43
N SER B 44 -10.65 -4.98 -11.35
CA SER B 44 -11.33 -6.10 -11.99
C SER B 44 -10.37 -6.95 -12.82
N LYS B 45 -9.64 -6.31 -13.71
CA LYS B 45 -8.69 -7.03 -14.57
C LYS B 45 -7.54 -7.61 -13.75
N ALA B 46 -7.07 -6.85 -12.76
CA ALA B 46 -5.96 -7.31 -11.94
C ALA B 46 -6.28 -8.64 -11.28
N PHE B 47 -7.50 -8.77 -10.77
CA PHE B 47 -7.93 -10.00 -10.12
C PHE B 47 -8.00 -11.14 -11.13
N PHE B 48 -8.74 -10.89 -12.20
CA PHE B 48 -8.93 -11.90 -13.25
C PHE B 48 -7.60 -12.31 -13.87
N ALA B 49 -6.73 -11.34 -14.14
CA ALA B 49 -5.44 -11.63 -14.75
C ALA B 49 -4.43 -12.12 -13.72
N ASP B 50 -4.88 -12.26 -12.48
CA ASP B 50 -4.01 -12.72 -11.40
C ASP B 50 -2.82 -11.77 -11.25
N ILE B 51 -3.07 -10.48 -11.44
CA ILE B 51 -2.02 -9.48 -11.32
C ILE B 51 -1.60 -9.35 -9.87
N SER B 52 -0.55 -10.07 -9.49
CA SER B 52 -0.07 -9.99 -8.13
C SER B 52 0.26 -8.54 -7.80
N VAL B 53 0.19 -8.20 -6.53
CA VAL B 53 0.48 -6.83 -6.12
C VAL B 53 1.88 -6.44 -6.59
N SER B 54 2.74 -7.44 -6.77
CA SER B 54 4.12 -7.20 -7.21
C SER B 54 4.21 -6.15 -8.30
N GLN B 55 3.66 -6.45 -9.48
CA GLN B 55 3.72 -5.51 -10.58
C GLN B 55 3.09 -4.19 -10.18
N VAL B 56 2.00 -4.28 -9.45
CA VAL B 56 1.33 -3.09 -8.98
C VAL B 56 2.33 -2.28 -8.17
N LEU B 57 3.08 -2.97 -7.33
CA LEU B 57 4.09 -2.34 -6.49
C LEU B 57 5.31 -1.92 -7.33
N GLU B 58 5.82 -2.85 -8.13
CA GLU B 58 6.99 -2.57 -8.95
C GLU B 58 6.68 -1.56 -10.06
N ILE B 59 5.57 -1.77 -10.77
CA ILE B 59 5.18 -0.84 -11.84
C ILE B 59 5.03 0.56 -11.29
N HIS B 60 4.42 0.66 -10.12
CA HIS B 60 4.20 1.95 -9.49
C HIS B 60 5.52 2.69 -9.29
N VAL B 61 6.54 1.98 -8.84
CA VAL B 61 7.84 2.60 -8.61
C VAL B 61 8.43 3.20 -9.89
N GLU B 62 8.33 2.46 -11.01
CA GLU B 62 8.88 2.95 -12.26
C GLU B 62 8.22 4.23 -12.74
N LEU B 63 6.89 4.23 -12.80
CA LEU B 63 6.17 5.42 -13.24
C LEU B 63 6.42 6.58 -12.28
N MET B 64 6.49 6.25 -10.99
CA MET B 64 6.73 7.27 -9.97
C MET B 64 8.07 7.94 -10.22
N ASP B 65 9.05 7.14 -10.61
CA ASP B 65 10.38 7.66 -10.90
C ASP B 65 10.29 8.64 -12.07
N THR B 66 9.40 8.31 -13.01
CA THR B 66 9.21 9.14 -14.20
C THR B 66 8.80 10.55 -13.82
N PHE B 67 7.89 10.67 -12.86
CA PHE B 67 7.41 11.98 -12.45
C PHE B 67 8.48 12.76 -11.67
N SER B 68 9.07 12.11 -10.66
CA SER B 68 10.09 12.78 -9.86
C SER B 68 11.23 13.25 -10.75
N LYS B 69 11.54 12.46 -11.77
CA LYS B 69 12.60 12.81 -12.69
C LYS B 69 12.24 14.10 -13.44
N GLN B 70 10.99 14.19 -13.89
CA GLN B 70 10.53 15.38 -14.60
C GLN B 70 10.53 16.60 -13.69
N LEU B 71 10.15 16.39 -12.42
CA LEU B 71 10.12 17.49 -11.46
C LEU B 71 11.49 18.15 -11.40
N LYS B 72 12.53 17.34 -11.32
CA LYS B 72 13.89 17.86 -11.27
C LYS B 72 14.25 18.57 -12.58
N LEU B 73 13.87 17.95 -13.70
CA LEU B 73 14.15 18.51 -15.00
C LEU B 73 13.34 19.78 -15.26
N GLU B 74 12.09 19.78 -14.82
CA GLU B 74 11.23 20.94 -15.01
C GLU B 74 11.26 21.86 -13.81
N GLY B 75 11.73 21.34 -12.67
CA GLY B 75 11.79 22.14 -11.45
C GLY B 75 10.39 22.41 -10.92
N ARG B 76 9.57 21.37 -10.86
CA ARG B 76 8.20 21.51 -10.36
C ARG B 76 8.08 20.95 -8.95
N SER B 77 7.08 21.43 -8.22
CA SER B 77 6.87 20.98 -6.85
C SER B 77 6.81 19.47 -6.81
N GLU B 78 7.59 18.86 -5.93
CA GLU B 78 7.61 17.41 -5.81
C GLU B 78 6.63 16.95 -4.74
N ASP B 79 5.54 17.71 -4.58
CA ASP B 79 4.51 17.37 -3.60
C ASP B 79 3.45 16.48 -4.25
N ILE B 80 3.28 16.64 -5.55
CA ILE B 80 2.30 15.85 -6.30
C ILE B 80 2.56 14.36 -6.09
N LEU B 81 3.78 14.02 -5.73
CA LEU B 81 4.11 12.62 -5.44
C LEU B 81 3.10 12.08 -4.43
N LEU B 82 2.37 13.02 -3.82
CA LEU B 82 1.36 12.71 -2.81
C LEU B 82 0.39 11.62 -3.27
N ASP B 83 -0.16 11.78 -4.46
CA ASP B 83 -1.14 10.82 -4.98
C ASP B 83 -0.56 9.42 -5.12
N TYR B 84 0.73 9.32 -5.36
CA TYR B 84 1.35 8.02 -5.55
C TYR B 84 1.19 7.17 -4.29
N ARG B 85 1.47 7.76 -3.14
CA ARG B 85 1.33 7.05 -1.89
C ARG B 85 -0.14 6.79 -1.61
N LEU B 86 -0.96 7.80 -1.85
CA LEU B 86 -2.40 7.70 -1.65
C LEU B 86 -3.03 6.82 -2.73
N THR B 87 -2.59 6.98 -3.96
CA THR B 87 -3.11 6.21 -5.09
C THR B 87 -2.62 4.77 -5.04
N LEU B 88 -1.33 4.59 -4.80
CA LEU B 88 -0.74 3.26 -4.75
C LEU B 88 -1.39 2.42 -3.67
N ILE B 89 -1.48 2.98 -2.47
CA ILE B 89 -2.09 2.27 -1.35
C ILE B 89 -3.58 2.09 -1.59
N ASP B 90 -4.23 3.14 -2.08
CA ASP B 90 -5.66 3.08 -2.35
C ASP B 90 -5.94 2.02 -3.42
N VAL B 91 -5.12 1.98 -4.45
CA VAL B 91 -5.30 1.01 -5.52
C VAL B 91 -5.10 -0.40 -5.00
N ILE B 92 -4.00 -0.62 -4.30
CA ILE B 92 -3.73 -1.95 -3.75
C ILE B 92 -4.77 -2.30 -2.71
N ALA B 93 -5.11 -1.34 -1.87
CA ALA B 93 -6.09 -1.55 -0.82
C ALA B 93 -7.46 -1.86 -1.44
N HIS B 94 -7.74 -1.22 -2.58
CA HIS B 94 -9.01 -1.44 -3.25
C HIS B 94 -9.16 -2.88 -3.74
N LEU B 95 -8.18 -3.36 -4.50
CA LEU B 95 -8.26 -4.74 -4.99
C LEU B 95 -7.99 -5.71 -3.86
N CYS B 96 -7.01 -5.39 -3.00
CA CYS B 96 -6.71 -6.25 -1.87
C CYS B 96 -8.00 -6.60 -1.17
N GLU B 97 -8.86 -5.60 -1.02
CA GLU B 97 -10.15 -5.79 -0.39
C GLU B 97 -11.00 -6.70 -1.25
N MET B 98 -10.90 -6.54 -2.57
CA MET B 98 -11.68 -7.37 -3.48
C MET B 98 -11.31 -8.85 -3.32
N TYR B 99 -10.04 -9.11 -3.04
CA TYR B 99 -9.60 -10.49 -2.83
C TYR B 99 -10.29 -11.06 -1.60
N ARG B 100 -10.41 -10.23 -0.56
CA ARG B 100 -11.06 -10.66 0.68
C ARG B 100 -12.50 -11.10 0.41
N ARG B 101 -13.18 -10.38 -0.46
CA ARG B 101 -14.57 -10.70 -0.80
C ARG B 101 -14.66 -11.97 -1.64
N SER B 102 -13.61 -12.25 -2.39
CA SER B 102 -13.60 -13.43 -3.26
C SER B 102 -13.30 -14.70 -2.47
N ILE B 103 -13.27 -14.58 -1.15
CA ILE B 103 -12.98 -15.74 -0.30
C ILE B 103 -14.24 -16.16 0.46
N PRO B 104 -14.84 -17.27 0.10
CA PRO B 104 -16.06 -17.77 0.79
C PRO B 104 -15.73 -18.34 2.16
N ARG B 105 -16.44 -17.88 3.18
CA ARG B 105 -16.20 -18.35 4.54
C ARG B 105 -17.47 -18.94 5.16
N GLU B 106 -17.33 -20.09 5.80
CA GLU B 106 -18.47 -20.74 6.43
C GLU B 106 -18.94 -19.94 7.64
N VAL B 107 -20.24 -19.92 7.87
CA VAL B 107 -20.82 -19.19 8.99
C VAL B 107 -20.82 -17.69 8.70
N ALA C 1 8.71 4.75 -29.67
CA ALA C 1 7.23 4.93 -29.71
C ALA C 1 6.91 6.23 -30.45
N MET C 2 5.61 6.54 -30.53
CA MET C 2 5.18 7.76 -31.21
C MET C 2 4.99 8.90 -30.22
N ALA C 3 4.94 8.57 -28.94
CA ALA C 3 4.75 9.58 -27.90
C ALA C 3 4.72 8.93 -26.53
N GLY C 4 3.55 8.98 -25.88
CA GLY C 4 3.40 8.39 -24.56
C GLY C 4 4.04 9.27 -23.50
N ILE C 5 3.45 10.45 -23.29
CA ILE C 5 3.95 11.38 -22.30
C ILE C 5 3.23 11.19 -20.97
N ILE C 6 4.02 11.09 -19.90
CA ILE C 6 3.45 10.89 -18.57
C ILE C 6 3.64 12.16 -17.73
N SER C 7 2.55 12.68 -17.16
CA SER C 7 2.62 13.90 -16.35
C SER C 7 2.08 13.67 -14.94
N GLY C 8 0.76 13.58 -14.81
CA GLY C 8 0.14 13.38 -13.50
C GLY C 8 -0.35 14.70 -12.91
N THR C 9 -0.09 15.78 -13.62
CA THR C 9 -0.51 17.11 -13.16
C THR C 9 0.36 17.60 -12.01
N PRO C 10 1.64 17.34 -12.06
CA PRO C 10 2.59 17.76 -11.00
C PRO C 10 2.29 19.16 -10.45
N THR C 11 2.71 19.40 -9.22
CA THR C 11 2.49 20.69 -8.59
C THR C 11 1.05 21.14 -8.79
N ARG C 12 0.14 20.68 -7.93
CA ARG C 12 -1.26 21.06 -8.06
C ARG C 12 -2.05 20.78 -6.77
N ILE C 13 -1.44 20.05 -5.84
CA ILE C 13 -2.13 19.75 -4.59
C ILE C 13 -1.35 20.27 -3.38
N SER C 14 -2.06 20.74 -2.37
CA SER C 14 -1.42 21.23 -1.16
C SER C 14 -1.32 20.09 -0.16
N VAL C 15 -0.16 19.94 0.47
CA VAL C 15 0.02 18.85 1.41
C VAL C 15 0.58 19.29 2.76
N ASP C 16 0.30 18.48 3.77
CA ASP C 16 0.75 18.74 5.14
C ASP C 16 2.04 17.97 5.41
N GLU C 17 2.57 18.12 6.63
CA GLU C 17 3.78 17.40 6.99
C GLU C 17 3.55 15.90 6.82
N LYS C 18 2.33 15.48 7.15
CA LYS C 18 1.95 14.08 7.01
C LYS C 18 1.60 13.80 5.56
N THR C 19 1.47 14.87 4.79
CA THR C 19 1.14 14.76 3.37
C THR C 19 0.18 13.58 3.17
N GLU C 20 -0.77 13.45 4.08
CA GLU C 20 -1.76 12.38 4.01
C GLU C 20 -1.08 11.07 3.67
N LEU C 21 -1.87 10.00 3.60
CA LEU C 21 -1.33 8.69 3.28
C LEU C 21 -2.46 7.71 2.95
N ALA C 22 -3.23 7.34 3.97
CA ALA C 22 -4.35 6.42 3.77
C ALA C 22 -5.66 7.11 4.12
N ARG C 23 -5.72 7.66 5.33
CA ARG C 23 -6.91 8.36 5.83
C ARG C 23 -8.20 7.63 5.43
N ILE C 24 -8.55 7.68 4.15
CA ILE C 24 -9.77 7.04 3.69
C ILE C 24 -9.79 5.56 4.09
N ALA C 25 -10.74 5.19 4.93
CA ALA C 25 -10.87 3.81 5.37
C ALA C 25 -11.37 2.96 4.21
N LYS C 26 -11.73 3.64 3.11
CA LYS C 26 -12.23 2.97 1.91
C LYS C 26 -13.56 2.30 2.20
N GLY C 27 -14.38 2.93 3.04
CA GLY C 27 -15.68 2.38 3.38
C GLY C 27 -15.51 1.08 4.15
N MET C 28 -14.26 0.76 4.46
CA MET C 28 -13.94 -0.47 5.19
C MET C 28 -13.98 -0.21 6.70
N GLN C 29 -13.41 -1.14 7.46
CA GLN C 29 -13.38 -1.02 8.92
C GLN C 29 -14.79 -1.14 9.49
N ASP C 30 -15.73 -1.55 8.63
CA ASP C 30 -17.12 -1.71 9.06
C ASP C 30 -17.67 -3.07 8.63
N LEU C 31 -16.84 -4.10 8.74
CA LEU C 31 -17.26 -5.44 8.35
C LEU C 31 -18.11 -6.07 9.44
N GLU C 32 -18.22 -5.37 10.57
CA GLU C 32 -19.01 -5.88 11.69
C GLU C 32 -20.47 -6.06 11.27
N SER C 33 -21.13 -7.05 11.87
CA SER C 33 -22.53 -7.31 11.54
C SER C 33 -23.38 -6.06 11.77
N GLU C 34 -24.48 -5.96 11.03
CA GLU C 34 -25.36 -4.82 11.15
C GLU C 34 -26.56 -5.14 12.04
N ALA D 1 -1.73 6.63 30.55
CA ALA D 1 -0.86 5.42 30.50
C ALA D 1 0.38 5.65 31.36
N MET D 2 1.26 4.65 31.39
CA MET D 2 2.49 4.76 32.17
C MET D 2 3.64 5.23 31.29
N ALA D 3 3.46 5.17 29.97
CA ALA D 3 4.50 5.58 29.04
C ALA D 3 4.02 5.39 27.60
N GLY D 4 4.66 4.47 26.89
CA GLY D 4 4.29 4.21 25.51
C GLY D 4 4.83 5.28 24.59
N ILE D 5 6.15 5.33 24.46
CA ILE D 5 6.80 6.32 23.61
C ILE D 5 7.05 5.74 22.22
N ILE D 6 6.66 6.49 21.21
CA ILE D 6 6.83 6.05 19.82
C ILE D 6 7.91 6.89 19.13
N SER D 7 8.91 6.23 18.56
CA SER D 7 9.99 6.95 17.88
C SER D 7 10.15 6.52 16.42
N GLY D 8 10.70 5.33 16.20
CA GLY D 8 10.88 4.84 14.83
C GLY D 8 12.31 5.07 14.36
N THR D 9 13.10 5.73 15.19
CA THR D 9 14.49 6.02 14.85
C THR D 9 14.59 7.14 13.80
N PRO D 10 13.75 8.14 13.92
CA PRO D 10 13.75 9.30 12.98
C PRO D 10 15.14 9.72 12.56
N THR D 11 15.23 10.35 11.38
CA THR D 11 16.52 10.82 10.87
C THR D 11 17.58 9.73 11.03
N ARG D 12 17.66 8.82 10.06
CA ARG D 12 18.63 7.75 10.14
C ARG D 12 18.84 7.06 8.78
N ILE D 13 17.97 7.36 7.82
CA ILE D 13 18.10 6.74 6.50
C ILE D 13 18.27 7.81 5.42
N SER D 14 19.09 7.50 4.41
CA SER D 14 19.29 8.43 3.30
C SER D 14 18.30 8.10 2.20
N VAL D 15 17.65 9.11 1.64
CA VAL D 15 16.65 8.87 0.60
C VAL D 15 16.88 9.71 -0.65
N ASP D 16 16.35 9.19 -1.76
CA ASP D 16 16.45 9.86 -3.05
C ASP D 16 15.19 10.67 -3.32
N GLU D 17 15.14 11.33 -4.48
CA GLU D 17 13.96 12.11 -4.83
C GLU D 17 12.74 11.19 -4.85
N LYS D 18 12.96 9.96 -5.30
CA LYS D 18 11.90 8.96 -5.33
C LYS D 18 11.74 8.36 -3.94
N THR D 19 12.68 8.67 -3.07
CA THR D 19 12.66 8.16 -1.70
C THR D 19 12.06 6.76 -1.68
N GLU D 20 12.45 5.96 -2.67
CA GLU D 20 11.97 4.59 -2.77
C GLU D 20 10.46 4.54 -2.52
N LEU D 21 9.90 3.34 -2.62
CA LEU D 21 8.47 3.18 -2.41
C LEU D 21 8.12 1.70 -2.26
N ALA D 22 8.22 0.96 -3.36
CA ALA D 22 7.92 -0.48 -3.34
C ALA D 22 9.17 -1.27 -3.70
N ARG D 23 9.76 -0.93 -4.84
CA ARG D 23 10.96 -1.61 -5.34
C ARG D 23 10.91 -3.12 -5.11
N ILE D 24 11.03 -3.55 -3.86
CA ILE D 24 11.01 -4.97 -3.54
C ILE D 24 9.75 -5.62 -4.09
N ALA D 25 9.93 -6.54 -5.04
CA ALA D 25 8.80 -7.25 -5.62
C ALA D 25 8.22 -8.22 -4.59
N LYS D 26 8.91 -8.32 -3.45
CA LYS D 26 8.48 -9.20 -2.37
C LYS D 26 8.54 -10.67 -2.81
N GLY D 27 9.53 -10.99 -3.63
CA GLY D 27 9.68 -12.35 -4.12
C GLY D 27 8.49 -12.73 -5.00
N MET D 28 7.65 -11.74 -5.27
CA MET D 28 6.47 -11.95 -6.10
C MET D 28 6.79 -11.70 -7.57
N GLN D 29 5.76 -11.55 -8.38
CA GLN D 29 5.95 -11.31 -9.81
C GLN D 29 6.53 -12.55 -10.48
N ASP D 30 6.55 -13.65 -9.74
CA ASP D 30 7.10 -14.90 -10.27
C ASP D 30 6.13 -16.06 -10.02
N LEU D 31 4.84 -15.80 -10.18
CA LEU D 31 3.83 -16.84 -9.96
C LEU D 31 3.75 -17.76 -11.17
N GLU D 32 4.48 -17.42 -12.24
CA GLU D 32 4.48 -18.22 -13.45
C GLU D 32 4.99 -19.63 -13.15
N SER D 33 4.46 -20.61 -13.88
CA SER D 33 4.87 -21.99 -13.69
C SER D 33 6.38 -22.14 -13.83
N GLU D 34 6.93 -23.13 -13.16
CA GLU D 34 8.37 -23.37 -13.22
C GLU D 34 8.69 -24.48 -14.22
N ALA A 1 -22.16 -18.60 15.39
CA ALA A 1 -21.44 -18.39 16.68
C ALA A 1 -19.95 -18.68 16.48
N MET A 2 -19.10 -17.89 17.14
CA MET A 2 -17.65 -18.08 17.02
C MET A 2 -17.16 -19.10 18.04
N ALA A 3 -15.89 -19.50 17.90
CA ALA A 3 -15.30 -20.48 18.80
C ALA A 3 -14.58 -19.81 19.98
N ARG A 4 -15.16 -19.94 21.16
CA ARG A 4 -14.57 -19.39 22.38
C ARG A 4 -13.98 -17.99 22.15
N MET A 5 -14.22 -17.43 20.96
CA MET A 5 -13.71 -16.11 20.65
C MET A 5 -14.64 -15.02 21.19
N SER A 6 -14.06 -14.09 21.94
CA SER A 6 -14.84 -13.00 22.53
C SER A 6 -14.62 -11.71 21.76
N PRO A 7 -15.45 -10.73 22.00
CA PRO A 7 -15.36 -9.42 21.33
C PRO A 7 -14.16 -8.62 21.82
N ALA A 8 -13.85 -8.76 23.11
CA ALA A 8 -12.71 -8.07 23.68
C ALA A 8 -11.42 -8.60 23.07
N ASP A 9 -11.40 -9.90 22.79
CA ASP A 9 -10.22 -10.51 22.17
C ASP A 9 -9.92 -9.78 20.87
N LYS A 10 -10.99 -9.44 20.15
CA LYS A 10 -10.85 -8.72 18.89
C LYS A 10 -10.13 -7.40 19.16
N ARG A 11 -10.60 -6.68 20.18
CA ARG A 11 -9.97 -5.41 20.54
C ARG A 11 -8.53 -5.65 20.99
N LYS A 12 -8.32 -6.75 21.73
CA LYS A 12 -6.98 -7.08 22.17
C LYS A 12 -6.11 -7.19 20.95
N LEU A 13 -6.63 -7.85 19.93
CA LEU A 13 -5.92 -7.99 18.68
C LEU A 13 -5.66 -6.60 18.13
N LEU A 14 -6.71 -5.82 17.98
CA LEU A 14 -6.55 -4.46 17.48
C LEU A 14 -5.53 -3.72 18.32
N ASP A 15 -5.62 -3.90 19.62
CA ASP A 15 -4.67 -3.27 20.53
C ASP A 15 -3.26 -3.79 20.24
N GLU A 16 -3.15 -5.10 20.02
CA GLU A 16 -1.86 -5.72 19.72
C GLU A 16 -1.40 -5.41 18.31
N LEU A 17 -2.32 -5.49 17.36
CA LEU A 17 -2.00 -5.21 15.98
C LEU A 17 -1.46 -3.80 15.86
N ARG A 18 -1.99 -2.89 16.68
CA ARG A 18 -1.52 -1.53 16.68
C ARG A 18 -0.07 -1.48 17.11
N SER A 19 0.23 -2.15 18.23
CA SER A 19 1.60 -2.20 18.73
C SER A 19 2.48 -3.04 17.80
N ILE A 20 1.97 -4.21 17.42
CA ILE A 20 2.72 -5.08 16.52
C ILE A 20 3.03 -4.32 15.24
N TYR A 21 2.04 -3.61 14.73
CA TYR A 21 2.24 -2.81 13.52
C TYR A 21 3.36 -1.81 13.78
N ARG A 22 3.24 -1.13 14.90
CA ARG A 22 4.24 -0.15 15.31
C ARG A 22 5.61 -0.80 15.38
N THR A 23 5.67 -2.02 15.91
CA THR A 23 6.93 -2.73 16.03
C THR A 23 7.53 -2.99 14.66
N ILE A 24 6.68 -3.35 13.70
CA ILE A 24 7.16 -3.62 12.35
C ILE A 24 7.92 -2.41 11.82
N VAL A 25 7.38 -1.23 12.10
CA VAL A 25 7.99 0.02 11.64
C VAL A 25 9.35 0.27 12.31
N LEU A 26 9.41 0.09 13.62
CA LEU A 26 10.65 0.32 14.36
C LEU A 26 11.77 -0.62 13.91
N GLU A 27 11.40 -1.85 13.59
CA GLU A 27 12.39 -2.84 13.19
C GLU A 27 12.68 -2.79 11.68
N TYR A 28 11.95 -1.96 10.96
CA TYR A 28 12.15 -1.87 9.52
C TYR A 28 13.61 -1.57 9.18
N PHE A 29 14.30 -0.83 10.05
CA PHE A 29 15.69 -0.48 9.81
C PHE A 29 16.65 -1.28 10.68
N ASN A 30 16.14 -2.24 11.44
CA ASN A 30 16.99 -3.03 12.32
C ASN A 30 17.97 -3.88 11.53
N THR A 31 19.17 -4.03 12.09
CA THR A 31 20.21 -4.82 11.44
C THR A 31 20.17 -6.27 11.93
N ASP A 32 19.53 -6.50 13.07
CA ASP A 32 19.48 -7.85 13.63
C ASP A 32 18.05 -8.37 13.81
N ALA A 33 17.06 -7.48 13.81
CA ALA A 33 15.67 -7.92 14.01
C ALA A 33 15.07 -8.41 12.71
N LYS A 34 14.42 -9.58 12.78
CA LYS A 34 13.77 -10.14 11.61
C LYS A 34 12.37 -9.58 11.50
N VAL A 35 12.26 -8.40 10.87
CA VAL A 35 10.97 -7.73 10.72
C VAL A 35 9.94 -8.71 10.18
N ASN A 36 10.39 -9.61 9.33
CA ASN A 36 9.50 -10.60 8.74
C ASN A 36 8.67 -11.25 9.85
N GLU A 37 9.29 -11.42 11.02
CA GLU A 37 8.57 -12.01 12.14
C GLU A 37 7.45 -11.07 12.56
N ARG A 38 7.76 -9.77 12.55
CA ARG A 38 6.78 -8.77 12.91
C ARG A 38 5.69 -8.71 11.85
N ILE A 39 6.12 -8.73 10.59
CA ILE A 39 5.20 -8.70 9.47
C ILE A 39 4.44 -10.02 9.39
N ASP A 40 5.16 -11.12 9.61
CA ASP A 40 4.55 -12.43 9.59
C ASP A 40 3.51 -12.55 10.70
N GLU A 41 3.84 -11.99 11.87
CA GLU A 41 2.93 -12.04 13.01
C GLU A 41 1.69 -11.22 12.67
N PHE A 42 1.91 -10.03 12.13
CA PHE A 42 0.83 -9.14 11.75
C PHE A 42 0.02 -9.75 10.60
N VAL A 43 0.74 -10.21 9.58
CA VAL A 43 0.10 -10.82 8.41
C VAL A 43 -0.84 -11.94 8.82
N SER A 44 -0.35 -12.86 9.64
CA SER A 44 -1.16 -13.99 10.08
C SER A 44 -2.34 -13.53 10.92
N LYS A 45 -2.06 -12.69 11.92
CA LYS A 45 -3.12 -12.20 12.80
C LYS A 45 -4.09 -11.30 12.05
N ALA A 46 -3.56 -10.41 11.23
CA ALA A 46 -4.42 -9.49 10.47
C ALA A 46 -5.45 -10.27 9.68
N PHE A 47 -5.00 -11.28 8.97
CA PHE A 47 -5.89 -12.12 8.17
C PHE A 47 -6.86 -12.88 9.07
N PHE A 48 -6.30 -13.63 10.00
CA PHE A 48 -7.10 -14.44 10.92
C PHE A 48 -8.12 -13.60 11.69
N ALA A 49 -7.67 -12.46 12.22
CA ALA A 49 -8.57 -11.60 12.99
C ALA A 49 -9.47 -10.80 12.06
N ASP A 50 -9.53 -11.21 10.80
CA ASP A 50 -10.35 -10.51 9.82
C ASP A 50 -10.05 -9.02 9.81
N ILE A 51 -8.77 -8.68 9.93
CA ILE A 51 -8.38 -7.27 9.92
C ILE A 51 -8.36 -6.74 8.52
N SER A 52 -9.38 -5.98 8.15
CA SER A 52 -9.44 -5.40 6.83
C SER A 52 -8.28 -4.42 6.67
N VAL A 53 -7.90 -4.13 5.44
CA VAL A 53 -6.82 -3.21 5.21
C VAL A 53 -7.12 -1.86 5.85
N SER A 54 -8.42 -1.56 5.97
CA SER A 54 -8.87 -0.29 6.54
C SER A 54 -8.06 0.12 7.76
N GLN A 55 -8.13 -0.65 8.84
CA GLN A 55 -7.38 -0.29 10.04
C GLN A 55 -5.90 -0.18 9.73
N VAL A 56 -5.42 -1.09 8.91
CA VAL A 56 -4.02 -1.05 8.53
C VAL A 56 -3.75 0.28 7.84
N LEU A 57 -4.71 0.69 7.01
CA LEU A 57 -4.61 1.97 6.31
C LEU A 57 -4.80 3.14 7.28
N GLU A 58 -5.89 3.06 8.06
CA GLU A 58 -6.20 4.12 9.02
C GLU A 58 -5.19 4.16 10.17
N ILE A 59 -4.93 3.01 10.78
CA ILE A 59 -3.97 2.96 11.89
C ILE A 59 -2.64 3.54 11.43
N HIS A 60 -2.29 3.24 10.18
CA HIS A 60 -1.05 3.73 9.62
C HIS A 60 -0.97 5.25 9.69
N VAL A 61 -2.01 5.92 9.21
CA VAL A 61 -2.02 7.39 9.22
C VAL A 61 -1.77 7.96 10.61
N GLU A 62 -2.41 7.38 11.61
CA GLU A 62 -2.27 7.87 12.98
C GLU A 62 -0.83 7.81 13.47
N LEU A 63 -0.20 6.65 13.36
CA LEU A 63 1.17 6.48 13.82
C LEU A 63 2.15 7.37 13.04
N MET A 64 1.98 7.47 11.72
CA MET A 64 2.87 8.32 10.92
C MET A 64 2.75 9.76 11.38
N ASP A 65 1.54 10.17 11.70
CA ASP A 65 1.31 11.51 12.18
C ASP A 65 2.12 11.74 13.45
N THR A 66 2.24 10.68 14.24
CA THR A 66 2.98 10.74 15.51
C THR A 66 4.45 11.07 15.28
N PHE A 67 5.10 10.34 14.36
CA PHE A 67 6.52 10.58 14.08
C PHE A 67 6.74 12.00 13.58
N SER A 68 5.85 12.45 12.70
CA SER A 68 5.97 13.79 12.15
C SER A 68 5.88 14.82 13.28
N LYS A 69 5.01 14.56 14.23
CA LYS A 69 4.82 15.46 15.37
C LYS A 69 6.13 15.62 16.13
N GLN A 70 6.77 14.49 16.42
CA GLN A 70 8.03 14.49 17.14
C GLN A 70 9.11 15.18 16.32
N LEU A 71 9.04 15.00 15.00
CA LEU A 71 10.00 15.60 14.10
C LEU A 71 9.87 17.13 14.11
N LYS A 72 8.63 17.61 14.20
CA LYS A 72 8.38 19.04 14.23
C LYS A 72 8.97 19.66 15.50
N LEU A 73 8.77 18.99 16.63
CA LEU A 73 9.28 19.48 17.90
C LEU A 73 10.78 19.23 18.03
N GLU A 74 11.20 18.00 17.75
CA GLU A 74 12.62 17.65 17.84
C GLU A 74 13.42 18.34 16.74
N GLY A 75 12.78 18.56 15.60
CA GLY A 75 13.44 19.21 14.48
C GLY A 75 14.39 18.24 13.76
N ARG A 76 13.86 17.08 13.38
CA ARG A 76 14.66 16.08 12.70
C ARG A 76 14.12 15.78 11.32
N SER A 77 15.00 15.35 10.42
CA SER A 77 14.60 15.03 9.06
C SER A 77 13.31 14.21 9.08
N GLU A 78 12.22 14.85 8.65
CA GLU A 78 10.92 14.19 8.64
C GLU A 78 10.75 13.30 7.42
N ASP A 79 11.69 13.37 6.48
CA ASP A 79 11.62 12.55 5.27
C ASP A 79 11.64 11.06 5.62
N ILE A 80 12.28 10.73 6.74
CA ILE A 80 12.35 9.34 7.17
C ILE A 80 10.97 8.69 7.12
N LEU A 81 9.94 9.52 7.02
CA LEU A 81 8.58 9.01 6.96
C LEU A 81 8.43 8.03 5.79
N LEU A 82 9.36 8.08 4.85
CA LEU A 82 9.30 7.18 3.70
C LEU A 82 9.19 5.73 4.14
N ASP A 83 9.83 5.43 5.28
CA ASP A 83 9.82 4.08 5.80
C ASP A 83 8.37 3.57 5.97
N TYR A 84 7.49 4.47 6.41
CA TYR A 84 6.10 4.10 6.59
C TYR A 84 5.48 3.75 5.24
N ARG A 85 5.80 4.55 4.23
CA ARG A 85 5.30 4.27 2.89
C ARG A 85 5.85 2.93 2.44
N LEU A 86 7.11 2.69 2.77
CA LEU A 86 7.78 1.45 2.42
C LEU A 86 7.26 0.30 3.27
N THR A 87 7.18 0.54 4.58
CA THR A 87 6.69 -0.48 5.51
C THR A 87 5.19 -0.69 5.36
N LEU A 88 4.45 0.40 5.20
CA LEU A 88 3.00 0.32 5.04
C LEU A 88 2.65 -0.48 3.79
N ILE A 89 3.27 -0.12 2.67
CA ILE A 89 3.02 -0.83 1.43
C ILE A 89 3.49 -2.27 1.54
N ASP A 90 4.68 -2.44 2.11
CA ASP A 90 5.25 -3.77 2.29
C ASP A 90 4.36 -4.60 3.21
N VAL A 91 3.84 -3.96 4.25
CA VAL A 91 2.97 -4.66 5.21
C VAL A 91 1.68 -5.13 4.52
N ILE A 92 1.02 -4.22 3.82
CA ILE A 92 -0.21 -4.57 3.13
C ILE A 92 0.06 -5.61 2.05
N ALA A 93 1.14 -5.40 1.30
CA ALA A 93 1.50 -6.32 0.23
C ALA A 93 1.73 -7.72 0.78
N HIS A 94 2.45 -7.81 1.90
CA HIS A 94 2.73 -9.10 2.52
C HIS A 94 1.45 -9.74 3.04
N LEU A 95 0.65 -8.97 3.79
CA LEU A 95 -0.59 -9.50 4.34
C LEU A 95 -1.62 -9.70 3.21
N CYS A 96 -1.61 -8.81 2.22
CA CYS A 96 -2.54 -8.96 1.09
C CYS A 96 -2.18 -10.21 0.33
N GLU A 97 -0.88 -10.50 0.29
CA GLU A 97 -0.41 -11.69 -0.39
C GLU A 97 -0.96 -12.92 0.32
N MET A 98 -1.06 -12.84 1.64
CA MET A 98 -1.57 -13.95 2.42
C MET A 98 -3.03 -14.23 2.04
N TYR A 99 -3.80 -13.18 1.75
CA TYR A 99 -5.19 -13.38 1.33
C TYR A 99 -5.22 -14.17 0.03
N ARG A 100 -4.30 -13.83 -0.87
CA ARG A 100 -4.22 -14.51 -2.16
C ARG A 100 -3.93 -16.00 -1.95
N ARG A 101 -3.10 -16.30 -0.97
CA ARG A 101 -2.73 -17.69 -0.68
C ARG A 101 -3.83 -18.40 0.11
N SER A 102 -4.70 -17.62 0.74
CA SER A 102 -5.79 -18.19 1.53
C SER A 102 -6.91 -18.63 0.61
N ILE A 103 -6.63 -18.62 -0.69
CA ILE A 103 -7.62 -19.02 -1.69
C ILE A 103 -7.19 -20.30 -2.41
N PRO A 104 -7.72 -21.43 -2.02
CA PRO A 104 -7.38 -22.75 -2.64
C PRO A 104 -7.64 -22.75 -4.15
N ARG A 105 -7.98 -21.58 -4.69
CA ARG A 105 -8.26 -21.47 -6.11
C ARG A 105 -7.00 -21.64 -6.94
N GLU A 106 -7.13 -21.37 -8.24
CA GLU A 106 -6.01 -21.49 -9.16
C GLU A 106 -4.81 -20.69 -8.69
N VAL A 107 -3.62 -21.28 -8.83
CA VAL A 107 -2.39 -20.62 -8.42
C VAL A 107 -1.20 -21.56 -8.59
N ALA B 1 -5.05 -26.42 -18.77
CA ALA B 1 -5.12 -25.56 -19.97
C ALA B 1 -6.08 -24.40 -19.71
N MET B 2 -5.75 -23.21 -20.22
CA MET B 2 -6.61 -22.04 -20.02
C MET B 2 -7.67 -21.96 -21.11
N ALA B 3 -8.62 -21.04 -20.93
CA ALA B 3 -9.70 -20.87 -21.89
C ALA B 3 -9.38 -19.80 -22.93
N ARG B 4 -9.14 -20.24 -24.16
CA ARG B 4 -8.85 -19.34 -25.27
C ARG B 4 -7.92 -18.20 -24.85
N MET B 5 -7.39 -18.28 -23.63
CA MET B 5 -6.47 -17.26 -23.14
C MET B 5 -5.05 -17.52 -23.64
N SER B 6 -4.44 -16.50 -24.24
CA SER B 6 -3.09 -16.62 -24.75
C SER B 6 -2.10 -15.92 -23.83
N PRO B 7 -0.83 -16.17 -24.02
CA PRO B 7 0.24 -15.56 -23.21
C PRO B 7 0.41 -14.08 -23.53
N ALA B 8 0.23 -13.73 -24.80
CA ALA B 8 0.34 -12.35 -25.22
C ALA B 8 -0.77 -11.52 -24.58
N ASP B 9 -1.95 -12.13 -24.44
CA ASP B 9 -3.07 -11.44 -23.83
C ASP B 9 -2.65 -10.99 -22.43
N LYS B 10 -1.89 -11.85 -21.76
CA LYS B 10 -1.41 -11.53 -20.42
C LYS B 10 -0.56 -10.27 -20.49
N ARG B 11 0.36 -10.23 -21.46
CA ARG B 11 1.21 -9.06 -21.63
C ARG B 11 0.35 -7.86 -22.01
N LYS B 12 -0.66 -8.09 -22.84
CA LYS B 12 -1.56 -7.02 -23.23
C LYS B 12 -2.15 -6.43 -21.97
N LEU B 13 -2.55 -7.30 -21.07
CA LEU B 13 -3.09 -6.88 -19.80
C LEU B 13 -2.02 -6.07 -19.08
N LEU B 14 -0.84 -6.65 -18.92
CA LEU B 14 0.26 -5.94 -18.27
C LEU B 14 0.47 -4.61 -18.95
N ASP B 15 0.44 -4.63 -20.27
CA ASP B 15 0.61 -3.41 -21.04
C ASP B 15 -0.52 -2.43 -20.71
N GLU B 16 -1.74 -2.96 -20.62
CA GLU B 16 -2.91 -2.14 -20.31
C GLU B 16 -2.94 -1.75 -18.84
N LEU B 17 -2.63 -2.71 -17.98
CA LEU B 17 -2.63 -2.45 -16.55
C LEU B 17 -1.65 -1.33 -16.24
N ARG B 18 -0.55 -1.30 -17.00
CA ARG B 18 0.43 -0.25 -16.82
C ARG B 18 -0.19 1.10 -17.16
N SER B 19 -0.84 1.18 -18.32
CA SER B 19 -1.49 2.43 -18.72
C SER B 19 -2.70 2.70 -17.83
N ILE B 20 -3.53 1.67 -17.61
CA ILE B 20 -4.70 1.83 -16.76
C ILE B 20 -4.25 2.32 -15.38
N TYR B 21 -3.19 1.71 -14.87
CA TYR B 21 -2.65 2.12 -13.57
C TYR B 21 -2.29 3.60 -13.65
N ARG B 22 -1.56 3.93 -14.69
CA ARG B 22 -1.14 5.30 -14.93
C ARG B 22 -2.34 6.23 -14.98
N THR B 23 -3.41 5.78 -15.62
CA THR B 23 -4.62 6.58 -15.74
C THR B 23 -5.22 6.84 -14.36
N ILE B 24 -5.21 5.81 -13.51
CA ILE B 24 -5.75 5.96 -12.17
C ILE B 24 -5.07 7.12 -11.46
N VAL B 25 -3.76 7.24 -11.65
CA VAL B 25 -2.98 8.30 -11.02
C VAL B 25 -3.34 9.68 -11.56
N LEU B 26 -3.44 9.79 -12.87
CA LEU B 26 -3.78 11.07 -13.50
C LEU B 26 -5.15 11.57 -13.07
N GLU B 27 -6.09 10.66 -12.92
CA GLU B 27 -7.45 11.02 -12.56
C GLU B 27 -7.64 11.14 -11.04
N TYR B 28 -6.61 10.80 -10.28
CA TYR B 28 -6.72 10.85 -8.84
C TYR B 28 -7.16 12.24 -8.37
N PHE B 29 -6.77 13.28 -9.10
CA PHE B 29 -7.13 14.64 -8.73
C PHE B 29 -8.23 15.22 -9.62
N ASN B 30 -8.78 14.41 -10.52
CA ASN B 30 -9.82 14.89 -11.42
C ASN B 30 -11.09 15.29 -10.65
N THR B 31 -11.74 16.34 -11.13
CA THR B 31 -12.96 16.81 -10.51
C THR B 31 -14.19 16.16 -11.15
N ASP B 32 -14.02 15.62 -12.36
CA ASP B 32 -15.16 15.01 -13.06
C ASP B 32 -14.93 13.53 -13.39
N ALA B 33 -13.68 13.07 -13.37
CA ALA B 33 -13.41 11.67 -13.69
C ALA B 33 -13.65 10.77 -12.50
N LYS B 34 -14.37 9.68 -12.73
CA LYS B 34 -14.64 8.71 -11.68
C LYS B 34 -13.48 7.72 -11.61
N VAL B 35 -12.45 8.10 -10.87
CA VAL B 35 -11.26 7.26 -10.74
C VAL B 35 -11.67 5.85 -10.37
N ASN B 36 -12.74 5.73 -9.60
CA ASN B 36 -13.22 4.42 -9.19
C ASN B 36 -13.34 3.52 -10.40
N GLU B 37 -13.71 4.10 -11.53
CA GLU B 37 -13.82 3.32 -12.76
C GLU B 37 -12.43 2.82 -13.15
N ARG B 38 -11.44 3.68 -12.98
CA ARG B 38 -10.07 3.32 -13.29
C ARG B 38 -9.58 2.27 -12.31
N ILE B 39 -9.88 2.51 -11.04
CA ILE B 39 -9.49 1.58 -9.99
C ILE B 39 -10.31 0.30 -10.10
N ASP B 40 -11.59 0.46 -10.39
CA ASP B 40 -12.48 -0.70 -10.56
C ASP B 40 -12.01 -1.53 -11.74
N GLU B 41 -11.61 -0.86 -12.81
CA GLU B 41 -11.14 -1.57 -14.00
C GLU B 41 -9.87 -2.32 -13.67
N PHE B 42 -8.96 -1.63 -12.99
CA PHE B 42 -7.70 -2.22 -12.59
C PHE B 42 -7.93 -3.34 -11.57
N VAL B 43 -8.73 -3.03 -10.56
CA VAL B 43 -9.04 -4.00 -9.51
C VAL B 43 -9.57 -5.30 -10.10
N SER B 44 -10.56 -5.19 -10.97
CA SER B 44 -11.14 -6.40 -11.58
C SER B 44 -10.13 -7.12 -12.46
N LYS B 45 -9.46 -6.39 -13.33
CA LYS B 45 -8.49 -7.00 -14.23
C LYS B 45 -7.27 -7.51 -13.46
N ALA B 46 -6.79 -6.73 -12.50
CA ALA B 46 -5.63 -7.15 -11.72
C ALA B 46 -5.88 -8.50 -11.08
N PHE B 47 -7.04 -8.65 -10.45
CA PHE B 47 -7.40 -9.90 -9.82
C PHE B 47 -7.56 -11.01 -10.86
N PHE B 48 -8.43 -10.75 -11.82
CA PHE B 48 -8.71 -11.73 -12.87
C PHE B 48 -7.44 -12.16 -13.60
N ALA B 49 -6.62 -11.19 -13.99
CA ALA B 49 -5.39 -11.49 -14.72
C ALA B 49 -4.32 -12.03 -13.76
N ASP B 50 -4.74 -12.39 -12.57
CA ASP B 50 -3.80 -12.92 -11.58
C ASP B 50 -2.62 -11.97 -11.39
N ILE B 51 -2.91 -10.67 -11.39
CA ILE B 51 -1.86 -9.68 -11.20
C ILE B 51 -1.48 -9.57 -9.74
N SER B 52 -0.36 -10.15 -9.37
CA SER B 52 0.09 -10.09 -7.99
C SER B 52 0.41 -8.64 -7.66
N VAL B 53 0.41 -8.30 -6.39
CA VAL B 53 0.70 -6.94 -5.98
C VAL B 53 2.08 -6.52 -6.49
N SER B 54 2.94 -7.52 -6.67
CA SER B 54 4.32 -7.28 -7.12
C SER B 54 4.37 -6.23 -8.24
N GLN B 55 3.79 -6.53 -9.39
CA GLN B 55 3.83 -5.58 -10.49
C GLN B 55 3.23 -4.25 -10.07
N VAL B 56 2.14 -4.34 -9.33
CA VAL B 56 1.50 -3.14 -8.85
C VAL B 56 2.50 -2.35 -8.01
N LEU B 57 3.27 -3.09 -7.21
CA LEU B 57 4.30 -2.50 -6.37
C LEU B 57 5.48 -2.03 -7.22
N GLU B 58 5.97 -2.94 -8.08
CA GLU B 58 7.11 -2.63 -8.94
C GLU B 58 6.75 -1.59 -10.01
N ILE B 59 5.65 -1.82 -10.72
CA ILE B 59 5.22 -0.88 -11.75
C ILE B 59 5.09 0.51 -11.15
N HIS B 60 4.58 0.55 -9.92
CA HIS B 60 4.40 1.80 -9.22
C HIS B 60 5.71 2.58 -9.12
N VAL B 61 6.75 1.93 -8.64
CA VAL B 61 8.05 2.59 -8.49
C VAL B 61 8.52 3.22 -9.80
N GLU B 62 8.38 2.49 -10.90
CA GLU B 62 8.83 3.00 -12.19
C GLU B 62 8.14 4.30 -12.59
N LEU B 63 6.81 4.30 -12.56
CA LEU B 63 6.05 5.49 -12.94
C LEU B 63 6.33 6.67 -12.01
N MET B 64 6.41 6.42 -10.70
CA MET B 64 6.69 7.51 -9.75
C MET B 64 8.04 8.13 -10.07
N ASP B 65 9.00 7.27 -10.42
CA ASP B 65 10.32 7.73 -10.77
C ASP B 65 10.23 8.70 -11.94
N THR B 66 9.28 8.40 -12.85
CA THR B 66 9.07 9.22 -14.04
C THR B 66 8.65 10.65 -13.68
N PHE B 67 7.66 10.78 -12.80
CA PHE B 67 7.18 12.11 -12.40
C PHE B 67 8.29 12.90 -11.74
N SER B 68 9.05 12.24 -10.88
CA SER B 68 10.14 12.90 -10.18
C SER B 68 11.17 13.41 -11.19
N LYS B 69 11.41 12.62 -12.23
CA LYS B 69 12.35 13.00 -13.27
C LYS B 69 11.94 14.31 -13.93
N GLN B 70 10.67 14.39 -14.29
CA GLN B 70 10.12 15.58 -14.92
C GLN B 70 10.17 16.76 -13.94
N LEU B 71 9.95 16.46 -12.67
CA LEU B 71 9.98 17.50 -11.63
C LEU B 71 11.39 18.08 -11.51
N LYS B 72 12.40 17.22 -11.62
CA LYS B 72 13.79 17.66 -11.52
C LYS B 72 14.14 18.60 -12.67
N LEU B 73 13.71 18.24 -13.88
CA LEU B 73 13.98 19.06 -15.05
C LEU B 73 13.07 20.28 -15.11
N GLU B 74 11.77 20.05 -14.94
CA GLU B 74 10.81 21.15 -14.97
C GLU B 74 10.97 22.05 -13.74
N GLY B 75 11.38 21.47 -12.63
CA GLY B 75 11.58 22.23 -11.40
C GLY B 75 10.25 22.54 -10.73
N ARG B 76 9.44 21.49 -10.52
CA ARG B 76 8.14 21.67 -9.90
C ARG B 76 8.04 20.90 -8.59
N SER B 77 7.19 21.38 -7.68
CA SER B 77 7.01 20.73 -6.39
C SER B 77 6.89 19.22 -6.59
N GLU B 78 7.92 18.51 -6.17
CA GLU B 78 7.98 17.05 -6.32
C GLU B 78 7.18 16.35 -5.21
N ASP B 79 6.75 17.12 -4.22
CA ASP B 79 5.98 16.55 -3.11
C ASP B 79 4.68 15.92 -3.62
N ILE B 80 4.15 16.46 -4.70
CA ILE B 80 2.92 15.93 -5.29
C ILE B 80 2.99 14.41 -5.40
N LEU B 81 4.19 13.87 -5.28
CA LEU B 81 4.38 12.43 -5.36
C LEU B 81 3.53 11.72 -4.32
N LEU B 82 3.06 12.45 -3.32
CA LEU B 82 2.23 11.86 -2.28
C LEU B 82 1.03 11.16 -2.89
N ASP B 83 0.54 11.70 -4.00
CA ASP B 83 -0.62 11.12 -4.66
C ASP B 83 -0.38 9.65 -4.97
N TYR B 84 0.84 9.32 -5.38
CA TYR B 84 1.18 7.94 -5.70
C TYR B 84 1.08 7.10 -4.44
N ARG B 85 1.57 7.63 -3.32
CA ARG B 85 1.48 6.91 -2.07
C ARG B 85 0.01 6.73 -1.71
N LEU B 86 -0.77 7.77 -1.99
CA LEU B 86 -2.20 7.75 -1.73
C LEU B 86 -2.91 6.85 -2.73
N THR B 87 -2.58 7.04 -4.01
CA THR B 87 -3.19 6.25 -5.07
C THR B 87 -2.69 4.80 -5.04
N LEU B 88 -1.39 4.64 -4.82
CA LEU B 88 -0.80 3.31 -4.77
C LEU B 88 -1.41 2.49 -3.65
N ILE B 89 -1.46 3.07 -2.45
CA ILE B 89 -2.04 2.39 -1.31
C ILE B 89 -3.53 2.17 -1.54
N ASP B 90 -4.20 3.21 -2.05
CA ASP B 90 -5.62 3.11 -2.33
C ASP B 90 -5.89 2.05 -3.39
N VAL B 91 -5.01 1.98 -4.39
CA VAL B 91 -5.16 1.01 -5.47
C VAL B 91 -5.02 -0.42 -4.94
N ILE B 92 -3.95 -0.66 -4.18
CA ILE B 92 -3.73 -1.99 -3.61
C ILE B 92 -4.84 -2.34 -2.64
N ALA B 93 -5.21 -1.38 -1.80
CA ALA B 93 -6.25 -1.59 -0.81
C ALA B 93 -7.56 -1.98 -1.49
N HIS B 94 -7.90 -1.26 -2.56
CA HIS B 94 -9.14 -1.55 -3.29
C HIS B 94 -9.07 -2.91 -3.98
N LEU B 95 -7.97 -3.17 -4.68
CA LEU B 95 -7.82 -4.44 -5.37
C LEU B 95 -7.59 -5.56 -4.36
N CYS B 96 -6.87 -5.24 -3.29
CA CYS B 96 -6.62 -6.21 -2.24
C CYS B 96 -7.95 -6.60 -1.60
N GLU B 97 -8.82 -5.61 -1.47
CA GLU B 97 -10.14 -5.82 -0.91
C GLU B 97 -10.91 -6.79 -1.78
N MET B 98 -10.71 -6.69 -3.09
CA MET B 98 -11.41 -7.57 -4.01
C MET B 98 -11.00 -9.03 -3.76
N TYR B 99 -9.73 -9.25 -3.43
CA TYR B 99 -9.28 -10.61 -3.12
C TYR B 99 -10.04 -11.13 -1.91
N ARG B 100 -10.23 -10.27 -0.92
CA ARG B 100 -10.96 -10.65 0.29
C ARG B 100 -12.39 -11.06 -0.05
N ARG B 101 -12.99 -10.37 -1.01
CA ARG B 101 -14.35 -10.66 -1.42
C ARG B 101 -14.41 -11.86 -2.35
N SER B 102 -13.28 -12.20 -2.95
CA SER B 102 -13.22 -13.33 -3.86
C SER B 102 -13.15 -14.63 -3.08
N ILE B 103 -13.35 -14.51 -1.77
CA ILE B 103 -13.30 -15.67 -0.89
C ILE B 103 -14.68 -15.95 -0.28
N PRO B 104 -15.40 -16.91 -0.83
CA PRO B 104 -16.76 -17.28 -0.32
C PRO B 104 -16.74 -17.68 1.15
N ARG B 105 -15.60 -17.51 1.79
CA ARG B 105 -15.45 -17.86 3.19
C ARG B 105 -16.24 -16.91 4.08
N GLU B 106 -16.03 -17.05 5.39
CA GLU B 106 -16.72 -16.22 6.37
C GLU B 106 -16.55 -14.74 6.06
N VAL B 107 -17.62 -13.98 6.22
CA VAL B 107 -17.59 -12.54 5.96
C VAL B 107 -18.99 -11.95 6.12
N ALA C 1 12.65 2.16 -21.38
CA ALA C 1 11.34 1.91 -20.71
C ALA C 1 10.20 2.24 -21.66
N MET C 2 9.31 3.13 -21.22
CA MET C 2 8.18 3.52 -22.05
C MET C 2 8.52 4.77 -22.86
N ALA C 3 8.27 4.70 -24.16
CA ALA C 3 8.56 5.83 -25.04
C ALA C 3 7.46 6.88 -24.92
N GLY C 4 6.41 6.55 -24.18
CA GLY C 4 5.30 7.49 -23.98
C GLY C 4 5.69 8.56 -22.97
N ILE C 5 4.83 9.55 -22.78
CA ILE C 5 5.12 10.63 -21.85
C ILE C 5 4.13 10.67 -20.69
N ILE C 6 4.66 10.78 -19.48
CA ILE C 6 3.83 10.85 -18.28
C ILE C 6 4.04 12.19 -17.59
N SER C 7 3.06 13.08 -17.70
CA SER C 7 3.18 14.40 -17.08
C SER C 7 2.33 14.51 -15.82
N GLY C 8 1.01 14.51 -16.00
CA GLY C 8 0.10 14.61 -14.86
C GLY C 8 -0.14 16.07 -14.49
N THR C 9 -0.49 16.31 -13.24
CA THR C 9 -0.75 17.67 -12.78
C THR C 9 0.19 18.03 -11.63
N PRO C 10 1.46 17.77 -11.81
CA PRO C 10 2.50 18.07 -10.80
C PRO C 10 2.22 19.36 -10.02
N THR C 11 2.91 19.51 -8.89
CA THR C 11 2.74 20.70 -8.05
C THR C 11 1.34 21.30 -8.23
N ARG C 12 0.46 21.03 -7.27
CA ARG C 12 -0.91 21.56 -7.34
C ARG C 12 -1.58 21.53 -5.97
N ILE C 13 -1.40 20.43 -5.25
CA ILE C 13 -2.01 20.27 -3.93
C ILE C 13 -0.98 20.51 -2.84
N SER C 14 -1.32 21.35 -1.87
CA SER C 14 -0.40 21.62 -0.77
C SER C 14 -0.33 20.40 0.13
N VAL C 15 0.87 19.97 0.46
CA VAL C 15 1.04 18.79 1.29
C VAL C 15 1.94 19.07 2.49
N ASP C 16 1.65 18.41 3.62
CA ASP C 16 2.42 18.60 4.84
C ASP C 16 3.37 17.44 5.07
N GLU C 17 3.95 17.38 6.27
CA GLU C 17 4.87 16.29 6.60
C GLU C 17 4.15 14.96 6.44
N LYS C 18 2.89 14.93 6.86
CA LYS C 18 2.09 13.73 6.72
C LYS C 18 1.61 13.61 5.28
N THR C 19 1.78 14.71 4.55
CA THR C 19 1.40 14.75 3.14
C THR C 19 0.29 13.74 2.85
N GLU C 20 -0.73 13.76 3.71
CA GLU C 20 -1.87 12.86 3.56
C GLU C 20 -1.43 11.41 3.36
N LEU C 21 -2.30 10.48 3.73
CA LEU C 21 -2.01 9.06 3.59
C LEU C 21 -3.25 8.26 3.97
N ALA C 22 -3.56 7.23 3.19
CA ALA C 22 -4.75 6.42 3.45
C ALA C 22 -5.88 7.32 3.92
N ARG C 23 -5.99 7.50 5.23
CA ARG C 23 -7.03 8.36 5.82
C ARG C 23 -8.42 7.88 5.42
N ILE C 24 -8.53 7.31 4.22
CA ILE C 24 -9.80 6.82 3.73
C ILE C 24 -10.00 5.37 4.17
N ALA C 25 -10.97 5.15 5.06
CA ALA C 25 -11.25 3.80 5.53
C ALA C 25 -11.60 2.93 4.35
N LYS C 26 -11.94 3.56 3.23
CA LYS C 26 -12.28 2.83 2.02
C LYS C 26 -13.56 2.03 2.23
N GLY C 27 -14.49 2.60 3.00
CA GLY C 27 -15.76 1.94 3.28
C GLY C 27 -15.52 0.72 4.15
N MET C 28 -14.25 0.40 4.34
CA MET C 28 -13.86 -0.75 5.15
C MET C 28 -13.67 -0.34 6.61
N GLN C 29 -13.52 -1.34 7.48
CA GLN C 29 -13.34 -1.12 8.91
C GLN C 29 -14.63 -1.44 9.66
N ASP C 30 -15.70 -1.59 8.89
CA ASP C 30 -17.00 -1.90 9.48
C ASP C 30 -17.29 -3.40 9.41
N LEU C 31 -16.22 -4.19 9.30
CA LEU C 31 -16.36 -5.64 9.22
C LEU C 31 -17.01 -6.21 10.48
N GLU C 32 -16.83 -5.53 11.60
CA GLU C 32 -17.41 -5.99 12.87
C GLU C 32 -17.32 -4.89 13.91
N SER C 33 -16.24 -4.11 13.85
CA SER C 33 -16.04 -3.01 14.78
C SER C 33 -16.70 -1.74 14.24
N GLU C 34 -17.02 -0.82 15.13
CA GLU C 34 -17.65 0.44 14.72
C GLU C 34 -16.81 1.63 15.15
N ALA D 1 -5.45 9.91 22.22
CA ALA D 1 -5.02 8.71 21.44
C ALA D 1 -4.26 7.77 22.36
N MET D 2 -3.04 7.42 21.96
CA MET D 2 -2.21 6.51 22.74
C MET D 2 -1.33 7.30 23.72
N ALA D 3 -1.37 6.91 24.98
CA ALA D 3 -0.56 7.59 25.99
C ALA D 3 0.88 7.12 25.93
N GLY D 4 1.13 6.11 25.08
CA GLY D 4 2.49 5.58 24.92
C GLY D 4 3.32 6.53 24.07
N ILE D 5 4.61 6.23 23.94
CA ILE D 5 5.49 7.09 23.15
C ILE D 5 6.07 6.35 21.95
N ILE D 6 6.00 7.00 20.79
CA ILE D 6 6.54 6.43 19.56
C ILE D 6 7.67 7.30 19.03
N SER D 7 8.91 6.83 19.17
CA SER D 7 10.05 7.61 18.72
C SER D 7 10.63 7.03 17.42
N GLY D 8 11.24 5.85 17.52
CA GLY D 8 11.82 5.22 16.35
C GLY D 8 13.25 5.72 16.13
N THR D 9 13.71 5.64 14.89
CA THR D 9 15.06 6.09 14.57
C THR D 9 15.02 7.21 13.53
N PRO D 10 14.20 8.19 13.76
CA PRO D 10 14.04 9.36 12.86
C PRO D 10 15.36 9.78 12.20
N THR D 11 15.26 10.57 11.14
CA THR D 11 16.44 11.05 10.42
C THR D 11 17.61 10.08 10.59
N ARG D 12 17.85 9.27 9.55
CA ARG D 12 18.95 8.31 9.59
C ARG D 12 19.34 7.84 8.18
N ILE D 13 18.33 7.58 7.36
CA ILE D 13 18.56 7.11 6.00
C ILE D 13 18.36 8.25 5.01
N SER D 14 19.33 8.43 4.11
CA SER D 14 19.23 9.48 3.12
C SER D 14 18.18 9.07 2.09
N VAL D 15 17.25 9.99 1.78
CA VAL D 15 16.20 9.67 0.84
C VAL D 15 16.10 10.72 -0.26
N ASP D 16 15.75 10.28 -1.47
CA ASP D 16 15.63 11.17 -2.62
C ASP D 16 14.18 11.51 -2.91
N GLU D 17 13.94 12.12 -4.07
CA GLU D 17 12.58 12.48 -4.46
C GLU D 17 11.72 11.22 -4.49
N LYS D 18 12.31 10.14 -4.99
CA LYS D 18 11.62 8.86 -5.04
C LYS D 18 11.64 8.23 -3.65
N THR D 19 12.47 8.81 -2.79
CA THR D 19 12.60 8.33 -1.41
C THR D 19 12.19 6.86 -1.31
N GLU D 20 12.75 6.06 -2.22
CA GLU D 20 12.48 4.63 -2.24
C GLU D 20 10.98 4.34 -2.17
N LEU D 21 10.59 3.18 -2.69
CA LEU D 21 9.19 2.78 -2.70
C LEU D 21 9.09 1.36 -3.24
N ALA D 22 8.27 0.52 -2.60
CA ALA D 22 8.13 -0.86 -3.03
C ALA D 22 9.48 -1.41 -3.45
N ARG D 23 9.79 -1.27 -4.74
CA ARG D 23 11.06 -1.75 -5.30
C ARG D 23 11.26 -3.23 -5.03
N ILE D 24 10.72 -3.71 -3.92
CA ILE D 24 10.85 -5.11 -3.56
C ILE D 24 9.70 -5.91 -4.18
N ALA D 25 10.03 -6.78 -5.13
CA ALA D 25 8.99 -7.58 -5.78
C ALA D 25 8.30 -8.42 -4.72
N LYS D 26 8.94 -8.55 -3.57
CA LYS D 26 8.37 -9.31 -2.47
C LYS D 26 8.28 -10.79 -2.84
N GLY D 27 9.26 -11.26 -3.60
CA GLY D 27 9.28 -12.65 -4.03
C GLY D 27 8.15 -12.91 -5.02
N MET D 28 7.29 -11.91 -5.16
CA MET D 28 6.15 -12.01 -6.07
C MET D 28 6.53 -11.51 -7.46
N GLN D 29 5.64 -11.74 -8.42
CA GLN D 29 5.86 -11.31 -9.81
C GLN D 29 6.23 -12.52 -10.66
N ASP D 30 6.53 -13.63 -9.99
CA ASP D 30 6.92 -14.86 -10.67
C ASP D 30 5.72 -15.80 -10.80
N LEU D 31 4.51 -15.22 -10.71
CA LEU D 31 3.29 -16.02 -10.80
C LEU D 31 3.18 -16.73 -12.15
N GLU D 32 3.77 -16.13 -13.18
CA GLU D 32 3.72 -16.72 -14.51
C GLU D 32 4.73 -16.03 -15.42
N SER D 33 4.91 -14.73 -15.21
CA SER D 33 5.86 -13.95 -16.00
C SER D 33 7.24 -14.01 -15.37
N GLU D 34 8.27 -13.77 -16.17
CA GLU D 34 9.64 -13.80 -15.66
C GLU D 34 10.32 -12.46 -15.91
N ALA A 1 -25.05 -15.11 17.79
CA ALA A 1 -24.35 -14.64 19.02
C ALA A 1 -23.17 -15.57 19.31
N MET A 2 -22.06 -14.98 19.74
CA MET A 2 -20.86 -15.75 20.05
C MET A 2 -20.99 -16.45 21.40
N ALA A 3 -20.00 -17.29 21.72
CA ALA A 3 -20.01 -18.02 22.99
C ALA A 3 -19.29 -17.25 24.09
N ARG A 4 -20.06 -16.73 25.03
CA ARG A 4 -19.50 -15.98 26.16
C ARG A 4 -18.32 -15.12 25.73
N MET A 5 -18.16 -14.94 24.43
CA MET A 5 -17.06 -14.13 23.92
C MET A 5 -17.47 -12.67 23.76
N SER A 6 -16.60 -11.76 24.18
CA SER A 6 -16.88 -10.34 24.07
C SER A 6 -16.09 -9.71 22.93
N PRO A 7 -16.46 -8.53 22.53
CA PRO A 7 -15.77 -7.80 21.42
C PRO A 7 -14.41 -7.25 21.84
N ALA A 8 -14.14 -7.29 23.15
CA ALA A 8 -12.88 -6.78 23.67
C ALA A 8 -11.69 -7.53 23.06
N ASP A 9 -11.86 -8.83 22.86
CA ASP A 9 -10.77 -9.64 22.28
C ASP A 9 -10.37 -9.04 20.93
N LYS A 10 -11.36 -8.63 20.16
CA LYS A 10 -11.09 -8.04 18.86
C LYS A 10 -10.26 -6.77 19.05
N ARG A 11 -10.68 -5.93 20.00
CA ARG A 11 -9.94 -4.72 20.29
C ARG A 11 -8.55 -5.07 20.79
N LYS A 12 -8.47 -6.14 21.58
CA LYS A 12 -7.19 -6.58 22.08
C LYS A 12 -6.27 -6.82 20.90
N LEU A 13 -6.79 -7.53 19.92
CA LEU A 13 -6.03 -7.79 18.70
C LEU A 13 -5.57 -6.47 18.13
N LEU A 14 -6.53 -5.60 17.83
CA LEU A 14 -6.21 -4.29 17.29
C LEU A 14 -5.19 -3.60 18.18
N ASP A 15 -5.41 -3.67 19.48
CA ASP A 15 -4.48 -3.07 20.41
C ASP A 15 -3.09 -3.65 20.16
N GLU A 16 -3.06 -4.97 19.94
CA GLU A 16 -1.82 -5.66 19.67
C GLU A 16 -1.33 -5.37 18.26
N LEU A 17 -2.25 -5.34 17.30
CA LEU A 17 -1.88 -5.05 15.92
C LEU A 17 -1.21 -3.69 15.84
N ARG A 18 -1.75 -2.75 16.62
CA ARG A 18 -1.19 -1.41 16.65
C ARG A 18 0.24 -1.44 17.13
N SER A 19 0.48 -2.14 18.23
CA SER A 19 1.83 -2.25 18.78
C SER A 19 2.70 -3.09 17.83
N ILE A 20 2.15 -4.19 17.33
CA ILE A 20 2.89 -5.05 16.42
C ILE A 20 3.27 -4.30 15.14
N TYR A 21 2.30 -3.62 14.53
CA TYR A 21 2.62 -2.87 13.33
C TYR A 21 3.74 -1.89 13.65
N ARG A 22 3.54 -1.22 14.77
CA ARG A 22 4.52 -0.25 15.26
C ARG A 22 5.89 -0.91 15.43
N THR A 23 5.90 -2.11 15.98
CA THR A 23 7.15 -2.83 16.19
C THR A 23 7.86 -3.07 14.85
N ILE A 24 7.08 -3.41 13.83
CA ILE A 24 7.65 -3.66 12.52
C ILE A 24 8.47 -2.46 12.06
N VAL A 25 7.88 -1.28 12.22
CA VAL A 25 8.52 -0.03 11.81
C VAL A 25 9.84 0.22 12.53
N LEU A 26 9.84 0.04 13.84
CA LEU A 26 11.04 0.27 14.65
C LEU A 26 12.18 -0.65 14.23
N GLU A 27 11.85 -1.90 13.92
CA GLU A 27 12.86 -2.88 13.55
C GLU A 27 13.14 -2.86 12.05
N TYR A 28 12.37 -2.06 11.31
CA TYR A 28 12.56 -1.98 9.86
C TYR A 28 14.02 -1.66 9.53
N PHE A 29 14.66 -0.87 10.38
CA PHE A 29 16.05 -0.48 10.17
C PHE A 29 16.97 -1.22 11.13
N ASN A 30 16.53 -2.37 11.62
CA ASN A 30 17.33 -3.15 12.55
C ASN A 30 18.60 -3.67 11.88
N THR A 31 19.62 -3.95 12.69
CA THR A 31 20.87 -4.45 12.17
C THR A 31 20.89 -5.98 12.18
N ASP A 32 20.08 -6.59 13.05
CA ASP A 32 20.06 -8.05 13.13
C ASP A 32 18.64 -8.58 13.35
N ALA A 33 17.71 -7.72 13.76
CA ALA A 33 16.34 -8.15 14.01
C ALA A 33 15.70 -8.70 12.75
N LYS A 34 14.87 -9.72 12.91
CA LYS A 34 14.18 -10.31 11.78
C LYS A 34 12.80 -9.67 11.64
N VAL A 35 12.78 -8.50 11.02
CA VAL A 35 11.54 -7.75 10.83
C VAL A 35 10.44 -8.68 10.35
N ASN A 36 10.82 -9.65 9.54
CA ASN A 36 9.87 -10.59 8.98
C ASN A 36 8.99 -11.16 10.09
N GLU A 37 9.58 -11.36 11.27
CA GLU A 37 8.82 -11.87 12.40
C GLU A 37 7.72 -10.89 12.79
N ARG A 38 8.05 -9.60 12.72
CA ARG A 38 7.08 -8.56 13.05
C ARG A 38 5.99 -8.50 11.99
N ILE A 39 6.42 -8.58 10.73
CA ILE A 39 5.49 -8.54 9.61
C ILE A 39 4.67 -9.83 9.57
N ASP A 40 5.33 -10.94 9.83
CA ASP A 40 4.66 -12.23 9.83
C ASP A 40 3.62 -12.28 10.96
N GLU A 41 3.96 -11.69 12.10
CA GLU A 41 3.05 -11.68 13.24
C GLU A 41 1.81 -10.85 12.90
N PHE A 42 2.03 -9.65 12.39
CA PHE A 42 0.93 -8.77 12.02
C PHE A 42 0.14 -9.40 10.87
N VAL A 43 0.87 -9.86 9.86
CA VAL A 43 0.26 -10.49 8.69
C VAL A 43 -0.62 -11.68 9.10
N SER A 44 -0.09 -12.53 9.97
CA SER A 44 -0.82 -13.72 10.40
C SER A 44 -2.11 -13.35 11.11
N LYS A 45 -2.03 -12.40 12.04
CA LYS A 45 -3.21 -11.97 12.79
C LYS A 45 -4.24 -11.31 11.88
N ALA A 46 -3.77 -10.49 10.96
CA ALA A 46 -4.66 -9.79 10.05
C ALA A 46 -5.54 -10.77 9.29
N PHE A 47 -4.93 -11.84 8.80
CA PHE A 47 -5.67 -12.85 8.05
C PHE A 47 -6.63 -13.60 8.98
N PHE A 48 -6.07 -14.11 10.07
CA PHE A 48 -6.84 -14.86 11.07
C PHE A 48 -7.98 -14.03 11.63
N ALA A 49 -7.68 -12.77 11.99
CA ALA A 49 -8.69 -11.89 12.55
C ALA A 49 -9.56 -11.30 11.44
N ASP A 50 -9.31 -11.72 10.21
CA ASP A 50 -10.08 -11.21 9.09
C ASP A 50 -10.12 -9.70 9.13
N ILE A 51 -8.98 -9.09 9.45
CA ILE A 51 -8.89 -7.63 9.54
C ILE A 51 -8.79 -7.03 8.15
N SER A 52 -9.71 -6.13 7.84
CA SER A 52 -9.68 -5.46 6.55
C SER A 52 -8.45 -4.58 6.47
N VAL A 53 -7.98 -4.32 5.27
CA VAL A 53 -6.80 -3.50 5.10
C VAL A 53 -7.04 -2.13 5.71
N SER A 54 -8.33 -1.78 5.85
CA SER A 54 -8.73 -0.49 6.40
C SER A 54 -7.89 -0.09 7.61
N GLN A 55 -7.98 -0.85 8.70
CA GLN A 55 -7.23 -0.52 9.89
C GLN A 55 -5.75 -0.41 9.58
N VAL A 56 -5.26 -1.33 8.77
CA VAL A 56 -3.87 -1.30 8.39
C VAL A 56 -3.57 0.06 7.76
N LEU A 57 -4.51 0.49 6.92
CA LEU A 57 -4.40 1.77 6.24
C LEU A 57 -4.65 2.93 7.21
N GLU A 58 -5.77 2.85 7.93
CA GLU A 58 -6.13 3.92 8.87
C GLU A 58 -5.18 3.96 10.06
N ILE A 59 -4.89 2.80 10.64
CA ILE A 59 -3.98 2.75 11.78
C ILE A 59 -2.63 3.34 11.38
N HIS A 60 -2.23 3.07 10.13
CA HIS A 60 -0.97 3.58 9.61
C HIS A 60 -0.91 5.10 9.65
N VAL A 61 -1.92 5.76 9.10
CA VAL A 61 -1.93 7.22 9.06
C VAL A 61 -1.77 7.80 10.46
N GLU A 62 -2.50 7.24 11.42
CA GLU A 62 -2.41 7.73 12.79
C GLU A 62 -0.97 7.69 13.28
N LEU A 63 -0.30 6.58 12.99
CA LEU A 63 1.09 6.41 13.38
C LEU A 63 1.97 7.41 12.64
N MET A 64 1.67 7.65 11.37
CA MET A 64 2.47 8.60 10.59
C MET A 64 2.36 9.97 11.25
N ASP A 65 1.17 10.28 11.75
CA ASP A 65 0.94 11.54 12.43
C ASP A 65 1.85 11.62 13.65
N THR A 66 2.05 10.47 14.29
CA THR A 66 2.89 10.39 15.48
C THR A 66 4.33 10.81 15.16
N PHE A 67 4.88 10.28 14.07
CA PHE A 67 6.25 10.63 13.68
C PHE A 67 6.34 12.06 13.17
N SER A 68 5.39 12.44 12.32
CA SER A 68 5.38 13.79 11.76
C SER A 68 5.34 14.82 12.87
N LYS A 69 4.35 14.71 13.73
CA LYS A 69 4.21 15.63 14.85
C LYS A 69 5.44 15.54 15.75
N GLN A 70 5.91 14.32 15.96
CA GLN A 70 7.08 14.09 16.80
C GLN A 70 8.31 14.75 16.19
N LEU A 71 8.46 14.61 14.88
CA LEU A 71 9.61 15.18 14.17
C LEU A 71 9.61 16.71 14.24
N LYS A 72 8.44 17.31 14.07
CA LYS A 72 8.35 18.77 14.12
C LYS A 72 8.74 19.32 15.48
N LEU A 73 8.29 18.65 16.55
CA LEU A 73 8.61 19.09 17.89
C LEU A 73 10.09 18.88 18.21
N GLU A 74 10.63 17.76 17.75
CA GLU A 74 12.04 17.45 18.00
C GLU A 74 12.94 18.15 16.99
N GLY A 75 12.33 18.78 15.99
CA GLY A 75 13.10 19.49 14.97
C GLY A 75 13.96 18.50 14.19
N ARG A 76 13.32 17.53 13.56
CA ARG A 76 14.04 16.52 12.79
C ARG A 76 13.69 16.61 11.32
N SER A 77 14.61 16.17 10.47
CA SER A 77 14.39 16.22 9.04
C SER A 77 12.95 15.84 8.72
N GLU A 78 12.54 14.65 9.17
CA GLU A 78 11.17 14.16 8.95
C GLU A 78 11.08 13.38 7.64
N ASP A 79 12.03 13.61 6.75
CA ASP A 79 12.02 12.91 5.46
C ASP A 79 11.99 11.40 5.70
N ILE A 80 12.49 10.99 6.86
CA ILE A 80 12.52 9.58 7.23
C ILE A 80 11.14 8.94 7.13
N LEU A 81 10.10 9.76 7.05
CA LEU A 81 8.73 9.23 6.95
C LEU A 81 8.64 8.24 5.79
N LEU A 82 9.55 8.34 4.84
CA LEU A 82 9.55 7.44 3.68
C LEU A 82 9.53 5.99 4.13
N ASP A 83 10.25 5.70 5.22
CA ASP A 83 10.34 4.34 5.73
C ASP A 83 8.98 3.74 6.04
N TYR A 84 8.11 4.54 6.63
CA TYR A 84 6.78 4.05 6.99
C TYR A 84 6.00 3.67 5.74
N ARG A 85 6.13 4.48 4.69
CA ARG A 85 5.45 4.17 3.44
C ARG A 85 5.93 2.82 2.94
N LEU A 86 7.22 2.56 3.12
CA LEU A 86 7.81 1.30 2.71
C LEU A 86 7.29 0.17 3.61
N THR A 87 7.21 0.47 4.91
CA THR A 87 6.74 -0.49 5.89
C THR A 87 5.25 -0.76 5.73
N LEU A 88 4.48 0.29 5.45
CA LEU A 88 3.03 0.16 5.31
C LEU A 88 2.67 -0.58 4.02
N ILE A 89 3.25 -0.15 2.91
CA ILE A 89 2.97 -0.79 1.63
C ILE A 89 3.42 -2.24 1.62
N ASP A 90 4.63 -2.49 2.11
CA ASP A 90 5.16 -3.84 2.13
C ASP A 90 4.36 -4.74 3.08
N VAL A 91 3.88 -4.18 4.18
CA VAL A 91 3.09 -4.95 5.13
C VAL A 91 1.78 -5.39 4.51
N ILE A 92 1.09 -4.44 3.88
CA ILE A 92 -0.18 -4.73 3.23
C ILE A 92 0.00 -5.77 2.14
N ALA A 93 1.06 -5.59 1.36
CA ALA A 93 1.35 -6.50 0.25
C ALA A 93 1.60 -7.91 0.76
N HIS A 94 2.41 -8.03 1.81
CA HIS A 94 2.72 -9.34 2.36
C HIS A 94 1.45 -10.02 2.86
N LEU A 95 0.66 -9.30 3.64
CA LEU A 95 -0.58 -9.85 4.16
C LEU A 95 -1.57 -10.03 3.01
N CYS A 96 -1.51 -9.13 2.03
CA CYS A 96 -2.39 -9.25 0.87
C CYS A 96 -1.99 -10.48 0.05
N GLU A 97 -0.69 -10.76 0.06
CA GLU A 97 -0.16 -11.89 -0.68
C GLU A 97 -0.77 -13.20 -0.19
N MET A 98 -0.88 -13.36 1.13
CA MET A 98 -1.47 -14.59 1.66
C MET A 98 -2.95 -14.68 1.28
N TYR A 99 -3.67 -13.54 1.33
CA TYR A 99 -5.08 -13.57 0.94
C TYR A 99 -5.19 -14.12 -0.48
N ARG A 100 -4.28 -13.69 -1.35
CA ARG A 100 -4.27 -14.15 -2.73
C ARG A 100 -4.07 -15.67 -2.78
N ARG A 101 -3.15 -16.14 -1.95
CA ARG A 101 -2.85 -17.57 -1.88
C ARG A 101 -3.95 -18.35 -1.17
N SER A 102 -4.70 -17.65 -0.32
CA SER A 102 -5.79 -18.30 0.42
C SER A 102 -6.96 -18.55 -0.50
N ILE A 103 -6.76 -18.26 -1.78
CA ILE A 103 -7.82 -18.46 -2.77
C ILE A 103 -7.39 -19.54 -3.76
N PRO A 104 -7.95 -20.72 -3.67
CA PRO A 104 -7.59 -21.84 -4.59
C PRO A 104 -8.24 -21.70 -5.96
N ARG A 105 -7.56 -20.98 -6.85
CA ARG A 105 -8.05 -20.77 -8.21
C ARG A 105 -6.99 -21.17 -9.22
N GLU A 106 -7.41 -21.48 -10.44
CA GLU A 106 -6.46 -21.87 -11.47
C GLU A 106 -5.41 -20.78 -11.62
N VAL A 107 -4.17 -21.18 -11.89
CA VAL A 107 -3.08 -20.22 -12.03
C VAL A 107 -3.17 -19.14 -10.95
N ALA B 1 -0.42 -27.13 -20.86
CA ALA B 1 -0.25 -26.17 -21.99
C ALA B 1 -1.59 -25.52 -22.30
N MET B 2 -1.57 -24.23 -22.60
CA MET B 2 -2.80 -23.49 -22.91
C MET B 2 -3.26 -23.78 -24.33
N ALA B 3 -4.43 -23.26 -24.68
CA ALA B 3 -4.99 -23.48 -26.01
C ALA B 3 -4.58 -22.37 -26.98
N ARG B 4 -3.69 -22.71 -27.91
CA ARG B 4 -3.22 -21.75 -28.91
C ARG B 4 -3.05 -20.36 -28.31
N MET B 5 -3.04 -20.27 -27.00
CA MET B 5 -2.89 -18.99 -26.33
C MET B 5 -1.41 -18.69 -26.04
N SER B 6 -1.00 -17.46 -26.30
CA SER B 6 0.38 -17.06 -26.06
C SER B 6 0.48 -16.20 -24.81
N PRO B 7 1.67 -16.02 -24.32
CA PRO B 7 1.92 -15.20 -23.09
C PRO B 7 1.79 -13.71 -23.36
N ALA B 8 1.73 -13.34 -24.65
CA ALA B 8 1.62 -11.94 -25.02
C ALA B 8 0.36 -11.32 -24.42
N ASP B 9 -0.73 -12.08 -24.38
CA ASP B 9 -1.98 -11.56 -23.82
C ASP B 9 -1.74 -11.07 -22.39
N LYS B 10 -0.96 -11.84 -21.64
CA LYS B 10 -0.65 -11.46 -20.28
C LYS B 10 0.09 -10.13 -20.28
N ARG B 11 1.08 -10.01 -21.16
CA ARG B 11 1.83 -8.77 -21.26
C ARG B 11 0.91 -7.65 -21.71
N LYS B 12 -0.01 -7.98 -22.60
CA LYS B 12 -0.98 -6.99 -23.07
C LYS B 12 -1.70 -6.44 -21.87
N LEU B 13 -2.16 -7.32 -21.00
CA LEU B 13 -2.81 -6.91 -19.77
C LEU B 13 -1.90 -5.95 -19.03
N LEU B 14 -0.70 -6.42 -18.71
CA LEU B 14 0.26 -5.60 -18.00
C LEU B 14 0.45 -4.29 -18.74
N ASP B 15 0.58 -4.38 -20.05
CA ASP B 15 0.73 -3.18 -20.86
C ASP B 15 -0.45 -2.26 -20.59
N GLU B 16 -1.63 -2.85 -20.52
CA GLU B 16 -2.85 -2.10 -20.24
C GLU B 16 -2.90 -1.69 -18.77
N LEU B 17 -2.51 -2.60 -17.87
CA LEU B 17 -2.53 -2.28 -16.45
C LEU B 17 -1.64 -1.07 -16.20
N ARG B 18 -0.51 -1.03 -16.89
CA ARG B 18 0.42 0.07 -16.74
C ARG B 18 -0.26 1.39 -17.13
N SER B 19 -0.91 1.39 -18.29
CA SER B 19 -1.61 2.58 -18.75
C SER B 19 -2.82 2.87 -17.86
N ILE B 20 -3.56 1.81 -17.51
CA ILE B 20 -4.72 1.98 -16.65
C ILE B 20 -4.32 2.52 -15.28
N TYR B 21 -3.32 1.91 -14.66
CA TYR B 21 -2.87 2.42 -13.37
C TYR B 21 -2.53 3.88 -13.51
N ARG B 22 -1.77 4.14 -14.55
CA ARG B 22 -1.35 5.49 -14.88
C ARG B 22 -2.54 6.42 -15.03
N THR B 23 -3.58 5.94 -15.71
CA THR B 23 -4.78 6.73 -15.91
C THR B 23 -5.42 7.10 -14.58
N ILE B 24 -5.41 6.16 -13.65
CA ILE B 24 -5.99 6.39 -12.33
C ILE B 24 -5.35 7.62 -11.70
N VAL B 25 -4.02 7.67 -11.77
CA VAL B 25 -3.24 8.76 -11.18
C VAL B 25 -3.59 10.12 -11.79
N LEU B 26 -3.66 10.17 -13.11
CA LEU B 26 -3.97 11.42 -13.80
C LEU B 26 -5.35 11.96 -13.42
N GLU B 27 -6.31 11.07 -13.27
CA GLU B 27 -7.67 11.46 -12.93
C GLU B 27 -7.89 11.55 -11.43
N TYR B 28 -6.87 11.17 -10.65
CA TYR B 28 -6.99 11.22 -9.21
C TYR B 28 -7.41 12.62 -8.75
N PHE B 29 -6.95 13.63 -9.47
CA PHE B 29 -7.28 15.01 -9.14
C PHE B 29 -8.30 15.60 -10.10
N ASN B 30 -9.06 14.72 -10.75
CA ASN B 30 -10.08 15.17 -11.70
C ASN B 30 -11.17 15.97 -11.01
N THR B 31 -11.84 16.83 -11.78
CA THR B 31 -12.91 17.66 -11.24
C THR B 31 -14.25 16.97 -11.41
N ASP B 32 -14.36 16.07 -12.39
CA ASP B 32 -15.62 15.38 -12.63
C ASP B 32 -15.42 13.91 -13.00
N ALA B 33 -14.19 13.53 -13.37
CA ALA B 33 -13.92 12.15 -13.74
C ALA B 33 -14.18 11.19 -12.60
N LYS B 34 -14.68 10.01 -12.93
CA LYS B 34 -14.95 9.01 -11.92
C LYS B 34 -13.75 8.08 -11.79
N VAL B 35 -12.75 8.54 -11.05
CA VAL B 35 -11.53 7.76 -10.86
C VAL B 35 -11.86 6.31 -10.55
N ASN B 36 -12.95 6.12 -9.82
CA ASN B 36 -13.38 4.79 -9.43
C ASN B 36 -13.39 3.87 -10.65
N GLU B 37 -13.75 4.42 -11.81
CA GLU B 37 -13.78 3.64 -13.03
C GLU B 37 -12.37 3.16 -13.37
N ARG B 38 -11.39 4.04 -13.15
CA ARG B 38 -10.00 3.70 -13.42
C ARG B 38 -9.52 2.64 -12.43
N ILE B 39 -9.86 2.86 -11.17
CA ILE B 39 -9.46 1.93 -10.12
C ILE B 39 -10.22 0.63 -10.26
N ASP B 40 -11.50 0.72 -10.60
CA ASP B 40 -12.31 -0.48 -10.79
C ASP B 40 -11.80 -1.29 -11.97
N GLU B 41 -11.36 -0.59 -13.02
CA GLU B 41 -10.85 -1.27 -14.21
C GLU B 41 -9.56 -2.02 -13.87
N PHE B 42 -8.64 -1.32 -13.20
CA PHE B 42 -7.38 -1.93 -12.81
C PHE B 42 -7.64 -3.04 -11.79
N VAL B 43 -8.45 -2.71 -10.80
CA VAL B 43 -8.80 -3.66 -9.75
C VAL B 43 -9.42 -4.94 -10.32
N SER B 44 -10.36 -4.77 -11.25
CA SER B 44 -11.03 -5.93 -11.85
C SER B 44 -10.05 -6.82 -12.60
N LYS B 45 -9.19 -6.21 -13.41
CA LYS B 45 -8.22 -6.97 -14.18
C LYS B 45 -7.20 -7.67 -13.28
N ALA B 46 -6.76 -6.97 -12.24
CA ALA B 46 -5.78 -7.54 -11.32
C ALA B 46 -6.30 -8.85 -10.73
N PHE B 47 -7.56 -8.84 -10.31
CA PHE B 47 -8.15 -10.05 -9.73
C PHE B 47 -8.29 -11.14 -10.81
N PHE B 48 -8.93 -10.76 -11.90
CA PHE B 48 -9.17 -11.68 -13.01
C PHE B 48 -7.86 -12.24 -13.56
N ALA B 49 -6.88 -11.37 -13.75
CA ALA B 49 -5.59 -11.79 -14.28
C ALA B 49 -4.73 -12.41 -13.18
N ASP B 50 -5.30 -12.50 -11.99
CA ASP B 50 -4.57 -13.07 -10.86
C ASP B 50 -3.21 -12.40 -10.75
N ILE B 51 -3.19 -11.09 -10.92
CA ILE B 51 -1.95 -10.33 -10.84
C ILE B 51 -1.55 -10.10 -9.40
N SER B 52 -0.34 -10.53 -9.05
CA SER B 52 0.15 -10.35 -7.70
C SER B 52 0.34 -8.85 -7.45
N VAL B 53 0.26 -8.44 -6.19
CA VAL B 53 0.43 -7.05 -5.86
C VAL B 53 1.80 -6.57 -6.34
N SER B 54 2.70 -7.53 -6.52
CA SER B 54 4.06 -7.23 -6.95
C SER B 54 4.11 -6.18 -8.06
N GLN B 55 3.55 -6.49 -9.22
CA GLN B 55 3.57 -5.55 -10.33
C GLN B 55 2.95 -4.23 -9.91
N VAL B 56 1.85 -4.30 -9.18
CA VAL B 56 1.20 -3.10 -8.70
C VAL B 56 2.23 -2.29 -7.92
N LEU B 57 2.98 -3.01 -7.09
CA LEU B 57 4.03 -2.38 -6.27
C LEU B 57 5.23 -1.97 -7.13
N GLU B 58 5.73 -2.91 -7.92
CA GLU B 58 6.90 -2.64 -8.76
C GLU B 58 6.56 -1.66 -9.87
N ILE B 59 5.45 -1.87 -10.56
CA ILE B 59 5.06 -0.97 -11.64
C ILE B 59 4.91 0.44 -11.09
N HIS B 60 4.42 0.53 -9.85
CA HIS B 60 4.23 1.83 -9.21
C HIS B 60 5.55 2.58 -9.08
N VAL B 61 6.56 1.94 -8.52
CA VAL B 61 7.85 2.60 -8.32
C VAL B 61 8.38 3.15 -9.64
N GLU B 62 8.30 2.36 -10.70
CA GLU B 62 8.78 2.80 -12.00
C GLU B 62 8.10 4.11 -12.39
N LEU B 63 6.79 4.15 -12.18
CA LEU B 63 6.02 5.35 -12.51
C LEU B 63 6.43 6.51 -11.61
N MET B 64 6.70 6.22 -10.34
CA MET B 64 7.12 7.27 -9.42
C MET B 64 8.42 7.87 -9.93
N ASP B 65 9.27 7.01 -10.47
CA ASP B 65 10.54 7.47 -11.02
C ASP B 65 10.26 8.45 -12.17
N THR B 66 9.20 8.15 -12.91
CA THR B 66 8.81 8.99 -14.05
C THR B 66 8.49 10.42 -13.59
N PHE B 67 7.69 10.54 -12.53
CA PHE B 67 7.32 11.86 -12.02
C PHE B 67 8.52 12.54 -11.36
N SER B 68 9.23 11.80 -10.52
CA SER B 68 10.39 12.36 -9.83
C SER B 68 11.41 12.91 -10.82
N LYS B 69 11.82 12.07 -11.76
CA LYS B 69 12.77 12.50 -12.77
C LYS B 69 12.19 13.63 -13.60
N GLN B 70 10.90 13.51 -13.90
CA GLN B 70 10.21 14.52 -14.69
C GLN B 70 10.15 15.85 -13.94
N LEU B 71 9.88 15.77 -12.64
CA LEU B 71 9.80 16.97 -11.81
C LEU B 71 11.15 17.69 -11.71
N LYS B 72 12.22 16.91 -11.55
CA LYS B 72 13.56 17.51 -11.44
C LYS B 72 13.94 18.26 -12.71
N LEU B 73 13.63 17.66 -13.87
CA LEU B 73 13.96 18.29 -15.14
C LEU B 73 13.11 19.52 -15.38
N GLU B 74 11.83 19.44 -15.02
CA GLU B 74 10.92 20.58 -15.21
C GLU B 74 11.04 21.57 -14.07
N GLY B 75 11.82 21.23 -13.05
CA GLY B 75 12.01 22.12 -11.91
C GLY B 75 10.69 22.34 -11.19
N ARG B 76 10.09 21.26 -10.72
CA ARG B 76 8.81 21.35 -10.02
C ARG B 76 8.96 20.92 -8.56
N SER B 77 8.09 21.45 -7.72
CA SER B 77 8.13 21.12 -6.30
C SER B 77 8.46 19.65 -6.11
N GLU B 78 7.63 18.79 -6.72
CA GLU B 78 7.83 17.33 -6.64
C GLU B 78 7.09 16.74 -5.44
N ASP B 79 6.79 17.59 -4.45
CA ASP B 79 6.10 17.14 -3.26
C ASP B 79 4.80 16.44 -3.66
N ILE B 80 4.28 16.80 -4.82
CA ILE B 80 3.04 16.23 -5.34
C ILE B 80 3.12 14.70 -5.40
N LEU B 81 4.32 14.15 -5.30
CA LEU B 81 4.49 12.69 -5.34
C LEU B 81 3.58 12.02 -4.32
N LEU B 82 3.19 12.78 -3.29
CA LEU B 82 2.32 12.24 -2.24
C LEU B 82 1.06 11.61 -2.85
N ASP B 83 0.56 12.21 -3.91
CA ASP B 83 -0.66 11.73 -4.56
C ASP B 83 -0.52 10.29 -5.02
N TYR B 84 0.63 9.95 -5.58
CA TYR B 84 0.84 8.59 -6.06
C TYR B 84 0.79 7.60 -4.92
N ARG B 85 1.37 7.97 -3.78
CA ARG B 85 1.34 7.10 -2.62
C ARG B 85 -0.11 6.85 -2.23
N LEU B 86 -0.93 7.89 -2.35
CA LEU B 86 -2.34 7.78 -2.05
C LEU B 86 -3.03 6.90 -3.10
N THR B 87 -2.65 7.11 -4.36
CA THR B 87 -3.22 6.35 -5.47
C THR B 87 -2.75 4.89 -5.44
N LEU B 88 -1.50 4.68 -5.09
CA LEU B 88 -0.94 3.32 -5.06
C LEU B 88 -1.51 2.52 -3.88
N ILE B 89 -1.48 3.11 -2.69
CA ILE B 89 -1.99 2.44 -1.50
C ILE B 89 -3.49 2.17 -1.63
N ASP B 90 -4.24 3.17 -2.07
CA ASP B 90 -5.68 3.02 -2.20
C ASP B 90 -6.03 2.00 -3.29
N VAL B 91 -5.23 1.95 -4.35
CA VAL B 91 -5.49 1.01 -5.44
C VAL B 91 -5.30 -0.42 -4.95
N ILE B 92 -4.18 -0.65 -4.26
CA ILE B 92 -3.88 -1.98 -3.73
C ILE B 92 -4.96 -2.41 -2.75
N ALA B 93 -5.34 -1.49 -1.87
CA ALA B 93 -6.35 -1.77 -0.88
C ALA B 93 -7.69 -2.14 -1.51
N HIS B 94 -8.11 -1.37 -2.51
CA HIS B 94 -9.36 -1.63 -3.19
C HIS B 94 -9.34 -3.02 -3.82
N LEU B 95 -8.27 -3.29 -4.57
CA LEU B 95 -8.14 -4.59 -5.22
C LEU B 95 -7.92 -5.67 -4.17
N CYS B 96 -7.22 -5.32 -3.09
CA CYS B 96 -6.99 -6.26 -2.01
C CYS B 96 -8.31 -6.56 -1.31
N GLU B 97 -9.17 -5.54 -1.27
CA GLU B 97 -10.47 -5.68 -0.62
C GLU B 97 -11.30 -6.77 -1.29
N MET B 98 -11.30 -6.80 -2.63
CA MET B 98 -12.07 -7.83 -3.32
C MET B 98 -11.47 -9.21 -3.04
N TYR B 99 -10.15 -9.32 -3.02
CA TYR B 99 -9.54 -10.61 -2.71
C TYR B 99 -10.05 -11.11 -1.38
N ARG B 100 -10.16 -10.21 -0.41
CA ARG B 100 -10.66 -10.55 0.91
C ARG B 100 -12.09 -11.08 0.80
N ARG B 101 -12.90 -10.40 -0.01
CA ARG B 101 -14.28 -10.79 -0.21
C ARG B 101 -14.40 -12.05 -1.07
N SER B 102 -13.39 -12.29 -1.89
CA SER B 102 -13.39 -13.46 -2.76
C SER B 102 -13.14 -14.72 -1.95
N ILE B 103 -13.05 -14.55 -0.64
CA ILE B 103 -12.81 -15.67 0.25
C ILE B 103 -14.01 -15.90 1.16
N PRO B 104 -14.79 -16.92 0.90
CA PRO B 104 -16.01 -17.22 1.71
C PRO B 104 -15.66 -17.88 3.04
N ARG B 105 -15.41 -17.04 4.05
CA ARG B 105 -15.08 -17.52 5.39
C ARG B 105 -16.01 -16.87 6.41
N GLU B 106 -16.17 -17.53 7.56
CA GLU B 106 -17.02 -16.97 8.61
C GLU B 106 -16.56 -15.55 8.94
N VAL B 107 -17.51 -14.67 9.24
CA VAL B 107 -17.18 -13.29 9.57
C VAL B 107 -16.13 -12.75 8.60
N ALA C 1 8.61 5.85 -20.33
CA ALA C 1 10.05 5.57 -20.59
C ALA C 1 10.52 6.41 -21.77
N MET C 2 10.69 5.79 -22.93
CA MET C 2 11.14 6.51 -24.11
C MET C 2 9.95 6.94 -24.96
N ALA C 3 10.08 8.12 -25.57
CA ALA C 3 9.00 8.65 -26.41
C ALA C 3 7.74 8.92 -25.58
N GLY C 4 7.00 7.85 -25.29
CA GLY C 4 5.77 7.98 -24.52
C GLY C 4 6.04 8.58 -23.14
N ILE C 5 5.43 9.74 -22.89
CA ILE C 5 5.59 10.42 -21.60
C ILE C 5 4.23 10.54 -20.91
N ILE C 6 4.25 10.44 -19.58
CA ILE C 6 3.00 10.54 -18.82
C ILE C 6 2.57 11.99 -18.65
N SER C 7 1.27 12.24 -18.80
CA SER C 7 0.74 13.59 -18.67
C SER C 7 0.92 14.11 -17.25
N GLY C 8 -0.13 14.03 -16.44
CA GLY C 8 -0.07 14.50 -15.07
C GLY C 8 -0.22 16.02 -15.01
N THR C 9 -0.26 16.55 -13.80
CA THR C 9 -0.41 17.99 -13.61
C THR C 9 0.46 18.47 -12.43
N PRO C 10 1.65 17.95 -12.33
CA PRO C 10 2.61 18.33 -11.26
C PRO C 10 2.54 19.81 -10.88
N THR C 11 2.83 20.09 -9.61
CA THR C 11 2.80 21.46 -9.11
C THR C 11 1.36 21.98 -9.06
N ARG C 12 0.44 21.12 -8.67
CA ARG C 12 -0.97 21.50 -8.58
C ARG C 12 -1.40 21.60 -7.12
N ILE C 13 -0.84 20.72 -6.30
CA ILE C 13 -1.21 20.68 -4.89
C ILE C 13 -0.04 21.09 -4.00
N SER C 14 -0.34 21.87 -2.96
CA SER C 14 0.68 22.30 -2.01
C SER C 14 0.66 21.37 -0.81
N VAL C 15 1.61 20.44 -0.77
CA VAL C 15 1.66 19.47 0.33
C VAL C 15 3.03 19.41 0.97
N ASP C 16 3.10 18.71 2.11
CA ASP C 16 4.36 18.54 2.84
C ASP C 16 4.16 17.59 4.03
N GLU C 17 5.24 16.91 4.41
CA GLU C 17 5.18 15.97 5.53
C GLU C 17 4.34 14.74 5.18
N LYS C 18 3.54 14.28 6.13
CA LYS C 18 2.69 13.11 5.90
C LYS C 18 1.51 13.48 5.02
N THR C 19 1.42 14.77 4.66
CA THR C 19 0.35 15.28 3.81
C THR C 19 -0.60 14.16 3.37
N GLU C 20 -1.73 14.07 4.04
CA GLU C 20 -2.73 13.05 3.72
C GLU C 20 -2.06 11.69 3.53
N LEU C 21 -2.88 10.66 3.43
CA LEU C 21 -2.39 9.31 3.25
C LEU C 21 -3.57 8.32 3.21
N ALA C 22 -3.44 7.24 3.96
CA ALA C 22 -4.49 6.24 4.00
C ALA C 22 -5.73 6.77 4.72
N ARG C 23 -5.66 8.03 5.14
CA ARG C 23 -6.77 8.66 5.85
C ARG C 23 -8.11 8.09 5.39
N ILE C 24 -8.16 7.60 4.17
CA ILE C 24 -9.40 7.04 3.64
C ILE C 24 -9.52 5.56 3.99
N ALA C 25 -10.60 5.20 4.67
CA ALA C 25 -10.83 3.82 5.04
C ALA C 25 -11.29 3.05 3.80
N LYS C 26 -11.58 3.78 2.73
CA LYS C 26 -12.04 3.17 1.49
C LYS C 26 -13.41 2.52 1.71
N GLY C 27 -14.16 3.06 2.66
CA GLY C 27 -15.48 2.52 2.98
C GLY C 27 -15.34 1.19 3.70
N MET C 28 -14.11 0.90 4.09
CA MET C 28 -13.80 -0.34 4.79
C MET C 28 -13.86 -0.14 6.31
N GLN C 29 -13.43 -1.15 7.06
CA GLN C 29 -13.45 -1.07 8.52
C GLN C 29 -14.88 -1.21 9.03
N ASP C 30 -15.68 -2.02 8.32
CA ASP C 30 -17.08 -2.22 8.69
C ASP C 30 -17.30 -3.52 9.47
N LEU C 31 -16.27 -4.36 9.55
CA LEU C 31 -16.41 -5.63 10.27
C LEU C 31 -16.39 -5.37 11.78
N GLU C 32 -16.16 -4.12 12.16
CA GLU C 32 -16.13 -3.76 13.58
C GLU C 32 -17.50 -3.98 14.22
N SER C 33 -17.49 -4.36 15.50
CA SER C 33 -18.74 -4.62 16.21
C SER C 33 -19.13 -3.44 17.09
N GLU C 34 -20.43 -3.35 17.39
CA GLU C 34 -20.95 -2.28 18.24
C GLU C 34 -19.86 -1.74 19.17
N ALA D 1 -0.19 8.22 21.37
CA ALA D 1 -1.12 9.32 21.69
C ALA D 1 -0.67 10.02 22.98
N MET D 2 -1.38 9.76 24.07
CA MET D 2 -1.03 10.36 25.35
C MET D 2 -0.15 9.42 26.16
N ALA D 3 0.81 10.00 26.90
CA ALA D 3 1.71 9.20 27.72
C ALA D 3 2.58 8.30 26.85
N GLY D 4 2.01 7.20 26.40
CA GLY D 4 2.75 6.25 25.57
C GLY D 4 3.24 6.91 24.28
N ILE D 5 4.56 6.91 24.11
CA ILE D 5 5.17 7.51 22.92
C ILE D 5 5.95 6.44 22.16
N ILE D 6 5.94 6.54 20.84
CA ILE D 6 6.65 5.56 20.01
C ILE D 6 8.14 5.87 19.96
N SER D 7 8.96 4.82 20.06
CA SER D 7 10.41 4.97 20.04
C SER D 7 10.88 5.54 18.69
N GLY D 8 11.34 4.65 17.82
CA GLY D 8 11.82 5.05 16.51
C GLY D 8 13.24 5.63 16.60
N THR D 9 13.80 5.96 15.45
CA THR D 9 15.15 6.51 15.40
C THR D 9 15.25 7.61 14.35
N PRO D 10 14.25 8.45 14.27
CA PRO D 10 14.20 9.59 13.30
C PRO D 10 15.57 10.23 13.07
N THR D 11 15.77 10.74 11.86
CA THR D 11 17.03 11.40 11.51
C THR D 11 18.15 10.37 11.42
N ARG D 12 17.84 9.20 10.88
CA ARG D 12 18.84 8.15 10.75
C ARG D 12 19.22 7.96 9.29
N ILE D 13 18.24 8.13 8.41
CA ILE D 13 18.46 7.94 6.99
C ILE D 13 18.34 9.25 6.22
N SER D 14 19.23 9.45 5.25
CA SER D 14 19.20 10.65 4.42
C SER D 14 18.46 10.33 3.13
N VAL D 15 17.21 10.75 3.05
CA VAL D 15 16.39 10.47 1.87
C VAL D 15 15.74 11.72 1.30
N ASP D 16 15.16 11.57 0.11
CA ASP D 16 14.48 12.68 -0.56
C ASP D 16 13.81 12.20 -1.85
N GLU D 17 12.74 12.87 -2.24
CA GLU D 17 12.00 12.52 -3.45
C GLU D 17 11.29 11.18 -3.28
N LYS D 18 11.31 10.36 -4.33
CA LYS D 18 10.66 9.05 -4.27
C LYS D 18 11.48 8.08 -3.43
N THR D 19 12.62 8.56 -2.94
CA THR D 19 13.52 7.76 -2.11
C THR D 19 12.96 6.37 -1.86
N GLU D 20 13.44 5.39 -2.61
CA GLU D 20 12.97 4.01 -2.46
C GLU D 20 11.46 3.96 -2.37
N LEU D 21 10.92 2.75 -2.43
CA LEU D 21 9.49 2.55 -2.35
C LEU D 21 9.16 1.07 -2.50
N ALA D 22 8.19 0.74 -3.35
CA ALA D 22 7.80 -0.64 -3.57
C ALA D 22 8.90 -1.41 -4.30
N ARG D 23 10.01 -0.73 -4.57
CA ARG D 23 11.13 -1.34 -5.29
C ARG D 23 11.23 -2.84 -4.97
N ILE D 24 10.72 -3.23 -3.81
CA ILE D 24 10.77 -4.64 -3.42
C ILE D 24 9.54 -5.39 -3.94
N ALA D 25 9.77 -6.42 -4.72
CA ALA D 25 8.68 -7.23 -5.24
C ALA D 25 8.13 -8.11 -4.13
N LYS D 26 8.85 -8.15 -3.01
CA LYS D 26 8.44 -8.97 -1.87
C LYS D 26 8.52 -10.45 -2.24
N GLY D 27 9.40 -10.77 -3.17
CA GLY D 27 9.56 -12.15 -3.62
C GLY D 27 8.37 -12.56 -4.48
N MET D 28 7.56 -11.55 -4.83
CA MET D 28 6.37 -11.78 -5.63
C MET D 28 6.68 -11.58 -7.11
N GLN D 29 5.63 -11.59 -7.94
CA GLN D 29 5.81 -11.41 -9.38
C GLN D 29 6.38 -12.69 -9.99
N ASP D 30 5.99 -13.83 -9.42
CA ASP D 30 6.49 -15.12 -9.90
C ASP D 30 5.49 -15.83 -10.82
N LEU D 31 4.28 -15.30 -10.93
CA LEU D 31 3.28 -15.93 -11.78
C LEU D 31 3.58 -15.65 -13.25
N GLU D 32 4.61 -14.83 -13.49
CA GLU D 32 5.00 -14.49 -14.85
C GLU D 32 5.48 -15.73 -15.60
N SER D 33 5.22 -15.76 -16.90
CA SER D 33 5.63 -16.91 -17.72
C SER D 33 6.91 -16.62 -18.49
N GLU D 34 7.60 -17.69 -18.87
CA GLU D 34 8.85 -17.58 -19.63
C GLU D 34 8.88 -16.27 -20.42
N ALA A 1 -24.88 -11.78 22.76
CA ALA A 1 -23.40 -12.00 22.71
C ALA A 1 -23.01 -12.40 21.29
N MET A 2 -22.04 -11.68 20.74
CA MET A 2 -21.59 -11.96 19.37
C MET A 2 -21.07 -13.39 19.24
N ALA A 3 -20.64 -13.74 18.03
CA ALA A 3 -20.15 -15.10 17.76
C ALA A 3 -18.67 -15.26 18.12
N ARG A 4 -18.41 -15.68 19.34
CA ARG A 4 -17.03 -15.91 19.77
C ARG A 4 -16.13 -14.70 19.50
N MET A 5 -16.60 -13.75 18.70
CA MET A 5 -15.79 -12.57 18.40
C MET A 5 -16.16 -11.40 19.30
N SER A 6 -15.77 -11.47 20.56
CA SER A 6 -16.06 -10.40 21.50
C SER A 6 -15.44 -9.09 21.02
N PRO A 7 -15.86 -7.99 21.57
CA PRO A 7 -15.36 -6.65 21.20
C PRO A 7 -13.98 -6.36 21.78
N ALA A 8 -13.82 -6.62 23.07
CA ALA A 8 -12.55 -6.38 23.73
C ALA A 8 -11.43 -7.21 23.12
N ASP A 9 -11.75 -8.46 22.77
CA ASP A 9 -10.74 -9.33 22.17
C ASP A 9 -10.23 -8.72 20.88
N LYS A 10 -11.15 -8.21 20.06
CA LYS A 10 -10.74 -7.59 18.81
C LYS A 10 -9.83 -6.42 19.12
N ARG A 11 -10.25 -5.61 20.09
CA ARG A 11 -9.43 -4.47 20.50
C ARG A 11 -8.10 -4.97 21.02
N LYS A 12 -8.14 -6.07 21.78
CA LYS A 12 -6.91 -6.64 22.29
C LYS A 12 -6.03 -6.95 21.10
N LEU A 13 -6.65 -7.51 20.08
CA LEU A 13 -5.95 -7.82 18.84
C LEU A 13 -5.38 -6.52 18.27
N LEU A 14 -6.26 -5.54 18.08
CA LEU A 14 -5.84 -4.26 17.55
C LEU A 14 -4.71 -3.70 18.40
N ASP A 15 -4.86 -3.82 19.71
CA ASP A 15 -3.83 -3.34 20.62
C ASP A 15 -2.49 -3.97 20.26
N GLU A 16 -2.55 -5.23 19.85
CA GLU A 16 -1.35 -5.94 19.44
C GLU A 16 -0.95 -5.58 18.01
N LEU A 17 -1.95 -5.55 17.12
CA LEU A 17 -1.68 -5.21 15.73
C LEU A 17 -1.05 -3.83 15.63
N ARG A 18 -1.59 -2.87 16.39
CA ARG A 18 -1.03 -1.54 16.38
C ARG A 18 0.39 -1.58 16.93
N SER A 19 0.59 -2.36 17.99
CA SER A 19 1.91 -2.50 18.57
C SER A 19 2.83 -3.22 17.59
N ILE A 20 2.33 -4.32 17.01
CA ILE A 20 3.11 -5.06 16.03
C ILE A 20 3.44 -4.16 14.84
N TYR A 21 2.43 -3.51 14.27
CA TYR A 21 2.66 -2.61 13.15
C TYR A 21 3.75 -1.64 13.57
N ARG A 22 3.56 -1.09 14.76
CA ARG A 22 4.52 -0.17 15.34
C ARG A 22 5.88 -0.85 15.46
N THR A 23 5.88 -2.11 15.89
CA THR A 23 7.12 -2.86 16.04
C THR A 23 7.76 -3.07 14.68
N ILE A 24 6.94 -3.39 13.67
CA ILE A 24 7.44 -3.60 12.33
C ILE A 24 8.22 -2.37 11.86
N VAL A 25 7.67 -1.20 12.19
CA VAL A 25 8.26 0.07 11.79
C VAL A 25 9.63 0.32 12.42
N LEU A 26 9.72 0.22 13.74
CA LEU A 26 10.97 0.46 14.44
C LEU A 26 12.05 -0.53 13.99
N GLU A 27 11.65 -1.77 13.78
CA GLU A 27 12.59 -2.81 13.37
C GLU A 27 12.82 -2.79 11.87
N TYR A 28 12.08 -1.94 11.16
CA TYR A 28 12.22 -1.86 9.71
C TYR A 28 13.68 -1.63 9.33
N PHE A 29 14.40 -0.89 10.17
CA PHE A 29 15.80 -0.60 9.92
C PHE A 29 16.70 -1.45 10.82
N ASN A 30 16.10 -2.41 11.50
CA ASN A 30 16.85 -3.28 12.39
C ASN A 30 18.08 -3.86 11.70
N THR A 31 19.18 -3.96 12.43
CA THR A 31 20.41 -4.51 11.88
C THR A 31 20.42 -6.03 11.96
N ASP A 32 19.63 -6.59 12.87
CA ASP A 32 19.59 -8.03 13.03
C ASP A 32 18.16 -8.56 13.23
N ALA A 33 17.22 -7.68 13.54
CA ALA A 33 15.83 -8.11 13.75
C ALA A 33 15.20 -8.56 12.45
N LYS A 34 14.56 -9.72 12.47
CA LYS A 34 13.89 -10.24 11.28
C LYS A 34 12.46 -9.74 11.26
N VAL A 35 12.30 -8.48 10.85
CA VAL A 35 10.98 -7.86 10.79
C VAL A 35 9.96 -8.85 10.25
N ASN A 36 10.45 -9.82 9.51
CA ASN A 36 9.59 -10.83 8.91
C ASN A 36 8.67 -11.42 9.96
N GLU A 37 9.20 -11.64 11.17
CA GLU A 37 8.38 -12.19 12.25
C GLU A 37 7.27 -11.20 12.60
N ARG A 38 7.62 -9.92 12.59
CA ARG A 38 6.65 -8.88 12.89
C ARG A 38 5.58 -8.83 11.82
N ILE A 39 6.02 -8.84 10.57
CA ILE A 39 5.10 -8.81 9.44
C ILE A 39 4.32 -10.12 9.38
N ASP A 40 5.02 -11.22 9.62
CA ASP A 40 4.38 -12.53 9.63
C ASP A 40 3.37 -12.58 10.77
N GLU A 41 3.76 -12.03 11.91
CA GLU A 41 2.88 -11.98 13.08
C GLU A 41 1.68 -11.10 12.78
N PHE A 42 1.94 -9.95 12.18
CA PHE A 42 0.87 -9.03 11.82
C PHE A 42 -0.03 -9.67 10.78
N VAL A 43 0.59 -10.27 9.78
CA VAL A 43 -0.14 -10.92 8.70
C VAL A 43 -1.06 -12.03 9.21
N SER A 44 -0.53 -12.89 10.09
CA SER A 44 -1.32 -14.00 10.61
C SER A 44 -2.55 -13.52 11.38
N LYS A 45 -2.34 -12.60 12.32
CA LYS A 45 -3.45 -12.08 13.12
C LYS A 45 -4.38 -11.22 12.27
N ALA A 46 -3.82 -10.41 11.39
CA ALA A 46 -4.63 -9.55 10.53
C ALA A 46 -5.60 -10.39 9.71
N PHE A 47 -5.11 -11.51 9.18
CA PHE A 47 -5.95 -12.40 8.38
C PHE A 47 -6.96 -13.12 9.25
N PHE A 48 -6.46 -13.86 10.23
CA PHE A 48 -7.32 -14.63 11.13
C PHE A 48 -8.33 -13.73 11.85
N ALA A 49 -7.87 -12.60 12.35
CA ALA A 49 -8.74 -11.68 13.08
C ALA A 49 -9.73 -11.01 12.13
N ASP A 50 -9.77 -11.48 10.88
CA ASP A 50 -10.67 -10.90 9.90
C ASP A 50 -10.55 -9.39 9.90
N ILE A 51 -9.33 -8.89 9.94
CA ILE A 51 -9.09 -7.45 9.96
C ILE A 51 -9.13 -6.89 8.55
N SER A 52 -9.48 -5.61 8.44
CA SER A 52 -9.56 -4.96 7.14
C SER A 52 -8.35 -4.06 6.93
N VAL A 53 -7.94 -3.92 5.68
CA VAL A 53 -6.79 -3.08 5.37
C VAL A 53 -7.04 -1.66 5.85
N SER A 54 -8.30 -1.21 5.83
CA SER A 54 -8.62 0.14 6.27
C SER A 54 -7.88 0.49 7.55
N GLN A 55 -8.11 -0.29 8.62
CA GLN A 55 -7.41 -0.02 9.87
C GLN A 55 -5.92 -0.03 9.63
N VAL A 56 -5.47 -0.94 8.79
CA VAL A 56 -4.05 -1.00 8.47
C VAL A 56 -3.68 0.33 7.82
N LEU A 57 -4.56 0.78 6.93
CA LEU A 57 -4.39 2.05 6.24
C LEU A 57 -4.53 3.23 7.20
N GLU A 58 -5.60 3.20 8.01
CA GLU A 58 -5.87 4.27 8.96
C GLU A 58 -4.90 4.24 10.14
N ILE A 59 -4.69 3.06 10.73
CA ILE A 59 -3.79 2.95 11.86
C ILE A 59 -2.43 3.53 11.47
N HIS A 60 -2.04 3.30 10.22
CA HIS A 60 -0.79 3.82 9.72
C HIS A 60 -0.78 5.34 9.75
N VAL A 61 -1.81 5.94 9.16
CA VAL A 61 -1.92 7.40 9.11
C VAL A 61 -1.75 8.02 10.49
N GLU A 62 -2.46 7.49 11.47
CA GLU A 62 -2.37 8.01 12.83
C GLU A 62 -0.94 7.95 13.33
N LEU A 63 -0.29 6.82 13.08
CA LEU A 63 1.09 6.63 13.49
C LEU A 63 1.99 7.64 12.78
N MET A 64 1.66 7.95 11.51
CA MET A 64 2.44 8.93 10.77
C MET A 64 2.36 10.27 11.47
N ASP A 65 1.17 10.58 11.98
CA ASP A 65 0.98 11.83 12.70
C ASP A 65 1.90 11.85 13.90
N THR A 66 2.03 10.68 14.54
CA THR A 66 2.89 10.54 15.70
C THR A 66 4.34 10.86 15.34
N PHE A 67 4.79 10.32 14.22
CA PHE A 67 6.17 10.55 13.76
C PHE A 67 6.37 12.01 13.40
N SER A 68 5.51 12.52 12.53
CA SER A 68 5.62 13.91 12.11
C SER A 68 5.47 14.83 13.32
N LYS A 69 4.69 14.38 14.30
CA LYS A 69 4.48 15.15 15.52
C LYS A 69 5.81 15.34 16.25
N GLN A 70 6.57 14.26 16.36
CA GLN A 70 7.87 14.31 17.03
C GLN A 70 8.87 15.15 16.24
N LEU A 71 8.87 14.97 14.92
CA LEU A 71 9.78 15.70 14.05
C LEU A 71 9.59 17.21 14.18
N LYS A 72 8.33 17.66 14.20
CA LYS A 72 8.04 19.09 14.30
C LYS A 72 8.52 19.67 15.63
N LEU A 73 8.18 19.00 16.72
CA LEU A 73 8.56 19.48 18.04
C LEU A 73 10.08 19.48 18.23
N GLU A 74 10.75 18.46 17.67
CA GLU A 74 12.19 18.36 17.80
C GLU A 74 12.90 18.97 16.60
N GLY A 75 12.19 19.06 15.48
CA GLY A 75 12.78 19.64 14.27
C GLY A 75 13.75 18.66 13.61
N ARG A 76 13.34 17.41 13.47
CA ARG A 76 14.19 16.40 12.86
C ARG A 76 13.78 16.17 11.41
N SER A 77 14.71 15.64 10.62
CA SER A 77 14.42 15.39 9.22
C SER A 77 13.24 14.43 9.09
N GLU A 78 12.23 14.86 8.35
CA GLU A 78 11.04 14.05 8.14
C GLU A 78 11.26 13.06 6.99
N ASP A 79 12.44 13.13 6.39
CA ASP A 79 12.79 12.23 5.29
C ASP A 79 12.56 10.78 5.69
N ILE A 80 12.78 10.50 6.97
CA ILE A 80 12.64 9.16 7.51
C ILE A 80 11.20 8.62 7.37
N LEU A 81 10.23 9.50 7.18
CA LEU A 81 8.85 9.07 7.03
C LEU A 81 8.70 8.03 5.92
N LEU A 82 9.59 8.08 4.93
CA LEU A 82 9.53 7.12 3.83
C LEU A 82 9.44 5.70 4.38
N ASP A 83 10.03 5.50 5.55
CA ASP A 83 10.06 4.19 6.18
C ASP A 83 8.66 3.66 6.45
N TYR A 84 7.76 4.54 6.85
CA TYR A 84 6.41 4.13 7.15
C TYR A 84 5.69 3.74 5.86
N ARG A 85 5.96 4.48 4.79
CA ARG A 85 5.37 4.17 3.50
C ARG A 85 5.88 2.81 3.04
N LEU A 86 7.17 2.57 3.27
CA LEU A 86 7.77 1.30 2.90
C LEU A 86 7.22 0.20 3.81
N THR A 87 7.09 0.52 5.08
CA THR A 87 6.55 -0.40 6.07
C THR A 87 5.06 -0.62 5.83
N LEU A 88 4.37 0.46 5.49
CA LEU A 88 2.94 0.40 5.24
C LEU A 88 2.63 -0.35 3.94
N ILE A 89 3.32 0.04 2.87
CA ILE A 89 3.10 -0.59 1.57
C ILE A 89 3.49 -2.07 1.56
N ASP A 90 4.67 -2.39 2.09
CA ASP A 90 5.13 -3.77 2.11
C ASP A 90 4.25 -4.64 3.02
N VAL A 91 3.82 -4.08 4.14
CA VAL A 91 2.98 -4.83 5.07
C VAL A 91 1.65 -5.19 4.43
N ILE A 92 1.01 -4.21 3.79
CA ILE A 92 -0.26 -4.47 3.12
C ILE A 92 -0.08 -5.52 2.03
N ALA A 93 1.04 -5.43 1.34
CA ALA A 93 1.34 -6.38 0.26
C ALA A 93 1.54 -7.79 0.80
N HIS A 94 2.12 -7.89 1.98
CA HIS A 94 2.38 -9.20 2.57
C HIS A 94 1.08 -9.95 2.88
N LEU A 95 0.14 -9.31 3.57
CA LEU A 95 -1.11 -9.98 3.89
C LEU A 95 -1.97 -10.12 2.65
N CYS A 96 -1.93 -9.11 1.78
CA CYS A 96 -2.70 -9.16 0.53
C CYS A 96 -2.33 -10.43 -0.20
N GLU A 97 -1.05 -10.75 -0.20
CA GLU A 97 -0.57 -11.95 -0.85
C GLU A 97 -1.07 -13.20 -0.13
N MET A 98 -1.13 -13.14 1.19
CA MET A 98 -1.61 -14.28 1.96
C MET A 98 -3.06 -14.58 1.60
N TYR A 99 -3.82 -13.54 1.29
CA TYR A 99 -5.21 -13.70 0.89
C TYR A 99 -5.28 -14.46 -0.43
N ARG A 100 -4.37 -14.12 -1.35
CA ARG A 100 -4.34 -14.77 -2.67
C ARG A 100 -4.11 -16.28 -2.54
N ARG A 101 -3.22 -16.66 -1.63
CA ARG A 101 -2.91 -18.08 -1.43
C ARG A 101 -4.06 -18.82 -0.75
N SER A 102 -4.85 -18.11 0.04
CA SER A 102 -5.95 -18.72 0.75
C SER A 102 -7.14 -18.94 -0.17
N ILE A 103 -6.93 -18.69 -1.46
CA ILE A 103 -8.01 -18.87 -2.43
C ILE A 103 -7.71 -20.02 -3.39
N PRO A 104 -8.27 -21.17 -3.13
CA PRO A 104 -8.06 -22.37 -4.00
C PRO A 104 -9.00 -22.35 -5.21
N ARG A 105 -8.42 -22.46 -6.40
CA ARG A 105 -9.21 -22.45 -7.63
C ARG A 105 -8.99 -23.71 -8.44
N GLU A 106 -10.02 -24.13 -9.17
CA GLU A 106 -9.92 -25.32 -10.01
C GLU A 106 -9.58 -24.92 -11.44
N VAL A 107 -8.78 -25.74 -12.12
CA VAL A 107 -8.39 -25.45 -13.48
C VAL A 107 -8.11 -26.74 -14.26
N ALA B 1 2.76 -24.91 -25.43
CA ALA B 1 1.88 -23.72 -25.32
C ALA B 1 1.25 -23.71 -23.93
N MET B 2 1.39 -22.58 -23.23
CA MET B 2 0.84 -22.45 -21.88
C MET B 2 -0.67 -22.67 -21.87
N ALA B 3 -1.27 -22.58 -20.67
CA ALA B 3 -2.70 -22.81 -20.53
C ALA B 3 -3.52 -21.55 -20.80
N ARG B 4 -3.94 -21.36 -22.05
CA ARG B 4 -4.76 -20.22 -22.41
C ARG B 4 -4.12 -18.89 -21.96
N MET B 5 -3.12 -18.96 -21.09
CA MET B 5 -2.48 -17.73 -20.61
C MET B 5 -1.22 -17.42 -21.40
N SER B 6 -1.38 -16.97 -22.64
CA SER B 6 -0.23 -16.63 -23.47
C SER B 6 0.60 -15.55 -22.81
N PRO B 7 1.79 -15.35 -23.28
CA PRO B 7 2.72 -14.32 -22.72
C PRO B 7 2.37 -12.92 -23.18
N ALA B 8 2.14 -12.76 -24.49
CA ALA B 8 1.81 -11.45 -25.04
C ALA B 8 0.51 -10.93 -24.44
N ASP B 9 -0.47 -11.81 -24.25
CA ASP B 9 -1.74 -11.39 -23.68
C ASP B 9 -1.52 -10.79 -22.30
N LYS B 10 -0.70 -11.45 -21.49
CA LYS B 10 -0.43 -10.94 -20.16
C LYS B 10 0.20 -9.58 -20.29
N ARG B 11 1.17 -9.46 -21.19
CA ARG B 11 1.81 -8.18 -21.42
C ARG B 11 0.79 -7.18 -21.91
N LYS B 12 -0.11 -7.63 -22.78
CA LYS B 12 -1.16 -6.76 -23.27
C LYS B 12 -1.93 -6.25 -22.06
N LEU B 13 -2.19 -7.16 -21.15
CA LEU B 13 -2.87 -6.83 -19.91
C LEU B 13 -2.04 -5.79 -19.18
N LEU B 14 -0.77 -6.13 -18.93
CA LEU B 14 0.14 -5.22 -18.25
C LEU B 14 0.15 -3.87 -18.95
N ASP B 15 0.20 -3.93 -20.27
CA ASP B 15 0.20 -2.70 -21.06
C ASP B 15 -1.01 -1.86 -20.68
N GLU B 16 -2.12 -2.53 -20.40
CA GLU B 16 -3.34 -1.84 -20.01
C GLU B 16 -3.29 -1.49 -18.53
N LEU B 17 -2.86 -2.43 -17.71
CA LEU B 17 -2.78 -2.19 -16.28
C LEU B 17 -1.86 -1.01 -15.99
N ARG B 18 -0.72 -0.96 -16.68
CA ARG B 18 0.21 0.14 -16.48
C ARG B 18 -0.47 1.43 -16.94
N SER B 19 -1.17 1.36 -18.07
CA SER B 19 -1.89 2.53 -18.57
C SER B 19 -3.01 2.89 -17.61
N ILE B 20 -3.78 1.89 -17.18
CA ILE B 20 -4.87 2.13 -16.25
C ILE B 20 -4.31 2.70 -14.96
N TYR B 21 -3.30 2.05 -14.39
CA TYR B 21 -2.70 2.56 -13.16
C TYR B 21 -2.32 4.01 -13.40
N ARG B 22 -1.67 4.22 -14.54
CA ARG B 22 -1.26 5.55 -14.96
C ARG B 22 -2.49 6.45 -15.06
N THR B 23 -3.57 5.91 -15.62
CA THR B 23 -4.81 6.68 -15.77
C THR B 23 -5.38 7.01 -14.39
N ILE B 24 -5.34 6.02 -13.49
CA ILE B 24 -5.85 6.22 -12.14
C ILE B 24 -5.16 7.43 -11.51
N VAL B 25 -3.86 7.51 -11.74
CA VAL B 25 -3.03 8.59 -11.16
C VAL B 25 -3.42 9.98 -11.67
N LEU B 26 -3.46 10.14 -13.00
CA LEU B 26 -3.79 11.44 -13.58
C LEU B 26 -5.20 11.88 -13.17
N GLU B 27 -6.12 10.93 -13.12
CA GLU B 27 -7.49 11.24 -12.76
C GLU B 27 -7.69 11.29 -11.25
N TYR B 28 -6.64 10.96 -10.51
CA TYR B 28 -6.73 10.96 -9.06
C TYR B 28 -7.23 12.31 -8.57
N PHE B 29 -6.87 13.38 -9.28
CA PHE B 29 -7.28 14.72 -8.90
C PHE B 29 -8.39 15.22 -9.83
N ASN B 30 -8.92 14.32 -10.65
CA ASN B 30 -9.98 14.67 -11.58
C ASN B 30 -11.11 15.42 -10.87
N THR B 31 -11.66 16.42 -11.54
CA THR B 31 -12.75 17.19 -10.96
C THR B 31 -14.09 16.51 -11.21
N ASP B 32 -14.15 15.65 -12.23
CA ASP B 32 -15.40 14.96 -12.55
C ASP B 32 -15.18 13.48 -12.89
N ALA B 33 -13.94 13.09 -13.17
CA ALA B 33 -13.67 11.69 -13.51
C ALA B 33 -13.85 10.79 -12.30
N LYS B 34 -14.57 9.70 -12.49
CA LYS B 34 -14.79 8.74 -11.41
C LYS B 34 -13.68 7.70 -11.42
N VAL B 35 -12.52 8.10 -10.90
CA VAL B 35 -11.36 7.21 -10.86
C VAL B 35 -11.79 5.81 -10.49
N ASN B 36 -12.94 5.72 -9.82
CA ASN B 36 -13.45 4.43 -9.40
C ASN B 36 -13.47 3.45 -10.56
N GLU B 37 -13.84 3.94 -11.75
CA GLU B 37 -13.86 3.09 -12.93
C GLU B 37 -12.46 2.61 -13.25
N ARG B 38 -11.49 3.50 -13.07
CA ARG B 38 -10.09 3.17 -13.33
C ARG B 38 -9.62 2.12 -12.32
N ILE B 39 -9.92 2.36 -11.05
CA ILE B 39 -9.54 1.45 -9.99
C ILE B 39 -10.33 0.17 -10.12
N ASP B 40 -11.61 0.30 -10.43
CA ASP B 40 -12.46 -0.88 -10.62
C ASP B 40 -11.95 -1.67 -11.82
N GLU B 41 -11.57 -0.94 -12.87
CA GLU B 41 -11.06 -1.56 -14.08
C GLU B 41 -9.73 -2.26 -13.77
N PHE B 42 -8.88 -1.56 -13.03
CA PHE B 42 -7.60 -2.11 -12.64
C PHE B 42 -7.80 -3.32 -11.75
N VAL B 43 -8.68 -3.15 -10.77
CA VAL B 43 -8.98 -4.21 -9.81
C VAL B 43 -9.50 -5.49 -10.50
N SER B 44 -10.44 -5.32 -11.43
CA SER B 44 -11.02 -6.47 -12.12
C SER B 44 -9.96 -7.24 -12.90
N LYS B 45 -9.20 -6.54 -13.72
CA LYS B 45 -8.17 -7.19 -14.53
C LYS B 45 -7.03 -7.71 -13.67
N ALA B 46 -6.65 -6.93 -12.66
CA ALA B 46 -5.56 -7.35 -11.77
C ALA B 46 -5.90 -8.67 -11.11
N PHE B 47 -7.14 -8.81 -10.67
CA PHE B 47 -7.59 -10.04 -10.02
C PHE B 47 -7.70 -11.19 -11.03
N PHE B 48 -8.52 -10.97 -12.06
CA PHE B 48 -8.74 -12.00 -13.08
C PHE B 48 -7.43 -12.39 -13.77
N ALA B 49 -6.61 -11.41 -14.11
CA ALA B 49 -5.35 -11.69 -14.79
C ALA B 49 -4.36 -12.33 -13.84
N ASP B 50 -4.84 -12.72 -12.66
CA ASP B 50 -3.97 -13.35 -11.66
C ASP B 50 -2.68 -12.55 -11.51
N ILE B 51 -2.82 -11.24 -11.42
CA ILE B 51 -1.66 -10.37 -11.26
C ILE B 51 -1.23 -10.30 -9.80
N SER B 52 0.05 -10.03 -9.58
CA SER B 52 0.57 -9.94 -8.23
C SER B 52 0.79 -8.48 -7.85
N VAL B 53 0.63 -8.18 -6.56
CA VAL B 53 0.82 -6.82 -6.09
C VAL B 53 2.22 -6.33 -6.44
N SER B 54 3.20 -7.23 -6.44
CA SER B 54 4.58 -6.85 -6.75
C SER B 54 4.62 -5.91 -7.95
N GLN B 55 4.11 -6.35 -9.09
CA GLN B 55 4.10 -5.48 -10.27
C GLN B 55 3.37 -4.19 -9.94
N VAL B 56 2.31 -4.30 -9.17
CA VAL B 56 1.57 -3.11 -8.76
C VAL B 56 2.52 -2.24 -7.95
N LEU B 57 3.28 -2.91 -7.08
CA LEU B 57 4.26 -2.24 -6.24
C LEU B 57 5.44 -1.73 -7.09
N GLU B 58 5.97 -2.60 -7.96
CA GLU B 58 7.10 -2.23 -8.81
C GLU B 58 6.70 -1.27 -9.92
N ILE B 59 5.60 -1.58 -10.61
CA ILE B 59 5.15 -0.70 -11.69
C ILE B 59 5.01 0.72 -11.16
N HIS B 60 4.53 0.82 -9.91
CA HIS B 60 4.36 2.11 -9.29
C HIS B 60 5.71 2.82 -9.14
N VAL B 61 6.68 2.12 -8.57
CA VAL B 61 8.01 2.70 -8.36
C VAL B 61 8.57 3.28 -9.65
N GLU B 62 8.50 2.52 -10.73
CA GLU B 62 9.01 2.97 -12.02
C GLU B 62 8.31 4.26 -12.43
N LEU B 63 7.00 4.29 -12.26
CA LEU B 63 6.22 5.47 -12.60
C LEU B 63 6.64 6.64 -11.73
N MET B 64 6.98 6.36 -10.47
CA MET B 64 7.42 7.42 -9.57
C MET B 64 8.70 8.04 -10.12
N ASP B 65 9.56 7.19 -10.67
CA ASP B 65 10.79 7.66 -11.27
C ASP B 65 10.45 8.63 -12.40
N THR B 66 9.42 8.27 -13.15
CA THR B 66 8.96 9.09 -14.27
C THR B 66 8.54 10.47 -13.78
N PHE B 67 7.77 10.50 -12.69
CA PHE B 67 7.31 11.77 -12.14
C PHE B 67 8.48 12.58 -11.60
N SER B 68 9.28 11.97 -10.74
CA SER B 68 10.42 12.65 -10.16
C SER B 68 11.38 13.07 -11.27
N LYS B 69 11.41 12.29 -12.34
CA LYS B 69 12.27 12.59 -13.49
C LYS B 69 11.86 13.93 -14.10
N GLN B 70 10.56 14.11 -14.28
CA GLN B 70 10.03 15.35 -14.85
C GLN B 70 10.25 16.53 -13.92
N LEU B 71 10.02 16.31 -12.63
CA LEU B 71 10.17 17.36 -11.63
C LEU B 71 11.61 17.89 -11.61
N LYS B 72 12.58 17.00 -11.65
CA LYS B 72 13.99 17.41 -11.63
C LYS B 72 14.37 18.24 -12.85
N LEU B 73 14.00 17.76 -14.03
CA LEU B 73 14.33 18.46 -15.26
C LEU B 73 13.62 19.81 -15.35
N GLU B 74 12.39 19.86 -14.86
CA GLU B 74 11.64 21.12 -14.91
C GLU B 74 11.75 21.88 -13.61
N GLY B 75 12.11 21.19 -12.53
CA GLY B 75 12.25 21.84 -11.23
C GLY B 75 10.89 22.18 -10.63
N ARG B 76 9.98 21.22 -10.65
CA ARG B 76 8.64 21.44 -10.10
C ARG B 76 8.53 20.81 -8.70
N SER B 77 7.59 21.31 -7.91
CA SER B 77 7.41 20.79 -6.57
C SER B 77 7.11 19.30 -6.62
N GLU B 78 7.92 18.53 -5.90
CA GLU B 78 7.74 17.08 -5.87
C GLU B 78 6.70 16.70 -4.82
N ASP B 79 6.16 17.71 -4.14
CA ASP B 79 5.14 17.47 -3.12
C ASP B 79 3.98 16.66 -3.69
N ILE B 80 3.72 16.86 -4.97
CA ILE B 80 2.64 16.17 -5.67
C ILE B 80 2.83 14.64 -5.68
N LEU B 81 4.05 14.17 -5.45
CA LEU B 81 4.30 12.73 -5.44
C LEU B 81 3.39 12.00 -4.45
N LEU B 82 2.96 12.70 -3.41
CA LEU B 82 2.06 12.10 -2.43
C LEU B 82 0.88 11.42 -3.13
N ASP B 83 0.51 11.97 -4.28
CA ASP B 83 -0.62 11.47 -5.04
C ASP B 83 -0.41 10.02 -5.45
N TYR B 84 0.81 9.68 -5.82
CA TYR B 84 1.11 8.32 -6.24
C TYR B 84 1.01 7.38 -5.05
N ARG B 85 1.47 7.85 -3.89
CA ARG B 85 1.39 7.04 -2.68
C ARG B 85 -0.07 6.80 -2.34
N LEU B 86 -0.88 7.86 -2.51
CA LEU B 86 -2.31 7.77 -2.25
C LEU B 86 -2.95 6.87 -3.30
N THR B 87 -2.53 7.04 -4.54
CA THR B 87 -3.03 6.25 -5.65
C THR B 87 -2.54 4.81 -5.53
N LEU B 88 -1.29 4.66 -5.11
CA LEU B 88 -0.69 3.35 -4.97
C LEU B 88 -1.28 2.60 -3.78
N ILE B 89 -1.34 3.26 -2.64
CA ILE B 89 -1.87 2.64 -1.42
C ILE B 89 -3.36 2.30 -1.55
N ASP B 90 -4.15 3.25 -2.03
CA ASP B 90 -5.59 3.02 -2.17
C ASP B 90 -5.88 1.94 -3.22
N VAL B 91 -5.11 1.94 -4.30
CA VAL B 91 -5.31 0.96 -5.36
C VAL B 91 -5.06 -0.46 -4.84
N ILE B 92 -3.95 -0.64 -4.15
CA ILE B 92 -3.61 -1.94 -3.60
C ILE B 92 -4.69 -2.39 -2.61
N ALA B 93 -5.19 -1.43 -1.84
CA ALA B 93 -6.23 -1.72 -0.86
C ALA B 93 -7.53 -2.13 -1.53
N HIS B 94 -7.82 -1.54 -2.69
CA HIS B 94 -9.05 -1.85 -3.40
C HIS B 94 -9.10 -3.31 -3.85
N LEU B 95 -8.04 -3.76 -4.54
CA LEU B 95 -8.02 -5.15 -5.01
C LEU B 95 -7.83 -6.10 -3.84
N CYS B 96 -7.00 -5.70 -2.87
CA CYS B 96 -6.78 -6.52 -1.70
C CYS B 96 -8.11 -6.87 -1.07
N GLU B 97 -9.00 -5.88 -1.03
CA GLU B 97 -10.32 -6.08 -0.48
C GLU B 97 -11.14 -7.02 -1.36
N MET B 98 -10.97 -6.91 -2.67
CA MET B 98 -11.71 -7.77 -3.58
C MET B 98 -11.31 -9.22 -3.35
N TYR B 99 -10.05 -9.45 -2.98
CA TYR B 99 -9.58 -10.79 -2.70
C TYR B 99 -10.30 -11.34 -1.46
N ARG B 100 -10.48 -10.49 -0.46
CA ARG B 100 -11.16 -10.89 0.77
C ARG B 100 -12.58 -11.38 0.51
N ARG B 101 -13.29 -10.67 -0.38
CA ARG B 101 -14.66 -11.03 -0.71
C ARG B 101 -14.74 -12.32 -1.54
N SER B 102 -13.69 -12.59 -2.30
CA SER B 102 -13.66 -13.78 -3.14
C SER B 102 -13.36 -15.02 -2.32
N ILE B 103 -13.33 -14.87 -1.00
CA ILE B 103 -13.03 -16.00 -0.13
C ILE B 103 -14.25 -16.36 0.72
N PRO B 104 -14.99 -17.36 0.30
CA PRO B 104 -16.19 -17.82 1.04
C PRO B 104 -15.82 -18.76 2.19
N ARG B 105 -16.26 -18.43 3.40
CA ARG B 105 -15.97 -19.25 4.56
C ARG B 105 -17.25 -19.73 5.25
N GLU B 106 -17.17 -20.90 5.87
CA GLU B 106 -18.32 -21.45 6.58
C GLU B 106 -18.23 -21.12 8.06
N VAL B 107 -19.36 -20.86 8.69
CA VAL B 107 -19.39 -20.53 10.11
C VAL B 107 -20.70 -20.97 10.75
N ALA C 1 9.87 13.61 -28.64
CA ALA C 1 8.57 13.30 -27.96
C ALA C 1 8.40 11.79 -27.87
N MET C 2 8.34 11.28 -26.65
CA MET C 2 8.18 9.85 -26.43
C MET C 2 6.80 9.40 -26.91
N ALA C 3 6.51 8.11 -26.80
CA ALA C 3 5.22 7.59 -27.23
C ALA C 3 4.08 8.16 -26.39
N GLY C 4 4.43 8.71 -25.23
CA GLY C 4 3.42 9.29 -24.34
C GLY C 4 4.04 9.62 -22.98
N ILE C 5 3.85 10.84 -22.53
CA ILE C 5 4.39 11.27 -21.24
C ILE C 5 3.30 11.42 -20.20
N ILE C 6 3.64 11.13 -18.94
CA ILE C 6 2.67 11.23 -17.85
C ILE C 6 2.54 12.68 -17.38
N SER C 7 1.31 13.09 -17.08
CA SER C 7 1.06 14.45 -16.62
C SER C 7 0.16 14.46 -15.39
N GLY C 8 0.68 13.93 -14.28
CA GLY C 8 -0.08 13.88 -13.03
C GLY C 8 -0.48 15.29 -12.59
N THR C 9 -0.07 16.28 -13.37
CA THR C 9 -0.37 17.67 -13.06
C THR C 9 0.50 18.15 -11.90
N PRO C 10 1.74 17.76 -11.91
CA PRO C 10 2.73 18.13 -10.86
C PRO C 10 2.51 19.52 -10.28
N THR C 11 3.00 19.73 -9.07
CA THR C 11 2.85 21.02 -8.39
C THR C 11 1.43 21.56 -8.59
N ARG C 12 0.55 21.27 -7.63
CA ARG C 12 -0.82 21.75 -7.72
C ARG C 12 -1.56 21.57 -6.40
N ILE C 13 -1.12 20.60 -5.60
CA ILE C 13 -1.77 20.33 -4.33
C ILE C 13 -0.84 20.66 -3.16
N SER C 14 -1.39 21.32 -2.13
CA SER C 14 -0.62 21.67 -0.95
C SER C 14 -0.58 20.49 0.02
N VAL C 15 0.62 20.00 0.29
CA VAL C 15 0.78 18.86 1.18
C VAL C 15 1.84 19.15 2.24
N ASP C 16 2.03 18.22 3.18
CA ASP C 16 3.02 18.43 4.23
C ASP C 16 3.15 17.20 5.14
N GLU C 17 4.38 16.94 5.58
CA GLU C 17 4.65 15.81 6.47
C GLU C 17 3.69 14.64 6.19
N LYS C 18 2.80 14.38 7.14
CA LYS C 18 1.83 13.30 6.99
C LYS C 18 1.16 13.38 5.63
N THR C 19 1.32 14.53 4.96
CA THR C 19 0.72 14.76 3.65
C THR C 19 -0.40 13.75 3.37
N GLU C 20 -1.64 14.22 3.47
CA GLU C 20 -2.82 13.40 3.24
C GLU C 20 -2.43 11.99 2.80
N LEU C 21 -2.48 11.05 3.74
CA LEU C 21 -2.13 9.67 3.44
C LEU C 21 -3.38 8.78 3.46
N ALA C 22 -3.22 7.53 3.89
CA ALA C 22 -4.33 6.58 3.95
C ALA C 22 -5.52 7.12 4.75
N ARG C 23 -5.64 8.45 4.84
CA ARG C 23 -6.75 9.04 5.59
C ARG C 23 -8.08 8.70 4.91
N ILE C 24 -8.00 8.11 3.71
CA ILE C 24 -9.21 7.75 2.98
C ILE C 24 -9.92 6.60 3.69
N ALA C 25 -9.14 5.73 4.31
CA ALA C 25 -9.69 4.58 5.02
C ALA C 25 -10.33 3.60 4.03
N LYS C 26 -10.75 4.11 2.88
CA LYS C 26 -11.37 3.27 1.86
C LYS C 26 -12.72 2.74 2.34
N GLY C 27 -13.02 2.99 3.62
CA GLY C 27 -14.29 2.54 4.19
C GLY C 27 -14.26 1.05 4.51
N MET C 28 -13.07 0.46 4.43
CA MET C 28 -12.93 -0.97 4.72
C MET C 28 -13.10 -1.22 6.22
N GLN C 29 -13.09 -0.15 7.01
CA GLN C 29 -13.25 -0.29 8.45
C GLN C 29 -14.69 -0.01 8.85
N ASP C 30 -15.37 -1.06 9.32
CA ASP C 30 -16.77 -0.95 9.74
C ASP C 30 -17.30 -2.34 10.08
N LEU C 31 -16.73 -3.34 9.41
CA LEU C 31 -17.12 -4.74 9.62
C LEU C 31 -18.61 -4.86 9.92
N GLU C 32 -19.01 -6.04 10.38
CA GLU C 32 -20.42 -6.29 10.71
C GLU C 32 -20.93 -5.30 11.74
N SER C 33 -22.19 -4.92 11.59
CA SER C 33 -22.81 -3.97 12.52
C SER C 33 -23.74 -4.70 13.47
N GLU C 34 -23.72 -4.29 14.74
CA GLU C 34 -24.58 -4.92 15.74
C GLU C 34 -26.04 -4.63 15.46
N ALA D 1 5.54 11.89 30.50
CA ALA D 1 5.91 10.68 29.72
C ALA D 1 4.65 9.85 29.45
N MET D 2 4.32 9.69 28.18
CA MET D 2 3.14 8.92 27.80
C MET D 2 3.36 7.44 28.14
N ALA D 3 2.37 6.61 27.87
CA ALA D 3 2.47 5.19 28.16
C ALA D 3 3.56 4.54 27.31
N GLY D 4 3.96 5.22 26.24
CA GLY D 4 5.00 4.69 25.36
C GLY D 4 5.09 5.53 24.09
N ILE D 5 6.30 5.97 23.75
CA ILE D 5 6.49 6.79 22.56
C ILE D 5 7.21 5.99 21.46
N ILE D 6 6.87 6.29 20.22
CA ILE D 6 7.48 5.60 19.08
C ILE D 6 8.85 6.20 18.77
N SER D 7 9.81 5.34 18.42
CA SER D 7 11.16 5.79 18.10
C SER D 7 11.66 5.13 16.82
N GLY D 8 11.03 5.46 15.69
CA GLY D 8 11.43 4.91 14.41
C GLY D 8 12.87 5.25 14.09
N THR D 9 13.51 5.97 15.00
CA THR D 9 14.89 6.39 14.82
C THR D 9 14.99 7.50 13.77
N PRO D 10 14.06 8.42 13.83
CA PRO D 10 14.00 9.57 12.89
C PRO D 10 15.37 10.07 12.44
N THR D 11 15.40 10.73 11.29
CA THR D 11 16.66 11.25 10.76
C THR D 11 17.78 10.23 10.92
N ARG D 12 18.00 9.43 9.88
CA ARG D 12 19.05 8.42 9.93
C ARG D 12 19.32 7.83 8.56
N ILE D 13 18.32 7.86 7.68
CA ILE D 13 18.46 7.31 6.34
C ILE D 13 18.39 8.40 5.28
N SER D 14 19.30 8.31 4.30
CA SER D 14 19.32 9.29 3.22
C SER D 14 18.33 8.89 2.14
N VAL D 15 17.35 9.75 1.89
CA VAL D 15 16.33 9.46 0.89
C VAL D 15 16.16 10.64 -0.06
N ASP D 16 15.32 10.49 -1.08
CA ASP D 16 15.11 11.58 -2.04
C ASP D 16 14.02 11.22 -3.07
N GLU D 17 13.25 12.23 -3.46
CA GLU D 17 12.17 12.05 -4.44
C GLU D 17 11.58 10.64 -4.35
N LYS D 18 11.83 9.83 -5.36
CA LYS D 18 11.32 8.47 -5.40
C LYS D 18 11.61 7.76 -4.08
N THR D 19 12.51 8.36 -3.29
CA THR D 19 12.90 7.79 -2.01
C THR D 19 12.52 6.32 -1.90
N GLU D 20 13.52 5.46 -2.04
CA GLU D 20 13.32 4.01 -1.96
C GLU D 20 11.87 3.66 -1.66
N LEU D 21 11.12 3.28 -2.70
CA LEU D 21 9.72 2.92 -2.52
C LEU D 21 9.52 1.42 -2.71
N ALA D 22 8.37 1.03 -3.27
CA ALA D 22 8.05 -0.38 -3.50
C ALA D 22 9.15 -1.09 -4.30
N ARG D 23 10.37 -0.58 -4.27
CA ARG D 23 11.45 -1.21 -5.01
C ARG D 23 11.74 -2.61 -4.47
N ILE D 24 11.10 -2.93 -3.34
CA ILE D 24 11.30 -4.25 -2.73
C ILE D 24 10.67 -5.33 -3.59
N ALA D 25 9.56 -4.97 -4.26
CA ALA D 25 8.86 -5.91 -5.12
C ALA D 25 8.23 -7.03 -4.29
N LYS D 26 8.80 -7.29 -3.11
CA LYS D 26 8.28 -8.33 -2.23
C LYS D 26 8.47 -9.71 -2.86
N GLY D 27 8.91 -9.73 -4.12
CA GLY D 27 9.14 -10.99 -4.81
C GLY D 27 7.84 -11.61 -5.28
N MET D 28 6.75 -10.84 -5.21
CA MET D 28 5.46 -11.33 -5.63
C MET D 28 5.41 -11.45 -7.16
N GLN D 29 6.39 -10.86 -7.82
CA GLN D 29 6.45 -10.91 -9.28
C GLN D 29 7.40 -12.02 -9.74
N ASP D 30 6.82 -13.05 -10.35
CA ASP D 30 7.58 -14.18 -10.85
C ASP D 30 6.62 -15.25 -11.37
N LEU D 31 5.43 -15.29 -10.78
CA LEU D 31 4.39 -16.24 -11.15
C LEU D 31 5.00 -17.58 -11.57
N GLU D 32 4.17 -18.43 -12.18
CA GLU D 32 4.63 -19.75 -12.62
C GLU D 32 5.81 -19.64 -13.57
N SER D 33 6.73 -20.58 -13.46
CA SER D 33 7.91 -20.60 -14.32
C SER D 33 7.77 -21.65 -15.40
N GLU D 34 8.20 -21.31 -16.62
CA GLU D 34 8.10 -22.25 -17.74
C GLU D 34 9.03 -23.44 -17.51
N ALA A 1 -24.12 -12.68 25.38
CA ALA A 1 -22.70 -13.12 25.36
C ALA A 1 -22.48 -14.12 24.24
N MET A 2 -21.92 -13.66 23.13
CA MET A 2 -21.67 -14.53 21.99
C MET A 2 -20.57 -15.55 22.34
N ALA A 3 -20.19 -16.37 21.38
CA ALA A 3 -19.17 -17.39 21.62
C ALA A 3 -17.79 -16.75 21.65
N ARG A 4 -17.23 -16.60 22.85
CA ARG A 4 -15.90 -16.00 23.01
C ARG A 4 -15.55 -15.13 21.82
N MET A 5 -16.53 -14.39 21.31
CA MET A 5 -16.30 -13.52 20.15
C MET A 5 -16.88 -12.13 20.41
N SER A 6 -16.46 -11.50 21.51
CA SER A 6 -16.96 -10.17 21.85
C SER A 6 -16.22 -9.09 21.06
N PRO A 7 -16.75 -7.90 21.06
CA PRO A 7 -16.15 -6.75 20.32
C PRO A 7 -14.82 -6.30 20.91
N ALA A 8 -14.67 -6.47 22.22
CA ALA A 8 -13.43 -6.06 22.88
C ALA A 8 -12.24 -6.83 22.33
N ASP A 9 -12.46 -8.11 22.03
CA ASP A 9 -11.38 -8.93 21.49
C ASP A 9 -10.82 -8.28 20.25
N LYS A 10 -11.72 -7.72 19.44
CA LYS A 10 -11.31 -7.03 18.22
C LYS A 10 -10.43 -5.84 18.59
N ARG A 11 -10.90 -5.04 19.54
CA ARG A 11 -10.11 -3.89 19.99
C ARG A 11 -8.80 -4.39 20.60
N LYS A 12 -8.89 -5.50 21.32
CA LYS A 12 -7.69 -6.08 21.93
C LYS A 12 -6.68 -6.35 20.83
N LEU A 13 -7.16 -6.94 19.75
CA LEU A 13 -6.33 -7.20 18.59
C LEU A 13 -5.76 -5.89 18.11
N LEU A 14 -6.66 -4.94 17.84
CA LEU A 14 -6.25 -3.63 17.38
C LEU A 14 -5.22 -3.05 18.33
N ASP A 15 -5.46 -3.25 19.62
CA ASP A 15 -4.54 -2.75 20.62
C ASP A 15 -3.17 -3.40 20.43
N GLU A 16 -3.17 -4.72 20.22
CA GLU A 16 -1.93 -5.45 20.01
C GLU A 16 -1.37 -5.16 18.62
N LEU A 17 -2.25 -5.14 17.63
CA LEU A 17 -1.84 -4.87 16.26
C LEU A 17 -1.19 -3.50 16.18
N ARG A 18 -1.70 -2.56 16.95
CA ARG A 18 -1.14 -1.21 16.98
C ARG A 18 0.30 -1.27 17.47
N SER A 19 0.53 -1.97 18.58
CA SER A 19 1.87 -2.10 19.11
C SER A 19 2.74 -2.96 18.18
N ILE A 20 2.17 -4.05 17.67
CA ILE A 20 2.90 -4.91 16.76
C ILE A 20 3.33 -4.15 15.52
N TYR A 21 2.39 -3.43 14.91
CA TYR A 21 2.70 -2.64 13.73
C TYR A 21 3.83 -1.68 14.06
N ARG A 22 3.69 -1.05 15.20
CA ARG A 22 4.69 -0.11 15.68
C ARG A 22 6.05 -0.77 15.77
N THR A 23 6.09 -1.97 16.32
CA THR A 23 7.34 -2.71 16.44
C THR A 23 7.94 -2.96 15.07
N ILE A 24 7.09 -3.28 14.10
CA ILE A 24 7.55 -3.54 12.74
C ILE A 24 8.35 -2.35 12.21
N VAL A 25 7.82 -1.15 12.44
CA VAL A 25 8.48 0.07 11.97
C VAL A 25 9.86 0.25 12.60
N LEU A 26 9.93 0.11 13.92
CA LEU A 26 11.19 0.27 14.63
C LEU A 26 12.21 -0.76 14.18
N GLU A 27 11.77 -2.00 14.03
CA GLU A 27 12.65 -3.08 13.62
C GLU A 27 12.80 -3.12 12.10
N TYR A 28 12.03 -2.30 11.40
CA TYR A 28 12.11 -2.27 9.96
C TYR A 28 13.56 -2.08 9.54
N PHE A 29 14.29 -1.28 10.30
CA PHE A 29 15.69 -1.01 10.01
C PHE A 29 16.62 -1.73 11.00
N ASN A 30 16.09 -2.71 11.72
CA ASN A 30 16.91 -3.44 12.68
C ASN A 30 18.17 -3.97 12.02
N THR A 31 19.23 -4.11 12.80
CA THR A 31 20.48 -4.65 12.29
C THR A 31 20.44 -6.17 12.36
N ASP A 32 19.70 -6.70 13.33
CA ASP A 32 19.61 -8.15 13.49
C ASP A 32 18.18 -8.62 13.78
N ALA A 33 17.31 -7.71 14.21
CA ALA A 33 15.93 -8.11 14.52
C ALA A 33 15.29 -8.71 13.28
N LYS A 34 14.47 -9.73 13.47
CA LYS A 34 13.79 -10.34 12.34
C LYS A 34 12.41 -9.73 12.18
N VAL A 35 12.36 -8.60 11.48
CA VAL A 35 11.12 -7.89 11.26
C VAL A 35 10.08 -8.83 10.69
N ASN A 36 10.54 -9.76 9.86
CA ASN A 36 9.67 -10.73 9.25
C ASN A 36 8.78 -11.36 10.31
N GLU A 37 9.32 -11.52 11.52
CA GLU A 37 8.55 -12.07 12.62
C GLU A 37 7.45 -11.08 13.01
N ARG A 38 7.80 -9.80 13.00
CA ARG A 38 6.84 -8.76 13.34
C ARG A 38 5.78 -8.69 12.25
N ILE A 39 6.24 -8.70 11.01
CA ILE A 39 5.34 -8.65 9.86
C ILE A 39 4.46 -9.89 9.84
N ASP A 40 5.07 -11.04 10.10
CA ASP A 40 4.33 -12.29 10.13
C ASP A 40 3.28 -12.25 11.24
N GLU A 41 3.66 -11.71 12.38
CA GLU A 41 2.74 -11.61 13.51
C GLU A 41 1.57 -10.72 13.15
N PHE A 42 1.87 -9.55 12.62
CA PHE A 42 0.81 -8.61 12.22
C PHE A 42 0.03 -9.19 11.06
N VAL A 43 0.74 -9.69 10.06
CA VAL A 43 0.11 -10.25 8.88
C VAL A 43 -0.76 -11.45 9.25
N SER A 44 -0.23 -12.35 10.08
CA SER A 44 -0.96 -13.54 10.48
C SER A 44 -2.22 -13.20 11.29
N LYS A 45 -2.08 -12.39 12.33
CA LYS A 45 -3.22 -12.03 13.17
C LYS A 45 -4.26 -11.26 12.37
N ALA A 46 -3.81 -10.38 11.50
CA ALA A 46 -4.73 -9.57 10.70
C ALA A 46 -5.66 -10.46 9.88
N PHE A 47 -5.11 -11.50 9.26
CA PHE A 47 -5.92 -12.42 8.45
C PHE A 47 -6.87 -13.21 9.34
N PHE A 48 -6.29 -13.91 10.31
CA PHE A 48 -7.07 -14.73 11.24
C PHE A 48 -8.09 -13.90 12.01
N ALA A 49 -7.67 -12.72 12.46
CA ALA A 49 -8.57 -11.86 13.22
C ALA A 49 -9.61 -11.23 12.31
N ASP A 50 -9.58 -11.59 11.03
CA ASP A 50 -10.52 -11.05 10.07
C ASP A 50 -10.47 -9.53 10.06
N ILE A 51 -9.24 -9.00 10.05
CA ILE A 51 -9.04 -7.56 10.05
C ILE A 51 -8.93 -7.05 8.62
N SER A 52 -9.71 -6.02 8.32
CA SER A 52 -9.69 -5.43 7.00
C SER A 52 -8.43 -4.60 6.82
N VAL A 53 -8.03 -4.37 5.58
CA VAL A 53 -6.84 -3.58 5.32
C VAL A 53 -7.03 -2.18 5.90
N SER A 54 -8.29 -1.74 5.93
CA SER A 54 -8.64 -0.41 6.42
C SER A 54 -7.86 -0.04 7.68
N GLN A 55 -8.04 -0.77 8.78
CA GLN A 55 -7.33 -0.45 10.01
C GLN A 55 -5.84 -0.43 9.77
N VAL A 56 -5.36 -1.34 8.95
CA VAL A 56 -3.95 -1.37 8.63
C VAL A 56 -3.59 -0.03 8.00
N LEU A 57 -4.48 0.42 7.11
CA LEU A 57 -4.30 1.69 6.43
C LEU A 57 -4.45 2.87 7.39
N GLU A 58 -5.54 2.87 8.16
CA GLU A 58 -5.80 3.97 9.08
C GLU A 58 -4.82 3.99 10.26
N ILE A 59 -4.61 2.84 10.91
CA ILE A 59 -3.69 2.80 12.04
C ILE A 59 -2.34 3.34 11.61
N HIS A 60 -1.94 3.00 10.39
CA HIS A 60 -0.67 3.47 9.86
C HIS A 60 -0.61 5.00 9.85
N VAL A 61 -1.63 5.63 9.25
CA VAL A 61 -1.68 7.09 9.16
C VAL A 61 -1.48 7.77 10.51
N GLU A 62 -2.18 7.31 11.54
CA GLU A 62 -2.05 7.93 12.86
C GLU A 62 -0.60 7.91 13.31
N LEU A 63 0.04 6.76 13.20
CA LEU A 63 1.44 6.63 13.59
C LEU A 63 2.30 7.54 12.72
N MET A 64 1.91 7.70 11.45
CA MET A 64 2.66 8.58 10.57
C MET A 64 2.69 9.97 11.17
N ASP A 65 1.59 10.33 11.81
CA ASP A 65 1.50 11.63 12.47
C ASP A 65 2.50 11.69 13.61
N THR A 66 2.66 10.56 14.29
CA THR A 66 3.59 10.46 15.42
C THR A 66 5.02 10.76 14.97
N PHE A 67 5.44 10.14 13.86
CA PHE A 67 6.80 10.35 13.36
C PHE A 67 6.98 11.78 12.84
N SER A 68 6.05 12.24 12.02
CA SER A 68 6.14 13.59 11.46
C SER A 68 6.20 14.61 12.60
N LYS A 69 5.28 14.48 13.53
CA LYS A 69 5.23 15.37 14.68
C LYS A 69 6.48 15.23 15.54
N GLN A 70 6.92 13.98 15.74
CA GLN A 70 8.10 13.71 16.54
C GLN A 70 9.36 14.31 15.93
N LEU A 71 9.47 14.21 14.60
CA LEU A 71 10.64 14.75 13.91
C LEU A 71 10.75 16.24 14.14
N LYS A 72 9.62 16.95 14.10
CA LYS A 72 9.65 18.38 14.32
C LYS A 72 10.13 18.69 15.74
N LEU A 73 9.62 17.95 16.71
CA LEU A 73 10.01 18.14 18.10
C LEU A 73 11.50 17.86 18.29
N GLU A 74 11.96 16.76 17.70
CA GLU A 74 13.37 16.38 17.79
C GLU A 74 14.23 17.31 16.95
N GLY A 75 13.66 17.83 15.86
CA GLY A 75 14.41 18.72 14.97
C GLY A 75 15.25 17.88 14.02
N ARG A 76 14.68 16.78 13.55
CA ARG A 76 15.38 15.88 12.64
C ARG A 76 14.62 15.78 11.32
N SER A 77 15.33 15.96 10.21
CA SER A 77 14.74 15.89 8.86
C SER A 77 13.27 15.46 8.92
N GLU A 78 12.95 14.35 8.26
CA GLU A 78 11.58 13.84 8.24
C GLU A 78 11.37 12.90 7.05
N ASP A 79 12.35 12.86 6.15
CA ASP A 79 12.25 12.03 4.96
C ASP A 79 12.13 10.55 5.35
N ILE A 80 12.84 10.16 6.41
CA ILE A 80 12.80 8.77 6.87
C ILE A 80 11.37 8.24 6.85
N LEU A 81 10.39 9.16 6.74
CA LEU A 81 9.00 8.76 6.69
C LEU A 81 8.77 7.75 5.56
N LEU A 82 9.64 7.79 4.56
CA LEU A 82 9.55 6.86 3.44
C LEU A 82 9.53 5.42 3.95
N ASP A 83 10.15 5.20 5.10
CA ASP A 83 10.22 3.87 5.70
C ASP A 83 8.84 3.34 6.02
N TYR A 84 8.00 4.20 6.56
CA TYR A 84 6.64 3.80 6.90
C TYR A 84 5.89 3.40 5.63
N ARG A 85 6.13 4.14 4.55
CA ARG A 85 5.48 3.83 3.29
C ARG A 85 5.97 2.48 2.78
N LEU A 86 7.28 2.24 2.88
CA LEU A 86 7.83 0.95 2.48
C LEU A 86 7.28 -0.12 3.40
N THR A 87 7.33 0.16 4.68
CA THR A 87 6.83 -0.75 5.70
C THR A 87 5.31 -0.92 5.56
N LEU A 88 4.63 0.18 5.27
CA LEU A 88 3.18 0.16 5.11
C LEU A 88 2.78 -0.56 3.82
N ILE A 89 3.41 -0.17 2.72
CA ILE A 89 3.12 -0.80 1.43
C ILE A 89 3.58 -2.26 1.41
N ASP A 90 4.76 -2.51 1.97
CA ASP A 90 5.27 -3.88 2.04
C ASP A 90 4.40 -4.72 2.95
N VAL A 91 3.95 -4.11 4.05
CA VAL A 91 3.10 -4.80 5.01
C VAL A 91 1.77 -5.21 4.39
N ILE A 92 1.08 -4.25 3.79
CA ILE A 92 -0.20 -4.53 3.17
C ILE A 92 -0.04 -5.54 2.03
N ALA A 93 1.09 -5.44 1.34
CA ALA A 93 1.37 -6.35 0.24
C ALA A 93 1.56 -7.78 0.74
N HIS A 94 2.15 -7.92 1.92
CA HIS A 94 2.40 -9.24 2.49
C HIS A 94 1.10 -9.99 2.80
N LEU A 95 0.19 -9.35 3.54
CA LEU A 95 -1.06 -10.03 3.87
C LEU A 95 -1.92 -10.17 2.61
N CYS A 96 -1.87 -9.16 1.74
CA CYS A 96 -2.63 -9.24 0.50
C CYS A 96 -2.16 -10.47 -0.28
N GLU A 97 -0.87 -10.78 -0.12
CA GLU A 97 -0.28 -11.94 -0.79
C GLU A 97 -0.92 -13.23 -0.27
N MET A 98 -1.07 -13.34 1.05
CA MET A 98 -1.65 -14.53 1.63
C MET A 98 -3.11 -14.68 1.22
N TYR A 99 -3.83 -13.57 1.12
CA TYR A 99 -5.23 -13.63 0.72
C TYR A 99 -5.36 -14.27 -0.65
N ARG A 100 -4.42 -13.94 -1.54
CA ARG A 100 -4.44 -14.51 -2.88
C ARG A 100 -4.22 -16.03 -2.83
N ARG A 101 -3.29 -16.45 -1.99
CA ARG A 101 -2.96 -17.87 -1.84
C ARG A 101 -4.02 -18.61 -1.04
N SER A 102 -4.78 -17.86 -0.25
CA SER A 102 -5.82 -18.46 0.59
C SER A 102 -7.10 -18.69 -0.19
N ILE A 103 -7.04 -18.54 -1.52
CA ILE A 103 -8.24 -18.73 -2.33
C ILE A 103 -8.12 -19.96 -3.25
N PRO A 104 -8.71 -21.06 -2.87
CA PRO A 104 -8.66 -22.31 -3.68
C PRO A 104 -9.56 -22.24 -4.91
N ARG A 105 -8.99 -22.48 -6.09
CA ARG A 105 -9.75 -22.42 -7.33
C ARG A 105 -9.63 -23.75 -8.10
N GLU A 106 -10.72 -24.13 -8.76
CA GLU A 106 -10.77 -25.39 -9.53
C GLU A 106 -9.76 -25.38 -10.68
N VAL A 107 -9.18 -26.57 -10.93
CA VAL A 107 -8.20 -26.73 -12.01
C VAL A 107 -6.85 -26.18 -11.60
N ALA B 1 1.81 -24.40 -28.05
CA ALA B 1 0.77 -23.34 -28.00
C ALA B 1 -0.30 -23.74 -26.98
N MET B 2 -0.22 -23.15 -25.79
CA MET B 2 -1.20 -23.46 -24.75
C MET B 2 -2.57 -22.91 -25.14
N ALA B 3 -3.55 -23.06 -24.25
CA ALA B 3 -4.90 -22.60 -24.54
C ALA B 3 -4.98 -21.08 -24.41
N ARG B 4 -5.03 -20.40 -25.56
CA ARG B 4 -5.13 -18.93 -25.56
C ARG B 4 -4.60 -18.34 -24.26
N MET B 5 -3.52 -18.92 -23.73
CA MET B 5 -2.94 -18.45 -22.49
C MET B 5 -1.42 -18.29 -22.62
N SER B 6 -0.99 -17.52 -23.62
CA SER B 6 0.44 -17.31 -23.84
C SER B 6 0.99 -16.25 -22.89
N PRO B 7 2.28 -16.16 -22.78
CA PRO B 7 2.96 -15.18 -21.90
C PRO B 7 2.78 -13.74 -22.35
N ALA B 8 2.65 -13.54 -23.66
CA ALA B 8 2.48 -12.20 -24.19
C ALA B 8 1.19 -11.56 -23.65
N ASP B 9 0.15 -12.37 -23.51
CA ASP B 9 -1.11 -11.87 -23.00
C ASP B 9 -0.87 -11.19 -21.66
N LYS B 10 -0.02 -11.81 -20.85
CA LYS B 10 0.30 -11.27 -19.55
C LYS B 10 0.97 -9.91 -19.73
N ARG B 11 1.95 -9.84 -20.60
CA ARG B 11 2.63 -8.57 -20.87
C ARG B 11 1.63 -7.58 -21.45
N LYS B 12 0.73 -8.09 -22.30
CA LYS B 12 -0.30 -7.25 -22.89
C LYS B 12 -1.08 -6.60 -21.77
N LEU B 13 -1.45 -7.42 -20.79
CA LEU B 13 -2.15 -6.92 -19.63
C LEU B 13 -1.29 -5.87 -18.96
N LEU B 14 -0.06 -6.25 -18.65
CA LEU B 14 0.88 -5.32 -18.02
C LEU B 14 0.98 -4.06 -18.84
N ASP B 15 1.00 -4.22 -20.14
CA ASP B 15 1.08 -3.07 -21.04
C ASP B 15 -0.16 -2.19 -20.83
N GLU B 16 -1.33 -2.82 -20.76
CA GLU B 16 -2.56 -2.08 -20.56
C GLU B 16 -2.66 -1.60 -19.11
N LEU B 17 -2.30 -2.48 -18.18
CA LEU B 17 -2.35 -2.13 -16.77
C LEU B 17 -1.46 -0.93 -16.50
N ARG B 18 -0.33 -0.87 -17.19
CA ARG B 18 0.58 0.24 -17.04
C ARG B 18 -0.10 1.54 -17.44
N SER B 19 -0.76 1.53 -18.61
CA SER B 19 -1.46 2.73 -19.06
C SER B 19 -2.69 2.99 -18.18
N ILE B 20 -3.41 1.93 -17.83
CA ILE B 20 -4.58 2.07 -16.99
C ILE B 20 -4.19 2.68 -15.64
N TYR B 21 -3.17 2.12 -15.02
CA TYR B 21 -2.70 2.63 -13.73
C TYR B 21 -2.36 4.09 -13.89
N ARG B 22 -1.65 4.39 -14.95
CA ARG B 22 -1.25 5.74 -15.27
C ARG B 22 -2.47 6.66 -15.34
N THR B 23 -3.51 6.20 -16.02
CA THR B 23 -4.74 6.97 -16.15
C THR B 23 -5.34 7.24 -14.78
N ILE B 24 -5.28 6.24 -13.90
CA ILE B 24 -5.82 6.39 -12.55
C ILE B 24 -5.18 7.59 -11.85
N VAL B 25 -3.86 7.70 -11.98
CA VAL B 25 -3.13 8.78 -11.33
C VAL B 25 -3.57 10.14 -11.85
N LEU B 26 -3.64 10.29 -13.17
CA LEU B 26 -4.04 11.55 -13.78
C LEU B 26 -5.46 11.92 -13.38
N GLU B 27 -6.35 10.94 -13.39
CA GLU B 27 -7.74 11.18 -13.05
C GLU B 27 -7.95 11.13 -11.55
N TYR B 28 -6.91 10.76 -10.82
CA TYR B 28 -7.03 10.69 -9.37
C TYR B 28 -7.57 12.02 -8.84
N PHE B 29 -7.15 13.11 -9.47
CA PHE B 29 -7.58 14.44 -9.06
C PHE B 29 -8.59 15.03 -10.05
N ASN B 30 -9.15 14.18 -10.92
CA ASN B 30 -10.12 14.67 -11.90
C ASN B 30 -11.22 15.47 -11.23
N THR B 31 -11.79 16.42 -11.96
CA THR B 31 -12.89 17.22 -11.42
C THR B 31 -14.20 16.50 -11.66
N ASP B 32 -14.26 15.70 -12.72
CA ASP B 32 -15.48 14.97 -13.05
C ASP B 32 -15.20 13.53 -13.48
N ALA B 33 -13.97 13.22 -13.87
CA ALA B 33 -13.66 11.85 -14.29
C ALA B 33 -13.96 10.88 -13.18
N LYS B 34 -14.46 9.71 -13.52
CA LYS B 34 -14.76 8.71 -12.52
C LYS B 34 -13.58 7.75 -12.37
N VAL B 35 -12.62 8.16 -11.56
CA VAL B 35 -11.42 7.37 -11.34
C VAL B 35 -11.81 5.95 -10.93
N ASN B 36 -12.91 5.86 -10.20
CA ASN B 36 -13.39 4.57 -9.74
C ASN B 36 -13.44 3.61 -10.92
N GLU B 37 -13.76 4.14 -12.10
CA GLU B 37 -13.81 3.32 -13.30
C GLU B 37 -12.40 2.85 -13.64
N ARG B 38 -11.43 3.75 -13.48
CA ARG B 38 -10.05 3.43 -13.76
C ARG B 38 -9.56 2.39 -12.75
N ILE B 39 -9.87 2.66 -11.48
CA ILE B 39 -9.49 1.78 -10.39
C ILE B 39 -10.18 0.43 -10.56
N ASP B 40 -11.45 0.46 -10.91
CA ASP B 40 -12.20 -0.76 -11.13
C ASP B 40 -11.60 -1.56 -12.28
N GLU B 41 -11.22 -0.84 -13.34
CA GLU B 41 -10.63 -1.48 -14.51
C GLU B 41 -9.32 -2.16 -14.13
N PHE B 42 -8.46 -1.40 -13.45
CA PHE B 42 -7.17 -1.94 -13.01
C PHE B 42 -7.39 -3.03 -11.97
N VAL B 43 -8.23 -2.73 -10.99
CA VAL B 43 -8.52 -3.67 -9.93
C VAL B 43 -9.14 -4.95 -10.47
N SER B 44 -10.11 -4.81 -11.36
CA SER B 44 -10.80 -5.96 -11.93
C SER B 44 -9.86 -6.83 -12.77
N LYS B 45 -9.15 -6.22 -13.71
CA LYS B 45 -8.23 -6.98 -14.58
C LYS B 45 -7.11 -7.63 -13.77
N ALA B 46 -6.61 -6.91 -12.78
CA ALA B 46 -5.53 -7.43 -11.96
C ALA B 46 -5.94 -8.75 -11.30
N PHE B 47 -7.15 -8.81 -10.75
CA PHE B 47 -7.63 -10.03 -10.10
C PHE B 47 -7.82 -11.13 -11.14
N PHE B 48 -8.64 -10.85 -12.14
CA PHE B 48 -8.94 -11.81 -13.20
C PHE B 48 -7.68 -12.24 -13.93
N ALA B 49 -6.80 -11.29 -14.23
CA ALA B 49 -5.57 -11.60 -14.94
C ALA B 49 -4.58 -12.33 -14.03
N ASP B 50 -5.02 -12.60 -12.80
CA ASP B 50 -4.16 -13.30 -11.85
C ASP B 50 -2.84 -12.53 -11.67
N ILE B 51 -2.96 -11.22 -11.52
CA ILE B 51 -1.78 -10.38 -11.35
C ILE B 51 -1.47 -10.20 -9.86
N SER B 52 -0.23 -10.44 -9.52
CA SER B 52 0.19 -10.29 -8.13
C SER B 52 0.32 -8.82 -7.80
N VAL B 53 0.26 -8.50 -6.51
CA VAL B 53 0.38 -7.10 -6.09
C VAL B 53 1.74 -6.57 -6.52
N SER B 54 2.71 -7.47 -6.58
CA SER B 54 4.09 -7.12 -6.95
C SER B 54 4.14 -6.12 -8.11
N GLN B 55 3.65 -6.51 -9.28
CA GLN B 55 3.68 -5.60 -10.42
C GLN B 55 2.98 -4.30 -10.09
N VAL B 56 1.90 -4.39 -9.35
CA VAL B 56 1.20 -3.20 -8.94
C VAL B 56 2.16 -2.33 -8.16
N LEU B 57 2.91 -3.00 -7.28
CA LEU B 57 3.90 -2.32 -6.45
C LEU B 57 5.07 -1.81 -7.29
N GLU B 58 5.64 -2.69 -8.12
CA GLU B 58 6.79 -2.31 -8.93
C GLU B 58 6.43 -1.31 -10.04
N ILE B 59 5.37 -1.59 -10.79
CA ILE B 59 4.98 -0.68 -11.86
C ILE B 59 4.80 0.72 -11.28
N HIS B 60 4.22 0.78 -10.10
CA HIS B 60 4.01 2.06 -9.43
C HIS B 60 5.32 2.81 -9.25
N VAL B 61 6.32 2.14 -8.65
CA VAL B 61 7.62 2.77 -8.41
C VAL B 61 8.23 3.40 -9.66
N GLU B 62 8.22 2.67 -10.78
CA GLU B 62 8.79 3.21 -12.01
C GLU B 62 8.12 4.53 -12.38
N LEU B 63 6.79 4.55 -12.35
CA LEU B 63 6.06 5.77 -12.66
C LEU B 63 6.40 6.85 -11.64
N MET B 64 6.63 6.45 -10.39
CA MET B 64 7.00 7.42 -9.37
C MET B 64 8.24 8.15 -9.81
N ASP B 65 9.13 7.42 -10.48
CA ASP B 65 10.36 8.01 -10.99
C ASP B 65 10.01 9.04 -12.05
N THR B 66 8.99 8.72 -12.85
CA THR B 66 8.56 9.62 -13.91
C THR B 66 8.12 10.97 -13.35
N PHE B 67 7.30 10.95 -12.29
CA PHE B 67 6.81 12.18 -11.69
C PHE B 67 7.95 12.95 -11.00
N SER B 68 8.73 12.25 -10.20
CA SER B 68 9.84 12.89 -9.50
C SER B 68 10.79 13.54 -10.50
N LYS B 69 11.17 12.76 -11.50
CA LYS B 69 12.06 13.25 -12.55
C LYS B 69 11.40 14.37 -13.34
N GLN B 70 10.11 14.20 -13.64
CA GLN B 70 9.38 15.21 -14.41
C GLN B 70 9.27 16.53 -13.65
N LEU B 71 9.04 16.44 -12.33
CA LEU B 71 8.92 17.65 -11.51
C LEU B 71 10.21 18.46 -11.57
N LYS B 72 11.34 17.79 -11.53
CA LYS B 72 12.62 18.49 -11.59
C LYS B 72 12.76 19.21 -12.93
N LEU B 73 12.41 18.52 -14.01
CA LEU B 73 12.49 19.10 -15.34
C LEU B 73 11.56 20.30 -15.46
N GLU B 74 10.34 20.14 -14.97
CA GLU B 74 9.36 21.21 -15.01
C GLU B 74 9.71 22.31 -14.02
N GLY B 75 10.36 21.93 -12.93
CA GLY B 75 10.73 22.90 -11.91
C GLY B 75 9.53 23.18 -10.99
N ARG B 76 8.80 22.10 -10.68
CA ARG B 76 7.63 22.21 -9.83
C ARG B 76 7.79 21.35 -8.58
N SER B 77 7.54 21.95 -7.41
CA SER B 77 7.66 21.25 -6.13
C SER B 77 7.98 19.77 -6.32
N GLU B 78 7.11 18.90 -5.82
CA GLU B 78 7.29 17.45 -5.93
C GLU B 78 6.48 16.71 -4.87
N ASP B 79 5.94 17.47 -3.92
CA ASP B 79 5.16 16.86 -2.84
C ASP B 79 3.94 16.12 -3.39
N ILE B 80 3.34 16.67 -4.43
CA ILE B 80 2.17 16.06 -5.05
C ILE B 80 2.37 14.54 -5.18
N LEU B 81 3.61 14.10 -5.03
CA LEU B 81 3.93 12.68 -5.11
C LEU B 81 3.06 11.90 -4.13
N LEU B 82 2.62 12.57 -3.07
CA LEU B 82 1.77 11.94 -2.06
C LEU B 82 0.54 11.31 -2.72
N ASP B 83 0.13 11.89 -3.85
CA ASP B 83 -1.03 11.40 -4.59
C ASP B 83 -0.82 9.97 -5.05
N TYR B 84 0.37 9.68 -5.55
CA TYR B 84 0.67 8.34 -6.01
C TYR B 84 0.58 7.37 -4.84
N ARG B 85 1.05 7.80 -3.68
CA ARG B 85 0.99 6.95 -2.50
C ARG B 85 -0.46 6.70 -2.11
N LEU B 86 -1.28 7.75 -2.16
CA LEU B 86 -2.70 7.61 -1.87
C LEU B 86 -3.32 6.72 -2.92
N THR B 87 -3.00 7.04 -4.17
CA THR B 87 -3.51 6.29 -5.30
C THR B 87 -2.96 4.86 -5.28
N LEU B 88 -1.68 4.73 -4.91
CA LEU B 88 -1.04 3.43 -4.85
C LEU B 88 -1.57 2.61 -3.67
N ILE B 89 -1.61 3.23 -2.50
CA ILE B 89 -2.10 2.53 -1.31
C ILE B 89 -3.60 2.27 -1.43
N ASP B 90 -4.34 3.25 -1.93
CA ASP B 90 -5.79 3.09 -2.11
C ASP B 90 -6.05 2.02 -3.17
N VAL B 91 -5.22 2.02 -4.21
CA VAL B 91 -5.37 1.07 -5.31
C VAL B 91 -5.15 -0.37 -4.82
N ILE B 92 -4.03 -0.60 -4.15
CA ILE B 92 -3.72 -1.92 -3.64
C ILE B 92 -4.76 -2.36 -2.62
N ALA B 93 -5.24 -1.40 -1.86
CA ALA B 93 -6.24 -1.68 -0.84
C ALA B 93 -7.56 -2.12 -1.48
N HIS B 94 -7.89 -1.54 -2.63
CA HIS B 94 -9.13 -1.86 -3.33
C HIS B 94 -9.16 -3.31 -3.80
N LEU B 95 -8.12 -3.75 -4.51
CA LEU B 95 -8.11 -5.13 -4.99
C LEU B 95 -7.92 -6.09 -3.82
N CYS B 96 -7.12 -5.67 -2.84
CA CYS B 96 -6.91 -6.48 -1.65
C CYS B 96 -8.27 -6.73 -0.99
N GLU B 97 -9.14 -5.74 -1.11
CA GLU B 97 -10.47 -5.82 -0.54
C GLU B 97 -11.28 -6.92 -1.23
N MET B 98 -11.21 -6.96 -2.57
CA MET B 98 -11.96 -7.97 -3.30
C MET B 98 -11.43 -9.37 -3.00
N TYR B 99 -10.12 -9.50 -2.83
CA TYR B 99 -9.54 -10.80 -2.53
C TYR B 99 -10.14 -11.35 -1.25
N ARG B 100 -10.35 -10.48 -0.27
CA ARG B 100 -10.94 -10.89 1.00
C ARG B 100 -12.37 -11.39 0.80
N ARG B 101 -13.12 -10.67 -0.03
CA ARG B 101 -14.52 -11.02 -0.30
C ARG B 101 -14.62 -12.21 -1.26
N SER B 102 -13.55 -12.45 -2.00
CA SER B 102 -13.53 -13.55 -2.96
C SER B 102 -13.19 -14.88 -2.30
N ILE B 103 -13.18 -14.90 -0.97
CA ILE B 103 -12.83 -16.12 -0.24
C ILE B 103 -14.04 -16.68 0.54
N PRO B 104 -14.71 -17.67 0.00
CA PRO B 104 -15.89 -18.29 0.67
C PRO B 104 -15.48 -19.18 1.85
N ARG B 105 -16.05 -18.90 3.03
CA ARG B 105 -15.73 -19.68 4.21
C ARG B 105 -17.00 -20.27 4.85
N GLU B 106 -16.87 -21.49 5.38
CA GLU B 106 -18.00 -22.18 6.01
C GLU B 106 -18.56 -21.41 7.20
N VAL B 107 -19.88 -21.48 7.37
CA VAL B 107 -20.57 -20.80 8.47
C VAL B 107 -20.68 -19.31 8.22
N ALA C 1 -3.15 10.83 -31.38
CA ALA C 1 -3.56 11.71 -30.26
C ALA C 1 -2.46 12.73 -29.99
N MET C 2 -2.65 13.55 -28.96
CA MET C 2 -1.67 14.57 -28.60
C MET C 2 -0.53 13.95 -27.81
N ALA C 3 0.67 14.52 -27.93
CA ALA C 3 1.82 13.99 -27.20
C ALA C 3 1.41 13.61 -25.78
N GLY C 4 1.87 12.44 -25.34
CA GLY C 4 1.52 11.95 -24.02
C GLY C 4 2.62 12.22 -22.99
N ILE C 5 2.34 13.13 -22.07
CA ILE C 5 3.29 13.46 -21.00
C ILE C 5 2.74 13.02 -19.66
N ILE C 6 3.58 12.40 -18.85
CA ILE C 6 3.13 11.96 -17.53
C ILE C 6 3.58 12.97 -16.47
N SER C 7 2.64 13.44 -15.67
CA SER C 7 2.96 14.41 -14.63
C SER C 7 2.04 14.23 -13.44
N GLY C 8 0.74 14.09 -13.71
CA GLY C 8 -0.24 13.93 -12.64
C GLY C 8 -0.64 15.28 -12.07
N THR C 9 -0.68 16.29 -12.92
CA THR C 9 -1.04 17.63 -12.50
C THR C 9 -0.20 18.06 -11.30
N PRO C 10 1.09 18.00 -11.46
CA PRO C 10 2.08 18.38 -10.41
C PRO C 10 1.64 19.63 -9.66
N THR C 11 1.93 19.66 -8.36
CA THR C 11 1.56 20.79 -7.53
C THR C 11 0.13 21.21 -7.83
N ARG C 12 -0.81 20.70 -7.03
CA ARG C 12 -2.22 21.02 -7.21
C ARG C 12 -2.99 20.73 -5.93
N ILE C 13 -2.45 19.83 -5.11
CA ILE C 13 -3.10 19.46 -3.87
C ILE C 13 -2.30 19.94 -2.67
N SER C 14 -3.01 20.33 -1.60
CA SER C 14 -2.35 20.78 -0.39
C SER C 14 -1.86 19.58 0.39
N VAL C 15 -0.55 19.54 0.65
CA VAL C 15 0.03 18.43 1.38
C VAL C 15 0.97 18.95 2.47
N ASP C 16 1.14 18.16 3.53
CA ASP C 16 2.00 18.59 4.64
C ASP C 16 2.55 17.38 5.41
N GLU C 17 3.87 17.19 5.34
CA GLU C 17 4.53 16.07 6.03
C GLU C 17 3.75 14.78 5.87
N LYS C 18 3.33 14.20 7.00
CA LYS C 18 2.57 12.94 6.97
C LYS C 18 1.46 13.06 5.93
N THR C 19 1.23 14.29 5.51
CA THR C 19 0.20 14.60 4.52
C THR C 19 -0.74 13.43 4.24
N GLU C 20 -2.04 13.67 4.49
CA GLU C 20 -3.05 12.65 4.25
C GLU C 20 -2.48 11.25 4.41
N LEU C 21 -2.69 10.40 3.43
CA LEU C 21 -2.21 9.03 3.48
C LEU C 21 -3.26 8.12 4.12
N ALA C 22 -3.51 6.98 3.47
CA ALA C 22 -4.50 6.01 3.96
C ALA C 22 -5.56 6.66 4.84
N ARG C 23 -5.91 7.90 4.57
CA ARG C 23 -6.93 8.58 5.35
C ARG C 23 -8.30 8.24 4.77
N ILE C 24 -8.26 7.50 3.67
CA ILE C 24 -9.48 7.07 2.98
C ILE C 24 -10.23 6.03 3.80
N ALA C 25 -9.49 5.20 4.53
CA ALA C 25 -10.11 4.15 5.35
C ALA C 25 -10.93 3.20 4.50
N LYS C 26 -11.68 3.75 3.55
CA LYS C 26 -12.52 2.91 2.69
C LYS C 26 -13.49 2.10 3.54
N GLY C 27 -14.71 1.93 3.04
CA GLY C 27 -15.74 1.18 3.77
C GLY C 27 -15.20 -0.14 4.29
N MET C 28 -13.95 -0.45 3.98
CA MET C 28 -13.36 -1.70 4.43
C MET C 28 -13.39 -1.81 5.95
N GLN C 29 -13.26 -0.68 6.64
CA GLN C 29 -13.28 -0.68 8.09
C GLN C 29 -14.69 -0.87 8.62
N ASP C 30 -14.83 -1.63 9.69
CA ASP C 30 -16.13 -1.87 10.31
C ASP C 30 -16.87 -3.05 9.67
N LEU C 31 -16.36 -4.25 9.92
CA LEU C 31 -16.98 -5.47 9.40
C LEU C 31 -18.38 -5.61 10.02
N GLU C 32 -19.29 -6.31 9.35
CA GLU C 32 -20.62 -6.47 9.91
C GLU C 32 -20.48 -6.82 11.40
N SER C 33 -21.35 -6.25 12.23
CA SER C 33 -21.28 -6.51 13.67
C SER C 33 -21.85 -7.88 14.03
N GLU C 34 -21.18 -8.56 14.95
CA GLU C 34 -21.63 -9.88 15.40
C GLU C 34 -22.25 -10.66 14.24
N ALA D 1 9.02 -1.21 32.11
CA ALA D 1 10.06 -1.04 31.07
C ALA D 1 10.46 0.43 30.98
N MET D 2 11.33 0.75 30.04
CA MET D 2 11.79 2.13 29.86
C MET D 2 10.77 2.93 29.08
N ALA D 3 10.70 4.24 29.34
CA ALA D 3 9.75 5.09 28.64
C ALA D 3 9.68 4.71 27.17
N GLY D 4 8.47 4.62 26.64
CA GLY D 4 8.28 4.23 25.25
C GLY D 4 8.07 5.44 24.33
N ILE D 5 9.06 5.71 23.50
CA ILE D 5 8.99 6.81 22.54
C ILE D 5 8.93 6.27 21.12
N ILE D 6 8.05 6.82 20.30
CA ILE D 6 7.96 6.37 18.92
C ILE D 6 8.69 7.34 18.01
N SER D 7 9.60 6.83 17.21
CA SER D 7 10.37 7.66 16.30
C SER D 7 10.72 6.89 15.03
N GLY D 8 11.19 5.66 15.19
CA GLY D 8 11.57 4.85 14.05
C GLY D 8 12.98 5.18 13.60
N THR D 9 13.85 5.52 14.56
CA THR D 9 15.23 5.86 14.26
C THR D 9 15.28 6.93 13.17
N PRO D 10 14.61 8.02 13.42
CA PRO D 10 14.55 9.17 12.47
C PRO D 10 15.91 9.45 11.83
N THR D 11 15.88 9.85 10.57
CA THR D 11 17.10 10.15 9.84
C THR D 11 18.13 9.05 10.09
N ARG D 12 18.16 8.07 9.18
CA ARG D 12 19.10 6.96 9.30
C ARG D 12 19.28 6.28 7.95
N ILE D 13 18.29 6.44 7.07
CA ILE D 13 18.35 5.83 5.75
C ILE D 13 18.47 6.88 4.66
N SER D 14 19.21 6.55 3.60
CA SER D 14 19.39 7.48 2.49
C SER D 14 18.14 7.45 1.62
N VAL D 15 17.51 8.60 1.45
CA VAL D 15 16.30 8.69 0.64
C VAL D 15 16.40 9.87 -0.32
N ASP D 16 15.69 9.78 -1.44
CA ASP D 16 15.72 10.85 -2.44
C ASP D 16 14.45 10.85 -3.29
N GLU D 17 13.67 11.93 -3.16
CA GLU D 17 12.42 12.07 -3.92
C GLU D 17 11.63 10.76 -3.95
N LYS D 18 11.38 10.25 -5.16
CA LYS D 18 10.64 9.00 -5.31
C LYS D 18 11.19 7.97 -4.35
N THR D 19 12.36 8.28 -3.81
CA THR D 19 13.06 7.41 -2.86
C THR D 19 12.45 6.00 -2.78
N GLU D 20 13.28 5.01 -3.08
CA GLU D 20 12.84 3.62 -3.03
C GLU D 20 11.35 3.50 -3.31
N LEU D 21 10.63 2.80 -2.43
CA LEU D 21 9.19 2.60 -2.59
C LEU D 21 8.93 1.33 -3.39
N ALA D 22 8.02 0.51 -2.90
CA ALA D 22 7.65 -0.75 -3.55
C ALA D 22 8.78 -1.28 -4.43
N ARG D 23 10.03 -1.05 -4.04
CA ARG D 23 11.15 -1.56 -4.82
C ARG D 23 11.45 -2.98 -4.36
N ILE D 24 10.71 -3.41 -3.35
CA ILE D 24 10.86 -4.75 -2.79
C ILE D 24 10.35 -5.80 -3.77
N ALA D 25 9.31 -5.45 -4.53
CA ALA D 25 8.73 -6.39 -5.50
C ALA D 25 8.22 -7.65 -4.82
N LYS D 26 8.99 -8.16 -3.86
CA LYS D 26 8.60 -9.37 -3.16
C LYS D 26 8.39 -10.52 -4.15
N GLY D 27 8.78 -11.73 -3.76
CA GLY D 27 8.65 -12.90 -4.64
C GLY D 27 7.27 -12.98 -5.26
N MET D 28 6.40 -12.05 -4.90
CA MET D 28 5.04 -12.04 -5.44
C MET D 28 5.06 -11.96 -6.95
N GLN D 29 6.04 -11.26 -7.50
CA GLN D 29 6.14 -11.11 -8.95
C GLN D 29 6.67 -12.40 -9.58
N ASP D 30 6.12 -12.74 -10.74
CA ASP D 30 6.56 -13.93 -11.47
C ASP D 30 5.83 -15.19 -11.01
N LEU D 31 4.54 -15.28 -11.35
CA LEU D 31 3.74 -16.44 -11.01
C LEU D 31 4.30 -17.66 -11.74
N GLU D 32 4.08 -18.87 -11.21
CA GLU D 32 4.60 -20.04 -11.88
C GLU D 32 4.32 -19.93 -13.37
N SER D 33 5.28 -20.33 -14.19
CA SER D 33 5.10 -20.23 -15.65
C SER D 33 4.20 -21.33 -16.18
N GLU D 34 3.33 -20.95 -17.14
CA GLU D 34 2.41 -21.91 -17.74
C GLU D 34 1.94 -22.94 -16.72
N ALA A 1 -23.52 -15.92 26.07
CA ALA A 1 -22.21 -16.33 26.64
C ALA A 1 -21.43 -17.13 25.59
N MET A 2 -21.38 -16.60 24.37
CA MET A 2 -20.68 -17.27 23.29
C MET A 2 -19.29 -17.71 23.73
N ALA A 3 -18.53 -18.27 22.81
CA ALA A 3 -17.19 -18.74 23.14
C ALA A 3 -16.22 -17.56 23.22
N ARG A 4 -15.81 -17.22 24.44
CA ARG A 4 -14.89 -16.12 24.66
C ARG A 4 -14.82 -15.18 23.45
N MET A 5 -15.99 -14.82 22.92
CA MET A 5 -16.05 -13.95 21.76
C MET A 5 -16.59 -12.57 22.14
N SER A 6 -15.78 -11.78 22.83
CA SER A 6 -16.19 -10.45 23.24
C SER A 6 -15.59 -9.39 22.32
N PRO A 7 -16.08 -8.19 22.39
CA PRO A 7 -15.60 -7.07 21.54
C PRO A 7 -14.24 -6.54 22.01
N ALA A 8 -13.97 -6.69 23.30
CA ALA A 8 -12.69 -6.22 23.85
C ALA A 8 -11.54 -6.98 23.22
N ASP A 9 -11.74 -8.26 22.93
CA ASP A 9 -10.70 -9.08 22.33
C ASP A 9 -10.25 -8.43 21.03
N LYS A 10 -11.19 -7.92 20.25
CA LYS A 10 -10.85 -7.26 19.00
C LYS A 10 -9.99 -6.04 19.29
N ARG A 11 -10.43 -5.23 20.25
CA ARG A 11 -9.66 -4.06 20.64
C ARG A 11 -8.29 -4.50 21.13
N LYS A 12 -8.26 -5.59 21.87
CA LYS A 12 -7.00 -6.12 22.36
C LYS A 12 -6.11 -6.38 21.17
N LEU A 13 -6.68 -7.02 20.16
CA LEU A 13 -5.96 -7.27 18.92
C LEU A 13 -5.50 -5.94 18.35
N LEU A 14 -6.45 -5.03 18.17
CA LEU A 14 -6.12 -3.72 17.65
C LEU A 14 -5.02 -3.11 18.49
N ASP A 15 -5.15 -3.25 19.81
CA ASP A 15 -4.16 -2.73 20.72
C ASP A 15 -2.82 -3.39 20.47
N GLU A 16 -2.85 -4.71 20.26
CA GLU A 16 -1.63 -5.46 19.99
C GLU A 16 -1.14 -5.20 18.57
N LEU A 17 -2.07 -5.19 17.62
CA LEU A 17 -1.74 -4.93 16.23
C LEU A 17 -1.10 -3.56 16.12
N ARG A 18 -1.61 -2.62 16.91
CA ARG A 18 -1.06 -1.27 16.92
C ARG A 18 0.40 -1.32 17.35
N SER A 19 0.66 -2.06 18.42
CA SER A 19 2.02 -2.22 18.92
C SER A 19 2.85 -3.04 17.94
N ILE A 20 2.29 -4.16 17.49
CA ILE A 20 2.98 -5.01 16.53
C ILE A 20 3.30 -4.23 15.27
N TYR A 21 2.27 -3.57 14.72
CA TYR A 21 2.48 -2.77 13.53
C TYR A 21 3.58 -1.77 13.82
N ARG A 22 3.47 -1.15 14.98
CA ARG A 22 4.46 -0.18 15.43
C ARG A 22 5.83 -0.84 15.50
N THR A 23 5.87 -2.04 16.07
CA THR A 23 7.12 -2.79 16.19
C THR A 23 7.68 -3.06 14.80
N ILE A 24 6.81 -3.42 13.86
CA ILE A 24 7.23 -3.70 12.51
C ILE A 24 7.98 -2.50 11.95
N VAL A 25 7.38 -1.32 12.09
CA VAL A 25 7.96 -0.09 11.58
C VAL A 25 9.32 0.20 12.21
N LEU A 26 9.38 0.11 13.53
CA LEU A 26 10.63 0.37 14.24
C LEU A 26 11.70 -0.64 13.83
N GLU A 27 11.29 -1.88 13.62
CA GLU A 27 12.23 -2.92 13.25
C GLU A 27 12.30 -3.07 11.73
N TYR A 28 11.43 -2.35 11.02
CA TYR A 28 11.43 -2.44 9.56
C TYR A 28 12.81 -2.05 9.04
N PHE A 29 13.46 -1.12 9.76
CA PHE A 29 14.77 -0.65 9.39
C PHE A 29 15.85 -1.30 10.26
N ASN A 30 15.48 -2.37 10.96
CA ASN A 30 16.40 -3.06 11.84
C ASN A 30 17.62 -3.56 11.07
N THR A 31 18.75 -3.66 11.76
CA THR A 31 19.98 -4.15 11.15
C THR A 31 20.10 -5.66 11.33
N ASP A 32 19.42 -6.20 12.34
CA ASP A 32 19.49 -7.63 12.60
C ASP A 32 18.13 -8.20 12.99
N ALA A 33 17.23 -7.36 13.48
CA ALA A 33 15.90 -7.82 13.89
C ALA A 33 15.19 -8.49 12.72
N LYS A 34 14.50 -9.58 13.00
CA LYS A 34 13.77 -10.29 11.96
C LYS A 34 12.36 -9.72 11.84
N VAL A 35 12.25 -8.63 11.10
CA VAL A 35 10.97 -7.95 10.90
C VAL A 35 9.94 -8.94 10.39
N ASN A 36 10.40 -9.89 9.60
CA ASN A 36 9.51 -10.90 9.03
C ASN A 36 8.64 -11.49 10.12
N GLU A 37 9.22 -11.68 11.31
CA GLU A 37 8.47 -12.22 12.43
C GLU A 37 7.38 -11.23 12.82
N ARG A 38 7.71 -9.94 12.78
CA ARG A 38 6.75 -8.90 13.11
C ARG A 38 5.66 -8.86 12.05
N ILE A 39 6.08 -8.90 10.79
CA ILE A 39 5.15 -8.87 9.67
C ILE A 39 4.32 -10.14 9.65
N ASP A 40 4.97 -11.27 9.88
CA ASP A 40 4.28 -12.55 9.91
C ASP A 40 3.25 -12.57 11.02
N GLU A 41 3.62 -11.98 12.16
CA GLU A 41 2.71 -11.94 13.31
C GLU A 41 1.50 -11.09 12.97
N PHE A 42 1.75 -9.92 12.39
CA PHE A 42 0.68 -9.02 12.01
C PHE A 42 -0.13 -9.62 10.88
N VAL A 43 0.57 -10.12 9.86
CA VAL A 43 -0.10 -10.73 8.72
C VAL A 43 -1.03 -11.85 9.15
N SER A 44 -0.55 -12.72 10.04
CA SER A 44 -1.36 -13.83 10.52
C SER A 44 -2.58 -13.35 11.30
N LYS A 45 -2.37 -12.44 12.24
CA LYS A 45 -3.47 -11.92 13.04
C LYS A 45 -4.46 -11.14 12.19
N ALA A 46 -3.94 -10.31 11.29
CA ALA A 46 -4.81 -9.49 10.45
C ALA A 46 -5.77 -10.39 9.68
N PHE A 47 -5.23 -11.46 9.09
CA PHE A 47 -6.06 -12.39 8.34
C PHE A 47 -7.02 -13.11 9.27
N PHE A 48 -6.44 -13.67 10.33
CA PHE A 48 -7.19 -14.43 11.34
C PHE A 48 -8.28 -13.58 12.01
N ALA A 49 -7.93 -12.36 12.40
CA ALA A 49 -8.90 -11.49 13.07
C ALA A 49 -9.84 -10.82 12.08
N ASP A 50 -9.80 -11.27 10.83
CA ASP A 50 -10.66 -10.68 9.81
C ASP A 50 -10.52 -9.17 9.81
N ILE A 51 -9.29 -8.70 9.97
CA ILE A 51 -9.02 -7.27 10.01
C ILE A 51 -8.95 -6.71 8.59
N SER A 52 -9.80 -5.74 8.31
CA SER A 52 -9.80 -5.11 6.99
C SER A 52 -8.55 -4.25 6.85
N VAL A 53 -8.15 -3.99 5.61
CA VAL A 53 -6.98 -3.18 5.37
C VAL A 53 -7.19 -1.79 5.97
N SER A 54 -8.45 -1.34 5.98
CA SER A 54 -8.78 0.00 6.50
C SER A 54 -8.02 0.30 7.79
N GLN A 55 -8.17 -0.54 8.81
CA GLN A 55 -7.45 -0.30 10.05
C GLN A 55 -5.96 -0.28 9.78
N VAL A 56 -5.52 -1.20 8.94
CA VAL A 56 -4.11 -1.24 8.59
C VAL A 56 -3.76 0.10 7.94
N LEU A 57 -4.69 0.57 7.11
CA LEU A 57 -4.54 1.84 6.42
C LEU A 57 -4.62 3.01 7.42
N GLU A 58 -5.67 3.01 8.25
CA GLU A 58 -5.88 4.08 9.22
C GLU A 58 -4.88 4.00 10.38
N ILE A 59 -4.70 2.81 10.94
CA ILE A 59 -3.76 2.67 12.05
C ILE A 59 -2.41 3.20 11.62
N HIS A 60 -2.06 2.97 10.36
CA HIS A 60 -0.80 3.44 9.83
C HIS A 60 -0.72 4.96 9.84
N VAL A 61 -1.77 5.61 9.34
CA VAL A 61 -1.78 7.07 9.28
C VAL A 61 -1.55 7.69 10.66
N GLU A 62 -2.21 7.13 11.67
CA GLU A 62 -2.06 7.65 13.02
C GLU A 62 -0.61 7.58 13.49
N LEU A 63 0.01 6.44 13.30
CA LEU A 63 1.41 6.26 13.70
C LEU A 63 2.32 7.16 12.87
N MET A 64 2.05 7.26 11.57
CA MET A 64 2.88 8.10 10.71
C MET A 64 2.80 9.54 11.19
N ASP A 65 1.60 9.95 11.61
CA ASP A 65 1.41 11.30 12.11
C ASP A 65 2.29 11.50 13.34
N THR A 66 2.42 10.44 14.13
CA THR A 66 3.22 10.47 15.34
C THR A 66 4.68 10.79 15.02
N PHE A 67 5.20 10.19 13.95
CA PHE A 67 6.59 10.44 13.56
C PHE A 67 6.80 11.89 13.15
N SER A 68 6.01 12.36 12.18
CA SER A 68 6.13 13.72 11.70
C SER A 68 5.97 14.70 12.87
N LYS A 69 5.11 14.33 13.83
CA LYS A 69 4.89 15.18 14.99
C LYS A 69 6.18 15.38 15.77
N GLN A 70 6.94 14.30 15.94
CA GLN A 70 8.20 14.37 16.67
C GLN A 70 9.15 15.33 15.98
N LEU A 71 9.13 15.34 14.66
CA LEU A 71 10.00 16.23 13.89
C LEU A 71 9.68 17.69 14.19
N LYS A 72 8.39 18.00 14.31
CA LYS A 72 7.99 19.36 14.61
C LYS A 72 8.60 19.80 15.93
N LEU A 73 8.58 18.89 16.90
CA LEU A 73 9.14 19.17 18.22
C LEU A 73 10.65 18.93 18.25
N GLU A 74 11.09 17.86 17.59
CA GLU A 74 12.53 17.53 17.58
C GLU A 74 13.27 18.19 16.42
N GLY A 75 12.56 18.41 15.31
CA GLY A 75 13.19 19.05 14.15
C GLY A 75 14.15 18.10 13.46
N ARG A 76 13.65 16.93 13.04
CA ARG A 76 14.49 15.95 12.36
C ARG A 76 14.07 15.78 10.91
N SER A 77 14.99 15.22 10.12
CA SER A 77 14.73 15.00 8.70
C SER A 77 13.61 13.98 8.53
N GLU A 78 12.53 14.42 7.91
CA GLU A 78 11.40 13.53 7.66
C GLU A 78 11.76 12.50 6.62
N ASP A 79 13.02 12.51 6.20
CA ASP A 79 13.49 11.55 5.23
C ASP A 79 13.11 10.16 5.72
N ILE A 80 12.72 10.10 6.99
CA ILE A 80 12.31 8.86 7.62
C ILE A 80 10.80 8.66 7.41
N LEU A 81 10.09 9.74 7.16
CA LEU A 81 8.65 9.65 6.95
C LEU A 81 8.33 8.84 5.70
N LEU A 82 9.16 8.96 4.67
CA LEU A 82 8.96 8.23 3.42
C LEU A 82 9.21 6.73 3.60
N ASP A 83 10.21 6.40 4.42
CA ASP A 83 10.57 5.01 4.63
C ASP A 83 9.41 4.20 5.19
N TYR A 84 8.57 4.82 6.00
CA TYR A 84 7.42 4.10 6.57
C TYR A 84 6.46 3.69 5.46
N ARG A 85 6.43 4.48 4.39
CA ARG A 85 5.55 4.18 3.27
C ARG A 85 5.83 2.77 2.76
N LEU A 86 7.11 2.40 2.79
CA LEU A 86 7.51 1.08 2.35
C LEU A 86 6.93 0.02 3.28
N THR A 87 6.92 0.33 4.57
CA THR A 87 6.40 -0.58 5.57
C THR A 87 4.89 -0.76 5.38
N LEU A 88 4.20 0.35 5.14
CA LEU A 88 2.75 0.31 4.94
C LEU A 88 2.43 -0.47 3.67
N ILE A 89 3.15 -0.17 2.60
CA ILE A 89 2.95 -0.84 1.33
C ILE A 89 3.42 -2.29 1.41
N ASP A 90 4.62 -2.47 1.95
CA ASP A 90 5.20 -3.81 2.08
C ASP A 90 4.37 -4.67 3.02
N VAL A 91 3.92 -4.09 4.13
CA VAL A 91 3.13 -4.85 5.11
C VAL A 91 1.83 -5.34 4.49
N ILE A 92 1.11 -4.44 3.83
CA ILE A 92 -0.15 -4.80 3.20
C ILE A 92 0.07 -5.78 2.05
N ALA A 93 1.17 -5.57 1.32
CA ALA A 93 1.49 -6.42 0.19
C ALA A 93 1.69 -7.87 0.64
N HIS A 94 2.37 -8.04 1.78
CA HIS A 94 2.62 -9.37 2.31
C HIS A 94 1.34 -10.07 2.75
N LEU A 95 0.54 -9.38 3.56
CA LEU A 95 -0.70 -9.95 4.04
C LEU A 95 -1.73 -10.03 2.92
N CYS A 96 -1.70 -9.07 1.99
CA CYS A 96 -2.63 -9.08 0.87
C CYS A 96 -2.41 -10.36 0.05
N GLU A 97 -1.15 -10.67 -0.19
CA GLU A 97 -0.80 -11.86 -0.96
C GLU A 97 -1.28 -13.10 -0.22
N MET A 98 -1.23 -13.06 1.10
CA MET A 98 -1.67 -14.20 1.89
C MET A 98 -3.14 -14.49 1.61
N TYR A 99 -3.94 -13.45 1.40
CA TYR A 99 -5.35 -13.64 1.08
C TYR A 99 -5.47 -14.38 -0.25
N ARG A 100 -4.66 -13.96 -1.23
CA ARG A 100 -4.68 -14.59 -2.55
C ARG A 100 -4.33 -16.07 -2.47
N ARG A 101 -3.41 -16.41 -1.57
CA ARG A 101 -2.97 -17.80 -1.42
C ARG A 101 -4.00 -18.64 -0.68
N SER A 102 -4.87 -17.98 0.09
CA SER A 102 -5.89 -18.70 0.86
C SER A 102 -7.13 -18.95 0.02
N ILE A 103 -7.03 -18.64 -1.27
CA ILE A 103 -8.16 -18.83 -2.18
C ILE A 103 -7.94 -20.05 -3.08
N PRO A 104 -8.60 -21.14 -2.80
CA PRO A 104 -8.46 -22.38 -3.62
C PRO A 104 -9.25 -22.29 -4.92
N ARG A 105 -8.55 -22.05 -6.01
CA ARG A 105 -9.20 -21.94 -7.32
C ARG A 105 -8.68 -23.01 -8.27
N GLU A 106 -9.50 -23.37 -9.24
CA GLU A 106 -9.12 -24.38 -10.22
C GLU A 106 -7.82 -24.00 -10.92
N VAL A 107 -6.97 -24.98 -11.18
CA VAL A 107 -5.70 -24.74 -11.84
C VAL A 107 -4.88 -26.03 -11.93
N ALA B 1 -1.35 -25.25 -29.13
CA ALA B 1 -2.28 -24.21 -29.64
C ALA B 1 -3.41 -24.01 -28.63
N MET B 2 -3.05 -23.86 -27.37
CA MET B 2 -4.04 -23.67 -26.31
C MET B 2 -5.04 -22.59 -26.72
N ALA B 3 -5.97 -22.27 -25.81
CA ALA B 3 -6.99 -21.27 -26.11
C ALA B 3 -6.39 -19.88 -25.98
N ARG B 4 -6.21 -19.23 -27.14
CA ARG B 4 -5.64 -17.87 -27.18
C ARG B 4 -4.94 -17.53 -25.87
N MET B 5 -4.10 -18.44 -25.39
CA MET B 5 -3.38 -18.22 -24.14
C MET B 5 -1.89 -18.02 -24.40
N SER B 6 -1.54 -16.87 -24.97
CA SER B 6 -0.13 -16.57 -25.25
C SER B 6 0.45 -15.65 -24.18
N PRO B 7 1.75 -15.54 -24.15
CA PRO B 7 2.45 -14.68 -23.16
C PRO B 7 2.31 -13.19 -23.47
N ALA B 8 2.14 -12.87 -24.75
CA ALA B 8 1.99 -11.49 -25.16
C ALA B 8 0.75 -10.88 -24.55
N ASP B 9 -0.31 -11.68 -24.41
CA ASP B 9 -1.55 -11.20 -23.83
C ASP B 9 -1.28 -10.64 -22.44
N LYS B 10 -0.43 -11.33 -21.68
CA LYS B 10 -0.10 -10.86 -20.35
C LYS B 10 0.59 -9.51 -20.45
N ARG B 11 1.57 -9.42 -21.35
CA ARG B 11 2.27 -8.15 -21.54
C ARG B 11 1.28 -7.10 -21.99
N LYS B 12 0.34 -7.50 -22.85
CA LYS B 12 -0.68 -6.58 -23.31
C LYS B 12 -1.40 -6.04 -22.09
N LEU B 13 -1.76 -6.95 -21.19
CA LEU B 13 -2.40 -6.56 -19.95
C LEU B 13 -1.48 -5.61 -19.21
N LEU B 14 -0.24 -6.04 -18.99
CA LEU B 14 0.73 -5.20 -18.32
C LEU B 14 0.81 -3.86 -19.02
N ASP B 15 0.83 -3.91 -20.34
CA ASP B 15 0.88 -2.69 -21.13
C ASP B 15 -0.35 -1.84 -20.86
N GLU B 16 -1.51 -2.50 -20.79
CA GLU B 16 -2.76 -1.80 -20.53
C GLU B 16 -2.84 -1.40 -19.05
N LEU B 17 -2.46 -2.32 -18.18
CA LEU B 17 -2.49 -2.05 -16.75
C LEU B 17 -1.58 -0.87 -16.45
N ARG B 18 -0.45 -0.80 -17.17
CA ARG B 18 0.47 0.30 -17.00
C ARG B 18 -0.23 1.61 -17.33
N SER B 19 -0.94 1.61 -18.45
CA SER B 19 -1.69 2.79 -18.88
C SER B 19 -2.85 3.04 -17.94
N ILE B 20 -3.61 1.98 -17.65
CA ILE B 20 -4.75 2.10 -16.76
C ILE B 20 -4.28 2.59 -15.39
N TYR B 21 -3.27 1.94 -14.84
CA TYR B 21 -2.72 2.37 -13.56
C TYR B 21 -2.34 3.83 -13.67
N ARG B 22 -1.66 4.14 -14.76
CA ARG B 22 -1.25 5.50 -15.04
C ARG B 22 -2.48 6.41 -15.09
N THR B 23 -3.51 5.95 -15.78
CA THR B 23 -4.75 6.72 -15.89
C THR B 23 -5.34 6.95 -14.51
N ILE B 24 -5.30 5.91 -13.68
CA ILE B 24 -5.83 6.01 -12.34
C ILE B 24 -5.17 7.17 -11.60
N VAL B 25 -3.83 7.19 -11.65
CA VAL B 25 -3.05 8.21 -10.97
C VAL B 25 -3.40 9.61 -11.48
N LEU B 26 -3.41 9.78 -12.80
CA LEU B 26 -3.73 11.07 -13.38
C LEU B 26 -5.14 11.51 -13.02
N GLU B 27 -6.06 10.55 -12.98
CA GLU B 27 -7.43 10.85 -12.65
C GLU B 27 -7.70 10.69 -11.16
N TYR B 28 -6.71 10.17 -10.44
CA TYR B 28 -6.87 9.98 -9.01
C TYR B 28 -7.21 11.32 -8.35
N PHE B 29 -6.67 12.39 -8.92
CA PHE B 29 -6.88 13.72 -8.42
C PHE B 29 -7.89 14.47 -9.27
N ASN B 30 -8.61 13.73 -10.12
CA ASN B 30 -9.60 14.32 -11.00
C ASN B 30 -10.67 15.08 -10.20
N THR B 31 -11.24 16.10 -10.83
CA THR B 31 -12.28 16.89 -10.19
C THR B 31 -13.66 16.32 -10.52
N ASP B 32 -13.75 15.60 -11.64
CA ASP B 32 -15.03 15.02 -12.05
C ASP B 32 -14.88 13.60 -12.59
N ALA B 33 -13.67 13.25 -13.03
CA ALA B 33 -13.44 11.91 -13.57
C ALA B 33 -13.77 10.85 -12.53
N LYS B 34 -14.39 9.76 -12.98
CA LYS B 34 -14.74 8.68 -12.07
C LYS B 34 -13.58 7.69 -11.98
N VAL B 35 -12.61 8.02 -11.13
CA VAL B 35 -11.44 7.18 -10.95
C VAL B 35 -11.86 5.76 -10.61
N ASN B 36 -12.97 5.64 -9.90
CA ASN B 36 -13.47 4.34 -9.51
C ASN B 36 -13.51 3.42 -10.71
N GLU B 37 -13.87 3.97 -11.87
CA GLU B 37 -13.92 3.18 -13.09
C GLU B 37 -12.51 2.71 -13.44
N ARG B 38 -11.54 3.59 -13.24
CA ARG B 38 -10.16 3.26 -13.52
C ARG B 38 -9.67 2.21 -12.54
N ILE B 39 -9.98 2.42 -11.27
CA ILE B 39 -9.61 1.50 -10.22
C ILE B 39 -10.33 0.17 -10.39
N ASP B 40 -11.63 0.26 -10.68
CA ASP B 40 -12.43 -0.94 -10.89
C ASP B 40 -11.89 -1.73 -12.07
N GLU B 41 -11.47 -1.01 -13.12
CA GLU B 41 -10.93 -1.68 -14.30
C GLU B 41 -9.64 -2.39 -13.96
N PHE B 42 -8.76 -1.68 -13.24
CA PHE B 42 -7.48 -2.26 -12.84
C PHE B 42 -7.71 -3.38 -11.83
N VAL B 43 -8.54 -3.10 -10.84
CA VAL B 43 -8.85 -4.09 -9.80
C VAL B 43 -9.37 -5.38 -10.43
N SER B 44 -10.30 -5.25 -11.37
CA SER B 44 -10.88 -6.43 -12.01
C SER B 44 -9.83 -7.20 -12.82
N LYS B 45 -9.07 -6.50 -13.64
CA LYS B 45 -8.04 -7.14 -14.45
C LYS B 45 -6.94 -7.74 -13.59
N ALA B 46 -6.51 -7.00 -12.58
CA ALA B 46 -5.44 -7.49 -11.70
C ALA B 46 -5.82 -8.83 -11.10
N PHE B 47 -7.05 -8.91 -10.60
CA PHE B 47 -7.55 -10.15 -10.01
C PHE B 47 -7.68 -11.23 -11.08
N PHE B 48 -8.37 -10.86 -12.14
CA PHE B 48 -8.62 -11.76 -13.27
C PHE B 48 -7.32 -12.25 -13.92
N ALA B 49 -6.38 -11.35 -14.15
CA ALA B 49 -5.12 -11.72 -14.79
C ALA B 49 -4.15 -12.36 -13.80
N ASP B 50 -4.65 -12.66 -12.60
CA ASP B 50 -3.79 -13.27 -11.58
C ASP B 50 -2.52 -12.44 -11.42
N ILE B 51 -2.68 -11.12 -11.44
CA ILE B 51 -1.53 -10.23 -11.30
C ILE B 51 -1.16 -10.05 -9.83
N SER B 52 0.07 -10.40 -9.51
CA SER B 52 0.53 -10.24 -8.14
C SER B 52 0.71 -8.76 -7.81
N VAL B 53 0.66 -8.43 -6.54
CA VAL B 53 0.82 -7.04 -6.14
C VAL B 53 2.18 -6.52 -6.59
N SER B 54 3.17 -7.42 -6.64
CA SER B 54 4.52 -7.05 -7.03
C SER B 54 4.52 -6.10 -8.22
N GLN B 55 3.92 -6.50 -9.33
CA GLN B 55 3.87 -5.63 -10.49
C GLN B 55 3.18 -4.33 -10.13
N VAL B 56 2.10 -4.45 -9.37
CA VAL B 56 1.39 -3.28 -8.92
C VAL B 56 2.36 -2.43 -8.13
N LEU B 57 3.16 -3.12 -7.31
CA LEU B 57 4.16 -2.46 -6.48
C LEU B 57 5.29 -1.90 -7.35
N GLU B 58 5.85 -2.74 -8.23
CA GLU B 58 6.94 -2.32 -9.10
C GLU B 58 6.48 -1.35 -10.19
N ILE B 59 5.38 -1.68 -10.87
CA ILE B 59 4.90 -0.81 -11.92
C ILE B 59 4.70 0.60 -11.35
N HIS B 60 4.25 0.65 -10.11
CA HIS B 60 4.03 1.93 -9.43
C HIS B 60 5.35 2.70 -9.28
N VAL B 61 6.38 2.03 -8.79
CA VAL B 61 7.67 2.68 -8.57
C VAL B 61 8.19 3.30 -9.86
N GLU B 62 8.07 2.59 -10.97
CA GLU B 62 8.56 3.10 -12.24
C GLU B 62 7.85 4.40 -12.61
N LEU B 63 6.52 4.40 -12.50
CA LEU B 63 5.74 5.60 -12.84
C LEU B 63 6.05 6.72 -11.85
N MET B 64 6.19 6.39 -10.57
CA MET B 64 6.49 7.41 -9.58
C MET B 64 7.82 8.05 -9.90
N ASP B 65 8.77 7.24 -10.35
CA ASP B 65 10.08 7.75 -10.72
C ASP B 65 9.93 8.75 -11.86
N THR B 66 8.98 8.45 -12.75
CA THR B 66 8.71 9.30 -13.89
C THR B 66 8.30 10.70 -13.44
N PHE B 67 7.46 10.77 -12.41
CA PHE B 67 6.99 12.06 -11.91
C PHE B 67 8.14 12.87 -11.33
N SER B 68 8.86 12.28 -10.38
CA SER B 68 9.98 12.97 -9.75
C SER B 68 10.99 13.41 -10.81
N LYS B 69 11.14 12.59 -11.85
CA LYS B 69 12.06 12.89 -12.93
C LYS B 69 11.68 14.22 -13.60
N GLN B 70 10.39 14.40 -13.83
CA GLN B 70 9.91 15.63 -14.47
C GLN B 70 10.27 16.84 -13.62
N LEU B 71 10.19 16.67 -12.29
CA LEU B 71 10.53 17.77 -11.39
C LEU B 71 11.98 18.18 -11.55
N LYS B 72 12.86 17.21 -11.73
CA LYS B 72 14.27 17.52 -11.90
C LYS B 72 14.46 18.40 -13.12
N LEU B 73 13.72 18.07 -14.19
CA LEU B 73 13.80 18.84 -15.42
C LEU B 73 12.88 20.05 -15.38
N GLU B 74 11.69 19.89 -14.81
CA GLU B 74 10.72 20.99 -14.74
C GLU B 74 10.90 21.82 -13.48
N GLY B 75 11.34 21.19 -12.40
CA GLY B 75 11.53 21.90 -11.14
C GLY B 75 10.20 22.24 -10.49
N ARG B 76 9.39 21.21 -10.22
CA ARG B 76 8.08 21.42 -9.61
C ARG B 76 8.02 20.83 -8.21
N SER B 77 7.06 21.30 -7.42
CA SER B 77 6.90 20.81 -6.08
C SER B 77 6.51 19.34 -6.08
N GLU B 78 7.36 18.52 -5.49
CA GLU B 78 7.10 17.09 -5.41
C GLU B 78 5.95 16.82 -4.46
N ASP B 79 5.34 17.89 -3.97
CA ASP B 79 4.20 17.76 -3.07
C ASP B 79 3.19 16.83 -3.73
N ILE B 80 3.41 16.60 -5.02
CA ILE B 80 2.55 15.73 -5.81
C ILE B 80 3.05 14.29 -5.72
N LEU B 81 4.33 14.14 -5.40
CA LEU B 81 4.91 12.81 -5.30
C LEU B 81 4.26 12.01 -4.17
N LEU B 82 3.92 12.69 -3.09
CA LEU B 82 3.29 12.04 -1.93
C LEU B 82 1.87 11.59 -2.24
N ASP B 83 1.16 12.40 -3.03
CA ASP B 83 -0.23 12.12 -3.36
C ASP B 83 -0.37 10.77 -4.08
N TYR B 84 0.63 10.40 -4.88
CA TYR B 84 0.57 9.13 -5.59
C TYR B 84 0.59 7.97 -4.61
N ARG B 85 1.23 8.19 -3.46
CA ARG B 85 1.31 7.15 -2.44
C ARG B 85 -0.10 6.71 -2.07
N LEU B 86 -1.03 7.66 -2.04
CA LEU B 86 -2.41 7.36 -1.72
C LEU B 86 -3.00 6.46 -2.80
N THR B 87 -2.64 6.74 -4.04
CA THR B 87 -3.14 5.96 -5.17
C THR B 87 -2.61 4.54 -5.09
N LEU B 88 -1.32 4.41 -4.79
CA LEU B 88 -0.69 3.09 -4.69
C LEU B 88 -1.31 2.31 -3.54
N ILE B 89 -1.44 2.97 -2.40
CA ILE B 89 -2.03 2.33 -1.22
C ILE B 89 -3.52 2.10 -1.42
N ASP B 90 -4.21 3.13 -1.90
CA ASP B 90 -5.65 3.04 -2.13
C ASP B 90 -5.97 2.02 -3.22
N VAL B 91 -5.17 2.01 -4.29
CA VAL B 91 -5.40 1.07 -5.38
C VAL B 91 -5.27 -0.37 -4.91
N ILE B 92 -4.17 -0.66 -4.21
CA ILE B 92 -3.95 -2.02 -3.70
C ILE B 92 -4.99 -2.38 -2.65
N ALA B 93 -5.36 -1.40 -1.83
CA ALA B 93 -6.35 -1.64 -0.78
C ALA B 93 -7.68 -2.07 -1.37
N HIS B 94 -8.07 -1.44 -2.47
CA HIS B 94 -9.34 -1.75 -3.12
C HIS B 94 -9.32 -3.17 -3.71
N LEU B 95 -8.28 -3.46 -4.50
CA LEU B 95 -8.17 -4.77 -5.12
C LEU B 95 -7.84 -5.84 -4.08
N CYS B 96 -7.07 -5.47 -3.06
CA CYS B 96 -6.73 -6.42 -2.01
C CYS B 96 -7.99 -6.89 -1.32
N GLU B 97 -8.88 -5.95 -1.02
CA GLU B 97 -10.12 -6.27 -0.38
C GLU B 97 -10.95 -7.19 -1.27
N MET B 98 -10.86 -6.98 -2.58
CA MET B 98 -11.61 -7.81 -3.52
C MET B 98 -11.20 -9.27 -3.37
N TYR B 99 -9.91 -9.52 -3.10
CA TYR B 99 -9.44 -10.89 -2.88
C TYR B 99 -10.12 -11.47 -1.65
N ARG B 100 -10.19 -10.68 -0.59
CA ARG B 100 -10.82 -11.13 0.65
C ARG B 100 -12.29 -11.48 0.44
N ARG B 101 -12.96 -10.73 -0.43
CA ARG B 101 -14.38 -10.97 -0.70
C ARG B 101 -14.59 -12.19 -1.60
N SER B 102 -13.56 -12.56 -2.35
CA SER B 102 -13.67 -13.70 -3.25
C SER B 102 -13.36 -15.01 -2.52
N ILE B 103 -13.22 -14.92 -1.20
CA ILE B 103 -12.91 -16.10 -0.40
C ILE B 103 -14.14 -16.55 0.38
N PRO B 104 -14.78 -17.61 -0.05
CA PRO B 104 -15.98 -18.15 0.62
C PRO B 104 -15.62 -18.95 1.88
N ARG B 105 -15.81 -18.33 3.04
CA ARG B 105 -15.50 -18.99 4.30
C ARG B 105 -16.74 -19.14 5.17
N GLU B 106 -16.74 -20.14 6.04
CA GLU B 106 -17.87 -20.37 6.92
C GLU B 106 -18.18 -19.12 7.74
N VAL B 107 -19.48 -18.86 7.95
CA VAL B 107 -19.89 -17.70 8.72
C VAL B 107 -21.42 -17.57 8.72
N ALA C 1 8.15 2.72 -28.16
CA ALA C 1 7.78 3.81 -27.22
C ALA C 1 8.14 5.15 -27.85
N MET C 2 7.39 5.54 -28.88
CA MET C 2 7.65 6.80 -29.56
C MET C 2 7.49 7.97 -28.61
N ALA C 3 6.56 7.85 -27.66
CA ALA C 3 6.33 8.91 -26.69
C ALA C 3 5.96 8.33 -25.33
N GLY C 4 6.97 7.98 -24.55
CA GLY C 4 6.75 7.42 -23.22
C GLY C 4 6.65 8.52 -22.17
N ILE C 5 5.99 9.62 -22.54
CA ILE C 5 5.84 10.74 -21.62
C ILE C 5 4.43 10.77 -21.03
N ILE C 6 4.34 11.10 -19.75
CA ILE C 6 3.05 11.16 -19.06
C ILE C 6 2.70 12.61 -18.75
N SER C 7 1.43 12.97 -18.97
CA SER C 7 0.99 14.33 -18.73
C SER C 7 1.23 14.74 -17.28
N GLY C 8 0.32 14.33 -16.39
CA GLY C 8 0.45 14.66 -14.98
C GLY C 8 0.04 16.10 -14.71
N THR C 9 0.02 16.48 -13.44
CA THR C 9 -0.36 17.84 -13.06
C THR C 9 0.33 18.22 -11.75
N PRO C 10 1.58 17.85 -11.61
CA PRO C 10 2.41 18.14 -10.41
C PRO C 10 2.08 19.50 -9.78
N THR C 11 2.36 19.62 -8.49
CA THR C 11 2.10 20.87 -7.77
C THR C 11 0.63 21.26 -7.93
N ARG C 12 -0.25 20.28 -7.82
CA ARG C 12 -1.68 20.53 -7.98
C ARG C 12 -2.44 20.30 -6.67
N ILE C 13 -1.82 19.59 -5.73
CA ILE C 13 -2.48 19.31 -4.47
C ILE C 13 -1.67 19.81 -3.27
N SER C 14 -2.37 20.42 -2.32
CA SER C 14 -1.72 20.93 -1.12
C SER C 14 -1.85 19.88 -0.02
N VAL C 15 -0.74 19.51 0.60
CA VAL C 15 -0.78 18.47 1.63
C VAL C 15 0.06 18.84 2.85
N ASP C 16 -0.19 18.12 3.94
CA ASP C 16 0.52 18.32 5.19
C ASP C 16 1.84 17.55 5.19
N GLU C 17 2.65 17.74 6.24
CA GLU C 17 3.92 17.04 6.34
C GLU C 17 3.73 15.54 6.23
N LYS C 18 2.71 15.02 6.92
CA LYS C 18 2.42 13.59 6.87
C LYS C 18 1.56 13.31 5.65
N THR C 19 1.20 14.39 4.96
CA THR C 19 0.37 14.33 3.76
C THR C 19 -0.70 13.25 3.86
N GLU C 20 -1.95 13.68 3.93
CA GLU C 20 -3.08 12.77 4.03
C GLU C 20 -2.70 11.39 3.51
N LEU C 21 -2.17 10.55 4.39
CA LEU C 21 -1.77 9.21 4.00
C LEU C 21 -3.01 8.34 3.77
N ALA C 22 -3.07 7.18 4.41
CA ALA C 22 -4.20 6.28 4.26
C ALA C 22 -5.43 6.82 4.98
N ARG C 23 -5.42 8.12 5.30
CA ARG C 23 -6.54 8.72 6.01
C ARG C 23 -7.87 8.18 5.49
N ILE C 24 -7.83 7.48 4.36
CA ILE C 24 -9.05 6.91 3.80
C ILE C 24 -9.33 5.54 4.41
N ALA C 25 -10.42 5.44 5.17
CA ALA C 25 -10.78 4.18 5.80
C ALA C 25 -11.31 3.22 4.75
N LYS C 26 -11.56 3.76 3.56
CA LYS C 26 -12.06 2.95 2.47
C LYS C 26 -13.46 2.40 2.80
N GLY C 27 -13.83 2.49 4.08
CA GLY C 27 -15.13 2.03 4.52
C GLY C 27 -15.13 0.55 4.88
N MET C 28 -13.94 -0.02 5.02
CA MET C 28 -13.84 -1.45 5.36
C MET C 28 -13.69 -1.62 6.88
N GLN C 29 -13.44 -0.52 7.58
CA GLN C 29 -13.30 -0.57 9.03
C GLN C 29 -14.67 -0.63 9.70
N ASP C 30 -15.71 -0.43 8.91
CA ASP C 30 -17.07 -0.48 9.43
C ASP C 30 -17.35 -1.83 10.09
N LEU C 31 -16.71 -2.87 9.56
CA LEU C 31 -16.90 -4.22 10.10
C LEU C 31 -16.01 -4.44 11.32
N GLU C 32 -16.63 -4.74 12.46
CA GLU C 32 -15.89 -4.97 13.69
C GLU C 32 -16.72 -5.78 14.68
N SER C 33 -17.76 -5.14 15.22
CA SER C 33 -18.63 -5.78 16.19
C SER C 33 -19.41 -6.93 15.54
N GLU C 34 -19.99 -7.78 16.39
CA GLU C 34 -20.76 -8.92 15.90
C GLU C 34 -21.52 -8.55 14.63
N ALA D 1 -3.31 5.55 28.71
CA ALA D 1 -2.11 5.83 27.88
C ALA D 1 -1.14 6.70 28.67
N MET D 2 -0.53 6.10 29.70
CA MET D 2 0.42 6.83 30.54
C MET D 2 1.60 7.34 29.70
N ALA D 3 1.98 6.56 28.69
CA ALA D 3 3.09 6.94 27.82
C ALA D 3 2.84 6.49 26.40
N GLY D 4 2.12 7.30 25.63
CA GLY D 4 1.83 6.98 24.24
C GLY D 4 2.91 7.51 23.32
N ILE D 5 4.16 7.39 23.76
CA ILE D 5 5.29 7.87 22.96
C ILE D 5 6.01 6.70 22.30
N ILE D 6 6.42 6.91 21.06
CA ILE D 6 7.13 5.87 20.30
C ILE D 6 8.59 6.25 20.13
N SER D 7 9.48 5.28 20.32
CA SER D 7 10.92 5.53 20.19
C SER D 7 11.25 6.08 18.80
N GLY D 8 11.39 5.19 17.83
CA GLY D 8 11.70 5.60 16.47
C GLY D 8 13.18 5.92 16.34
N THR D 9 13.61 6.20 15.11
CA THR D 9 15.01 6.55 14.86
C THR D 9 15.12 7.46 13.64
N PRO D 10 14.22 8.41 13.55
CA PRO D 10 14.18 9.39 12.42
C PRO D 10 15.57 9.79 11.94
N THR D 11 15.63 10.23 10.68
CA THR D 11 16.91 10.64 10.09
C THR D 11 17.92 9.51 10.21
N ARG D 12 17.47 8.29 9.94
CA ARG D 12 18.35 7.13 10.03
C ARG D 12 18.59 6.49 8.67
N ILE D 13 17.74 6.81 7.70
CA ILE D 13 17.89 6.22 6.37
C ILE D 13 18.04 7.29 5.29
N SER D 14 18.97 7.06 4.37
CA SER D 14 19.18 8.00 3.27
C SER D 14 18.41 7.50 2.05
N VAL D 15 17.60 8.38 1.47
CA VAL D 15 16.77 7.99 0.34
C VAL D 15 16.78 9.02 -0.80
N ASP D 16 16.34 8.57 -1.96
CA ASP D 16 16.27 9.43 -3.14
C ASP D 16 14.98 10.24 -3.15
N GLU D 17 14.84 11.14 -4.13
CA GLU D 17 13.64 11.97 -4.21
C GLU D 17 12.39 11.09 -4.28
N LYS D 18 12.46 10.03 -5.08
CA LYS D 18 11.33 9.11 -5.21
C LYS D 18 11.41 8.10 -4.07
N THR D 19 12.48 8.20 -3.29
CA THR D 19 12.72 7.32 -2.16
C THR D 19 12.27 5.89 -2.45
N GLU D 20 13.25 4.98 -2.53
CA GLU D 20 12.98 3.57 -2.80
C GLU D 20 11.55 3.23 -2.42
N LEU D 21 10.62 3.41 -3.35
CA LEU D 21 9.22 3.10 -3.08
C LEU D 21 9.02 1.58 -3.03
N ALA D 22 8.06 1.08 -3.79
CA ALA D 22 7.79 -0.35 -3.81
C ALA D 22 8.89 -1.12 -4.54
N ARG D 23 10.05 -0.48 -4.71
CA ARG D 23 11.16 -1.12 -5.41
C ARG D 23 11.26 -2.60 -5.03
N ILE D 24 10.54 -3.00 -3.99
CA ILE D 24 10.57 -4.39 -3.57
C ILE D 24 9.53 -5.20 -4.34
N ALA D 25 10.01 -6.13 -5.18
CA ALA D 25 9.10 -6.97 -5.96
C ALA D 25 8.44 -7.98 -5.05
N LYS D 26 8.94 -8.08 -3.83
CA LYS D 26 8.39 -9.02 -2.86
C LYS D 26 8.58 -10.46 -3.33
N GLY D 27 8.92 -10.61 -4.61
CA GLY D 27 9.16 -11.93 -5.18
C GLY D 27 7.87 -12.56 -5.71
N MET D 28 6.81 -11.77 -5.82
CA MET D 28 5.55 -12.29 -6.32
C MET D 28 5.42 -12.09 -7.82
N GLN D 29 6.32 -11.29 -8.39
CA GLN D 29 6.30 -11.04 -9.83
C GLN D 29 6.94 -12.20 -10.59
N ASP D 30 7.55 -13.12 -9.84
CA ASP D 30 8.18 -14.28 -10.45
C ASP D 30 7.16 -15.07 -11.26
N LEU D 31 5.91 -15.04 -10.82
CA LEU D 31 4.85 -15.77 -11.50
C LEU D 31 4.31 -14.96 -12.68
N GLU D 32 4.43 -15.53 -13.88
CA GLU D 32 3.95 -14.85 -15.08
C GLU D 32 3.70 -15.86 -16.20
N SER D 33 4.78 -16.42 -16.73
CA SER D 33 4.69 -17.39 -17.82
C SER D 33 4.00 -18.67 -17.35
N GLU D 34 3.56 -19.48 -18.31
CA GLU D 34 2.89 -20.73 -18.01
C GLU D 34 3.47 -21.36 -16.74
N ALA A 1 -27.13 -10.07 19.17
CA ALA A 1 -25.83 -9.62 19.71
C ALA A 1 -24.71 -10.00 18.75
N MET A 2 -23.47 -9.76 19.17
CA MET A 2 -22.32 -10.08 18.33
C MET A 2 -22.11 -11.59 18.27
N ALA A 3 -21.05 -12.02 17.58
CA ALA A 3 -20.77 -13.44 17.45
C ALA A 3 -20.02 -13.96 18.66
N ARG A 4 -20.75 -14.51 19.63
CA ARG A 4 -20.15 -15.05 20.84
C ARG A 4 -18.79 -14.40 21.12
N MET A 5 -18.67 -13.12 20.83
CA MET A 5 -17.40 -12.42 21.08
C MET A 5 -17.58 -10.91 21.04
N SER A 6 -17.21 -10.26 22.15
CA SER A 6 -17.32 -8.81 22.25
C SER A 6 -16.19 -8.15 21.45
N PRO A 7 -16.31 -6.87 21.23
CA PRO A 7 -15.30 -6.09 20.45
C PRO A 7 -14.01 -5.88 21.24
N ALA A 8 -14.05 -6.13 22.54
CA ALA A 8 -12.88 -5.96 23.38
C ALA A 8 -11.73 -6.84 22.88
N ASP A 9 -12.03 -8.10 22.61
CA ASP A 9 -10.99 -9.00 22.10
C ASP A 9 -10.44 -8.42 20.81
N LYS A 10 -11.33 -7.88 20.00
CA LYS A 10 -10.93 -7.26 18.76
C LYS A 10 -10.02 -6.09 19.07
N ARG A 11 -10.45 -5.26 20.01
CA ARG A 11 -9.63 -4.12 20.42
C ARG A 11 -8.30 -4.61 20.97
N LYS A 12 -8.36 -5.70 21.72
CA LYS A 12 -7.14 -6.27 22.27
C LYS A 12 -6.21 -6.56 21.11
N LEU A 13 -6.77 -7.17 20.08
CA LEU A 13 -6.03 -7.46 18.87
C LEU A 13 -5.50 -6.16 18.30
N LEU A 14 -6.41 -5.22 18.04
CA LEU A 14 -6.01 -3.92 17.52
C LEU A 14 -4.94 -3.31 18.40
N ASP A 15 -5.14 -3.43 19.70
CA ASP A 15 -4.18 -2.91 20.64
C ASP A 15 -2.83 -3.57 20.40
N GLU A 16 -2.85 -4.87 20.16
CA GLU A 16 -1.63 -5.62 19.89
C GLU A 16 -1.15 -5.36 18.47
N LEU A 17 -2.06 -5.43 17.52
CA LEU A 17 -1.71 -5.20 16.12
C LEU A 17 -1.11 -3.81 15.97
N ARG A 18 -1.70 -2.84 16.68
CA ARG A 18 -1.20 -1.48 16.62
C ARG A 18 0.24 -1.47 17.11
N SER A 19 0.51 -2.16 18.21
CA SER A 19 1.85 -2.25 18.76
C SER A 19 2.74 -3.10 17.83
N ILE A 20 2.21 -4.23 17.39
CA ILE A 20 2.96 -5.09 16.49
C ILE A 20 3.32 -4.31 15.24
N TYR A 21 2.33 -3.64 14.65
CA TYR A 21 2.57 -2.84 13.47
C TYR A 21 3.69 -1.87 13.77
N ARG A 22 3.58 -1.25 14.93
CA ARG A 22 4.58 -0.30 15.38
C ARG A 22 5.94 -0.99 15.51
N THR A 23 5.94 -2.18 16.11
CA THR A 23 7.17 -2.95 16.29
C THR A 23 7.81 -3.24 14.93
N ILE A 24 6.97 -3.60 13.96
CA ILE A 24 7.47 -3.91 12.62
C ILE A 24 8.26 -2.72 12.08
N VAL A 25 7.68 -1.52 12.24
CA VAL A 25 8.30 -0.29 11.76
C VAL A 25 9.62 0.00 12.46
N LEU A 26 9.64 -0.12 13.78
CA LEU A 26 10.84 0.16 14.56
C LEU A 26 11.98 -0.79 14.18
N GLU A 27 11.63 -2.04 13.91
CA GLU A 27 12.62 -3.04 13.57
C GLU A 27 12.92 -3.08 12.07
N TYR A 28 12.18 -2.29 11.30
CA TYR A 28 12.38 -2.27 9.86
C TYR A 28 13.85 -2.01 9.54
N PHE A 29 14.49 -1.19 10.39
CA PHE A 29 15.89 -0.86 10.19
C PHE A 29 16.78 -1.65 11.15
N ASN A 30 16.21 -2.72 11.73
CA ASN A 30 16.96 -3.54 12.68
C ASN A 30 18.21 -4.14 12.03
N THR A 31 19.21 -4.41 12.86
CA THR A 31 20.46 -4.98 12.37
C THR A 31 20.42 -6.50 12.40
N ASP A 32 19.73 -7.07 13.38
CA ASP A 32 19.65 -8.52 13.50
C ASP A 32 18.23 -8.99 13.79
N ALA A 33 17.32 -8.06 14.06
CA ALA A 33 15.94 -8.41 14.35
C ALA A 33 15.25 -8.95 13.09
N LYS A 34 14.53 -10.05 13.25
CA LYS A 34 13.82 -10.62 12.10
C LYS A 34 12.45 -9.98 11.98
N VAL A 35 12.41 -8.81 11.38
CA VAL A 35 11.16 -8.07 11.21
C VAL A 35 10.10 -9.01 10.63
N ASN A 36 10.56 -9.94 9.81
CA ASN A 36 9.67 -10.91 9.20
C ASN A 36 8.77 -11.53 10.26
N GLU A 37 9.35 -11.78 11.43
CA GLU A 37 8.58 -12.35 12.53
C GLU A 37 7.49 -11.37 12.93
N ARG A 38 7.81 -10.09 12.91
CA ARG A 38 6.85 -9.05 13.25
C ARG A 38 5.78 -8.99 12.17
N ILE A 39 6.24 -9.04 10.93
CA ILE A 39 5.33 -9.01 9.78
C ILE A 39 4.46 -10.25 9.76
N ASP A 40 5.08 -11.41 9.96
CA ASP A 40 4.32 -12.65 9.99
C ASP A 40 3.31 -12.62 11.12
N GLU A 41 3.71 -12.04 12.26
CA GLU A 41 2.82 -11.95 13.41
C GLU A 41 1.62 -11.09 13.06
N PHE A 42 1.90 -9.91 12.50
CA PHE A 42 0.84 -8.99 12.11
C PHE A 42 0.01 -9.62 10.99
N VAL A 43 0.69 -10.15 10.00
CA VAL A 43 0.02 -10.78 8.87
C VAL A 43 -0.84 -11.95 9.33
N SER A 44 -0.29 -12.78 10.22
CA SER A 44 -1.01 -13.93 10.72
C SER A 44 -2.28 -13.53 11.48
N LYS A 45 -2.12 -12.64 12.46
CA LYS A 45 -3.26 -12.20 13.26
C LYS A 45 -4.23 -11.36 12.43
N ALA A 46 -3.70 -10.53 11.55
CA ALA A 46 -4.55 -9.68 10.72
C ALA A 46 -5.55 -10.53 9.94
N PHE A 47 -5.05 -11.59 9.30
CA PHE A 47 -5.92 -12.49 8.55
C PHE A 47 -6.86 -13.23 9.49
N PHE A 48 -6.25 -13.83 10.51
CA PHE A 48 -6.99 -14.60 11.51
C PHE A 48 -7.99 -13.72 12.28
N ALA A 49 -7.54 -12.53 12.67
CA ALA A 49 -8.38 -11.62 13.42
C ALA A 49 -9.44 -10.97 12.55
N ASP A 50 -9.55 -11.41 11.30
CA ASP A 50 -10.53 -10.84 10.40
C ASP A 50 -10.38 -9.32 10.33
N ILE A 51 -9.13 -8.88 10.25
CA ILE A 51 -8.84 -7.45 10.19
C ILE A 51 -8.87 -6.96 8.75
N SER A 52 -9.50 -5.82 8.54
CA SER A 52 -9.59 -5.24 7.20
C SER A 52 -8.35 -4.39 6.93
N VAL A 53 -7.98 -4.28 5.67
CA VAL A 53 -6.81 -3.48 5.31
C VAL A 53 -7.00 -2.06 5.83
N SER A 54 -8.24 -1.61 5.84
CA SER A 54 -8.57 -0.27 6.29
C SER A 54 -7.80 0.12 7.56
N GLN A 55 -7.98 -0.63 8.64
CA GLN A 55 -7.26 -0.31 9.87
C GLN A 55 -5.77 -0.26 9.59
N VAL A 56 -5.30 -1.18 8.78
CA VAL A 56 -3.90 -1.19 8.42
C VAL A 56 -3.58 0.15 7.76
N LEU A 57 -4.50 0.59 6.92
CA LEU A 57 -4.38 1.86 6.21
C LEU A 57 -4.58 3.04 7.17
N GLU A 58 -5.68 3.00 7.93
CA GLU A 58 -5.99 4.08 8.86
C GLU A 58 -4.99 4.13 10.02
N ILE A 59 -4.71 2.97 10.61
CA ILE A 59 -3.76 2.93 11.72
C ILE A 59 -2.42 3.51 11.26
N HIS A 60 -2.07 3.22 10.02
CA HIS A 60 -0.83 3.69 9.44
C HIS A 60 -0.73 5.21 9.46
N VAL A 61 -1.77 5.89 8.97
CA VAL A 61 -1.75 7.34 8.92
C VAL A 61 -1.56 7.96 10.31
N GLU A 62 -2.28 7.44 11.30
CA GLU A 62 -2.18 7.99 12.66
C GLU A 62 -0.76 7.85 13.21
N LEU A 63 -0.18 6.67 13.08
CA LEU A 63 1.18 6.43 13.57
C LEU A 63 2.18 7.27 12.78
N MET A 64 1.98 7.35 11.47
CA MET A 64 2.89 8.13 10.63
C MET A 64 2.88 9.58 11.09
N ASP A 65 1.70 10.08 11.43
CA ASP A 65 1.58 11.45 11.90
C ASP A 65 2.40 11.62 13.17
N THR A 66 2.42 10.57 13.98
CA THR A 66 3.15 10.58 15.24
C THR A 66 4.64 10.86 14.99
N PHE A 67 5.22 10.18 14.00
CA PHE A 67 6.64 10.38 13.69
C PHE A 67 6.87 11.75 13.07
N SER A 68 6.05 12.10 12.10
CA SER A 68 6.19 13.39 11.43
C SER A 68 6.08 14.53 12.43
N LYS A 69 5.13 14.40 13.37
CA LYS A 69 4.94 15.43 14.38
C LYS A 69 6.21 15.62 15.22
N GLN A 70 6.81 14.50 15.61
CA GLN A 70 8.03 14.55 16.41
C GLN A 70 9.17 15.19 15.63
N LEU A 71 9.21 14.91 14.33
CA LEU A 71 10.25 15.48 13.48
C LEU A 71 10.23 17.00 13.53
N LYS A 72 9.04 17.58 13.48
CA LYS A 72 8.91 19.03 13.54
C LYS A 72 9.33 19.57 14.90
N LEU A 73 8.82 18.97 15.96
CA LEU A 73 9.14 19.40 17.32
C LEU A 73 10.60 19.12 17.65
N GLU A 74 11.12 17.98 17.19
CA GLU A 74 12.49 17.62 17.46
C GLU A 74 13.43 18.22 16.41
N GLY A 75 12.85 18.72 15.32
CA GLY A 75 13.64 19.31 14.26
C GLY A 75 14.57 18.28 13.63
N ARG A 76 13.99 17.15 13.21
CA ARG A 76 14.78 16.09 12.60
C ARG A 76 14.34 15.83 11.17
N SER A 77 15.26 15.33 10.35
CA SER A 77 14.96 15.04 8.96
C SER A 77 13.65 14.29 8.84
N GLU A 78 12.67 14.94 8.24
CA GLU A 78 11.35 14.34 8.07
C GLU A 78 11.33 13.40 6.86
N ASP A 79 12.40 13.43 6.07
CA ASP A 79 12.48 12.57 4.90
C ASP A 79 12.32 11.10 5.29
N ILE A 80 12.78 10.76 6.49
CA ILE A 80 12.69 9.39 6.97
C ILE A 80 11.25 8.88 6.99
N LEU A 81 10.29 9.78 6.86
CA LEU A 81 8.89 9.38 6.85
C LEU A 81 8.66 8.31 5.78
N LEU A 82 9.61 8.20 4.85
CA LEU A 82 9.51 7.21 3.78
C LEU A 82 9.49 5.79 4.34
N ASP A 83 10.19 5.58 5.44
CA ASP A 83 10.28 4.25 6.04
C ASP A 83 8.90 3.68 6.30
N TYR A 84 7.98 4.51 6.75
CA TYR A 84 6.63 4.07 7.03
C TYR A 84 5.90 3.77 5.73
N ARG A 85 6.23 4.53 4.68
CA ARG A 85 5.63 4.31 3.38
C ARG A 85 6.01 2.92 2.90
N LEU A 86 7.26 2.55 3.18
CA LEU A 86 7.80 1.25 2.80
C LEU A 86 7.20 0.15 3.66
N THR A 87 7.16 0.39 4.97
CA THR A 87 6.63 -0.59 5.90
C THR A 87 5.13 -0.76 5.68
N LEU A 88 4.43 0.35 5.46
CA LEU A 88 2.99 0.31 5.25
C LEU A 88 2.64 -0.43 3.96
N ILE A 89 3.30 -0.06 2.87
CA ILE A 89 3.04 -0.70 1.59
C ILE A 89 3.46 -2.16 1.62
N ASP A 90 4.63 -2.42 2.21
CA ASP A 90 5.15 -3.77 2.31
C ASP A 90 4.26 -4.62 3.21
N VAL A 91 3.81 -4.04 4.33
CA VAL A 91 2.97 -4.76 5.26
C VAL A 91 1.66 -5.20 4.60
N ILE A 92 1.00 -4.26 3.95
CA ILE A 92 -0.27 -4.56 3.28
C ILE A 92 -0.03 -5.56 2.16
N ALA A 93 1.07 -5.39 1.44
CA ALA A 93 1.40 -6.27 0.33
C ALA A 93 1.65 -7.69 0.84
N HIS A 94 2.24 -7.80 2.03
CA HIS A 94 2.54 -9.11 2.59
C HIS A 94 1.27 -9.90 2.90
N LEU A 95 0.32 -9.29 3.61
CA LEU A 95 -0.91 -10.00 3.95
C LEU A 95 -1.78 -10.14 2.71
N CYS A 96 -1.82 -9.10 1.88
CA CYS A 96 -2.63 -9.17 0.66
C CYS A 96 -2.26 -10.44 -0.09
N GLU A 97 -0.96 -10.77 -0.10
CA GLU A 97 -0.50 -11.96 -0.76
C GLU A 97 -0.98 -13.19 0.00
N MET A 98 -1.01 -13.08 1.33
CA MET A 98 -1.48 -14.19 2.16
C MET A 98 -2.92 -14.52 1.80
N TYR A 99 -3.69 -13.50 1.44
CA TYR A 99 -5.08 -13.71 1.04
C TYR A 99 -5.11 -14.53 -0.24
N ARG A 100 -4.20 -14.20 -1.17
CA ARG A 100 -4.12 -14.91 -2.44
C ARG A 100 -3.90 -16.41 -2.20
N ARG A 101 -3.01 -16.73 -1.28
CA ARG A 101 -2.70 -18.12 -0.96
C ARG A 101 -3.89 -18.80 -0.28
N SER A 102 -4.72 -18.00 0.39
CA SER A 102 -5.88 -18.54 1.08
C SER A 102 -7.04 -18.80 0.13
N ILE A 103 -6.77 -18.68 -1.17
CA ILE A 103 -7.81 -18.89 -2.17
C ILE A 103 -7.48 -20.08 -3.07
N PRO A 104 -8.04 -21.23 -2.81
CA PRO A 104 -7.80 -22.44 -3.63
C PRO A 104 -8.59 -22.42 -4.94
N ARG A 105 -7.99 -22.93 -6.00
CA ARG A 105 -8.66 -22.95 -7.31
C ARG A 105 -8.83 -24.38 -7.80
N GLU A 106 -9.94 -24.62 -8.50
CA GLU A 106 -10.20 -25.96 -9.04
C GLU A 106 -9.62 -26.08 -10.44
N VAL A 107 -9.00 -27.21 -10.73
CA VAL A 107 -8.41 -27.44 -12.04
C VAL A 107 -7.76 -28.82 -12.11
N ALA B 1 5.08 -26.49 -21.84
CA ALA B 1 4.90 -25.07 -22.25
C ALA B 1 3.97 -24.37 -21.26
N MET B 2 3.63 -23.12 -21.57
CA MET B 2 2.75 -22.34 -20.70
C MET B 2 1.33 -22.86 -20.79
N ALA B 3 0.41 -22.20 -20.09
CA ALA B 3 -0.98 -22.62 -20.09
C ALA B 3 -1.71 -22.06 -21.30
N ARG B 4 -1.79 -22.86 -22.36
CA ARG B 4 -2.47 -22.45 -23.58
C ARG B 4 -2.52 -20.93 -23.71
N MET B 5 -1.46 -20.26 -23.28
CA MET B 5 -1.43 -18.81 -23.36
C MET B 5 -0.01 -18.26 -23.18
N SER B 6 0.46 -17.52 -24.18
CA SER B 6 1.80 -16.93 -24.13
C SER B 6 1.80 -15.72 -23.19
N PRO B 7 2.96 -15.26 -22.84
CA PRO B 7 3.13 -14.09 -21.93
C PRO B 7 2.76 -12.78 -22.61
N ALA B 8 2.64 -12.79 -23.93
CA ALA B 8 2.30 -11.58 -24.66
C ALA B 8 0.96 -11.02 -24.19
N ASP B 9 -0.04 -11.90 -24.07
CA ASP B 9 -1.35 -11.46 -23.61
C ASP B 9 -1.18 -10.85 -22.23
N LYS B 10 -0.33 -11.47 -21.42
CA LYS B 10 -0.06 -10.96 -20.09
C LYS B 10 0.56 -9.59 -20.21
N ARG B 11 1.56 -9.47 -21.09
CA ARG B 11 2.21 -8.20 -21.32
C ARG B 11 1.20 -7.19 -21.83
N LYS B 12 0.30 -7.66 -22.71
CA LYS B 12 -0.73 -6.79 -23.23
C LYS B 12 -1.50 -6.23 -22.04
N LEU B 13 -1.84 -7.12 -21.13
CA LEU B 13 -2.52 -6.72 -19.92
C LEU B 13 -1.66 -5.71 -19.17
N LEU B 14 -0.42 -6.11 -18.87
CA LEU B 14 0.50 -5.22 -18.19
C LEU B 14 0.59 -3.90 -18.93
N ASP B 15 0.67 -4.00 -20.25
CA ASP B 15 0.73 -2.81 -21.07
C ASP B 15 -0.49 -1.94 -20.81
N GLU B 16 -1.65 -2.60 -20.71
CA GLU B 16 -2.89 -1.88 -20.45
C GLU B 16 -2.98 -1.50 -18.98
N LEU B 17 -2.68 -2.43 -18.09
CA LEU B 17 -2.73 -2.17 -16.67
C LEU B 17 -1.80 -1.03 -16.33
N ARG B 18 -0.63 -1.02 -16.96
CA ARG B 18 0.33 0.04 -16.73
C ARG B 18 -0.29 1.38 -17.12
N SER B 19 -0.96 1.40 -18.27
CA SER B 19 -1.63 2.62 -18.72
C SER B 19 -2.84 2.90 -17.85
N ILE B 20 -3.64 1.86 -17.56
CA ILE B 20 -4.80 2.03 -16.71
C ILE B 20 -4.36 2.58 -15.36
N TYR B 21 -3.35 1.95 -14.78
CA TYR B 21 -2.82 2.40 -13.50
C TYR B 21 -2.49 3.88 -13.62
N ARG B 22 -1.80 4.19 -14.72
CA ARG B 22 -1.41 5.56 -15.00
C ARG B 22 -2.65 6.45 -15.12
N THR B 23 -3.65 5.96 -15.84
CA THR B 23 -4.89 6.71 -16.01
C THR B 23 -5.53 6.99 -14.66
N ILE B 24 -5.53 5.99 -13.79
CA ILE B 24 -6.12 6.14 -12.46
C ILE B 24 -5.47 7.33 -11.74
N VAL B 25 -4.14 7.39 -11.82
CA VAL B 25 -3.37 8.44 -11.16
C VAL B 25 -3.69 9.82 -11.74
N LEU B 26 -3.72 9.92 -13.06
CA LEU B 26 -3.99 11.19 -13.72
C LEU B 26 -5.38 11.71 -13.39
N GLU B 27 -6.34 10.81 -13.27
CA GLU B 27 -7.71 11.19 -12.97
C GLU B 27 -7.97 11.27 -11.47
N TYR B 28 -6.99 10.89 -10.67
CA TYR B 28 -7.16 10.92 -9.23
C TYR B 28 -7.63 12.31 -8.79
N PHE B 29 -7.17 13.33 -9.50
CA PHE B 29 -7.54 14.70 -9.19
C PHE B 29 -8.58 15.23 -10.17
N ASN B 30 -9.22 14.30 -10.89
CA ASN B 30 -10.24 14.68 -11.87
C ASN B 30 -11.38 15.44 -11.21
N THR B 31 -12.04 16.28 -12.01
CA THR B 31 -13.16 17.07 -11.49
C THR B 31 -14.49 16.34 -11.68
N ASP B 32 -14.59 15.57 -12.77
CA ASP B 32 -15.83 14.84 -13.05
C ASP B 32 -15.55 13.41 -13.47
N ALA B 33 -14.29 13.07 -13.70
CA ALA B 33 -13.95 11.71 -14.12
C ALA B 33 -14.17 10.73 -12.98
N LYS B 34 -14.80 9.60 -13.28
CA LYS B 34 -15.03 8.59 -12.26
C LYS B 34 -13.84 7.66 -12.17
N VAL B 35 -12.83 8.11 -11.45
CA VAL B 35 -11.60 7.32 -11.28
C VAL B 35 -11.98 5.90 -10.87
N ASN B 36 -13.06 5.79 -10.13
CA ASN B 36 -13.54 4.50 -9.68
C ASN B 36 -13.61 3.53 -10.86
N GLU B 37 -14.01 4.05 -12.01
CA GLU B 37 -14.09 3.23 -13.20
C GLU B 37 -12.69 2.75 -13.57
N ARG B 38 -11.71 3.64 -13.40
CA ARG B 38 -10.32 3.30 -13.69
C ARG B 38 -9.84 2.26 -12.68
N ILE B 39 -10.18 2.51 -11.41
CA ILE B 39 -9.80 1.61 -10.33
C ILE B 39 -10.48 0.26 -10.50
N ASP B 40 -11.78 0.29 -10.79
CA ASP B 40 -12.52 -0.94 -10.99
C ASP B 40 -11.95 -1.70 -12.18
N GLU B 41 -11.55 -0.96 -13.22
CA GLU B 41 -10.98 -1.57 -14.41
C GLU B 41 -9.68 -2.27 -14.05
N PHE B 42 -8.81 -1.55 -13.35
CA PHE B 42 -7.53 -2.10 -12.93
C PHE B 42 -7.76 -3.24 -11.94
N VAL B 43 -8.62 -2.99 -10.96
CA VAL B 43 -8.93 -3.99 -9.96
C VAL B 43 -9.53 -5.24 -10.59
N SER B 44 -10.45 -5.03 -11.53
CA SER B 44 -11.11 -6.16 -12.20
C SER B 44 -10.11 -7.00 -12.99
N LYS B 45 -9.35 -6.35 -13.86
CA LYS B 45 -8.36 -7.06 -14.67
C LYS B 45 -7.23 -7.63 -13.83
N ALA B 46 -6.80 -6.86 -12.83
CA ALA B 46 -5.71 -7.32 -11.97
C ALA B 46 -6.04 -8.68 -11.35
N PHE B 47 -7.25 -8.78 -10.80
CA PHE B 47 -7.68 -10.04 -10.20
C PHE B 47 -7.83 -11.11 -11.28
N PHE B 48 -8.57 -10.74 -12.32
CA PHE B 48 -8.85 -11.64 -13.44
C PHE B 48 -7.55 -12.03 -14.17
N ALA B 49 -6.69 -11.05 -14.39
CA ALA B 49 -5.44 -11.29 -15.11
C ALA B 49 -4.42 -12.02 -14.24
N ASP B 50 -4.85 -12.44 -13.06
CA ASP B 50 -3.95 -13.15 -12.15
C ASP B 50 -2.69 -12.32 -11.91
N ILE B 51 -2.88 -11.03 -11.71
CA ILE B 51 -1.76 -10.12 -11.47
C ILE B 51 -1.41 -10.08 -10.00
N SER B 52 -0.12 -10.12 -9.70
CA SER B 52 0.34 -10.07 -8.33
C SER B 52 0.49 -8.63 -7.88
N VAL B 53 0.33 -8.39 -6.59
CA VAL B 53 0.46 -7.03 -6.08
C VAL B 53 1.83 -6.48 -6.46
N SER B 54 2.82 -7.37 -6.49
CA SER B 54 4.19 -6.99 -6.82
C SER B 54 4.26 -6.01 -7.98
N GLN B 55 3.73 -6.39 -9.15
CA GLN B 55 3.78 -5.48 -10.29
C GLN B 55 3.10 -4.17 -9.93
N VAL B 56 2.01 -4.26 -9.18
CA VAL B 56 1.33 -3.07 -8.73
C VAL B 56 2.31 -2.25 -7.91
N LEU B 57 3.08 -2.96 -7.09
CA LEU B 57 4.09 -2.33 -6.25
C LEU B 57 5.29 -1.87 -7.08
N GLU B 58 5.82 -2.77 -7.91
CA GLU B 58 6.98 -2.44 -8.74
C GLU B 58 6.63 -1.42 -9.82
N ILE B 59 5.51 -1.64 -10.52
CA ILE B 59 5.11 -0.70 -11.56
C ILE B 59 4.95 0.69 -10.95
N HIS B 60 4.45 0.73 -9.72
CA HIS B 60 4.26 1.99 -9.02
C HIS B 60 5.55 2.78 -8.87
N VAL B 61 6.61 2.12 -8.39
CA VAL B 61 7.87 2.81 -8.18
C VAL B 61 8.42 3.40 -9.47
N GLU B 62 8.35 2.63 -10.56
CA GLU B 62 8.88 3.11 -11.84
C GLU B 62 8.14 4.36 -12.31
N LEU B 63 6.80 4.32 -12.27
CA LEU B 63 6.00 5.46 -12.71
C LEU B 63 6.21 6.65 -11.76
N MET B 64 6.30 6.36 -10.46
CA MET B 64 6.51 7.42 -9.50
C MET B 64 7.82 8.14 -9.79
N ASP B 65 8.84 7.37 -10.15
CA ASP B 65 10.13 7.94 -10.48
C ASP B 65 9.98 8.88 -11.67
N THR B 66 9.10 8.49 -12.58
CA THR B 66 8.84 9.29 -13.78
C THR B 66 8.38 10.70 -13.41
N PHE B 67 7.44 10.80 -12.47
CA PHE B 67 6.94 12.10 -12.05
C PHE B 67 7.99 12.87 -11.27
N SER B 68 8.62 12.20 -10.32
CA SER B 68 9.64 12.84 -9.50
C SER B 68 10.78 13.38 -10.38
N LYS B 69 11.16 12.60 -11.39
CA LYS B 69 12.22 13.00 -12.29
C LYS B 69 11.85 14.28 -13.02
N GLN B 70 10.61 14.35 -13.49
CA GLN B 70 10.13 15.53 -14.21
C GLN B 70 10.11 16.75 -13.29
N LEU B 71 9.77 16.52 -12.02
CA LEU B 71 9.72 17.60 -11.05
C LEU B 71 11.07 18.29 -10.95
N LYS B 72 12.14 17.50 -10.91
CA LYS B 72 13.49 18.06 -10.82
C LYS B 72 13.85 18.84 -12.09
N LEU B 73 13.63 18.21 -13.24
CA LEU B 73 13.94 18.84 -14.51
C LEU B 73 13.04 20.04 -14.78
N GLU B 74 11.77 19.91 -14.41
CA GLU B 74 10.81 21.00 -14.63
C GLU B 74 10.83 21.98 -13.46
N GLY B 75 11.48 21.59 -12.37
CA GLY B 75 11.56 22.45 -11.19
C GLY B 75 10.17 22.72 -10.62
N ARG B 76 9.42 21.66 -10.36
CA ARG B 76 8.08 21.79 -9.82
C ARG B 76 7.96 21.13 -8.46
N SER B 77 7.04 21.62 -7.64
CA SER B 77 6.83 21.08 -6.31
C SER B 77 6.78 19.56 -6.36
N GLU B 78 7.77 18.93 -5.75
CA GLU B 78 7.85 17.47 -5.74
C GLU B 78 6.95 16.90 -4.65
N ASP B 79 6.42 17.76 -3.78
CA ASP B 79 5.55 17.32 -2.71
C ASP B 79 4.36 16.54 -3.26
N ILE B 80 3.92 16.92 -4.46
CA ILE B 80 2.79 16.26 -5.10
C ILE B 80 3.01 14.76 -5.25
N LEU B 81 4.25 14.32 -5.10
CA LEU B 81 4.55 12.89 -5.22
C LEU B 81 3.65 12.08 -4.29
N LEU B 82 3.04 12.77 -3.32
CA LEU B 82 2.14 12.12 -2.37
C LEU B 82 0.94 11.49 -3.08
N ASP B 83 0.50 12.14 -4.15
CA ASP B 83 -0.67 11.66 -4.88
C ASP B 83 -0.51 10.21 -5.29
N TYR B 84 0.68 9.84 -5.71
CA TYR B 84 0.94 8.47 -6.12
C TYR B 84 0.94 7.56 -4.90
N ARG B 85 1.38 8.09 -3.76
CA ARG B 85 1.39 7.31 -2.53
C ARG B 85 -0.06 6.96 -2.18
N LEU B 86 -0.94 7.93 -2.41
CA LEU B 86 -2.36 7.74 -2.14
C LEU B 86 -2.99 6.81 -3.16
N THR B 87 -2.69 7.04 -4.43
CA THR B 87 -3.23 6.21 -5.50
C THR B 87 -2.71 4.79 -5.39
N LEU B 88 -1.42 4.66 -5.11
CA LEU B 88 -0.79 3.34 -4.99
C LEU B 88 -1.35 2.56 -3.81
N ILE B 89 -1.41 3.19 -2.64
CA ILE B 89 -1.93 2.53 -1.45
C ILE B 89 -3.43 2.24 -1.62
N ASP B 90 -4.16 3.22 -2.15
CA ASP B 90 -5.58 3.05 -2.37
C ASP B 90 -5.86 1.97 -3.41
N VAL B 91 -5.06 1.97 -4.48
CA VAL B 91 -5.24 0.99 -5.55
C VAL B 91 -5.06 -0.43 -5.02
N ILE B 92 -3.96 -0.65 -4.32
CA ILE B 92 -3.69 -1.97 -3.76
C ILE B 92 -4.75 -2.35 -2.74
N ALA B 93 -5.15 -1.38 -1.94
CA ALA B 93 -6.16 -1.60 -0.92
C ALA B 93 -7.49 -1.99 -1.55
N HIS B 94 -7.79 -1.39 -2.70
CA HIS B 94 -9.05 -1.66 -3.39
C HIS B 94 -9.13 -3.12 -3.87
N LEU B 95 -8.10 -3.60 -4.57
CA LEU B 95 -8.13 -4.97 -5.05
C LEU B 95 -7.93 -5.94 -3.88
N CYS B 96 -7.04 -5.59 -2.96
CA CYS B 96 -6.81 -6.47 -1.81
C CYS B 96 -8.15 -6.80 -1.16
N GLU B 97 -9.04 -5.81 -1.13
CA GLU B 97 -10.36 -6.02 -0.56
C GLU B 97 -11.16 -6.92 -1.48
N MET B 98 -10.96 -6.76 -2.79
CA MET B 98 -11.67 -7.60 -3.76
C MET B 98 -11.31 -9.06 -3.54
N TYR B 99 -10.07 -9.31 -3.11
CA TYR B 99 -9.64 -10.66 -2.83
C TYR B 99 -10.43 -11.20 -1.64
N ARG B 100 -10.62 -10.36 -0.64
CA ARG B 100 -11.37 -10.75 0.55
C ARG B 100 -12.77 -11.22 0.17
N ARG B 101 -13.42 -10.48 -0.72
CA ARG B 101 -14.76 -10.82 -1.17
C ARG B 101 -14.77 -12.10 -1.99
N SER B 102 -13.63 -12.40 -2.62
CA SER B 102 -13.52 -13.59 -3.45
C SER B 102 -13.27 -14.83 -2.60
N ILE B 103 -13.37 -14.68 -1.28
CA ILE B 103 -13.13 -15.81 -0.39
C ILE B 103 -14.39 -16.15 0.41
N PRO B 104 -15.12 -17.15 -0.01
CA PRO B 104 -16.36 -17.58 0.69
C PRO B 104 -16.05 -18.40 1.94
N ARG B 105 -16.86 -18.23 2.97
CA ARG B 105 -16.65 -18.96 4.22
C ARG B 105 -17.86 -19.82 4.55
N GLU B 106 -17.60 -20.98 5.15
CA GLU B 106 -18.69 -21.89 5.52
C GLU B 106 -19.16 -21.59 6.94
N VAL B 107 -20.47 -21.60 7.15
CA VAL B 107 -21.02 -21.32 8.46
C VAL B 107 -22.55 -21.38 8.42
N ALA C 1 11.17 7.22 -29.78
CA ALA C 1 10.14 7.84 -28.91
C ALA C 1 10.17 7.17 -27.54
N MET C 2 9.57 7.82 -26.55
CA MET C 2 9.54 7.28 -25.20
C MET C 2 8.30 6.43 -24.99
N ALA C 3 8.49 5.26 -24.38
CA ALA C 3 7.37 4.35 -24.13
C ALA C 3 6.39 4.98 -23.13
N GLY C 4 5.09 4.71 -23.36
CA GLY C 4 4.05 5.23 -22.47
C GLY C 4 4.50 6.52 -21.80
N ILE C 5 4.06 7.65 -22.34
CA ILE C 5 4.42 8.95 -21.77
C ILE C 5 3.42 9.34 -20.69
N ILE C 6 3.93 9.93 -19.62
CA ILE C 6 3.07 10.34 -18.51
C ILE C 6 2.80 11.84 -18.55
N SER C 7 1.59 12.22 -18.18
CA SER C 7 1.21 13.63 -18.17
C SER C 7 0.44 13.97 -16.89
N GLY C 8 1.17 14.17 -15.80
CA GLY C 8 0.55 14.49 -14.52
C GLY C 8 0.31 15.99 -14.43
N THR C 9 -0.15 16.43 -13.26
CA THR C 9 -0.41 17.85 -13.06
C THR C 9 0.38 18.38 -11.86
N PRO C 10 1.62 18.00 -11.77
CA PRO C 10 2.54 18.45 -10.67
C PRO C 10 2.35 19.92 -10.33
N THR C 11 2.55 20.25 -9.06
CA THR C 11 2.41 21.63 -8.61
C THR C 11 0.94 22.06 -8.61
N ARG C 12 0.05 21.11 -8.41
CA ARG C 12 -1.37 21.42 -8.40
C ARG C 12 -1.94 21.36 -6.99
N ILE C 13 -1.29 20.59 -6.12
CA ILE C 13 -1.76 20.44 -4.75
C ILE C 13 -0.73 20.95 -3.74
N SER C 14 -1.21 21.63 -2.72
CA SER C 14 -0.32 22.15 -1.68
C SER C 14 -0.35 21.18 -0.50
N VAL C 15 0.67 20.34 -0.39
CA VAL C 15 0.73 19.36 0.67
C VAL C 15 2.03 19.46 1.46
N ASP C 16 2.05 18.80 2.62
CA ASP C 16 3.22 18.82 3.49
C ASP C 16 3.48 17.44 4.09
N GLU C 17 4.04 17.42 5.29
CA GLU C 17 4.33 16.16 5.98
C GLU C 17 3.07 15.33 6.13
N LYS C 18 3.23 14.01 6.05
CA LYS C 18 2.08 13.10 6.17
C LYS C 18 1.09 13.37 5.05
N THR C 19 0.66 14.62 4.95
CA THR C 19 -0.30 15.02 3.93
C THR C 19 -1.35 13.93 3.75
N GLU C 20 -2.22 14.09 2.76
CA GLU C 20 -3.25 13.10 2.51
C GLU C 20 -2.61 11.73 2.35
N LEU C 21 -3.18 10.73 3.00
CA LEU C 21 -2.65 9.38 2.91
C LEU C 21 -3.79 8.35 2.98
N ALA C 22 -3.56 7.26 3.71
CA ALA C 22 -4.58 6.22 3.85
C ALA C 22 -5.80 6.75 4.61
N ARG C 23 -5.76 8.04 4.94
CA ARG C 23 -6.86 8.66 5.67
C ARG C 23 -8.18 8.01 5.30
N ILE C 24 -8.25 7.49 4.08
CA ILE C 24 -9.48 6.85 3.61
C ILE C 24 -9.54 5.41 4.11
N ALA C 25 -10.66 5.06 4.73
CA ALA C 25 -10.84 3.70 5.22
C ALA C 25 -11.16 2.77 4.07
N LYS C 26 -11.33 3.35 2.89
CA LYS C 26 -11.65 2.57 1.70
C LYS C 26 -12.96 1.80 1.91
N GLY C 27 -13.46 1.80 3.14
CA GLY C 27 -14.71 1.12 3.46
C GLY C 27 -14.48 -0.30 3.96
N MET C 28 -13.22 -0.73 4.02
CA MET C 28 -12.90 -2.08 4.48
C MET C 28 -13.17 -2.24 5.98
N GLN C 29 -12.89 -1.21 6.78
CA GLN C 29 -13.13 -1.31 8.22
C GLN C 29 -14.53 -0.81 8.54
N ASP C 30 -15.36 -1.70 9.09
CA ASP C 30 -16.73 -1.34 9.44
C ASP C 30 -17.43 -2.50 10.13
N LEU C 31 -16.67 -3.33 10.84
CA LEU C 31 -17.24 -4.47 11.55
C LEU C 31 -17.78 -4.02 12.90
N GLU C 32 -17.57 -2.75 13.18
CA GLU C 32 -17.99 -2.16 14.44
C GLU C 32 -19.35 -1.50 14.30
N SER C 33 -19.95 -1.17 15.44
CA SER C 33 -21.27 -0.53 15.45
C SER C 33 -21.25 0.74 14.60
N GLU C 34 -22.44 1.21 14.24
CA GLU C 34 -22.58 2.41 13.42
C GLU C 34 -22.03 2.17 12.02
N ALA D 1 -0.76 9.91 31.08
CA ALA D 1 0.33 9.38 30.20
C ALA D 1 -0.19 9.25 28.78
N MET D 2 0.73 9.14 27.82
CA MET D 2 0.35 9.01 26.42
C MET D 2 0.19 7.54 26.04
N ALA D 3 -0.89 7.23 25.31
CA ALA D 3 -1.15 5.86 24.90
C ALA D 3 -0.07 5.38 23.92
N GLY D 4 0.27 4.10 24.02
CA GLY D 4 1.28 3.52 23.13
C GLY D 4 2.25 4.59 22.63
N ILE D 5 3.43 4.66 23.26
CA ILE D 5 4.44 5.63 22.86
C ILE D 5 5.32 5.06 21.75
N ILE D 6 5.67 5.89 20.79
CA ILE D 6 6.50 5.44 19.67
C ILE D 6 7.94 5.90 19.86
N SER D 7 8.88 5.04 19.45
CA SER D 7 10.29 5.36 19.57
C SER D 7 11.03 4.98 18.28
N GLY D 8 10.93 5.83 17.27
CA GLY D 8 11.58 5.58 16.00
C GLY D 8 13.03 6.06 16.04
N THR D 9 13.72 5.98 14.90
CA THR D 9 15.10 6.43 14.84
C THR D 9 15.27 7.51 13.77
N PRO D 10 14.36 8.44 13.71
CA PRO D 10 14.39 9.55 12.74
C PRO D 10 15.80 10.12 12.54
N THR D 11 16.07 10.58 11.33
CA THR D 11 17.38 11.14 11.02
C THR D 11 18.44 10.05 10.97
N ARG D 12 18.04 8.84 10.61
CA ARG D 12 18.98 7.73 10.53
C ARG D 12 19.29 7.37 9.08
N ILE D 13 18.36 7.68 8.19
CA ILE D 13 18.53 7.35 6.78
C ILE D 13 18.56 8.60 5.91
N SER D 14 19.46 8.61 4.93
CA SER D 14 19.55 9.73 4.02
C SER D 14 18.80 9.39 2.74
N VAL D 15 17.58 9.92 2.62
CA VAL D 15 16.75 9.63 1.46
C VAL D 15 16.29 10.91 0.77
N ASP D 16 15.77 10.76 -0.46
CA ASP D 16 15.29 11.89 -1.22
C ASP D 16 13.99 11.54 -1.96
N GLU D 17 13.79 12.16 -3.11
CA GLU D 17 12.58 11.91 -3.90
C GLU D 17 12.45 10.43 -4.24
N LYS D 18 11.20 9.96 -4.28
CA LYS D 18 10.95 8.55 -4.57
C LYS D 18 11.58 7.66 -3.51
N THR D 19 12.88 7.86 -3.29
CA THR D 19 13.61 7.08 -2.31
C THR D 19 13.13 5.64 -2.32
N GLU D 20 13.62 4.84 -1.37
CA GLU D 20 13.21 3.45 -1.31
C GLU D 20 11.69 3.36 -1.25
N LEU D 21 11.13 2.46 -2.03
CA LEU D 21 9.68 2.30 -2.06
C LEU D 21 9.32 0.84 -2.31
N ALA D 22 8.30 0.61 -3.15
CA ALA D 22 7.86 -0.75 -3.45
C ALA D 22 8.95 -1.49 -4.23
N ARG D 23 10.09 -0.82 -4.43
CA ARG D 23 11.19 -1.42 -5.16
C ARG D 23 11.22 -2.94 -4.94
N ILE D 24 10.71 -3.37 -3.79
CA ILE D 24 10.69 -4.79 -3.48
C ILE D 24 9.49 -5.46 -4.13
N ALA D 25 9.74 -6.54 -4.86
CA ALA D 25 8.67 -7.26 -5.51
C ALA D 25 7.92 -8.11 -4.48
N LYS D 26 8.44 -8.11 -3.26
CA LYS D 26 7.82 -8.89 -2.19
C LYS D 26 7.78 -10.38 -2.56
N GLY D 27 8.08 -10.67 -3.82
CA GLY D 27 8.09 -12.06 -4.30
C GLY D 27 6.76 -12.45 -4.93
N MET D 28 5.80 -11.53 -4.94
CA MET D 28 4.49 -11.83 -5.53
C MET D 28 4.56 -11.97 -7.05
N GLN D 29 5.39 -11.17 -7.71
CA GLN D 29 5.52 -11.27 -9.16
C GLN D 29 6.63 -12.24 -9.53
N ASP D 30 6.26 -13.32 -10.23
CA ASP D 30 7.24 -14.32 -10.63
C ASP D 30 6.59 -15.40 -11.49
N LEU D 31 5.55 -15.03 -12.23
CA LEU D 31 4.86 -15.98 -13.09
C LEU D 31 5.59 -16.09 -14.42
N GLU D 32 6.63 -15.30 -14.55
CA GLU D 32 7.42 -15.26 -15.76
C GLU D 32 8.65 -16.17 -15.65
N SER D 33 9.29 -16.42 -16.78
CA SER D 33 10.46 -17.29 -16.80
C SER D 33 11.52 -16.79 -15.83
N GLU D 34 12.48 -17.65 -15.51
CA GLU D 34 13.55 -17.31 -14.58
C GLU D 34 12.98 -17.09 -13.18
N ALA A 1 -16.06 -13.17 15.67
CA ALA A 1 -16.77 -14.06 16.63
C ALA A 1 -15.75 -14.81 17.49
N MET A 2 -15.29 -14.16 18.55
CA MET A 2 -14.31 -14.76 19.43
C MET A 2 -14.93 -15.93 20.22
N ALA A 3 -14.15 -16.52 21.11
CA ALA A 3 -14.64 -17.65 21.90
C ALA A 3 -15.37 -17.17 23.16
N ARG A 4 -16.70 -17.23 23.12
CA ARG A 4 -17.53 -16.82 24.25
C ARG A 4 -17.00 -15.55 24.92
N MET A 5 -15.99 -14.92 24.34
CA MET A 5 -15.45 -13.69 24.92
C MET A 5 -16.01 -12.46 24.20
N SER A 6 -16.02 -11.33 24.93
CA SER A 6 -16.55 -10.08 24.37
C SER A 6 -15.66 -9.55 23.26
N PRO A 7 -16.15 -8.58 22.53
CA PRO A 7 -15.40 -7.95 21.41
C PRO A 7 -14.02 -7.44 21.84
N ALA A 8 -13.81 -7.41 23.15
CA ALA A 8 -12.54 -6.94 23.68
C ALA A 8 -11.37 -7.66 23.02
N ASP A 9 -11.59 -8.92 22.67
CA ASP A 9 -10.53 -9.70 22.02
C ASP A 9 -10.09 -9.01 20.74
N LYS A 10 -11.07 -8.48 20.00
CA LYS A 10 -10.75 -7.77 18.77
C LYS A 10 -9.91 -6.56 19.09
N ARG A 11 -10.35 -5.78 20.08
CA ARG A 11 -9.59 -4.61 20.49
C ARG A 11 -8.20 -5.03 20.95
N LYS A 12 -8.13 -6.16 21.63
CA LYS A 12 -6.85 -6.67 22.08
C LYS A 12 -5.97 -6.85 20.86
N LEU A 13 -6.54 -7.46 19.84
CA LEU A 13 -5.83 -7.65 18.59
C LEU A 13 -5.43 -6.29 18.05
N LEU A 14 -6.40 -5.39 17.94
CA LEU A 14 -6.12 -4.05 17.46
C LEU A 14 -5.03 -3.42 18.30
N ASP A 15 -5.15 -3.61 19.61
CA ASP A 15 -4.15 -3.08 20.53
C ASP A 15 -2.80 -3.70 20.24
N GLU A 16 -2.79 -5.01 19.98
CA GLU A 16 -1.55 -5.72 19.68
C GLU A 16 -1.10 -5.43 18.25
N LEU A 17 -2.04 -5.44 17.32
CA LEU A 17 -1.72 -5.16 15.92
C LEU A 17 -1.11 -3.78 15.81
N ARG A 18 -1.65 -2.84 16.57
CA ARG A 18 -1.14 -1.48 16.55
C ARG A 18 0.30 -1.49 17.04
N SER A 19 0.55 -2.19 18.14
CA SER A 19 1.89 -2.30 18.69
C SER A 19 2.77 -3.12 17.76
N ILE A 20 2.23 -4.26 17.29
CA ILE A 20 2.97 -5.12 16.38
C ILE A 20 3.31 -4.34 15.12
N TYR A 21 2.30 -3.67 14.54
CA TYR A 21 2.53 -2.87 13.35
C TYR A 21 3.64 -1.89 13.65
N ARG A 22 3.52 -1.25 14.79
CA ARG A 22 4.50 -0.28 15.25
C ARG A 22 5.88 -0.94 15.36
N THR A 23 5.90 -2.14 15.93
CA THR A 23 7.15 -2.87 16.08
C THR A 23 7.75 -3.19 14.72
N ILE A 24 6.91 -3.56 13.78
CA ILE A 24 7.36 -3.87 12.43
C ILE A 24 8.14 -2.69 11.86
N VAL A 25 7.58 -1.50 12.06
CA VAL A 25 8.19 -0.27 11.54
C VAL A 25 9.55 0.02 12.18
N LEU A 26 9.61 -0.07 13.50
CA LEU A 26 10.86 0.21 14.21
C LEU A 26 11.94 -0.78 13.85
N GLU A 27 11.56 -2.05 13.68
CA GLU A 27 12.52 -3.08 13.36
C GLU A 27 12.85 -3.11 11.87
N TYR A 28 12.15 -2.28 11.08
CA TYR A 28 12.40 -2.23 9.66
C TYR A 28 13.88 -1.95 9.41
N PHE A 29 14.48 -1.16 10.29
CA PHE A 29 15.89 -0.81 10.17
C PHE A 29 16.75 -1.61 11.14
N ASN A 30 16.19 -2.69 11.68
CA ASN A 30 16.92 -3.53 12.62
C ASN A 30 18.12 -4.18 11.94
N THR A 31 19.21 -4.31 12.70
CA THR A 31 20.42 -4.91 12.17
C THR A 31 20.40 -6.44 12.37
N ASP A 32 19.57 -6.90 13.31
CA ASP A 32 19.50 -8.33 13.58
C ASP A 32 18.06 -8.81 13.78
N ALA A 33 17.17 -7.90 14.17
CA ALA A 33 15.78 -8.30 14.40
C ALA A 33 15.16 -8.87 13.13
N LYS A 34 14.43 -9.96 13.27
CA LYS A 34 13.78 -10.58 12.13
C LYS A 34 12.38 -10.01 11.96
N VAL A 35 12.32 -8.80 11.40
CA VAL A 35 11.04 -8.13 11.19
C VAL A 35 10.03 -9.11 10.65
N ASN A 36 10.53 -10.09 9.90
CA ASN A 36 9.67 -11.11 9.31
C ASN A 36 8.73 -11.68 10.37
N GLU A 37 9.24 -11.87 11.58
CA GLU A 37 8.40 -12.38 12.66
C GLU A 37 7.30 -11.40 12.95
N ARG A 38 7.64 -10.11 12.91
CA ARG A 38 6.66 -9.07 13.17
C ARG A 38 5.64 -9.03 12.04
N ILE A 39 6.15 -9.05 10.81
CA ILE A 39 5.30 -9.03 9.63
C ILE A 39 4.48 -10.32 9.55
N ASP A 40 5.13 -11.44 9.84
CA ASP A 40 4.44 -12.71 9.82
C ASP A 40 3.34 -12.73 10.88
N GLU A 41 3.64 -12.13 12.04
CA GLU A 41 2.68 -12.07 13.13
C GLU A 41 1.50 -11.19 12.74
N PHE A 42 1.81 -10.01 12.20
CA PHE A 42 0.79 -9.07 11.78
C PHE A 42 -0.03 -9.66 10.65
N VAL A 43 0.67 -10.23 9.67
CA VAL A 43 0.01 -10.82 8.51
C VAL A 43 -0.98 -11.92 8.93
N SER A 44 -0.52 -12.83 9.78
CA SER A 44 -1.36 -13.93 10.24
C SER A 44 -2.57 -13.42 11.03
N LYS A 45 -2.33 -12.57 12.02
CA LYS A 45 -3.41 -12.04 12.85
C LYS A 45 -4.35 -11.13 12.07
N ALA A 46 -3.80 -10.25 11.25
CA ALA A 46 -4.63 -9.33 10.49
C ALA A 46 -5.67 -10.10 9.68
N PHE A 47 -5.22 -11.16 9.02
CA PHE A 47 -6.13 -11.98 8.23
C PHE A 47 -7.12 -12.69 9.14
N PHE A 48 -6.58 -13.43 10.09
CA PHE A 48 -7.39 -14.21 11.04
C PHE A 48 -8.37 -13.33 11.82
N ALA A 49 -7.89 -12.22 12.35
CA ALA A 49 -8.75 -11.33 13.13
C ALA A 49 -9.74 -10.60 12.24
N ASP A 50 -9.91 -11.09 11.02
CA ASP A 50 -10.85 -10.47 10.09
C ASP A 50 -10.60 -8.97 10.04
N ILE A 51 -9.32 -8.59 10.06
CA ILE A 51 -8.96 -7.18 10.01
C ILE A 51 -8.91 -6.68 8.58
N SER A 52 -9.66 -5.63 8.30
CA SER A 52 -9.68 -5.05 6.97
C SER A 52 -8.43 -4.19 6.79
N VAL A 53 -8.01 -4.01 5.54
CA VAL A 53 -6.83 -3.20 5.28
C VAL A 53 -7.05 -1.80 5.84
N SER A 54 -8.31 -1.36 5.82
CA SER A 54 -8.66 -0.02 6.31
C SER A 54 -7.94 0.31 7.62
N GLN A 55 -8.11 -0.50 8.66
CA GLN A 55 -7.42 -0.22 9.91
C GLN A 55 -5.93 -0.14 9.67
N VAL A 56 -5.44 -1.03 8.84
CA VAL A 56 -4.03 -1.02 8.50
C VAL A 56 -3.72 0.32 7.85
N LEU A 57 -4.67 0.77 7.03
CA LEU A 57 -4.57 2.05 6.34
C LEU A 57 -4.76 3.22 7.30
N GLU A 58 -5.81 3.15 8.13
CA GLU A 58 -6.08 4.23 9.09
C GLU A 58 -5.05 4.23 10.22
N ILE A 59 -4.80 3.05 10.81
CA ILE A 59 -3.84 2.96 11.89
C ILE A 59 -2.50 3.54 11.44
N HIS A 60 -2.15 3.26 10.19
CA HIS A 60 -0.90 3.76 9.63
C HIS A 60 -0.83 5.28 9.69
N VAL A 61 -1.88 5.94 9.18
CA VAL A 61 -1.91 7.40 9.17
C VAL A 61 -1.69 7.98 10.57
N GLU A 62 -2.30 7.37 11.58
CA GLU A 62 -2.17 7.87 12.94
C GLU A 62 -0.73 7.78 13.47
N LEU A 63 -0.09 6.63 13.28
CA LEU A 63 1.27 6.46 13.76
C LEU A 63 2.25 7.35 13.02
N MET A 64 2.12 7.43 11.70
CA MET A 64 3.02 8.28 10.90
C MET A 64 2.88 9.71 11.36
N ASP A 65 1.66 10.11 11.70
CA ASP A 65 1.42 11.45 12.18
C ASP A 65 2.22 11.67 13.46
N THR A 66 2.31 10.60 14.25
CA THR A 66 3.05 10.64 15.51
C THR A 66 4.53 10.97 15.25
N PHE A 67 5.12 10.29 14.27
CA PHE A 67 6.51 10.53 13.92
C PHE A 67 6.69 11.89 13.27
N SER A 68 5.83 12.20 12.31
CA SER A 68 5.91 13.48 11.62
C SER A 68 5.79 14.61 12.63
N LYS A 69 4.98 14.38 13.66
CA LYS A 69 4.78 15.38 14.71
C LYS A 69 6.08 15.61 15.48
N GLN A 70 6.71 14.50 15.89
CA GLN A 70 7.96 14.58 16.65
C GLN A 70 9.09 15.16 15.81
N LEU A 71 9.15 14.77 14.54
CA LEU A 71 10.20 15.25 13.65
C LEU A 71 10.16 16.77 13.56
N LYS A 72 8.97 17.33 13.42
CA LYS A 72 8.82 18.77 13.33
C LYS A 72 9.24 19.45 14.63
N LEU A 73 8.83 18.88 15.76
CA LEU A 73 9.16 19.44 17.06
C LEU A 73 10.64 19.33 17.37
N GLU A 74 11.26 18.21 16.98
CA GLU A 74 12.67 17.99 17.24
C GLU A 74 13.53 18.51 16.09
N GLY A 75 12.91 18.75 14.94
CA GLY A 75 13.65 19.24 13.78
C GLY A 75 14.57 18.17 13.22
N ARG A 76 14.03 16.96 13.04
CA ARG A 76 14.82 15.86 12.51
C ARG A 76 14.36 15.48 11.11
N SER A 77 15.28 14.94 10.32
CA SER A 77 14.95 14.54 8.95
C SER A 77 13.66 13.74 8.93
N GLU A 78 12.58 14.38 8.50
CA GLU A 78 11.28 13.73 8.43
C GLU A 78 11.21 12.79 7.23
N ASP A 79 12.27 12.79 6.42
CA ASP A 79 12.31 11.93 5.25
C ASP A 79 12.22 10.46 5.65
N ILE A 80 12.77 10.14 6.82
CA ILE A 80 12.75 8.77 7.33
C ILE A 80 11.34 8.18 7.20
N LEU A 81 10.35 9.05 7.02
CA LEU A 81 8.98 8.59 6.87
C LEU A 81 8.87 7.58 5.73
N LEU A 82 9.73 7.72 4.72
CA LEU A 82 9.71 6.81 3.60
C LEU A 82 9.63 5.37 4.11
N ASP A 83 10.21 5.15 5.28
CA ASP A 83 10.20 3.83 5.89
C ASP A 83 8.77 3.34 6.08
N TYR A 84 7.89 4.26 6.48
CA TYR A 84 6.49 3.90 6.67
C TYR A 84 5.87 3.58 5.33
N ARG A 85 6.25 4.34 4.31
CA ARG A 85 5.75 4.09 2.96
C ARG A 85 6.19 2.70 2.53
N LEU A 86 7.40 2.35 2.93
CA LEU A 86 7.96 1.04 2.62
C LEU A 86 7.31 -0.03 3.49
N THR A 87 7.22 0.25 4.79
CA THR A 87 6.62 -0.68 5.73
C THR A 87 5.11 -0.82 5.50
N LEU A 88 4.45 0.32 5.33
CA LEU A 88 3.01 0.32 5.12
C LEU A 88 2.64 -0.44 3.84
N ILE A 89 3.32 -0.11 2.75
CA ILE A 89 3.05 -0.79 1.49
C ILE A 89 3.52 -2.24 1.54
N ASP A 90 4.73 -2.44 2.05
CA ASP A 90 5.28 -3.80 2.15
C ASP A 90 4.43 -4.66 3.08
N VAL A 91 3.98 -4.06 4.19
CA VAL A 91 3.16 -4.80 5.15
C VAL A 91 1.85 -5.24 4.53
N ILE A 92 1.16 -4.29 3.90
CA ILE A 92 -0.11 -4.61 3.26
C ILE A 92 0.09 -5.62 2.13
N ALA A 93 1.15 -5.42 1.36
CA ALA A 93 1.45 -6.33 0.25
C ALA A 93 1.67 -7.74 0.76
N HIS A 94 2.42 -7.87 1.84
CA HIS A 94 2.70 -9.19 2.41
C HIS A 94 1.42 -9.83 2.92
N LEU A 95 0.65 -9.08 3.72
CA LEU A 95 -0.59 -9.61 4.26
C LEU A 95 -1.63 -9.73 3.15
N CYS A 96 -1.62 -8.81 2.20
CA CYS A 96 -2.54 -8.86 1.08
C CYS A 96 -2.33 -10.18 0.34
N GLU A 97 -1.06 -10.54 0.17
CA GLU A 97 -0.72 -11.79 -0.49
C GLU A 97 -1.24 -12.96 0.32
N MET A 98 -1.25 -12.80 1.64
CA MET A 98 -1.73 -13.86 2.51
C MET A 98 -3.17 -14.21 2.12
N TYR A 99 -3.93 -13.18 1.74
CA TYR A 99 -5.30 -13.39 1.30
C TYR A 99 -5.28 -14.17 -0.02
N ARG A 100 -4.33 -13.82 -0.87
CA ARG A 100 -4.18 -14.49 -2.17
C ARG A 100 -3.92 -15.98 -1.97
N ARG A 101 -3.09 -16.30 -0.98
CA ARG A 101 -2.76 -17.68 -0.68
C ARG A 101 -3.92 -18.40 0.00
N SER A 102 -4.81 -17.64 0.61
CA SER A 102 -5.96 -18.22 1.30
C SER A 102 -7.08 -18.58 0.33
N ILE A 103 -6.85 -18.31 -0.95
CA ILE A 103 -7.87 -18.60 -1.96
C ILE A 103 -7.54 -19.90 -2.70
N PRO A 104 -8.43 -20.85 -2.72
CA PRO A 104 -8.19 -22.15 -3.42
C PRO A 104 -8.15 -21.95 -4.94
N ARG A 105 -7.13 -22.50 -5.58
CA ARG A 105 -6.98 -22.38 -7.02
C ARG A 105 -6.95 -23.74 -7.69
N GLU A 106 -7.66 -23.86 -8.80
CA GLU A 106 -7.71 -25.11 -9.55
C GLU A 106 -6.37 -25.37 -10.22
N VAL A 107 -5.99 -26.64 -10.33
CA VAL A 107 -4.72 -27.00 -10.95
C VAL A 107 -3.58 -26.18 -10.35
N ALA B 1 -3.07 -18.53 -18.01
CA ALA B 1 -3.45 -19.47 -19.11
C ALA B 1 -4.53 -18.83 -19.96
N MET B 2 -4.11 -18.01 -20.92
CA MET B 2 -5.05 -17.33 -21.80
C MET B 2 -5.72 -18.32 -22.75
N ALA B 3 -6.56 -17.82 -23.64
CA ALA B 3 -7.27 -18.68 -24.58
C ALA B 3 -6.42 -18.97 -25.81
N ARG B 4 -5.86 -20.16 -25.87
CA ARG B 4 -5.04 -20.59 -27.01
C ARG B 4 -4.11 -19.47 -27.50
N MET B 5 -4.07 -18.35 -26.78
CA MET B 5 -3.20 -17.24 -27.19
C MET B 5 -1.90 -17.25 -26.40
N SER B 6 -0.86 -16.67 -26.98
CA SER B 6 0.45 -16.61 -26.34
C SER B 6 0.43 -15.71 -25.11
N PRO B 7 1.46 -15.76 -24.32
CA PRO B 7 1.61 -14.94 -23.08
C PRO B 7 1.44 -13.45 -23.38
N ALA B 8 1.44 -13.10 -24.66
CA ALA B 8 1.31 -11.71 -25.06
C ALA B 8 0.08 -11.08 -24.40
N ASP B 9 -0.96 -11.90 -24.21
CA ASP B 9 -2.18 -11.38 -23.58
C ASP B 9 -1.86 -10.82 -22.20
N LYS B 10 -0.99 -11.51 -21.47
CA LYS B 10 -0.60 -11.06 -20.15
C LYS B 10 0.10 -9.70 -20.29
N ARG B 11 1.06 -9.63 -21.21
CA ARG B 11 1.76 -8.39 -21.44
C ARG B 11 0.78 -7.31 -21.84
N LYS B 12 -0.21 -7.69 -22.65
CA LYS B 12 -1.23 -6.75 -23.07
C LYS B 12 -1.88 -6.18 -21.83
N LEU B 13 -2.22 -7.07 -20.91
CA LEU B 13 -2.79 -6.66 -19.65
C LEU B 13 -1.82 -5.75 -18.93
N LEU B 14 -0.58 -6.20 -18.79
CA LEU B 14 0.44 -5.38 -18.15
C LEU B 14 0.53 -4.05 -18.86
N ASP B 15 0.51 -4.10 -20.18
CA ASP B 15 0.56 -2.89 -20.97
C ASP B 15 -0.64 -2.00 -20.66
N GLU B 16 -1.80 -2.63 -20.54
CA GLU B 16 -3.02 -1.90 -20.24
C GLU B 16 -3.07 -1.51 -18.77
N LEU B 17 -2.71 -2.44 -17.90
CA LEU B 17 -2.71 -2.18 -16.47
C LEU B 17 -1.79 -1.03 -16.16
N ARG B 18 -0.64 -0.99 -16.84
CA ARG B 18 0.30 0.09 -16.66
C ARG B 18 -0.34 1.41 -17.05
N SER B 19 -1.01 1.42 -18.20
CA SER B 19 -1.69 2.61 -18.67
C SER B 19 -2.89 2.90 -17.78
N ILE B 20 -3.67 1.86 -17.47
CA ILE B 20 -4.83 2.02 -16.62
C ILE B 20 -4.38 2.54 -15.25
N TYR B 21 -3.37 1.89 -14.68
CA TYR B 21 -2.85 2.33 -13.40
C TYR B 21 -2.49 3.81 -13.51
N ARG B 22 -1.78 4.11 -14.59
CA ARG B 22 -1.37 5.47 -14.87
C ARG B 22 -2.59 6.40 -14.96
N THR B 23 -3.61 5.93 -15.66
CA THR B 23 -4.83 6.71 -15.81
C THR B 23 -5.47 6.94 -14.45
N ILE B 24 -5.47 5.91 -13.61
CA ILE B 24 -6.05 6.03 -12.28
C ILE B 24 -5.41 7.21 -11.54
N VAL B 25 -4.09 7.29 -11.63
CA VAL B 25 -3.33 8.33 -10.96
C VAL B 25 -3.67 9.72 -11.46
N LEU B 26 -3.68 9.89 -12.78
CA LEU B 26 -3.97 11.20 -13.37
C LEU B 26 -5.39 11.65 -13.06
N GLU B 27 -6.32 10.70 -13.05
CA GLU B 27 -7.71 11.04 -12.77
C GLU B 27 -7.98 11.17 -11.28
N TYR B 28 -6.98 10.84 -10.46
CA TYR B 28 -7.15 10.93 -9.01
C TYR B 28 -7.61 12.34 -8.65
N PHE B 29 -7.13 13.32 -9.41
CA PHE B 29 -7.49 14.71 -9.15
C PHE B 29 -8.53 15.21 -10.16
N ASN B 30 -9.19 14.28 -10.83
CA ASN B 30 -10.21 14.64 -11.81
C ASN B 30 -11.39 15.33 -11.14
N THR B 31 -11.96 16.30 -11.83
CA THR B 31 -13.10 17.03 -11.29
C THR B 31 -14.41 16.34 -11.65
N ASP B 32 -14.38 15.50 -12.69
CA ASP B 32 -15.59 14.81 -13.11
C ASP B 32 -15.32 13.34 -13.47
N ALA B 33 -14.08 13.01 -13.82
CA ALA B 33 -13.76 11.62 -14.18
C ALA B 33 -14.06 10.69 -13.01
N LYS B 34 -14.67 9.55 -13.32
CA LYS B 34 -14.99 8.57 -12.29
C LYS B 34 -13.84 7.58 -12.15
N VAL B 35 -12.78 8.02 -11.47
CA VAL B 35 -11.61 7.19 -11.28
C VAL B 35 -12.03 5.78 -10.90
N ASN B 36 -13.19 5.69 -10.24
CA ASN B 36 -13.72 4.41 -9.82
C ASN B 36 -13.71 3.43 -10.99
N GLU B 37 -14.03 3.92 -12.18
CA GLU B 37 -14.03 3.06 -13.36
C GLU B 37 -12.61 2.56 -13.62
N ARG B 38 -11.65 3.45 -13.42
CA ARG B 38 -10.25 3.11 -13.62
C ARG B 38 -9.82 2.11 -12.55
N ILE B 39 -10.15 2.40 -11.31
CA ILE B 39 -9.82 1.54 -10.19
C ILE B 39 -10.57 0.22 -10.30
N ASP B 40 -11.84 0.31 -10.67
CA ASP B 40 -12.65 -0.89 -10.83
C ASP B 40 -12.07 -1.74 -11.96
N GLU B 41 -11.62 -1.09 -13.02
CA GLU B 41 -11.04 -1.79 -14.16
C GLU B 41 -9.74 -2.46 -13.76
N PHE B 42 -8.88 -1.70 -13.08
CA PHE B 42 -7.60 -2.22 -12.62
C PHE B 42 -7.81 -3.34 -11.61
N VAL B 43 -8.71 -3.08 -10.66
CA VAL B 43 -9.00 -4.07 -9.62
C VAL B 43 -9.47 -5.39 -10.21
N SER B 44 -10.42 -5.32 -11.14
CA SER B 44 -10.97 -6.52 -11.75
C SER B 44 -9.91 -7.26 -12.56
N LYS B 45 -9.20 -6.56 -13.43
CA LYS B 45 -8.19 -7.17 -14.27
C LYS B 45 -6.98 -7.67 -13.46
N ALA B 46 -6.52 -6.86 -12.52
CA ALA B 46 -5.37 -7.25 -11.71
C ALA B 46 -5.62 -8.61 -11.06
N PHE B 47 -6.81 -8.77 -10.50
CA PHE B 47 -7.16 -10.03 -9.87
C PHE B 47 -7.26 -11.15 -10.89
N PHE B 48 -8.11 -10.91 -11.89
CA PHE B 48 -8.34 -11.87 -12.96
C PHE B 48 -7.07 -12.25 -13.71
N ALA B 49 -6.27 -11.26 -14.08
CA ALA B 49 -5.04 -11.52 -14.82
C ALA B 49 -3.99 -12.16 -13.92
N ASP B 50 -4.43 -12.66 -12.77
CA ASP B 50 -3.50 -13.29 -11.84
C ASP B 50 -2.29 -12.40 -11.62
N ILE B 51 -2.56 -11.10 -11.50
CA ILE B 51 -1.50 -10.13 -11.28
C ILE B 51 -1.17 -10.00 -9.81
N SER B 52 0.09 -10.22 -9.47
CA SER B 52 0.52 -10.11 -8.09
C SER B 52 0.69 -8.64 -7.73
N VAL B 53 0.56 -8.32 -6.45
CA VAL B 53 0.71 -6.94 -6.03
C VAL B 53 2.08 -6.43 -6.45
N SER B 54 3.07 -7.33 -6.46
CA SER B 54 4.43 -6.97 -6.82
C SER B 54 4.48 -6.04 -8.03
N GLN B 55 3.91 -6.45 -9.16
CA GLN B 55 3.92 -5.58 -10.33
C GLN B 55 3.28 -4.26 -9.99
N VAL B 56 2.21 -4.32 -9.23
CA VAL B 56 1.53 -3.11 -8.79
C VAL B 56 2.54 -2.30 -7.99
N LEU B 57 3.32 -3.02 -7.19
CA LEU B 57 4.34 -2.40 -6.36
C LEU B 57 5.54 -1.94 -7.21
N GLU B 58 6.02 -2.80 -8.10
CA GLU B 58 7.15 -2.44 -8.95
C GLU B 58 6.75 -1.42 -10.01
N ILE B 59 5.64 -1.67 -10.69
CA ILE B 59 5.18 -0.75 -11.72
C ILE B 59 5.03 0.64 -11.12
N HIS B 60 4.54 0.70 -9.89
CA HIS B 60 4.36 1.96 -9.21
C HIS B 60 5.68 2.73 -9.09
N VAL B 61 6.71 2.05 -8.59
CA VAL B 61 8.01 2.70 -8.43
C VAL B 61 8.51 3.32 -9.74
N GLU B 62 8.33 2.61 -10.83
CA GLU B 62 8.80 3.09 -12.13
C GLU B 62 8.08 4.37 -12.56
N LEU B 63 6.76 4.39 -12.46
CA LEU B 63 5.99 5.57 -12.87
C LEU B 63 6.28 6.76 -11.97
N MET B 64 6.31 6.53 -10.66
CA MET B 64 6.59 7.64 -9.73
C MET B 64 7.95 8.22 -10.04
N ASP B 65 8.89 7.36 -10.40
CA ASP B 65 10.22 7.82 -10.76
C ASP B 65 10.11 8.77 -11.94
N THR B 66 9.19 8.44 -12.85
CA THR B 66 8.96 9.24 -14.03
C THR B 66 8.54 10.67 -13.65
N PHE B 67 7.61 10.77 -12.70
CA PHE B 67 7.13 12.07 -12.25
C PHE B 67 8.21 12.79 -11.44
N SER B 68 8.82 12.06 -10.52
CA SER B 68 9.87 12.64 -9.69
C SER B 68 10.98 13.17 -10.57
N LYS B 69 11.23 12.47 -11.67
CA LYS B 69 12.26 12.86 -12.61
C LYS B 69 11.91 14.20 -13.27
N GLN B 70 10.67 14.29 -13.76
CA GLN B 70 10.22 15.50 -14.42
C GLN B 70 10.13 16.68 -13.45
N LEU B 71 9.68 16.41 -12.24
CA LEU B 71 9.55 17.46 -11.23
C LEU B 71 10.90 18.12 -10.98
N LYS B 72 11.95 17.30 -10.87
CA LYS B 72 13.29 17.84 -10.63
C LYS B 72 13.77 18.66 -11.81
N LEU B 73 13.54 18.16 -13.02
CA LEU B 73 13.95 18.85 -14.23
C LEU B 73 13.18 20.14 -14.46
N GLU B 74 11.89 20.11 -14.15
CA GLU B 74 11.05 21.29 -14.34
C GLU B 74 11.02 22.16 -13.09
N GLY B 75 11.45 21.60 -11.96
CA GLY B 75 11.47 22.35 -10.71
C GLY B 75 10.05 22.61 -10.21
N ARG B 76 9.23 21.57 -10.20
CA ARG B 76 7.85 21.70 -9.74
C ARG B 76 7.64 20.96 -8.42
N SER B 77 6.68 21.43 -7.63
CA SER B 77 6.40 20.82 -6.35
C SER B 77 6.30 19.31 -6.50
N GLU B 78 7.34 18.61 -6.07
CA GLU B 78 7.37 17.16 -6.15
C GLU B 78 6.49 16.54 -5.08
N ASP B 79 5.94 17.37 -4.20
CA ASP B 79 5.08 16.89 -3.12
C ASP B 79 3.86 16.19 -3.69
N ILE B 80 3.40 16.65 -4.85
CA ILE B 80 2.25 16.05 -5.50
C ILE B 80 2.37 14.53 -5.53
N LEU B 81 3.58 14.03 -5.32
CA LEU B 81 3.80 12.59 -5.32
C LEU B 81 2.90 11.92 -4.30
N LEU B 82 2.55 12.64 -3.23
CA LEU B 82 1.67 12.08 -2.21
C LEU B 82 0.50 11.39 -2.88
N ASP B 83 0.10 11.93 -4.03
CA ASP B 83 -1.02 11.38 -4.78
C ASP B 83 -0.77 9.91 -5.10
N TYR B 84 0.47 9.60 -5.46
CA TYR B 84 0.83 8.23 -5.77
C TYR B 84 0.75 7.39 -4.52
N ARG B 85 1.16 7.96 -3.40
CA ARG B 85 1.10 7.26 -2.13
C ARG B 85 -0.36 6.96 -1.83
N LEU B 86 -1.21 7.91 -2.18
CA LEU B 86 -2.65 7.77 -1.98
C LEU B 86 -3.23 6.80 -3.00
N THR B 87 -2.85 6.99 -4.26
CA THR B 87 -3.34 6.12 -5.33
C THR B 87 -2.76 4.72 -5.22
N LEU B 88 -1.46 4.63 -4.96
CA LEU B 88 -0.79 3.34 -4.85
C LEU B 88 -1.38 2.54 -3.69
N ILE B 89 -1.48 3.16 -2.53
CA ILE B 89 -2.03 2.49 -1.36
C ILE B 89 -3.52 2.23 -1.54
N ASP B 90 -4.24 3.25 -2.00
CA ASP B 90 -5.68 3.13 -2.21
C ASP B 90 -5.98 2.09 -3.28
N VAL B 91 -5.18 2.08 -4.34
CA VAL B 91 -5.38 1.13 -5.43
C VAL B 91 -5.20 -0.30 -4.94
N ILE B 92 -4.08 -0.54 -4.26
CA ILE B 92 -3.80 -1.87 -3.74
C ILE B 92 -4.87 -2.28 -2.72
N ALA B 93 -5.23 -1.35 -1.86
CA ALA B 93 -6.24 -1.61 -0.85
C ALA B 93 -7.57 -2.02 -1.48
N HIS B 94 -7.97 -1.29 -2.53
CA HIS B 94 -9.21 -1.59 -3.21
C HIS B 94 -9.15 -2.96 -3.87
N LEU B 95 -8.08 -3.20 -4.63
CA LEU B 95 -7.92 -4.49 -5.30
C LEU B 95 -7.62 -5.59 -4.28
N CYS B 96 -6.86 -5.24 -3.24
CA CYS B 96 -6.57 -6.22 -2.20
C CYS B 96 -7.87 -6.72 -1.59
N GLU B 97 -8.80 -5.77 -1.38
CA GLU B 97 -10.10 -6.12 -0.83
C GLU B 97 -10.83 -7.03 -1.81
N MET B 98 -10.59 -6.82 -3.10
CA MET B 98 -11.25 -7.64 -4.11
C MET B 98 -10.90 -9.10 -3.85
N TYR B 99 -9.67 -9.34 -3.41
CA TYR B 99 -9.25 -10.71 -3.08
C TYR B 99 -10.03 -11.18 -1.86
N ARG B 100 -10.22 -10.27 -0.91
CA ARG B 100 -10.96 -10.59 0.31
C ARG B 100 -12.39 -11.02 -0.04
N ARG B 101 -12.99 -10.33 -1.00
CA ARG B 101 -14.35 -10.64 -1.43
C ARG B 101 -14.39 -11.93 -2.25
N SER B 102 -13.26 -12.30 -2.82
CA SER B 102 -13.20 -13.50 -3.65
C SER B 102 -13.05 -14.75 -2.79
N ILE B 103 -13.00 -14.58 -1.48
CA ILE B 103 -12.86 -15.71 -0.58
C ILE B 103 -14.20 -16.10 0.04
N PRO B 104 -14.62 -17.33 -0.10
CA PRO B 104 -15.92 -17.78 0.48
C PRO B 104 -15.87 -17.82 2.00
N ARG B 105 -16.88 -17.24 2.64
CA ARG B 105 -16.93 -17.20 4.09
C ARG B 105 -18.19 -17.88 4.61
N GLU B 106 -18.03 -18.68 5.66
CA GLU B 106 -19.16 -19.38 6.25
C GLU B 106 -20.06 -18.39 6.98
N VAL B 107 -21.37 -18.65 6.97
CA VAL B 107 -22.32 -17.77 7.63
C VAL B 107 -22.09 -16.32 7.21
N ALA C 1 13.15 4.76 -26.61
CA ALA C 1 13.74 5.49 -25.45
C ALA C 1 13.21 4.90 -24.15
N MET C 2 13.24 3.58 -24.05
CA MET C 2 12.77 2.89 -22.86
C MET C 2 11.55 3.60 -22.27
N ALA C 3 11.81 4.57 -21.41
CA ALA C 3 10.73 5.33 -20.77
C ALA C 3 10.24 6.45 -21.68
N GLY C 4 8.91 6.52 -21.84
CA GLY C 4 8.30 7.56 -22.67
C GLY C 4 8.02 8.79 -21.83
N ILE C 5 7.25 9.73 -22.37
CA ILE C 5 6.93 10.95 -21.64
C ILE C 5 5.59 10.80 -20.92
N ILE C 6 5.64 10.79 -19.60
CA ILE C 6 4.44 10.66 -18.79
C ILE C 6 4.23 11.91 -17.94
N SER C 7 3.13 12.61 -18.20
CA SER C 7 2.83 13.83 -17.49
C SER C 7 1.44 13.78 -16.87
N GLY C 8 1.29 14.41 -15.71
CA GLY C 8 0.00 14.46 -15.03
C GLY C 8 -0.35 15.91 -14.69
N THR C 9 -0.58 16.16 -13.41
CA THR C 9 -0.91 17.51 -12.97
C THR C 9 0.02 17.94 -11.84
N PRO C 10 1.29 17.71 -12.00
CA PRO C 10 2.31 18.07 -10.98
C PRO C 10 1.94 19.36 -10.26
N THR C 11 2.51 19.56 -9.07
CA THR C 11 2.23 20.74 -8.27
C THR C 11 0.83 21.26 -8.59
N ARG C 12 -0.14 20.91 -7.74
CA ARG C 12 -1.52 21.34 -7.95
C ARG C 12 -2.35 21.21 -6.68
N ILE C 13 -1.88 20.36 -5.76
CA ILE C 13 -2.61 20.12 -4.52
C ILE C 13 -1.85 20.64 -3.30
N SER C 14 -2.57 21.31 -2.40
CA SER C 14 -1.97 21.80 -1.19
C SER C 14 -1.60 20.61 -0.31
N VAL C 15 -0.32 20.49 0.02
CA VAL C 15 0.14 19.36 0.82
C VAL C 15 0.96 19.81 2.03
N ASP C 16 0.94 18.99 3.07
CA ASP C 16 1.67 19.30 4.30
C ASP C 16 2.19 18.04 4.97
N GLU C 17 3.50 17.81 4.87
CA GLU C 17 4.11 16.63 5.48
C GLU C 17 3.23 15.40 5.30
N LYS C 18 2.61 14.92 6.38
CA LYS C 18 1.76 13.75 6.27
C LYS C 18 0.80 13.95 5.11
N THR C 19 0.63 15.22 4.75
CA THR C 19 -0.24 15.60 3.64
C THR C 19 -1.17 14.47 3.23
N GLU C 20 -2.27 14.33 3.97
CA GLU C 20 -3.25 13.29 3.65
C GLU C 20 -2.59 11.95 3.35
N LEU C 21 -3.40 10.91 3.32
CA LEU C 21 -2.90 9.56 3.03
C LEU C 21 -4.06 8.56 3.07
N ALA C 22 -3.91 7.52 3.88
CA ALA C 22 -4.93 6.49 4.01
C ALA C 22 -6.16 7.05 4.73
N ARG C 23 -6.09 8.32 5.11
CA ARG C 23 -7.19 8.98 5.81
C ARG C 23 -8.54 8.52 5.28
N ILE C 24 -8.61 8.21 4.00
CA ILE C 24 -9.87 7.77 3.39
C ILE C 24 -10.30 6.44 3.99
N ALA C 25 -9.35 5.71 4.57
CA ALA C 25 -9.65 4.41 5.18
C ALA C 25 -10.25 3.45 4.15
N LYS C 26 -10.75 4.00 3.05
CA LYS C 26 -11.35 3.19 2.00
C LYS C 26 -12.78 2.84 2.36
N GLY C 27 -13.12 3.00 3.64
CA GLY C 27 -14.47 2.72 4.11
C GLY C 27 -14.71 1.21 4.26
N MET C 28 -13.63 0.46 4.52
CA MET C 28 -13.75 -0.98 4.68
C MET C 28 -13.82 -1.36 6.16
N GLN C 29 -13.48 -0.42 7.04
CA GLN C 29 -13.53 -0.70 8.47
C GLN C 29 -14.90 -0.32 9.04
N ASP C 30 -15.74 -1.33 9.22
CA ASP C 30 -17.09 -1.12 9.75
C ASP C 30 -17.86 -2.43 9.79
N LEU C 31 -17.15 -3.55 9.75
CA LEU C 31 -17.78 -4.87 9.77
C LEU C 31 -18.68 -4.98 10.99
N GLU C 32 -18.21 -4.43 12.11
CA GLU C 32 -18.95 -4.45 13.36
C GLU C 32 -20.13 -5.41 13.30
N SER C 33 -21.33 -4.90 13.57
CA SER C 33 -22.53 -5.71 13.55
C SER C 33 -23.23 -5.59 12.20
N GLU C 34 -24.03 -6.60 11.85
CA GLU C 34 -24.75 -6.59 10.59
C GLU C 34 -26.03 -5.78 10.71
N ALA D 1 -3.71 10.83 27.77
CA ALA D 1 -3.27 11.81 26.75
C ALA D 1 -3.46 11.22 25.35
N MET D 2 -4.63 10.65 25.12
CA MET D 2 -4.93 10.04 23.83
C MET D 2 -3.69 9.36 23.24
N ALA D 3 -2.90 10.13 22.52
CA ALA D 3 -1.70 9.60 21.89
C ALA D 3 -0.53 9.58 22.87
N GLY D 4 0.13 8.43 22.95
CA GLY D 4 1.28 8.27 23.84
C GLY D 4 2.56 8.70 23.12
N ILE D 5 3.71 8.38 23.72
CA ILE D 5 4.98 8.73 23.10
C ILE D 5 5.53 7.56 22.29
N ILE D 6 5.57 7.76 20.97
CA ILE D 6 6.08 6.73 20.07
C ILE D 6 7.33 7.22 19.36
N SER D 7 8.44 6.54 19.61
CA SER D 7 9.71 6.92 19.02
C SER D 7 10.36 5.73 18.32
N GLY D 8 11.06 6.02 17.22
CA GLY D 8 11.75 4.97 16.47
C GLY D 8 13.21 5.37 16.26
N THR D 9 13.62 5.43 15.01
CA THR D 9 14.99 5.81 14.69
C THR D 9 15.01 6.95 13.68
N PRO D 10 14.20 7.95 13.90
CA PRO D 10 14.11 9.12 13.00
C PRO D 10 15.47 9.47 12.39
N THR D 11 15.44 10.20 11.28
CA THR D 11 16.69 10.58 10.60
C THR D 11 17.78 9.54 10.88
N ARG D 12 17.98 8.64 9.93
CA ARG D 12 18.98 7.59 10.10
C ARG D 12 19.33 6.94 8.76
N ILE D 13 18.43 7.07 7.79
CA ILE D 13 18.63 6.45 6.49
C ILE D 13 18.82 7.49 5.38
N SER D 14 19.81 7.25 4.51
CA SER D 14 20.03 8.16 3.40
C SER D 14 18.88 8.03 2.43
N VAL D 15 18.20 9.14 2.17
CA VAL D 15 17.03 9.11 1.28
C VAL D 15 17.12 10.16 0.20
N ASP D 16 16.48 9.89 -0.94
CA ASP D 16 16.50 10.81 -2.06
C ASP D 16 15.17 10.75 -2.83
N GLU D 17 14.36 11.81 -2.67
CA GLU D 17 13.07 11.87 -3.36
C GLU D 17 12.39 10.51 -3.38
N LYS D 18 12.32 9.87 -4.54
CA LYS D 18 11.69 8.55 -4.63
C LYS D 18 12.24 7.67 -3.51
N THR D 19 13.42 8.07 -3.03
CA THR D 19 14.08 7.36 -1.95
C THR D 19 13.50 5.97 -1.72
N GLU D 20 13.93 5.02 -2.54
CA GLU D 20 13.45 3.64 -2.40
C GLU D 20 11.94 3.57 -2.21
N LEU D 21 11.40 2.38 -2.35
CA LEU D 21 9.96 2.16 -2.17
C LEU D 21 9.62 0.69 -2.40
N ALA D 22 8.69 0.44 -3.31
CA ALA D 22 8.28 -0.93 -3.62
C ALA D 22 9.39 -1.68 -4.36
N ARG D 23 10.50 -0.99 -4.58
CA ARG D 23 11.64 -1.56 -5.29
C ARG D 23 11.83 -3.04 -4.91
N ILE D 24 11.50 -3.37 -3.66
CA ILE D 24 11.67 -4.75 -3.21
C ILE D 24 10.73 -5.69 -3.97
N ALA D 25 9.69 -5.11 -4.56
CA ALA D 25 8.72 -5.91 -5.31
C ALA D 25 8.09 -6.99 -4.44
N LYS D 26 8.74 -7.30 -3.33
CA LYS D 26 8.23 -8.32 -2.42
C LYS D 26 8.63 -9.70 -2.92
N GLY D 27 9.01 -9.79 -4.19
CA GLY D 27 9.41 -11.06 -4.78
C GLY D 27 8.21 -11.94 -5.11
N MET D 28 7.07 -11.31 -5.37
CA MET D 28 5.86 -12.06 -5.69
C MET D 28 5.66 -12.13 -7.20
N GLN D 29 6.38 -11.30 -7.96
CA GLN D 29 6.25 -11.32 -9.41
C GLN D 29 7.26 -12.28 -10.02
N ASP D 30 6.78 -13.48 -10.37
CA ASP D 30 7.63 -14.50 -10.97
C ASP D 30 6.84 -15.79 -11.20
N LEU D 31 5.52 -15.67 -11.23
CA LEU D 31 4.65 -16.83 -11.44
C LEU D 31 5.05 -17.55 -12.72
N GLU D 32 5.39 -16.76 -13.74
CA GLU D 32 5.81 -17.28 -15.03
C GLU D 32 5.50 -18.77 -15.16
N SER D 33 6.54 -19.54 -15.45
CA SER D 33 6.37 -20.99 -15.59
C SER D 33 6.73 -21.71 -14.30
N GLU D 34 6.18 -22.91 -14.11
CA GLU D 34 6.45 -23.68 -12.91
C GLU D 34 7.78 -24.42 -13.03
N ALA A 1 -22.64 -14.73 20.93
CA ALA A 1 -23.07 -14.41 19.54
C ALA A 1 -22.08 -15.01 18.55
N MET A 2 -21.03 -15.64 19.07
CA MET A 2 -20.01 -16.25 18.23
C MET A 2 -19.14 -17.21 19.02
N ALA A 3 -18.13 -17.78 18.37
CA ALA A 3 -17.24 -18.72 19.02
C ALA A 3 -16.19 -17.98 19.84
N ARG A 4 -16.26 -18.14 21.16
CA ARG A 4 -15.31 -17.52 22.07
C ARG A 4 -14.59 -16.33 21.41
N MET A 5 -15.35 -15.52 20.67
CA MET A 5 -14.76 -14.35 20.02
C MET A 5 -15.57 -13.09 20.33
N SER A 6 -15.20 -12.42 21.41
CA SER A 6 -15.90 -11.19 21.80
C SER A 6 -15.34 -10.00 21.04
N PRO A 7 -16.04 -8.89 21.07
CA PRO A 7 -15.62 -7.66 20.37
C PRO A 7 -14.38 -7.04 21.01
N ALA A 8 -14.28 -7.15 22.33
CA ALA A 8 -13.12 -6.59 23.03
C ALA A 8 -11.86 -7.31 22.57
N ASP A 9 -11.99 -8.61 22.32
CA ASP A 9 -10.85 -9.40 21.85
C ASP A 9 -10.28 -8.77 20.59
N LYS A 10 -11.17 -8.29 19.73
CA LYS A 10 -10.74 -7.66 18.50
C LYS A 10 -9.90 -6.43 18.85
N ARG A 11 -10.44 -5.59 19.74
CA ARG A 11 -9.71 -4.41 20.17
C ARG A 11 -8.40 -4.84 20.79
N LYS A 12 -8.46 -5.92 21.57
CA LYS A 12 -7.25 -6.46 22.18
C LYS A 12 -6.28 -6.76 21.06
N LEU A 13 -6.82 -7.38 20.01
CA LEU A 13 -6.02 -7.69 18.85
C LEU A 13 -5.47 -6.38 18.29
N LEU A 14 -6.36 -5.44 18.02
CA LEU A 14 -5.95 -4.15 17.50
C LEU A 14 -4.88 -3.56 18.40
N ASP A 15 -5.13 -3.62 19.70
CA ASP A 15 -4.17 -3.13 20.66
C ASP A 15 -2.83 -3.80 20.39
N GLU A 16 -2.89 -5.11 20.10
CA GLU A 16 -1.70 -5.88 19.80
C GLU A 16 -1.18 -5.55 18.40
N LEU A 17 -2.08 -5.55 17.41
CA LEU A 17 -1.70 -5.25 16.04
C LEU A 17 -1.10 -3.85 15.98
N ARG A 18 -1.66 -2.95 16.78
CA ARG A 18 -1.18 -1.58 16.83
C ARG A 18 0.29 -1.57 17.25
N SER A 19 0.59 -2.31 18.31
CA SER A 19 1.96 -2.40 18.82
C SER A 19 2.84 -3.14 17.83
N ILE A 20 2.32 -4.23 17.26
CA ILE A 20 3.08 -5.02 16.30
C ILE A 20 3.46 -4.17 15.11
N TYR A 21 2.48 -3.50 14.51
CA TYR A 21 2.77 -2.64 13.36
C TYR A 21 3.87 -1.66 13.77
N ARG A 22 3.66 -1.06 14.92
CA ARG A 22 4.61 -0.12 15.48
C ARG A 22 5.98 -0.78 15.63
N THR A 23 5.99 -2.02 16.12
CA THR A 23 7.24 -2.74 16.31
C THR A 23 7.90 -2.99 14.95
N ILE A 24 7.09 -3.33 13.96
CA ILE A 24 7.61 -3.58 12.62
C ILE A 24 8.42 -2.36 12.17
N VAL A 25 7.92 -1.18 12.51
CA VAL A 25 8.57 0.07 12.13
C VAL A 25 9.93 0.25 12.80
N LEU A 26 9.96 0.10 14.13
CA LEU A 26 11.20 0.26 14.88
C LEU A 26 12.27 -0.74 14.44
N GLU A 27 11.84 -1.96 14.14
CA GLU A 27 12.77 -2.99 13.71
C GLU A 27 12.92 -3.02 12.20
N TYR A 28 12.15 -2.21 11.51
CA TYR A 28 12.22 -2.17 10.06
C TYR A 28 13.67 -1.99 9.60
N PHE A 29 14.43 -1.21 10.37
CA PHE A 29 15.82 -0.96 10.03
C PHE A 29 16.75 -1.79 10.92
N ASN A 30 16.19 -2.79 11.58
CA ASN A 30 16.98 -3.65 12.46
C ASN A 30 18.14 -4.30 11.70
N THR A 31 19.31 -4.34 12.32
CA THR A 31 20.45 -4.97 11.70
C THR A 31 20.49 -6.46 12.03
N ASP A 32 19.69 -6.86 13.01
CA ASP A 32 19.67 -8.27 13.41
C ASP A 32 18.24 -8.79 13.61
N ALA A 33 17.32 -7.91 14.02
CA ALA A 33 15.95 -8.33 14.25
C ALA A 33 15.30 -8.90 12.99
N LYS A 34 14.56 -9.98 13.15
CA LYS A 34 13.89 -10.60 12.02
C LYS A 34 12.48 -10.02 11.91
N VAL A 35 12.39 -8.86 11.28
CA VAL A 35 11.10 -8.19 11.12
C VAL A 35 10.07 -9.16 10.55
N ASN A 36 10.57 -10.17 9.86
CA ASN A 36 9.70 -11.18 9.28
C ASN A 36 8.71 -11.68 10.33
N GLU A 37 9.20 -11.81 11.57
CA GLU A 37 8.34 -12.25 12.66
C GLU A 37 7.28 -11.19 12.95
N ARG A 38 7.71 -9.94 12.94
CA ARG A 38 6.80 -8.82 13.19
C ARG A 38 5.76 -8.75 12.08
N ILE A 39 6.25 -8.86 10.84
CA ILE A 39 5.37 -8.82 9.69
C ILE A 39 4.48 -10.06 9.67
N ASP A 40 5.10 -11.21 9.94
CA ASP A 40 4.35 -12.45 9.97
C ASP A 40 3.34 -12.43 11.10
N GLU A 41 3.75 -11.85 12.24
CA GLU A 41 2.86 -11.76 13.40
C GLU A 41 1.67 -10.87 13.07
N PHE A 42 1.96 -9.71 12.47
CA PHE A 42 0.90 -8.78 12.09
C PHE A 42 0.08 -9.40 10.97
N VAL A 43 0.78 -9.95 9.98
CA VAL A 43 0.13 -10.56 8.83
C VAL A 43 -0.71 -11.76 9.24
N SER A 44 -0.15 -12.63 10.08
CA SER A 44 -0.86 -13.82 10.52
C SER A 44 -2.12 -13.47 11.31
N LYS A 45 -1.96 -12.64 12.34
CA LYS A 45 -3.09 -12.24 13.17
C LYS A 45 -4.09 -11.39 12.39
N ALA A 46 -3.59 -10.50 11.54
CA ALA A 46 -4.45 -9.63 10.77
C ALA A 46 -5.44 -10.45 9.94
N PHE A 47 -4.95 -11.52 9.35
CA PHE A 47 -5.78 -12.39 8.52
C PHE A 47 -6.84 -13.11 9.36
N PHE A 48 -6.36 -13.84 10.36
CA PHE A 48 -7.25 -14.61 11.22
C PHE A 48 -8.24 -13.71 11.98
N ALA A 49 -7.74 -12.63 12.56
CA ALA A 49 -8.59 -11.72 13.32
C ALA A 49 -9.54 -10.97 12.40
N ASP A 50 -9.67 -11.44 11.16
CA ASP A 50 -10.55 -10.81 10.20
C ASP A 50 -10.30 -9.31 10.14
N ILE A 51 -9.02 -8.94 10.15
CA ILE A 51 -8.65 -7.54 10.09
C ILE A 51 -8.53 -7.08 8.65
N SER A 52 -9.38 -6.14 8.27
CA SER A 52 -9.35 -5.62 6.91
C SER A 52 -8.18 -4.67 6.75
N VAL A 53 -7.78 -4.42 5.51
CA VAL A 53 -6.67 -3.51 5.26
C VAL A 53 -6.99 -2.13 5.84
N SER A 54 -8.28 -1.83 5.93
CA SER A 54 -8.75 -0.54 6.43
C SER A 54 -7.95 -0.07 7.65
N GLN A 55 -8.04 -0.81 8.75
CA GLN A 55 -7.32 -0.42 9.96
C GLN A 55 -5.83 -0.32 9.69
N VAL A 56 -5.32 -1.26 8.93
CA VAL A 56 -3.91 -1.24 8.59
C VAL A 56 -3.58 0.10 7.94
N LEU A 57 -4.48 0.54 7.07
CA LEU A 57 -4.32 1.81 6.39
C LEU A 57 -4.51 2.99 7.34
N GLU A 58 -5.61 2.98 8.09
CA GLU A 58 -5.90 4.07 9.01
C GLU A 58 -4.98 4.04 10.22
N ILE A 59 -4.76 2.86 10.81
CA ILE A 59 -3.85 2.78 11.97
C ILE A 59 -2.50 3.36 11.58
N HIS A 60 -2.08 3.06 10.36
CA HIS A 60 -0.81 3.55 9.85
C HIS A 60 -0.73 5.07 9.91
N VAL A 61 -1.72 5.74 9.34
CA VAL A 61 -1.72 7.20 9.30
C VAL A 61 -1.55 7.80 10.70
N GLU A 62 -2.28 7.28 11.67
CA GLU A 62 -2.19 7.81 13.02
C GLU A 62 -0.73 7.80 13.46
N LEU A 63 -0.05 6.70 13.18
CA LEU A 63 1.36 6.59 13.53
C LEU A 63 2.18 7.60 12.75
N MET A 64 1.77 7.88 11.52
CA MET A 64 2.49 8.85 10.70
C MET A 64 2.44 10.21 11.36
N ASP A 65 1.28 10.53 11.92
CA ASP A 65 1.10 11.80 12.63
C ASP A 65 2.08 11.85 13.80
N THR A 66 2.29 10.71 14.41
CA THR A 66 3.19 10.60 15.55
C THR A 66 4.62 11.00 15.16
N PHE A 67 5.13 10.42 14.09
CA PHE A 67 6.50 10.72 13.65
C PHE A 67 6.59 12.16 13.15
N SER A 68 5.66 12.55 12.28
CA SER A 68 5.68 13.90 11.73
C SER A 68 5.61 14.93 12.86
N LYS A 69 4.77 14.63 13.86
CA LYS A 69 4.62 15.53 15.00
C LYS A 69 5.92 15.63 15.79
N GLN A 70 6.53 14.48 16.06
CA GLN A 70 7.79 14.46 16.81
C GLN A 70 8.91 15.13 16.02
N LEU A 71 8.94 14.85 14.73
CA LEU A 71 9.96 15.42 13.86
C LEU A 71 9.84 16.94 13.80
N LYS A 72 8.61 17.45 13.76
CA LYS A 72 8.41 18.90 13.72
C LYS A 72 8.96 19.56 14.98
N LEU A 73 8.62 19.00 16.13
CA LEU A 73 9.10 19.52 17.40
C LEU A 73 10.58 19.25 17.59
N GLU A 74 11.02 18.08 17.14
CA GLU A 74 12.42 17.70 17.26
C GLU A 74 13.22 18.19 16.06
N GLY A 75 12.56 18.93 15.19
CA GLY A 75 13.23 19.45 13.99
C GLY A 75 14.24 18.44 13.47
N ARG A 76 13.75 17.32 12.95
CA ARG A 76 14.63 16.29 12.44
C ARG A 76 14.49 16.17 10.92
N SER A 77 15.38 15.40 10.31
CA SER A 77 15.38 15.22 8.86
C SER A 77 13.98 14.90 8.35
N GLU A 78 13.11 14.45 9.26
CA GLU A 78 11.73 14.09 8.91
C GLU A 78 11.66 13.36 7.56
N ASP A 79 12.82 13.01 7.03
CA ASP A 79 12.90 12.30 5.76
C ASP A 79 12.64 10.81 5.97
N ILE A 80 12.82 10.36 7.20
CA ILE A 80 12.63 8.95 7.54
C ILE A 80 11.18 8.48 7.31
N LEU A 81 10.26 9.43 7.23
CA LEU A 81 8.85 9.07 7.03
C LEU A 81 8.69 8.07 5.89
N LEU A 82 9.71 7.96 5.04
CA LEU A 82 9.66 7.03 3.92
C LEU A 82 9.49 5.59 4.41
N ASP A 83 10.11 5.28 5.53
CA ASP A 83 10.06 3.94 6.10
C ASP A 83 8.62 3.47 6.29
N TYR A 84 7.76 4.38 6.71
CA TYR A 84 6.37 4.04 6.95
C TYR A 84 5.68 3.72 5.63
N ARG A 85 5.94 4.53 4.61
CA ARG A 85 5.35 4.29 3.31
C ARG A 85 5.87 2.97 2.77
N LEU A 86 7.15 2.72 2.99
CA LEU A 86 7.78 1.48 2.57
C LEU A 86 7.29 0.32 3.42
N THR A 87 7.21 0.58 4.73
CA THR A 87 6.74 -0.43 5.67
C THR A 87 5.24 -0.69 5.50
N LEU A 88 4.48 0.40 5.36
CA LEU A 88 3.04 0.30 5.19
C LEU A 88 2.69 -0.43 3.89
N ILE A 89 3.29 0.01 2.79
CA ILE A 89 3.03 -0.63 1.50
C ILE A 89 3.47 -2.09 1.53
N ASP A 90 4.61 -2.34 2.16
CA ASP A 90 5.13 -3.71 2.25
C ASP A 90 4.22 -4.59 3.11
N VAL A 91 3.77 -4.06 4.24
CA VAL A 91 2.91 -4.82 5.13
C VAL A 91 1.61 -5.20 4.42
N ILE A 92 0.98 -4.22 3.79
CA ILE A 92 -0.27 -4.48 3.07
C ILE A 92 -0.04 -5.48 1.95
N ALA A 93 1.03 -5.29 1.20
CA ALA A 93 1.34 -6.18 0.10
C ALA A 93 1.65 -7.57 0.62
N HIS A 94 2.26 -7.63 1.79
CA HIS A 94 2.63 -8.92 2.38
C HIS A 94 1.38 -9.74 2.73
N LEU A 95 0.42 -9.14 3.45
CA LEU A 95 -0.78 -9.89 3.80
C LEU A 95 -1.67 -10.06 2.57
N CYS A 96 -1.72 -9.05 1.72
CA CYS A 96 -2.52 -9.16 0.50
C CYS A 96 -2.09 -10.42 -0.25
N GLU A 97 -0.80 -10.74 -0.13
CA GLU A 97 -0.25 -11.93 -0.77
C GLU A 97 -0.79 -13.19 -0.11
N MET A 98 -0.82 -13.19 1.23
CA MET A 98 -1.32 -14.36 1.94
C MET A 98 -2.77 -14.61 1.57
N TYR A 99 -3.53 -13.54 1.36
CA TYR A 99 -4.94 -13.67 0.98
C TYR A 99 -5.05 -14.40 -0.35
N ARG A 100 -4.18 -14.04 -1.31
CA ARG A 100 -4.22 -14.68 -2.62
C ARG A 100 -3.98 -16.19 -2.49
N ARG A 101 -3.08 -16.57 -1.59
CA ARG A 101 -2.78 -17.98 -1.38
C ARG A 101 -3.88 -18.67 -0.58
N SER A 102 -4.64 -17.88 0.19
CA SER A 102 -5.71 -18.42 1.00
C SER A 102 -6.96 -18.66 0.15
N ILE A 103 -6.80 -18.55 -1.15
CA ILE A 103 -7.93 -18.73 -2.07
C ILE A 103 -7.72 -19.98 -2.92
N PRO A 104 -8.33 -21.08 -2.56
CA PRO A 104 -8.22 -22.35 -3.33
C PRO A 104 -8.63 -22.16 -4.78
N ARG A 105 -7.93 -22.83 -5.69
CA ARG A 105 -8.22 -22.70 -7.11
C ARG A 105 -8.64 -24.05 -7.70
N GLU A 106 -9.58 -24.00 -8.65
CA GLU A 106 -10.08 -25.21 -9.30
C GLU A 106 -9.00 -25.86 -10.17
N VAL A 107 -9.05 -27.18 -10.27
CA VAL A 107 -8.09 -27.92 -11.08
C VAL A 107 -8.35 -29.42 -10.98
N ALA B 1 -0.96 -24.53 -23.77
CA ALA B 1 -0.58 -24.91 -22.38
C ALA B 1 -1.64 -24.41 -21.41
N MET B 2 -2.65 -23.73 -21.93
CA MET B 2 -3.72 -23.20 -21.10
C MET B 2 -4.91 -22.79 -21.95
N ALA B 3 -5.93 -22.23 -21.30
CA ALA B 3 -7.13 -21.81 -22.00
C ALA B 3 -6.92 -20.45 -22.67
N ARG B 4 -6.94 -20.45 -24.00
CA ARG B 4 -6.77 -19.23 -24.77
C ARG B 4 -6.10 -18.12 -23.95
N MET B 5 -5.09 -18.50 -23.16
CA MET B 5 -4.38 -17.51 -22.35
C MET B 5 -2.87 -17.61 -22.57
N SER B 6 -2.37 -16.86 -23.54
CA SER B 6 -0.94 -16.87 -23.84
C SER B 6 -0.20 -15.91 -22.90
N PRO B 7 1.10 -16.01 -22.86
CA PRO B 7 1.94 -15.15 -22.00
C PRO B 7 1.96 -13.71 -22.48
N ALA B 8 1.90 -13.52 -23.79
CA ALA B 8 1.90 -12.18 -24.36
C ALA B 8 0.65 -11.45 -23.92
N ASP B 9 -0.45 -12.18 -23.82
CA ASP B 9 -1.71 -11.59 -23.38
C ASP B 9 -1.51 -10.94 -22.02
N LYS B 10 -0.74 -11.59 -21.17
CA LYS B 10 -0.47 -11.04 -19.85
C LYS B 10 0.24 -9.71 -20.01
N ARG B 11 1.30 -9.70 -20.82
CA ARG B 11 2.02 -8.47 -21.07
C ARG B 11 1.07 -7.45 -21.66
N LYS B 12 0.21 -7.91 -22.56
CA LYS B 12 -0.78 -7.02 -23.15
C LYS B 12 -1.59 -6.43 -22.01
N LEU B 13 -1.97 -7.30 -21.08
CA LEU B 13 -2.69 -6.86 -19.90
C LEU B 13 -1.84 -5.83 -19.17
N LEU B 14 -0.61 -6.22 -18.85
CA LEU B 14 0.30 -5.31 -18.16
C LEU B 14 0.39 -4.01 -18.93
N ASP B 15 0.53 -4.13 -20.25
CA ASP B 15 0.60 -2.94 -21.07
C ASP B 15 -0.64 -2.09 -20.80
N GLU B 16 -1.78 -2.78 -20.67
CA GLU B 16 -3.05 -2.12 -20.40
C GLU B 16 -3.10 -1.66 -18.93
N LEU B 17 -2.75 -2.56 -18.01
CA LEU B 17 -2.76 -2.23 -16.59
C LEU B 17 -1.81 -1.06 -16.34
N ARG B 18 -0.69 -1.06 -17.06
CA ARG B 18 0.29 0.01 -16.92
C ARG B 18 -0.37 1.35 -17.25
N SER B 19 -1.08 1.39 -18.38
CA SER B 19 -1.76 2.60 -18.80
C SER B 19 -2.90 2.94 -17.85
N ILE B 20 -3.66 1.92 -17.45
CA ILE B 20 -4.78 2.12 -16.54
C ILE B 20 -4.29 2.72 -15.22
N TYR B 21 -3.28 2.10 -14.61
CA TYR B 21 -2.75 2.63 -13.37
C TYR B 21 -2.37 4.09 -13.60
N ARG B 22 -1.66 4.31 -14.68
CA ARG B 22 -1.24 5.64 -15.08
C ARG B 22 -2.44 6.56 -15.22
N THR B 23 -3.50 6.04 -15.85
CA THR B 23 -4.72 6.84 -16.02
C THR B 23 -5.34 7.16 -14.68
N ILE B 24 -5.33 6.19 -13.78
CA ILE B 24 -5.89 6.39 -12.45
C ILE B 24 -5.24 7.61 -11.81
N VAL B 25 -3.94 7.76 -12.05
CA VAL B 25 -3.16 8.86 -11.49
C VAL B 25 -3.59 10.21 -12.06
N LEU B 26 -3.65 10.30 -13.38
CA LEU B 26 -4.03 11.55 -14.04
C LEU B 26 -5.44 11.98 -13.65
N GLU B 27 -6.34 11.03 -13.51
CA GLU B 27 -7.72 11.31 -13.16
C GLU B 27 -7.92 11.28 -11.65
N TYR B 28 -6.89 10.90 -10.92
CA TYR B 28 -6.99 10.82 -9.47
C TYR B 28 -7.54 12.13 -8.91
N PHE B 29 -7.16 13.24 -9.53
CA PHE B 29 -7.62 14.56 -9.09
C PHE B 29 -8.72 15.09 -10.01
N ASN B 30 -9.30 14.21 -10.80
CA ASN B 30 -10.35 14.61 -11.72
C ASN B 30 -11.52 15.24 -10.98
N THR B 31 -12.06 16.31 -11.53
CA THR B 31 -13.20 16.98 -10.92
C THR B 31 -14.50 16.35 -11.41
N ASP B 32 -14.41 15.56 -12.48
CA ASP B 32 -15.61 14.94 -13.03
C ASP B 32 -15.39 13.46 -13.38
N ALA B 33 -14.15 13.10 -13.73
CA ALA B 33 -13.86 11.72 -14.10
C ALA B 33 -14.15 10.76 -12.95
N LYS B 34 -14.75 9.63 -13.27
CA LYS B 34 -15.06 8.62 -12.26
C LYS B 34 -13.90 7.63 -12.18
N VAL B 35 -12.88 8.02 -11.43
CA VAL B 35 -11.69 7.18 -11.26
C VAL B 35 -12.12 5.77 -10.87
N ASN B 36 -13.29 5.66 -10.28
CA ASN B 36 -13.80 4.38 -9.86
C ASN B 36 -13.70 3.39 -11.03
N GLU B 37 -13.96 3.88 -12.24
CA GLU B 37 -13.87 3.04 -13.42
C GLU B 37 -12.43 2.63 -13.66
N ARG B 38 -11.52 3.58 -13.47
CA ARG B 38 -10.10 3.31 -13.66
C ARG B 38 -9.62 2.32 -12.60
N ILE B 39 -10.03 2.57 -11.36
CA ILE B 39 -9.66 1.69 -10.26
C ILE B 39 -10.35 0.34 -10.43
N ASP B 40 -11.62 0.38 -10.80
CA ASP B 40 -12.38 -0.85 -11.02
C ASP B 40 -11.80 -1.61 -12.20
N GLU B 41 -11.40 -0.86 -13.24
CA GLU B 41 -10.82 -1.48 -14.43
C GLU B 41 -9.50 -2.15 -14.08
N PHE B 42 -8.66 -1.43 -13.34
CA PHE B 42 -7.38 -1.98 -12.91
C PHE B 42 -7.61 -3.10 -11.92
N VAL B 43 -8.49 -2.84 -10.97
CA VAL B 43 -8.82 -3.81 -9.93
C VAL B 43 -9.45 -5.07 -10.52
N SER B 44 -10.42 -4.88 -11.42
CA SER B 44 -11.10 -6.01 -12.04
C SER B 44 -10.15 -6.88 -12.85
N LYS B 45 -9.41 -6.25 -13.77
CA LYS B 45 -8.48 -6.97 -14.61
C LYS B 45 -7.31 -7.55 -13.80
N ALA B 46 -6.83 -6.78 -12.85
CA ALA B 46 -5.71 -7.23 -12.02
C ALA B 46 -6.02 -8.57 -11.35
N PHE B 47 -7.25 -8.68 -10.85
CA PHE B 47 -7.67 -9.91 -10.18
C PHE B 47 -7.76 -11.08 -11.16
N PHE B 48 -8.55 -10.89 -12.20
CA PHE B 48 -8.76 -11.94 -13.20
C PHE B 48 -7.45 -12.31 -13.91
N ALA B 49 -6.69 -11.31 -14.33
CA ALA B 49 -5.43 -11.57 -15.04
C ALA B 49 -4.39 -12.16 -14.10
N ASP B 50 -4.84 -12.62 -12.94
CA ASP B 50 -3.93 -13.21 -11.96
C ASP B 50 -2.75 -12.30 -11.71
N ILE B 51 -3.00 -11.00 -11.61
CA ILE B 51 -1.95 -10.04 -11.36
C ILE B 51 -1.70 -9.88 -9.88
N SER B 52 -0.51 -10.23 -9.44
CA SER B 52 -0.17 -10.11 -8.03
C SER B 52 0.12 -8.65 -7.70
N VAL B 53 0.06 -8.33 -6.42
CA VAL B 53 0.32 -6.95 -6.00
C VAL B 53 1.72 -6.55 -6.44
N SER B 54 2.61 -7.54 -6.56
CA SER B 54 4.00 -7.30 -6.95
C SER B 54 4.12 -6.25 -8.06
N GLN B 55 3.59 -6.55 -9.24
CA GLN B 55 3.69 -5.61 -10.34
C GLN B 55 3.05 -4.28 -9.98
N VAL B 56 1.93 -4.34 -9.29
CA VAL B 56 1.27 -3.12 -8.88
C VAL B 56 2.24 -2.29 -8.06
N LEU B 57 3.00 -2.97 -7.21
CA LEU B 57 4.00 -2.32 -6.37
C LEU B 57 5.19 -1.83 -7.20
N GLU B 58 5.74 -2.74 -8.01
CA GLU B 58 6.91 -2.40 -8.81
C GLU B 58 6.54 -1.46 -9.97
N ILE B 59 5.44 -1.75 -10.67
CA ILE B 59 5.03 -0.87 -11.77
C ILE B 59 4.88 0.55 -11.25
N HIS B 60 4.33 0.66 -10.04
CA HIS B 60 4.12 1.95 -9.40
C HIS B 60 5.43 2.73 -9.28
N VAL B 61 6.44 2.10 -8.70
CA VAL B 61 7.73 2.77 -8.50
C VAL B 61 8.28 3.34 -9.80
N GLU B 62 8.23 2.56 -10.87
CA GLU B 62 8.74 3.02 -12.15
C GLU B 62 8.09 4.35 -12.50
N LEU B 63 6.79 4.42 -12.31
CA LEU B 63 6.05 5.64 -12.58
C LEU B 63 6.51 6.76 -11.64
N MET B 64 6.85 6.39 -10.40
CA MET B 64 7.31 7.38 -9.44
C MET B 64 8.58 8.04 -9.96
N ASP B 65 9.45 7.21 -10.54
CA ASP B 65 10.70 7.72 -11.11
C ASP B 65 10.38 8.73 -12.19
N THR B 66 9.30 8.46 -12.93
CA THR B 66 8.88 9.33 -14.02
C THR B 66 8.53 10.72 -13.50
N PHE B 67 7.70 10.80 -12.47
CA PHE B 67 7.30 12.09 -11.92
C PHE B 67 8.48 12.78 -11.25
N SER B 68 9.20 12.05 -10.40
CA SER B 68 10.34 12.63 -9.71
C SER B 68 11.36 13.15 -10.73
N LYS B 69 11.56 12.39 -11.79
CA LYS B 69 12.51 12.79 -12.82
C LYS B 69 12.04 14.07 -13.52
N GLN B 70 10.76 14.10 -13.89
CA GLN B 70 10.21 15.28 -14.56
C GLN B 70 10.22 16.49 -13.63
N LEU B 71 9.87 16.25 -12.37
CA LEU B 71 9.83 17.33 -11.38
C LEU B 71 11.22 17.91 -11.16
N LYS B 72 12.25 17.06 -11.15
CA LYS B 72 13.60 17.55 -10.95
C LYS B 72 14.01 18.46 -12.09
N LEU B 73 13.76 18.04 -13.32
CA LEU B 73 14.10 18.83 -14.50
C LEU B 73 13.18 20.03 -14.63
N GLU B 74 11.91 19.83 -14.28
CA GLU B 74 10.92 20.91 -14.36
C GLU B 74 10.90 21.71 -13.07
N GLY B 75 11.79 21.37 -12.14
CA GLY B 75 11.85 22.07 -10.87
C GLY B 75 10.46 22.45 -10.40
N ARG B 76 9.66 21.45 -10.05
CA ARG B 76 8.31 21.69 -9.60
C ARG B 76 8.16 21.35 -8.11
N SER B 77 7.03 21.72 -7.54
CA SER B 77 6.75 21.48 -6.13
C SER B 77 7.09 20.05 -5.75
N GLU B 78 7.17 19.17 -6.74
CA GLU B 78 7.48 17.76 -6.52
C GLU B 78 6.77 17.22 -5.28
N ASP B 79 5.88 18.02 -4.72
CA ASP B 79 5.13 17.62 -3.53
C ASP B 79 3.95 16.73 -3.92
N ILE B 80 3.55 16.82 -5.19
CA ILE B 80 2.43 16.03 -5.70
C ILE B 80 2.68 14.52 -5.60
N LEU B 81 3.94 14.13 -5.47
CA LEU B 81 4.26 12.70 -5.40
C LEU B 81 3.37 11.98 -4.39
N LEU B 82 2.74 12.74 -3.50
CA LEU B 82 1.86 12.15 -2.50
C LEU B 82 0.72 11.38 -3.15
N ASP B 83 0.24 11.91 -4.27
CA ASP B 83 -0.89 11.31 -4.97
C ASP B 83 -0.61 9.85 -5.31
N TYR B 84 0.63 9.55 -5.69
CA TYR B 84 0.98 8.19 -6.04
C TYR B 84 0.93 7.30 -4.81
N ARG B 85 1.45 7.79 -3.69
CA ARG B 85 1.43 7.02 -2.46
C ARG B 85 -0.02 6.81 -2.04
N LEU B 86 -0.82 7.86 -2.22
CA LEU B 86 -2.24 7.80 -1.90
C LEU B 86 -2.97 6.92 -2.91
N THR B 87 -2.61 7.10 -4.18
CA THR B 87 -3.21 6.33 -5.26
C THR B 87 -2.75 4.87 -5.20
N LEU B 88 -1.46 4.69 -4.98
CA LEU B 88 -0.88 3.35 -4.91
C LEU B 88 -1.44 2.57 -3.73
N ILE B 89 -1.42 3.18 -2.55
CA ILE B 89 -1.95 2.53 -1.37
C ILE B 89 -3.43 2.24 -1.52
N ASP B 90 -4.15 3.19 -2.11
CA ASP B 90 -5.59 3.04 -2.33
C ASP B 90 -5.88 1.93 -3.34
N VAL B 91 -5.11 1.89 -4.42
CA VAL B 91 -5.33 0.88 -5.45
C VAL B 91 -5.11 -0.52 -4.87
N ILE B 92 -3.99 -0.70 -4.17
CA ILE B 92 -3.69 -1.99 -3.56
C ILE B 92 -4.76 -2.36 -2.54
N ALA B 93 -5.14 -1.42 -1.71
CA ALA B 93 -6.15 -1.66 -0.70
C ALA B 93 -7.49 -1.98 -1.36
N HIS B 94 -7.75 -1.34 -2.49
CA HIS B 94 -8.99 -1.55 -3.20
C HIS B 94 -9.11 -2.99 -3.71
N LEU B 95 -8.09 -3.48 -4.42
CA LEU B 95 -8.16 -4.85 -4.92
C LEU B 95 -7.99 -5.84 -3.77
N CYS B 96 -7.14 -5.51 -2.81
CA CYS B 96 -6.94 -6.40 -1.67
C CYS B 96 -8.30 -6.67 -1.04
N GLU B 97 -9.18 -5.67 -1.12
CA GLU B 97 -10.53 -5.80 -0.59
C GLU B 97 -11.34 -6.79 -1.42
N MET B 98 -11.24 -6.67 -2.74
CA MET B 98 -11.98 -7.57 -3.61
C MET B 98 -11.55 -9.01 -3.36
N TYR B 99 -10.26 -9.21 -3.08
CA TYR B 99 -9.75 -10.54 -2.80
C TYR B 99 -10.43 -11.13 -1.57
N ARG B 100 -10.59 -10.31 -0.52
CA ARG B 100 -11.24 -10.76 0.70
C ARG B 100 -12.66 -11.24 0.42
N ARG B 101 -13.35 -10.53 -0.47
CA ARG B 101 -14.71 -10.87 -0.83
C ARG B 101 -14.75 -12.09 -1.76
N SER B 102 -13.65 -12.31 -2.47
CA SER B 102 -13.57 -13.42 -3.40
C SER B 102 -13.26 -14.72 -2.66
N ILE B 103 -13.32 -14.67 -1.34
CA ILE B 103 -13.03 -15.84 -0.53
C ILE B 103 -14.29 -16.32 0.19
N PRO B 104 -14.93 -17.33 -0.33
CA PRO B 104 -16.16 -17.89 0.29
C PRO B 104 -15.91 -18.33 1.74
N ARG B 105 -16.89 -18.10 2.60
CA ARG B 105 -16.74 -18.45 4.01
C ARG B 105 -17.77 -19.50 4.42
N GLU B 106 -17.36 -20.41 5.30
CA GLU B 106 -18.24 -21.47 5.79
C GLU B 106 -19.38 -20.92 6.63
N VAL B 107 -20.53 -21.58 6.58
CA VAL B 107 -21.69 -21.15 7.35
C VAL B 107 -22.88 -22.07 7.08
N ALA C 1 8.87 7.94 -21.17
CA ALA C 1 9.06 8.73 -22.43
C ALA C 1 9.37 7.78 -23.57
N MET C 2 9.55 6.50 -23.26
CA MET C 2 9.86 5.52 -24.29
C MET C 2 8.76 5.49 -25.34
N ALA C 3 7.52 5.70 -24.90
CA ALA C 3 6.39 5.71 -25.81
C ALA C 3 5.39 6.80 -25.41
N GLY C 4 4.70 6.56 -24.29
CA GLY C 4 3.72 7.54 -23.81
C GLY C 4 4.38 8.57 -22.91
N ILE C 5 3.63 9.62 -22.56
CA ILE C 5 4.15 10.68 -21.72
C ILE C 5 3.32 10.81 -20.44
N ILE C 6 4.00 10.85 -19.30
CA ILE C 6 3.32 10.98 -18.03
C ILE C 6 3.60 12.36 -17.43
N SER C 7 2.54 13.15 -17.28
CA SER C 7 2.69 14.50 -16.74
C SER C 7 1.73 14.73 -15.58
N GLY C 8 1.05 13.67 -15.13
CA GLY C 8 0.10 13.78 -14.02
C GLY C 8 -0.39 15.21 -13.87
N THR C 9 -0.44 15.70 -12.63
CA THR C 9 -0.88 17.07 -12.38
C THR C 9 0.07 17.78 -11.43
N PRO C 10 1.35 17.78 -11.75
CA PRO C 10 2.39 18.44 -10.92
C PRO C 10 2.04 19.89 -10.58
N THR C 11 2.58 20.40 -9.48
CA THR C 11 2.31 21.77 -9.07
C THR C 11 0.81 22.01 -8.95
N ARG C 12 0.07 20.96 -8.63
CA ARG C 12 -1.38 21.07 -8.49
C ARG C 12 -1.77 21.20 -7.03
N ILE C 13 -1.61 20.11 -6.30
CA ILE C 13 -2.00 20.07 -4.89
C ILE C 13 -0.83 20.47 -3.99
N SER C 14 -1.14 21.28 -2.97
CA SER C 14 -0.13 21.71 -2.03
C SER C 14 -0.26 20.88 -0.75
N VAL C 15 0.76 20.07 -0.46
CA VAL C 15 0.73 19.21 0.70
C VAL C 15 2.03 19.29 1.50
N ASP C 16 2.05 18.66 2.67
CA ASP C 16 3.22 18.70 3.54
C ASP C 16 3.38 17.37 4.29
N GLU C 17 4.04 17.40 5.44
CA GLU C 17 4.24 16.18 6.22
C GLU C 17 2.93 15.41 6.29
N LYS C 18 3.02 14.08 6.28
CA LYS C 18 1.82 13.24 6.30
C LYS C 18 1.03 13.47 5.01
N THR C 19 1.44 14.51 4.27
CA THR C 19 0.81 14.87 3.00
C THR C 19 -0.26 13.85 2.61
N GLU C 20 -1.33 13.81 3.38
CA GLU C 20 -2.41 12.86 3.12
C GLU C 20 -1.85 11.45 2.97
N LEU C 21 -2.55 10.49 3.56
CA LEU C 21 -2.10 9.11 3.51
C LEU C 21 -3.18 8.20 4.10
N ALA C 22 -3.48 7.11 3.42
CA ALA C 22 -4.49 6.17 3.88
C ALA C 22 -5.48 6.83 4.83
N ARG C 23 -5.80 8.09 4.57
CA ARG C 23 -6.74 8.81 5.42
C ARG C 23 -8.15 8.33 5.13
N ILE C 24 -8.27 7.50 4.10
CA ILE C 24 -9.56 6.95 3.72
C ILE C 24 -9.63 5.48 4.08
N ALA C 25 -10.62 5.11 4.89
CA ALA C 25 -10.78 3.72 5.27
C ALA C 25 -11.41 2.94 4.13
N LYS C 26 -11.89 3.67 3.12
CA LYS C 26 -12.53 3.06 1.95
C LYS C 26 -13.75 2.26 2.38
N GLY C 27 -14.48 2.78 3.36
CA GLY C 27 -15.65 2.10 3.86
C GLY C 27 -15.32 0.66 4.23
N MET C 28 -14.05 0.31 4.08
CA MET C 28 -13.58 -1.03 4.39
C MET C 28 -13.69 -1.32 5.88
N GLN C 29 -13.51 -0.29 6.70
CA GLN C 29 -13.59 -0.47 8.15
C GLN C 29 -15.04 -0.40 8.60
N ASP C 30 -15.66 -1.56 8.80
CA ASP C 30 -17.04 -1.62 9.24
C ASP C 30 -17.16 -2.33 10.58
N LEU C 31 -16.03 -2.62 11.20
CA LEU C 31 -16.03 -3.33 12.48
C LEU C 31 -16.19 -2.35 13.63
N GLU C 32 -17.02 -2.73 14.60
CA GLU C 32 -17.29 -1.89 15.76
C GLU C 32 -16.55 -2.42 16.99
N SER C 33 -16.21 -1.52 17.90
CA SER C 33 -15.51 -1.89 19.12
C SER C 33 -16.45 -1.80 20.32
N GLU C 34 -16.28 -2.73 21.27
CA GLU C 34 -17.12 -2.75 22.46
C GLU C 34 -16.37 -3.36 23.64
N ALA D 1 1.58 9.13 22.52
CA ALA D 1 2.10 9.51 23.86
C ALA D 1 1.06 9.22 24.93
N MET D 2 -0.14 8.81 24.49
CA MET D 2 -1.21 8.51 25.44
C MET D 2 -0.76 7.42 26.41
N ALA D 3 0.05 6.48 25.90
CA ALA D 3 0.54 5.40 26.73
C ALA D 3 1.98 5.06 26.37
N GLY D 4 2.18 4.47 25.19
CA GLY D 4 3.51 4.12 24.74
C GLY D 4 4.16 5.29 24.01
N ILE D 5 5.46 5.15 23.72
CA ILE D 5 6.18 6.19 23.01
C ILE D 5 6.77 5.67 21.71
N ILE D 6 6.55 6.41 20.63
CA ILE D 6 7.06 6.01 19.33
C ILE D 6 8.17 6.96 18.90
N SER D 7 9.38 6.43 18.75
CA SER D 7 10.52 7.24 18.35
C SER D 7 11.25 6.64 17.17
N GLY D 8 10.66 5.60 16.57
CA GLY D 8 11.27 4.95 15.41
C GLY D 8 12.77 5.20 15.38
N THR D 9 13.29 5.51 14.20
CA THR D 9 14.72 5.79 14.05
C THR D 9 14.95 7.07 13.25
N PRO D 10 14.32 8.15 13.66
CA PRO D 10 14.45 9.47 12.97
C PRO D 10 15.91 9.87 12.76
N THR D 11 16.16 10.70 11.76
CA THR D 11 17.52 11.15 11.46
C THR D 11 18.45 9.96 11.27
N ARG D 12 17.90 8.86 10.80
CA ARG D 12 18.69 7.64 10.57
C ARG D 12 19.08 7.52 9.10
N ILE D 13 18.08 7.23 8.28
CA ILE D 13 18.31 7.04 6.85
C ILE D 13 18.15 8.34 6.07
N SER D 14 19.08 8.56 5.14
CA SER D 14 19.03 9.75 4.30
C SER D 14 18.43 9.39 2.95
N VAL D 15 17.26 9.95 2.66
CA VAL D 15 16.57 9.64 1.40
C VAL D 15 16.09 10.91 0.72
N ASP D 16 15.59 10.76 -0.51
CA ASP D 16 15.11 11.90 -1.29
C ASP D 16 13.91 11.51 -2.15
N GLU D 17 13.70 12.23 -3.25
CA GLU D 17 12.57 11.92 -4.13
C GLU D 17 12.51 10.41 -4.38
N LYS D 18 11.31 9.87 -4.49
CA LYS D 18 11.14 8.44 -4.68
C LYS D 18 11.64 7.71 -3.44
N THR D 19 12.32 8.46 -2.58
CA THR D 19 12.87 7.94 -1.32
C THR D 19 12.45 6.49 -1.10
N GLU D 20 12.97 5.60 -1.95
CA GLU D 20 12.63 4.19 -1.85
C GLU D 20 11.12 4.01 -1.83
N LEU D 21 10.64 3.01 -2.55
CA LEU D 21 9.21 2.75 -2.61
C LEU D 21 8.96 1.46 -3.37
N ALA D 22 8.11 0.60 -2.82
CA ALA D 22 7.78 -0.68 -3.45
C ALA D 22 8.88 -1.13 -4.40
N ARG D 23 10.13 -0.86 -4.03
CA ARG D 23 11.26 -1.24 -4.86
C ARG D 23 11.49 -2.74 -4.73
N ILE D 24 10.77 -3.35 -3.79
CA ILE D 24 10.87 -4.77 -3.56
C ILE D 24 9.63 -5.49 -4.07
N ALA D 25 9.82 -6.44 -4.98
CA ALA D 25 8.70 -7.19 -5.52
C ALA D 25 8.25 -8.23 -4.50
N LYS D 26 9.06 -8.41 -3.46
CA LYS D 26 8.75 -9.40 -2.42
C LYS D 26 8.66 -10.79 -3.01
N GLY D 27 9.52 -11.07 -3.98
CA GLY D 27 9.51 -12.38 -4.63
C GLY D 27 8.10 -12.70 -5.12
N MET D 28 7.18 -11.78 -4.91
CA MET D 28 5.80 -11.95 -5.32
C MET D 28 5.68 -12.02 -6.84
N GLN D 29 6.55 -11.29 -7.54
CA GLN D 29 6.52 -11.29 -9.00
C GLN D 29 7.29 -12.48 -9.54
N ASP D 30 6.57 -13.54 -9.91
CA ASP D 30 7.21 -14.73 -10.44
C ASP D 30 6.71 -15.02 -11.85
N LEU D 31 5.95 -14.10 -12.41
CA LEU D 31 5.41 -14.29 -13.76
C LEU D 31 6.41 -13.84 -14.82
N GLU D 32 6.52 -14.64 -15.87
CA GLU D 32 7.45 -14.37 -16.96
C GLU D 32 6.71 -13.83 -18.18
N SER D 33 7.40 -13.00 -18.96
CA SER D 33 6.80 -12.43 -20.17
C SER D 33 7.39 -13.08 -21.42
N GLU D 34 6.56 -13.26 -22.44
CA GLU D 34 7.00 -13.88 -23.68
C GLU D 34 6.17 -13.38 -24.86
N ALA A 1 -18.24 -15.83 13.70
CA ALA A 1 -18.57 -15.55 15.13
C ALA A 1 -17.71 -16.44 16.03
N MET A 2 -16.77 -15.83 16.73
CA MET A 2 -15.89 -16.58 17.62
C MET A 2 -16.71 -17.37 18.63
N ALA A 3 -16.01 -18.06 19.53
CA ALA A 3 -16.67 -18.87 20.54
C ALA A 3 -17.21 -17.98 21.66
N ARG A 4 -18.52 -17.73 21.64
CA ARG A 4 -19.16 -16.90 22.65
C ARG A 4 -18.14 -16.00 23.35
N MET A 5 -17.22 -15.43 22.57
CA MET A 5 -16.20 -14.55 23.12
C MET A 5 -16.56 -13.08 22.87
N SER A 6 -16.28 -12.23 23.85
CA SER A 6 -16.57 -10.80 23.73
C SER A 6 -15.74 -10.18 22.61
N PRO A 7 -16.09 -8.97 22.25
CA PRO A 7 -15.38 -8.21 21.17
C PRO A 7 -14.06 -7.64 21.65
N ALA A 8 -13.85 -7.65 22.97
CA ALA A 8 -12.63 -7.12 23.53
C ALA A 8 -11.42 -7.79 22.91
N ASP A 9 -11.52 -9.08 22.62
CA ASP A 9 -10.42 -9.80 22.01
C ASP A 9 -10.00 -9.08 20.73
N LYS A 10 -11.00 -8.60 19.99
CA LYS A 10 -10.72 -7.87 18.76
C LYS A 10 -9.91 -6.63 19.10
N ARG A 11 -10.37 -5.87 20.11
CA ARG A 11 -9.65 -4.68 20.53
C ARG A 11 -8.26 -5.07 20.99
N LYS A 12 -8.17 -6.22 21.66
CA LYS A 12 -6.87 -6.69 22.12
C LYS A 12 -5.97 -6.82 20.90
N LEU A 13 -6.53 -7.43 19.86
CA LEU A 13 -5.80 -7.57 18.62
C LEU A 13 -5.40 -6.18 18.13
N LEU A 14 -6.39 -5.30 18.01
CA LEU A 14 -6.11 -3.94 17.58
C LEU A 14 -5.01 -3.35 18.45
N ASP A 15 -5.15 -3.56 19.75
CA ASP A 15 -4.16 -3.06 20.69
C ASP A 15 -2.79 -3.66 20.36
N GLU A 16 -2.78 -4.95 20.06
CA GLU A 16 -1.54 -5.64 19.72
C GLU A 16 -1.10 -5.28 18.32
N LEU A 17 -2.05 -5.28 17.39
CA LEU A 17 -1.74 -4.94 16.00
C LEU A 17 -1.15 -3.54 15.92
N ARG A 18 -1.69 -2.64 16.75
CA ARG A 18 -1.19 -1.28 16.78
C ARG A 18 0.27 -1.26 17.23
N SER A 19 0.56 -1.99 18.30
CA SER A 19 1.92 -2.06 18.82
C SER A 19 2.78 -2.95 17.92
N ILE A 20 2.25 -4.10 17.53
CA ILE A 20 2.99 -5.01 16.67
C ILE A 20 3.36 -4.31 15.37
N TYR A 21 2.38 -3.63 14.76
CA TYR A 21 2.65 -2.89 13.53
C TYR A 21 3.78 -1.91 13.79
N ARG A 22 3.65 -1.22 14.90
CA ARG A 22 4.64 -0.24 15.31
C ARG A 22 6.02 -0.87 15.43
N THR A 23 6.08 -2.06 16.04
CA THR A 23 7.35 -2.77 16.19
C THR A 23 7.96 -3.06 14.83
N ILE A 24 7.11 -3.43 13.87
CA ILE A 24 7.59 -3.73 12.53
C ILE A 24 8.40 -2.54 12.00
N VAL A 25 7.84 -1.35 12.21
CA VAL A 25 8.46 -0.12 11.75
C VAL A 25 9.83 0.08 12.39
N LEU A 26 9.91 -0.13 13.70
CA LEU A 26 11.16 0.04 14.41
C LEU A 26 12.20 -0.95 13.92
N GLU A 27 11.77 -2.15 13.59
CA GLU A 27 12.68 -3.18 13.13
C GLU A 27 12.83 -3.17 11.60
N TYR A 28 12.05 -2.33 10.92
CA TYR A 28 12.14 -2.29 9.47
C TYR A 28 13.60 -2.09 9.06
N PHE A 29 14.33 -1.32 9.86
CA PHE A 29 15.73 -1.06 9.59
C PHE A 29 16.62 -1.87 10.53
N ASN A 30 16.05 -2.87 11.15
CA ASN A 30 16.80 -3.71 12.07
C ASN A 30 18.07 -4.25 11.42
N THR A 31 19.11 -4.43 12.23
CA THR A 31 20.39 -4.93 11.72
C THR A 31 20.38 -6.45 11.65
N ASP A 32 19.60 -7.09 12.52
CA ASP A 32 19.55 -8.55 12.52
C ASP A 32 18.16 -9.06 12.87
N ALA A 33 17.28 -8.16 13.29
CA ALA A 33 15.92 -8.57 13.65
C ALA A 33 15.15 -9.02 12.42
N LYS A 34 14.56 -10.20 12.51
CA LYS A 34 13.78 -10.73 11.40
C LYS A 34 12.38 -10.12 11.42
N VAL A 35 12.29 -8.88 10.94
CA VAL A 35 11.02 -8.17 10.91
C VAL A 35 9.93 -9.10 10.41
N ASN A 36 10.33 -10.08 9.62
CA ASN A 36 9.38 -11.04 9.08
C ASN A 36 8.49 -11.58 10.18
N GLU A 37 9.07 -11.83 11.35
CA GLU A 37 8.30 -12.32 12.48
C GLU A 37 7.28 -11.27 12.89
N ARG A 38 7.69 -10.00 12.84
CA ARG A 38 6.79 -8.91 13.19
C ARG A 38 5.68 -8.82 12.15
N ILE A 39 6.09 -8.90 10.88
CA ILE A 39 5.14 -8.83 9.77
C ILE A 39 4.24 -10.06 9.78
N ASP A 40 4.86 -11.22 9.97
CA ASP A 40 4.12 -12.47 10.01
C ASP A 40 3.07 -12.43 11.11
N GLU A 41 3.43 -11.82 12.25
CA GLU A 41 2.50 -11.72 13.37
C GLU A 41 1.33 -10.82 12.97
N PHE A 42 1.66 -9.67 12.39
CA PHE A 42 0.64 -8.72 11.96
C PHE A 42 -0.16 -9.32 10.80
N VAL A 43 0.55 -9.93 9.86
CA VAL A 43 -0.09 -10.52 8.69
C VAL A 43 -1.08 -11.62 9.07
N SER A 44 -0.61 -12.59 9.86
CA SER A 44 -1.46 -13.71 10.26
C SER A 44 -2.65 -13.29 11.11
N LYS A 45 -2.39 -12.48 12.14
CA LYS A 45 -3.46 -12.05 13.03
C LYS A 45 -4.53 -11.24 12.28
N ALA A 46 -4.09 -10.38 11.37
CA ALA A 46 -5.03 -9.57 10.62
C ALA A 46 -5.96 -10.45 9.79
N PHE A 47 -5.41 -11.47 9.17
CA PHE A 47 -6.20 -12.39 8.35
C PHE A 47 -7.27 -13.08 9.20
N PHE A 48 -6.82 -13.73 10.27
CA PHE A 48 -7.73 -14.45 11.16
C PHE A 48 -8.59 -13.50 11.99
N ALA A 49 -7.97 -12.43 12.49
CA ALA A 49 -8.69 -11.47 13.32
C ALA A 49 -9.71 -10.71 12.49
N ASP A 50 -9.92 -11.17 11.26
CA ASP A 50 -10.88 -10.53 10.38
C ASP A 50 -10.64 -9.02 10.33
N ILE A 51 -9.37 -8.63 10.22
CA ILE A 51 -9.03 -7.22 10.16
C ILE A 51 -8.97 -6.75 8.72
N SER A 52 -9.73 -5.70 8.41
CA SER A 52 -9.74 -5.15 7.07
C SER A 52 -8.51 -4.28 6.88
N VAL A 53 -8.11 -4.10 5.63
CA VAL A 53 -6.94 -3.28 5.33
C VAL A 53 -7.14 -1.87 5.89
N SER A 54 -8.40 -1.43 5.93
CA SER A 54 -8.70 -0.08 6.42
C SER A 54 -7.90 0.26 7.67
N GLN A 55 -8.08 -0.51 8.75
CA GLN A 55 -7.34 -0.24 9.98
C GLN A 55 -5.84 -0.24 9.69
N VAL A 56 -5.43 -1.16 8.85
CA VAL A 56 -4.02 -1.23 8.48
C VAL A 56 -3.63 0.11 7.88
N LEU A 57 -4.52 0.62 7.04
CA LEU A 57 -4.35 1.91 6.38
C LEU A 57 -4.49 3.05 7.39
N GLU A 58 -5.58 3.02 8.16
CA GLU A 58 -5.86 4.06 9.13
C GLU A 58 -4.89 4.03 10.30
N ILE A 59 -4.65 2.85 10.87
CA ILE A 59 -3.73 2.75 12.00
C ILE A 59 -2.37 3.33 11.61
N HIS A 60 -1.94 3.05 10.39
CA HIS A 60 -0.65 3.55 9.92
C HIS A 60 -0.61 5.07 9.98
N VAL A 61 -1.63 5.73 9.42
CA VAL A 61 -1.65 7.19 9.40
C VAL A 61 -1.47 7.76 10.81
N GLU A 62 -2.16 7.17 11.78
CA GLU A 62 -2.07 7.66 13.16
C GLU A 62 -0.62 7.65 13.64
N LEU A 63 0.05 6.51 13.47
CA LEU A 63 1.45 6.40 13.89
C LEU A 63 2.32 7.31 13.04
N MET A 64 2.02 7.39 11.75
CA MET A 64 2.80 8.25 10.87
C MET A 64 2.68 9.70 11.32
N ASP A 65 1.49 10.07 11.77
CA ASP A 65 1.26 11.42 12.27
C ASP A 65 2.12 11.66 13.50
N THR A 66 2.30 10.59 14.29
CA THR A 66 3.10 10.67 15.51
C THR A 66 4.54 11.06 15.22
N PHE A 67 5.13 10.47 14.20
CA PHE A 67 6.53 10.77 13.85
C PHE A 67 6.68 12.19 13.33
N SER A 68 5.77 12.61 12.46
CA SER A 68 5.83 13.95 11.89
C SER A 68 5.83 15.01 12.99
N LYS A 69 4.97 14.83 13.97
CA LYS A 69 4.86 15.80 15.06
C LYS A 69 6.15 15.83 15.88
N GLN A 70 6.70 14.66 16.17
CA GLN A 70 7.93 14.58 16.94
C GLN A 70 9.11 15.20 16.19
N LEU A 71 9.15 14.98 14.88
CA LEU A 71 10.23 15.53 14.06
C LEU A 71 10.25 17.05 14.15
N LYS A 72 9.07 17.67 14.05
CA LYS A 72 8.98 19.13 14.12
C LYS A 72 9.40 19.63 15.50
N LEU A 73 8.91 18.98 16.55
CA LEU A 73 9.25 19.39 17.90
C LEU A 73 10.73 19.19 18.20
N GLU A 74 11.30 18.10 17.67
CA GLU A 74 12.71 17.81 17.88
C GLU A 74 13.57 18.37 16.75
N GLY A 75 12.91 18.86 15.70
CA GLY A 75 13.64 19.42 14.57
C GLY A 75 14.54 18.36 13.94
N ARG A 76 13.95 17.23 13.56
CA ARG A 76 14.70 16.14 12.96
C ARG A 76 14.26 15.87 11.54
N SER A 77 15.12 15.19 10.79
CA SER A 77 14.81 14.85 9.40
C SER A 77 13.52 14.05 9.35
N GLU A 78 12.59 14.49 8.51
CA GLU A 78 11.31 13.81 8.39
C GLU A 78 11.31 12.84 7.22
N ASP A 79 12.33 12.91 6.38
CA ASP A 79 12.42 12.01 5.23
C ASP A 79 12.25 10.57 5.69
N ILE A 80 12.70 10.29 6.91
CA ILE A 80 12.59 8.96 7.48
C ILE A 80 11.15 8.45 7.41
N LEU A 81 10.21 9.39 7.27
CA LEU A 81 8.80 9.01 7.17
C LEU A 81 8.57 8.02 6.03
N LEU A 82 9.42 8.10 5.01
CA LEU A 82 9.30 7.20 3.87
C LEU A 82 9.24 5.76 4.34
N ASP A 83 9.96 5.48 5.43
CA ASP A 83 10.01 4.13 5.97
C ASP A 83 8.62 3.64 6.34
N TYR A 84 7.80 4.54 6.87
CA TYR A 84 6.45 4.20 7.25
C TYR A 84 5.59 3.94 6.02
N ARG A 85 5.75 4.77 5.01
CA ARG A 85 5.01 4.59 3.77
C ARG A 85 5.38 3.24 3.17
N LEU A 86 6.67 2.91 3.28
CA LEU A 86 7.18 1.64 2.79
C LEU A 86 6.70 0.52 3.68
N THR A 87 6.68 0.78 4.99
CA THR A 87 6.22 -0.20 5.96
C THR A 87 4.75 -0.52 5.74
N LEU A 88 3.98 0.52 5.48
CA LEU A 88 2.55 0.37 5.24
C LEU A 88 2.30 -0.40 3.95
N ILE A 89 3.01 -0.03 2.90
CA ILE A 89 2.85 -0.70 1.61
C ILE A 89 3.36 -2.13 1.63
N ASP A 90 4.56 -2.32 2.15
CA ASP A 90 5.16 -3.65 2.20
C ASP A 90 4.39 -4.58 3.15
N VAL A 91 3.85 -4.02 4.23
CA VAL A 91 3.09 -4.83 5.18
C VAL A 91 1.82 -5.36 4.55
N ILE A 92 1.05 -4.47 3.95
CA ILE A 92 -0.20 -4.87 3.30
C ILE A 92 0.08 -5.83 2.16
N ALA A 93 1.15 -5.56 1.41
CA ALA A 93 1.51 -6.41 0.29
C ALA A 93 1.74 -7.84 0.76
N HIS A 94 2.36 -7.99 1.93
CA HIS A 94 2.63 -9.32 2.48
C HIS A 94 1.33 -10.00 2.90
N LEU A 95 0.52 -9.30 3.70
CA LEU A 95 -0.72 -9.88 4.16
C LEU A 95 -1.72 -10.00 3.01
N CYS A 96 -1.68 -9.05 2.07
CA CYS A 96 -2.57 -9.12 0.92
C CYS A 96 -2.23 -10.36 0.11
N GLU A 97 -0.94 -10.68 0.07
CA GLU A 97 -0.47 -11.84 -0.68
C GLU A 97 -1.06 -13.11 -0.08
N MET A 98 -1.14 -13.19 1.25
CA MET A 98 -1.67 -14.38 1.89
C MET A 98 -3.14 -14.56 1.50
N TYR A 99 -3.90 -13.47 1.41
CA TYR A 99 -5.29 -13.57 1.00
C TYR A 99 -5.38 -14.26 -0.35
N ARG A 100 -4.50 -13.88 -1.27
CA ARG A 100 -4.48 -14.50 -2.58
C ARG A 100 -4.20 -15.99 -2.46
N ARG A 101 -3.32 -16.34 -1.52
CA ARG A 101 -2.97 -17.74 -1.30
C ARG A 101 -4.09 -18.46 -0.56
N SER A 102 -4.88 -17.70 0.19
CA SER A 102 -5.97 -18.28 0.97
C SER A 102 -7.17 -18.60 0.10
N ILE A 103 -7.01 -18.45 -1.22
CA ILE A 103 -8.12 -18.72 -2.13
C ILE A 103 -7.85 -20.01 -2.92
N PRO A 104 -8.43 -21.10 -2.51
CA PRO A 104 -8.23 -22.41 -3.19
C PRO A 104 -8.60 -22.37 -4.68
N ARG A 105 -7.70 -22.85 -5.52
CA ARG A 105 -7.93 -22.87 -6.96
C ARG A 105 -7.56 -24.23 -7.53
N GLU A 106 -8.33 -24.70 -8.52
CA GLU A 106 -8.06 -25.99 -9.14
C GLU A 106 -6.95 -25.86 -10.17
N VAL A 107 -6.06 -26.85 -10.20
CA VAL A 107 -4.96 -26.84 -11.15
C VAL A 107 -4.17 -28.16 -11.07
N ALA B 1 -4.49 -21.92 -16.42
CA ALA B 1 -3.99 -21.93 -17.82
C ALA B 1 -5.11 -21.50 -18.76
N MET B 2 -4.96 -20.30 -19.33
CA MET B 2 -5.97 -19.77 -20.25
C MET B 2 -6.23 -20.76 -21.39
N ALA B 3 -7.09 -20.36 -22.32
CA ALA B 3 -7.41 -21.22 -23.45
C ALA B 3 -6.30 -21.17 -24.49
N ARG B 4 -5.48 -22.21 -24.52
CA ARG B 4 -4.37 -22.28 -25.47
C ARG B 4 -4.00 -20.89 -26.00
N MET B 5 -3.98 -19.91 -25.12
CA MET B 5 -3.65 -18.55 -25.50
C MET B 5 -2.22 -18.20 -25.10
N SER B 6 -1.52 -17.47 -25.97
CA SER B 6 -0.14 -17.08 -25.72
C SER B 6 -0.05 -16.18 -24.49
N PRO B 7 1.14 -15.96 -24.01
CA PRO B 7 1.41 -15.11 -22.81
C PRO B 7 1.32 -13.62 -23.15
N ALA B 8 1.31 -13.31 -24.44
CA ALA B 8 1.25 -11.92 -24.87
C ALA B 8 0.04 -11.22 -24.26
N ASP B 9 -1.07 -11.95 -24.12
CA ASP B 9 -2.26 -11.37 -23.52
C ASP B 9 -1.90 -10.81 -22.15
N LYS B 10 -1.07 -11.54 -21.42
CA LYS B 10 -0.64 -11.09 -20.11
C LYS B 10 0.10 -9.77 -20.26
N ARG B 11 1.05 -9.72 -21.20
CA ARG B 11 1.78 -8.50 -21.44
C ARG B 11 0.83 -7.40 -21.86
N LYS B 12 -0.18 -7.77 -22.65
CA LYS B 12 -1.17 -6.80 -23.08
C LYS B 12 -1.79 -6.21 -21.84
N LEU B 13 -2.13 -7.08 -20.90
CA LEU B 13 -2.69 -6.63 -19.63
C LEU B 13 -1.70 -5.70 -18.98
N LEU B 14 -0.46 -6.16 -18.82
CA LEU B 14 0.57 -5.33 -18.22
C LEU B 14 0.64 -4.02 -18.96
N ASP B 15 0.61 -4.09 -20.28
CA ASP B 15 0.65 -2.89 -21.09
C ASP B 15 -0.53 -1.99 -20.75
N GLU B 16 -1.70 -2.61 -20.61
CA GLU B 16 -2.92 -1.88 -20.27
C GLU B 16 -2.91 -1.46 -18.81
N LEU B 17 -2.52 -2.39 -17.94
CA LEU B 17 -2.47 -2.12 -16.51
C LEU B 17 -1.51 -0.97 -16.25
N ARG B 18 -0.41 -0.93 -17.00
CA ARG B 18 0.56 0.14 -16.85
C ARG B 18 -0.09 1.48 -17.20
N SER B 19 -0.79 1.51 -18.33
CA SER B 19 -1.46 2.73 -18.77
C SER B 19 -2.70 2.99 -17.92
N ILE B 20 -3.49 1.95 -17.70
CA ILE B 20 -4.70 2.10 -16.90
C ILE B 20 -4.34 2.60 -15.51
N TYR B 21 -3.33 2.00 -14.89
CA TYR B 21 -2.90 2.44 -13.57
C TYR B 21 -2.54 3.92 -13.64
N ARG B 22 -1.79 4.24 -14.69
CA ARG B 22 -1.36 5.60 -14.93
C ARG B 22 -2.56 6.54 -15.03
N THR B 23 -3.59 6.11 -15.77
CA THR B 23 -4.79 6.93 -15.91
C THR B 23 -5.44 7.18 -14.57
N ILE B 24 -5.43 6.16 -13.71
CA ILE B 24 -6.01 6.32 -12.38
C ILE B 24 -5.38 7.51 -11.67
N VAL B 25 -4.06 7.59 -11.77
CA VAL B 25 -3.30 8.66 -11.15
C VAL B 25 -3.71 10.02 -11.68
N LEU B 26 -3.85 10.12 -13.00
CA LEU B 26 -4.24 11.38 -13.62
C LEU B 26 -5.63 11.81 -13.17
N GLU B 27 -6.51 10.83 -13.01
CA GLU B 27 -7.88 11.11 -12.61
C GLU B 27 -8.04 11.07 -11.09
N TYR B 28 -6.99 10.71 -10.37
CA TYR B 28 -7.09 10.66 -8.91
C TYR B 28 -7.63 11.99 -8.40
N PHE B 29 -7.24 13.07 -9.07
CA PHE B 29 -7.68 14.41 -8.68
C PHE B 29 -8.75 14.92 -9.64
N ASN B 30 -9.32 14.01 -10.42
CA ASN B 30 -10.35 14.39 -11.38
C ASN B 30 -11.46 15.18 -10.70
N THR B 31 -12.05 16.11 -11.47
CA THR B 31 -13.13 16.94 -10.95
C THR B 31 -14.47 16.24 -11.04
N ASP B 32 -14.60 15.34 -12.02
CA ASP B 32 -15.86 14.63 -12.20
C ASP B 32 -15.63 13.20 -12.69
N ALA B 33 -14.40 12.87 -13.05
CA ALA B 33 -14.10 11.54 -13.54
C ALA B 33 -14.22 10.52 -12.41
N LYS B 34 -14.99 9.46 -12.66
CA LYS B 34 -15.16 8.42 -11.66
C LYS B 34 -13.97 7.47 -11.70
N VAL B 35 -12.87 7.91 -11.10
CA VAL B 35 -11.65 7.12 -11.06
C VAL B 35 -11.98 5.67 -10.73
N ASN B 36 -13.10 5.49 -10.03
CA ASN B 36 -13.54 4.16 -9.65
C ASN B 36 -13.52 3.24 -10.86
N GLU B 37 -13.93 3.76 -12.02
CA GLU B 37 -13.92 2.97 -13.24
C GLU B 37 -12.49 2.60 -13.59
N ARG B 38 -11.57 3.54 -13.37
CA ARG B 38 -10.17 3.28 -13.66
C ARG B 38 -9.63 2.25 -12.67
N ILE B 39 -9.97 2.43 -11.41
CA ILE B 39 -9.56 1.51 -10.36
C ILE B 39 -10.22 0.16 -10.54
N ASP B 40 -11.52 0.18 -10.84
CA ASP B 40 -12.26 -1.05 -11.05
C ASP B 40 -11.66 -1.83 -12.21
N GLU B 41 -11.21 -1.11 -13.24
CA GLU B 41 -10.61 -1.77 -14.39
C GLU B 41 -9.29 -2.43 -13.98
N PHE B 42 -8.48 -1.68 -13.26
CA PHE B 42 -7.20 -2.18 -12.77
C PHE B 42 -7.43 -3.29 -11.75
N VAL B 43 -8.36 -3.04 -10.83
CA VAL B 43 -8.67 -4.00 -9.78
C VAL B 43 -9.16 -5.33 -10.33
N SER B 44 -10.17 -5.29 -11.20
CA SER B 44 -10.73 -6.51 -11.77
C SER B 44 -9.74 -7.26 -12.65
N LYS B 45 -9.07 -6.56 -13.55
CA LYS B 45 -8.12 -7.22 -14.46
C LYS B 45 -6.98 -7.86 -13.69
N ALA B 46 -6.48 -7.18 -12.67
CA ALA B 46 -5.38 -7.71 -11.88
C ALA B 46 -5.77 -9.03 -11.21
N PHE B 47 -6.98 -9.06 -10.67
CA PHE B 47 -7.47 -10.27 -10.02
C PHE B 47 -7.51 -11.45 -11.00
N PHE B 48 -8.23 -11.25 -12.10
CA PHE B 48 -8.37 -12.28 -13.11
C PHE B 48 -7.08 -12.51 -13.89
N ALA B 49 -6.39 -11.42 -14.24
CA ALA B 49 -5.15 -11.53 -15.00
C ALA B 49 -4.06 -12.17 -14.15
N ASP B 50 -4.45 -12.68 -12.99
CA ASP B 50 -3.49 -13.33 -12.10
C ASP B 50 -2.29 -12.42 -11.86
N ILE B 51 -2.55 -11.14 -11.64
CA ILE B 51 -1.47 -10.20 -11.41
C ILE B 51 -1.18 -10.09 -9.92
N SER B 52 0.08 -10.29 -9.55
CA SER B 52 0.47 -10.19 -8.15
C SER B 52 0.65 -8.73 -7.79
N VAL B 53 0.53 -8.42 -6.50
CA VAL B 53 0.69 -7.04 -6.06
C VAL B 53 2.06 -6.51 -6.46
N SER B 54 3.04 -7.41 -6.53
CA SER B 54 4.40 -7.01 -6.89
C SER B 54 4.41 -6.01 -8.04
N GLN B 55 3.89 -6.42 -9.19
CA GLN B 55 3.88 -5.51 -10.34
C GLN B 55 3.15 -4.23 -9.98
N VAL B 56 2.08 -4.36 -9.21
CA VAL B 56 1.34 -3.20 -8.78
C VAL B 56 2.30 -2.31 -8.01
N LEU B 57 3.10 -2.95 -7.17
CA LEU B 57 4.10 -2.26 -6.37
C LEU B 57 5.26 -1.76 -7.24
N GLU B 58 5.79 -2.66 -8.07
CA GLU B 58 6.91 -2.31 -8.94
C GLU B 58 6.51 -1.34 -10.04
N ILE B 59 5.40 -1.62 -10.73
CA ILE B 59 4.97 -0.74 -11.81
C ILE B 59 4.81 0.68 -11.28
N HIS B 60 4.28 0.81 -10.07
CA HIS B 60 4.08 2.12 -9.48
C HIS B 60 5.40 2.88 -9.35
N VAL B 61 6.42 2.22 -8.79
CA VAL B 61 7.71 2.86 -8.62
C VAL B 61 8.23 3.43 -9.94
N GLU B 62 8.10 2.66 -11.01
CA GLU B 62 8.58 3.11 -12.31
C GLU B 62 7.92 4.43 -12.71
N LEU B 63 6.60 4.48 -12.63
CA LEU B 63 5.87 5.70 -12.97
C LEU B 63 6.22 6.81 -11.98
N MET B 64 6.33 6.45 -10.70
CA MET B 64 6.67 7.43 -9.69
C MET B 64 8.02 8.03 -9.98
N ASP B 65 8.94 7.20 -10.46
CA ASP B 65 10.26 7.68 -10.82
C ASP B 65 10.16 8.68 -11.96
N THR B 66 9.20 8.43 -12.84
CA THR B 66 8.98 9.29 -14.00
C THR B 66 8.63 10.72 -13.59
N PHE B 67 7.75 10.86 -12.60
CA PHE B 67 7.34 12.19 -12.14
C PHE B 67 8.48 12.92 -11.46
N SER B 68 9.23 12.22 -10.61
CA SER B 68 10.33 12.84 -9.89
C SER B 68 11.35 13.43 -10.85
N LYS B 69 11.66 12.69 -11.91
CA LYS B 69 12.64 13.15 -12.88
C LYS B 69 12.12 14.39 -13.62
N GLN B 70 10.84 14.37 -14.00
CA GLN B 70 10.26 15.50 -14.71
C GLN B 70 10.20 16.74 -13.82
N LEU B 71 9.89 16.55 -12.54
CA LEU B 71 9.81 17.67 -11.61
C LEU B 71 11.15 18.40 -11.52
N LYS B 72 12.25 17.63 -11.44
CA LYS B 72 13.57 18.22 -11.34
C LYS B 72 13.93 18.98 -12.62
N LEU B 73 13.64 18.36 -13.77
CA LEU B 73 13.94 18.98 -15.05
C LEU B 73 13.09 20.23 -15.27
N GLU B 74 11.84 20.16 -14.84
CA GLU B 74 10.93 21.29 -15.00
C GLU B 74 10.94 22.19 -13.76
N GLY B 75 11.60 21.74 -12.70
CA GLY B 75 11.67 22.52 -11.47
C GLY B 75 10.28 22.75 -10.91
N ARG B 76 9.54 21.67 -10.70
CA ARG B 76 8.18 21.77 -10.19
C ARG B 76 8.05 21.11 -8.83
N SER B 77 7.00 21.48 -8.10
CA SER B 77 6.75 20.90 -6.79
C SER B 77 6.64 19.39 -6.90
N GLU B 78 7.40 18.69 -6.08
CA GLU B 78 7.40 17.24 -6.10
C GLU B 78 6.45 16.66 -5.05
N ASP B 79 5.98 17.51 -4.15
CA ASP B 79 5.07 17.06 -3.11
C ASP B 79 3.91 16.29 -3.74
N ILE B 80 3.54 16.69 -4.95
CA ILE B 80 2.46 16.03 -5.67
C ILE B 80 2.69 14.52 -5.74
N LEU B 81 3.93 14.10 -5.54
CA LEU B 81 4.26 12.69 -5.57
C LEU B 81 3.41 11.92 -4.57
N LEU B 82 3.02 12.58 -3.49
CA LEU B 82 2.20 11.95 -2.47
C LEU B 82 0.99 11.28 -3.11
N ASP B 83 0.48 11.89 -4.17
CA ASP B 83 -0.69 11.37 -4.86
C ASP B 83 -0.44 9.96 -5.35
N TYR B 84 0.77 9.71 -5.83
CA TYR B 84 1.13 8.40 -6.34
C TYR B 84 1.21 7.39 -5.19
N ARG B 85 1.80 7.82 -4.08
CA ARG B 85 1.90 6.95 -2.93
C ARG B 85 0.50 6.60 -2.46
N LEU B 86 -0.39 7.59 -2.52
CA LEU B 86 -1.77 7.40 -2.14
C LEU B 86 -2.48 6.55 -3.18
N THR B 87 -2.15 6.79 -4.45
CA THR B 87 -2.74 6.04 -5.55
C THR B 87 -2.34 4.57 -5.45
N LEU B 88 -1.07 4.35 -5.12
CA LEU B 88 -0.55 3.00 -4.99
C LEU B 88 -1.20 2.28 -3.82
N ILE B 89 -1.29 2.96 -2.68
CA ILE B 89 -1.90 2.38 -1.49
C ILE B 89 -3.40 2.17 -1.64
N ASP B 90 -4.09 3.21 -2.10
CA ASP B 90 -5.53 3.12 -2.27
C ASP B 90 -5.93 2.11 -3.35
N VAL B 91 -5.11 2.01 -4.40
CA VAL B 91 -5.39 1.07 -5.48
C VAL B 91 -5.31 -0.36 -4.99
N ILE B 92 -4.20 -0.70 -4.33
CA ILE B 92 -4.01 -2.05 -3.81
C ILE B 92 -5.07 -2.37 -2.77
N ALA B 93 -5.39 -1.38 -1.94
CA ALA B 93 -6.39 -1.56 -0.89
C ALA B 93 -7.73 -1.98 -1.51
N HIS B 94 -8.06 -1.37 -2.64
CA HIS B 94 -9.32 -1.69 -3.32
C HIS B 94 -9.28 -3.11 -3.90
N LEU B 95 -8.23 -3.41 -4.65
CA LEU B 95 -8.12 -4.73 -5.25
C LEU B 95 -7.84 -5.79 -4.18
N CYS B 96 -7.09 -5.41 -3.15
CA CYS B 96 -6.82 -6.35 -2.07
C CYS B 96 -8.12 -6.70 -1.37
N GLU B 97 -9.02 -5.71 -1.29
CA GLU B 97 -10.31 -5.91 -0.67
C GLU B 97 -11.12 -6.96 -1.43
N MET B 98 -11.05 -6.92 -2.76
CA MET B 98 -11.80 -7.88 -3.55
C MET B 98 -11.30 -9.29 -3.28
N TYR B 99 -9.99 -9.46 -3.11
CA TYR B 99 -9.45 -10.78 -2.81
C TYR B 99 -10.12 -11.32 -1.55
N ARG B 100 -10.26 -10.46 -0.54
CA ARG B 100 -10.90 -10.88 0.71
C ARG B 100 -12.35 -11.30 0.43
N ARG B 101 -13.00 -10.59 -0.48
CA ARG B 101 -14.38 -10.89 -0.84
C ARG B 101 -14.45 -12.13 -1.73
N SER B 102 -13.35 -12.40 -2.42
CA SER B 102 -13.29 -13.55 -3.34
C SER B 102 -13.06 -14.86 -2.57
N ILE B 103 -13.10 -14.78 -1.25
CA ILE B 103 -12.89 -15.97 -0.43
C ILE B 103 -14.20 -16.41 0.23
N PRO B 104 -14.87 -17.39 -0.33
CA PRO B 104 -16.17 -17.90 0.21
C PRO B 104 -16.05 -18.35 1.66
N ARG B 105 -16.96 -17.86 2.50
CA ARG B 105 -16.98 -18.22 3.91
C ARG B 105 -18.38 -18.59 4.35
N GLU B 106 -18.50 -19.58 5.22
CA GLU B 106 -19.80 -20.00 5.72
C GLU B 106 -20.29 -19.07 6.83
N VAL B 107 -21.58 -18.74 6.79
CA VAL B 107 -22.16 -17.87 7.80
C VAL B 107 -23.68 -17.78 7.62
N ALA C 1 11.11 2.16 -20.69
CA ALA C 1 11.12 3.23 -19.65
C ALA C 1 9.99 4.21 -19.94
N MET C 2 9.94 4.72 -21.17
CA MET C 2 8.91 5.66 -21.57
C MET C 2 7.61 4.92 -21.88
N ALA C 3 7.58 4.24 -23.02
CA ALA C 3 6.41 3.49 -23.43
C ALA C 3 5.19 4.41 -23.59
N GLY C 4 4.40 4.55 -22.53
CA GLY C 4 3.23 5.40 -22.58
C GLY C 4 3.59 6.85 -22.26
N ILE C 5 2.60 7.73 -22.29
CA ILE C 5 2.82 9.14 -22.00
C ILE C 5 2.26 9.51 -20.64
N ILE C 6 3.02 10.29 -19.88
CA ILE C 6 2.58 10.72 -18.56
C ILE C 6 2.26 12.22 -18.59
N SER C 7 1.26 12.61 -17.81
CA SER C 7 0.86 14.01 -17.75
C SER C 7 0.85 14.50 -16.32
N GLY C 8 0.04 13.86 -15.48
CA GLY C 8 -0.05 14.23 -14.08
C GLY C 8 -0.32 15.73 -13.94
N THR C 9 -0.54 16.17 -12.70
CA THR C 9 -0.79 17.58 -12.45
C THR C 9 0.20 18.14 -11.43
N PRO C 10 1.45 17.86 -11.62
CA PRO C 10 2.53 18.35 -10.71
C PRO C 10 2.29 19.79 -10.27
N THR C 11 2.46 20.06 -8.99
CA THR C 11 2.24 21.40 -8.45
C THR C 11 0.76 21.78 -8.52
N ARG C 12 -0.11 20.77 -8.35
CA ARG C 12 -1.54 20.99 -8.40
C ARG C 12 -2.17 20.93 -7.01
N ILE C 13 -1.62 20.08 -6.14
CA ILE C 13 -2.16 19.93 -4.80
C ILE C 13 -1.16 20.39 -3.74
N SER C 14 -1.65 21.15 -2.76
CA SER C 14 -0.80 21.62 -1.67
C SER C 14 -0.95 20.67 -0.49
N VAL C 15 0.16 20.12 -0.02
CA VAL C 15 0.11 19.16 1.08
C VAL C 15 1.10 19.51 2.19
N ASP C 16 0.82 18.97 3.39
CA ASP C 16 1.65 19.22 4.55
C ASP C 16 2.74 18.16 4.71
N GLU C 17 3.11 17.90 5.96
CA GLU C 17 4.15 16.90 6.26
C GLU C 17 3.57 15.50 6.13
N LYS C 18 2.66 15.15 7.03
CA LYS C 18 2.04 13.83 6.96
C LYS C 18 1.55 13.60 5.55
N THR C 19 1.44 14.70 4.81
CA THR C 19 0.99 14.65 3.43
C THR C 19 0.11 13.43 3.19
N GLU C 20 -0.93 13.30 4.00
CA GLU C 20 -1.86 12.18 3.87
C GLU C 20 -1.11 10.87 3.66
N LEU C 21 -1.84 9.76 3.60
CA LEU C 21 -1.22 8.47 3.40
C LEU C 21 -2.28 7.38 3.28
N ALA C 22 -3.27 7.42 4.15
CA ALA C 22 -4.34 6.43 4.14
C ALA C 22 -5.56 6.94 4.90
N ARG C 23 -5.60 8.25 5.12
CA ARG C 23 -6.72 8.85 5.83
C ARG C 23 -8.03 8.61 5.09
N ILE C 24 -7.96 7.88 3.99
CA ILE C 24 -9.15 7.58 3.20
C ILE C 24 -9.91 6.39 3.76
N ALA C 25 -9.24 5.61 4.59
CA ALA C 25 -9.85 4.42 5.19
C ALA C 25 -10.34 3.46 4.11
N LYS C 26 -10.89 4.01 3.04
CA LYS C 26 -11.38 3.21 1.93
C LYS C 26 -12.76 2.63 2.24
N GLY C 27 -13.20 2.81 3.48
CA GLY C 27 -14.50 2.30 3.89
C GLY C 27 -14.43 0.79 4.14
N MET C 28 -13.21 0.30 4.34
CA MET C 28 -13.01 -1.13 4.59
C MET C 28 -13.06 -1.45 6.08
N GLN C 29 -13.14 -0.40 6.90
CA GLN C 29 -13.19 -0.58 8.35
C GLN C 29 -14.56 -1.09 8.77
N ASP C 30 -15.53 -0.17 8.87
CA ASP C 30 -16.89 -0.51 9.25
C ASP C 30 -16.99 -1.89 9.90
N LEU C 31 -16.91 -2.94 9.09
CA LEU C 31 -17.01 -4.31 9.60
C LEU C 31 -18.34 -4.48 10.34
N GLU C 32 -19.41 -4.70 9.58
CA GLU C 32 -20.74 -4.87 10.16
C GLU C 32 -20.84 -6.18 10.92
N SER C 33 -21.61 -6.16 12.02
CA SER C 33 -21.81 -7.35 12.84
C SER C 33 -22.84 -8.28 12.20
N GLU C 34 -22.92 -9.50 12.71
CA GLU C 34 -23.86 -10.49 12.20
C GLU C 34 -24.13 -10.23 10.71
N ALA D 1 -4.69 8.64 21.49
CA ALA D 1 -3.68 9.25 20.57
C ALA D 1 -2.31 8.66 20.89
N MET D 2 -1.93 8.72 22.16
CA MET D 2 -0.64 8.19 22.58
C MET D 2 -0.72 6.68 22.74
N ALA D 3 -1.37 6.22 23.80
CA ALA D 3 -1.51 4.79 24.03
C ALA D 3 -0.15 4.13 24.22
N GLY D 4 0.41 3.61 23.14
CA GLY D 4 1.71 2.96 23.20
C GLY D 4 2.84 3.97 23.07
N ILE D 5 4.07 3.48 23.13
CA ILE D 5 5.23 4.36 23.00
C ILE D 5 5.91 4.17 21.66
N ILE D 6 6.29 5.29 21.05
CA ILE D 6 6.97 5.25 19.76
C ILE D 6 8.44 5.63 19.93
N SER D 7 9.31 5.02 19.13
CA SER D 7 10.73 5.31 19.20
C SER D 7 11.27 5.68 17.82
N GLY D 8 11.12 4.75 16.88
CA GLY D 8 11.59 5.00 15.52
C GLY D 8 13.05 5.46 15.53
N THR D 9 13.62 5.60 14.34
CA THR D 9 15.00 6.04 14.23
C THR D 9 15.11 7.28 13.33
N PRO D 10 14.26 8.24 13.56
CA PRO D 10 14.26 9.52 12.80
C PRO D 10 15.68 10.00 12.50
N THR D 11 15.91 10.42 11.26
CA THR D 11 17.24 10.90 10.87
C THR D 11 18.25 9.75 10.89
N ARG D 12 17.78 8.56 10.55
CA ARG D 12 18.64 7.38 10.53
C ARG D 12 18.97 6.94 9.10
N ILE D 13 18.02 7.14 8.19
CA ILE D 13 18.23 6.73 6.80
C ILE D 13 18.23 7.94 5.86
N SER D 14 19.20 7.96 4.94
CA SER D 14 19.29 9.04 3.98
C SER D 14 18.60 8.61 2.68
N VAL D 15 17.63 9.38 2.24
CA VAL D 15 16.89 9.03 1.04
C VAL D 15 16.82 10.16 0.03
N ASP D 16 16.55 9.81 -1.22
CA ASP D 16 16.46 10.79 -2.31
C ASP D 16 15.02 11.28 -2.50
N GLU D 17 14.70 11.63 -3.75
CA GLU D 17 13.36 12.11 -4.09
C GLU D 17 12.38 10.95 -4.15
N LYS D 18 12.55 10.08 -5.14
CA LYS D 18 11.67 8.92 -5.27
C LYS D 18 11.61 8.23 -3.91
N THR D 19 12.58 8.56 -3.07
CA THR D 19 12.65 7.99 -1.73
C THR D 19 11.97 6.63 -1.69
N GLU D 20 12.39 5.74 -2.57
CA GLU D 20 11.83 4.39 -2.63
C GLU D 20 10.30 4.44 -2.51
N LEU D 21 9.67 3.28 -2.62
CA LEU D 21 8.22 3.22 -2.51
C LEU D 21 7.73 1.78 -2.59
N ALA D 22 8.30 1.01 -3.52
CA ALA D 22 7.91 -0.39 -3.68
C ALA D 22 8.98 -1.16 -4.45
N ARG D 23 10.17 -0.57 -4.53
CA ARG D 23 11.27 -1.21 -5.25
C ARG D 23 11.62 -2.55 -4.62
N ILE D 24 10.86 -2.95 -3.61
CA ILE D 24 11.11 -4.21 -2.93
C ILE D 24 10.44 -5.36 -3.67
N ALA D 25 9.49 -5.04 -4.54
CA ALA D 25 8.77 -6.06 -5.30
C ALA D 25 8.07 -7.04 -4.35
N LYS D 26 8.75 -7.39 -3.27
CA LYS D 26 8.19 -8.31 -2.29
C LYS D 26 8.34 -9.76 -2.75
N GLY D 27 8.78 -9.94 -4.00
CA GLY D 27 8.96 -11.28 -4.53
C GLY D 27 7.62 -11.87 -4.94
N MET D 28 6.63 -11.01 -5.12
CA MET D 28 5.30 -11.45 -5.50
C MET D 28 5.14 -11.48 -7.02
N GLN D 29 6.15 -10.97 -7.73
CA GLN D 29 6.11 -10.96 -9.19
C GLN D 29 6.33 -12.36 -9.75
N ASP D 30 7.60 -12.77 -9.81
CA ASP D 30 7.95 -14.10 -10.31
C ASP D 30 6.82 -14.74 -11.12
N LEU D 31 5.81 -15.25 -10.42
CA LEU D 31 4.69 -15.90 -11.08
C LEU D 31 5.19 -17.07 -11.93
N GLU D 32 5.45 -18.19 -11.26
CA GLU D 32 5.95 -19.38 -11.93
C GLU D 32 4.89 -19.99 -12.85
N SER D 33 5.35 -20.55 -13.97
CA SER D 33 4.44 -21.17 -14.94
C SER D 33 4.05 -22.57 -14.47
N GLU D 34 3.04 -23.15 -15.12
CA GLU D 34 2.58 -24.48 -14.77
C GLU D 34 2.83 -24.76 -13.29
N ALA A 1 -21.51 -11.69 24.25
CA ALA A 1 -22.76 -12.49 24.04
C ALA A 1 -22.63 -13.31 22.78
N MET A 2 -22.01 -12.74 21.76
CA MET A 2 -21.83 -13.43 20.49
C MET A 2 -20.95 -14.67 20.67
N ALA A 3 -20.69 -15.37 19.57
CA ALA A 3 -19.87 -16.57 19.62
C ALA A 3 -18.39 -16.21 19.64
N ARG A 4 -17.71 -16.59 20.72
CA ARG A 4 -16.27 -16.32 20.86
C ARG A 4 -15.82 -15.22 19.90
N MET A 5 -16.62 -14.17 19.81
CA MET A 5 -16.28 -13.06 18.91
C MET A 5 -16.69 -11.72 19.53
N SER A 6 -16.34 -11.52 20.80
CA SER A 6 -16.67 -10.27 21.46
C SER A 6 -15.91 -9.11 20.82
N PRO A 7 -16.32 -7.91 21.10
CA PRO A 7 -15.68 -6.68 20.54
C PRO A 7 -14.39 -6.34 21.27
N ALA A 8 -14.32 -6.69 22.55
CA ALA A 8 -13.14 -6.41 23.34
C ALA A 8 -11.94 -7.20 22.80
N ASP A 9 -12.17 -8.46 22.45
CA ASP A 9 -11.10 -9.28 21.90
C ASP A 9 -10.57 -8.60 20.65
N LYS A 10 -11.49 -8.04 19.87
CA LYS A 10 -11.11 -7.33 18.67
C LYS A 10 -10.18 -6.19 19.04
N ARG A 11 -10.56 -5.44 20.08
CA ARG A 11 -9.73 -4.35 20.55
C ARG A 11 -8.39 -4.89 21.03
N LYS A 12 -8.42 -6.04 21.69
CA LYS A 12 -7.20 -6.65 22.16
C LYS A 12 -6.30 -6.86 20.97
N LEU A 13 -6.90 -7.41 19.92
CA LEU A 13 -6.18 -7.62 18.68
C LEU A 13 -5.64 -6.29 18.20
N LEU A 14 -6.53 -5.32 18.06
CA LEU A 14 -6.13 -3.99 17.62
C LEU A 14 -5.03 -3.48 18.54
N ASP A 15 -5.22 -3.68 19.83
CA ASP A 15 -4.22 -3.25 20.79
C ASP A 15 -2.87 -3.87 20.44
N GLU A 16 -2.91 -5.16 20.09
CA GLU A 16 -1.70 -5.88 19.74
C GLU A 16 -1.25 -5.53 18.32
N LEU A 17 -2.20 -5.48 17.39
CA LEU A 17 -1.89 -5.16 16.01
C LEU A 17 -1.23 -3.79 15.93
N ARG A 18 -1.73 -2.84 16.73
CA ARG A 18 -1.16 -1.50 16.74
C ARG A 18 0.29 -1.56 17.23
N SER A 19 0.50 -2.25 18.35
CA SER A 19 1.85 -2.40 18.89
C SER A 19 2.70 -3.26 17.96
N ILE A 20 2.14 -4.38 17.51
CA ILE A 20 2.85 -5.27 16.61
C ILE A 20 3.23 -4.54 15.34
N TYR A 21 2.26 -3.82 14.76
CA TYR A 21 2.54 -3.06 13.55
C TYR A 21 3.65 -2.08 13.83
N ARG A 22 3.52 -1.40 14.95
CA ARG A 22 4.51 -0.44 15.39
C ARG A 22 5.89 -1.08 15.44
N THR A 23 5.95 -2.31 15.95
CA THR A 23 7.21 -3.02 16.04
C THR A 23 7.79 -3.25 14.65
N ILE A 24 6.93 -3.54 13.69
CA ILE A 24 7.39 -3.77 12.33
C ILE A 24 8.18 -2.57 11.84
N VAL A 25 7.64 -1.38 12.13
CA VAL A 25 8.27 -0.14 11.73
C VAL A 25 9.63 0.07 12.41
N LEU A 26 9.70 -0.20 13.70
CA LEU A 26 10.95 -0.02 14.44
C LEU A 26 12.05 -0.94 13.94
N GLU A 27 11.67 -2.18 13.58
CA GLU A 27 12.66 -3.15 13.13
C GLU A 27 12.88 -3.07 11.62
N TYR A 28 12.12 -2.24 10.94
CA TYR A 28 12.26 -2.12 9.50
C TYR A 28 13.73 -1.91 9.11
N PHE A 29 14.47 -1.19 9.96
CA PHE A 29 15.87 -0.93 9.69
C PHE A 29 16.77 -1.81 10.56
N ASN A 30 16.18 -2.79 11.24
CA ASN A 30 16.95 -3.68 12.09
C ASN A 30 18.08 -4.33 11.33
N THR A 31 19.24 -4.46 11.97
CA THR A 31 20.39 -5.07 11.34
C THR A 31 20.38 -6.59 11.50
N ASP A 32 19.58 -7.08 12.45
CA ASP A 32 19.52 -8.53 12.68
C ASP A 32 18.10 -9.03 12.97
N ALA A 33 17.22 -8.14 13.42
CA ALA A 33 15.85 -8.57 13.73
C ALA A 33 15.14 -9.12 12.51
N LYS A 34 14.40 -10.20 12.69
CA LYS A 34 13.66 -10.79 11.59
C LYS A 34 12.27 -10.16 11.51
N VAL A 35 12.21 -9.02 10.84
CA VAL A 35 10.95 -8.29 10.71
C VAL A 35 9.83 -9.21 10.24
N ASN A 36 10.20 -10.19 9.43
CA ASN A 36 9.22 -11.14 8.92
C ASN A 36 8.37 -11.65 10.07
N GLU A 37 8.99 -11.82 11.23
CA GLU A 37 8.27 -12.28 12.40
C GLU A 37 7.24 -11.23 12.79
N ARG A 38 7.62 -9.97 12.68
CA ARG A 38 6.73 -8.87 13.01
C ARG A 38 5.63 -8.80 11.95
N ILE A 39 6.03 -8.90 10.70
CA ILE A 39 5.10 -8.86 9.58
C ILE A 39 4.23 -10.11 9.59
N ASP A 40 4.86 -11.26 9.84
CA ASP A 40 4.12 -12.52 9.90
C ASP A 40 3.12 -12.48 11.04
N GLU A 41 3.50 -11.88 12.16
CA GLU A 41 2.60 -11.80 13.31
C GLU A 41 1.40 -10.95 12.95
N PHE A 42 1.67 -9.75 12.43
CA PHE A 42 0.60 -8.84 12.02
C PHE A 42 -0.21 -9.45 10.89
N VAL A 43 0.48 -10.00 9.90
CA VAL A 43 -0.19 -10.63 8.76
C VAL A 43 -1.10 -11.76 9.22
N SER A 44 -0.57 -12.65 10.05
CA SER A 44 -1.36 -13.79 10.53
C SER A 44 -2.58 -13.34 11.32
N LYS A 45 -2.36 -12.49 12.32
CA LYS A 45 -3.47 -12.02 13.14
C LYS A 45 -4.42 -11.14 12.34
N ALA A 46 -3.87 -10.28 11.49
CA ALA A 46 -4.70 -9.41 10.68
C ALA A 46 -5.71 -10.22 9.88
N PHE A 47 -5.22 -11.25 9.21
CA PHE A 47 -6.08 -12.12 8.41
C PHE A 47 -7.13 -12.82 9.28
N PHE A 48 -6.63 -13.53 10.29
CA PHE A 48 -7.50 -14.29 11.20
C PHE A 48 -8.47 -13.41 11.98
N ALA A 49 -7.98 -12.31 12.53
CA ALA A 49 -8.84 -11.43 13.34
C ALA A 49 -9.84 -10.67 12.48
N ASP A 50 -10.06 -11.13 11.25
CA ASP A 50 -11.02 -10.48 10.38
C ASP A 50 -10.72 -8.99 10.30
N ILE A 51 -9.45 -8.65 10.16
CA ILE A 51 -9.03 -7.26 10.07
C ILE A 51 -8.98 -6.81 8.62
N SER A 52 -9.56 -5.65 8.35
CA SER A 52 -9.56 -5.11 7.01
C SER A 52 -8.36 -4.21 6.82
N VAL A 53 -7.94 -4.04 5.58
CA VAL A 53 -6.78 -3.20 5.29
C VAL A 53 -7.01 -1.79 5.86
N SER A 54 -8.28 -1.38 5.89
CA SER A 54 -8.65 -0.05 6.38
C SER A 54 -7.87 0.31 7.64
N GLN A 55 -8.03 -0.48 8.71
CA GLN A 55 -7.31 -0.19 9.94
C GLN A 55 -5.81 -0.21 9.67
N VAL A 56 -5.38 -1.14 8.84
CA VAL A 56 -3.99 -1.22 8.49
C VAL A 56 -3.61 0.11 7.87
N LEU A 57 -4.51 0.60 7.02
CA LEU A 57 -4.33 1.87 6.33
C LEU A 57 -4.46 3.04 7.31
N GLU A 58 -5.52 3.02 8.14
CA GLU A 58 -5.75 4.11 9.08
C GLU A 58 -4.76 4.05 10.25
N ILE A 59 -4.57 2.86 10.82
CA ILE A 59 -3.64 2.73 11.94
C ILE A 59 -2.29 3.29 11.55
N HIS A 60 -1.87 3.01 10.32
CA HIS A 60 -0.58 3.50 9.85
C HIS A 60 -0.57 5.03 9.81
N VAL A 61 -1.62 5.62 9.23
CA VAL A 61 -1.70 7.07 9.12
C VAL A 61 -1.55 7.74 10.49
N GLU A 62 -2.22 7.18 11.49
CA GLU A 62 -2.16 7.75 12.84
C GLU A 62 -0.74 7.67 13.38
N LEU A 63 -0.10 6.52 13.22
CA LEU A 63 1.27 6.35 13.70
C LEU A 63 2.22 7.26 12.95
N MET A 64 2.02 7.38 11.63
CA MET A 64 2.88 8.24 10.84
C MET A 64 2.77 9.67 11.35
N ASP A 65 1.55 10.06 11.71
CA ASP A 65 1.33 11.39 12.25
C ASP A 65 2.17 11.56 13.51
N THR A 66 2.30 10.46 14.25
CA THR A 66 3.06 10.45 15.49
C THR A 66 4.53 10.83 15.26
N PHE A 67 5.16 10.24 14.24
CA PHE A 67 6.57 10.53 13.96
C PHE A 67 6.75 11.94 13.42
N SER A 68 5.95 12.31 12.43
CA SER A 68 6.05 13.64 11.84
C SER A 68 5.86 14.69 12.93
N LYS A 69 5.00 14.38 13.89
CA LYS A 69 4.72 15.30 14.99
C LYS A 69 5.98 15.54 15.81
N GLN A 70 6.64 14.45 16.21
CA GLN A 70 7.85 14.55 17.02
C GLN A 70 8.97 15.21 16.23
N LEU A 71 9.06 14.87 14.95
CA LEU A 71 10.10 15.44 14.09
C LEU A 71 10.01 16.97 14.10
N LYS A 72 8.79 17.49 14.03
CA LYS A 72 8.60 18.93 14.05
C LYS A 72 9.05 19.53 15.38
N LEU A 73 8.70 18.86 16.48
CA LEU A 73 9.07 19.34 17.80
C LEU A 73 10.55 19.11 18.07
N GLU A 74 11.01 17.89 17.84
CA GLU A 74 12.40 17.54 18.06
C GLU A 74 13.31 18.23 17.05
N GLY A 75 12.75 18.55 15.90
CA GLY A 75 13.52 19.20 14.84
C GLY A 75 14.45 18.19 14.19
N ARG A 76 13.89 17.03 13.84
CA ARG A 76 14.68 15.97 13.22
C ARG A 76 14.25 15.75 11.79
N SER A 77 15.19 15.29 10.96
CA SER A 77 14.90 15.04 9.55
C SER A 77 13.69 14.13 9.41
N GLU A 78 12.60 14.69 8.92
CA GLU A 78 11.38 13.93 8.75
C GLU A 78 11.48 13.03 7.52
N ASP A 79 12.62 13.13 6.82
CA ASP A 79 12.85 12.32 5.63
C ASP A 79 12.60 10.84 5.92
N ILE A 80 12.90 10.43 7.14
CA ILE A 80 12.71 9.04 7.55
C ILE A 80 11.24 8.61 7.44
N LEU A 81 10.32 9.57 7.32
CA LEU A 81 8.91 9.23 7.19
C LEU A 81 8.72 8.19 6.08
N LEU A 82 9.67 8.13 5.15
CA LEU A 82 9.59 7.18 4.05
C LEU A 82 9.49 5.74 4.55
N ASP A 83 10.17 5.45 5.65
CA ASP A 83 10.17 4.11 6.20
C ASP A 83 8.76 3.63 6.48
N TYR A 84 7.92 4.52 6.97
CA TYR A 84 6.54 4.15 7.29
C TYR A 84 5.77 3.87 6.00
N ARG A 85 5.93 4.75 5.02
CA ARG A 85 5.25 4.56 3.74
C ARG A 85 5.74 3.25 3.12
N LEU A 86 7.03 3.00 3.26
CA LEU A 86 7.62 1.77 2.74
C LEU A 86 7.11 0.59 3.56
N THR A 87 7.05 0.79 4.87
CA THR A 87 6.57 -0.23 5.78
C THR A 87 5.08 -0.50 5.56
N LEU A 88 4.32 0.58 5.33
CA LEU A 88 2.88 0.46 5.12
C LEU A 88 2.59 -0.37 3.88
N ILE A 89 3.27 -0.05 2.79
CA ILE A 89 3.06 -0.78 1.54
C ILE A 89 3.52 -2.22 1.66
N ASP A 90 4.72 -2.41 2.21
CA ASP A 90 5.27 -3.74 2.37
C ASP A 90 4.38 -4.60 3.26
N VAL A 91 3.85 -3.99 4.33
CA VAL A 91 2.99 -4.72 5.25
C VAL A 91 1.69 -5.17 4.58
N ILE A 92 0.98 -4.21 3.97
CA ILE A 92 -0.27 -4.53 3.31
C ILE A 92 -0.04 -5.55 2.21
N ALA A 93 1.01 -5.34 1.42
CA ALA A 93 1.33 -6.24 0.34
C ALA A 93 1.60 -7.64 0.88
N HIS A 94 2.32 -7.70 2.00
CA HIS A 94 2.64 -8.98 2.61
C HIS A 94 1.38 -9.70 3.09
N LEU A 95 0.55 -9.00 3.85
CA LEU A 95 -0.69 -9.58 4.36
C LEU A 95 -1.68 -9.75 3.21
N CYS A 96 -1.67 -8.80 2.28
CA CYS A 96 -2.56 -8.88 1.12
C CYS A 96 -2.26 -10.16 0.36
N GLU A 97 -0.97 -10.47 0.24
CA GLU A 97 -0.54 -11.68 -0.44
C GLU A 97 -1.06 -12.91 0.29
N MET A 98 -1.09 -12.82 1.62
CA MET A 98 -1.57 -13.94 2.42
C MET A 98 -3.01 -14.27 2.03
N TYR A 99 -3.80 -13.24 1.69
CA TYR A 99 -5.17 -13.48 1.25
C TYR A 99 -5.15 -14.24 -0.07
N ARG A 100 -4.24 -13.83 -0.96
CA ARG A 100 -4.12 -14.48 -2.26
C ARG A 100 -3.84 -15.98 -2.11
N ARG A 101 -2.97 -16.32 -1.17
CA ARG A 101 -2.63 -17.73 -0.93
C ARG A 101 -3.78 -18.47 -0.24
N SER A 102 -4.59 -17.73 0.51
CA SER A 102 -5.70 -18.33 1.25
C SER A 102 -6.90 -18.58 0.33
N ILE A 103 -6.68 -18.47 -0.97
CA ILE A 103 -7.75 -18.70 -1.93
C ILE A 103 -7.51 -19.98 -2.74
N PRO A 104 -8.13 -21.06 -2.34
CA PRO A 104 -7.99 -22.37 -3.03
C PRO A 104 -9.01 -22.54 -4.16
N ARG A 105 -8.52 -22.87 -5.36
CA ARG A 105 -9.40 -23.06 -6.51
C ARG A 105 -9.16 -24.41 -7.16
N GLU A 106 -10.24 -25.13 -7.45
CA GLU A 106 -10.14 -26.44 -8.08
C GLU A 106 -10.72 -26.39 -9.49
N VAL A 107 -10.15 -27.19 -10.39
CA VAL A 107 -10.62 -27.23 -11.78
C VAL A 107 -9.90 -28.34 -12.55
N ALA B 1 1.36 -21.75 -26.68
CA ALA B 1 1.24 -23.24 -26.65
C ALA B 1 0.36 -23.64 -25.47
N MET B 2 0.51 -22.94 -24.36
CA MET B 2 -0.27 -23.24 -23.17
C MET B 2 -1.76 -23.00 -23.42
N ALA B 3 -2.57 -23.22 -22.39
CA ALA B 3 -4.02 -23.04 -22.52
C ALA B 3 -4.39 -21.57 -22.40
N ARG B 4 -4.97 -21.03 -23.47
CA ARG B 4 -5.39 -19.62 -23.50
C ARG B 4 -4.70 -18.83 -22.40
N MET B 5 -3.40 -19.05 -22.23
CA MET B 5 -2.64 -18.34 -21.21
C MET B 5 -1.24 -18.01 -21.70
N SER B 6 -1.14 -17.47 -22.91
CA SER B 6 0.17 -17.12 -23.46
C SER B 6 0.78 -16.00 -22.65
N PRO B 7 2.06 -15.77 -22.82
CA PRO B 7 2.79 -14.71 -22.10
C PRO B 7 2.55 -13.33 -22.70
N ALA B 8 2.29 -13.30 -24.00
CA ALA B 8 2.03 -12.04 -24.69
C ALA B 8 0.76 -11.41 -24.15
N ASP B 9 -0.28 -12.22 -23.96
CA ASP B 9 -1.54 -11.72 -23.43
C ASP B 9 -1.27 -11.07 -22.08
N LYS B 10 -0.39 -11.70 -21.32
CA LYS B 10 -0.03 -11.17 -20.01
C LYS B 10 0.55 -9.78 -20.20
N ARG B 11 1.46 -9.66 -21.17
CA ARG B 11 2.07 -8.38 -21.47
C ARG B 11 1.00 -7.40 -21.92
N LYS B 12 0.05 -7.88 -22.71
CA LYS B 12 -1.04 -7.04 -23.17
C LYS B 12 -1.73 -6.48 -21.94
N LEU B 13 -1.99 -7.36 -21.00
CA LEU B 13 -2.60 -6.95 -19.74
C LEU B 13 -1.70 -5.91 -19.09
N LEU B 14 -0.45 -6.28 -18.89
CA LEU B 14 0.51 -5.35 -18.31
C LEU B 14 0.50 -4.05 -19.08
N ASP B 15 0.50 -4.17 -20.40
CA ASP B 15 0.48 -2.99 -21.25
C ASP B 15 -0.73 -2.13 -20.89
N GLU B 16 -1.87 -2.80 -20.68
CA GLU B 16 -3.09 -2.08 -20.32
C GLU B 16 -3.08 -1.69 -18.85
N LEU B 17 -2.66 -2.61 -17.99
CA LEU B 17 -2.62 -2.32 -16.57
C LEU B 17 -1.71 -1.12 -16.30
N ARG B 18 -0.60 -1.04 -17.01
CA ARG B 18 0.31 0.09 -16.84
C ARG B 18 -0.38 1.38 -17.25
N SER B 19 -1.03 1.36 -18.41
CA SER B 19 -1.75 2.55 -18.88
C SER B 19 -2.96 2.80 -18.00
N ILE B 20 -3.72 1.74 -17.71
CA ILE B 20 -4.89 1.86 -16.87
C ILE B 20 -4.50 2.40 -15.50
N TYR B 21 -3.46 1.82 -14.91
CA TYR B 21 -3.00 2.28 -13.61
C TYR B 21 -2.65 3.75 -13.71
N ARG B 22 -1.91 4.06 -14.76
CA ARG B 22 -1.49 5.42 -15.03
C ARG B 22 -2.70 6.35 -15.06
N THR B 23 -3.77 5.89 -15.70
CA THR B 23 -4.99 6.68 -15.79
C THR B 23 -5.55 6.95 -14.39
N ILE B 24 -5.48 5.94 -13.52
CA ILE B 24 -5.98 6.10 -12.16
C ILE B 24 -5.32 7.30 -11.51
N VAL B 25 -4.01 7.40 -11.69
CA VAL B 25 -3.23 8.48 -11.13
C VAL B 25 -3.64 9.85 -11.69
N LEU B 26 -3.83 9.92 -13.00
CA LEU B 26 -4.20 11.18 -13.63
C LEU B 26 -5.57 11.67 -13.17
N GLU B 27 -6.49 10.74 -12.97
CA GLU B 27 -7.84 11.11 -12.56
C GLU B 27 -7.99 11.18 -11.04
N TYR B 28 -6.93 10.83 -10.32
CA TYR B 28 -7.00 10.85 -8.87
C TYR B 28 -7.52 12.20 -8.38
N PHE B 29 -7.18 13.27 -9.10
CA PHE B 29 -7.62 14.60 -8.71
C PHE B 29 -8.76 15.08 -9.60
N ASN B 30 -9.30 14.18 -10.42
CA ASN B 30 -10.39 14.53 -11.32
C ASN B 30 -11.55 15.16 -10.55
N THR B 31 -12.15 16.18 -11.13
CA THR B 31 -13.28 16.85 -10.50
C THR B 31 -14.59 16.16 -10.83
N ASP B 32 -14.60 15.32 -11.88
CA ASP B 32 -15.83 14.64 -12.27
C ASP B 32 -15.59 13.19 -12.70
N ALA B 33 -14.36 12.85 -13.10
CA ALA B 33 -14.08 11.49 -13.55
C ALA B 33 -14.31 10.49 -12.43
N LYS B 34 -14.91 9.35 -12.78
CA LYS B 34 -15.15 8.31 -11.80
C LYS B 34 -13.95 7.37 -11.75
N VAL B 35 -12.96 7.76 -10.96
CA VAL B 35 -11.73 6.98 -10.83
C VAL B 35 -12.05 5.53 -10.53
N ASN B 36 -13.15 5.31 -9.82
CA ASN B 36 -13.55 3.96 -9.47
C ASN B 36 -13.53 3.10 -10.71
N GLU B 37 -13.89 3.69 -11.85
CA GLU B 37 -13.88 2.96 -13.11
C GLU B 37 -12.46 2.57 -13.45
N ARG B 38 -11.53 3.49 -13.17
CA ARG B 38 -10.12 3.24 -13.43
C ARG B 38 -9.61 2.18 -12.46
N ILE B 39 -9.97 2.37 -11.19
CA ILE B 39 -9.57 1.44 -10.14
C ILE B 39 -10.27 0.10 -10.34
N ASP B 40 -11.56 0.15 -10.68
CA ASP B 40 -12.32 -1.06 -10.92
C ASP B 40 -11.73 -1.82 -12.10
N GLU B 41 -11.32 -1.08 -13.13
CA GLU B 41 -10.74 -1.71 -14.31
C GLU B 41 -9.45 -2.42 -13.95
N PHE B 42 -8.56 -1.69 -13.27
CA PHE B 42 -7.29 -2.25 -12.84
C PHE B 42 -7.52 -3.37 -11.85
N VAL B 43 -8.40 -3.11 -10.88
CA VAL B 43 -8.70 -4.11 -9.86
C VAL B 43 -9.25 -5.39 -10.48
N SER B 44 -10.23 -5.25 -11.37
CA SER B 44 -10.84 -6.41 -12.02
C SER B 44 -9.81 -7.20 -12.84
N LYS B 45 -9.10 -6.51 -13.73
CA LYS B 45 -8.11 -7.18 -14.56
C LYS B 45 -6.94 -7.70 -13.73
N ALA B 46 -6.50 -6.91 -12.75
CA ALA B 46 -5.39 -7.34 -11.91
C ALA B 46 -5.69 -8.68 -11.26
N PHE B 47 -6.88 -8.79 -10.68
CA PHE B 47 -7.29 -10.04 -10.04
C PHE B 47 -7.36 -11.18 -11.05
N PHE B 48 -8.15 -10.97 -12.09
CA PHE B 48 -8.35 -11.99 -13.13
C PHE B 48 -7.07 -12.36 -13.88
N ALA B 49 -6.29 -11.36 -14.27
CA ALA B 49 -5.06 -11.62 -15.03
C ALA B 49 -3.98 -12.25 -14.16
N ASP B 50 -4.37 -12.79 -13.01
CA ASP B 50 -3.40 -13.43 -12.13
C ASP B 50 -2.23 -12.48 -11.86
N ILE B 51 -2.54 -11.22 -11.62
CA ILE B 51 -1.52 -10.22 -11.36
C ILE B 51 -1.24 -10.12 -9.86
N SER B 52 0.04 -10.13 -9.51
CA SER B 52 0.43 -10.02 -8.11
C SER B 52 0.65 -8.57 -7.74
N VAL B 53 0.51 -8.24 -6.47
CA VAL B 53 0.69 -6.87 -6.03
C VAL B 53 2.08 -6.38 -6.45
N SER B 54 3.03 -7.29 -6.51
CA SER B 54 4.41 -6.96 -6.89
C SER B 54 4.45 -5.98 -8.05
N GLN B 55 3.89 -6.36 -9.20
CA GLN B 55 3.89 -5.47 -10.34
C GLN B 55 3.16 -4.18 -9.99
N VAL B 56 2.08 -4.33 -9.24
CA VAL B 56 1.34 -3.16 -8.80
C VAL B 56 2.30 -2.28 -8.02
N LEU B 57 3.09 -2.94 -7.18
CA LEU B 57 4.09 -2.28 -6.36
C LEU B 57 5.24 -1.74 -7.21
N GLU B 58 5.77 -2.60 -8.08
CA GLU B 58 6.90 -2.20 -8.93
C GLU B 58 6.46 -1.23 -10.03
N ILE B 59 5.37 -1.55 -10.71
CA ILE B 59 4.88 -0.68 -11.78
C ILE B 59 4.72 0.74 -11.25
N HIS B 60 4.19 0.85 -10.04
CA HIS B 60 3.99 2.16 -9.43
C HIS B 60 5.34 2.87 -9.22
N VAL B 61 6.30 2.16 -8.65
CA VAL B 61 7.61 2.74 -8.39
C VAL B 61 8.22 3.32 -9.67
N GLU B 62 8.12 2.57 -10.76
CA GLU B 62 8.68 3.04 -12.03
C GLU B 62 7.98 4.31 -12.50
N LEU B 63 6.66 4.33 -12.41
CA LEU B 63 5.89 5.50 -12.83
C LEU B 63 6.21 6.68 -11.91
N MET B 64 6.31 6.43 -10.61
CA MET B 64 6.62 7.50 -9.68
C MET B 64 7.97 8.10 -10.03
N ASP B 65 8.90 7.26 -10.43
CA ASP B 65 10.21 7.73 -10.83
C ASP B 65 10.05 8.68 -12.01
N THR B 66 9.07 8.37 -12.86
CA THR B 66 8.78 9.17 -14.04
C THR B 66 8.42 10.61 -13.67
N PHE B 67 7.54 10.78 -12.69
CA PHE B 67 7.12 12.12 -12.29
C PHE B 67 8.24 12.88 -11.59
N SER B 68 8.88 12.24 -10.61
CA SER B 68 9.96 12.89 -9.89
C SER B 68 11.05 13.31 -10.86
N LYS B 69 11.24 12.50 -11.90
CA LYS B 69 12.25 12.80 -12.91
C LYS B 69 11.92 14.11 -13.64
N GLN B 70 10.69 14.23 -14.09
CA GLN B 70 10.26 15.43 -14.80
C GLN B 70 10.27 16.64 -13.88
N LEU B 71 9.84 16.43 -12.64
CA LEU B 71 9.81 17.51 -11.66
C LEU B 71 11.19 18.14 -11.52
N LYS B 72 12.22 17.30 -11.46
CA LYS B 72 13.59 17.81 -11.34
C LYS B 72 13.98 18.61 -12.57
N LEU B 73 13.62 18.11 -13.75
CA LEU B 73 13.96 18.80 -15.00
C LEU B 73 13.09 20.03 -15.20
N GLU B 74 11.77 19.85 -15.06
CA GLU B 74 10.83 20.93 -15.23
C GLU B 74 10.94 21.94 -14.10
N GLY B 75 11.42 21.48 -12.95
CA GLY B 75 11.56 22.35 -11.79
C GLY B 75 10.19 22.63 -11.19
N ARG B 76 9.40 21.57 -11.00
CA ARG B 76 8.07 21.70 -10.46
C ARG B 76 7.98 21.06 -9.08
N SER B 77 7.08 21.60 -8.25
CA SER B 77 6.89 21.08 -6.91
C SER B 77 6.65 19.58 -6.95
N GLU B 78 7.62 18.82 -6.46
CA GLU B 78 7.51 17.38 -6.44
C GLU B 78 6.60 16.92 -5.31
N ASP B 79 6.10 17.89 -4.55
CA ASP B 79 5.20 17.61 -3.44
C ASP B 79 4.03 16.73 -3.90
N ILE B 80 3.61 16.93 -5.14
CA ILE B 80 2.50 16.17 -5.70
C ILE B 80 2.80 14.67 -5.73
N LEU B 81 4.06 14.29 -5.56
CA LEU B 81 4.42 12.87 -5.56
C LEU B 81 3.52 12.10 -4.60
N LEU B 82 2.96 12.82 -3.62
CA LEU B 82 2.08 12.20 -2.63
C LEU B 82 0.91 11.50 -3.29
N ASP B 83 0.40 12.09 -4.36
CA ASP B 83 -0.76 11.52 -5.06
C ASP B 83 -0.49 10.08 -5.48
N TYR B 84 0.72 9.80 -5.93
CA TYR B 84 1.07 8.46 -6.37
C TYR B 84 1.10 7.52 -5.18
N ARG B 85 1.73 7.94 -4.09
CA ARG B 85 1.80 7.13 -2.89
C ARG B 85 0.38 6.89 -2.38
N LEU B 86 -0.45 7.93 -2.45
CA LEU B 86 -1.83 7.84 -2.05
C LEU B 86 -2.58 6.92 -3.01
N THR B 87 -2.29 7.10 -4.29
CA THR B 87 -2.91 6.30 -5.35
C THR B 87 -2.45 4.85 -5.25
N LEU B 88 -1.18 4.65 -4.96
CA LEU B 88 -0.62 3.31 -4.85
C LEU B 88 -1.28 2.53 -3.72
N ILE B 89 -1.41 3.16 -2.56
CA ILE B 89 -2.03 2.50 -1.41
C ILE B 89 -3.51 2.27 -1.66
N ASP B 90 -4.20 3.29 -2.14
CA ASP B 90 -5.62 3.18 -2.41
C ASP B 90 -5.90 2.09 -3.45
N VAL B 91 -5.05 2.02 -4.48
CA VAL B 91 -5.23 1.03 -5.54
C VAL B 91 -5.05 -0.39 -5.00
N ILE B 92 -3.92 -0.64 -4.34
CA ILE B 92 -3.66 -1.96 -3.79
C ILE B 92 -4.74 -2.35 -2.80
N ALA B 93 -5.09 -1.41 -1.92
CA ALA B 93 -6.11 -1.66 -0.92
C ALA B 93 -7.43 -2.01 -1.60
N HIS B 94 -7.74 -1.28 -2.67
CA HIS B 94 -8.99 -1.51 -3.40
C HIS B 94 -9.00 -2.91 -4.02
N LEU B 95 -7.94 -3.23 -4.75
CA LEU B 95 -7.85 -4.54 -5.40
C LEU B 95 -7.59 -5.63 -4.35
N CYS B 96 -6.83 -5.29 -3.31
CA CYS B 96 -6.57 -6.25 -2.23
C CYS B 96 -7.90 -6.65 -1.61
N GLU B 97 -8.78 -5.65 -1.43
CA GLU B 97 -10.08 -5.90 -0.86
C GLU B 97 -10.87 -6.84 -1.75
N MET B 98 -10.70 -6.69 -3.07
CA MET B 98 -11.40 -7.54 -4.01
C MET B 98 -11.04 -9.01 -3.74
N TYR B 99 -9.79 -9.25 -3.35
CA TYR B 99 -9.38 -10.62 -3.03
C TYR B 99 -10.14 -11.10 -1.79
N ARG B 100 -10.28 -10.20 -0.82
CA ARG B 100 -10.99 -10.53 0.41
C ARG B 100 -12.43 -10.96 0.12
N ARG B 101 -13.09 -10.26 -0.80
CA ARG B 101 -14.46 -10.58 -1.16
C ARG B 101 -14.53 -11.85 -2.00
N SER B 102 -13.45 -12.14 -2.72
CA SER B 102 -13.40 -13.32 -3.58
C SER B 102 -13.14 -14.59 -2.77
N ILE B 103 -13.23 -14.48 -1.45
CA ILE B 103 -12.98 -15.64 -0.60
C ILE B 103 -14.28 -16.10 0.08
N PRO B 104 -14.92 -17.09 -0.47
CA PRO B 104 -16.19 -17.67 0.08
C PRO B 104 -15.93 -18.75 1.12
N ARG B 105 -16.53 -18.59 2.30
CA ARG B 105 -16.36 -19.59 3.36
C ARG B 105 -17.71 -20.07 3.88
N GLU B 106 -17.85 -21.38 4.02
CA GLU B 106 -19.09 -21.96 4.51
C GLU B 106 -18.88 -22.60 5.89
N VAL B 107 -19.91 -22.56 6.72
CA VAL B 107 -19.82 -23.14 8.07
C VAL B 107 -21.18 -23.10 8.76
N ALA C 1 1.58 0.60 -28.45
CA ALA C 1 2.21 1.95 -28.39
C ALA C 1 2.27 2.42 -26.95
N MET C 2 3.38 3.07 -26.59
CA MET C 2 3.54 3.57 -25.23
C MET C 2 3.25 5.07 -25.16
N ALA C 3 2.72 5.51 -24.02
CA ALA C 3 2.40 6.92 -23.85
C ALA C 3 3.64 7.78 -24.06
N GLY C 4 3.45 8.98 -24.60
CA GLY C 4 4.56 9.88 -24.84
C GLY C 4 5.15 10.39 -23.52
N ILE C 5 4.53 11.41 -22.96
CA ILE C 5 5.00 11.97 -21.69
C ILE C 5 3.98 11.69 -20.58
N ILE C 6 4.49 11.33 -19.41
CA ILE C 6 3.63 11.02 -18.27
C ILE C 6 3.71 12.12 -17.22
N SER C 7 2.55 12.60 -16.78
CA SER C 7 2.48 13.65 -15.78
C SER C 7 1.17 13.59 -15.00
N GLY C 8 1.28 13.59 -13.67
CA GLY C 8 0.10 13.51 -12.81
C GLY C 8 -0.40 14.90 -12.45
N THR C 9 -0.22 15.85 -13.36
CA THR C 9 -0.66 17.22 -13.14
C THR C 9 0.19 17.89 -12.05
N PRO C 10 1.45 17.61 -12.05
CA PRO C 10 2.41 18.18 -11.06
C PRO C 10 2.07 19.64 -10.70
N THR C 11 2.38 20.01 -9.46
CA THR C 11 2.10 21.37 -8.99
C THR C 11 0.62 21.71 -9.19
N ARG C 12 -0.20 21.34 -8.21
CA ARG C 12 -1.63 21.61 -8.29
C ARG C 12 -2.31 21.42 -6.95
N ILE C 13 -1.69 20.62 -6.09
CA ILE C 13 -2.26 20.33 -4.79
C ILE C 13 -1.37 20.82 -3.65
N SER C 14 -2.00 21.31 -2.59
CA SER C 14 -1.26 21.77 -1.42
C SER C 14 -1.16 20.62 -0.44
N VAL C 15 0.06 20.31 0.01
CA VAL C 15 0.26 19.20 0.92
C VAL C 15 1.05 19.64 2.15
N ASP C 16 0.85 18.92 3.26
CA ASP C 16 1.54 19.24 4.51
C ASP C 16 2.65 18.22 4.79
N GLU C 17 3.03 18.08 6.06
CA GLU C 17 4.07 17.13 6.44
C GLU C 17 3.63 15.72 6.10
N LYS C 18 2.67 15.19 6.85
CA LYS C 18 2.18 13.85 6.58
C LYS C 18 1.71 13.79 5.13
N THR C 19 1.44 14.97 4.58
CA THR C 19 1.00 15.10 3.19
C THR C 19 -0.10 14.10 2.88
N GLU C 20 -1.07 13.98 3.77
CA GLU C 20 -2.20 13.07 3.59
C GLU C 20 -1.71 11.67 3.20
N LEU C 21 -2.16 10.67 3.95
CA LEU C 21 -1.77 9.31 3.64
C LEU C 21 -3.01 8.43 3.42
N ALA C 22 -3.07 7.30 4.11
CA ALA C 22 -4.21 6.40 3.96
C ALA C 22 -5.48 6.97 4.60
N ARG C 23 -5.40 8.20 5.09
CA ARG C 23 -6.55 8.83 5.73
C ARG C 23 -7.85 8.49 4.99
N ILE C 24 -7.71 7.95 3.77
CA ILE C 24 -8.88 7.58 2.99
C ILE C 24 -9.73 6.56 3.74
N ALA C 25 -9.05 5.67 4.46
CA ALA C 25 -9.73 4.64 5.25
C ALA C 25 -10.63 3.78 4.38
N LYS C 26 -11.24 4.37 3.35
CA LYS C 26 -12.13 3.63 2.49
C LYS C 26 -13.23 2.97 3.31
N GLY C 27 -14.36 2.68 2.67
CA GLY C 27 -15.49 2.06 3.36
C GLY C 27 -15.12 0.68 3.89
N MET C 28 -13.85 0.31 3.75
CA MET C 28 -13.40 -1.00 4.22
C MET C 28 -13.53 -1.13 5.74
N GLN C 29 -13.39 -0.02 6.46
CA GLN C 29 -13.52 -0.07 7.92
C GLN C 29 -14.99 -0.07 8.32
N ASP C 30 -15.45 -1.18 8.88
CA ASP C 30 -16.85 -1.28 9.31
C ASP C 30 -17.15 -2.68 9.83
N LEU C 31 -17.29 -3.64 8.91
CA LEU C 31 -17.60 -5.01 9.28
C LEU C 31 -19.01 -5.08 9.86
N GLU C 32 -19.76 -4.00 9.72
CA GLU C 32 -21.12 -3.96 10.24
C GLU C 32 -21.13 -4.30 11.73
N SER C 33 -22.32 -4.42 12.30
CA SER C 33 -22.45 -4.74 13.72
C SER C 33 -21.83 -6.10 14.02
N GLU C 34 -21.41 -6.28 15.27
CA GLU C 34 -20.80 -7.54 15.68
C GLU C 34 -20.45 -7.51 17.17
N ALA D 1 -1.94 -1.39 28.45
CA ALA D 1 -1.05 -0.20 28.57
C ALA D 1 -0.56 0.22 27.20
N MET D 2 -0.49 1.53 26.97
CA MET D 2 -0.05 2.06 25.68
C MET D 2 1.42 2.49 25.75
N ALA D 3 2.13 2.35 24.64
CA ALA D 3 3.53 2.73 24.59
C ALA D 3 3.69 4.20 24.96
N GLY D 4 4.81 4.52 25.62
CA GLY D 4 5.06 5.89 26.03
C GLY D 4 5.31 6.79 24.81
N ILE D 5 6.55 6.78 24.31
CA ILE D 5 6.90 7.58 23.15
C ILE D 5 7.18 6.68 21.95
N ILE D 6 6.70 7.09 20.79
CA ILE D 6 6.90 6.31 19.56
C ILE D 6 7.89 7.00 18.64
N SER D 7 8.88 6.25 18.17
CA SER D 7 9.91 6.78 17.28
C SER D 7 10.51 5.68 16.41
N GLY D 8 10.53 5.92 15.10
CA GLY D 8 11.08 4.94 14.16
C GLY D 8 12.56 5.18 13.91
N THR D 9 13.25 5.67 14.92
CA THR D 9 14.68 5.94 14.82
C THR D 9 14.95 7.11 13.87
N PRO D 10 14.11 8.10 13.92
CA PRO D 10 14.23 9.31 13.05
C PRO D 10 15.67 9.72 12.83
N THR D 11 15.95 10.30 11.66
CA THR D 11 17.30 10.73 11.32
C THR D 11 18.27 9.56 11.45
N ARG D 12 18.40 8.77 10.39
CA ARG D 12 19.30 7.62 10.40
C ARG D 12 19.53 7.09 8.99
N ILE D 13 18.58 7.36 8.10
CA ILE D 13 18.67 6.87 6.74
C ILE D 13 18.74 8.00 5.73
N SER D 14 19.53 7.79 4.68
CA SER D 14 19.67 8.77 3.62
C SER D 14 18.67 8.44 2.52
N VAL D 15 17.85 9.42 2.14
CA VAL D 15 16.84 9.19 1.13
C VAL D 15 16.93 10.21 0.00
N ASP D 16 16.44 9.83 -1.18
CA ASP D 16 16.47 10.72 -2.34
C ASP D 16 15.07 11.26 -2.64
N GLU D 17 14.85 11.66 -3.90
CA GLU D 17 13.56 12.19 -4.30
C GLU D 17 12.48 11.11 -4.13
N LYS D 18 12.52 10.11 -5.01
CA LYS D 18 11.56 9.02 -4.90
C LYS D 18 11.64 8.44 -3.51
N THR D 19 12.77 8.67 -2.85
CA THR D 19 13.00 8.19 -1.50
C THR D 19 12.61 6.74 -1.36
N GLU D 20 13.02 5.92 -2.33
CA GLU D 20 12.73 4.49 -2.32
C GLU D 20 11.26 4.23 -2.05
N LEU D 21 10.63 3.45 -2.92
CA LEU D 21 9.22 3.14 -2.74
C LEU D 21 9.01 1.63 -2.68
N ALA D 22 8.10 1.12 -3.50
CA ALA D 22 7.82 -0.32 -3.53
C ALA D 22 8.95 -1.10 -4.18
N ARG D 23 10.04 -0.41 -4.53
CA ARG D 23 11.17 -1.08 -5.18
C ARG D 23 11.42 -2.45 -4.56
N ILE D 24 10.81 -2.71 -3.40
CA ILE D 24 10.99 -3.99 -2.75
C ILE D 24 10.53 -5.13 -3.65
N ALA D 25 9.47 -4.86 -4.41
CA ALA D 25 8.93 -5.84 -5.34
C ALA D 25 8.53 -7.14 -4.63
N LYS D 26 9.29 -7.50 -3.60
CA LYS D 26 9.00 -8.73 -2.87
C LYS D 26 8.97 -9.91 -3.83
N GLY D 27 9.21 -11.11 -3.30
CA GLY D 27 9.23 -12.32 -4.13
C GLY D 27 7.88 -12.56 -4.77
N MET D 28 6.95 -11.64 -4.59
CA MET D 28 5.61 -11.79 -5.16
C MET D 28 5.65 -11.80 -6.69
N GLN D 29 6.61 -11.09 -7.27
CA GLN D 29 6.70 -11.07 -8.74
C GLN D 29 7.42 -12.31 -9.24
N ASP D 30 6.69 -13.17 -9.95
CA ASP D 30 7.27 -14.40 -10.48
C ASP D 30 6.21 -15.26 -11.15
N LEU D 31 5.39 -15.92 -10.35
CA LEU D 31 4.34 -16.79 -10.89
C LEU D 31 4.97 -18.00 -11.57
N GLU D 32 6.27 -18.19 -11.36
CA GLU D 32 6.98 -19.30 -11.96
C GLU D 32 6.76 -19.30 -13.47
N SER D 33 7.25 -20.35 -14.13
CA SER D 33 7.11 -20.45 -15.59
C SER D 33 5.64 -20.50 -15.98
N GLU D 34 5.36 -20.08 -17.21
CA GLU D 34 3.98 -20.08 -17.71
C GLU D 34 3.95 -19.60 -19.16
N ALA A 1 -22.78 -9.78 16.85
CA ALA A 1 -21.84 -10.17 15.77
C ALA A 1 -21.41 -11.63 15.98
N MET A 2 -20.35 -11.82 16.76
CA MET A 2 -19.86 -13.17 17.04
C MET A 2 -20.67 -13.80 18.17
N ALA A 3 -20.30 -15.01 18.54
CA ALA A 3 -20.99 -15.69 19.62
C ALA A 3 -21.03 -14.75 20.82
N ARG A 4 -21.37 -15.27 21.99
CA ARG A 4 -21.43 -14.43 23.18
C ARG A 4 -20.08 -13.77 23.43
N MET A 5 -19.16 -13.88 22.48
CA MET A 5 -17.83 -13.29 22.64
C MET A 5 -17.82 -11.84 22.17
N SER A 6 -17.90 -10.92 23.13
CA SER A 6 -17.89 -9.49 22.82
C SER A 6 -16.73 -9.15 21.88
N PRO A 7 -16.80 -7.98 21.29
CA PRO A 7 -15.76 -7.50 20.35
C PRO A 7 -14.49 -7.05 21.06
N ALA A 8 -14.53 -7.01 22.39
CA ALA A 8 -13.39 -6.58 23.17
C ALA A 8 -12.12 -7.32 22.73
N ASP A 9 -12.24 -8.62 22.49
CA ASP A 9 -11.07 -9.39 22.06
C ASP A 9 -10.53 -8.80 20.77
N LYS A 10 -11.43 -8.40 19.89
CA LYS A 10 -11.01 -7.80 18.64
C LYS A 10 -10.19 -6.57 18.96
N ARG A 11 -10.67 -5.77 19.91
CA ARG A 11 -9.95 -4.58 20.32
C ARG A 11 -8.59 -4.97 20.85
N LYS A 12 -8.56 -6.06 21.63
CA LYS A 12 -7.31 -6.54 22.18
C LYS A 12 -6.36 -6.83 21.03
N LEU A 13 -6.91 -7.48 20.01
CA LEU A 13 -6.14 -7.78 18.81
C LEU A 13 -5.71 -6.46 18.19
N LEU A 14 -6.68 -5.58 17.94
CA LEU A 14 -6.38 -4.28 17.37
C LEU A 14 -5.33 -3.58 18.21
N ASP A 15 -5.51 -3.67 19.52
CA ASP A 15 -4.57 -3.07 20.44
C ASP A 15 -3.18 -3.67 20.22
N GLU A 16 -3.14 -4.99 20.06
CA GLU A 16 -1.87 -5.68 19.83
C GLU A 16 -1.39 -5.41 18.41
N LEU A 17 -2.31 -5.45 17.45
CA LEU A 17 -1.96 -5.21 16.07
C LEU A 17 -1.33 -3.82 15.94
N ARG A 18 -1.85 -2.87 16.70
CA ARG A 18 -1.32 -1.52 16.67
C ARG A 18 0.13 -1.52 17.11
N SER A 19 0.40 -2.15 18.26
CA SER A 19 1.77 -2.23 18.77
C SER A 19 2.62 -3.07 17.83
N ILE A 20 2.07 -4.20 17.39
CA ILE A 20 2.78 -5.07 16.48
C ILE A 20 3.16 -4.32 15.22
N TYR A 21 2.20 -3.61 14.63
CA TYR A 21 2.48 -2.83 13.44
C TYR A 21 3.62 -1.88 13.75
N ARG A 22 3.48 -1.22 14.88
CA ARG A 22 4.49 -0.29 15.34
C ARG A 22 5.84 -0.96 15.48
N THR A 23 5.84 -2.17 16.03
CA THR A 23 7.08 -2.92 16.21
C THR A 23 7.74 -3.22 14.87
N ILE A 24 6.91 -3.57 13.88
CA ILE A 24 7.43 -3.86 12.56
C ILE A 24 8.24 -2.67 12.05
N VAL A 25 7.67 -1.49 12.24
CA VAL A 25 8.29 -0.26 11.79
C VAL A 25 9.63 0.00 12.49
N LEU A 26 9.64 -0.12 13.81
CA LEU A 26 10.85 0.11 14.58
C LEU A 26 11.94 -0.88 14.20
N GLU A 27 11.53 -2.12 13.94
CA GLU A 27 12.47 -3.17 13.59
C GLU A 27 12.76 -3.19 12.10
N TYR A 28 12.06 -2.36 11.33
CA TYR A 28 12.28 -2.33 9.89
C TYR A 28 13.76 -2.17 9.59
N PHE A 29 14.47 -1.42 10.44
CA PHE A 29 15.88 -1.18 10.25
C PHE A 29 16.73 -1.90 11.30
N ASN A 30 16.15 -2.89 11.97
CA ASN A 30 16.90 -3.63 12.99
C ASN A 30 18.13 -4.29 12.40
N THR A 31 19.00 -4.78 13.28
CA THR A 31 20.23 -5.44 12.85
C THR A 31 20.09 -6.96 12.90
N ASP A 32 19.45 -7.47 13.96
CA ASP A 32 19.30 -8.91 14.09
C ASP A 32 17.82 -9.31 14.22
N ALA A 33 16.96 -8.33 14.53
CA ALA A 33 15.54 -8.62 14.67
C ALA A 33 14.96 -9.11 13.34
N LYS A 34 14.24 -10.22 13.40
CA LYS A 34 13.62 -10.76 12.20
C LYS A 34 12.26 -10.11 12.01
N VAL A 35 12.27 -8.92 11.42
CA VAL A 35 11.03 -8.18 11.20
C VAL A 35 9.98 -9.13 10.65
N ASN A 36 10.41 -10.08 9.84
CA ASN A 36 9.51 -11.04 9.25
C ASN A 36 8.61 -11.63 10.34
N GLU A 37 9.19 -11.82 11.52
CA GLU A 37 8.42 -12.33 12.65
C GLU A 37 7.32 -11.33 12.98
N ARG A 38 7.68 -10.05 12.94
CA ARG A 38 6.73 -8.99 13.21
C ARG A 38 5.69 -8.93 12.10
N ILE A 39 6.19 -9.00 10.87
CA ILE A 39 5.31 -8.97 9.70
C ILE A 39 4.45 -10.21 9.64
N ASP A 40 5.05 -11.37 9.90
CA ASP A 40 4.30 -12.62 9.89
C ASP A 40 3.27 -12.61 11.01
N GLU A 41 3.64 -12.05 12.16
CA GLU A 41 2.73 -11.98 13.29
C GLU A 41 1.54 -11.10 12.94
N PHE A 42 1.84 -9.91 12.44
CA PHE A 42 0.81 -8.97 12.04
C PHE A 42 0.00 -9.55 10.90
N VAL A 43 0.71 -10.10 9.92
CA VAL A 43 0.07 -10.68 8.75
C VAL A 43 -0.79 -11.88 9.13
N SER A 44 -0.26 -12.78 9.97
CA SER A 44 -1.00 -13.96 10.37
C SER A 44 -2.26 -13.61 11.16
N LYS A 45 -2.09 -12.81 12.21
CA LYS A 45 -3.22 -12.41 13.04
C LYS A 45 -4.24 -11.59 12.24
N ALA A 46 -3.74 -10.69 11.41
CA ALA A 46 -4.61 -9.85 10.60
C ALA A 46 -5.45 -10.70 9.65
N PHE A 47 -4.86 -11.77 9.13
CA PHE A 47 -5.57 -12.64 8.20
C PHE A 47 -6.73 -13.33 8.92
N PHE A 48 -6.41 -13.98 10.04
CA PHE A 48 -7.43 -14.68 10.82
C PHE A 48 -8.46 -13.73 11.42
N ALA A 49 -7.99 -12.63 12.01
CA ALA A 49 -8.90 -11.66 12.62
C ALA A 49 -9.69 -10.90 11.56
N ASP A 50 -9.53 -11.32 10.31
CA ASP A 50 -10.23 -10.67 9.21
C ASP A 50 -10.08 -9.15 9.28
N ILE A 51 -8.88 -8.72 9.68
CA ILE A 51 -8.60 -7.29 9.78
C ILE A 51 -8.58 -6.67 8.41
N SER A 52 -9.57 -5.83 8.13
CA SER A 52 -9.63 -5.16 6.83
C SER A 52 -8.46 -4.20 6.71
N VAL A 53 -8.04 -3.96 5.48
CA VAL A 53 -6.93 -3.06 5.24
C VAL A 53 -7.23 -1.71 5.88
N SER A 54 -8.52 -1.43 6.02
CA SER A 54 -9.00 -0.16 6.59
C SER A 54 -8.17 0.28 7.80
N GLN A 55 -8.22 -0.48 8.90
CA GLN A 55 -7.45 -0.09 10.08
C GLN A 55 -5.97 -0.04 9.74
N VAL A 56 -5.54 -0.99 8.95
CA VAL A 56 -4.15 -1.02 8.51
C VAL A 56 -3.83 0.31 7.85
N LEU A 57 -4.79 0.77 7.05
CA LEU A 57 -4.66 2.04 6.34
C LEU A 57 -4.77 3.23 7.29
N GLU A 58 -5.81 3.24 8.13
CA GLU A 58 -6.00 4.35 9.06
C GLU A 58 -4.97 4.33 10.17
N ILE A 59 -4.74 3.17 10.78
CA ILE A 59 -3.76 3.09 11.85
C ILE A 59 -2.42 3.62 11.36
N HIS A 60 -2.10 3.30 10.11
CA HIS A 60 -0.86 3.76 9.50
C HIS A 60 -0.76 5.28 9.49
N VAL A 61 -1.84 5.94 9.06
CA VAL A 61 -1.83 7.40 9.00
C VAL A 61 -1.56 8.03 10.36
N GLU A 62 -2.17 7.49 11.41
CA GLU A 62 -2.02 8.04 12.75
C GLU A 62 -0.59 7.91 13.27
N LEU A 63 0.01 6.73 13.16
CA LEU A 63 1.36 6.53 13.64
C LEU A 63 2.36 7.35 12.84
N MET A 64 2.16 7.42 11.53
CA MET A 64 3.07 8.19 10.69
C MET A 64 3.02 9.66 11.08
N ASP A 65 1.82 10.14 11.43
CA ASP A 65 1.67 11.52 11.86
C ASP A 65 2.43 11.71 13.16
N THR A 66 2.45 10.66 13.97
CA THR A 66 3.15 10.69 15.25
C THR A 66 4.62 11.05 15.04
N PHE A 67 5.25 10.43 14.05
CA PHE A 67 6.65 10.70 13.76
C PHE A 67 6.83 12.10 13.17
N SER A 68 5.97 12.45 12.23
CA SER A 68 6.06 13.77 11.60
C SER A 68 5.95 14.87 12.64
N LYS A 69 5.06 14.69 13.61
CA LYS A 69 4.88 15.68 14.66
C LYS A 69 6.17 15.85 15.45
N GLN A 70 6.77 14.73 15.84
CA GLN A 70 8.02 14.76 16.60
C GLN A 70 9.14 15.36 15.75
N LEU A 71 9.14 15.02 14.47
CA LEU A 71 10.16 15.52 13.55
C LEU A 71 10.08 17.03 13.41
N LYS A 72 8.87 17.56 13.26
CA LYS A 72 8.70 19.00 13.11
C LYS A 72 9.16 19.73 14.36
N LEU A 73 8.74 19.23 15.52
CA LEU A 73 9.09 19.84 16.79
C LEU A 73 10.58 19.67 17.10
N GLU A 74 11.14 18.53 16.72
CA GLU A 74 12.56 18.28 16.98
C GLU A 74 13.42 18.71 15.79
N GLY A 75 12.79 18.84 14.63
CA GLY A 75 13.52 19.24 13.42
C GLY A 75 14.47 18.14 12.95
N ARG A 76 13.96 16.91 12.86
CA ARG A 76 14.78 15.80 12.42
C ARG A 76 14.34 15.30 11.05
N SER A 77 15.30 14.96 10.21
CA SER A 77 15.01 14.48 8.87
C SER A 77 13.65 13.79 8.84
N GLU A 78 12.62 14.56 8.49
CA GLU A 78 11.27 14.02 8.42
C GLU A 78 11.12 13.15 7.17
N ASP A 79 12.16 13.12 6.35
CA ASP A 79 12.15 12.32 5.14
C ASP A 79 12.13 10.84 5.49
N ILE A 80 12.75 10.51 6.62
CA ILE A 80 12.82 9.13 7.08
C ILE A 80 11.45 8.48 6.99
N LEU A 81 10.41 9.29 6.96
CA LEU A 81 9.05 8.78 6.88
C LEU A 81 8.92 7.77 5.75
N LEU A 82 9.84 7.82 4.78
CA LEU A 82 9.80 6.89 3.67
C LEU A 82 9.71 5.46 4.18
N ASP A 83 10.31 5.23 5.35
CA ASP A 83 10.32 3.90 5.95
C ASP A 83 8.90 3.38 6.17
N TYR A 84 7.99 4.27 6.52
CA TYR A 84 6.62 3.87 6.75
C TYR A 84 5.97 3.48 5.43
N ARG A 85 6.35 4.16 4.36
CA ARG A 85 5.82 3.83 3.04
C ARG A 85 6.22 2.41 2.68
N LEU A 86 7.46 2.05 3.02
CA LEU A 86 7.96 0.71 2.75
C LEU A 86 7.28 -0.30 3.67
N THR A 87 7.21 0.05 4.95
CA THR A 87 6.58 -0.82 5.94
C THR A 87 5.09 -0.95 5.67
N LEU A 88 4.45 0.18 5.37
CA LEU A 88 3.01 0.19 5.10
C LEU A 88 2.69 -0.50 3.79
N ILE A 89 3.40 -0.12 2.74
CA ILE A 89 3.17 -0.72 1.44
C ILE A 89 3.59 -2.18 1.43
N ASP A 90 4.73 -2.47 2.07
CA ASP A 90 5.22 -3.84 2.13
C ASP A 90 4.31 -4.73 2.99
N VAL A 91 3.89 -4.21 4.14
CA VAL A 91 3.03 -4.99 5.04
C VAL A 91 1.73 -5.38 4.35
N ILE A 92 1.07 -4.41 3.74
CA ILE A 92 -0.17 -4.69 3.04
C ILE A 92 0.08 -5.64 1.89
N ALA A 93 1.21 -5.44 1.20
CA ALA A 93 1.56 -6.29 0.08
C ALA A 93 1.85 -7.71 0.54
N HIS A 94 2.45 -7.83 1.73
CA HIS A 94 2.79 -9.15 2.26
C HIS A 94 1.54 -9.99 2.52
N LEU A 95 0.59 -9.45 3.28
CA LEU A 95 -0.63 -10.20 3.57
C LEU A 95 -1.52 -10.26 2.33
N CYS A 96 -1.54 -9.18 1.56
CA CYS A 96 -2.35 -9.17 0.35
C CYS A 96 -1.81 -10.21 -0.63
N GLU A 97 -0.51 -10.51 -0.50
CA GLU A 97 0.11 -11.51 -1.36
C GLU A 97 -0.43 -12.90 -1.03
N MET A 98 -0.27 -13.31 0.23
CA MET A 98 -0.77 -14.60 0.65
C MET A 98 -2.27 -14.63 0.41
N TYR A 99 -2.93 -13.48 0.58
CA TYR A 99 -4.36 -13.40 0.34
C TYR A 99 -4.68 -13.88 -1.06
N ARG A 100 -3.93 -13.34 -2.03
CA ARG A 100 -4.13 -13.71 -3.43
C ARG A 100 -4.05 -15.21 -3.63
N ARG A 101 -3.08 -15.84 -2.98
CA ARG A 101 -2.90 -17.29 -3.10
C ARG A 101 -4.02 -18.04 -2.38
N SER A 102 -4.64 -17.39 -1.41
CA SER A 102 -5.71 -18.02 -0.65
C SER A 102 -7.08 -17.84 -1.31
N ILE A 103 -7.09 -17.33 -2.53
CA ILE A 103 -8.36 -17.11 -3.22
C ILE A 103 -8.55 -18.11 -4.36
N PRO A 104 -9.29 -19.16 -4.12
CA PRO A 104 -9.57 -20.20 -5.13
C PRO A 104 -10.66 -19.76 -6.11
N ARG A 105 -10.54 -20.17 -7.36
CA ARG A 105 -11.53 -19.80 -8.36
C ARG A 105 -12.23 -21.03 -8.91
N GLU A 106 -13.54 -20.89 -9.16
CA GLU A 106 -14.33 -21.99 -9.69
C GLU A 106 -14.25 -22.02 -11.21
N VAL A 107 -14.41 -23.20 -11.79
CA VAL A 107 -14.36 -23.33 -13.24
C VAL A 107 -13.35 -22.36 -13.84
N ALA B 1 3.12 -22.76 -19.27
CA ALA B 1 2.26 -22.23 -18.18
C ALA B 1 0.80 -22.50 -18.53
N MET B 2 0.19 -21.58 -19.26
CA MET B 2 -1.21 -21.72 -19.63
C MET B 2 -1.32 -22.61 -20.87
N ALA B 3 -2.55 -22.79 -21.35
CA ALA B 3 -2.75 -23.60 -22.55
C ALA B 3 -1.82 -23.08 -23.63
N ARG B 4 -2.05 -23.49 -24.87
CA ARG B 4 -1.22 -23.03 -25.96
C ARG B 4 -1.24 -21.51 -26.06
N MET B 5 -1.83 -20.85 -25.06
CA MET B 5 -1.92 -19.39 -25.07
C MET B 5 -0.68 -18.75 -24.45
N SER B 6 0.23 -18.30 -25.31
CA SER B 6 1.46 -17.67 -24.85
C SER B 6 1.17 -16.60 -23.80
N PRO B 7 2.18 -16.18 -23.10
CA PRO B 7 2.07 -15.14 -22.04
C PRO B 7 1.92 -13.74 -22.61
N ALA B 8 2.06 -13.63 -23.93
CA ALA B 8 1.95 -12.32 -24.58
C ALA B 8 0.68 -11.60 -24.15
N ASP B 9 -0.43 -12.32 -24.06
CA ASP B 9 -1.68 -11.70 -23.63
C ASP B 9 -1.49 -11.09 -22.25
N LYS B 10 -0.77 -11.80 -21.40
CA LYS B 10 -0.52 -11.29 -20.06
C LYS B 10 0.20 -9.96 -20.19
N ARG B 11 1.18 -9.92 -21.08
CA ARG B 11 1.93 -8.69 -21.31
C ARG B 11 0.98 -7.60 -21.80
N LYS B 12 0.06 -8.00 -22.68
CA LYS B 12 -0.92 -7.05 -23.20
C LYS B 12 -1.69 -6.48 -22.03
N LEU B 13 -2.08 -7.37 -21.12
CA LEU B 13 -2.77 -6.96 -19.91
C LEU B 13 -1.85 -6.04 -19.11
N LEU B 14 -0.63 -6.52 -18.85
CA LEU B 14 0.33 -5.72 -18.12
C LEU B 14 0.51 -4.39 -18.81
N ASP B 15 0.59 -4.44 -20.13
CA ASP B 15 0.74 -3.24 -20.92
C ASP B 15 -0.45 -2.32 -20.67
N GLU B 16 -1.65 -2.90 -20.66
CA GLU B 16 -2.85 -2.13 -20.42
C GLU B 16 -2.94 -1.74 -18.94
N LEU B 17 -2.61 -2.66 -18.06
CA LEU B 17 -2.64 -2.39 -16.63
C LEU B 17 -1.72 -1.22 -16.31
N ARG B 18 -0.59 -1.17 -17.01
CA ARG B 18 0.35 -0.07 -16.80
C ARG B 18 -0.29 1.26 -17.14
N SER B 19 -0.90 1.33 -18.33
CA SER B 19 -1.58 2.56 -18.75
C SER B 19 -2.78 2.81 -17.85
N ILE B 20 -3.55 1.76 -17.58
CA ILE B 20 -4.72 1.89 -16.72
C ILE B 20 -4.31 2.44 -15.36
N TYR B 21 -3.28 1.85 -14.77
CA TYR B 21 -2.80 2.33 -13.48
C TYR B 21 -2.47 3.80 -13.60
N ARG B 22 -1.75 4.10 -14.67
CA ARG B 22 -1.36 5.48 -14.96
C ARG B 22 -2.59 6.38 -15.08
N THR B 23 -3.61 5.87 -15.76
CA THR B 23 -4.84 6.64 -15.94
C THR B 23 -5.49 6.94 -14.59
N ILE B 24 -5.49 5.94 -13.70
CA ILE B 24 -6.07 6.12 -12.38
C ILE B 24 -5.44 7.32 -11.70
N VAL B 25 -4.11 7.39 -11.80
CA VAL B 25 -3.33 8.45 -11.18
C VAL B 25 -3.69 9.82 -11.76
N LEU B 26 -3.72 9.92 -13.08
CA LEU B 26 -4.04 11.18 -13.74
C LEU B 26 -5.45 11.64 -13.39
N GLU B 27 -6.37 10.68 -13.30
CA GLU B 27 -7.74 11.00 -13.00
C GLU B 27 -8.01 11.08 -11.50
N TYR B 28 -6.99 10.76 -10.70
CA TYR B 28 -7.16 10.81 -9.26
C TYR B 28 -7.73 12.17 -8.84
N PHE B 29 -7.34 13.22 -9.56
CA PHE B 29 -7.80 14.56 -9.25
C PHE B 29 -8.78 15.09 -10.31
N ASN B 30 -9.33 14.19 -11.12
CA ASN B 30 -10.26 14.62 -12.16
C ASN B 30 -11.47 15.34 -11.57
N THR B 31 -12.25 15.97 -12.43
CA THR B 31 -13.42 16.70 -11.99
C THR B 31 -14.70 15.89 -12.22
N ASP B 32 -14.77 15.21 -13.36
CA ASP B 32 -15.97 14.41 -13.67
C ASP B 32 -15.62 12.96 -13.93
N ALA B 33 -14.34 12.67 -14.18
CA ALA B 33 -13.93 11.30 -14.45
C ALA B 33 -14.17 10.42 -13.23
N LYS B 34 -14.81 9.28 -13.45
CA LYS B 34 -15.07 8.37 -12.36
C LYS B 34 -13.87 7.44 -12.19
N VAL B 35 -12.86 7.93 -11.48
CA VAL B 35 -11.66 7.16 -11.26
C VAL B 35 -12.02 5.73 -10.88
N ASN B 36 -13.11 5.60 -10.15
CA ASN B 36 -13.57 4.29 -9.73
C ASN B 36 -13.61 3.35 -10.94
N GLU B 37 -13.97 3.90 -12.10
CA GLU B 37 -13.99 3.11 -13.31
C GLU B 37 -12.58 2.63 -13.61
N ARG B 38 -11.62 3.53 -13.41
CA ARG B 38 -10.22 3.21 -13.64
C ARG B 38 -9.75 2.22 -12.59
N ILE B 39 -10.12 2.47 -11.34
CA ILE B 39 -9.76 1.60 -10.24
C ILE B 39 -10.46 0.26 -10.36
N ASP B 40 -11.74 0.28 -10.71
CA ASP B 40 -12.49 -0.95 -10.88
C ASP B 40 -11.93 -1.74 -12.06
N GLU B 41 -11.54 -1.03 -13.11
CA GLU B 41 -10.98 -1.68 -14.30
C GLU B 41 -9.66 -2.36 -13.93
N PHE B 42 -8.80 -1.60 -13.29
CA PHE B 42 -7.50 -2.12 -12.86
C PHE B 42 -7.71 -3.23 -11.84
N VAL B 43 -8.59 -2.95 -10.87
CA VAL B 43 -8.89 -3.92 -9.82
C VAL B 43 -9.51 -5.20 -10.39
N SER B 44 -10.50 -5.04 -11.27
CA SER B 44 -11.17 -6.20 -11.85
C SER B 44 -10.22 -7.04 -12.69
N LYS B 45 -9.51 -6.42 -13.63
CA LYS B 45 -8.59 -7.15 -14.48
C LYS B 45 -7.45 -7.75 -13.67
N ALA B 46 -6.93 -6.99 -12.72
CA ALA B 46 -5.83 -7.46 -11.88
C ALA B 46 -6.25 -8.69 -11.08
N PHE B 47 -7.51 -8.72 -10.65
CA PHE B 47 -8.01 -9.85 -9.87
C PHE B 47 -8.03 -11.11 -10.73
N PHE B 48 -8.67 -11.01 -11.89
CA PHE B 48 -8.77 -12.14 -12.81
C PHE B 48 -7.41 -12.55 -13.36
N ALA B 49 -6.62 -11.57 -13.80
CA ALA B 49 -5.30 -11.85 -14.36
C ALA B 49 -4.34 -12.30 -13.28
N ASP B 50 -4.85 -12.51 -12.07
CA ASP B 50 -4.02 -12.95 -10.97
C ASP B 50 -2.76 -12.09 -10.87
N ILE B 51 -2.91 -10.80 -11.13
CA ILE B 51 -1.77 -9.88 -11.06
C ILE B 51 -1.32 -9.73 -9.63
N SER B 52 -0.13 -10.25 -9.32
CA SER B 52 0.40 -10.14 -7.99
C SER B 52 0.70 -8.68 -7.67
N VAL B 53 0.63 -8.33 -6.40
CA VAL B 53 0.89 -6.95 -6.00
C VAL B 53 2.27 -6.54 -6.51
N SER B 54 3.13 -7.53 -6.70
CA SER B 54 4.50 -7.30 -7.16
C SER B 54 4.58 -6.24 -8.25
N GLN B 55 4.01 -6.52 -9.42
CA GLN B 55 4.06 -5.53 -10.51
C GLN B 55 3.39 -4.24 -10.08
N VAL B 56 2.30 -4.38 -9.35
CA VAL B 56 1.60 -3.22 -8.85
C VAL B 56 2.58 -2.40 -8.02
N LEU B 57 3.38 -3.12 -7.23
CA LEU B 57 4.39 -2.50 -6.39
C LEU B 57 5.55 -1.94 -7.21
N GLU B 58 6.10 -2.76 -8.12
CA GLU B 58 7.24 -2.33 -8.93
C GLU B 58 6.80 -1.29 -9.97
N ILE B 59 5.71 -1.56 -10.67
CA ILE B 59 5.24 -0.62 -11.68
C ILE B 59 5.05 0.75 -11.04
N HIS B 60 4.55 0.74 -9.82
CA HIS B 60 4.33 1.98 -9.09
C HIS B 60 5.63 2.76 -8.91
N VAL B 61 6.68 2.08 -8.48
CA VAL B 61 7.96 2.76 -8.26
C VAL B 61 8.48 3.44 -9.53
N GLU B 62 8.35 2.75 -10.66
CA GLU B 62 8.85 3.29 -11.93
C GLU B 62 8.10 4.55 -12.36
N LEU B 63 6.78 4.52 -12.34
CA LEU B 63 5.99 5.67 -12.76
C LEU B 63 6.21 6.84 -11.80
N MET B 64 6.28 6.55 -10.51
CA MET B 64 6.48 7.62 -9.53
C MET B 64 7.82 8.29 -9.78
N ASP B 65 8.82 7.49 -10.14
CA ASP B 65 10.14 8.04 -10.43
C ASP B 65 10.03 8.94 -11.65
N THR B 66 9.15 8.56 -12.57
CA THR B 66 8.93 9.34 -13.79
C THR B 66 8.56 10.77 -13.44
N PHE B 67 7.64 10.93 -12.48
CA PHE B 67 7.21 12.27 -12.08
C PHE B 67 8.32 13.00 -11.33
N SER B 68 8.98 12.29 -10.41
CA SER B 68 10.05 12.90 -9.64
C SER B 68 11.14 13.43 -10.57
N LYS B 69 11.46 12.67 -11.60
CA LYS B 69 12.48 13.09 -12.55
C LYS B 69 12.08 14.39 -13.23
N GLN B 70 10.83 14.44 -13.69
CA GLN B 70 10.33 15.64 -14.36
C GLN B 70 10.28 16.81 -13.38
N LEU B 71 9.89 16.51 -12.15
CA LEU B 71 9.80 17.55 -11.11
C LEU B 71 11.16 18.16 -10.82
N LYS B 72 12.18 17.32 -10.69
CA LYS B 72 13.52 17.81 -10.40
C LYS B 72 14.03 18.69 -11.54
N LEU B 73 13.86 18.21 -12.76
CA LEU B 73 14.31 18.93 -13.94
C LEU B 73 13.49 20.21 -14.16
N GLU B 74 12.20 20.14 -13.87
CA GLU B 74 11.34 21.30 -14.06
C GLU B 74 11.22 22.12 -12.78
N GLY B 75 11.57 21.51 -11.65
CA GLY B 75 11.50 22.20 -10.37
C GLY B 75 10.06 22.48 -9.96
N ARG B 76 9.21 21.46 -10.04
CA ARG B 76 7.81 21.62 -9.65
C ARG B 76 7.50 20.86 -8.38
N SER B 77 6.68 21.46 -7.52
CA SER B 77 6.31 20.82 -6.26
C SER B 77 6.35 19.31 -6.38
N GLU B 78 7.48 18.72 -6.03
CA GLU B 78 7.63 17.28 -6.11
C GLU B 78 6.86 16.61 -4.98
N ASP B 79 6.29 17.43 -4.10
CA ASP B 79 5.52 16.91 -2.97
C ASP B 79 4.24 16.25 -3.49
N ILE B 80 3.72 16.78 -4.60
CA ILE B 80 2.51 16.25 -5.20
C ILE B 80 2.56 14.73 -5.28
N LEU B 81 3.78 14.19 -5.23
CA LEU B 81 3.95 12.74 -5.29
C LEU B 81 3.05 12.04 -4.29
N LEU B 82 2.62 12.77 -3.27
CA LEU B 82 1.73 12.20 -2.25
C LEU B 82 0.55 11.50 -2.93
N ASP B 83 0.14 12.05 -4.07
CA ASP B 83 -1.00 11.52 -4.80
C ASP B 83 -0.79 10.05 -5.18
N TYR B 84 0.45 9.70 -5.49
CA TYR B 84 0.76 8.33 -5.85
C TYR B 84 0.63 7.43 -4.62
N ARG B 85 0.98 7.96 -3.46
CA ARG B 85 0.86 7.19 -2.24
C ARG B 85 -0.61 6.87 -2.00
N LEU B 86 -1.47 7.82 -2.29
CA LEU B 86 -2.91 7.63 -2.14
C LEU B 86 -3.42 6.66 -3.20
N THR B 87 -3.01 6.89 -4.42
CA THR B 87 -3.41 6.05 -5.54
C THR B 87 -2.84 4.64 -5.40
N LEU B 88 -1.57 4.58 -5.02
CA LEU B 88 -0.90 3.28 -4.85
C LEU B 88 -1.45 2.53 -3.64
N ILE B 89 -1.51 3.22 -2.51
CA ILE B 89 -2.02 2.60 -1.30
C ILE B 89 -3.50 2.30 -1.42
N ASP B 90 -4.24 3.23 -2.01
CA ASP B 90 -5.68 3.05 -2.19
C ASP B 90 -5.99 1.93 -3.19
N VAL B 91 -5.27 1.93 -4.31
CA VAL B 91 -5.48 0.91 -5.33
C VAL B 91 -5.27 -0.49 -4.78
N ILE B 92 -4.13 -0.69 -4.11
CA ILE B 92 -3.85 -2.00 -3.54
C ILE B 92 -4.88 -2.34 -2.47
N ALA B 93 -5.27 -1.33 -1.71
CA ALA B 93 -6.26 -1.52 -0.66
C ALA B 93 -7.62 -1.88 -1.25
N HIS B 94 -7.93 -1.28 -2.40
CA HIS B 94 -9.22 -1.52 -3.04
C HIS B 94 -9.36 -2.98 -3.48
N LEU B 95 -8.38 -3.49 -4.24
CA LEU B 95 -8.46 -4.88 -4.68
C LEU B 95 -8.17 -5.82 -3.52
N CYS B 96 -7.26 -5.40 -2.64
CA CYS B 96 -6.92 -6.23 -1.47
C CYS B 96 -8.16 -6.35 -0.59
N GLU B 97 -9.04 -5.35 -0.67
CA GLU B 97 -10.27 -5.36 0.11
C GLU B 97 -11.22 -6.43 -0.40
N MET B 98 -11.57 -6.35 -1.68
CA MET B 98 -12.45 -7.34 -2.26
C MET B 98 -11.80 -8.71 -2.13
N TYR B 99 -10.47 -8.74 -2.22
CA TYR B 99 -9.73 -9.99 -2.07
C TYR B 99 -10.11 -10.63 -0.75
N ARG B 100 -10.05 -9.84 0.32
CA ARG B 100 -10.36 -10.33 1.66
C ARG B 100 -11.74 -10.97 1.69
N ARG B 101 -12.70 -10.33 1.05
CA ARG B 101 -14.07 -10.85 1.03
C ARG B 101 -14.16 -12.11 0.17
N SER B 102 -13.24 -12.26 -0.77
CA SER B 102 -13.24 -13.41 -1.68
C SER B 102 -12.49 -14.60 -1.08
N ILE B 103 -12.12 -14.51 0.18
CA ILE B 103 -11.36 -15.61 0.81
C ILE B 103 -12.23 -16.35 1.82
N PRO B 104 -12.79 -17.46 1.41
CA PRO B 104 -13.65 -18.30 2.29
C PRO B 104 -12.81 -19.16 3.23
N ARG B 105 -13.31 -19.38 4.45
CA ARG B 105 -12.59 -20.19 5.41
C ARG B 105 -13.37 -21.45 5.77
N GLU B 106 -12.65 -22.54 5.95
CA GLU B 106 -13.29 -23.81 6.29
C GLU B 106 -13.44 -23.93 7.82
N VAL B 107 -14.45 -24.67 8.24
CA VAL B 107 -14.69 -24.84 9.68
C VAL B 107 -14.34 -23.57 10.44
N ALA C 1 8.45 3.08 -26.36
CA ALA C 1 7.91 4.44 -26.02
C ALA C 1 6.93 4.32 -24.85
N MET C 2 6.38 5.45 -24.44
CA MET C 2 5.43 5.46 -23.32
C MET C 2 4.00 5.41 -23.84
N ALA C 3 3.83 5.69 -25.13
CA ALA C 3 2.50 5.67 -25.75
C ALA C 3 1.68 6.87 -25.30
N GLY C 4 1.77 7.20 -24.01
CA GLY C 4 1.01 8.32 -23.46
C GLY C 4 1.92 9.28 -22.70
N ILE C 5 1.34 10.35 -22.19
CA ILE C 5 2.10 11.34 -21.44
C ILE C 5 1.76 11.29 -19.96
N ILE C 6 2.78 11.39 -19.12
CA ILE C 6 2.58 11.38 -17.67
C ILE C 6 2.31 12.79 -17.18
N SER C 7 1.39 12.94 -16.24
CA SER C 7 1.06 14.25 -15.71
C SER C 7 0.15 14.14 -14.49
N GLY C 8 0.70 13.62 -13.39
CA GLY C 8 -0.08 13.46 -12.17
C GLY C 8 -0.51 14.82 -11.61
N THR C 9 -0.59 15.81 -12.50
CA THR C 9 -0.98 17.14 -12.10
C THR C 9 0.05 17.77 -11.16
N PRO C 10 1.30 17.74 -11.54
CA PRO C 10 2.39 18.33 -10.72
C PRO C 10 2.08 19.78 -10.34
N THR C 11 2.37 20.14 -9.10
CA THR C 11 2.13 21.50 -8.63
C THR C 11 0.63 21.78 -8.53
N ARG C 12 -0.15 20.72 -8.39
CA ARG C 12 -1.61 20.87 -8.29
C ARG C 12 -2.05 21.04 -6.83
N ILE C 13 -2.05 19.93 -6.09
CA ILE C 13 -2.47 19.95 -4.69
C ILE C 13 -1.29 20.26 -3.79
N SER C 14 -1.44 21.25 -2.92
CA SER C 14 -0.38 21.61 -1.99
C SER C 14 -0.42 20.65 -0.81
N VAL C 15 0.70 19.99 -0.55
CA VAL C 15 0.75 19.03 0.54
C VAL C 15 1.89 19.35 1.50
N ASP C 16 1.88 18.72 2.68
CA ASP C 16 2.92 19.00 3.67
C ASP C 16 3.02 17.87 4.71
N GLU C 17 4.19 17.22 4.74
CA GLU C 17 4.45 16.13 5.69
C GLU C 17 3.24 15.26 5.97
N LYS C 18 3.38 13.95 5.75
CA LYS C 18 2.29 13.02 5.98
C LYS C 18 1.14 13.35 5.05
N THR C 19 0.82 14.64 4.96
CA THR C 19 -0.26 15.10 4.09
C THR C 19 -1.31 14.02 3.94
N GLU C 20 -2.04 14.05 2.85
CA GLU C 20 -3.09 13.07 2.62
C GLU C 20 -2.49 11.67 2.44
N LEU C 21 -3.11 10.69 3.07
CA LEU C 21 -2.64 9.30 2.97
C LEU C 21 -3.82 8.35 3.04
N ALA C 22 -3.74 7.36 3.91
CA ALA C 22 -4.81 6.38 4.04
C ALA C 22 -6.04 7.02 4.70
N ARG C 23 -5.91 8.28 5.06
CA ARG C 23 -7.00 9.02 5.70
C ARG C 23 -8.36 8.58 5.13
N ILE C 24 -8.36 8.21 3.85
CA ILE C 24 -9.59 7.79 3.19
C ILE C 24 -10.16 6.52 3.80
N ALA C 25 -9.34 5.76 4.53
CA ALA C 25 -9.81 4.53 5.14
C ALA C 25 -10.51 3.64 4.11
N LYS C 26 -10.62 4.14 2.88
CA LYS C 26 -11.28 3.39 1.82
C LYS C 26 -12.76 3.17 2.18
N GLY C 27 -13.10 3.47 3.43
CA GLY C 27 -14.49 3.32 3.89
C GLY C 27 -14.80 1.85 4.19
N MET C 28 -13.75 1.07 4.42
CA MET C 28 -13.90 -0.35 4.71
C MET C 28 -13.97 -0.61 6.20
N GLN C 29 -13.62 0.38 7.01
CA GLN C 29 -13.67 0.19 8.46
C GLN C 29 -15.07 0.47 8.97
N ASP C 30 -15.78 -0.60 9.30
CA ASP C 30 -17.15 -0.48 9.82
C ASP C 30 -17.71 -1.87 10.06
N LEU C 31 -16.83 -2.86 9.98
CA LEU C 31 -17.22 -4.25 10.18
C LEU C 31 -17.97 -4.42 11.51
N GLU C 32 -17.21 -4.52 12.60
CA GLU C 32 -17.82 -4.69 13.90
C GLU C 32 -18.52 -3.40 14.34
N SER C 33 -18.94 -2.61 13.37
CA SER C 33 -19.63 -1.35 13.67
C SER C 33 -20.99 -1.62 14.30
N GLU C 34 -21.60 -0.57 14.83
CA GLU C 34 -22.91 -0.68 15.47
C GLU C 34 -22.80 -1.48 16.77
N ALA D 1 -3.06 6.04 26.98
CA ALA D 1 -1.60 6.21 26.76
C ALA D 1 -1.18 5.42 25.53
N MET D 2 0.12 5.50 25.20
CA MET D 2 0.64 4.79 24.04
C MET D 2 1.23 3.44 24.46
N ALA D 3 1.47 3.28 25.77
CA ALA D 3 2.02 2.03 26.29
C ALA D 3 3.50 1.90 25.92
N GLY D 4 3.84 2.27 24.69
CA GLY D 4 5.22 2.18 24.23
C GLY D 4 5.69 3.50 23.63
N ILE D 5 6.95 3.53 23.20
CA ILE D 5 7.52 4.74 22.62
C ILE D 5 7.75 4.57 21.13
N ILE D 6 7.40 5.62 20.37
CA ILE D 6 7.60 5.58 18.93
C ILE D 6 9.00 6.05 18.58
N SER D 7 9.63 5.40 17.61
CA SER D 7 10.98 5.77 17.22
C SER D 7 11.39 5.05 15.93
N GLY D 8 10.75 5.41 14.82
CA GLY D 8 11.06 4.80 13.53
C GLY D 8 12.49 5.09 13.11
N THR D 9 13.34 5.37 14.09
CA THR D 9 14.73 5.68 13.82
C THR D 9 14.87 6.99 13.03
N PRO D 10 14.24 8.03 13.48
CA PRO D 10 14.31 9.35 12.81
C PRO D 10 15.75 9.78 12.57
N THR D 11 16.02 10.34 11.40
CA THR D 11 17.37 10.80 11.07
C THR D 11 18.32 9.62 10.91
N ARG D 12 17.77 8.44 10.60
CA ARG D 12 18.58 7.24 10.42
C ARG D 12 19.03 7.09 8.97
N ILE D 13 18.11 6.66 8.11
CA ILE D 13 18.42 6.45 6.71
C ILE D 13 18.20 7.74 5.91
N SER D 14 19.22 8.16 5.16
CA SER D 14 19.10 9.35 4.35
C SER D 14 18.36 9.01 3.07
N VAL D 15 17.27 9.72 2.80
CA VAL D 15 16.48 9.44 1.61
C VAL D 15 16.30 10.70 0.76
N ASP D 16 15.83 10.52 -0.47
CA ASP D 16 15.66 11.67 -1.36
C ASP D 16 14.69 11.37 -2.51
N GLU D 17 13.57 12.09 -2.54
CA GLU D 17 12.55 11.94 -3.59
C GLU D 17 12.38 10.49 -4.04
N LYS D 18 11.14 10.00 -3.96
CA LYS D 18 10.84 8.64 -4.36
C LYS D 18 11.61 7.67 -3.48
N THR D 19 12.89 7.98 -3.26
CA THR D 19 13.73 7.14 -2.42
C THR D 19 13.25 5.69 -2.46
N GLU D 20 13.56 4.95 -1.41
CA GLU D 20 13.15 3.55 -1.36
C GLU D 20 11.63 3.42 -1.30
N LEU D 21 11.09 2.49 -2.08
CA LEU D 21 9.65 2.27 -2.11
C LEU D 21 9.37 0.79 -2.36
N ALA D 22 8.50 0.49 -3.33
CA ALA D 22 8.17 -0.89 -3.63
C ALA D 22 9.35 -1.60 -4.29
N ARG D 23 10.42 -0.87 -4.50
CA ARG D 23 11.62 -1.42 -5.12
C ARG D 23 11.83 -2.88 -4.68
N ILE D 24 11.40 -3.19 -3.47
CA ILE D 24 11.57 -4.55 -2.93
C ILE D 24 10.76 -5.57 -3.72
N ALA D 25 9.76 -5.10 -4.46
CA ALA D 25 8.94 -6.02 -5.25
C ALA D 25 8.41 -7.15 -4.37
N LYS D 26 8.81 -7.16 -3.11
CA LYS D 26 8.39 -8.20 -2.18
C LYS D 26 8.90 -9.56 -2.65
N GLY D 27 9.42 -9.60 -3.88
CA GLY D 27 9.95 -10.84 -4.44
C GLY D 27 8.83 -11.75 -4.91
N MET D 28 7.67 -11.16 -5.17
CA MET D 28 6.51 -11.91 -5.62
C MET D 28 6.42 -11.93 -7.14
N GLN D 29 7.18 -11.08 -7.82
CA GLN D 29 7.14 -11.05 -9.28
C GLN D 29 8.08 -12.11 -9.84
N ASP D 30 7.48 -13.19 -10.33
CA ASP D 30 8.26 -14.28 -10.91
C ASP D 30 7.31 -15.39 -11.35
N LEU D 31 6.02 -15.08 -11.33
CA LEU D 31 5.00 -16.04 -11.70
C LEU D 31 5.28 -16.62 -13.08
N GLU D 32 4.93 -15.89 -14.12
CA GLU D 32 5.15 -16.36 -15.48
C GLU D 32 6.64 -16.35 -15.82
N SER D 33 7.48 -16.44 -14.79
CA SER D 33 8.92 -16.45 -14.98
C SER D 33 9.37 -17.71 -15.73
N GLU D 34 10.62 -17.71 -16.17
CA GLU D 34 11.17 -18.85 -16.90
C GLU D 34 10.51 -18.98 -18.27
N ALA A 1 -22.53 -15.27 25.50
CA ALA A 1 -21.11 -15.06 25.08
C ALA A 1 -20.84 -15.87 23.81
N MET A 2 -20.49 -15.16 22.73
CA MET A 2 -20.20 -15.83 21.47
C MET A 2 -18.87 -16.55 21.55
N ALA A 3 -18.45 -17.14 20.43
CA ALA A 3 -17.19 -17.87 20.42
C ALA A 3 -16.02 -16.90 20.32
N ARG A 4 -15.38 -16.64 21.45
CA ARG A 4 -14.23 -15.73 21.51
C ARG A 4 -14.25 -14.75 20.33
N MET A 5 -15.45 -14.30 19.94
CA MET A 5 -15.57 -13.36 18.83
C MET A 5 -16.04 -11.99 19.32
N SER A 6 -15.92 -11.75 20.62
CA SER A 6 -16.35 -10.47 21.18
C SER A 6 -15.56 -9.31 20.57
N PRO A 7 -16.04 -8.12 20.76
CA PRO A 7 -15.39 -6.88 20.23
C PRO A 7 -14.18 -6.48 21.05
N ALA A 8 -14.22 -6.78 22.35
CA ALA A 8 -13.10 -6.45 23.22
C ALA A 8 -11.86 -7.21 22.79
N ASP A 9 -12.02 -8.50 22.51
CA ASP A 9 -10.89 -9.29 22.05
C ASP A 9 -10.36 -8.67 20.77
N LYS A 10 -11.28 -8.19 19.94
CA LYS A 10 -10.89 -7.54 18.70
C LYS A 10 -10.06 -6.30 19.05
N ARG A 11 -10.58 -5.50 19.99
CA ARG A 11 -9.84 -4.31 20.42
C ARG A 11 -8.50 -4.74 20.98
N LYS A 12 -8.51 -5.83 21.74
CA LYS A 12 -7.27 -6.35 22.29
C LYS A 12 -6.32 -6.62 21.15
N LEU A 13 -6.84 -7.29 20.14
CA LEU A 13 -6.06 -7.58 18.95
C LEU A 13 -5.59 -6.25 18.36
N LEU A 14 -6.54 -5.36 18.10
CA LEU A 14 -6.20 -4.05 17.56
C LEU A 14 -5.16 -3.38 18.44
N ASP A 15 -5.36 -3.50 19.74
CA ASP A 15 -4.42 -2.92 20.69
C ASP A 15 -3.04 -3.51 20.45
N GLU A 16 -3.00 -4.84 20.25
CA GLU A 16 -1.74 -5.52 20.00
C GLU A 16 -1.26 -5.26 18.59
N LEU A 17 -2.19 -5.33 17.63
CA LEU A 17 -1.84 -5.07 16.24
C LEU A 17 -1.26 -3.68 16.11
N ARG A 18 -1.84 -2.75 16.86
CA ARG A 18 -1.35 -1.38 16.85
C ARG A 18 0.12 -1.38 17.29
N SER A 19 0.39 -2.14 18.36
CA SER A 19 1.76 -2.25 18.88
C SER A 19 2.63 -3.07 17.93
N ILE A 20 2.11 -4.22 17.48
CA ILE A 20 2.86 -5.07 16.57
C ILE A 20 3.20 -4.29 15.30
N TYR A 21 2.19 -3.65 14.71
CA TYR A 21 2.42 -2.86 13.52
C TYR A 21 3.53 -1.87 13.80
N ARG A 22 3.39 -1.21 14.95
CA ARG A 22 4.38 -0.24 15.39
C ARG A 22 5.75 -0.91 15.50
N THR A 23 5.78 -2.11 16.08
CA THR A 23 7.03 -2.84 16.23
C THR A 23 7.65 -3.12 14.86
N ILE A 24 6.81 -3.46 13.90
CA ILE A 24 7.29 -3.76 12.55
C ILE A 24 8.10 -2.59 12.00
N VAL A 25 7.57 -1.38 12.20
CA VAL A 25 8.20 -0.17 11.70
C VAL A 25 9.57 0.10 12.34
N LEU A 26 9.62 0.03 13.66
CA LEU A 26 10.86 0.30 14.37
C LEU A 26 11.95 -0.68 13.95
N GLU A 27 11.57 -1.93 13.71
CA GLU A 27 12.52 -2.95 13.32
C GLU A 27 12.78 -2.94 11.82
N TYR A 28 12.05 -2.10 11.08
CA TYR A 28 12.22 -2.04 9.64
C TYR A 28 13.70 -1.80 9.30
N PHE A 29 14.37 -1.03 10.16
CA PHE A 29 15.78 -0.71 9.96
C PHE A 29 16.68 -1.54 10.87
N ASN A 30 16.17 -2.67 11.33
CA ASN A 30 16.94 -3.54 12.22
C ASN A 30 18.06 -4.24 11.47
N THR A 31 19.19 -4.41 12.15
CA THR A 31 20.33 -5.08 11.56
C THR A 31 20.27 -6.58 11.83
N ASP A 32 19.50 -6.96 12.86
CA ASP A 32 19.38 -8.37 13.22
C ASP A 32 17.93 -8.78 13.47
N ALA A 33 17.09 -7.83 13.90
CA ALA A 33 15.69 -8.15 14.17
C ALA A 33 15.02 -8.73 12.94
N LYS A 34 14.27 -9.80 13.14
CA LYS A 34 13.57 -10.43 12.04
C LYS A 34 12.18 -9.81 11.90
N VAL A 35 12.14 -8.64 11.27
CA VAL A 35 10.88 -7.93 11.08
C VAL A 35 9.86 -8.88 10.47
N ASN A 36 10.33 -9.77 9.61
CA ASN A 36 9.46 -10.73 8.97
C ASN A 36 8.58 -11.40 10.03
N GLU A 37 9.17 -11.65 11.20
CA GLU A 37 8.41 -12.25 12.29
C GLU A 37 7.30 -11.29 12.71
N ARG A 38 7.63 -10.01 12.73
CA ARG A 38 6.64 -8.99 13.10
C ARG A 38 5.57 -8.92 12.03
N ILE A 39 6.02 -8.92 10.78
CA ILE A 39 5.13 -8.87 9.63
C ILE A 39 4.34 -10.16 9.54
N ASP A 40 5.02 -11.29 9.74
CA ASP A 40 4.37 -12.58 9.71
C ASP A 40 3.32 -12.66 10.81
N GLU A 41 3.64 -12.09 11.97
CA GLU A 41 2.72 -12.09 13.08
C GLU A 41 1.52 -11.22 12.75
N PHE A 42 1.80 -10.03 12.23
CA PHE A 42 0.76 -9.09 11.84
C PHE A 42 -0.08 -9.67 10.72
N VAL A 43 0.60 -10.20 9.71
CA VAL A 43 -0.10 -10.79 8.57
C VAL A 43 -1.00 -11.94 8.99
N SER A 44 -0.48 -12.81 9.84
CA SER A 44 -1.24 -13.96 10.31
C SER A 44 -2.47 -13.54 11.11
N LYS A 45 -2.25 -12.69 12.11
CA LYS A 45 -3.35 -12.22 12.95
C LYS A 45 -4.32 -11.33 12.17
N ALA A 46 -3.80 -10.47 11.32
CA ALA A 46 -4.63 -9.57 10.54
C ALA A 46 -5.68 -10.35 9.75
N PHE A 47 -5.25 -11.45 9.14
CA PHE A 47 -6.16 -12.29 8.37
C PHE A 47 -7.18 -12.95 9.29
N PHE A 48 -6.66 -13.70 10.25
CA PHE A 48 -7.51 -14.42 11.20
C PHE A 48 -8.40 -13.47 11.99
N ALA A 49 -7.83 -12.34 12.41
CA ALA A 49 -8.56 -11.36 13.19
C ALA A 49 -9.54 -10.59 12.31
N ASP A 50 -9.72 -11.06 11.08
CA ASP A 50 -10.63 -10.41 10.15
C ASP A 50 -10.35 -8.91 10.09
N ILE A 51 -9.07 -8.56 10.06
CA ILE A 51 -8.67 -7.16 10.00
C ILE A 51 -8.60 -6.68 8.57
N SER A 52 -9.42 -5.69 8.25
CA SER A 52 -9.42 -5.14 6.92
C SER A 52 -8.24 -4.21 6.76
N VAL A 53 -7.86 -3.94 5.52
CA VAL A 53 -6.72 -3.05 5.27
C VAL A 53 -7.01 -1.68 5.87
N SER A 54 -8.29 -1.34 5.98
CA SER A 54 -8.70 -0.04 6.51
C SER A 54 -7.88 0.36 7.72
N GLN A 55 -7.99 -0.40 8.80
CA GLN A 55 -7.24 -0.07 10.00
C GLN A 55 -5.75 -0.02 9.70
N VAL A 56 -5.30 -0.94 8.87
CA VAL A 56 -3.91 -0.94 8.48
C VAL A 56 -3.60 0.40 7.85
N LEU A 57 -4.54 0.86 7.03
CA LEU A 57 -4.43 2.13 6.35
C LEU A 57 -4.62 3.30 7.32
N GLU A 58 -5.67 3.22 8.13
CA GLU A 58 -5.96 4.29 9.08
C GLU A 58 -4.95 4.30 10.23
N ILE A 59 -4.69 3.13 10.82
CA ILE A 59 -3.73 3.05 11.90
C ILE A 59 -2.39 3.63 11.44
N HIS A 60 -2.06 3.38 10.18
CA HIS A 60 -0.83 3.89 9.59
C HIS A 60 -0.76 5.41 9.67
N VAL A 61 -1.83 6.07 9.25
CA VAL A 61 -1.86 7.54 9.26
C VAL A 61 -1.73 8.10 10.68
N GLU A 62 -2.39 7.46 11.64
CA GLU A 62 -2.35 7.94 13.03
C GLU A 62 -0.95 7.79 13.64
N LEU A 63 -0.38 6.59 13.55
CA LEU A 63 0.95 6.35 14.12
C LEU A 63 2.00 7.15 13.38
N MET A 64 1.89 7.18 12.06
CA MET A 64 2.86 7.92 11.25
C MET A 64 2.86 9.37 11.69
N ASP A 65 1.68 9.88 12.03
CA ASP A 65 1.55 11.24 12.49
C ASP A 65 2.34 11.42 13.78
N THR A 66 2.32 10.36 14.59
CA THR A 66 3.03 10.37 15.87
C THR A 66 4.51 10.68 15.67
N PHE A 67 5.13 9.99 14.71
CA PHE A 67 6.55 10.21 14.43
C PHE A 67 6.74 11.59 13.82
N SER A 68 5.84 11.95 12.91
CA SER A 68 5.93 13.25 12.24
C SER A 68 5.82 14.37 13.27
N LYS A 69 4.98 14.17 14.28
CA LYS A 69 4.80 15.18 15.32
C LYS A 69 6.11 15.39 16.07
N GLN A 70 6.77 14.29 16.41
CA GLN A 70 8.04 14.36 17.13
C GLN A 70 9.12 15.06 16.30
N LEU A 71 9.12 14.82 14.99
CA LEU A 71 10.10 15.45 14.12
C LEU A 71 9.99 16.96 14.22
N LYS A 72 8.77 17.49 14.23
CA LYS A 72 8.58 18.93 14.35
C LYS A 72 9.09 19.43 15.70
N LEU A 73 8.69 18.75 16.77
CA LEU A 73 9.10 19.13 18.11
C LEU A 73 10.61 18.89 18.32
N GLU A 74 11.11 17.78 17.79
CA GLU A 74 12.52 17.47 17.95
C GLU A 74 13.35 18.14 16.86
N GLY A 75 12.72 18.45 15.73
CA GLY A 75 13.43 19.09 14.63
C GLY A 75 14.39 18.10 13.98
N ARG A 76 13.86 16.95 13.58
CA ARG A 76 14.70 15.92 12.96
C ARG A 76 14.30 15.69 11.50
N SER A 77 15.30 15.40 10.68
CA SER A 77 15.04 15.16 9.26
C SER A 77 13.77 14.34 9.08
N GLU A 78 12.67 15.03 8.85
CA GLU A 78 11.38 14.38 8.67
C GLU A 78 11.37 13.58 7.36
N ASP A 79 12.53 13.44 6.73
CA ASP A 79 12.64 12.70 5.48
C ASP A 79 12.42 11.21 5.74
N ILE A 80 12.67 10.78 6.97
CA ILE A 80 12.52 9.37 7.34
C ILE A 80 11.09 8.86 7.16
N LEU A 81 10.13 9.75 7.00
CA LEU A 81 8.74 9.30 6.81
C LEU A 81 8.67 8.29 5.66
N LEU A 82 9.66 8.32 4.78
CA LEU A 82 9.69 7.38 3.66
C LEU A 82 9.61 5.94 4.16
N ASP A 83 10.14 5.71 5.36
CA ASP A 83 10.17 4.36 5.94
C ASP A 83 8.77 3.77 6.07
N TYR A 84 7.81 4.59 6.43
CA TYR A 84 6.44 4.11 6.59
C TYR A 84 5.85 3.73 5.24
N ARG A 85 6.18 4.49 4.20
CA ARG A 85 5.67 4.18 2.88
C ARG A 85 6.14 2.77 2.50
N LEU A 86 7.36 2.44 2.91
CA LEU A 86 7.92 1.13 2.64
C LEU A 86 7.28 0.07 3.54
N THR A 87 7.25 0.34 4.84
CA THR A 87 6.67 -0.57 5.81
C THR A 87 5.15 -0.69 5.61
N LEU A 88 4.51 0.45 5.38
CA LEU A 88 3.07 0.49 5.17
C LEU A 88 2.68 -0.30 3.93
N ILE A 89 3.35 -0.02 2.82
CA ILE A 89 3.07 -0.71 1.58
C ILE A 89 3.51 -2.17 1.65
N ASP A 90 4.71 -2.40 2.19
CA ASP A 90 5.23 -3.76 2.30
C ASP A 90 4.34 -4.63 3.17
N VAL A 91 3.87 -4.08 4.29
CA VAL A 91 3.02 -4.84 5.19
C VAL A 91 1.69 -5.17 4.52
N ILE A 92 1.06 -4.16 3.93
CA ILE A 92 -0.21 -4.38 3.24
C ILE A 92 -0.01 -5.36 2.09
N ALA A 93 1.09 -5.21 1.39
CA ALA A 93 1.40 -6.09 0.26
C ALA A 93 1.62 -7.53 0.74
N HIS A 94 2.19 -7.67 1.94
CA HIS A 94 2.46 -8.99 2.48
C HIS A 94 1.17 -9.77 2.77
N LEU A 95 0.23 -9.17 3.49
CA LEU A 95 -1.01 -9.87 3.81
C LEU A 95 -1.87 -9.97 2.54
N CYS A 96 -1.82 -8.95 1.70
CA CYS A 96 -2.60 -8.97 0.47
C CYS A 96 -2.28 -10.25 -0.29
N GLU A 97 -1.00 -10.60 -0.31
CA GLU A 97 -0.57 -11.83 -0.98
C GLU A 97 -1.10 -13.05 -0.23
N MET A 98 -1.11 -12.96 1.09
CA MET A 98 -1.60 -14.08 1.90
C MET A 98 -3.06 -14.36 1.57
N TYR A 99 -3.81 -13.30 1.26
CA TYR A 99 -5.21 -13.45 0.90
C TYR A 99 -5.32 -14.20 -0.43
N ARG A 100 -4.45 -13.85 -1.37
CA ARG A 100 -4.45 -14.50 -2.68
C ARG A 100 -4.18 -16.00 -2.56
N ARG A 101 -3.28 -16.36 -1.65
CA ARG A 101 -2.91 -17.76 -1.45
C ARG A 101 -4.04 -18.54 -0.75
N SER A 102 -4.85 -17.85 0.02
CA SER A 102 -5.94 -18.50 0.73
C SER A 102 -7.14 -18.73 -0.19
N ILE A 103 -6.95 -18.47 -1.47
CA ILE A 103 -8.02 -18.64 -2.43
C ILE A 103 -7.73 -19.80 -3.37
N PRO A 104 -8.30 -20.94 -3.11
CA PRO A 104 -8.11 -22.16 -3.95
C PRO A 104 -9.04 -22.14 -5.17
N ARG A 105 -8.46 -22.39 -6.34
CA ARG A 105 -9.25 -22.38 -7.58
C ARG A 105 -9.10 -23.69 -8.33
N GLU A 106 -10.20 -24.20 -8.88
CA GLU A 106 -10.19 -25.44 -9.62
C GLU A 106 -9.61 -25.23 -11.02
N VAL A 107 -8.86 -26.22 -11.49
CA VAL A 107 -8.24 -26.15 -12.83
C VAL A 107 -7.14 -27.19 -12.96
N ALA B 1 -1.26 -24.15 -28.42
CA ALA B 1 -1.75 -22.85 -27.88
C ALA B 1 -2.67 -23.11 -26.69
N MET B 2 -2.29 -22.59 -25.53
CA MET B 2 -3.09 -22.78 -24.32
C MET B 2 -4.36 -21.93 -24.39
N ALA B 3 -5.14 -21.95 -23.32
CA ALA B 3 -6.38 -21.18 -23.31
C ALA B 3 -6.08 -19.71 -23.03
N ARG B 4 -6.07 -18.91 -24.10
CA ARG B 4 -5.80 -17.48 -23.97
C ARG B 4 -5.01 -17.17 -22.70
N MET B 5 -4.08 -18.05 -22.34
CA MET B 5 -3.27 -17.86 -21.14
C MET B 5 -1.81 -17.58 -21.51
N SER B 6 -1.56 -17.23 -22.76
CA SER B 6 -0.20 -16.95 -23.21
C SER B 6 0.41 -15.80 -22.43
N PRO B 7 1.71 -15.65 -22.51
CA PRO B 7 2.45 -14.57 -21.81
C PRO B 7 2.29 -13.22 -22.51
N ALA B 8 2.13 -13.26 -23.84
CA ALA B 8 1.97 -12.02 -24.59
C ALA B 8 0.68 -11.32 -24.16
N ASP B 9 -0.40 -12.10 -24.04
CA ASP B 9 -1.66 -11.52 -23.59
C ASP B 9 -1.44 -10.89 -22.22
N LYS B 10 -0.64 -11.57 -21.40
CA LYS B 10 -0.33 -11.06 -20.08
C LYS B 10 0.39 -9.74 -20.23
N ARG B 11 1.41 -9.72 -21.11
CA ARG B 11 2.13 -8.47 -21.36
C ARG B 11 1.18 -7.43 -21.88
N LYS B 12 0.26 -7.85 -22.75
CA LYS B 12 -0.74 -6.94 -23.28
C LYS B 12 -1.49 -6.35 -22.12
N LEU B 13 -1.92 -7.23 -21.21
CA LEU B 13 -2.61 -6.80 -20.01
C LEU B 13 -1.70 -5.84 -19.26
N LEU B 14 -0.48 -6.30 -18.97
CA LEU B 14 0.48 -5.45 -18.26
C LEU B 14 0.63 -4.14 -18.99
N ASP B 15 0.72 -4.22 -20.31
CA ASP B 15 0.84 -3.02 -21.12
C ASP B 15 -0.34 -2.10 -20.86
N GLU B 16 -1.53 -2.70 -20.81
CA GLU B 16 -2.75 -1.93 -20.56
C GLU B 16 -2.84 -1.55 -19.08
N LEU B 17 -2.52 -2.49 -18.21
CA LEU B 17 -2.56 -2.23 -16.78
C LEU B 17 -1.61 -1.08 -16.46
N ARG B 18 -0.47 -1.08 -17.15
CA ARG B 18 0.51 -0.02 -16.95
C ARG B 18 -0.15 1.31 -17.29
N SER B 19 -0.87 1.32 -18.42
CA SER B 19 -1.57 2.54 -18.85
C SER B 19 -2.77 2.81 -17.95
N ILE B 20 -3.56 1.78 -17.66
CA ILE B 20 -4.73 1.96 -16.80
C ILE B 20 -4.29 2.47 -15.44
N TYR B 21 -3.30 1.82 -14.85
CA TYR B 21 -2.78 2.26 -13.56
C TYR B 21 -2.41 3.71 -13.67
N ARG B 22 -1.69 4.02 -14.74
CA ARG B 22 -1.27 5.38 -15.01
C ARG B 22 -2.48 6.30 -15.10
N THR B 23 -3.52 5.84 -15.80
CA THR B 23 -4.74 6.62 -15.96
C THR B 23 -5.36 6.90 -14.59
N ILE B 24 -5.34 5.89 -13.73
CA ILE B 24 -5.91 6.03 -12.40
C ILE B 24 -5.29 7.22 -11.67
N VAL B 25 -3.96 7.33 -11.77
CA VAL B 25 -3.23 8.39 -11.09
C VAL B 25 -3.59 9.78 -11.62
N LEU B 26 -3.59 9.95 -12.93
CA LEU B 26 -3.89 11.24 -13.52
C LEU B 26 -5.28 11.71 -13.14
N GLU B 27 -6.22 10.77 -13.06
CA GLU B 27 -7.59 11.10 -12.73
C GLU B 27 -7.81 11.17 -11.21
N TYR B 28 -6.78 10.83 -10.45
CA TYR B 28 -6.90 10.86 -8.99
C TYR B 28 -7.39 12.23 -8.53
N PHE B 29 -6.98 13.27 -9.26
CA PHE B 29 -7.37 14.64 -8.93
C PHE B 29 -8.46 15.15 -9.87
N ASN B 30 -9.19 14.23 -10.48
CA ASN B 30 -10.26 14.60 -11.41
C ASN B 30 -11.44 15.19 -10.67
N THR B 31 -12.08 16.18 -11.30
CA THR B 31 -13.25 16.82 -10.70
C THR B 31 -14.51 16.10 -11.15
N ASP B 32 -14.43 15.35 -12.25
CA ASP B 32 -15.59 14.64 -12.77
C ASP B 32 -15.25 13.20 -13.15
N ALA B 33 -14.00 12.95 -13.53
CA ALA B 33 -13.61 11.60 -13.93
C ALA B 33 -13.88 10.61 -12.82
N LYS B 34 -14.47 9.47 -13.18
CA LYS B 34 -14.76 8.44 -12.20
C LYS B 34 -13.58 7.49 -12.08
N VAL B 35 -12.57 7.92 -11.33
CA VAL B 35 -11.38 7.11 -11.15
C VAL B 35 -11.76 5.71 -10.72
N ASN B 36 -12.84 5.63 -9.93
CA ASN B 36 -13.31 4.35 -9.46
C ASN B 36 -13.42 3.39 -10.63
N GLU B 37 -13.83 3.91 -11.78
CA GLU B 37 -13.93 3.08 -12.98
C GLU B 37 -12.55 2.60 -13.36
N ARG B 38 -11.56 3.48 -13.22
CA ARG B 38 -10.18 3.12 -13.54
C ARG B 38 -9.69 2.08 -12.54
N ILE B 39 -9.98 2.35 -11.27
CA ILE B 39 -9.59 1.46 -10.19
C ILE B 39 -10.38 0.15 -10.30
N ASP B 40 -11.67 0.27 -10.57
CA ASP B 40 -12.51 -0.90 -10.72
C ASP B 40 -12.01 -1.74 -11.88
N GLU B 41 -11.59 -1.07 -12.96
CA GLU B 41 -11.09 -1.78 -14.12
C GLU B 41 -9.77 -2.47 -13.78
N PHE B 42 -8.90 -1.72 -13.10
CA PHE B 42 -7.61 -2.25 -12.69
C PHE B 42 -7.80 -3.38 -11.69
N VAL B 43 -8.64 -3.14 -10.70
CA VAL B 43 -8.92 -4.13 -9.68
C VAL B 43 -9.48 -5.41 -10.29
N SER B 44 -10.43 -5.26 -11.19
CA SER B 44 -11.06 -6.42 -11.83
C SER B 44 -10.05 -7.22 -12.65
N LYS B 45 -9.34 -6.53 -13.54
CA LYS B 45 -8.36 -7.20 -14.40
C LYS B 45 -7.17 -7.73 -13.59
N ALA B 46 -6.72 -6.96 -12.61
CA ALA B 46 -5.58 -7.37 -11.80
C ALA B 46 -5.84 -8.73 -11.17
N PHE B 47 -7.05 -8.92 -10.66
CA PHE B 47 -7.41 -10.19 -10.04
C PHE B 47 -7.46 -11.30 -11.08
N PHE B 48 -8.30 -11.09 -12.09
CA PHE B 48 -8.47 -12.06 -13.17
C PHE B 48 -7.16 -12.31 -13.90
N ALA B 49 -6.41 -11.25 -14.16
CA ALA B 49 -5.15 -11.37 -14.88
C ALA B 49 -4.07 -11.97 -13.98
N ASP B 50 -4.48 -12.48 -12.82
CA ASP B 50 -3.54 -13.08 -11.89
C ASP B 50 -2.36 -12.15 -11.65
N ILE B 51 -2.66 -10.86 -11.49
CA ILE B 51 -1.61 -9.88 -11.27
C ILE B 51 -1.32 -9.74 -9.79
N SER B 52 -0.08 -10.06 -9.42
CA SER B 52 0.32 -9.94 -8.03
C SER B 52 0.57 -8.48 -7.69
N VAL B 53 0.55 -8.15 -6.42
CA VAL B 53 0.78 -6.79 -5.99
C VAL B 53 2.17 -6.34 -6.45
N SER B 54 3.08 -7.30 -6.61
CA SER B 54 4.45 -7.01 -7.02
C SER B 54 4.50 -5.96 -8.13
N GLN B 55 3.95 -6.29 -9.30
CA GLN B 55 3.97 -5.35 -10.40
C GLN B 55 3.30 -4.05 -9.99
N VAL B 56 2.22 -4.16 -9.25
CA VAL B 56 1.53 -2.98 -8.77
C VAL B 56 2.54 -2.16 -7.97
N LEU B 57 3.33 -2.87 -7.18
CA LEU B 57 4.35 -2.26 -6.35
C LEU B 57 5.53 -1.79 -7.20
N GLU B 58 6.01 -2.66 -8.08
CA GLU B 58 7.15 -2.33 -8.94
C GLU B 58 6.75 -1.30 -10.01
N ILE B 59 5.64 -1.55 -10.70
CA ILE B 59 5.20 -0.61 -11.72
C ILE B 59 5.06 0.77 -11.11
N HIS B 60 4.60 0.81 -9.86
CA HIS B 60 4.42 2.07 -9.14
C HIS B 60 5.74 2.84 -9.05
N VAL B 61 6.80 2.15 -8.64
CA VAL B 61 8.11 2.80 -8.49
C VAL B 61 8.63 3.33 -9.82
N GLU B 62 8.45 2.57 -10.90
CA GLU B 62 8.93 2.97 -12.21
C GLU B 62 8.19 4.19 -12.75
N LEU B 63 6.87 4.14 -12.76
CA LEU B 63 6.06 5.26 -13.25
C LEU B 63 6.23 6.48 -12.36
N MET B 64 6.23 6.26 -11.06
CA MET B 64 6.37 7.35 -10.12
C MET B 64 7.68 8.08 -10.38
N ASP B 65 8.69 7.30 -10.75
CA ASP B 65 10.00 7.86 -11.06
C ASP B 65 9.85 8.78 -12.27
N THR B 66 9.00 8.36 -13.20
CA THR B 66 8.76 9.13 -14.42
C THR B 66 8.31 10.55 -14.09
N PHE B 67 7.35 10.69 -13.18
CA PHE B 67 6.87 12.01 -12.78
C PHE B 67 7.96 12.74 -12.01
N SER B 68 8.63 12.02 -11.13
CA SER B 68 9.70 12.62 -10.33
C SER B 68 10.81 13.15 -11.23
N LYS B 69 11.08 12.43 -12.31
CA LYS B 69 12.12 12.83 -13.24
C LYS B 69 11.75 14.18 -13.88
N GLN B 70 10.50 14.29 -14.29
CA GLN B 70 10.02 15.52 -14.91
C GLN B 70 10.07 16.69 -13.94
N LEU B 71 9.77 16.44 -12.68
CA LEU B 71 9.81 17.50 -11.67
C LEU B 71 11.20 18.12 -11.62
N LYS B 72 12.23 17.29 -11.65
CA LYS B 72 13.60 17.80 -11.62
C LYS B 72 13.89 18.61 -12.87
N LEU B 73 13.54 18.08 -14.03
CA LEU B 73 13.78 18.76 -15.29
C LEU B 73 12.88 19.99 -15.43
N GLU B 74 11.63 19.87 -14.99
CA GLU B 74 10.70 20.98 -15.09
C GLU B 74 10.83 21.91 -13.88
N GLY B 75 11.33 21.37 -12.77
CA GLY B 75 11.49 22.16 -11.56
C GLY B 75 10.12 22.49 -10.97
N ARG B 76 9.33 21.45 -10.72
CA ARG B 76 8.00 21.65 -10.17
C ARG B 76 7.88 21.04 -8.78
N SER B 77 7.10 21.69 -7.92
CA SER B 77 6.91 21.21 -6.56
C SER B 77 6.77 19.69 -6.55
N GLU B 78 7.89 19.02 -6.33
CA GLU B 78 7.89 17.56 -6.29
C GLU B 78 7.12 17.04 -5.09
N ASP B 79 6.42 17.93 -4.41
CA ASP B 79 5.63 17.55 -3.25
C ASP B 79 4.43 16.69 -3.66
N ILE B 80 4.02 16.85 -4.92
CA ILE B 80 2.87 16.12 -5.46
C ILE B 80 3.08 14.60 -5.43
N LEU B 81 4.29 14.15 -5.23
CA LEU B 81 4.54 12.71 -5.18
C LEU B 81 3.60 12.05 -4.17
N LEU B 82 3.10 12.84 -3.21
CA LEU B 82 2.19 12.31 -2.20
C LEU B 82 0.99 11.63 -2.87
N ASP B 83 0.62 12.12 -4.03
CA ASP B 83 -0.53 11.60 -4.76
C ASP B 83 -0.40 10.10 -5.03
N TYR B 84 0.80 9.67 -5.38
CA TYR B 84 1.02 8.26 -5.67
C TYR B 84 0.88 7.42 -4.42
N ARG B 85 1.32 7.94 -3.29
CA ARG B 85 1.19 7.21 -2.04
C ARG B 85 -0.29 6.93 -1.78
N LEU B 86 -1.12 7.90 -2.15
CA LEU B 86 -2.57 7.77 -1.99
C LEU B 86 -3.13 6.80 -3.03
N THR B 87 -2.78 7.06 -4.29
CA THR B 87 -3.25 6.21 -5.39
C THR B 87 -2.66 4.81 -5.30
N LEU B 88 -1.37 4.75 -4.99
CA LEU B 88 -0.68 3.47 -4.88
C LEU B 88 -1.27 2.62 -3.76
N ILE B 89 -1.42 3.23 -2.59
CA ILE B 89 -1.98 2.53 -1.44
C ILE B 89 -3.47 2.25 -1.65
N ASP B 90 -4.19 3.26 -2.13
CA ASP B 90 -5.63 3.11 -2.35
C ASP B 90 -5.92 2.02 -3.37
N VAL B 91 -5.14 1.98 -4.45
CA VAL B 91 -5.34 0.98 -5.49
C VAL B 91 -5.07 -0.41 -4.94
N ILE B 92 -3.92 -0.58 -4.27
CA ILE B 92 -3.57 -1.87 -3.70
C ILE B 92 -4.59 -2.27 -2.66
N ALA B 93 -5.04 -1.30 -1.87
CA ALA B 93 -6.03 -1.56 -0.84
C ALA B 93 -7.36 -1.97 -1.45
N HIS B 94 -7.67 -1.42 -2.61
CA HIS B 94 -8.93 -1.72 -3.28
C HIS B 94 -9.00 -3.18 -3.74
N LEU B 95 -7.98 -3.66 -4.46
CA LEU B 95 -8.00 -5.04 -4.91
C LEU B 95 -7.76 -5.98 -3.73
N CYS B 96 -6.94 -5.56 -2.78
CA CYS B 96 -6.68 -6.38 -1.60
C CYS B 96 -8.01 -6.78 -0.97
N GLU B 97 -8.92 -5.82 -0.92
CA GLU B 97 -10.24 -6.06 -0.35
C GLU B 97 -11.01 -7.01 -1.26
N MET B 98 -10.86 -6.84 -2.57
CA MET B 98 -11.56 -7.70 -3.52
C MET B 98 -11.14 -9.15 -3.33
N TYR B 99 -9.88 -9.35 -2.95
CA TYR B 99 -9.38 -10.70 -2.69
C TYR B 99 -10.07 -11.29 -1.47
N ARG B 100 -10.24 -10.46 -0.44
CA ARG B 100 -10.90 -10.91 0.79
C ARG B 100 -12.33 -11.34 0.52
N ARG B 101 -13.01 -10.61 -0.36
CA ARG B 101 -14.40 -10.91 -0.69
C ARG B 101 -14.52 -12.19 -1.53
N SER B 102 -13.48 -12.50 -2.28
CA SER B 102 -13.49 -13.68 -3.13
C SER B 102 -13.20 -14.94 -2.31
N ILE B 103 -13.14 -14.79 -1.00
CA ILE B 103 -12.85 -15.93 -0.13
C ILE B 103 -14.08 -16.31 0.70
N PRO B 104 -14.80 -17.31 0.27
CA PRO B 104 -16.02 -17.79 0.98
C PRO B 104 -15.65 -18.73 2.13
N ARG B 105 -16.20 -18.46 3.31
CA ARG B 105 -15.92 -19.28 4.47
C ARG B 105 -17.20 -19.83 5.09
N GLU B 106 -17.16 -21.09 5.51
CA GLU B 106 -18.32 -21.74 6.11
C GLU B 106 -18.49 -21.27 7.56
N VAL B 107 -19.75 -21.12 7.98
CA VAL B 107 -20.05 -20.69 9.34
C VAL B 107 -21.50 -20.22 9.43
N ALA C 1 14.24 6.57 -23.79
CA ALA C 1 12.97 7.15 -23.28
C ALA C 1 11.98 6.03 -22.95
N MET C 2 10.83 6.41 -22.40
CA MET C 2 9.81 5.45 -22.02
C MET C 2 8.64 5.48 -23.02
N ALA C 3 8.07 4.31 -23.28
CA ALA C 3 6.95 4.23 -24.22
C ALA C 3 6.10 5.50 -24.17
N GLY C 4 6.52 6.51 -24.92
CA GLY C 4 5.80 7.77 -24.97
C GLY C 4 6.21 8.68 -23.80
N ILE C 5 5.48 9.78 -23.63
CA ILE C 5 5.76 10.72 -22.56
C ILE C 5 4.68 10.65 -21.49
N ILE C 6 5.09 10.53 -20.23
CA ILE C 6 4.14 10.46 -19.13
C ILE C 6 4.25 11.70 -18.25
N SER C 7 3.12 12.36 -18.04
CA SER C 7 3.08 13.56 -17.20
C SER C 7 1.66 13.87 -16.77
N GLY C 8 1.45 13.99 -15.46
CA GLY C 8 0.13 14.29 -14.94
C GLY C 8 -0.06 15.80 -14.79
N THR C 9 -0.43 16.21 -13.58
CA THR C 9 -0.64 17.63 -13.32
C THR C 9 0.22 18.09 -12.14
N PRO C 10 1.48 17.73 -12.15
CA PRO C 10 2.43 18.13 -11.08
C PRO C 10 2.21 19.56 -10.61
N THR C 11 2.59 19.83 -9.35
CA THR C 11 2.44 21.16 -8.78
C THR C 11 0.98 21.62 -8.79
N ARG C 12 0.06 20.69 -8.49
CA ARG C 12 -1.36 21.04 -8.48
C ARG C 12 -1.95 20.93 -7.08
N ILE C 13 -1.32 20.13 -6.23
CA ILE C 13 -1.84 19.94 -4.88
C ILE C 13 -0.87 20.48 -3.83
N SER C 14 -1.40 21.30 -2.91
CA SER C 14 -0.58 21.84 -1.85
C SER C 14 -0.55 20.85 -0.70
N VAL C 15 0.64 20.39 -0.34
CA VAL C 15 0.76 19.40 0.71
C VAL C 15 1.83 19.78 1.73
N ASP C 16 1.79 19.09 2.88
CA ASP C 16 2.76 19.34 3.94
C ASP C 16 3.18 18.04 4.60
N GLU C 17 3.40 18.09 5.91
CA GLU C 17 3.81 16.90 6.66
C GLU C 17 2.65 15.91 6.80
N LYS C 18 2.96 14.62 6.73
CA LYS C 18 1.95 13.58 6.82
C LYS C 18 0.76 13.97 5.94
N THR C 19 1.05 14.72 4.88
CA THR C 19 0.02 15.16 3.97
C THR C 19 -0.94 14.02 3.64
N GLU C 20 -2.23 14.35 3.59
CA GLU C 20 -3.27 13.38 3.29
C GLU C 20 -2.69 12.06 2.79
N LEU C 21 -2.98 10.99 3.53
CA LEU C 21 -2.50 9.67 3.15
C LEU C 21 -3.66 8.68 3.13
N ALA C 22 -3.54 7.60 3.89
CA ALA C 22 -4.60 6.59 3.94
C ALA C 22 -5.83 7.12 4.66
N ARG C 23 -5.77 8.37 5.09
CA ARG C 23 -6.90 8.98 5.81
C ARG C 23 -8.23 8.69 5.11
N ILE C 24 -8.19 7.99 3.97
CA ILE C 24 -9.42 7.69 3.25
C ILE C 24 -10.10 6.45 3.83
N ALA C 25 -9.35 5.67 4.60
CA ALA C 25 -9.89 4.45 5.20
C ALA C 25 -10.35 3.49 4.11
N LYS C 26 -10.94 4.03 3.05
CA LYS C 26 -11.42 3.20 1.94
C LYS C 26 -12.53 2.27 2.44
N GLY C 27 -13.43 2.83 3.25
CA GLY C 27 -14.53 2.05 3.80
C GLY C 27 -13.99 0.85 4.57
N MET C 28 -14.55 -0.32 4.29
CA MET C 28 -14.11 -1.54 4.95
C MET C 28 -14.24 -1.43 6.47
N GLN C 29 -13.66 -0.38 7.04
CA GLN C 29 -13.71 -0.18 8.48
C GLN C 29 -15.15 -0.04 8.97
N ASP C 30 -16.08 -0.70 8.28
CA ASP C 30 -17.49 -0.65 8.66
C ASP C 30 -17.81 -1.75 9.66
N LEU C 31 -16.77 -2.38 10.21
CA LEU C 31 -16.95 -3.45 11.17
C LEU C 31 -17.60 -2.92 12.45
N GLU C 32 -18.43 -3.75 13.07
CA GLU C 32 -19.13 -3.37 14.30
C GLU C 32 -18.42 -2.22 14.99
N SER C 33 -18.96 -1.01 14.82
CA SER C 33 -18.38 0.18 15.45
C SER C 33 -19.12 0.51 16.73
N GLU C 34 -18.36 0.89 17.76
CA GLU C 34 -18.97 1.23 19.04
C GLU C 34 -18.28 2.44 19.66
N ALA D 1 -2.33 12.99 25.28
CA ALA D 1 -1.19 12.21 24.75
C ALA D 1 -1.70 10.86 24.23
N MET D 2 -0.79 10.08 23.66
CA MET D 2 -1.14 8.76 23.11
C MET D 2 -0.63 7.65 24.01
N ALA D 3 -1.41 6.58 24.13
CA ALA D 3 -1.02 5.45 24.96
C ALA D 3 0.50 5.29 25.00
N GLY D 4 1.15 6.05 25.88
CA GLY D 4 2.61 5.98 26.01
C GLY D 4 3.27 6.88 24.98
N ILE D 5 4.60 6.76 24.88
CA ILE D 5 5.36 7.56 23.92
C ILE D 5 5.87 6.68 22.78
N ILE D 6 5.66 7.14 21.56
CA ILE D 6 6.10 6.38 20.38
C ILE D 6 7.21 7.14 19.65
N SER D 7 8.33 6.47 19.42
CA SER D 7 9.45 7.08 18.73
C SER D 7 10.43 6.02 18.24
N GLY D 8 10.70 6.03 16.94
CA GLY D 8 11.62 5.06 16.37
C GLY D 8 13.04 5.60 16.35
N THR D 9 13.65 5.58 15.18
CA THR D 9 15.02 6.08 15.05
C THR D 9 15.09 7.18 13.99
N PRO D 10 14.20 8.13 14.04
CA PRO D 10 14.16 9.26 13.09
C PRO D 10 15.56 9.78 12.76
N THR D 11 15.70 10.37 11.57
CA THR D 11 16.99 10.91 11.13
C THR D 11 18.06 9.82 11.08
N ARG D 12 17.69 8.63 10.63
CA ARG D 12 18.66 7.53 10.56
C ARG D 12 18.93 7.10 9.12
N ILE D 13 17.98 7.39 8.24
CA ILE D 13 18.14 6.99 6.84
C ILE D 13 18.23 8.20 5.92
N SER D 14 19.25 8.21 5.07
CA SER D 14 19.43 9.30 4.12
C SER D 14 18.61 8.99 2.87
N VAL D 15 17.66 9.87 2.55
CA VAL D 15 16.80 9.64 1.40
C VAL D 15 16.69 10.87 0.51
N ASP D 16 16.18 10.65 -0.70
CA ASP D 16 16.02 11.72 -1.66
C ASP D 16 14.70 11.57 -2.43
N GLU D 17 14.73 11.92 -3.71
CA GLU D 17 13.53 11.82 -4.55
C GLU D 17 13.21 10.36 -4.86
N LYS D 18 11.92 10.04 -4.91
CA LYS D 18 11.49 8.68 -5.18
C LYS D 18 12.32 7.71 -4.35
N THR D 19 12.79 8.20 -3.20
CA THR D 19 13.61 7.39 -2.32
C THR D 19 13.03 5.99 -2.16
N GLU D 20 13.92 4.99 -2.18
CA GLU D 20 13.53 3.60 -2.04
C GLU D 20 12.07 3.45 -1.65
N LEU D 21 11.30 2.78 -2.52
CA LEU D 21 9.88 2.57 -2.24
C LEU D 21 9.55 1.08 -2.40
N ALA D 22 8.59 0.77 -3.26
CA ALA D 22 8.20 -0.62 -3.49
C ALA D 22 9.29 -1.39 -4.23
N ARG D 23 10.39 -0.72 -4.52
CA ARG D 23 11.49 -1.35 -5.24
C ARG D 23 11.82 -2.73 -4.67
N ILE D 24 11.12 -3.13 -3.61
CA ILE D 24 11.37 -4.44 -3.01
C ILE D 24 10.63 -5.56 -3.76
N ALA D 25 9.65 -5.16 -4.57
CA ALA D 25 8.85 -6.14 -5.31
C ALA D 25 8.15 -7.09 -4.36
N LYS D 26 8.84 -7.49 -3.30
CA LYS D 26 8.26 -8.41 -2.32
C LYS D 26 8.00 -9.76 -2.98
N GLY D 27 8.96 -10.20 -3.79
CA GLY D 27 8.81 -11.48 -4.49
C GLY D 27 7.55 -11.47 -5.34
N MET D 28 6.77 -12.54 -5.23
CA MET D 28 5.52 -12.63 -5.98
C MET D 28 5.77 -12.53 -7.48
N GLN D 29 6.47 -11.48 -7.90
CA GLN D 29 6.75 -11.27 -9.32
C GLN D 29 7.58 -12.43 -9.88
N ASP D 30 7.38 -13.62 -9.33
CA ASP D 30 8.11 -14.80 -9.78
C ASP D 30 7.35 -15.49 -10.92
N LEU D 31 6.35 -14.79 -11.45
CA LEU D 31 5.55 -15.34 -12.54
C LEU D 31 6.40 -15.53 -13.79
N GLU D 32 6.10 -16.58 -14.55
CA GLU D 32 6.83 -16.89 -15.78
C GLU D 32 7.57 -15.66 -16.30
N SER D 33 8.87 -15.60 -16.04
CA SER D 33 9.68 -14.47 -16.49
C SER D 33 10.40 -14.85 -17.79
N GLU D 34 10.45 -13.89 -18.71
CA GLU D 34 11.10 -14.12 -20.00
C GLU D 34 11.89 -12.89 -20.44
#